data_8FWJ
#
_entry.id   8FWJ
#
loop_
_entity.id
_entity.type
_entity.pdbx_description
1 polymer 'Circadian clock protein KaiC'
2 polymer 'Circadian clock protein KaiB'
3 non-polymer "ADENOSINE-5'-TRIPHOSPHATE"
4 non-polymer "ADENOSINE-5'-DIPHOSPHATE"
5 non-polymer 'MAGNESIUM ION'
6 water water
#
loop_
_entity_poly.entity_id
_entity_poly.type
_entity_poly.pdbx_seq_one_letter_code
_entity_poly.pdbx_strand_id
1 'polypeptide(L)'
;GAMGIGKSPTGIQGFDELTLGGLPTGRPSLVCGSAGCGKTLFASTFLINGVRDHGEPGVFVTFEERPEDIVNNVASLGFE
LDKLIEEEKIAIEHIAVDPSEVAEIGDYDLEGLFLRLELAIDTVGAKRVVLDTIESLFSAFSNPAILRAEIRRLFDWLKE
RGLTTVITAERGDGALTRQGLEEYVSDCVILLDHRVENQISTRRLRIVKYRGTAHGTNEYPFLIDTDGFSVLPVSALGLL
HQVHEERIASGVPDLDAMMAGGGFFRGSSILVSGVAGAGKSSLAAHFAAAACARGERAMYFSFEEAADQAVRNMRSLGLD
LGRWRDAGLLRFMATRPTFYSLEMHLAVILREVMRFEPSVVVLDPISAFTESGDRLEVQSMLLRIVDFLKNRGITGIFTH
LAHSQNEATTDAGLEELMDGWVLMLNREVNGEFNRELYLLKARGMAHSNQVREFLMSDRGISLLPPHLGEGGALTGTARK
AEEARLRRAEIERQTELGRLQQQIEQRRRRARAQIEALEAELQAEEIALKALVESESAHERQRLADADTLARSRGNERFA
DLLMNKGE
;
A,B,C,D,E,F,G,H,I,J,K,L
2 'polypeptide(L)'
;GAMGRRLVLYVAGQTPKSLAAISNLRRICEENLPGQYEVEVIDLKQNPRLAKEHSIVAIPTLVRELPVPIRKIIGDLSDK
EQVLVNLKMDME
;
M,N,O,P,Q,R,S,T,U,V,W,X
#
# COMPACT_ATOMS: atom_id res chain seq x y z
N GLY A 4 -34.58 -119.66 -22.80
CA GLY A 4 -33.23 -119.60 -23.32
C GLY A 4 -32.82 -120.83 -24.07
N ILE A 5 -31.63 -120.78 -24.68
CA ILE A 5 -31.09 -121.89 -25.46
C ILE A 5 -29.64 -122.10 -25.06
N GLY A 6 -29.14 -123.32 -25.31
CA GLY A 6 -27.76 -123.62 -25.01
C GLY A 6 -26.81 -122.85 -25.90
N LYS A 7 -25.60 -122.64 -25.38
CA LYS A 7 -24.58 -121.88 -26.10
C LYS A 7 -23.20 -122.42 -25.75
N SER A 8 -22.32 -122.48 -26.74
CA SER A 8 -20.98 -123.00 -26.55
C SER A 8 -19.98 -121.87 -26.69
N PRO A 9 -19.24 -121.52 -25.63
CA PRO A 9 -18.19 -120.50 -25.77
C PRO A 9 -17.13 -120.92 -26.77
N THR A 10 -16.56 -119.94 -27.46
CA THR A 10 -15.55 -120.19 -28.49
C THR A 10 -14.17 -119.64 -28.12
N GLY A 11 -13.95 -119.32 -26.84
CA GLY A 11 -12.68 -118.76 -26.45
C GLY A 11 -12.60 -117.26 -26.68
N ILE A 12 -13.10 -116.79 -27.82
CA ILE A 12 -13.07 -115.36 -28.13
C ILE A 12 -14.03 -114.65 -27.17
N GLN A 13 -13.48 -113.89 -26.22
CA GLN A 13 -14.31 -113.26 -25.20
C GLN A 13 -15.27 -112.24 -25.83
N GLY A 14 -14.77 -111.41 -26.74
CA GLY A 14 -15.62 -110.41 -27.34
C GLY A 14 -16.77 -111.01 -28.12
N PHE A 15 -16.47 -112.01 -28.96
CA PHE A 15 -17.53 -112.67 -29.73
C PHE A 15 -18.52 -113.38 -28.80
N ASP A 16 -18.01 -114.03 -27.75
CA ASP A 16 -18.88 -114.74 -26.83
C ASP A 16 -19.84 -113.77 -26.14
N GLU A 17 -19.34 -112.63 -25.66
CA GLU A 17 -20.21 -111.69 -24.98
C GLU A 17 -21.13 -110.97 -25.95
N LEU A 18 -20.70 -110.84 -27.22
CA LEU A 18 -21.60 -110.31 -28.25
C LEU A 18 -22.76 -111.26 -28.50
N THR A 19 -22.49 -112.55 -28.57
CA THR A 19 -23.51 -113.56 -28.82
C THR A 19 -24.28 -113.94 -27.56
N LEU A 20 -23.86 -113.45 -26.39
CA LEU A 20 -24.54 -113.75 -25.13
C LEU A 20 -24.35 -115.22 -24.73
N GLY A 21 -23.12 -115.71 -24.91
CA GLY A 21 -22.80 -117.07 -24.52
C GLY A 21 -21.96 -117.82 -25.54
N GLY A 22 -22.17 -117.52 -26.82
CA GLY A 22 -21.43 -118.14 -27.90
C GLY A 22 -22.36 -118.73 -28.93
N LEU A 23 -21.81 -119.60 -29.77
CA LEU A 23 -22.59 -120.24 -30.81
C LEU A 23 -23.58 -121.22 -30.18
N PRO A 24 -24.71 -121.48 -30.85
CA PRO A 24 -25.68 -122.43 -30.31
C PRO A 24 -25.08 -123.83 -30.22
N THR A 25 -25.50 -124.56 -29.19
CA THR A 25 -25.01 -125.91 -28.96
C THR A 25 -25.93 -126.92 -29.62
N GLY A 26 -25.34 -127.81 -30.41
CA GLY A 26 -26.11 -128.82 -31.12
C GLY A 26 -26.70 -128.37 -32.43
N ARG A 27 -26.35 -127.19 -32.92
CA ARG A 27 -26.87 -126.64 -34.16
C ARG A 27 -25.72 -126.24 -35.06
N PRO A 28 -25.94 -126.25 -36.38
CA PRO A 28 -24.88 -125.84 -37.31
C PRO A 28 -24.78 -124.32 -37.42
N SER A 29 -23.54 -123.85 -37.59
CA SER A 29 -23.24 -122.44 -37.74
C SER A 29 -22.51 -122.21 -39.04
N LEU A 30 -22.85 -121.13 -39.74
CA LEU A 30 -22.26 -120.79 -41.02
C LEU A 30 -21.35 -119.59 -40.86
N VAL A 31 -20.14 -119.69 -41.40
CA VAL A 31 -19.16 -118.60 -41.39
C VAL A 31 -18.89 -118.24 -42.84
N CYS A 32 -19.42 -117.10 -43.28
CA CYS A 32 -19.28 -116.64 -44.65
C CYS A 32 -18.24 -115.54 -44.75
N GLY A 33 -17.66 -115.42 -45.94
CA GLY A 33 -16.63 -114.43 -46.19
C GLY A 33 -15.71 -114.80 -47.33
N SER A 34 -15.20 -113.80 -48.04
CA SER A 34 -14.30 -114.04 -49.17
C SER A 34 -12.99 -114.64 -48.69
N ALA A 35 -12.09 -114.97 -49.62
CA ALA A 35 -10.81 -115.54 -49.25
C ALA A 35 -10.00 -114.57 -48.42
N GLY A 36 -9.37 -115.07 -47.36
CA GLY A 36 -8.53 -114.28 -46.50
C GLY A 36 -9.24 -113.59 -45.35
N CYS A 37 -10.55 -113.78 -45.20
CA CYS A 37 -11.27 -113.14 -44.11
C CYS A 37 -10.96 -113.78 -42.76
N GLY A 38 -10.73 -115.08 -42.71
CA GLY A 38 -10.36 -115.73 -41.47
C GLY A 38 -11.31 -116.81 -40.99
N LYS A 39 -12.07 -117.40 -41.91
CA LYS A 39 -13.02 -118.45 -41.54
C LYS A 39 -12.31 -119.68 -41.01
N THR A 40 -11.22 -120.10 -41.68
CA THR A 40 -10.49 -121.27 -41.24
C THR A 40 -9.91 -121.07 -39.84
N LEU A 41 -9.32 -119.89 -39.60
CA LEU A 41 -8.81 -119.60 -38.27
C LEU A 41 -9.93 -119.52 -37.25
N PHE A 42 -11.08 -118.96 -37.62
CA PHE A 42 -12.21 -118.93 -36.71
C PHE A 42 -12.57 -120.34 -36.25
N ALA A 43 -12.72 -121.26 -37.21
CA ALA A 43 -13.04 -122.64 -36.85
C ALA A 43 -11.92 -123.27 -36.02
N SER A 44 -10.66 -122.97 -36.36
CA SER A 44 -9.54 -123.58 -35.65
C SER A 44 -9.53 -123.16 -34.17
N THR A 45 -9.65 -121.85 -33.91
CA THR A 45 -9.70 -121.42 -32.51
C THR A 45 -10.96 -121.93 -31.83
N PHE A 46 -12.09 -122.00 -32.55
CA PHE A 46 -13.27 -122.64 -31.99
C PHE A 46 -12.91 -123.99 -31.39
N LEU A 47 -12.36 -124.87 -32.22
CA LEU A 47 -12.04 -126.22 -31.75
C LEU A 47 -11.00 -126.19 -30.64
N ILE A 48 -9.95 -125.38 -30.81
CA ILE A 48 -8.83 -125.39 -29.85
C ILE A 48 -9.30 -124.90 -28.49
N ASN A 49 -10.05 -123.80 -28.46
CA ASN A 49 -10.56 -123.27 -27.20
C ASN A 49 -11.56 -124.23 -26.57
N GLY A 50 -12.42 -124.84 -27.39
CA GLY A 50 -13.35 -125.82 -26.84
C GLY A 50 -12.63 -126.97 -26.17
N VAL A 51 -11.56 -127.46 -26.79
CA VAL A 51 -10.82 -128.58 -26.19
C VAL A 51 -10.03 -128.14 -24.96
N ARG A 52 -9.40 -126.96 -25.00
CA ARG A 52 -8.45 -126.57 -23.97
C ARG A 52 -9.06 -125.77 -22.83
N ASP A 53 -10.32 -125.39 -22.92
CA ASP A 53 -10.91 -124.55 -21.87
C ASP A 53 -12.22 -125.14 -21.35
N HIS A 54 -12.95 -125.86 -22.21
CA HIS A 54 -14.24 -126.42 -21.83
C HIS A 54 -14.27 -127.94 -21.95
N GLY A 55 -13.13 -128.57 -22.21
CA GLY A 55 -13.05 -130.02 -22.22
C GLY A 55 -13.98 -130.71 -23.20
N GLU A 56 -14.01 -130.24 -24.44
CA GLU A 56 -14.84 -130.83 -25.48
C GLU A 56 -13.96 -131.26 -26.65
N PRO A 57 -13.92 -132.54 -26.97
CA PRO A 57 -13.11 -132.99 -28.11
C PRO A 57 -13.63 -132.45 -29.44
N GLY A 58 -12.70 -132.31 -30.38
CA GLY A 58 -13.01 -131.69 -31.64
C GLY A 58 -12.59 -132.54 -32.82
N VAL A 59 -13.29 -132.33 -33.93
CA VAL A 59 -13.01 -132.98 -35.20
C VAL A 59 -12.99 -131.92 -36.29
N PHE A 60 -11.99 -131.97 -37.16
CA PHE A 60 -11.81 -131.00 -38.24
C PHE A 60 -11.82 -131.77 -39.55
N VAL A 61 -12.92 -131.69 -40.28
CA VAL A 61 -13.07 -132.35 -41.57
C VAL A 61 -12.80 -131.31 -42.65
N THR A 62 -11.67 -131.47 -43.33
CA THR A 62 -11.24 -130.54 -44.37
C THR A 62 -11.37 -131.21 -45.73
N PHE A 63 -11.97 -130.49 -46.69
CA PHE A 63 -12.17 -131.04 -48.03
C PHE A 63 -11.14 -130.52 -49.03
N GLU A 64 -10.43 -129.44 -48.72
CA GLU A 64 -9.41 -128.90 -49.61
C GLU A 64 -8.01 -128.93 -49.00
N GLU A 65 -7.84 -128.37 -47.81
CA GLU A 65 -6.52 -128.25 -47.22
C GLU A 65 -6.09 -129.56 -46.57
N ARG A 66 -4.80 -129.87 -46.67
CA ARG A 66 -4.26 -131.07 -46.07
C ARG A 66 -3.98 -130.84 -44.59
N PRO A 67 -3.84 -131.92 -43.80
CA PRO A 67 -3.57 -131.75 -42.37
C PRO A 67 -2.31 -130.95 -42.09
N GLU A 68 -1.28 -131.09 -42.93
CA GLU A 68 -0.07 -130.30 -42.74
C GLU A 68 -0.39 -128.81 -42.82
N ASP A 69 -1.14 -128.41 -43.85
CA ASP A 69 -1.53 -127.01 -43.97
C ASP A 69 -2.40 -126.57 -42.80
N ILE A 70 -3.34 -127.43 -42.38
CA ILE A 70 -4.24 -127.06 -41.29
C ILE A 70 -3.46 -126.82 -40.01
N VAL A 71 -2.48 -127.66 -39.70
CA VAL A 71 -1.67 -127.47 -38.51
C VAL A 71 -0.75 -126.26 -38.64
N ASN A 72 -0.12 -126.09 -39.81
CA ASN A 72 0.82 -124.99 -39.98
C ASN A 72 0.13 -123.64 -39.89
N ASN A 73 -1.12 -123.56 -40.35
CA ASN A 73 -1.85 -122.29 -40.33
C ASN A 73 -1.91 -121.72 -38.92
N VAL A 74 -2.24 -122.57 -37.94
CA VAL A 74 -2.37 -122.11 -36.56
C VAL A 74 -1.09 -122.32 -35.75
N ALA A 75 -0.07 -122.95 -36.31
CA ALA A 75 1.20 -123.11 -35.59
C ALA A 75 1.74 -121.78 -35.11
N SER A 76 1.56 -120.72 -35.91
CA SER A 76 2.12 -119.42 -35.54
C SER A 76 1.33 -118.75 -34.42
N LEU A 77 0.04 -119.02 -34.32
CA LEU A 77 -0.81 -118.35 -33.35
C LEU A 77 -0.52 -118.81 -31.93
N GLY A 78 0.30 -119.85 -31.78
CA GLY A 78 0.68 -120.37 -30.48
C GLY A 78 0.03 -121.68 -30.10
N PHE A 79 -1.04 -122.07 -30.80
CA PHE A 79 -1.60 -123.40 -30.57
C PHE A 79 -0.64 -124.47 -31.06
N GLU A 80 -0.84 -125.69 -30.56
CA GLU A 80 -0.03 -126.84 -30.98
C GLU A 80 -1.00 -127.93 -31.42
N LEU A 81 -1.45 -127.85 -32.67
CA LEU A 81 -2.29 -128.90 -33.21
C LEU A 81 -1.56 -130.23 -33.27
N ASP A 82 -0.25 -130.21 -33.47
CA ASP A 82 0.52 -131.45 -33.43
C ASP A 82 0.36 -132.13 -32.07
N LYS A 83 0.46 -131.36 -30.99
CA LYS A 83 0.31 -131.93 -29.65
C LYS A 83 -1.13 -132.32 -29.38
N LEU A 84 -2.10 -131.50 -29.81
CA LEU A 84 -3.49 -131.84 -29.55
C LEU A 84 -3.97 -133.05 -30.33
N ILE A 85 -3.32 -133.37 -31.45
CA ILE A 85 -3.61 -134.62 -32.18
C ILE A 85 -2.79 -135.76 -31.61
N GLU A 86 -1.50 -135.51 -31.37
CA GLU A 86 -0.61 -136.40 -30.63
C GLU A 86 -1.22 -136.88 -29.31
N GLU A 87 -2.18 -136.13 -28.77
CA GLU A 87 -2.94 -136.57 -27.62
C GLU A 87 -4.37 -136.97 -27.95
N GLU A 88 -4.77 -136.87 -29.22
CA GLU A 88 -6.16 -136.98 -29.66
C GLU A 88 -7.09 -136.24 -28.69
N LYS A 89 -7.04 -134.93 -28.83
CA LYS A 89 -8.13 -134.05 -28.42
C LYS A 89 -8.81 -133.38 -29.62
N ILE A 90 -8.12 -133.29 -30.75
CA ILE A 90 -8.69 -132.88 -32.02
C ILE A 90 -8.24 -133.86 -33.10
N ALA A 91 -9.20 -134.38 -33.85
CA ALA A 91 -8.96 -135.37 -34.90
C ALA A 91 -9.21 -134.74 -36.25
N ILE A 92 -8.23 -134.84 -37.14
CA ILE A 92 -8.26 -134.18 -38.45
C ILE A 92 -8.56 -135.24 -39.51
N GLU A 93 -9.55 -134.97 -40.36
CA GLU A 93 -9.94 -135.86 -41.44
C GLU A 93 -9.85 -135.09 -42.75
N HIS A 94 -8.88 -135.45 -43.57
CA HIS A 94 -8.68 -134.84 -44.89
C HIS A 94 -9.47 -135.69 -45.89
N ILE A 95 -10.68 -135.24 -46.22
CA ILE A 95 -11.58 -136.03 -47.08
C ILE A 95 -11.46 -135.42 -48.47
N ALA A 96 -10.54 -135.97 -49.26
CA ALA A 96 -10.25 -135.49 -50.60
C ALA A 96 -10.73 -136.49 -51.64
N VAL A 97 -11.34 -135.98 -52.70
CA VAL A 97 -11.85 -136.80 -53.79
C VAL A 97 -11.23 -136.30 -55.09
N ASP A 98 -10.69 -137.22 -55.89
CA ASP A 98 -10.09 -136.89 -57.16
C ASP A 98 -11.00 -137.35 -58.29
N PRO A 99 -11.54 -136.46 -59.11
CA PRO A 99 -12.46 -136.90 -60.17
C PRO A 99 -11.77 -137.57 -61.34
N SER A 100 -10.44 -137.53 -61.41
CA SER A 100 -9.74 -138.10 -62.56
C SER A 100 -10.01 -139.59 -62.68
N GLU A 101 -9.85 -140.34 -61.59
CA GLU A 101 -10.10 -141.77 -61.57
C GLU A 101 -11.51 -142.12 -61.11
N VAL A 102 -12.48 -141.24 -61.35
CA VAL A 102 -13.86 -141.46 -60.95
C VAL A 102 -14.74 -141.48 -62.18
N ALA A 103 -15.47 -142.57 -62.38
CA ALA A 103 -16.51 -142.68 -63.39
C ALA A 103 -17.79 -143.10 -62.72
N GLU A 104 -18.87 -142.35 -62.97
CA GLU A 104 -20.13 -142.49 -62.24
C GLU A 104 -21.12 -143.28 -63.08
N ILE A 105 -21.50 -144.45 -62.59
CA ILE A 105 -22.56 -145.26 -63.17
C ILE A 105 -23.56 -145.59 -62.07
N GLY A 106 -24.82 -145.25 -62.28
CA GLY A 106 -25.83 -145.47 -61.26
C GLY A 106 -25.87 -144.36 -60.22
N ASP A 107 -26.49 -144.68 -59.10
CA ASP A 107 -26.66 -143.74 -57.98
C ASP A 107 -25.70 -144.09 -56.86
N TYR A 108 -25.11 -143.07 -56.25
CA TYR A 108 -24.14 -143.24 -55.18
C TYR A 108 -24.54 -142.39 -53.99
N ASP A 109 -24.16 -142.85 -52.80
CA ASP A 109 -24.39 -142.12 -51.56
C ASP A 109 -23.05 -141.87 -50.88
N LEU A 110 -22.88 -140.67 -50.32
CA LEU A 110 -21.64 -140.32 -49.63
C LEU A 110 -21.62 -141.02 -48.26
N GLU A 111 -21.63 -142.35 -48.34
CA GLU A 111 -21.62 -143.21 -47.16
C GLU A 111 -20.25 -143.26 -46.50
N GLY A 112 -19.17 -143.23 -47.28
CA GLY A 112 -17.84 -143.22 -46.69
C GLY A 112 -17.58 -141.96 -45.87
N LEU A 113 -18.11 -140.83 -46.32
CA LEU A 113 -18.02 -139.61 -45.52
C LEU A 113 -18.58 -139.84 -44.13
N PHE A 114 -19.80 -140.36 -44.04
CA PHE A 114 -20.41 -140.61 -42.74
C PHE A 114 -19.62 -141.62 -41.93
N LEU A 115 -19.18 -142.71 -42.57
CA LEU A 115 -18.46 -143.74 -41.82
C LEU A 115 -17.16 -143.20 -41.24
N ARG A 116 -16.38 -142.48 -42.05
CA ARG A 116 -15.12 -141.94 -41.56
C ARG A 116 -15.35 -140.89 -40.48
N LEU A 117 -16.34 -140.02 -40.67
CA LEU A 117 -16.61 -138.98 -39.68
C LEU A 117 -17.07 -139.60 -38.36
N GLU A 118 -17.91 -140.62 -38.43
CA GLU A 118 -18.32 -141.34 -37.22
C GLU A 118 -17.14 -142.01 -36.54
N LEU A 119 -16.25 -142.63 -37.33
CA LEU A 119 -15.08 -143.27 -36.75
C LEU A 119 -14.23 -142.26 -36.00
N ALA A 120 -13.99 -141.09 -36.60
CA ALA A 120 -13.21 -140.06 -35.94
C ALA A 120 -13.92 -139.57 -34.67
N ILE A 121 -15.24 -139.39 -34.74
CA ILE A 121 -15.98 -138.88 -33.57
C ILE A 121 -15.88 -139.87 -32.42
N ASP A 122 -16.05 -141.16 -32.70
CA ASP A 122 -15.95 -142.16 -31.64
C ASP A 122 -14.52 -142.31 -31.14
N THR A 123 -13.52 -142.13 -32.02
CA THR A 123 -12.14 -142.22 -31.60
C THR A 123 -11.77 -141.11 -30.63
N VAL A 124 -12.24 -139.88 -30.90
CA VAL A 124 -11.82 -138.72 -30.12
C VAL A 124 -12.84 -138.32 -29.07
N GLY A 125 -13.99 -138.99 -28.99
CA GLY A 125 -15.04 -138.58 -28.08
C GLY A 125 -15.48 -137.16 -28.38
N ALA A 126 -15.50 -136.82 -29.67
CA ALA A 126 -15.67 -135.44 -30.09
C ALA A 126 -17.07 -134.92 -29.79
N LYS A 127 -17.13 -133.63 -29.46
CA LYS A 127 -18.40 -132.91 -29.33
C LYS A 127 -18.49 -131.72 -30.28
N ARG A 128 -17.36 -131.25 -30.81
CA ARG A 128 -17.36 -130.14 -31.74
C ARG A 128 -16.81 -130.61 -33.08
N VAL A 129 -17.38 -130.09 -34.16
CA VAL A 129 -17.02 -130.48 -35.52
C VAL A 129 -16.91 -129.24 -36.38
N VAL A 130 -15.91 -129.22 -37.26
CA VAL A 130 -15.70 -128.14 -38.21
C VAL A 130 -15.67 -128.75 -39.61
N LEU A 131 -16.40 -128.14 -40.54
CA LEU A 131 -16.46 -128.57 -41.92
C LEU A 131 -15.87 -127.47 -42.80
N ASP A 132 -14.68 -127.72 -43.35
CA ASP A 132 -13.93 -126.72 -44.09
C ASP A 132 -13.95 -127.03 -45.59
N THR A 133 -14.31 -126.03 -46.38
CA THR A 133 -14.29 -126.10 -47.84
C THR A 133 -15.19 -127.24 -48.36
N ILE A 134 -16.49 -127.08 -48.12
CA ILE A 134 -17.47 -128.09 -48.54
C ILE A 134 -17.87 -127.83 -49.99
N GLU A 135 -17.31 -126.78 -50.60
CA GLU A 135 -17.59 -126.51 -52.01
C GLU A 135 -16.83 -127.46 -52.93
N SER A 136 -15.66 -127.92 -52.49
CA SER A 136 -14.92 -128.91 -53.28
C SER A 136 -15.71 -130.21 -53.41
N LEU A 137 -16.51 -130.54 -52.39
CA LEU A 137 -17.36 -131.73 -52.49
C LEU A 137 -18.32 -131.62 -53.67
N PHE A 138 -18.96 -130.46 -53.83
CA PHE A 138 -19.81 -130.23 -55.00
C PHE A 138 -19.00 -130.21 -56.28
N SER A 139 -17.84 -129.55 -56.28
CA SER A 139 -17.04 -129.45 -57.50
C SER A 139 -16.56 -130.82 -57.99
N ALA A 140 -16.33 -131.77 -57.09
CA ALA A 140 -15.80 -133.06 -57.49
C ALA A 140 -16.85 -133.89 -58.23
N PHE A 141 -17.94 -134.22 -57.56
CA PHE A 141 -18.98 -135.06 -58.15
C PHE A 141 -19.81 -134.26 -59.14
N SER A 142 -20.41 -134.99 -60.10
CA SER A 142 -21.16 -134.36 -61.18
C SER A 142 -22.64 -134.19 -60.84
N ASN A 143 -23.26 -135.19 -60.22
CA ASN A 143 -24.69 -135.10 -59.95
C ASN A 143 -24.94 -134.13 -58.80
N PRO A 144 -25.66 -133.03 -59.02
CA PRO A 144 -25.86 -132.04 -57.95
C PRO A 144 -26.90 -132.47 -56.93
N ALA A 145 -27.96 -133.12 -57.38
CA ALA A 145 -29.04 -133.51 -56.49
C ALA A 145 -28.57 -134.51 -55.44
N ILE A 146 -27.73 -135.46 -55.85
CA ILE A 146 -27.21 -136.45 -54.91
C ILE A 146 -26.41 -135.77 -53.81
N LEU A 147 -25.53 -134.84 -54.18
CA LEU A 147 -24.73 -134.12 -53.19
C LEU A 147 -25.62 -133.29 -52.27
N ARG A 148 -26.62 -132.62 -52.84
CA ARG A 148 -27.55 -131.84 -52.03
C ARG A 148 -28.21 -132.71 -50.98
N ALA A 149 -28.79 -133.82 -51.42
CA ALA A 149 -29.45 -134.73 -50.49
C ALA A 149 -28.46 -135.27 -49.47
N GLU A 150 -27.26 -135.62 -49.91
CA GLU A 150 -26.30 -136.24 -49.00
C GLU A 150 -25.89 -135.30 -47.89
N ILE A 151 -25.62 -134.03 -48.19
CA ILE A 151 -25.20 -133.17 -47.08
C ILE A 151 -26.40 -132.65 -46.29
N ARG A 152 -27.59 -132.60 -46.89
CA ARG A 152 -28.76 -132.34 -46.04
C ARG A 152 -28.91 -133.46 -45.00
N ARG A 153 -28.73 -134.71 -45.43
CA ARG A 153 -28.69 -135.83 -44.51
C ARG A 153 -27.52 -135.70 -43.52
N LEU A 154 -26.38 -135.18 -43.98
CA LEU A 154 -25.24 -135.00 -43.09
C LEU A 154 -25.54 -133.99 -41.98
N PHE A 155 -26.11 -132.84 -42.34
CA PHE A 155 -26.47 -131.85 -41.33
C PHE A 155 -27.54 -132.39 -40.39
N ASP A 156 -28.54 -133.08 -40.94
CA ASP A 156 -29.57 -133.69 -40.11
C ASP A 156 -28.94 -134.70 -39.14
N TRP A 157 -27.97 -135.47 -39.61
CA TRP A 157 -27.30 -136.48 -38.80
C TRP A 157 -26.44 -135.84 -37.71
N LEU A 158 -25.76 -134.76 -38.04
CA LEU A 158 -24.98 -134.04 -37.03
C LEU A 158 -25.88 -133.50 -35.94
N LYS A 159 -26.99 -132.85 -36.32
CA LYS A 159 -27.96 -132.41 -35.33
C LYS A 159 -28.52 -133.60 -34.56
N GLU A 160 -28.72 -134.73 -35.25
CA GLU A 160 -29.39 -135.89 -34.70
C GLU A 160 -28.58 -136.55 -33.60
N ARG A 161 -27.26 -136.63 -33.77
CA ARG A 161 -26.45 -137.10 -32.65
C ARG A 161 -25.95 -135.95 -31.77
N GLY A 162 -26.26 -134.70 -32.10
CA GLY A 162 -26.04 -133.61 -31.17
C GLY A 162 -24.60 -133.14 -31.02
N LEU A 163 -23.93 -132.85 -32.12
CA LEU A 163 -22.62 -132.22 -32.09
C LEU A 163 -22.73 -130.75 -32.48
N THR A 164 -21.81 -129.94 -31.98
CA THR A 164 -21.76 -128.52 -32.30
C THR A 164 -20.88 -128.33 -33.53
N THR A 165 -21.48 -127.93 -34.65
CA THR A 165 -20.79 -127.92 -35.93
C THR A 165 -20.68 -126.51 -36.47
N VAL A 166 -19.52 -126.19 -37.03
CA VAL A 166 -19.25 -124.90 -37.67
C VAL A 166 -18.82 -125.17 -39.10
N ILE A 167 -19.47 -124.51 -40.05
CA ILE A 167 -19.27 -124.74 -41.48
C ILE A 167 -18.63 -123.50 -42.09
N THR A 168 -17.58 -123.70 -42.87
CA THR A 168 -16.90 -122.62 -43.58
C THR A 168 -17.39 -122.58 -45.03
N ALA A 169 -17.89 -121.42 -45.44
CA ALA A 169 -18.43 -121.25 -46.79
C ALA A 169 -17.93 -119.94 -47.39
N GLU A 170 -17.69 -119.95 -48.70
CA GLU A 170 -17.30 -118.75 -49.41
C GLU A 170 -18.50 -117.85 -49.66
N ARG A 171 -18.24 -116.57 -49.91
CA ARG A 171 -19.31 -115.60 -50.06
C ARG A 171 -19.96 -115.67 -51.44
N GLY A 172 -19.18 -115.41 -52.49
CA GLY A 172 -19.71 -115.41 -53.84
C GLY A 172 -19.93 -114.01 -54.39
N ASP A 173 -21.02 -113.82 -55.12
CA ASP A 173 -21.30 -112.53 -55.74
C ASP A 173 -22.68 -111.98 -55.42
N GLY A 174 -23.69 -112.83 -55.33
CA GLY A 174 -25.06 -112.37 -55.14
C GLY A 174 -25.51 -112.36 -53.69
N ALA A 175 -25.29 -113.48 -52.99
CA ALA A 175 -25.69 -113.59 -51.60
C ALA A 175 -24.48 -113.85 -50.71
N LEU A 176 -24.71 -114.13 -49.43
CA LEU A 176 -23.64 -114.41 -48.49
C LEU A 176 -22.98 -115.76 -48.74
N THR A 177 -23.50 -116.55 -49.68
CA THR A 177 -22.93 -117.84 -50.02
C THR A 177 -23.13 -118.09 -51.50
N ARG A 178 -22.16 -118.77 -52.11
CA ARG A 178 -22.20 -119.06 -53.54
C ARG A 178 -22.79 -120.43 -53.86
N GLN A 179 -22.89 -121.32 -52.87
CA GLN A 179 -23.45 -122.65 -53.08
C GLN A 179 -24.79 -122.84 -52.37
N GLY A 180 -25.38 -121.77 -51.87
CA GLY A 180 -26.69 -121.87 -51.24
C GLY A 180 -26.72 -122.68 -49.95
N LEU A 181 -25.68 -122.54 -49.12
CA LEU A 181 -25.70 -123.19 -47.82
C LEU A 181 -26.50 -122.39 -46.79
N GLU A 182 -26.85 -121.14 -47.10
CA GLU A 182 -27.80 -120.41 -46.28
C GLU A 182 -29.17 -121.08 -46.27
N GLU A 183 -29.58 -121.62 -47.42
CA GLU A 183 -30.82 -122.38 -47.48
C GLU A 183 -30.87 -123.43 -46.38
N TYR A 184 -29.69 -123.91 -45.97
CA TYR A 184 -29.61 -125.08 -45.11
C TYR A 184 -29.37 -124.68 -43.66
N VAL A 185 -28.37 -123.83 -43.43
CA VAL A 185 -27.94 -123.43 -42.10
C VAL A 185 -28.51 -122.05 -41.81
N SER A 186 -29.45 -121.97 -40.86
CA SER A 186 -30.02 -120.70 -40.44
C SER A 186 -29.94 -120.48 -38.94
N ASP A 187 -29.37 -121.42 -38.18
CA ASP A 187 -29.27 -121.26 -36.74
C ASP A 187 -28.35 -120.09 -36.37
N CYS A 188 -27.28 -119.88 -37.13
CA CYS A 188 -26.35 -118.79 -36.86
C CYS A 188 -25.54 -118.53 -38.12
N VAL A 189 -25.48 -117.26 -38.53
CA VAL A 189 -24.73 -116.86 -39.71
C VAL A 189 -23.81 -115.71 -39.33
N ILE A 190 -22.52 -115.88 -39.55
CA ILE A 190 -21.51 -114.89 -39.19
C ILE A 190 -20.74 -114.52 -40.45
N LEU A 191 -20.79 -113.24 -40.82
CA LEU A 191 -20.13 -112.74 -42.02
C LEU A 191 -18.86 -112.00 -41.62
N LEU A 192 -17.74 -112.40 -42.21
CA LEU A 192 -16.46 -111.74 -42.01
C LEU A 192 -16.09 -110.95 -43.26
N ASP A 193 -15.68 -109.71 -43.07
CA ASP A 193 -15.39 -108.82 -44.19
C ASP A 193 -14.02 -108.19 -43.99
N HIS A 194 -13.36 -107.89 -45.11
CA HIS A 194 -12.03 -107.27 -45.08
C HIS A 194 -12.05 -106.15 -46.11
N ARG A 195 -12.28 -104.92 -45.66
CA ARG A 195 -12.53 -103.80 -46.56
C ARG A 195 -11.43 -102.76 -46.44
N VAL A 196 -11.05 -102.19 -47.59
CA VAL A 196 -10.00 -101.19 -47.67
C VAL A 196 -10.64 -99.83 -47.95
N GLU A 197 -10.31 -98.84 -47.13
CA GLU A 197 -10.77 -97.47 -47.31
C GLU A 197 -9.58 -96.54 -47.15
N ASN A 198 -9.36 -95.67 -48.13
CA ASN A 198 -8.24 -94.74 -48.10
C ASN A 198 -6.91 -95.46 -47.91
N GLN A 199 -6.79 -96.62 -48.57
CA GLN A 199 -5.61 -97.48 -48.57
C GLN A 199 -5.46 -98.25 -47.25
N ILE A 200 -6.32 -98.03 -46.27
CA ILE A 200 -6.25 -98.71 -44.99
C ILE A 200 -7.28 -99.84 -44.98
N SER A 201 -6.83 -101.06 -44.71
CA SER A 201 -7.70 -102.23 -44.70
C SER A 201 -8.03 -102.63 -43.27
N THR A 202 -9.30 -102.92 -43.03
CA THR A 202 -9.80 -103.30 -41.72
C THR A 202 -10.68 -104.53 -41.84
N ARG A 203 -10.69 -105.33 -40.77
CA ARG A 203 -11.43 -106.57 -40.69
C ARG A 203 -12.63 -106.40 -39.77
N ARG A 204 -13.81 -106.75 -40.27
CA ARG A 204 -15.06 -106.57 -39.53
C ARG A 204 -15.81 -107.89 -39.44
N LEU A 205 -16.58 -108.04 -38.36
CA LEU A 205 -17.40 -109.21 -38.13
C LEU A 205 -18.84 -108.77 -37.91
N ARG A 206 -19.79 -109.54 -38.44
CA ARG A 206 -21.20 -109.22 -38.27
C ARG A 206 -21.99 -110.49 -38.08
N ILE A 207 -22.94 -110.47 -37.15
CA ILE A 207 -23.83 -111.61 -36.92
C ILE A 207 -25.09 -111.34 -37.73
N VAL A 208 -25.16 -111.91 -38.93
CA VAL A 208 -26.25 -111.58 -39.84
C VAL A 208 -27.58 -112.09 -39.28
N LYS A 209 -27.60 -113.33 -38.81
CA LYS A 209 -28.83 -113.95 -38.31
C LYS A 209 -28.46 -114.97 -37.26
N TYR A 210 -28.90 -114.75 -36.03
CA TYR A 210 -28.70 -115.70 -34.93
C TYR A 210 -30.06 -116.02 -34.34
N ARG A 211 -30.56 -117.21 -34.64
CA ARG A 211 -31.93 -117.58 -34.28
C ARG A 211 -32.00 -118.10 -32.85
N GLY A 212 -32.90 -117.54 -32.05
CA GLY A 212 -33.18 -118.05 -30.72
C GLY A 212 -32.97 -117.09 -29.58
N THR A 213 -32.34 -115.95 -29.80
CA THR A 213 -32.10 -115.01 -28.70
C THR A 213 -31.47 -113.74 -29.26
N ALA A 214 -31.37 -112.74 -28.38
CA ALA A 214 -30.80 -111.46 -28.76
C ALA A 214 -29.29 -111.57 -28.94
N HIS A 215 -28.72 -110.55 -29.58
CA HIS A 215 -27.30 -110.53 -29.89
C HIS A 215 -26.95 -109.15 -30.45
N GLY A 216 -25.67 -108.91 -30.65
CA GLY A 216 -25.23 -107.68 -31.29
C GLY A 216 -25.50 -107.71 -32.79
N THR A 217 -25.90 -106.55 -33.31
CA THR A 217 -26.26 -106.43 -34.73
C THR A 217 -25.36 -105.49 -35.52
N ASN A 218 -24.48 -104.75 -34.87
CA ASN A 218 -23.60 -103.82 -35.58
C ASN A 218 -22.40 -104.57 -36.15
N GLU A 219 -21.61 -103.86 -36.96
CA GLU A 219 -20.37 -104.41 -37.49
C GLU A 219 -19.23 -104.10 -36.54
N TYR A 220 -18.59 -105.16 -36.02
CA TYR A 220 -17.57 -105.01 -35.00
C TYR A 220 -16.20 -105.23 -35.61
N PRO A 221 -15.32 -104.22 -35.60
CA PRO A 221 -13.95 -104.43 -36.11
C PRO A 221 -13.17 -105.35 -35.18
N PHE A 222 -12.58 -106.38 -35.75
CA PHE A 222 -11.81 -107.36 -34.99
C PHE A 222 -10.37 -107.39 -35.49
N LEU A 223 -9.50 -108.07 -34.74
CA LEU A 223 -8.09 -108.14 -35.05
C LEU A 223 -7.59 -109.56 -34.85
N ILE A 224 -6.64 -109.95 -35.70
CA ILE A 224 -5.94 -111.23 -35.58
C ILE A 224 -4.52 -110.92 -35.14
N ASP A 225 -4.15 -111.42 -33.96
CA ASP A 225 -2.86 -111.14 -33.36
C ASP A 225 -2.21 -112.44 -32.92
N THR A 226 -1.11 -112.32 -32.19
CA THR A 226 -0.41 -113.52 -31.70
C THR A 226 -1.34 -114.41 -30.89
N ASP A 227 -2.20 -113.81 -30.06
CA ASP A 227 -3.19 -114.59 -29.32
C ASP A 227 -4.17 -115.26 -30.27
N GLY A 228 -4.61 -114.54 -31.30
CA GLY A 228 -5.58 -115.03 -32.24
C GLY A 228 -6.67 -113.99 -32.44
N PHE A 229 -7.90 -114.46 -32.58
CA PHE A 229 -9.03 -113.55 -32.68
C PHE A 229 -9.15 -112.73 -31.39
N SER A 230 -9.34 -111.42 -31.56
CA SER A 230 -9.59 -110.51 -30.46
C SER A 230 -10.68 -109.53 -30.87
N VAL A 231 -11.70 -109.40 -30.02
CA VAL A 231 -12.82 -108.52 -30.32
C VAL A 231 -13.15 -107.68 -29.10
N LEU A 232 -12.92 -106.37 -29.20
CA LEU A 232 -13.23 -105.45 -28.11
C LEU A 232 -14.37 -104.54 -28.55
N PRO A 233 -15.60 -105.04 -28.55
CA PRO A 233 -16.73 -104.23 -29.03
C PRO A 233 -16.89 -102.96 -28.20
N VAL A 234 -17.26 -101.86 -28.89
CA VAL A 234 -17.52 -100.61 -28.21
C VAL A 234 -18.84 -100.59 -27.48
N SER A 235 -19.68 -101.61 -27.66
CA SER A 235 -20.97 -101.71 -27.00
C SER A 235 -20.90 -102.38 -25.64
N ALA A 236 -19.73 -102.90 -25.26
CA ALA A 236 -19.56 -103.55 -23.96
C ALA A 236 -19.16 -102.57 -22.86
N LEU A 237 -18.79 -101.34 -23.20
CA LEU A 237 -18.41 -100.37 -22.19
C LEU A 237 -19.62 -99.99 -21.33
N GLY A 238 -19.39 -99.90 -20.02
CA GLY A 238 -20.44 -99.52 -19.10
C GLY A 238 -19.96 -98.44 -18.15
N LEU A 239 -20.93 -97.68 -17.65
CA LEU A 239 -20.63 -96.57 -16.72
C LEU A 239 -20.77 -97.06 -15.28
N LEU A 240 -19.86 -97.96 -14.91
CA LEU A 240 -19.73 -98.45 -13.54
C LEU A 240 -18.27 -98.28 -13.12
N HIS A 241 -17.94 -97.09 -12.63
CA HIS A 241 -16.57 -96.73 -12.28
C HIS A 241 -16.51 -96.40 -10.80
N GLN A 242 -15.79 -97.22 -10.03
CA GLN A 242 -15.60 -96.94 -8.62
C GLN A 242 -14.74 -95.70 -8.44
N VAL A 243 -15.23 -94.75 -7.66
CA VAL A 243 -14.51 -93.49 -7.46
C VAL A 243 -13.68 -93.57 -6.18
N HIS A 244 -12.63 -92.75 -6.13
CA HIS A 244 -11.73 -92.69 -4.99
C HIS A 244 -11.69 -91.28 -4.45
N GLU A 245 -11.51 -91.16 -3.13
CA GLU A 245 -11.45 -89.88 -2.46
C GLU A 245 -10.04 -89.35 -2.29
N GLU A 246 -9.04 -90.08 -2.75
CA GLU A 246 -7.66 -89.61 -2.65
C GLU A 246 -7.37 -88.60 -3.76
N ARG A 247 -6.24 -87.91 -3.60
CA ARG A 247 -5.80 -86.90 -4.55
C ARG A 247 -4.43 -87.28 -5.12
N ILE A 248 -4.18 -86.82 -6.34
CA ILE A 248 -2.92 -87.06 -7.02
C ILE A 248 -2.15 -85.75 -7.12
N ALA A 249 -0.83 -85.87 -7.13
CA ALA A 249 0.07 -84.72 -7.19
C ALA A 249 0.56 -84.54 -8.61
N SER A 250 0.31 -83.35 -9.18
CA SER A 250 0.72 -83.09 -10.55
C SER A 250 2.23 -82.92 -10.67
N GLY A 251 2.88 -82.53 -9.58
CA GLY A 251 4.30 -82.21 -9.59
C GLY A 251 4.61 -80.73 -9.65
N VAL A 252 3.61 -79.89 -9.95
CA VAL A 252 3.75 -78.45 -9.93
C VAL A 252 3.09 -77.93 -8.65
N PRO A 253 3.86 -77.45 -7.66
CA PRO A 253 3.23 -77.02 -6.40
C PRO A 253 2.19 -75.93 -6.58
N ASP A 254 2.44 -74.96 -7.45
CA ASP A 254 1.49 -73.87 -7.63
C ASP A 254 0.18 -74.37 -8.23
N LEU A 255 0.27 -75.19 -9.27
CA LEU A 255 -0.93 -75.75 -9.89
C LEU A 255 -1.68 -76.64 -8.90
N ASP A 256 -0.94 -77.43 -8.10
CA ASP A 256 -1.58 -78.28 -7.11
C ASP A 256 -2.32 -77.48 -6.05
N ALA A 257 -1.73 -76.38 -5.59
CA ALA A 257 -2.39 -75.55 -4.57
C ALA A 257 -3.55 -74.78 -5.17
N MET A 258 -3.49 -74.47 -6.47
CA MET A 258 -4.55 -73.69 -7.10
C MET A 258 -5.91 -74.36 -6.92
N MET A 259 -5.93 -75.69 -6.80
CA MET A 259 -7.17 -76.43 -6.68
C MET A 259 -7.31 -76.97 -5.25
N ALA A 260 -8.52 -76.91 -4.73
CA ALA A 260 -8.78 -77.41 -3.39
C ALA A 260 -8.50 -78.91 -3.30
N GLY A 261 -7.99 -79.35 -2.14
CA GLY A 261 -7.69 -80.74 -1.92
C GLY A 261 -6.27 -81.16 -2.26
N GLY A 262 -5.50 -80.31 -2.91
CA GLY A 262 -4.12 -80.62 -3.25
C GLY A 262 -3.91 -81.17 -4.65
N GLY A 263 -4.97 -81.53 -5.36
CA GLY A 263 -4.79 -82.04 -6.72
C GLY A 263 -6.06 -82.70 -7.22
N PHE A 264 -6.00 -83.10 -8.48
CA PHE A 264 -7.14 -83.75 -9.12
C PHE A 264 -7.41 -85.09 -8.44
N PHE A 265 -8.68 -85.50 -8.44
CA PHE A 265 -9.05 -86.79 -7.86
C PHE A 265 -8.39 -87.95 -8.61
N ARG A 266 -7.95 -88.94 -7.84
CA ARG A 266 -7.23 -90.07 -8.40
C ARG A 266 -8.13 -90.91 -9.28
N GLY A 267 -7.54 -91.49 -10.33
CA GLY A 267 -8.29 -92.30 -11.26
C GLY A 267 -9.15 -91.54 -12.24
N SER A 268 -9.02 -90.23 -12.31
CA SER A 268 -9.82 -89.40 -13.20
C SER A 268 -9.11 -89.19 -14.52
N SER A 269 -9.87 -88.73 -15.53
CA SER A 269 -9.33 -88.43 -16.84
C SER A 269 -8.99 -86.95 -16.92
N ILE A 270 -7.73 -86.64 -17.20
CA ILE A 270 -7.23 -85.27 -17.23
C ILE A 270 -6.79 -84.96 -18.66
N LEU A 271 -7.33 -83.88 -19.21
CA LEU A 271 -6.96 -83.41 -20.54
C LEU A 271 -6.09 -82.17 -20.42
N VAL A 272 -5.05 -82.10 -21.24
CA VAL A 272 -4.16 -80.95 -21.30
C VAL A 272 -4.19 -80.43 -22.73
N SER A 273 -4.85 -79.29 -22.94
CA SER A 273 -5.04 -78.73 -24.26
C SER A 273 -4.16 -77.50 -24.44
N GLY A 274 -3.81 -77.21 -25.68
CA GLY A 274 -3.02 -76.04 -25.99
C GLY A 274 -2.45 -76.13 -27.39
N VAL A 275 -1.97 -74.97 -27.86
CA VAL A 275 -1.36 -74.87 -29.19
C VAL A 275 0.04 -75.46 -29.13
N ALA A 276 0.64 -75.68 -30.30
CA ALA A 276 1.98 -76.23 -30.36
C ALA A 276 2.96 -75.34 -29.60
N GLY A 277 3.81 -75.96 -28.79
CA GLY A 277 4.76 -75.22 -27.98
C GLY A 277 4.21 -74.69 -26.68
N ALA A 278 2.98 -75.04 -26.32
CA ALA A 278 2.41 -74.53 -25.07
C ALA A 278 3.06 -75.17 -23.85
N GLY A 279 3.35 -76.47 -23.91
CA GLY A 279 3.96 -77.15 -22.78
C GLY A 279 3.15 -78.33 -22.28
N LYS A 280 2.29 -78.88 -23.15
CA LYS A 280 1.48 -80.04 -22.79
C LYS A 280 2.38 -81.23 -22.45
N SER A 281 3.39 -81.49 -23.30
CA SER A 281 4.32 -82.57 -23.01
C SER A 281 5.09 -82.32 -21.73
N SER A 282 5.47 -81.07 -21.47
CA SER A 282 6.17 -80.75 -20.24
C SER A 282 5.30 -81.06 -19.01
N LEU A 283 4.02 -80.68 -19.07
CA LEU A 283 3.13 -80.95 -17.95
C LEU A 283 2.92 -82.46 -17.78
N ALA A 284 2.77 -83.19 -18.88
CA ALA A 284 2.61 -84.64 -18.79
C ALA A 284 3.86 -85.29 -18.18
N ALA A 285 5.04 -84.82 -18.60
CA ALA A 285 6.28 -85.33 -18.02
C ALA A 285 6.37 -85.01 -16.54
N HIS A 286 5.92 -83.81 -16.15
CA HIS A 286 5.89 -83.47 -14.73
C HIS A 286 5.01 -84.43 -13.96
N PHE A 287 3.81 -84.73 -14.50
CA PHE A 287 2.93 -85.70 -13.86
C PHE A 287 3.61 -87.05 -13.71
N ALA A 288 4.21 -87.55 -14.79
CA ALA A 288 4.84 -88.86 -14.76
C ALA A 288 5.99 -88.90 -13.76
N ALA A 289 6.84 -87.87 -13.75
CA ALA A 289 7.96 -87.84 -12.84
C ALA A 289 7.51 -87.74 -11.40
N ALA A 290 6.48 -86.94 -11.13
CA ALA A 290 5.94 -86.87 -9.77
C ALA A 290 5.38 -88.21 -9.32
N ALA A 291 4.67 -88.92 -10.21
CA ALA A 291 4.17 -90.24 -9.86
C ALA A 291 5.32 -91.20 -9.58
N CYS A 292 6.37 -91.15 -10.40
CA CYS A 292 7.50 -92.05 -10.19
C CYS A 292 8.23 -91.77 -8.89
N ALA A 293 8.38 -90.49 -8.55
CA ALA A 293 9.15 -90.12 -7.36
C ALA A 293 8.53 -90.70 -6.08
N ARG A 294 7.24 -91.00 -6.12
CA ARG A 294 6.55 -91.57 -4.96
C ARG A 294 6.63 -93.09 -4.92
N GLY A 295 7.44 -93.70 -5.78
CA GLY A 295 7.58 -95.15 -5.81
C GLY A 295 6.54 -95.87 -6.63
N GLU A 296 5.71 -95.16 -7.37
CA GLU A 296 4.67 -95.76 -8.20
C GLU A 296 5.16 -95.90 -9.64
N ARG A 297 4.48 -96.79 -10.38
CA ARG A 297 4.82 -97.04 -11.77
C ARG A 297 4.11 -96.04 -12.68
N ALA A 298 4.72 -95.78 -13.84
CA ALA A 298 4.12 -94.84 -14.77
C ALA A 298 4.49 -95.20 -16.21
N MET A 299 3.55 -94.99 -17.12
CA MET A 299 3.78 -95.20 -18.55
C MET A 299 3.50 -93.92 -19.32
N TYR A 300 4.34 -93.64 -20.31
CA TYR A 300 4.21 -92.42 -21.10
C TYR A 300 4.16 -92.85 -22.57
N PHE A 301 2.96 -93.08 -23.09
CA PHE A 301 2.79 -93.38 -24.51
C PHE A 301 3.00 -92.10 -25.31
N SER A 302 3.99 -92.12 -26.21
CA SER A 302 4.33 -90.98 -27.05
C SER A 302 4.18 -91.37 -28.51
N PHE A 303 3.37 -90.61 -29.24
CA PHE A 303 3.16 -90.81 -30.67
C PHE A 303 3.83 -89.71 -31.50
N GLU A 304 4.77 -88.98 -30.90
CA GLU A 304 5.38 -87.83 -31.53
C GLU A 304 6.90 -87.79 -31.45
N GLU A 305 7.51 -88.47 -30.47
CA GLU A 305 8.93 -88.32 -30.24
C GLU A 305 9.56 -89.64 -29.85
N ALA A 306 10.86 -89.75 -30.05
CA ALA A 306 11.59 -90.92 -29.59
C ALA A 306 11.95 -90.77 -28.10
N ALA A 307 12.31 -91.89 -27.48
CA ALA A 307 12.62 -91.87 -26.06
C ALA A 307 13.80 -90.95 -25.76
N ASP A 308 14.89 -91.08 -26.53
CA ASP A 308 16.09 -90.27 -26.28
C ASP A 308 15.83 -88.79 -26.50
N GLN A 309 15.12 -88.45 -27.59
CA GLN A 309 14.79 -87.06 -27.85
C GLN A 309 13.93 -86.48 -26.74
N ALA A 310 12.92 -87.23 -26.28
CA ALA A 310 12.11 -86.77 -25.15
C ALA A 310 12.97 -86.60 -23.91
N VAL A 311 13.91 -87.52 -23.68
CA VAL A 311 14.80 -87.43 -22.53
C VAL A 311 15.57 -86.12 -22.56
N ARG A 312 16.19 -85.79 -23.70
CA ARG A 312 17.07 -84.63 -23.68
C ARG A 312 16.27 -83.34 -23.86
N ASN A 313 14.99 -83.46 -24.25
CA ASN A 313 14.09 -82.31 -24.21
C ASN A 313 13.67 -81.99 -22.78
N MET A 314 13.36 -83.02 -21.98
CA MET A 314 12.98 -82.84 -20.58
C MET A 314 14.17 -82.52 -19.67
N ARG A 315 15.36 -82.99 -20.03
CA ARG A 315 16.55 -82.71 -19.22
C ARG A 315 16.80 -81.21 -19.15
N SER A 316 16.41 -80.47 -20.19
CA SER A 316 16.49 -79.03 -20.15
C SER A 316 15.56 -78.43 -19.10
N LEU A 317 14.39 -79.02 -18.89
CA LEU A 317 13.46 -78.60 -17.85
C LEU A 317 13.84 -79.14 -16.48
N GLY A 318 14.78 -80.09 -16.44
CA GLY A 318 15.27 -80.61 -15.18
C GLY A 318 14.67 -81.94 -14.80
N LEU A 319 13.55 -82.30 -15.44
CA LEU A 319 12.95 -83.60 -15.23
C LEU A 319 13.90 -84.68 -15.73
N ASP A 320 14.45 -85.45 -14.81
CA ASP A 320 15.43 -86.50 -15.11
C ASP A 320 14.65 -87.80 -15.29
N LEU A 321 13.98 -87.93 -16.44
CA LEU A 321 13.23 -89.14 -16.75
C LEU A 321 14.14 -90.34 -16.92
N GLY A 322 15.41 -90.11 -17.26
CA GLY A 322 16.33 -91.22 -17.38
C GLY A 322 16.49 -91.98 -16.08
N ARG A 323 16.50 -91.27 -14.96
CA ARG A 323 16.64 -91.91 -13.66
C ARG A 323 15.52 -92.92 -13.41
N TRP A 324 14.28 -92.51 -13.63
CA TRP A 324 13.14 -93.39 -13.37
C TRP A 324 13.03 -94.50 -14.43
N ARG A 325 13.29 -94.19 -15.69
CA ARG A 325 13.32 -95.24 -16.70
C ARG A 325 14.39 -96.29 -16.43
N ASP A 326 15.54 -95.86 -15.92
CA ASP A 326 16.68 -96.73 -15.63
C ASP A 326 16.46 -97.54 -14.35
N ALA A 327 15.79 -96.95 -13.35
CA ALA A 327 15.41 -97.68 -12.16
C ALA A 327 14.22 -98.60 -12.39
N GLY A 328 13.48 -98.42 -13.50
CA GLY A 328 12.42 -99.33 -13.86
C GLY A 328 11.05 -98.97 -13.34
N LEU A 329 10.79 -97.68 -13.12
CA LEU A 329 9.48 -97.21 -12.70
C LEU A 329 8.75 -96.40 -13.76
N LEU A 330 9.39 -96.12 -14.89
CA LEU A 330 8.80 -95.35 -15.98
C LEU A 330 9.01 -96.10 -17.29
N ARG A 331 7.96 -96.16 -18.10
CA ARG A 331 8.00 -96.85 -19.38
C ARG A 331 7.72 -95.87 -20.51
N PHE A 332 8.46 -96.00 -21.61
CA PHE A 332 8.25 -95.21 -22.83
C PHE A 332 7.97 -96.15 -23.98
N MET A 333 7.01 -95.79 -24.83
CA MET A 333 6.67 -96.61 -25.99
C MET A 333 7.22 -96.01 -27.27
N ALA A 334 6.91 -94.74 -27.54
CA ALA A 334 7.42 -94.02 -28.70
C ALA A 334 7.03 -94.74 -30.00
N THR A 335 5.73 -94.78 -30.23
CA THR A 335 5.17 -95.46 -31.39
C THR A 335 4.42 -94.48 -32.27
N ARG A 336 4.68 -94.56 -33.57
CA ARG A 336 4.04 -93.66 -34.52
C ARG A 336 2.57 -94.06 -34.73
N PRO A 337 1.70 -93.09 -35.04
CA PRO A 337 0.28 -93.44 -35.26
C PRO A 337 0.08 -94.39 -36.43
N THR A 338 0.89 -94.31 -37.47
CA THR A 338 0.72 -95.12 -38.66
C THR A 338 1.38 -96.49 -38.56
N PHE A 339 2.11 -96.77 -37.48
CA PHE A 339 2.79 -98.06 -37.36
C PHE A 339 1.79 -99.21 -37.36
N TYR A 340 0.71 -99.08 -36.61
CA TYR A 340 -0.32 -100.11 -36.51
C TYR A 340 -1.64 -99.57 -37.06
N SER A 341 -2.65 -100.43 -37.06
CA SER A 341 -4.02 -100.00 -37.29
C SER A 341 -4.61 -99.55 -35.96
N LEU A 342 -5.80 -98.95 -35.98
CA LEU A 342 -6.42 -98.49 -34.74
C LEU A 342 -6.65 -99.65 -33.77
N GLU A 343 -7.11 -100.79 -34.29
CA GLU A 343 -7.37 -101.94 -33.43
C GLU A 343 -6.11 -102.41 -32.73
N MET A 344 -4.99 -102.49 -33.47
CA MET A 344 -3.76 -102.95 -32.83
C MET A 344 -3.16 -101.90 -31.91
N HIS A 345 -3.34 -100.61 -32.23
CA HIS A 345 -2.96 -99.58 -31.26
C HIS A 345 -3.69 -99.81 -29.95
N LEU A 346 -5.01 -99.98 -30.00
CA LEU A 346 -5.79 -100.25 -28.80
C LEU A 346 -5.30 -101.52 -28.10
N ALA A 347 -5.10 -102.59 -28.86
CA ALA A 347 -4.73 -103.87 -28.27
C ALA A 347 -3.36 -103.80 -27.60
N VAL A 348 -2.39 -103.17 -28.25
CA VAL A 348 -1.05 -103.06 -27.67
C VAL A 348 -1.09 -102.21 -26.42
N ILE A 349 -1.81 -101.08 -26.46
CA ILE A 349 -1.91 -100.23 -25.29
C ILE A 349 -2.51 -101.00 -24.13
N LEU A 350 -3.62 -101.70 -24.38
CA LEU A 350 -4.28 -102.45 -23.32
C LEU A 350 -3.39 -103.55 -22.77
N ARG A 351 -2.74 -104.29 -23.66
CA ARG A 351 -1.90 -105.41 -23.24
C ARG A 351 -0.74 -104.93 -22.37
N GLU A 352 -0.04 -103.89 -22.83
CA GLU A 352 1.12 -103.43 -22.07
C GLU A 352 0.68 -102.76 -20.77
N VAL A 353 -0.44 -102.04 -20.77
CA VAL A 353 -0.93 -101.46 -19.52
C VAL A 353 -1.27 -102.56 -18.52
N MET A 354 -1.94 -103.62 -18.97
CA MET A 354 -2.27 -104.72 -18.08
C MET A 354 -1.00 -105.38 -17.55
N ARG A 355 -0.02 -105.61 -18.43
CA ARG A 355 1.21 -106.29 -18.01
C ARG A 355 1.98 -105.46 -16.98
N PHE A 356 2.14 -104.17 -17.24
CA PHE A 356 2.95 -103.32 -16.37
C PHE A 356 2.23 -102.93 -15.09
N GLU A 357 0.91 -102.79 -15.12
CA GLU A 357 0.13 -102.40 -13.95
C GLU A 357 0.64 -101.09 -13.38
N PRO A 358 0.62 -100.00 -14.16
CA PRO A 358 1.12 -98.72 -13.64
C PRO A 358 0.07 -97.95 -12.85
N SER A 359 0.43 -96.77 -12.36
CA SER A 359 -0.49 -95.91 -11.64
C SER A 359 -0.84 -94.64 -12.40
N VAL A 360 -0.09 -94.29 -13.45
CA VAL A 360 -0.36 -93.10 -14.25
C VAL A 360 0.04 -93.36 -15.70
N VAL A 361 -0.92 -93.22 -16.61
CA VAL A 361 -0.70 -93.41 -18.03
C VAL A 361 -0.89 -92.07 -18.73
N VAL A 362 0.12 -91.63 -19.48
CA VAL A 362 0.11 -90.35 -20.16
C VAL A 362 0.16 -90.60 -21.66
N LEU A 363 -0.92 -90.28 -22.35
CA LEU A 363 -1.01 -90.44 -23.80
C LEU A 363 -0.79 -89.07 -24.44
N ASP A 364 0.28 -88.96 -25.23
CA ASP A 364 0.66 -87.69 -25.85
C ASP A 364 1.08 -87.90 -27.30
N PRO A 365 0.37 -87.31 -28.27
CA PRO A 365 -0.91 -86.65 -28.08
C PRO A 365 -2.07 -87.49 -28.63
N ILE A 366 -3.27 -87.33 -28.07
CA ILE A 366 -4.42 -88.06 -28.59
C ILE A 366 -4.89 -87.51 -29.93
N SER A 367 -4.42 -86.32 -30.31
CA SER A 367 -4.84 -85.74 -31.58
C SER A 367 -4.06 -86.30 -32.77
N ALA A 368 -2.96 -87.02 -32.50
CA ALA A 368 -2.14 -87.55 -33.58
C ALA A 368 -2.90 -88.56 -34.44
N PHE A 369 -3.94 -89.18 -33.90
CA PHE A 369 -4.73 -90.17 -34.63
C PHE A 369 -5.81 -89.54 -35.50
N THR A 370 -5.68 -88.26 -35.84
CA THR A 370 -6.76 -87.55 -36.52
C THR A 370 -7.07 -88.17 -37.88
N GLU A 371 -6.06 -88.34 -38.72
CA GLU A 371 -6.25 -88.82 -40.08
C GLU A 371 -6.07 -90.33 -40.22
N SER A 372 -5.81 -91.03 -39.11
CA SER A 372 -5.66 -92.49 -39.19
C SER A 372 -6.93 -93.14 -39.71
N GLY A 373 -8.09 -92.58 -39.36
CA GLY A 373 -9.36 -93.07 -39.85
C GLY A 373 -10.44 -92.01 -39.76
N ASP A 374 -11.69 -92.41 -39.93
CA ASP A 374 -12.79 -91.47 -39.77
C ASP A 374 -12.91 -91.05 -38.31
N ARG A 375 -13.66 -89.96 -38.09
CA ARG A 375 -13.80 -89.43 -36.74
C ARG A 375 -14.40 -90.47 -35.80
N LEU A 376 -15.39 -91.22 -36.29
CA LEU A 376 -16.05 -92.21 -35.46
C LEU A 376 -15.10 -93.31 -34.98
N GLU A 377 -14.23 -93.82 -35.85
CA GLU A 377 -13.32 -94.90 -35.47
C GLU A 377 -12.30 -94.43 -34.42
N VAL A 378 -11.72 -93.24 -34.63
CA VAL A 378 -10.78 -92.68 -33.66
C VAL A 378 -11.48 -92.42 -32.33
N GLN A 379 -12.71 -91.89 -32.38
CA GLN A 379 -13.45 -91.67 -31.14
C GLN A 379 -13.73 -92.99 -30.43
N SER A 380 -14.06 -94.04 -31.19
CA SER A 380 -14.28 -95.34 -30.56
C SER A 380 -13.02 -95.84 -29.87
N MET A 381 -11.87 -95.71 -30.53
CA MET A 381 -10.62 -96.13 -29.93
C MET A 381 -10.33 -95.35 -28.65
N LEU A 382 -10.49 -94.02 -28.71
CA LEU A 382 -10.21 -93.19 -27.56
C LEU A 382 -11.17 -93.49 -26.41
N LEU A 383 -12.45 -93.70 -26.71
CA LEU A 383 -13.41 -94.03 -25.68
C LEU A 383 -13.10 -95.37 -25.03
N ARG A 384 -12.72 -96.36 -25.85
CA ARG A 384 -12.34 -97.65 -25.28
C ARG A 384 -11.13 -97.52 -24.36
N ILE A 385 -10.12 -96.75 -24.79
CA ILE A 385 -8.93 -96.58 -23.96
C ILE A 385 -9.29 -95.89 -22.65
N VAL A 386 -10.08 -94.82 -22.72
CA VAL A 386 -10.43 -94.06 -21.53
C VAL A 386 -11.23 -94.93 -20.57
N ASP A 387 -12.20 -95.67 -21.09
CA ASP A 387 -13.02 -96.54 -20.25
C ASP A 387 -12.17 -97.63 -19.61
N PHE A 388 -11.24 -98.23 -20.37
CA PHE A 388 -10.37 -99.25 -19.79
C PHE A 388 -9.54 -98.66 -18.65
N LEU A 389 -8.95 -97.48 -18.86
CA LEU A 389 -8.15 -96.86 -17.81
C LEU A 389 -8.99 -96.55 -16.58
N LYS A 390 -10.18 -95.99 -16.79
CA LYS A 390 -11.04 -95.65 -15.66
C LYS A 390 -11.50 -96.89 -14.90
N ASN A 391 -11.82 -97.97 -15.62
CA ASN A 391 -12.19 -99.21 -14.94
C ASN A 391 -11.02 -99.76 -14.13
N ARG A 392 -9.81 -99.71 -14.70
CA ARG A 392 -8.62 -100.11 -13.96
C ARG A 392 -8.25 -99.14 -12.85
N GLY A 393 -8.89 -97.97 -12.80
CA GLY A 393 -8.57 -96.98 -11.79
C GLY A 393 -7.20 -96.37 -11.94
N ILE A 394 -6.77 -96.13 -13.18
CA ILE A 394 -5.48 -95.52 -13.47
C ILE A 394 -5.71 -94.08 -13.86
N THR A 395 -4.78 -93.21 -13.48
CA THR A 395 -4.85 -91.78 -13.79
C THR A 395 -4.39 -91.56 -15.21
N GLY A 396 -5.31 -91.12 -16.07
CA GLY A 396 -5.01 -90.89 -17.48
C GLY A 396 -4.80 -89.41 -17.75
N ILE A 397 -3.64 -89.10 -18.32
CA ILE A 397 -3.27 -87.74 -18.71
C ILE A 397 -3.17 -87.71 -20.22
N PHE A 398 -4.14 -87.12 -20.88
CA PHE A 398 -4.19 -87.05 -22.33
C PHE A 398 -3.81 -85.65 -22.79
N THR A 399 -2.86 -85.55 -23.71
CA THR A 399 -2.44 -84.28 -24.27
C THR A 399 -3.04 -84.11 -25.65
N HIS A 400 -3.70 -82.98 -25.88
CA HIS A 400 -4.35 -82.68 -27.15
C HIS A 400 -3.90 -81.31 -27.65
N LEU A 401 -3.79 -81.20 -28.97
CA LEU A 401 -3.39 -79.96 -29.62
C LEU A 401 -4.61 -79.10 -29.92
N ALA A 402 -4.44 -77.78 -29.82
CA ALA A 402 -5.52 -76.84 -30.02
C ALA A 402 -5.32 -76.07 -31.32
N HIS A 403 -6.44 -75.61 -31.88
CA HIS A 403 -6.42 -74.85 -33.12
C HIS A 403 -7.07 -73.48 -32.94
N THR A 409 -11.92 -74.25 -25.26
CA THR A 409 -12.15 -74.61 -26.65
C THR A 409 -12.41 -76.11 -26.78
N THR A 410 -13.15 -76.47 -27.83
CA THR A 410 -13.46 -77.86 -28.12
C THR A 410 -12.58 -78.35 -29.28
N ASP A 411 -12.07 -79.58 -29.14
CA ASP A 411 -11.08 -80.07 -30.08
C ASP A 411 -11.57 -81.24 -30.91
N ALA A 412 -12.00 -82.34 -30.27
CA ALA A 412 -12.35 -83.53 -31.03
C ALA A 412 -13.57 -84.27 -30.48
N GLY A 413 -14.36 -83.64 -29.61
CA GLY A 413 -15.52 -84.30 -29.06
C GLY A 413 -15.22 -85.30 -27.96
N LEU A 414 -13.95 -85.44 -27.56
CA LEU A 414 -13.58 -86.32 -26.47
C LEU A 414 -13.41 -85.58 -25.14
N GLU A 415 -13.45 -84.25 -25.15
CA GLU A 415 -13.53 -83.52 -23.90
C GLU A 415 -14.81 -83.86 -23.17
N GLU A 416 -15.78 -84.45 -23.88
CA GLU A 416 -17.11 -84.69 -23.35
C GLU A 416 -17.05 -85.54 -22.08
N LEU A 417 -15.99 -86.33 -21.90
CA LEU A 417 -15.89 -87.22 -20.74
C LEU A 417 -14.91 -86.73 -19.68
N MET A 418 -13.95 -85.88 -20.04
CA MET A 418 -12.84 -85.58 -19.15
C MET A 418 -13.32 -85.03 -17.81
N ASP A 419 -12.72 -85.54 -16.73
CA ASP A 419 -12.96 -85.02 -15.39
C ASP A 419 -12.28 -83.69 -15.13
N GLY A 420 -11.04 -83.54 -15.58
CA GLY A 420 -10.32 -82.29 -15.39
C GLY A 420 -9.74 -81.81 -16.71
N TRP A 421 -9.71 -80.49 -16.86
CA TRP A 421 -9.26 -79.86 -18.10
C TRP A 421 -8.29 -78.74 -17.75
N VAL A 422 -7.10 -78.78 -18.33
CA VAL A 422 -6.09 -77.75 -18.15
C VAL A 422 -5.73 -77.19 -19.52
N LEU A 423 -5.96 -75.90 -19.71
CA LEU A 423 -5.66 -75.23 -20.97
C LEU A 423 -4.41 -74.38 -20.80
N MET A 424 -3.44 -74.58 -21.70
CA MET A 424 -2.18 -73.86 -21.71
C MET A 424 -2.17 -72.92 -22.90
N LEU A 425 -1.97 -71.64 -22.66
CA LEU A 425 -2.02 -70.61 -23.69
C LEU A 425 -0.65 -69.97 -23.86
N ASN A 426 -0.28 -69.71 -25.12
CA ASN A 426 0.96 -69.01 -25.45
C ASN A 426 0.57 -67.85 -26.37
N ARG A 427 0.24 -66.71 -25.76
CA ARG A 427 -0.35 -65.61 -26.49
C ARG A 427 0.69 -64.58 -26.89
N GLU A 428 0.43 -63.91 -28.01
CA GLU A 428 1.26 -62.82 -28.50
C GLU A 428 0.56 -61.50 -28.18
N VAL A 429 1.14 -60.72 -27.28
CA VAL A 429 0.57 -59.45 -26.88
C VAL A 429 1.71 -58.49 -26.55
N ASN A 430 1.58 -57.25 -27.00
CA ASN A 430 2.61 -56.22 -26.77
C ASN A 430 3.93 -56.61 -27.43
N GLY A 431 3.85 -57.20 -28.62
CA GLY A 431 5.05 -57.56 -29.35
C GLY A 431 5.93 -58.56 -28.63
N GLU A 432 5.33 -59.57 -28.01
CA GLU A 432 6.06 -60.56 -27.25
C GLU A 432 5.09 -61.63 -26.79
N PHE A 433 5.61 -62.83 -26.54
CA PHE A 433 4.80 -63.99 -26.23
C PHE A 433 4.86 -64.30 -24.75
N ASN A 434 3.69 -64.55 -24.16
CA ASN A 434 3.56 -64.85 -22.74
C ASN A 434 2.80 -66.16 -22.56
N ARG A 435 3.22 -66.93 -21.56
CA ARG A 435 2.62 -68.22 -21.26
C ARG A 435 1.65 -68.09 -20.10
N GLU A 436 0.56 -68.86 -20.15
CA GLU A 436 -0.44 -68.90 -19.10
C GLU A 436 -1.09 -70.28 -19.08
N LEU A 437 -1.78 -70.59 -18.01
CA LEU A 437 -2.53 -71.83 -17.92
C LEU A 437 -3.70 -71.65 -16.96
N TYR A 438 -4.78 -72.37 -17.22
CA TYR A 438 -5.92 -72.31 -16.30
C TYR A 438 -6.72 -73.61 -16.39
N LEU A 439 -7.39 -73.93 -15.29
CA LEU A 439 -8.21 -75.12 -15.18
C LEU A 439 -9.60 -74.81 -15.73
N LEU A 440 -9.88 -75.29 -16.95
CA LEU A 440 -11.18 -75.04 -17.55
C LEU A 440 -12.30 -75.67 -16.74
N LYS A 441 -12.03 -76.77 -16.06
CA LYS A 441 -13.03 -77.44 -15.23
C LYS A 441 -12.36 -78.50 -14.38
N ALA A 442 -12.86 -78.66 -13.16
CA ALA A 442 -12.30 -79.63 -12.22
C ALA A 442 -13.48 -80.22 -11.45
N ARG A 443 -13.87 -81.44 -11.80
CA ARG A 443 -15.08 -82.03 -11.24
C ARG A 443 -14.93 -82.32 -9.74
N GLY A 444 -16.02 -82.12 -9.01
CA GLY A 444 -16.09 -82.48 -7.61
C GLY A 444 -15.15 -81.75 -6.68
N MET A 445 -14.88 -80.48 -6.96
CA MET A 445 -14.02 -79.70 -6.07
C MET A 445 -14.03 -78.25 -6.56
N ALA A 446 -13.66 -77.35 -5.66
CA ALA A 446 -13.54 -75.94 -5.98
C ALA A 446 -12.09 -75.59 -6.32
N HIS A 447 -11.91 -74.73 -7.31
CA HIS A 447 -10.59 -74.43 -7.83
C HIS A 447 -10.51 -72.96 -8.21
N SER A 448 -9.28 -72.47 -8.31
CA SER A 448 -9.06 -71.07 -8.69
C SER A 448 -9.58 -70.81 -10.10
N ASN A 449 -10.15 -69.62 -10.30
CA ASN A 449 -10.67 -69.20 -11.59
C ASN A 449 -9.82 -68.10 -12.21
N GLN A 450 -8.51 -68.10 -11.93
CA GLN A 450 -7.59 -67.10 -12.42
C GLN A 450 -6.74 -67.67 -13.54
N VAL A 451 -6.45 -66.84 -14.54
CA VAL A 451 -5.57 -67.23 -15.64
C VAL A 451 -4.14 -66.96 -15.17
N ARG A 452 -3.56 -67.96 -14.52
CA ARG A 452 -2.26 -67.81 -13.87
C ARG A 452 -1.14 -67.90 -14.90
N GLU A 453 -0.44 -66.79 -15.12
CA GLU A 453 0.73 -66.81 -15.98
C GLU A 453 1.87 -67.57 -15.32
N PHE A 454 2.56 -68.40 -16.09
CA PHE A 454 3.67 -69.19 -15.59
C PHE A 454 4.88 -68.96 -16.49
N LEU A 455 6.04 -69.47 -16.05
CA LEU A 455 7.27 -69.32 -16.80
C LEU A 455 8.14 -70.55 -16.56
N MET A 456 8.33 -71.34 -17.61
CA MET A 456 9.11 -72.57 -17.50
C MET A 456 10.61 -72.28 -17.50
N SER A 457 11.35 -72.99 -16.65
CA SER A 457 12.79 -72.79 -16.52
C SER A 457 13.42 -74.11 -16.08
N ASP A 458 14.72 -74.04 -15.75
CA ASP A 458 15.43 -75.25 -15.34
C ASP A 458 14.79 -75.87 -14.10
N ARG A 459 14.32 -75.05 -13.16
CA ARG A 459 13.71 -75.58 -11.95
C ARG A 459 12.39 -76.28 -12.26
N GLY A 460 11.81 -76.02 -13.43
CA GLY A 460 10.60 -76.68 -13.86
C GLY A 460 9.54 -75.67 -14.26
N ILE A 461 8.29 -76.07 -14.13
CA ILE A 461 7.17 -75.15 -14.37
C ILE A 461 6.87 -74.39 -13.08
N SER A 462 6.88 -73.07 -13.17
CA SER A 462 6.68 -72.22 -11.99
C SER A 462 5.71 -71.11 -12.35
N LEU A 463 4.63 -71.01 -11.57
CA LEU A 463 3.63 -69.96 -11.78
C LEU A 463 4.07 -68.68 -11.09
N LEU A 464 3.93 -67.56 -11.79
CA LEU A 464 4.25 -66.27 -11.21
C LEU A 464 3.23 -65.90 -10.14
N PRO A 465 3.58 -64.99 -9.25
CA PRO A 465 2.63 -64.56 -8.23
C PRO A 465 1.40 -63.95 -8.88
N PRO A 466 0.23 -64.11 -8.26
CA PRO A 466 -1.00 -63.60 -8.87
C PRO A 466 -0.93 -62.09 -9.11
N HIS A 467 -1.56 -61.66 -10.18
CA HIS A 467 -1.61 -60.25 -10.54
C HIS A 467 -2.53 -59.52 -9.58
N LEU A 468 -2.03 -58.44 -8.98
CA LEU A 468 -2.78 -57.66 -8.01
C LEU A 468 -2.91 -56.23 -8.53
N GLY A 469 -4.11 -55.67 -8.38
CA GLY A 469 -4.38 -54.34 -8.88
C GLY A 469 -5.29 -54.36 -10.09
N GLU A 470 -5.85 -53.20 -10.40
CA GLU A 470 -6.74 -53.09 -11.54
C GLU A 470 -6.00 -53.37 -12.84
N GLY A 471 -6.76 -53.77 -13.86
CA GLY A 471 -6.17 -54.12 -15.14
C GLY A 471 -5.28 -55.34 -15.06
N GLY A 472 -5.78 -56.40 -14.42
CA GLY A 472 -4.99 -57.60 -14.23
C GLY A 472 -4.62 -58.32 -15.51
N ALA A 473 -5.26 -57.96 -16.62
CA ALA A 473 -4.94 -58.61 -17.90
C ALA A 473 -3.49 -58.40 -18.30
N LEU A 474 -2.86 -57.33 -17.81
CA LEU A 474 -1.48 -57.05 -18.15
C LEU A 474 -0.58 -58.21 -17.75
N THR A 475 0.35 -58.56 -18.64
CA THR A 475 1.28 -59.65 -18.41
C THR A 475 2.60 -59.33 -19.11
N GLY A 476 3.68 -59.94 -18.60
CA GLY A 476 4.98 -59.73 -19.21
C GLY A 476 5.53 -58.36 -18.90
N THR A 477 6.10 -57.71 -19.93
CA THR A 477 6.69 -56.39 -19.74
C THR A 477 5.64 -55.37 -19.32
N ALA A 478 4.39 -55.56 -19.74
CA ALA A 478 3.33 -54.62 -19.40
C ALA A 478 3.10 -54.56 -17.89
N ARG A 479 3.25 -55.69 -17.20
CA ARG A 479 3.10 -55.69 -15.74
C ARG A 479 4.16 -54.82 -15.07
N LYS A 480 5.42 -54.95 -15.48
CA LYS A 480 6.47 -54.11 -14.93
C LYS A 480 6.22 -52.64 -15.26
N ALA A 481 5.79 -52.36 -16.49
CA ALA A 481 5.51 -50.97 -16.87
C ALA A 481 4.40 -50.39 -16.02
N GLU A 482 3.34 -51.16 -15.77
CA GLU A 482 2.25 -50.68 -14.93
C GLU A 482 2.72 -50.44 -13.50
N GLU A 483 3.56 -51.33 -12.98
CA GLU A 483 4.10 -51.14 -11.63
C GLU A 483 4.90 -49.85 -11.55
N ALA A 484 5.76 -49.60 -12.55
CA ALA A 484 6.56 -48.39 -12.57
C ALA A 484 5.67 -47.15 -12.64
N ARG A 485 4.63 -47.19 -13.48
CA ARG A 485 3.72 -46.05 -13.61
C ARG A 485 3.02 -45.77 -12.29
N LEU A 486 2.55 -46.82 -11.61
CA LEU A 486 1.91 -46.65 -10.31
C LEU A 486 2.87 -46.02 -9.31
N ARG A 487 4.12 -46.51 -9.29
CA ARG A 487 5.10 -45.94 -8.37
C ARG A 487 5.30 -44.46 -8.63
N ARG A 488 5.46 -44.10 -9.91
CA ARG A 488 5.69 -42.70 -10.26
C ARG A 488 4.52 -41.82 -9.81
N ALA A 489 3.30 -42.25 -10.12
CA ALA A 489 2.14 -41.43 -9.81
C ALA A 489 1.95 -41.26 -8.30
N GLU A 490 2.06 -42.35 -7.54
CA GLU A 490 1.89 -42.24 -6.09
C GLU A 490 3.00 -41.40 -5.47
N ILE A 491 4.22 -41.51 -5.99
CA ILE A 491 5.32 -40.66 -5.53
C ILE A 491 4.98 -39.18 -5.75
N GLU A 492 4.45 -38.86 -6.93
CA GLU A 492 4.15 -37.46 -7.21
C GLU A 492 2.98 -36.95 -6.36
N ARG A 493 2.03 -37.83 -6.02
CA ARG A 493 0.99 -37.45 -5.08
C ARG A 493 1.59 -37.12 -3.72
N GLN A 494 2.55 -37.93 -3.27
CA GLN A 494 3.26 -37.62 -2.03
C GLN A 494 3.93 -36.26 -2.11
N THR A 495 4.53 -35.95 -3.27
CA THR A 495 5.16 -34.65 -3.46
C THR A 495 4.14 -33.52 -3.35
N GLU A 496 2.95 -33.73 -3.94
CA GLU A 496 1.88 -32.76 -3.81
C GLU A 496 1.58 -32.45 -2.34
N LEU A 497 1.36 -33.51 -1.56
CA LEU A 497 1.01 -33.29 -0.14
C LEU A 497 2.15 -32.60 0.61
N GLY A 498 3.39 -33.01 0.32
CA GLY A 498 4.52 -32.35 0.98
C GLY A 498 4.61 -30.88 0.65
N ARG A 499 4.36 -30.51 -0.61
CA ARG A 499 4.41 -29.10 -0.98
C ARG A 499 3.33 -28.30 -0.26
N LEU A 500 2.12 -28.86 -0.15
CA LEU A 500 1.08 -28.16 0.60
C LEU A 500 1.49 -27.96 2.06
N GLN A 501 2.07 -29.00 2.68
CA GLN A 501 2.51 -28.88 4.06
C GLN A 501 3.57 -27.77 4.20
N GLN A 502 4.51 -27.72 3.26
CA GLN A 502 5.54 -26.67 3.30
C GLN A 502 4.91 -25.28 3.12
N GLN A 503 3.88 -25.17 2.30
CA GLN A 503 3.19 -23.91 2.12
C GLN A 503 2.60 -23.43 3.45
N ILE A 504 1.92 -24.33 4.16
CA ILE A 504 1.34 -23.94 5.44
C ILE A 504 2.44 -23.59 6.44
N GLU A 505 3.56 -24.32 6.37
CA GLU A 505 4.80 -23.98 7.07
C GLU A 505 5.14 -22.51 6.90
N GLN A 506 5.23 -22.07 5.65
CA GLN A 506 5.60 -20.69 5.35
C GLN A 506 4.61 -19.70 5.96
N ARG A 507 3.31 -19.98 5.81
CA ARG A 507 2.32 -19.06 6.34
C ARG A 507 2.45 -18.92 7.87
N ARG A 508 2.63 -20.05 8.55
CA ARG A 508 2.77 -20.00 10.01
C ARG A 508 4.02 -19.23 10.42
N ARG A 509 5.12 -19.39 9.66
CA ARG A 509 6.34 -18.64 9.97
C ARG A 509 6.08 -17.15 9.91
N ARG A 510 5.53 -16.65 8.79
CA ARG A 510 5.22 -15.22 8.77
C ARG A 510 4.32 -14.83 9.94
N ALA A 511 3.28 -15.64 10.24
CA ALA A 511 2.34 -15.25 11.29
C ALA A 511 3.05 -14.99 12.61
N ARG A 512 3.85 -15.96 13.07
CA ARG A 512 4.42 -15.79 14.41
C ARG A 512 5.61 -14.82 14.40
N ALA A 513 6.32 -14.69 13.27
CA ALA A 513 7.34 -13.65 13.20
C ALA A 513 6.70 -12.26 13.33
N GLN A 514 5.58 -12.05 12.64
CA GLN A 514 4.84 -10.80 12.76
C GLN A 514 4.42 -10.56 14.21
N ILE A 515 3.97 -11.63 14.88
CA ILE A 515 3.58 -11.52 16.28
C ILE A 515 4.79 -11.07 17.13
N GLU A 516 5.96 -11.61 16.81
CA GLU A 516 7.17 -11.23 17.56
C GLU A 516 7.45 -9.74 17.42
N ALA A 517 7.34 -9.22 16.19
CA ALA A 517 7.55 -7.79 15.98
C ALA A 517 6.54 -6.96 16.80
N LEU A 518 5.27 -7.39 16.80
CA LEU A 518 4.26 -6.66 17.55
C LEU A 518 4.56 -6.65 19.05
N GLU A 519 5.02 -7.79 19.58
CA GLU A 519 5.36 -7.86 21.00
C GLU A 519 6.54 -6.94 21.32
N ALA A 520 7.51 -6.85 20.41
CA ALA A 520 8.60 -5.90 20.61
C ALA A 520 8.05 -4.47 20.72
N GLU A 521 7.12 -4.12 19.82
CA GLU A 521 6.48 -2.80 19.92
C GLU A 521 5.82 -2.60 21.28
N LEU A 522 5.12 -3.63 21.77
CA LEU A 522 4.43 -3.51 23.06
C LEU A 522 5.42 -3.26 24.19
N GLN A 523 6.55 -3.98 24.19
CA GLN A 523 7.55 -3.77 25.24
C GLN A 523 8.13 -2.36 25.19
N ALA A 524 8.40 -1.86 23.97
CA ALA A 524 8.88 -0.49 23.85
C ALA A 524 7.87 0.49 24.44
N GLU A 525 6.58 0.29 24.16
CA GLU A 525 5.56 1.18 24.68
C GLU A 525 5.51 1.13 26.21
N GLU A 526 5.66 -0.07 26.78
CA GLU A 526 5.68 -0.18 28.24
C GLU A 526 6.84 0.62 28.83
N ILE A 527 8.02 0.50 28.24
CA ILE A 527 9.16 1.29 28.70
C ILE A 527 8.84 2.77 28.62
N ALA A 528 8.18 3.19 27.54
CA ALA A 528 7.83 4.61 27.40
C ALA A 528 6.90 5.07 28.53
N LEU A 529 5.88 4.26 28.84
CA LEU A 529 4.98 4.62 29.93
C LEU A 529 5.73 4.79 31.24
N LYS A 530 6.62 3.85 31.54
CA LYS A 530 7.32 3.91 32.82
C LYS A 530 8.27 5.10 32.88
N ALA A 531 8.90 5.44 31.74
CA ALA A 531 9.69 6.66 31.68
C ALA A 531 8.83 7.88 31.95
N LEU A 532 7.63 7.92 31.36
CA LEU A 532 6.67 9.01 31.60
C LEU A 532 6.35 9.16 33.08
N VAL A 533 6.05 8.08 33.77
CA VAL A 533 5.71 8.13 35.20
C VAL A 533 6.90 8.59 36.03
N GLU A 534 8.08 7.99 35.79
CA GLU A 534 9.25 8.33 36.59
C GLU A 534 9.61 9.81 36.45
N SER A 535 9.71 10.30 35.21
CA SER A 535 10.12 11.68 35.01
C SER A 535 9.09 12.65 35.57
N GLU A 536 7.81 12.35 35.41
CA GLU A 536 6.76 13.23 35.91
C GLU A 536 6.82 13.31 37.44
N SER A 537 7.01 12.17 38.10
CA SER A 537 7.15 12.19 39.56
C SER A 537 8.39 12.97 39.98
N ALA A 538 9.48 12.84 39.23
CA ALA A 538 10.68 13.59 39.54
C ALA A 538 10.43 15.10 39.44
N HIS A 539 9.68 15.51 38.41
CA HIS A 539 9.32 16.92 38.29
C HIS A 539 8.50 17.37 39.49
N GLU A 540 7.54 16.54 39.92
CA GLU A 540 6.80 16.83 41.14
C GLU A 540 7.74 17.09 42.31
N ARG A 541 8.70 16.19 42.50
CA ARG A 541 9.63 16.29 43.63
C ARG A 541 10.46 17.57 43.55
N GLN A 542 10.98 17.89 42.36
CA GLN A 542 11.80 19.08 42.20
C GLN A 542 10.98 20.34 42.45
N ARG A 543 9.74 20.37 41.97
CA ARG A 543 8.88 21.53 42.22
C ARG A 543 8.65 21.73 43.71
N LEU A 544 8.38 20.63 44.43
CA LEU A 544 8.19 20.73 45.87
C LEU A 544 9.45 21.28 46.55
N ALA A 545 10.61 20.78 46.15
CA ALA A 545 11.86 21.25 46.75
C ALA A 545 12.07 22.73 46.52
N ASP A 546 11.85 23.20 45.28
CA ASP A 546 12.02 24.61 44.98
C ASP A 546 11.04 25.48 45.75
N ALA A 547 9.78 25.03 45.87
CA ALA A 547 8.81 25.78 46.64
C ALA A 547 9.24 25.90 48.11
N ASP A 548 9.73 24.81 48.68
CA ASP A 548 10.22 24.86 50.06
C ASP A 548 11.38 25.83 50.21
N THR A 549 12.32 25.81 49.25
CA THR A 549 13.45 26.73 49.30
C THR A 549 12.99 28.18 49.31
N LEU A 550 12.05 28.52 48.42
CA LEU A 550 11.52 29.88 48.41
C LEU A 550 10.80 30.20 49.72
N ALA A 551 10.09 29.21 50.27
CA ALA A 551 9.34 29.41 51.52
C ALA A 551 10.27 29.80 52.65
N ARG A 552 11.38 29.08 52.82
CA ARG A 552 12.41 29.56 53.74
C ARG A 552 12.92 30.94 53.38
N SER A 553 13.28 31.16 52.11
CA SER A 553 13.93 32.42 51.74
C SER A 553 13.07 33.62 52.13
N ARG A 554 11.75 33.45 52.12
CA ARG A 554 10.84 34.52 52.48
C ARG A 554 10.04 34.24 53.74
N GLY A 555 10.49 33.32 54.58
CA GLY A 555 9.74 32.91 55.75
C GLY A 555 10.19 33.54 57.04
N ASN A 556 9.24 33.70 57.97
CA ASN A 556 9.53 34.20 59.30
C ASN A 556 9.88 33.11 60.30
N GLU A 557 9.75 31.84 59.92
CA GLU A 557 10.08 30.75 60.83
C GLU A 557 11.54 30.73 61.24
N ARG A 558 12.38 31.57 60.61
CA ARG A 558 13.78 31.64 60.98
C ARG A 558 14.00 32.10 62.41
N PHE A 559 12.97 32.69 63.03
CA PHE A 559 13.11 33.25 64.37
C PHE A 559 12.17 32.66 65.40
N ALA A 560 11.17 31.88 65.00
CA ALA A 560 10.24 31.28 65.94
C ALA A 560 9.28 30.33 65.23
N GLY B 4 6.83 -121.03 -36.66
CA GLY B 4 7.10 -120.29 -37.87
C GLY B 4 7.18 -121.15 -39.10
N ILE B 5 7.30 -120.51 -40.27
CA ILE B 5 7.38 -121.22 -41.54
C ILE B 5 8.53 -120.62 -42.36
N GLY B 6 9.02 -121.42 -43.31
CA GLY B 6 10.08 -120.94 -44.17
C GLY B 6 9.61 -119.83 -45.09
N LYS B 7 10.57 -119.00 -45.50
CA LYS B 7 10.28 -117.84 -46.35
C LYS B 7 11.46 -117.57 -47.26
N SER B 8 11.17 -117.22 -48.51
CA SER B 8 12.21 -116.96 -49.49
C SER B 8 12.22 -115.47 -49.82
N PRO B 9 13.29 -114.74 -49.52
CA PRO B 9 13.38 -113.33 -49.93
C PRO B 9 13.31 -113.17 -51.44
N THR B 10 12.71 -112.07 -51.89
CA THR B 10 12.54 -111.81 -53.31
C THR B 10 13.36 -110.61 -53.79
N GLY B 11 14.34 -110.16 -53.03
CA GLY B 11 15.11 -109.00 -53.41
C GLY B 11 14.45 -107.70 -53.05
N ILE B 12 13.14 -107.60 -53.24
CA ILE B 12 12.39 -106.38 -52.91
C ILE B 12 12.38 -106.23 -51.39
N GLN B 13 13.14 -105.26 -50.87
CA GLN B 13 13.27 -105.12 -49.42
C GLN B 13 11.93 -104.77 -48.78
N GLY B 14 11.18 -103.84 -49.39
CA GLY B 14 9.91 -103.45 -48.81
C GLY B 14 8.92 -104.60 -48.75
N PHE B 15 8.78 -105.33 -49.86
CA PHE B 15 7.88 -106.47 -49.87
C PHE B 15 8.33 -107.55 -48.90
N ASP B 16 9.64 -107.80 -48.84
CA ASP B 16 10.15 -108.82 -47.92
C ASP B 16 9.83 -108.47 -46.47
N GLU B 17 10.07 -107.21 -46.08
CA GLU B 17 9.80 -106.84 -44.70
C GLU B 17 8.31 -106.74 -44.42
N LEU B 18 7.51 -106.47 -45.46
CA LEU B 18 6.06 -106.52 -45.30
C LEU B 18 5.58 -107.94 -45.03
N THR B 19 6.14 -108.90 -45.76
CA THR B 19 5.77 -110.31 -45.60
C THR B 19 6.48 -110.98 -44.44
N LEU B 20 7.43 -110.30 -43.80
CA LEU B 20 8.15 -110.86 -42.66
C LEU B 20 9.09 -111.98 -43.10
N GLY B 21 9.77 -111.79 -44.22
CA GLY B 21 10.72 -112.75 -44.72
C GLY B 21 10.63 -113.00 -46.21
N GLY B 22 9.42 -112.90 -46.76
CA GLY B 22 9.19 -113.09 -48.18
C GLY B 22 8.12 -114.12 -48.43
N LEU B 23 8.07 -114.61 -49.67
CA LEU B 23 7.09 -115.61 -50.03
C LEU B 23 7.40 -116.94 -49.34
N PRO B 24 6.38 -117.77 -49.10
CA PRO B 24 6.63 -119.06 -48.47
C PRO B 24 7.52 -119.94 -49.34
N THR B 25 8.35 -120.74 -48.69
CA THR B 25 9.28 -121.62 -49.39
C THR B 25 8.64 -122.99 -49.58
N GLY B 26 8.65 -123.48 -50.82
CA GLY B 26 8.06 -124.77 -51.12
C GLY B 26 6.57 -124.75 -51.38
N ARG B 27 5.96 -123.57 -51.48
CA ARG B 27 4.53 -123.43 -51.70
C ARG B 27 4.28 -122.52 -52.89
N PRO B 28 3.16 -122.70 -53.57
CA PRO B 28 2.84 -121.84 -54.72
C PRO B 28 2.27 -120.49 -54.28
N SER B 29 2.62 -119.47 -55.04
CA SER B 29 2.16 -118.11 -54.79
C SER B 29 1.45 -117.58 -56.04
N LEU B 30 0.35 -116.87 -55.83
CA LEU B 30 -0.47 -116.33 -56.91
C LEU B 30 -0.29 -114.82 -56.96
N VAL B 31 -0.03 -114.30 -58.15
CA VAL B 31 0.08 -112.86 -58.39
C VAL B 31 -1.02 -112.47 -59.36
N CYS B 32 -2.04 -111.79 -58.84
CA CYS B 32 -3.19 -111.38 -59.62
C CYS B 32 -3.12 -109.90 -59.97
N GLY B 33 -3.78 -109.55 -61.07
CA GLY B 33 -3.80 -108.17 -61.53
C GLY B 33 -4.07 -108.07 -63.02
N SER B 34 -4.70 -106.97 -63.43
CA SER B 34 -5.02 -106.76 -64.84
C SER B 34 -3.74 -106.57 -65.65
N ALA B 35 -3.89 -106.41 -66.97
CA ALA B 35 -2.73 -106.23 -67.83
C ALA B 35 -2.01 -104.93 -67.47
N GLY B 36 -0.67 -105.01 -67.44
CA GLY B 36 0.15 -103.84 -67.15
C GLY B 36 0.42 -103.58 -65.68
N CYS B 37 -0.09 -104.41 -64.78
CA CYS B 37 0.16 -104.21 -63.35
C CYS B 37 1.60 -104.53 -62.95
N GLY B 38 2.22 -105.52 -63.58
CA GLY B 38 3.61 -105.83 -63.31
C GLY B 38 3.86 -107.22 -62.76
N LYS B 39 2.96 -108.16 -63.06
CA LYS B 39 3.13 -109.54 -62.59
C LYS B 39 4.35 -110.20 -63.20
N THR B 40 4.54 -110.01 -64.51
CA THR B 40 5.69 -110.61 -65.19
C THR B 40 7.00 -110.07 -64.62
N LEU B 41 7.08 -108.76 -64.41
CA LEU B 41 8.26 -108.19 -63.81
C LEU B 41 8.45 -108.67 -62.37
N PHE B 42 7.35 -108.80 -61.62
CA PHE B 42 7.46 -109.33 -60.26
C PHE B 42 8.13 -110.70 -60.27
N ALA B 43 7.64 -111.60 -61.13
CA ALA B 43 8.25 -112.93 -61.22
C ALA B 43 9.70 -112.85 -61.67
N SER B 44 9.99 -111.96 -62.63
CA SER B 44 11.34 -111.87 -63.17
C SER B 44 12.33 -111.44 -62.10
N THR B 45 12.01 -110.37 -61.35
CA THR B 45 12.91 -109.97 -60.27
C THR B 45 12.96 -111.05 -59.18
N PHE B 46 11.84 -111.71 -58.89
CA PHE B 46 11.88 -112.84 -58.00
C PHE B 46 13.02 -113.79 -58.37
N LEU B 47 12.98 -114.29 -59.61
CA LEU B 47 13.99 -115.26 -60.04
C LEU B 47 15.39 -114.65 -60.04
N ILE B 48 15.52 -113.41 -60.54
CA ILE B 48 16.84 -112.80 -60.69
C ILE B 48 17.48 -112.58 -59.32
N ASN B 49 16.73 -112.02 -58.38
CA ASN B 49 17.24 -111.78 -57.04
C ASN B 49 17.55 -113.10 -56.33
N GLY B 50 16.68 -114.10 -56.50
CA GLY B 50 16.97 -115.39 -55.90
C GLY B 50 18.28 -115.98 -56.41
N VAL B 51 18.53 -115.87 -57.71
CA VAL B 51 19.78 -116.41 -58.26
C VAL B 51 20.99 -115.57 -57.85
N ARG B 52 20.87 -114.24 -57.85
CA ARG B 52 22.02 -113.37 -57.70
C ARG B 52 22.31 -112.96 -56.26
N ASP B 53 21.44 -113.28 -55.31
CA ASP B 53 21.65 -112.84 -53.93
C ASP B 53 21.57 -114.00 -52.95
N HIS B 54 20.79 -115.03 -53.27
CA HIS B 54 20.60 -116.16 -52.38
C HIS B 54 21.03 -117.48 -53.01
N GLY B 55 21.65 -117.44 -54.20
CA GLY B 55 22.21 -118.64 -54.80
C GLY B 55 21.21 -119.75 -55.06
N GLU B 56 20.05 -119.41 -55.63
CA GLU B 56 19.03 -120.39 -55.96
C GLU B 56 18.73 -120.34 -57.45
N PRO B 57 18.96 -121.43 -58.17
CA PRO B 57 18.66 -121.43 -59.61
C PRO B 57 17.18 -121.30 -59.88
N GLY B 58 16.87 -120.74 -61.05
CA GLY B 58 15.51 -120.42 -61.40
C GLY B 58 15.12 -120.98 -62.76
N VAL B 59 13.82 -121.21 -62.90
CA VAL B 59 13.22 -121.67 -64.14
C VAL B 59 12.00 -120.79 -64.43
N PHE B 60 11.88 -120.36 -65.67
CA PHE B 60 10.79 -119.48 -66.11
C PHE B 60 10.03 -120.19 -67.23
N VAL B 61 8.86 -120.73 -66.90
CA VAL B 61 8.02 -121.43 -67.88
C VAL B 61 6.95 -120.44 -68.35
N THR B 62 7.07 -120.01 -69.59
CA THR B 62 6.17 -119.04 -70.19
C THR B 62 5.28 -119.74 -71.21
N PHE B 63 3.97 -119.48 -71.13
CA PHE B 63 3.03 -120.10 -72.05
C PHE B 63 2.59 -119.17 -73.18
N GLU B 64 2.82 -117.86 -73.05
CA GLU B 64 2.47 -116.91 -74.10
C GLU B 64 3.69 -116.18 -74.68
N GLU B 65 4.51 -115.57 -73.83
CA GLU B 65 5.61 -114.75 -74.29
C GLU B 65 6.80 -115.61 -74.68
N ARG B 66 7.50 -115.21 -75.74
CA ARG B 66 8.69 -115.93 -76.18
C ARG B 66 9.90 -115.53 -75.34
N PRO B 67 10.95 -116.35 -75.35
CA PRO B 67 12.15 -116.01 -74.57
C PRO B 67 12.74 -114.66 -74.94
N GLU B 68 12.68 -114.27 -76.22
CA GLU B 68 13.18 -112.95 -76.61
C GLU B 68 12.41 -111.86 -75.88
N ASP B 69 11.08 -111.95 -75.86
CA ASP B 69 10.28 -110.96 -75.14
C ASP B 69 10.59 -110.99 -73.66
N ILE B 70 10.72 -112.19 -73.09
CA ILE B 70 10.97 -112.31 -71.65
C ILE B 70 12.28 -111.63 -71.27
N VAL B 71 13.33 -111.84 -72.07
CA VAL B 71 14.62 -111.20 -71.78
C VAL B 71 14.56 -109.69 -72.03
N ASN B 72 13.92 -109.27 -73.12
CA ASN B 72 13.89 -107.85 -73.45
C ASN B 72 13.11 -107.05 -72.41
N ASN B 73 12.07 -107.65 -71.82
CA ASN B 73 11.27 -106.95 -70.84
C ASN B 73 12.13 -106.44 -69.68
N VAL B 74 13.01 -107.29 -69.17
CA VAL B 74 13.86 -106.92 -68.04
C VAL B 74 15.23 -106.39 -68.47
N ALA B 75 15.54 -106.43 -69.76
CA ALA B 75 16.82 -105.88 -70.22
C ALA B 75 17.01 -104.44 -69.77
N SER B 76 15.92 -103.66 -69.75
CA SER B 76 16.02 -102.24 -69.41
C SER B 76 16.25 -102.03 -67.91
N LEU B 77 15.75 -102.94 -67.07
CA LEU B 77 15.82 -102.77 -65.63
C LEU B 77 17.23 -102.95 -65.10
N GLY B 78 18.15 -103.41 -65.96
CA GLY B 78 19.54 -103.60 -65.60
C GLY B 78 19.95 -105.04 -65.42
N PHE B 79 19.00 -105.96 -65.30
CA PHE B 79 19.35 -107.37 -65.27
C PHE B 79 19.86 -107.80 -66.64
N GLU B 80 20.56 -108.93 -66.65
CA GLU B 80 21.08 -109.50 -67.90
C GLU B 80 20.62 -110.96 -67.93
N LEU B 81 19.39 -111.18 -68.40
CA LEU B 81 18.90 -112.53 -68.58
C LEU B 81 19.72 -113.29 -69.61
N ASP B 82 20.24 -112.59 -70.61
CA ASP B 82 21.12 -113.25 -71.58
C ASP B 82 22.32 -113.86 -70.88
N LYS B 83 22.94 -113.10 -69.97
CA LYS B 83 24.10 -113.61 -69.24
C LYS B 83 23.70 -114.70 -68.24
N LEU B 84 22.57 -114.52 -67.55
CA LEU B 84 22.15 -115.51 -66.56
C LEU B 84 21.73 -116.83 -67.21
N ILE B 85 21.31 -116.80 -68.47
CA ILE B 85 21.05 -118.05 -69.21
C ILE B 85 22.32 -118.58 -69.84
N GLU B 86 23.10 -117.68 -70.47
CA GLU B 86 24.45 -117.96 -70.95
C GLU B 86 25.32 -118.62 -69.88
N GLU B 87 24.98 -118.46 -68.61
CA GLU B 87 25.63 -119.19 -67.52
C GLU B 87 24.77 -120.28 -66.93
N GLU B 88 23.55 -120.45 -67.43
CA GLU B 88 22.50 -121.29 -66.81
C GLU B 88 22.51 -121.10 -65.28
N LYS B 89 21.96 -119.96 -64.89
CA LYS B 89 21.39 -119.76 -63.57
C LYS B 89 19.88 -119.60 -63.62
N ILE B 90 19.34 -119.20 -64.76
CA ILE B 90 17.90 -119.20 -65.01
C ILE B 90 17.65 -119.85 -66.37
N ALA B 91 16.76 -120.83 -66.39
CA ALA B 91 16.41 -121.59 -67.60
C ALA B 91 15.01 -121.23 -68.05
N ILE B 92 14.87 -120.84 -69.31
CA ILE B 92 13.60 -120.36 -69.86
C ILE B 92 13.00 -121.45 -70.73
N GLU B 93 11.73 -121.78 -70.48
CA GLU B 93 11.00 -122.78 -71.24
C GLU B 93 9.77 -122.14 -71.84
N HIS B 94 9.76 -121.97 -73.16
CA HIS B 94 8.63 -121.40 -73.89
C HIS B 94 7.74 -122.58 -74.31
N ILE B 95 6.71 -122.83 -73.52
CA ILE B 95 5.84 -124.00 -73.75
C ILE B 95 4.61 -123.48 -74.48
N ALA B 96 4.68 -123.51 -75.81
CA ALA B 96 3.62 -123.00 -76.66
C ALA B 96 2.92 -124.15 -77.38
N VAL B 97 1.59 -124.07 -77.45
CA VAL B 97 0.77 -125.08 -78.11
C VAL B 97 -0.09 -124.40 -79.15
N ASP B 98 -0.10 -124.93 -80.38
CA ASP B 98 -0.89 -124.38 -81.46
C ASP B 98 -2.07 -125.30 -81.72
N PRO B 99 -3.31 -124.85 -81.53
CA PRO B 99 -4.46 -125.75 -81.75
C PRO B 99 -4.76 -126.01 -83.21
N SER B 100 -4.14 -125.29 -84.14
CA SER B 100 -4.46 -125.46 -85.55
C SER B 100 -4.16 -126.87 -86.03
N GLU B 101 -2.97 -127.38 -85.73
CA GLU B 101 -2.57 -128.73 -86.09
C GLU B 101 -2.83 -129.74 -84.98
N VAL B 102 -3.84 -129.51 -84.14
CA VAL B 102 -4.17 -130.40 -83.04
C VAL B 102 -5.58 -130.93 -83.24
N ALA B 103 -5.72 -132.24 -83.27
CA ALA B 103 -7.01 -132.92 -83.26
C ALA B 103 -7.02 -133.92 -82.12
N GLU B 104 -8.04 -133.84 -81.27
CA GLU B 104 -8.07 -134.59 -80.02
C GLU B 104 -8.97 -135.81 -80.18
N ILE B 105 -8.36 -137.00 -80.06
CA ILE B 105 -9.08 -138.26 -80.02
C ILE B 105 -8.63 -139.02 -78.78
N GLY B 106 -9.57 -139.39 -77.92
CA GLY B 106 -9.24 -140.06 -76.68
C GLY B 106 -8.84 -139.09 -75.58
N ASP B 107 -8.18 -139.64 -74.57
CA ASP B 107 -7.75 -138.88 -73.40
C ASP B 107 -6.25 -138.64 -73.47
N TYR B 108 -5.82 -137.43 -73.09
CA TYR B 108 -4.43 -137.03 -73.14
C TYR B 108 -4.02 -136.46 -71.79
N ASP B 109 -2.74 -136.61 -71.46
CA ASP B 109 -2.15 -136.05 -70.25
C ASP B 109 -1.02 -135.12 -70.64
N LEU B 110 -0.92 -133.99 -69.94
CA LEU B 110 0.14 -133.00 -70.21
C LEU B 110 1.45 -133.54 -69.64
N GLU B 111 1.87 -134.68 -70.17
CA GLU B 111 3.08 -135.36 -69.77
C GLU B 111 4.34 -134.67 -70.30
N GLY B 112 4.29 -134.11 -71.51
CA GLY B 112 5.43 -133.38 -72.03
C GLY B 112 5.75 -132.15 -71.21
N LEU B 113 4.72 -131.47 -70.71
CA LEU B 113 4.96 -130.35 -69.80
C LEU B 113 5.83 -130.78 -68.62
N PHE B 114 5.44 -131.86 -67.95
CA PHE B 114 6.21 -132.33 -66.80
C PHE B 114 7.62 -132.76 -67.22
N LEU B 115 7.74 -133.49 -68.33
CA LEU B 115 9.07 -133.95 -68.74
C LEU B 115 10.00 -132.79 -69.04
N ARG B 116 9.53 -131.81 -69.81
CA ARG B 116 10.37 -130.66 -70.14
C ARG B 116 10.72 -129.85 -68.91
N LEU B 117 9.75 -129.63 -68.02
CA LEU B 117 10.01 -128.84 -66.82
C LEU B 117 11.00 -129.55 -65.91
N GLU B 118 10.87 -130.87 -65.78
CA GLU B 118 11.86 -131.65 -65.02
C GLU B 118 13.24 -131.58 -65.65
N LEU B 119 13.30 -131.67 -66.98
CA LEU B 119 14.59 -131.59 -67.64
C LEU B 119 15.26 -130.24 -67.36
N ALA B 120 14.50 -129.16 -67.46
CA ALA B 120 15.06 -127.84 -67.17
C ALA B 120 15.50 -127.75 -65.71
N ILE B 121 14.69 -128.28 -64.79
CA ILE B 121 15.03 -128.18 -63.37
C ILE B 121 16.33 -128.92 -63.09
N ASP B 122 16.47 -130.12 -63.63
CA ASP B 122 17.71 -130.88 -63.41
C ASP B 122 18.90 -130.25 -64.12
N THR B 123 18.66 -129.62 -65.28
CA THR B 123 19.75 -128.95 -65.98
C THR B 123 20.29 -127.77 -65.19
N VAL B 124 19.41 -126.98 -64.59
CA VAL B 124 19.81 -125.74 -63.94
C VAL B 124 19.95 -125.89 -62.43
N GLY B 125 19.65 -127.05 -61.86
CA GLY B 125 19.66 -127.21 -60.42
C GLY B 125 18.70 -126.25 -59.76
N ALA B 126 17.57 -126.02 -60.43
CA ALA B 126 16.66 -124.94 -60.06
C ALA B 126 15.98 -125.21 -58.73
N LYS B 127 15.74 -124.13 -57.98
CA LYS B 127 14.93 -124.17 -56.77
C LYS B 127 13.73 -123.24 -56.86
N ARG B 128 13.73 -122.27 -57.78
CA ARG B 128 12.61 -121.36 -57.95
C ARG B 128 12.03 -121.54 -59.34
N VAL B 129 10.71 -121.43 -59.43
CA VAL B 129 9.98 -121.64 -60.68
C VAL B 129 8.94 -120.56 -60.82
N VAL B 130 8.77 -120.06 -62.05
CA VAL B 130 7.75 -119.06 -62.37
C VAL B 130 6.91 -119.62 -63.50
N LEU B 131 5.58 -119.52 -63.36
CA LEU B 131 4.63 -119.98 -64.36
C LEU B 131 3.87 -118.77 -64.89
N ASP B 132 4.16 -118.39 -66.14
CA ASP B 132 3.61 -117.17 -66.73
C ASP B 132 2.56 -117.51 -67.78
N THR B 133 1.39 -116.88 -67.65
CA THR B 133 0.30 -116.99 -68.63
C THR B 133 -0.17 -118.44 -68.78
N ILE B 134 -0.71 -118.98 -67.68
CA ILE B 134 -1.20 -120.36 -67.67
C ILE B 134 -2.62 -120.41 -68.22
N GLU B 135 -3.17 -119.25 -68.57
CA GLU B 135 -4.51 -119.23 -69.17
C GLU B 135 -4.48 -119.67 -70.63
N SER B 136 -3.37 -119.44 -71.32
CA SER B 136 -3.25 -119.93 -72.69
C SER B 136 -3.29 -121.44 -72.74
N LEU B 137 -2.82 -122.11 -71.68
CA LEU B 137 -2.90 -123.56 -71.63
C LEU B 137 -4.36 -124.03 -71.68
N PHE B 138 -5.23 -123.38 -70.90
CA PHE B 138 -6.66 -123.67 -70.98
C PHE B 138 -7.24 -123.29 -72.34
N SER B 139 -6.86 -122.12 -72.86
CA SER B 139 -7.42 -121.67 -74.13
C SER B 139 -7.07 -122.59 -75.29
N ALA B 140 -5.91 -123.26 -75.23
CA ALA B 140 -5.49 -124.10 -76.34
C ALA B 140 -6.32 -125.38 -76.41
N PHE B 141 -6.24 -126.21 -75.38
CA PHE B 141 -6.95 -127.49 -75.38
C PHE B 141 -8.44 -127.29 -75.13
N SER B 142 -9.23 -128.25 -75.60
CA SER B 142 -10.69 -128.16 -75.54
C SER B 142 -11.26 -128.76 -74.26
N ASN B 143 -10.76 -129.91 -73.83
CA ASN B 143 -11.31 -130.57 -72.66
C ASN B 143 -10.90 -129.82 -71.40
N PRO B 144 -11.84 -129.27 -70.63
CA PRO B 144 -11.47 -128.48 -69.45
C PRO B 144 -11.06 -129.35 -68.26
N ALA B 145 -11.74 -130.47 -68.08
CA ALA B 145 -11.47 -131.33 -66.94
C ALA B 145 -10.06 -131.89 -66.97
N ILE B 146 -9.59 -132.28 -68.17
CA ILE B 146 -8.24 -132.82 -68.29
C ILE B 146 -7.22 -131.78 -67.89
N LEU B 147 -7.38 -130.54 -68.36
CA LEU B 147 -6.45 -129.47 -68.00
C LEU B 147 -6.49 -129.19 -66.50
N ARG B 148 -7.69 -129.16 -65.93
CA ARG B 148 -7.83 -128.94 -64.49
C ARG B 148 -7.05 -129.99 -63.72
N ALA B 149 -7.30 -131.27 -64.03
CA ALA B 149 -6.60 -132.33 -63.34
C ALA B 149 -5.10 -132.25 -63.57
N GLU B 150 -4.68 -131.93 -64.80
CA GLU B 150 -3.26 -131.93 -65.11
C GLU B 150 -2.51 -130.87 -64.32
N ILE B 151 -3.07 -129.66 -64.21
CA ILE B 151 -2.29 -128.66 -63.47
C ILE B 151 -2.49 -128.81 -61.97
N ARG B 152 -3.60 -129.41 -61.50
CA ARG B 152 -3.64 -129.77 -60.09
C ARG B 152 -2.52 -130.75 -59.76
N ARG B 153 -2.31 -131.74 -60.63
CA ARG B 153 -1.17 -132.64 -60.50
C ARG B 153 0.15 -131.88 -60.61
N LEU B 154 0.21 -130.87 -61.48
CA LEU B 154 1.43 -130.08 -61.62
C LEU B 154 1.78 -129.33 -60.34
N PHE B 155 0.79 -128.66 -59.74
CA PHE B 155 1.03 -127.96 -58.48
C PHE B 155 1.40 -128.94 -57.36
N ASP B 156 0.68 -130.07 -57.30
CA ASP B 156 1.02 -131.09 -56.31
C ASP B 156 2.45 -131.59 -56.51
N TRP B 157 2.87 -131.76 -57.78
CA TRP B 157 4.21 -132.24 -58.09
C TRP B 157 5.27 -131.21 -57.74
N LEU B 158 4.99 -129.93 -58.00
CA LEU B 158 5.93 -128.88 -57.61
C LEU B 158 6.10 -128.84 -56.10
N LYS B 159 4.99 -128.88 -55.36
CA LYS B 159 5.10 -128.97 -53.90
C LYS B 159 5.83 -130.25 -53.49
N GLU B 160 5.59 -131.33 -54.23
CA GLU B 160 6.08 -132.66 -53.87
C GLU B 160 7.60 -132.76 -53.97
N ARG B 161 8.18 -132.14 -55.01
CA ARG B 161 9.63 -132.06 -55.02
C ARG B 161 10.17 -130.80 -54.37
N GLY B 162 9.30 -129.91 -53.89
CA GLY B 162 9.76 -128.81 -53.03
C GLY B 162 10.46 -127.66 -53.73
N LEU B 163 9.85 -127.11 -54.77
CA LEU B 163 10.34 -125.89 -55.40
C LEU B 163 9.45 -124.71 -55.01
N THR B 164 10.04 -123.52 -55.00
CA THR B 164 9.30 -122.30 -54.69
C THR B 164 8.75 -121.73 -55.99
N THR B 165 7.43 -121.75 -56.14
CA THR B 165 6.80 -121.43 -57.42
C THR B 165 5.93 -120.18 -57.28
N VAL B 166 5.99 -119.33 -58.30
CA VAL B 166 5.17 -118.13 -58.40
C VAL B 166 4.38 -118.19 -59.69
N ILE B 167 3.07 -118.00 -59.59
CA ILE B 167 2.15 -118.15 -60.72
C ILE B 167 1.57 -116.79 -61.06
N THR B 168 1.58 -116.45 -62.35
CA THR B 168 1.01 -115.20 -62.84
C THR B 168 -0.39 -115.48 -63.40
N ALA B 169 -1.39 -114.77 -62.89
CA ALA B 169 -2.77 -114.95 -63.30
C ALA B 169 -3.44 -113.61 -63.52
N GLU B 170 -4.32 -113.54 -64.51
CA GLU B 170 -5.10 -112.35 -64.77
C GLU B 170 -6.24 -112.22 -63.77
N ARG B 171 -6.75 -110.99 -63.62
CA ARG B 171 -7.77 -110.73 -62.61
C ARG B 171 -9.15 -111.19 -63.08
N GLY B 172 -9.65 -110.60 -64.17
CA GLY B 172 -10.98 -110.93 -64.65
C GLY B 172 -12.01 -109.88 -64.32
N ASP B 173 -13.22 -110.31 -63.97
CA ASP B 173 -14.31 -109.38 -63.68
C ASP B 173 -14.98 -109.61 -62.33
N GLY B 174 -15.13 -110.87 -61.92
CA GLY B 174 -15.86 -111.17 -60.70
C GLY B 174 -14.97 -111.34 -59.48
N ALA B 175 -13.92 -112.15 -59.62
CA ALA B 175 -13.02 -112.39 -58.50
C ALA B 175 -11.60 -111.96 -58.86
N LEU B 176 -10.64 -112.26 -58.01
CA LEU B 176 -9.25 -111.90 -58.25
C LEU B 176 -8.61 -112.72 -59.37
N THR B 177 -9.33 -113.71 -59.91
CA THR B 177 -8.83 -114.52 -61.00
C THR B 177 -10.01 -114.90 -61.89
N ARG B 178 -9.72 -115.00 -63.20
CA ARG B 178 -10.75 -115.33 -64.18
C ARG B 178 -10.81 -116.82 -64.50
N GLN B 179 -9.78 -117.59 -64.15
CA GLN B 179 -9.77 -119.02 -64.41
C GLN B 179 -9.85 -119.85 -63.14
N GLY B 180 -10.15 -119.23 -62.00
CA GLY B 180 -10.31 -119.97 -60.76
C GLY B 180 -9.05 -120.61 -60.24
N LEU B 181 -7.90 -119.92 -60.36
CA LEU B 181 -6.67 -120.43 -59.78
C LEU B 181 -6.58 -120.14 -58.29
N GLU B 182 -7.45 -119.26 -57.77
CA GLU B 182 -7.57 -119.09 -56.32
C GLU B 182 -8.03 -120.38 -55.66
N GLU B 183 -8.95 -121.10 -56.31
CA GLU B 183 -9.38 -122.40 -55.80
C GLU B 183 -8.17 -123.26 -55.47
N TYR B 184 -7.07 -123.04 -56.19
CA TYR B 184 -5.94 -123.97 -56.16
C TYR B 184 -4.84 -123.45 -55.26
N VAL B 185 -4.45 -122.19 -55.46
CA VAL B 185 -3.32 -121.58 -54.76
C VAL B 185 -3.89 -120.68 -53.67
N SER B 186 -3.68 -121.06 -52.40
CA SER B 186 -4.10 -120.25 -51.27
C SER B 186 -2.97 -119.97 -50.28
N ASP B 187 -1.75 -120.44 -50.56
CA ASP B 187 -0.64 -120.19 -49.65
C ASP B 187 -0.29 -118.70 -49.59
N CYS B 188 -0.39 -118.00 -50.71
CA CYS B 188 -0.09 -116.58 -50.75
C CYS B 188 -0.73 -115.98 -51.99
N VAL B 189 -1.47 -114.89 -51.82
CA VAL B 189 -2.15 -114.20 -52.91
C VAL B 189 -1.77 -112.72 -52.84
N ILE B 190 -1.21 -112.21 -53.93
CA ILE B 190 -0.76 -110.82 -54.00
C ILE B 190 -1.46 -110.16 -55.18
N LEU B 191 -2.22 -109.11 -54.89
CA LEU B 191 -2.99 -108.39 -55.90
C LEU B 191 -2.28 -107.08 -56.22
N LEU B 192 -2.02 -106.86 -57.50
CA LEU B 192 -1.42 -105.63 -57.98
C LEU B 192 -2.48 -104.82 -58.72
N ASP B 193 -2.56 -103.53 -58.41
CA ASP B 193 -3.59 -102.66 -58.98
C ASP B 193 -2.94 -101.40 -59.53
N HIS B 194 -3.57 -100.85 -60.57
CA HIS B 194 -3.08 -99.63 -61.21
C HIS B 194 -4.29 -98.73 -61.43
N ARG B 195 -4.50 -97.78 -60.51
CA ARG B 195 -5.71 -96.99 -60.48
C ARG B 195 -5.42 -95.53 -60.75
N VAL B 196 -6.31 -94.90 -61.51
CA VAL B 196 -6.19 -93.49 -61.89
C VAL B 196 -7.22 -92.68 -61.13
N GLU B 197 -6.76 -91.63 -60.45
CA GLU B 197 -7.64 -90.70 -59.73
C GLU B 197 -7.22 -89.28 -60.07
N ASN B 198 -8.18 -88.48 -60.51
CA ASN B 198 -7.90 -87.09 -60.89
C ASN B 198 -6.80 -87.02 -61.94
N GLN B 199 -6.83 -87.96 -62.88
CA GLN B 199 -5.91 -88.08 -64.01
C GLN B 199 -4.54 -88.60 -63.58
N ILE B 200 -4.30 -88.83 -62.29
CA ILE B 200 -3.02 -89.33 -61.79
C ILE B 200 -3.17 -90.81 -61.52
N SER B 201 -2.28 -91.61 -62.12
CA SER B 201 -2.31 -93.06 -61.97
C SER B 201 -1.23 -93.52 -61.01
N THR B 202 -1.62 -94.42 -60.10
CA THR B 202 -0.72 -94.94 -59.08
C THR B 202 -0.84 -96.46 -59.04
N ARG B 203 0.27 -97.10 -58.66
CA ARG B 203 0.38 -98.55 -58.59
C ARG B 203 0.41 -98.99 -57.13
N ARG B 204 -0.46 -99.92 -56.77
CA ARG B 204 -0.60 -100.38 -55.40
C ARG B 204 -0.46 -101.89 -55.34
N LEU B 205 0.03 -102.38 -54.20
CA LEU B 205 0.19 -103.80 -53.94
C LEU B 205 -0.54 -104.16 -52.67
N ARG B 206 -1.17 -105.33 -52.65
CA ARG B 206 -1.90 -105.78 -51.47
C ARG B 206 -1.71 -107.27 -51.30
N ILE B 207 -1.48 -107.71 -50.06
CA ILE B 207 -1.37 -109.13 -49.75
C ILE B 207 -2.75 -109.59 -49.30
N VAL B 208 -3.53 -110.16 -50.23
CA VAL B 208 -4.92 -110.50 -49.94
C VAL B 208 -4.99 -111.59 -48.89
N LYS B 209 -4.20 -112.65 -49.06
CA LYS B 209 -4.22 -113.78 -48.14
C LYS B 209 -2.85 -114.43 -48.13
N TYR B 210 -2.21 -114.42 -46.96
CA TYR B 210 -0.91 -115.08 -46.77
C TYR B 210 -1.06 -116.04 -45.59
N ARG B 211 -1.13 -117.33 -45.90
CA ARG B 211 -1.44 -118.34 -44.89
C ARG B 211 -0.17 -118.75 -44.15
N GLY B 212 -0.23 -118.72 -42.82
CA GLY B 212 0.83 -119.25 -41.99
C GLY B 212 1.50 -118.27 -41.04
N THR B 213 1.25 -116.97 -41.17
CA THR B 213 1.88 -116.01 -40.29
C THR B 213 1.34 -114.62 -40.57
N ALA B 214 1.71 -113.68 -39.70
CA ALA B 214 1.26 -112.30 -39.83
C ALA B 214 1.95 -111.62 -41.02
N HIS B 215 1.39 -110.48 -41.42
CA HIS B 215 1.89 -109.73 -42.56
C HIS B 215 1.13 -108.41 -42.62
N GLY B 216 1.57 -107.53 -43.53
CA GLY B 216 0.87 -106.28 -43.75
C GLY B 216 -0.42 -106.50 -44.53
N THR B 217 -1.46 -105.75 -44.15
CA THR B 217 -2.77 -105.89 -44.74
C THR B 217 -3.26 -104.66 -45.50
N ASN B 218 -2.56 -103.54 -45.40
CA ASN B 218 -2.97 -102.32 -46.08
C ASN B 218 -2.53 -102.36 -47.55
N GLU B 219 -3.00 -101.38 -48.32
CA GLU B 219 -2.57 -101.22 -49.70
C GLU B 219 -1.34 -100.32 -49.75
N TYR B 220 -0.24 -100.87 -50.26
CA TYR B 220 1.03 -100.17 -50.25
C TYR B 220 1.36 -99.67 -51.64
N PRO B 221 1.46 -98.35 -51.85
CA PRO B 221 1.86 -97.85 -53.17
C PRO B 221 3.32 -98.18 -53.46
N PHE B 222 3.55 -98.78 -54.62
CA PHE B 222 4.89 -99.17 -55.04
C PHE B 222 5.27 -98.48 -56.34
N LEU B 223 6.54 -98.58 -56.70
CA LEU B 223 7.06 -97.91 -57.88
C LEU B 223 7.98 -98.85 -58.64
N ILE B 224 7.96 -98.73 -59.97
CA ILE B 224 8.88 -99.45 -60.84
C ILE B 224 9.85 -98.44 -61.41
N ASP B 225 11.14 -98.62 -61.11
CA ASP B 225 12.18 -97.67 -61.49
C ASP B 225 13.31 -98.43 -62.16
N THR B 226 14.42 -97.73 -62.39
CA THR B 226 15.58 -98.37 -63.01
C THR B 226 16.04 -99.58 -62.21
N ASP B 227 16.02 -99.48 -60.88
CA ASP B 227 16.36 -100.63 -60.05
C ASP B 227 15.34 -101.75 -60.24
N GLY B 228 14.07 -101.41 -60.32
CA GLY B 228 13.00 -102.37 -60.44
C GLY B 228 11.91 -102.06 -59.44
N PHE B 229 11.33 -103.11 -58.87
CA PHE B 229 10.34 -102.92 -57.82
C PHE B 229 10.97 -102.23 -56.61
N SER B 230 10.28 -101.22 -56.09
CA SER B 230 10.69 -100.53 -54.88
C SER B 230 9.45 -100.28 -54.03
N VAL B 231 9.53 -100.66 -52.76
CA VAL B 231 8.39 -100.50 -51.85
C VAL B 231 8.88 -99.91 -50.53
N LEU B 232 8.46 -98.68 -50.26
CA LEU B 232 8.80 -98.01 -49.01
C LEU B 232 7.54 -97.85 -48.17
N PRO B 233 7.07 -98.92 -47.52
CA PRO B 233 5.83 -98.83 -46.76
C PRO B 233 5.93 -97.80 -45.64
N VAL B 234 4.82 -97.09 -45.40
CA VAL B 234 4.76 -96.11 -44.32
C VAL B 234 4.63 -96.76 -42.96
N SER B 235 4.42 -98.07 -42.90
CA SER B 235 4.29 -98.80 -41.64
C SER B 235 5.62 -99.28 -41.10
N ALA B 236 6.71 -99.10 -41.85
CA ALA B 236 8.04 -99.51 -41.39
C ALA B 236 8.75 -98.43 -40.58
N LEU B 237 8.24 -97.20 -40.58
CA LEU B 237 8.88 -96.13 -39.83
C LEU B 237 8.78 -96.39 -38.34
N GLY B 238 9.88 -96.15 -37.62
CA GLY B 238 9.91 -96.33 -36.19
C GLY B 238 10.51 -95.13 -35.50
N LEU B 239 10.13 -94.95 -34.24
CA LEU B 239 10.60 -93.83 -33.44
C LEU B 239 11.83 -94.25 -32.62
N LEU B 240 12.91 -94.52 -33.34
CA LEU B 240 14.22 -94.83 -32.76
C LEU B 240 15.25 -93.90 -33.41
N HIS B 241 15.37 -92.69 -32.87
CA HIS B 241 16.22 -91.66 -33.43
C HIS B 241 17.29 -91.28 -32.42
N GLN B 242 18.54 -91.57 -32.74
CA GLN B 242 19.64 -91.19 -31.87
C GLN B 242 19.79 -89.67 -31.86
N VAL B 243 19.80 -89.08 -30.67
CA VAL B 243 19.88 -87.63 -30.55
C VAL B 243 21.33 -87.22 -30.34
N HIS B 244 21.63 -85.97 -30.70
CA HIS B 244 22.96 -85.41 -30.57
C HIS B 244 22.90 -84.15 -29.72
N GLU B 245 23.97 -83.91 -28.97
CA GLU B 245 24.07 -82.75 -28.09
C GLU B 245 24.75 -81.56 -28.73
N GLU B 246 25.18 -81.68 -29.99
CA GLU B 246 25.81 -80.56 -30.68
C GLU B 246 24.75 -79.59 -31.18
N ARG B 247 25.20 -78.41 -31.58
CA ARG B 247 24.34 -77.35 -32.08
C ARG B 247 24.75 -77.00 -33.52
N ILE B 248 23.77 -76.52 -34.28
CA ILE B 248 24.00 -76.10 -35.66
C ILE B 248 23.85 -74.59 -35.74
N ALA B 249 24.58 -73.99 -36.67
CA ALA B 249 24.58 -72.55 -36.88
C ALA B 249 23.67 -72.19 -38.04
N SER B 250 22.69 -71.33 -37.78
CA SER B 250 21.73 -70.96 -38.82
C SER B 250 22.39 -70.04 -39.85
N GLY B 251 23.42 -69.31 -39.46
CA GLY B 251 24.04 -68.31 -40.30
C GLY B 251 23.63 -66.89 -39.98
N VAL B 252 22.58 -66.71 -39.17
CA VAL B 252 22.16 -65.39 -38.70
C VAL B 252 22.62 -65.25 -37.26
N PRO B 253 23.61 -64.39 -36.97
CA PRO B 253 24.11 -64.31 -35.58
C PRO B 253 23.04 -63.93 -34.57
N ASP B 254 22.15 -63.00 -34.93
CA ASP B 254 21.13 -62.58 -33.98
C ASP B 254 20.15 -63.71 -33.66
N LEU B 255 19.68 -64.40 -34.70
CA LEU B 255 18.79 -65.54 -34.49
C LEU B 255 19.48 -66.64 -33.70
N ASP B 256 20.76 -66.89 -33.99
CA ASP B 256 21.50 -67.92 -33.26
C ASP B 256 21.65 -67.57 -31.79
N ALA B 257 21.93 -66.30 -31.48
CA ALA B 257 22.07 -65.90 -30.08
C ALA B 257 20.72 -65.86 -29.37
N MET B 258 19.64 -65.62 -30.12
CA MET B 258 18.32 -65.54 -29.49
C MET B 258 17.99 -66.81 -28.72
N MET B 259 18.53 -67.95 -29.15
CA MET B 259 18.25 -69.22 -28.51
C MET B 259 19.48 -69.69 -27.72
N ALA B 260 19.23 -70.26 -26.55
CA ALA B 260 20.32 -70.77 -25.72
C ALA B 260 21.06 -71.89 -26.42
N GLY B 261 22.37 -71.95 -26.21
CA GLY B 261 23.21 -72.97 -26.80
C GLY B 261 23.84 -72.61 -28.13
N GLY B 262 23.43 -71.51 -28.74
CA GLY B 262 23.99 -71.08 -30.00
C GLY B 262 23.22 -71.49 -31.24
N GLY B 263 22.24 -72.38 -31.12
CA GLY B 263 21.47 -72.78 -32.27
C GLY B 263 20.65 -74.01 -31.99
N PHE B 264 19.84 -74.39 -32.98
CA PHE B 264 18.98 -75.56 -32.86
C PHE B 264 19.85 -76.81 -32.76
N PHE B 265 19.32 -77.82 -32.07
CA PHE B 265 20.04 -79.09 -31.94
C PHE B 265 20.22 -79.75 -33.29
N ARG B 266 21.40 -80.35 -33.49
CA ARG B 266 21.76 -80.96 -34.76
C ARG B 266 20.89 -82.19 -35.03
N GLY B 267 20.58 -82.41 -36.31
CA GLY B 267 19.77 -83.53 -36.70
C GLY B 267 18.29 -83.38 -36.45
N SER B 268 17.83 -82.18 -36.08
CA SER B 268 16.43 -81.93 -35.78
C SER B 268 15.70 -81.44 -37.02
N SER B 269 14.36 -81.47 -36.96
CA SER B 269 13.51 -81.00 -38.04
C SER B 269 13.10 -79.56 -37.74
N ILE B 270 13.43 -78.66 -38.67
CA ILE B 270 13.18 -77.23 -38.50
C ILE B 270 12.20 -76.79 -39.57
N LEU B 271 11.11 -76.17 -39.15
CA LEU B 271 10.10 -75.63 -40.05
C LEU B 271 10.21 -74.12 -40.09
N VAL B 272 10.09 -73.55 -41.29
CA VAL B 272 10.10 -72.11 -41.49
C VAL B 272 8.79 -71.75 -42.17
N SER B 273 7.89 -71.13 -41.43
CA SER B 273 6.56 -70.80 -41.91
C SER B 273 6.44 -69.30 -42.14
N GLY B 274 5.56 -68.92 -43.05
CA GLY B 274 5.32 -67.52 -43.35
C GLY B 274 4.56 -67.36 -44.64
N VAL B 275 4.03 -66.15 -44.82
CA VAL B 275 3.29 -65.80 -46.02
C VAL B 275 4.27 -65.57 -47.16
N ALA B 276 3.76 -65.49 -48.39
CA ALA B 276 4.61 -65.26 -49.55
C ALA B 276 5.39 -63.96 -49.38
N GLY B 277 6.68 -64.01 -49.69
CA GLY B 277 7.54 -62.86 -49.54
C GLY B 277 8.07 -62.64 -48.14
N ALA B 278 7.84 -63.56 -47.21
CA ALA B 278 8.32 -63.38 -45.84
C ALA B 278 9.83 -63.53 -45.76
N GLY B 279 10.41 -64.49 -46.49
CA GLY B 279 11.84 -64.71 -46.46
C GLY B 279 12.22 -66.13 -46.04
N LYS B 280 11.30 -67.07 -46.22
CA LYS B 280 11.57 -68.46 -45.89
C LYS B 280 12.72 -69.01 -46.73
N SER B 281 12.68 -68.73 -48.05
CA SER B 281 13.77 -69.15 -48.91
C SER B 281 15.08 -68.49 -48.53
N SER B 282 15.04 -67.21 -48.14
CA SER B 282 16.26 -66.52 -47.72
C SER B 282 16.85 -67.18 -46.48
N LEU B 283 16.00 -67.53 -45.50
CA LEU B 283 16.51 -68.19 -44.30
C LEU B 283 17.07 -69.57 -44.63
N ALA B 284 16.40 -70.32 -45.50
CA ALA B 284 16.90 -71.64 -45.89
C ALA B 284 18.25 -71.51 -46.59
N ALA B 285 18.38 -70.51 -47.48
CA ALA B 285 19.65 -70.28 -48.15
C ALA B 285 20.73 -69.89 -47.15
N HIS B 286 20.38 -69.10 -46.14
CA HIS B 286 21.33 -68.76 -45.09
C HIS B 286 21.82 -70.02 -44.38
N PHE B 287 20.88 -70.91 -44.03
CA PHE B 287 21.25 -72.17 -43.39
C PHE B 287 22.21 -72.96 -44.27
N ALA B 288 21.87 -73.11 -45.55
CA ALA B 288 22.69 -73.91 -46.46
C ALA B 288 24.08 -73.30 -46.62
N ALA B 289 24.15 -71.99 -46.80
CA ALA B 289 25.44 -71.32 -46.98
C ALA B 289 26.29 -71.44 -45.71
N ALA B 290 25.68 -71.28 -44.54
CA ALA B 290 26.42 -71.44 -43.30
C ALA B 290 26.95 -72.85 -43.15
N ALA B 291 26.14 -73.86 -43.50
CA ALA B 291 26.62 -75.23 -43.45
C ALA B 291 27.79 -75.45 -44.41
N CYS B 292 27.68 -74.89 -45.63
CA CYS B 292 28.75 -75.06 -46.60
C CYS B 292 30.03 -74.38 -46.16
N ALA B 293 29.92 -73.19 -45.56
CA ALA B 293 31.12 -72.45 -45.19
C ALA B 293 31.98 -73.20 -44.19
N ARG B 294 31.40 -74.13 -43.45
CA ARG B 294 32.13 -74.92 -42.48
C ARG B 294 32.75 -76.18 -43.09
N GLY B 295 32.72 -76.32 -44.40
CA GLY B 295 33.29 -77.48 -45.07
C GLY B 295 32.37 -78.67 -45.17
N GLU B 296 31.10 -78.54 -44.80
CA GLU B 296 30.14 -79.61 -44.85
C GLU B 296 29.32 -79.55 -46.15
N ARG B 297 28.71 -80.68 -46.49
CA ARG B 297 27.90 -80.77 -47.69
C ARG B 297 26.47 -80.32 -47.40
N ALA B 298 25.80 -79.84 -48.44
CA ALA B 298 24.42 -79.38 -48.27
C ALA B 298 23.64 -79.57 -49.56
N MET B 299 22.36 -79.91 -49.42
CA MET B 299 21.45 -80.02 -50.55
C MET B 299 20.25 -79.11 -50.37
N TYR B 300 19.82 -78.47 -51.46
CA TYR B 300 18.70 -77.54 -51.40
C TYR B 300 17.70 -78.00 -52.46
N PHE B 301 16.74 -78.83 -52.05
CA PHE B 301 15.66 -79.23 -52.94
C PHE B 301 14.70 -78.06 -53.11
N SER B 302 14.52 -77.60 -54.35
CA SER B 302 13.65 -76.49 -54.67
C SER B 302 12.57 -76.96 -55.65
N PHE B 303 11.31 -76.76 -55.27
CA PHE B 303 10.16 -77.09 -56.11
C PHE B 303 9.48 -75.85 -56.66
N GLU B 304 10.18 -74.71 -56.64
CA GLU B 304 9.60 -73.43 -57.02
C GLU B 304 10.45 -72.62 -57.97
N GLU B 305 11.75 -72.83 -58.02
CA GLU B 305 12.63 -71.95 -58.78
C GLU B 305 13.73 -72.75 -59.46
N ALA B 306 14.29 -72.17 -60.52
CA ALA B 306 15.45 -72.76 -61.16
C ALA B 306 16.73 -72.38 -60.40
N ALA B 307 17.80 -73.13 -60.69
CA ALA B 307 19.07 -72.89 -60.00
C ALA B 307 19.59 -71.48 -60.26
N ASP B 308 19.59 -71.05 -61.53
CA ASP B 308 20.12 -69.74 -61.88
C ASP B 308 19.29 -68.61 -61.27
N GLN B 309 17.97 -68.73 -61.34
CA GLN B 309 17.09 -67.73 -60.74
C GLN B 309 17.31 -67.64 -59.24
N ALA B 310 17.39 -68.78 -58.57
CA ALA B 310 17.68 -68.77 -57.14
C ALA B 310 19.04 -68.12 -56.87
N VAL B 311 20.02 -68.42 -57.71
CA VAL B 311 21.34 -67.82 -57.55
C VAL B 311 21.26 -66.32 -57.58
N ARG B 312 20.59 -65.75 -58.59
CA ARG B 312 20.66 -64.30 -58.73
C ARG B 312 19.63 -63.62 -57.82
N ASN B 313 18.71 -64.41 -57.24
CA ASN B 313 17.86 -63.91 -56.17
C ASN B 313 18.64 -63.79 -54.86
N MET B 314 19.47 -64.79 -54.54
CA MET B 314 20.29 -64.77 -53.33
C MET B 314 21.49 -63.85 -53.44
N ARG B 315 22.01 -63.64 -54.66
CA ARG B 315 23.15 -62.75 -54.83
C ARG B 315 22.81 -61.34 -54.39
N SER B 316 21.53 -60.96 -54.50
CA SER B 316 21.09 -59.68 -53.97
C SER B 316 21.21 -59.61 -52.45
N LEU B 317 20.97 -60.72 -51.76
CA LEU B 317 21.13 -60.80 -50.32
C LEU B 317 22.60 -61.01 -49.92
N GLY B 318 23.45 -61.33 -50.89
CA GLY B 318 24.86 -61.46 -50.62
C GLY B 318 25.31 -62.90 -50.49
N LEU B 319 24.36 -63.81 -50.27
CA LEU B 319 24.69 -65.23 -50.24
C LEU B 319 25.17 -65.67 -51.60
N ASP B 320 26.46 -66.01 -51.68
CA ASP B 320 27.09 -66.40 -52.93
C ASP B 320 27.02 -67.93 -53.02
N LEU B 321 25.82 -68.43 -53.35
CA LEU B 321 25.62 -69.87 -53.49
C LEU B 321 26.38 -70.42 -54.68
N GLY B 322 26.71 -69.59 -55.66
CA GLY B 322 27.49 -70.05 -56.79
C GLY B 322 28.85 -70.57 -56.35
N ARG B 323 29.47 -69.91 -55.38
CA ARG B 323 30.79 -70.33 -54.91
C ARG B 323 30.75 -71.76 -54.38
N TRP B 324 29.78 -72.07 -53.51
CA TRP B 324 29.71 -73.40 -52.93
C TRP B 324 29.23 -74.44 -53.94
N ARG B 325 28.27 -74.10 -54.80
CA ARG B 325 27.88 -75.03 -55.86
C ARG B 325 29.02 -75.34 -56.81
N ASP B 326 29.87 -74.36 -57.10
CA ASP B 326 30.99 -74.50 -58.01
C ASP B 326 32.15 -75.25 -57.37
N ALA B 327 32.37 -75.05 -56.07
CA ALA B 327 33.36 -75.83 -55.33
C ALA B 327 32.89 -77.24 -55.02
N GLY B 328 31.58 -77.51 -55.16
CA GLY B 328 31.08 -78.86 -55.01
C GLY B 328 30.63 -79.24 -53.62
N LEU B 329 30.20 -78.26 -52.82
CA LEU B 329 29.67 -78.54 -51.49
C LEU B 329 28.19 -78.27 -51.36
N LEU B 330 27.55 -77.74 -52.40
CA LEU B 330 26.11 -77.44 -52.39
C LEU B 330 25.47 -78.01 -53.64
N ARG B 331 24.32 -78.64 -53.47
CA ARG B 331 23.59 -79.27 -54.57
C ARG B 331 22.21 -78.63 -54.72
N PHE B 332 21.80 -78.39 -55.96
CA PHE B 332 20.47 -77.88 -56.27
C PHE B 332 19.76 -78.87 -57.18
N MET B 333 18.48 -79.11 -56.92
CA MET B 333 17.69 -80.03 -57.74
C MET B 333 16.78 -79.28 -58.69
N ALA B 334 15.96 -78.37 -58.17
CA ALA B 334 15.06 -77.54 -58.97
C ALA B 334 14.12 -78.41 -59.80
N THR B 335 13.27 -79.14 -59.07
CA THR B 335 12.32 -80.06 -59.69
C THR B 335 10.89 -79.64 -59.37
N ARG B 336 10.04 -79.61 -60.39
CA ARG B 336 8.66 -79.22 -60.21
C ARG B 336 7.87 -80.34 -59.51
N PRO B 337 6.84 -79.98 -58.73
CA PRO B 337 6.04 -81.02 -58.06
C PRO B 337 5.37 -81.99 -59.02
N THR B 338 4.97 -81.54 -60.20
CA THR B 338 4.24 -82.37 -61.15
C THR B 338 5.14 -83.20 -62.04
N PHE B 339 6.46 -83.01 -61.97
CA PHE B 339 7.37 -83.75 -62.85
C PHE B 339 7.26 -85.25 -62.61
N TYR B 340 7.23 -85.67 -61.35
CA TYR B 340 7.13 -87.08 -60.99
C TYR B 340 5.83 -87.33 -60.25
N SER B 341 5.60 -88.59 -59.88
CA SER B 341 4.55 -88.94 -58.94
C SER B 341 5.13 -88.81 -57.52
N LEU B 342 4.27 -88.93 -56.51
CA LEU B 342 4.74 -88.80 -55.13
C LEU B 342 5.78 -89.87 -54.81
N GLU B 343 5.55 -91.11 -55.26
CA GLU B 343 6.48 -92.18 -54.98
C GLU B 343 7.85 -91.91 -55.58
N MET B 344 7.91 -91.42 -56.81
CA MET B 344 9.20 -91.15 -57.43
C MET B 344 9.85 -89.90 -56.85
N HIS B 345 9.05 -88.90 -56.44
CA HIS B 345 9.63 -87.79 -55.69
C HIS B 345 10.36 -88.31 -54.46
N LEU B 346 9.68 -89.14 -53.66
CA LEU B 346 10.30 -89.73 -52.49
C LEU B 346 11.55 -90.53 -52.85
N ALA B 347 11.44 -91.37 -53.89
CA ALA B 347 12.56 -92.25 -54.25
C ALA B 347 13.76 -91.45 -54.72
N VAL B 348 13.55 -90.43 -55.55
CA VAL B 348 14.65 -89.61 -56.05
C VAL B 348 15.30 -88.85 -54.90
N ILE B 349 14.49 -88.28 -54.02
CA ILE B 349 15.04 -87.54 -52.89
C ILE B 349 15.90 -88.48 -52.04
N LEU B 350 15.37 -89.66 -51.72
CA LEU B 350 16.12 -90.60 -50.88
C LEU B 350 17.40 -91.05 -51.57
N ARG B 351 17.32 -91.38 -52.86
CA ARG B 351 18.49 -91.89 -53.57
C ARG B 351 19.58 -90.83 -53.63
N GLU B 352 19.23 -89.60 -54.00
CA GLU B 352 20.26 -88.57 -54.12
C GLU B 352 20.81 -88.17 -52.75
N VAL B 353 19.96 -88.15 -51.71
CA VAL B 353 20.46 -87.86 -50.38
C VAL B 353 21.44 -88.92 -49.94
N MET B 354 21.12 -90.20 -50.17
CA MET B 354 22.04 -91.27 -49.81
C MET B 354 23.34 -91.16 -50.60
N ARG B 355 23.26 -90.87 -51.89
CA ARG B 355 24.47 -90.80 -52.72
C ARG B 355 25.37 -89.65 -52.28
N PHE B 356 24.80 -88.47 -52.04
CA PHE B 356 25.60 -87.29 -51.73
C PHE B 356 26.08 -87.28 -50.28
N GLU B 357 25.30 -87.85 -49.36
CA GLU B 357 25.67 -87.88 -47.94
C GLU B 357 25.92 -86.47 -47.43
N PRO B 358 24.91 -85.59 -47.48
CA PRO B 358 25.11 -84.21 -47.01
C PRO B 358 24.90 -84.08 -45.51
N SER B 359 25.05 -82.85 -45.00
CA SER B 359 24.82 -82.57 -43.58
C SER B 359 23.60 -81.70 -43.35
N VAL B 360 23.05 -81.06 -44.38
CA VAL B 360 21.87 -80.21 -44.25
C VAL B 360 21.05 -80.28 -45.53
N VAL B 361 19.79 -80.70 -45.40
CA VAL B 361 18.87 -80.81 -46.52
C VAL B 361 17.75 -79.79 -46.32
N VAL B 362 17.55 -78.91 -47.31
CA VAL B 362 16.56 -77.86 -47.24
C VAL B 362 15.51 -78.12 -48.31
N LEU B 363 14.29 -78.43 -47.90
CA LEU B 363 13.18 -78.66 -48.82
C LEU B 363 12.31 -77.41 -48.85
N ASP B 364 12.22 -76.79 -50.03
CA ASP B 364 11.49 -75.54 -50.18
C ASP B 364 10.67 -75.56 -51.45
N PRO B 365 9.32 -75.47 -51.38
CA PRO B 365 8.57 -75.57 -50.12
C PRO B 365 7.83 -76.90 -50.02
N ILE B 366 7.59 -77.37 -48.79
CA ILE B 366 6.84 -78.61 -48.63
C ILE B 366 5.37 -78.44 -48.94
N SER B 367 4.89 -77.20 -49.05
CA SER B 367 3.48 -76.97 -49.33
C SER B 367 3.17 -77.10 -50.82
N ALA B 368 4.20 -77.12 -51.67
CA ALA B 368 3.99 -77.19 -53.12
C ALA B 368 3.28 -78.48 -53.53
N PHE B 369 3.38 -79.54 -52.72
CA PHE B 369 2.76 -80.81 -53.03
C PHE B 369 1.29 -80.88 -52.61
N THR B 370 0.63 -79.73 -52.42
CA THR B 370 -0.71 -79.72 -51.84
C THR B 370 -1.70 -80.47 -52.72
N GLU B 371 -1.77 -80.12 -54.01
CA GLU B 371 -2.75 -80.69 -54.92
C GLU B 371 -2.22 -81.89 -55.70
N SER B 372 -0.98 -82.30 -55.45
CA SER B 372 -0.44 -83.47 -56.16
C SER B 372 -1.28 -84.71 -55.88
N GLY B 373 -1.81 -84.81 -54.66
CA GLY B 373 -2.68 -85.91 -54.30
C GLY B 373 -3.56 -85.57 -53.11
N ASP B 374 -4.21 -86.57 -52.52
CA ASP B 374 -4.98 -86.34 -51.32
C ASP B 374 -4.06 -85.97 -50.16
N ARG B 375 -4.66 -85.42 -49.10
CA ARG B 375 -3.87 -85.00 -47.95
C ARG B 375 -3.10 -86.16 -47.35
N LEU B 376 -3.73 -87.33 -47.27
CA LEU B 376 -3.07 -88.49 -46.67
C LEU B 376 -1.81 -88.91 -47.44
N GLU B 377 -1.86 -88.93 -48.77
CA GLU B 377 -0.71 -89.35 -49.55
C GLU B 377 0.47 -88.38 -49.39
N VAL B 378 0.19 -87.08 -49.47
CA VAL B 378 1.24 -86.08 -49.28
C VAL B 378 1.81 -86.16 -47.88
N GLN B 379 0.95 -86.34 -46.88
CA GLN B 379 1.43 -86.50 -45.51
C GLN B 379 2.31 -87.73 -45.38
N SER B 380 1.93 -88.84 -46.02
CA SER B 380 2.76 -90.03 -45.99
C SER B 380 4.13 -89.77 -46.60
N MET B 381 4.17 -89.09 -47.74
CA MET B 381 5.45 -88.78 -48.36
C MET B 381 6.30 -87.91 -47.45
N LEU B 382 5.69 -86.86 -46.87
CA LEU B 382 6.45 -85.96 -46.02
C LEU B 382 6.95 -86.67 -44.76
N LEU B 383 6.12 -87.52 -44.17
CA LEU B 383 6.52 -88.27 -42.99
C LEU B 383 7.68 -89.21 -43.31
N ARG B 384 7.59 -89.90 -44.46
CA ARG B 384 8.69 -90.79 -44.85
C ARG B 384 9.98 -90.00 -45.03
N ILE B 385 9.91 -88.84 -45.69
CA ILE B 385 11.11 -88.03 -45.91
C ILE B 385 11.70 -87.58 -44.58
N VAL B 386 10.85 -87.09 -43.68
CA VAL B 386 11.32 -86.57 -42.40
C VAL B 386 11.95 -87.69 -41.58
N ASP B 387 11.30 -88.85 -41.55
CA ASP B 387 11.84 -89.97 -40.79
C ASP B 387 13.17 -90.44 -41.38
N PHE B 388 13.27 -90.50 -42.70
CA PHE B 388 14.54 -90.88 -43.33
C PHE B 388 15.65 -89.91 -42.95
N LEU B 389 15.37 -88.61 -43.03
CA LEU B 389 16.38 -87.62 -42.67
C LEU B 389 16.78 -87.74 -41.20
N LYS B 390 15.80 -87.89 -40.31
CA LYS B 390 16.11 -88.00 -38.89
C LYS B 390 16.90 -89.27 -38.58
N ASN B 391 16.56 -90.39 -39.23
CA ASN B 391 17.34 -91.61 -39.02
C ASN B 391 18.77 -91.43 -39.52
N ARG B 392 18.95 -90.79 -40.67
CA ARG B 392 20.28 -90.48 -41.17
C ARG B 392 20.98 -89.41 -40.33
N GLY B 393 20.27 -88.75 -39.43
CA GLY B 393 20.87 -87.69 -38.63
C GLY B 393 21.25 -86.47 -39.43
N ILE B 394 20.44 -86.09 -40.41
CA ILE B 394 20.66 -84.91 -41.23
C ILE B 394 19.72 -83.81 -40.75
N THR B 395 20.20 -82.57 -40.82
CA THR B 395 19.42 -81.41 -40.41
C THR B 395 18.47 -81.02 -41.55
N GLY B 396 17.18 -81.17 -41.30
CA GLY B 396 16.16 -80.88 -42.29
C GLY B 396 15.53 -79.52 -42.04
N ILE B 397 15.58 -78.67 -43.08
CA ILE B 397 15.00 -77.34 -43.04
C ILE B 397 13.86 -77.32 -44.06
N PHE B 398 12.63 -77.35 -43.59
CA PHE B 398 11.45 -77.38 -44.45
C PHE B 398 10.80 -76.00 -44.45
N THR B 399 10.55 -75.47 -45.64
CA THR B 399 9.88 -74.18 -45.79
C THR B 399 8.43 -74.40 -46.20
N HIS B 400 7.51 -73.79 -45.46
CA HIS B 400 6.08 -73.92 -45.71
C HIS B 400 5.44 -72.56 -45.81
N LEU B 401 4.43 -72.46 -46.67
CA LEU B 401 3.71 -71.21 -46.87
C LEU B 401 2.53 -71.13 -45.90
N ALA B 402 2.23 -69.91 -45.46
CA ALA B 402 1.17 -69.67 -44.50
C ALA B 402 -0.01 -68.96 -45.15
N HIS B 403 -1.19 -69.18 -44.57
CA HIS B 403 -2.41 -68.57 -45.08
C HIS B 403 -3.10 -67.74 -44.01
N THR B 409 0.60 -70.59 -36.18
CA THR B 409 -0.47 -71.08 -37.03
C THR B 409 -0.18 -72.50 -37.52
N THR B 410 -1.25 -73.24 -37.81
CA THR B 410 -1.15 -74.60 -38.33
C THR B 410 -1.40 -74.61 -39.83
N ASP B 411 -0.59 -75.37 -40.56
CA ASP B 411 -0.63 -75.32 -42.01
C ASP B 411 -1.13 -76.62 -42.65
N ALA B 412 -0.45 -77.74 -42.37
CA ALA B 412 -0.80 -78.98 -43.07
C ALA B 412 -0.75 -80.21 -42.18
N GLY B 413 -0.72 -80.05 -40.87
CA GLY B 413 -0.65 -81.20 -39.98
C GLY B 413 0.71 -81.84 -39.87
N LEU B 414 1.74 -81.29 -40.54
CA LEU B 414 3.09 -81.80 -40.42
C LEU B 414 3.94 -81.03 -39.43
N GLU B 415 3.44 -79.92 -38.89
CA GLU B 415 4.10 -79.29 -37.77
C GLU B 415 4.12 -80.21 -36.58
N GLU B 416 3.27 -81.25 -36.60
CA GLU B 416 3.08 -82.12 -35.46
C GLU B 416 4.39 -82.78 -35.02
N LEU B 417 5.37 -82.89 -35.92
CA LEU B 417 6.63 -83.54 -35.61
C LEU B 417 7.79 -82.58 -35.41
N MET B 418 7.72 -81.37 -35.96
CA MET B 418 8.88 -80.49 -36.03
C MET B 418 9.47 -80.22 -34.65
N ASP B 419 10.80 -80.29 -34.58
CA ASP B 419 11.54 -79.93 -33.36
C ASP B 419 11.62 -78.42 -33.16
N GLY B 420 11.86 -77.66 -34.21
CA GLY B 420 11.94 -76.23 -34.11
C GLY B 420 11.05 -75.56 -35.15
N TRP B 421 10.47 -74.42 -34.75
CA TRP B 421 9.53 -73.71 -35.60
C TRP B 421 9.91 -72.23 -35.62
N VAL B 422 10.09 -71.67 -36.80
CA VAL B 422 10.40 -70.26 -36.97
C VAL B 422 9.32 -69.65 -37.86
N LEU B 423 8.59 -68.67 -37.34
CA LEU B 423 7.53 -68.00 -38.08
C LEU B 423 8.02 -66.61 -38.49
N MET B 424 7.89 -66.32 -39.78
CA MET B 424 8.29 -65.05 -40.37
C MET B 424 7.03 -64.30 -40.78
N LEU B 425 6.88 -63.08 -40.27
CA LEU B 425 5.69 -62.28 -40.49
C LEU B 425 6.05 -61.03 -41.28
N ASN B 426 5.17 -60.66 -42.22
CA ASN B 426 5.31 -59.43 -43.01
C ASN B 426 3.99 -58.69 -42.87
N ARG B 427 3.88 -57.86 -41.84
CA ARG B 427 2.61 -57.26 -41.47
C ARG B 427 2.48 -55.85 -42.03
N GLU B 428 1.23 -55.47 -42.31
CA GLU B 428 0.90 -54.12 -42.76
C GLU B 428 0.31 -53.36 -41.58
N VAL B 429 1.04 -52.34 -41.11
CA VAL B 429 0.60 -51.53 -39.98
C VAL B 429 1.11 -50.12 -40.18
N ASN B 430 0.25 -49.13 -39.91
CA ASN B 430 0.60 -47.73 -40.06
C ASN B 430 0.92 -47.40 -41.53
N GLY B 431 0.15 -47.98 -42.44
CA GLY B 431 0.35 -47.70 -43.85
C GLY B 431 1.72 -48.07 -44.37
N GLU B 432 2.25 -49.21 -43.95
CA GLU B 432 3.57 -49.64 -44.36
C GLU B 432 3.80 -51.04 -43.81
N PHE B 433 4.69 -51.78 -44.47
CA PHE B 433 4.92 -53.19 -44.17
C PHE B 433 6.22 -53.36 -43.40
N ASN B 434 6.16 -54.14 -42.33
CA ASN B 434 7.29 -54.42 -41.46
C ASN B 434 7.49 -55.92 -41.34
N ARG B 435 8.76 -56.33 -41.28
CA ARG B 435 9.14 -57.73 -41.17
C ARG B 435 9.49 -58.07 -39.73
N GLU B 436 9.16 -59.30 -39.34
CA GLU B 436 9.46 -59.81 -38.01
C GLU B 436 9.61 -61.32 -38.09
N LEU B 437 10.21 -61.90 -37.05
CA LEU B 437 10.33 -63.35 -36.97
C LEU B 437 10.40 -63.76 -35.50
N TYR B 438 9.89 -64.96 -35.22
CA TYR B 438 9.98 -65.45 -33.85
C TYR B 438 9.96 -66.98 -33.86
N LEU B 439 10.57 -67.55 -32.83
CA LEU B 439 10.65 -69.01 -32.66
C LEU B 439 9.39 -69.47 -31.96
N LEU B 440 8.48 -70.08 -32.72
CA LEU B 440 7.23 -70.57 -32.13
C LEU B 440 7.51 -71.65 -31.09
N LYS B 441 8.57 -72.44 -31.27
CA LYS B 441 8.92 -73.48 -30.32
C LYS B 441 10.31 -74.01 -30.66
N ALA B 442 11.06 -74.34 -29.61
CA ALA B 442 12.42 -74.86 -29.75
C ALA B 442 12.62 -75.93 -28.68
N ARG B 443 12.58 -77.19 -29.11
CA ARG B 443 12.59 -78.32 -28.18
C ARG B 443 13.93 -78.41 -27.45
N GLY B 444 13.84 -78.77 -26.17
CA GLY B 444 15.03 -79.08 -25.38
C GLY B 444 15.98 -77.92 -25.14
N MET B 445 15.46 -76.70 -25.02
CA MET B 445 16.31 -75.55 -24.74
C MET B 445 15.41 -74.34 -24.48
N ALA B 446 15.97 -73.34 -23.84
CA ALA B 446 15.28 -72.09 -23.58
C ALA B 446 15.67 -71.05 -24.63
N HIS B 447 14.68 -70.27 -25.05
CA HIS B 447 14.86 -69.35 -26.15
C HIS B 447 14.09 -68.06 -25.89
N SER B 448 14.47 -67.00 -26.59
CA SER B 448 13.80 -65.73 -26.45
C SER B 448 12.34 -65.83 -26.89
N ASN B 449 11.47 -65.11 -26.17
CA ASN B 449 10.05 -65.07 -26.48
C ASN B 449 9.63 -63.71 -27.02
N GLN B 450 10.52 -63.03 -27.73
CA GLN B 450 10.27 -61.71 -28.28
C GLN B 450 10.05 -61.81 -29.78
N VAL B 451 9.13 -60.99 -30.29
CA VAL B 451 8.87 -60.90 -31.72
C VAL B 451 9.89 -59.93 -32.28
N ARG B 452 11.05 -60.45 -32.66
CA ARG B 452 12.18 -59.61 -33.07
C ARG B 452 11.99 -59.16 -34.51
N GLU B 453 11.80 -57.85 -34.70
CA GLU B 453 11.74 -57.29 -36.04
C GLU B 453 13.14 -57.32 -36.67
N PHE B 454 13.18 -57.69 -37.94
CA PHE B 454 14.43 -57.76 -38.69
C PHE B 454 14.29 -56.99 -39.99
N LEU B 455 15.41 -56.81 -40.68
CA LEU B 455 15.42 -56.06 -41.93
C LEU B 455 16.48 -56.65 -42.83
N MET B 456 16.06 -57.27 -43.93
CA MET B 456 16.99 -57.91 -44.85
C MET B 456 17.68 -56.88 -45.76
N SER B 457 18.97 -57.06 -45.99
CA SER B 457 19.75 -56.14 -46.81
C SER B 457 20.89 -56.92 -47.46
N ASP B 458 21.80 -56.17 -48.11
CA ASP B 458 22.93 -56.81 -48.79
C ASP B 458 23.77 -57.62 -47.81
N ARG B 459 23.96 -57.13 -46.59
CA ARG B 459 24.76 -57.86 -45.61
C ARG B 459 24.08 -59.15 -45.18
N GLY B 460 22.78 -59.27 -45.43
CA GLY B 460 22.05 -60.48 -45.13
C GLY B 460 20.84 -60.18 -44.29
N ILE B 461 20.42 -61.18 -43.50
CA ILE B 461 19.34 -60.99 -42.55
C ILE B 461 19.90 -60.44 -41.25
N SER B 462 19.36 -59.30 -40.82
CA SER B 462 19.87 -58.64 -39.61
C SER B 462 18.70 -58.23 -38.75
N LEU B 463 18.68 -58.67 -37.50
CA LEU B 463 17.65 -58.29 -36.55
C LEU B 463 17.95 -56.95 -35.92
N LEU B 464 16.93 -56.10 -35.84
CA LEU B 464 17.09 -54.81 -35.20
C LEU B 464 17.24 -54.97 -33.70
N PRO B 465 17.80 -53.97 -33.02
CA PRO B 465 17.95 -54.06 -31.58
C PRO B 465 16.59 -54.21 -30.92
N PRO B 466 16.51 -54.93 -29.80
CA PRO B 466 15.21 -55.16 -29.16
C PRO B 466 14.53 -53.84 -28.78
N HIS B 467 13.20 -53.85 -28.87
CA HIS B 467 12.40 -52.69 -28.52
C HIS B 467 12.41 -52.51 -27.01
N LEU B 468 12.76 -51.30 -26.56
CA LEU B 468 12.83 -50.98 -25.15
C LEU B 468 11.86 -49.86 -24.83
N GLY B 469 11.15 -50.00 -23.72
CA GLY B 469 10.15 -49.02 -23.35
C GLY B 469 8.75 -49.57 -23.50
N GLU B 470 7.79 -48.87 -22.87
CA GLU B 470 6.40 -49.29 -22.95
C GLU B 470 5.88 -49.20 -24.38
N GLY B 471 4.84 -49.98 -24.66
CA GLY B 471 4.28 -50.02 -26.00
C GLY B 471 5.25 -50.59 -27.01
N GLY B 472 5.86 -51.73 -26.67
CA GLY B 472 6.85 -52.33 -27.55
C GLY B 472 6.30 -52.81 -28.88
N ALA B 473 4.97 -52.88 -29.02
CA ALA B 473 4.38 -53.33 -30.27
C ALA B 473 4.75 -52.40 -31.42
N LEU B 474 5.08 -51.15 -31.14
CA LEU B 474 5.44 -50.20 -32.18
C LEU B 474 6.64 -50.71 -32.99
N THR B 475 6.55 -50.56 -34.31
CA THR B 475 7.60 -50.99 -35.21
C THR B 475 7.65 -50.07 -36.41
N GLY B 476 8.81 -50.01 -37.06
CA GLY B 476 8.94 -49.17 -38.25
C GLY B 476 8.98 -47.70 -37.89
N THR B 477 8.25 -46.89 -38.67
CA THR B 477 8.23 -45.45 -38.45
C THR B 477 7.66 -45.12 -37.08
N ALA B 478 6.75 -45.94 -36.58
CA ALA B 478 6.12 -45.68 -35.29
C ALA B 478 7.14 -45.68 -34.17
N ARG B 479 8.16 -46.55 -34.26
CA ARG B 479 9.21 -46.56 -33.24
C ARG B 479 9.97 -45.24 -33.19
N LYS B 480 10.36 -44.71 -34.36
CA LYS B 480 11.03 -43.43 -34.40
C LYS B 480 10.13 -42.31 -33.89
N ALA B 481 8.86 -42.35 -34.25
CA ALA B 481 7.92 -41.33 -33.79
C ALA B 481 7.80 -41.37 -32.26
N GLU B 482 7.70 -42.57 -31.69
CA GLU B 482 7.62 -42.70 -30.24
C GLU B 482 8.89 -42.18 -29.57
N GLU B 483 10.05 -42.50 -30.15
CA GLU B 483 11.31 -42.00 -29.59
C GLU B 483 11.32 -40.47 -29.59
N ALA B 484 10.90 -39.85 -30.70
CA ALA B 484 10.87 -38.40 -30.78
C ALA B 484 9.91 -37.81 -29.76
N ARG B 485 8.73 -38.42 -29.60
CA ARG B 485 7.77 -37.92 -28.63
C ARG B 485 8.31 -38.00 -27.22
N LEU B 486 8.97 -39.12 -26.88
CA LEU B 486 9.58 -39.24 -25.55
C LEU B 486 10.64 -38.17 -25.34
N ARG B 487 11.48 -37.93 -26.35
CA ARG B 487 12.51 -36.90 -26.22
C ARG B 487 11.88 -35.54 -25.96
N ARG B 488 10.85 -35.21 -26.73
CA ARG B 488 10.19 -33.91 -26.57
C ARG B 488 9.63 -33.75 -25.17
N ALA B 489 8.89 -34.76 -24.69
CA ALA B 489 8.23 -34.66 -23.41
C ALA B 489 9.24 -34.55 -22.26
N GLU B 490 10.29 -35.38 -22.28
CA GLU B 490 11.27 -35.32 -21.20
C GLU B 490 12.03 -34.00 -21.24
N ILE B 491 12.31 -33.48 -22.44
CA ILE B 491 12.94 -32.17 -22.55
C ILE B 491 12.06 -31.10 -21.91
N GLU B 492 10.76 -31.15 -22.18
CA GLU B 492 9.90 -30.11 -21.61
C GLU B 492 9.76 -30.26 -20.09
N ARG B 493 9.82 -31.49 -19.57
CA ARG B 493 9.89 -31.66 -18.12
C ARG B 493 11.14 -31.01 -17.54
N GLN B 494 12.28 -31.20 -18.22
CA GLN B 494 13.49 -30.51 -17.80
C GLN B 494 13.30 -28.99 -17.79
N THR B 495 12.61 -28.46 -18.81
CA THR B 495 12.32 -27.04 -18.85
C THR B 495 11.47 -26.60 -17.66
N GLU B 496 10.47 -27.41 -17.32
CA GLU B 496 9.66 -27.14 -16.12
C GLU B 496 10.55 -26.97 -14.89
N LEU B 497 11.41 -27.96 -14.64
CA LEU B 497 12.24 -27.90 -13.44
C LEU B 497 13.17 -26.70 -13.47
N GLY B 498 13.74 -26.40 -14.64
CA GLY B 498 14.61 -25.23 -14.75
C GLY B 498 13.88 -23.94 -14.45
N ARG B 499 12.64 -23.81 -14.93
CA ARG B 499 11.88 -22.59 -14.66
C ARG B 499 11.59 -22.45 -13.17
N LEU B 500 11.24 -23.55 -12.50
CA LEU B 500 11.03 -23.45 -11.05
C LEU B 500 12.31 -23.01 -10.34
N GLN B 501 13.45 -23.58 -10.73
CA GLN B 501 14.72 -23.18 -10.11
C GLN B 501 14.98 -21.70 -10.32
N GLN B 502 14.73 -21.19 -11.53
CA GLN B 502 14.91 -19.77 -11.79
C GLN B 502 13.97 -18.91 -10.95
N GLN B 503 12.74 -19.39 -10.74
CA GLN B 503 11.80 -18.67 -9.89
C GLN B 503 12.34 -18.51 -8.47
N ILE B 504 12.86 -19.60 -7.91
CA ILE B 504 13.41 -19.53 -6.56
C ILE B 504 14.64 -18.61 -6.55
N GLU B 505 15.43 -18.66 -7.63
CA GLU B 505 16.50 -17.70 -7.90
C GLU B 505 16.02 -16.26 -7.67
N GLN B 506 14.94 -15.90 -8.36
CA GLN B 506 14.40 -14.55 -8.26
C GLN B 506 14.01 -14.18 -6.84
N ARG B 507 13.32 -15.10 -6.15
CA ARG B 507 12.89 -14.81 -4.79
C ARG B 507 14.09 -14.57 -3.87
N ARG B 508 15.12 -15.41 -3.99
CA ARG B 508 16.30 -15.23 -3.15
C ARG B 508 17.00 -13.91 -3.44
N ARG B 509 17.03 -13.51 -4.73
CA ARG B 509 17.64 -12.23 -5.06
C ARG B 509 16.94 -11.08 -4.37
N ARG B 510 15.61 -11.00 -4.50
CA ARG B 510 14.93 -9.94 -3.76
C ARG B 510 15.22 -10.03 -2.27
N ALA B 511 15.20 -11.24 -1.69
CA ALA B 511 15.38 -11.36 -0.25
C ALA B 511 16.69 -10.71 0.20
N ARG B 512 17.80 -11.10 -0.41
CA ARG B 512 19.06 -10.60 0.12
C ARG B 512 19.35 -9.17 -0.32
N ALA B 513 18.79 -8.73 -1.46
CA ALA B 513 18.90 -7.31 -1.79
C ALA B 513 18.18 -6.45 -0.76
N GLN B 514 16.98 -6.88 -0.35
CA GLN B 514 16.24 -6.20 0.70
C GLN B 514 17.06 -6.15 1.99
N ILE B 515 17.72 -7.28 2.31
CA ILE B 515 18.58 -7.33 3.50
C ILE B 515 19.69 -6.28 3.39
N GLU B 516 20.26 -6.14 2.19
CA GLU B 516 21.33 -5.16 1.98
C GLU B 516 20.84 -3.75 2.28
N ALA B 517 19.64 -3.42 1.78
CA ALA B 517 19.08 -2.10 2.06
C ALA B 517 18.90 -1.88 3.56
N LEU B 518 18.38 -2.89 4.26
CA LEU B 518 18.17 -2.77 5.69
C LEU B 518 19.50 -2.55 6.44
N GLU B 519 20.55 -3.26 6.03
CA GLU B 519 21.86 -3.08 6.66
C GLU B 519 22.39 -1.67 6.43
N ALA B 520 22.16 -1.13 5.22
CA ALA B 520 22.54 0.26 4.99
C ALA B 520 21.84 1.20 5.96
N GLU B 521 20.53 0.97 6.17
CA GLU B 521 19.80 1.77 7.16
C GLU B 521 20.45 1.65 8.55
N LEU B 522 20.82 0.42 8.94
CA LEU B 522 21.41 0.23 10.25
C LEU B 522 22.72 1.01 10.39
N GLN B 523 23.57 0.98 9.36
CA GLN B 523 24.83 1.71 9.43
C GLN B 523 24.58 3.22 9.54
N ALA B 524 23.61 3.73 8.78
CA ALA B 524 23.28 5.15 8.91
C ALA B 524 22.86 5.49 10.33
N GLU B 525 22.04 4.63 10.95
CA GLU B 525 21.60 4.89 12.30
C GLU B 525 22.77 4.88 13.29
N GLU B 526 23.71 3.96 13.09
CA GLU B 526 24.90 3.93 13.95
C GLU B 526 25.67 5.24 13.85
N ILE B 527 25.87 5.73 12.61
CA ILE B 527 26.55 7.01 12.44
C ILE B 527 25.80 8.11 13.17
N ALA B 528 24.47 8.09 13.10
CA ALA B 528 23.68 9.10 13.80
C ALA B 528 23.89 9.05 15.31
N LEU B 529 23.90 7.85 15.88
CA LEU B 529 24.14 7.73 17.32
C LEU B 529 25.48 8.31 17.72
N LYS B 530 26.52 7.99 16.93
CA LYS B 530 27.85 8.46 17.29
C LYS B 530 27.96 9.97 17.14
N ALA B 531 27.30 10.54 16.14
CA ALA B 531 27.23 11.99 16.02
C ALA B 531 26.55 12.60 17.25
N LEU B 532 25.45 11.98 17.69
CA LEU B 532 24.76 12.43 18.90
C LEU B 532 25.67 12.46 20.11
N VAL B 533 26.44 11.40 20.35
CA VAL B 533 27.35 11.33 21.48
C VAL B 533 28.45 12.38 21.38
N GLU B 534 29.10 12.47 20.21
CA GLU B 534 30.21 13.39 20.06
C GLU B 534 29.76 14.83 20.28
N SER B 535 28.68 15.25 19.63
CA SER B 535 28.25 16.64 19.75
C SER B 535 27.80 16.96 21.17
N GLU B 536 27.11 16.03 21.82
CA GLU B 536 26.64 16.25 23.18
C GLU B 536 27.82 16.42 24.13
N SER B 537 28.84 15.56 23.99
CA SER B 537 30.03 15.71 24.82
C SER B 537 30.73 17.04 24.55
N ALA B 538 30.76 17.46 23.28
CA ALA B 538 31.37 18.75 22.96
C ALA B 538 30.62 19.89 23.62
N HIS B 539 29.30 19.82 23.65
CA HIS B 539 28.51 20.83 24.35
C HIS B 539 28.85 20.83 25.84
N GLU B 540 28.98 19.65 26.44
CA GLU B 540 29.43 19.55 27.82
C GLU B 540 30.74 20.32 28.02
N ARG B 541 31.72 20.05 27.15
CA ARG B 541 33.04 20.67 27.28
C ARG B 541 32.95 22.19 27.14
N GLN B 542 32.19 22.67 26.16
CA GLN B 542 32.06 24.12 25.97
C GLN B 542 31.38 24.78 27.16
N ARG B 543 30.35 24.14 27.72
CA ARG B 543 29.68 24.69 28.89
C ARG B 543 30.65 24.79 30.06
N LEU B 544 31.45 23.75 30.27
CA LEU B 544 32.43 23.79 31.36
C LEU B 544 33.42 24.94 31.15
N ALA B 545 33.90 25.11 29.91
CA ALA B 545 34.85 26.18 29.63
C ALA B 545 34.24 27.55 29.90
N ASP B 546 33.01 27.77 29.45
CA ASP B 546 32.36 29.06 29.68
C ASP B 546 32.15 29.32 31.17
N ALA B 547 31.75 28.30 31.92
CA ALA B 547 31.56 28.46 33.36
C ALA B 547 32.87 28.84 34.03
N ASP B 548 33.97 28.20 33.65
CA ASP B 548 35.28 28.54 34.20
C ASP B 548 35.66 29.99 33.88
N THR B 549 35.40 30.42 32.64
CA THR B 549 35.71 31.79 32.25
C THR B 549 34.95 32.79 33.13
N LEU B 550 33.65 32.55 33.32
CA LEU B 550 32.88 33.43 34.20
C LEU B 550 33.41 33.38 35.63
N ALA B 551 33.82 32.19 36.09
CA ALA B 551 34.33 32.03 37.45
C ALA B 551 35.55 32.89 37.69
N ARG B 552 36.52 32.86 36.77
CA ARG B 552 37.60 33.84 36.84
C ARG B 552 37.09 35.28 36.79
N SER B 553 36.22 35.59 35.82
CA SER B 553 35.83 36.99 35.65
C SER B 553 35.26 37.58 36.93
N ARG B 554 34.60 36.75 37.74
CA ARG B 554 34.03 37.21 39.00
C ARG B 554 34.70 36.60 40.23
N GLY B 555 35.92 36.08 40.10
CA GLY B 555 36.57 35.39 41.19
C GLY B 555 37.58 36.22 41.94
N ASN B 556 37.74 35.90 43.23
CA ASN B 556 38.75 36.54 44.07
C ASN B 556 40.10 35.82 44.04
N GLU B 557 40.19 34.66 43.41
CA GLU B 557 41.45 33.93 43.33
C GLU B 557 42.54 34.70 42.60
N ARG B 558 42.19 35.82 41.96
CA ARG B 558 43.19 36.63 41.26
C ARG B 558 44.24 37.20 42.21
N PHE B 559 43.99 37.18 43.52
CA PHE B 559 44.89 37.80 44.47
C PHE B 559 45.41 36.85 45.53
N ALA B 560 44.85 35.64 45.66
CA ALA B 560 45.31 34.68 46.66
C ALA B 560 44.59 33.35 46.50
N GLY C 4 18.14 -101.19 -73.91
CA GLY C 4 17.08 -100.46 -74.58
C GLY C 4 16.46 -101.22 -75.74
N ILE C 5 15.40 -100.65 -76.32
CA ILE C 5 14.71 -101.25 -77.45
C ILE C 5 14.47 -100.20 -78.51
N GLY C 6 14.27 -100.65 -79.74
CA GLY C 6 14.00 -99.73 -80.82
C GLY C 6 12.64 -99.05 -80.67
N LYS C 7 12.54 -97.85 -81.25
CA LYS C 7 11.32 -97.07 -81.15
C LYS C 7 11.14 -96.26 -82.42
N SER C 8 9.89 -96.16 -82.88
CA SER C 8 9.58 -95.43 -84.10
C SER C 8 8.80 -94.17 -83.76
N PRO C 9 9.35 -92.97 -84.01
CA PRO C 9 8.56 -91.74 -83.79
C PRO C 9 7.31 -91.71 -84.64
N THR C 10 6.26 -91.09 -84.10
CA THR C 10 4.97 -91.01 -84.78
C THR C 10 4.60 -89.60 -85.19
N GLY C 11 5.55 -88.67 -85.20
CA GLY C 11 5.24 -87.29 -85.52
C GLY C 11 4.71 -86.50 -84.33
N ILE C 12 3.83 -87.11 -83.54
CA ILE C 12 3.28 -86.44 -82.36
C ILE C 12 4.39 -86.26 -81.33
N GLN C 13 4.85 -85.02 -81.16
CA GLN C 13 5.98 -84.77 -80.27
C GLN C 13 5.65 -85.15 -78.82
N GLY C 14 4.46 -84.77 -78.35
CA GLY C 14 4.10 -85.07 -76.98
C GLY C 14 4.04 -86.56 -76.72
N PHE C 15 3.37 -87.30 -77.59
CA PHE C 15 3.28 -88.75 -77.43
C PHE C 15 4.66 -89.39 -77.54
N ASP C 16 5.48 -88.92 -78.47
CA ASP C 16 6.82 -89.49 -78.62
C ASP C 16 7.65 -89.30 -77.36
N GLU C 17 7.63 -88.09 -76.79
CA GLU C 17 8.43 -87.85 -75.59
C GLU C 17 7.83 -88.53 -74.38
N LEU C 18 6.51 -88.76 -74.39
CA LEU C 18 5.88 -89.54 -73.33
C LEU C 18 6.34 -90.99 -73.38
N THR C 19 6.42 -91.57 -74.57
CA THR C 19 6.85 -92.94 -74.76
C THR C 19 8.36 -93.11 -74.76
N LEU C 20 9.11 -92.01 -74.75
CA LEU C 20 10.57 -92.06 -74.73
C LEU C 20 11.12 -92.55 -76.06
N GLY C 21 10.54 -92.07 -77.16
CA GLY C 21 11.00 -92.42 -78.48
C GLY C 21 9.88 -92.74 -79.45
N GLY C 22 8.79 -93.31 -78.96
CA GLY C 22 7.64 -93.64 -79.77
C GLY C 22 7.26 -95.09 -79.59
N LEU C 23 6.43 -95.58 -80.52
CA LEU C 23 6.00 -96.97 -80.48
C LEU C 23 7.17 -97.91 -80.76
N PRO C 24 7.11 -99.13 -80.24
CA PRO C 24 8.19 -100.09 -80.50
C PRO C 24 8.29 -100.41 -81.98
N THR C 25 9.52 -100.63 -82.44
CA THR C 25 9.78 -100.93 -83.84
C THR C 25 9.79 -102.44 -84.05
N GLY C 26 9.01 -102.91 -85.02
CA GLY C 26 8.91 -104.32 -85.32
C GLY C 26 7.93 -105.09 -84.46
N ARG C 27 7.12 -104.41 -83.67
CA ARG C 27 6.14 -105.04 -82.78
C ARG C 27 4.77 -104.43 -83.03
N PRO C 28 3.71 -105.20 -82.77
CA PRO C 28 2.36 -104.67 -82.95
C PRO C 28 1.92 -103.81 -81.78
N SER C 29 1.15 -102.77 -82.10
CA SER C 29 0.61 -101.85 -81.12
C SER C 29 -0.90 -101.81 -81.22
N LEU C 30 -1.57 -101.77 -80.08
CA LEU C 30 -3.02 -101.78 -80.01
C LEU C 30 -3.52 -100.39 -79.58
N VAL C 31 -4.49 -99.87 -80.31
CA VAL C 31 -5.12 -98.58 -80.00
C VAL C 31 -6.59 -98.87 -79.71
N CYS C 32 -6.96 -98.80 -78.44
CA CYS C 32 -8.32 -99.08 -78.00
C CYS C 32 -9.07 -97.79 -77.71
N GLY C 33 -10.40 -97.87 -77.82
CA GLY C 33 -11.26 -96.73 -77.58
C GLY C 33 -12.59 -96.83 -78.30
N SER C 34 -13.63 -96.25 -77.71
CA SER C 34 -14.96 -96.29 -78.31
C SER C 34 -14.99 -95.50 -79.61
N ALA C 35 -16.13 -95.50 -80.29
CA ALA C 35 -16.26 -94.76 -81.54
C ALA C 35 -16.05 -93.27 -81.31
N GLY C 36 -15.31 -92.64 -82.21
CA GLY C 36 -15.07 -91.21 -82.15
C GLY C 36 -13.89 -90.78 -81.30
N CYS C 37 -13.15 -91.72 -80.71
CA CYS C 37 -12.00 -91.36 -79.89
C CYS C 37 -10.82 -90.87 -80.73
N GLY C 38 -10.62 -91.42 -81.93
CA GLY C 38 -9.58 -90.95 -82.81
C GLY C 38 -8.52 -91.99 -83.16
N LYS C 39 -8.89 -93.27 -83.10
CA LYS C 39 -7.95 -94.34 -83.43
C LYS C 39 -7.55 -94.29 -84.91
N THR C 40 -8.53 -94.09 -85.79
CA THR C 40 -8.23 -94.03 -87.22
C THR C 40 -7.30 -92.87 -87.54
N LEU C 41 -7.57 -91.70 -86.95
CA LEU C 41 -6.67 -90.57 -87.16
C LEU C 41 -5.30 -90.83 -86.57
N PHE C 42 -5.25 -91.48 -85.40
CA PHE C 42 -3.96 -91.82 -84.81
C PHE C 42 -3.13 -92.64 -85.79
N ALA C 43 -3.72 -93.69 -86.34
CA ALA C 43 -3.00 -94.52 -87.32
C ALA C 43 -2.63 -93.71 -88.55
N SER C 44 -3.53 -92.84 -89.01
CA SER C 44 -3.26 -92.08 -90.23
C SER C 44 -2.07 -91.16 -90.06
N THR C 45 -2.03 -90.39 -88.96
CA THR C 45 -0.87 -89.53 -88.73
C THR C 45 0.37 -90.37 -88.49
N PHE C 46 0.24 -91.52 -87.81
CA PHE C 46 1.37 -92.43 -87.70
C PHE C 46 2.01 -92.67 -89.06
N LEU C 47 1.22 -93.16 -90.01
CA LEU C 47 1.75 -93.47 -91.33
C LEU C 47 2.27 -92.23 -92.04
N ILE C 48 1.51 -91.12 -91.97
CA ILE C 48 1.87 -89.92 -92.72
C ILE C 48 3.19 -89.35 -92.22
N ASN C 49 3.32 -89.22 -90.89
CA ASN C 49 4.54 -88.70 -90.31
C ASN C 49 5.71 -89.63 -90.57
N GLY C 50 5.49 -90.95 -90.47
CA GLY C 50 6.56 -91.88 -90.78
C GLY C 50 7.06 -91.71 -92.20
N VAL C 51 6.16 -91.55 -93.15
CA VAL C 51 6.58 -91.38 -94.54
C VAL C 51 7.23 -90.03 -94.79
N ARG C 52 6.69 -88.95 -94.20
CA ARG C 52 7.11 -87.60 -94.55
C ARG C 52 8.22 -87.04 -93.66
N ASP C 53 8.62 -87.74 -92.61
CA ASP C 53 9.63 -87.19 -91.71
C ASP C 53 10.77 -88.18 -91.48
N HIS C 54 10.48 -89.48 -91.55
CA HIS C 54 11.47 -90.51 -91.28
C HIS C 54 11.68 -91.44 -92.48
N GLY C 55 11.08 -91.14 -93.63
CA GLY C 55 11.32 -91.89 -94.85
C GLY C 55 11.00 -93.36 -94.75
N GLU C 56 9.82 -93.69 -94.22
CA GLU C 56 9.38 -95.08 -94.10
C GLU C 56 8.06 -95.25 -94.82
N PRO C 57 8.00 -96.09 -95.85
CA PRO C 57 6.73 -96.31 -96.56
C PRO C 57 5.69 -96.97 -95.68
N GLY C 58 4.43 -96.70 -96.00
CA GLY C 58 3.33 -97.14 -95.18
C GLY C 58 2.28 -97.88 -96.00
N VAL C 59 1.56 -98.76 -95.29
CA VAL C 59 0.45 -99.52 -95.85
C VAL C 59 -0.71 -99.42 -94.88
N PHE C 60 -1.90 -99.15 -95.41
CA PHE C 60 -3.12 -98.99 -94.62
C PHE C 60 -4.14 -100.03 -95.08
N VAL C 61 -4.30 -101.09 -94.31
CA VAL C 61 -5.24 -102.16 -94.62
C VAL C 61 -6.52 -101.89 -93.82
N THR C 62 -7.58 -101.50 -94.52
CA THR C 62 -8.86 -101.18 -93.92
C THR C 62 -9.87 -102.27 -94.23
N PHE C 63 -10.59 -102.73 -93.20
CA PHE C 63 -11.58 -103.78 -93.38
C PHE C 63 -13.00 -103.25 -93.45
N GLU C 64 -13.25 -102.02 -93.03
CA GLU C 64 -14.58 -101.42 -93.09
C GLU C 64 -14.65 -100.21 -93.99
N GLU C 65 -13.78 -99.22 -93.77
CA GLU C 65 -13.85 -97.96 -94.51
C GLU C 65 -13.21 -98.10 -95.89
N ARG C 66 -13.81 -97.44 -96.87
CA ARG C 66 -13.28 -97.45 -98.21
C ARG C 66 -12.13 -96.45 -98.35
N PRO C 67 -11.29 -96.59 -99.38
CA PRO C 67 -10.19 -95.65 -99.56
C PRO C 67 -10.64 -94.21 -99.68
N GLU C 68 -11.80 -93.96 -100.32
CA GLU C 68 -12.31 -92.59 -100.39
C GLU C 68 -12.54 -92.02 -98.99
N ASP C 69 -13.19 -92.79 -98.12
CA ASP C 69 -13.40 -92.34 -96.75
C ASP C 69 -12.08 -92.15 -96.03
N ILE C 70 -11.14 -93.08 -96.21
CA ILE C 70 -9.87 -92.99 -95.52
C ILE C 70 -9.13 -91.72 -95.90
N VAL C 71 -9.11 -91.38 -97.19
CA VAL C 71 -8.44 -90.16 -97.64
C VAL C 71 -9.19 -88.92 -97.18
N ASN C 72 -10.53 -88.93 -97.28
CA ASN C 72 -11.30 -87.73 -96.93
C ASN C 72 -11.19 -87.42 -95.44
N ASN C 73 -11.07 -88.46 -94.60
CA ASN C 73 -10.98 -88.23 -93.16
C ASN C 73 -9.82 -87.31 -92.81
N VAL C 74 -8.65 -87.55 -93.42
CA VAL C 74 -7.47 -86.74 -93.13
C VAL C 74 -7.28 -85.61 -94.12
N ALA C 75 -8.09 -85.52 -95.17
CA ALA C 75 -7.97 -84.41 -96.10
C ALA C 75 -8.04 -83.06 -95.39
N SER C 76 -8.87 -82.96 -94.35
CA SER C 76 -9.05 -81.68 -93.68
C SER C 76 -7.85 -81.33 -92.79
N LEU C 77 -7.14 -82.33 -92.27
CA LEU C 77 -6.05 -82.09 -91.34
C LEU C 77 -4.83 -81.49 -92.04
N GLY C 78 -4.85 -81.43 -93.37
CA GLY C 78 -3.78 -80.87 -94.15
C GLY C 78 -2.91 -81.87 -94.87
N PHE C 79 -2.99 -83.14 -94.50
CA PHE C 79 -2.29 -84.17 -95.25
C PHE C 79 -2.93 -84.33 -96.62
N GLU C 80 -2.16 -84.92 -97.54
CA GLU C 80 -2.65 -85.20 -98.89
C GLU C 80 -2.40 -86.68 -99.16
N LEU C 81 -3.33 -87.51 -98.70
CA LEU C 81 -3.24 -88.94 -99.00
C LEU C 81 -3.34 -89.21 -100.49
N ASP C 82 -4.10 -88.38 -101.22
CA ASP C 82 -4.15 -88.52 -102.67
C ASP C 82 -2.76 -88.38 -103.27
N LYS C 83 -1.99 -87.38 -102.82
CA LYS C 83 -0.64 -87.19 -103.34
C LYS C 83 0.30 -88.28 -102.85
N LEU C 84 0.17 -88.68 -101.58
CA LEU C 84 1.08 -89.71 -101.06
C LEU C 84 0.83 -91.08 -101.69
N ILE C 85 -0.37 -91.33 -102.19
CA ILE C 85 -0.64 -92.56 -102.96
C ILE C 85 -0.27 -92.37 -104.42
N GLU C 86 -0.68 -91.23 -105.00
CA GLU C 86 -0.24 -90.79 -106.30
C GLU C 86 1.28 -90.85 -106.47
N GLU C 87 2.03 -90.84 -105.38
CA GLU C 87 3.47 -91.08 -105.41
C GLU C 87 3.86 -92.44 -104.87
N GLU C 88 2.91 -93.24 -104.42
CA GLU C 88 3.13 -94.48 -103.65
C GLU C 88 4.24 -94.25 -102.62
N LYS C 89 3.85 -93.55 -101.57
CA LYS C 89 4.51 -93.62 -100.27
C LYS C 89 3.63 -94.27 -99.21
N ILE C 90 2.31 -94.26 -99.42
CA ILE C 90 1.36 -95.02 -98.61
C ILE C 90 0.41 -95.75 -99.55
N ALA C 91 0.26 -97.05 -99.33
CA ALA C 91 -0.57 -97.92 -100.16
C ALA C 91 -1.78 -98.37 -99.36
N ILE C 92 -2.98 -98.16 -99.91
CA ILE C 92 -4.23 -98.43 -99.22
C ILE C 92 -4.84 -99.70 -99.79
N GLU C 93 -5.19 -100.63 -98.90
CA GLU C 93 -5.81 -101.90 -99.27
C GLU C 93 -7.15 -102.01 -98.56
N HIS C 94 -8.23 -101.93 -99.33
CA HIS C 94 -9.59 -102.06 -98.81
C HIS C 94 -9.97 -103.54 -98.93
N ILE C 95 -9.80 -104.27 -97.83
CA ILE C 95 -10.02 -105.73 -97.84
C ILE C 95 -11.42 -105.95 -97.27
N ALA C 96 -12.40 -105.99 -98.17
CA ALA C 96 -13.80 -106.14 -97.81
C ALA C 96 -14.31 -107.51 -98.22
N VAL C 97 -15.09 -108.13 -97.34
CA VAL C 97 -15.67 -109.45 -97.58
C VAL C 97 -17.18 -109.35 -97.40
N ASP C 98 -17.93 -109.86 -98.38
CA ASP C 98 -19.38 -109.84 -98.31
C ASP C 98 -19.88 -111.26 -98.05
N PRO C 99 -20.54 -111.51 -96.92
CA PRO C 99 -21.00 -112.88 -96.62
C PRO C 99 -22.19 -113.32 -97.44
N SER C 100 -22.84 -112.41 -98.17
CA SER C 100 -24.04 -112.77 -98.91
C SER C 100 -23.74 -113.86 -99.94
N GLU C 101 -22.70 -113.66 -100.76
CA GLU C 101 -22.30 -114.62 -101.77
C GLU C 101 -21.23 -115.58 -101.28
N VAL C 102 -21.18 -115.86 -99.99
CA VAL C 102 -20.18 -116.75 -99.41
C VAL C 102 -20.88 -117.94 -98.77
N ALA C 103 -20.53 -119.14 -99.20
CA ALA C 103 -20.95 -120.38 -98.58
C ALA C 103 -19.71 -121.20 -98.24
N GLU C 104 -19.63 -121.63 -96.99
CA GLU C 104 -18.41 -122.23 -96.44
C GLU C 104 -18.56 -123.75 -96.42
N ILE C 105 -17.73 -124.44 -97.19
CA ILE C 105 -17.63 -125.89 -97.17
C ILE C 105 -16.16 -126.26 -96.98
N GLY C 106 -15.87 -127.02 -95.93
CA GLY C 106 -14.49 -127.37 -95.63
C GLY C 106 -13.78 -126.29 -94.84
N ASP C 107 -12.45 -126.38 -94.85
CA ASP C 107 -11.59 -125.46 -94.12
C ASP C 107 -10.94 -124.49 -95.09
N TYR C 108 -10.86 -123.22 -94.68
CA TYR C 108 -10.31 -122.15 -95.49
C TYR C 108 -9.25 -121.40 -94.70
N ASP C 109 -8.27 -120.85 -95.41
CA ASP C 109 -7.23 -120.02 -94.83
C ASP C 109 -7.27 -118.64 -95.48
N LEU C 110 -7.07 -117.60 -94.67
CA LEU C 110 -7.08 -116.24 -95.18
C LEU C 110 -5.75 -115.98 -95.91
N GLU C 111 -5.55 -116.76 -96.96
CA GLU C 111 -4.35 -116.69 -97.79
C GLU C 111 -4.34 -115.47 -98.71
N GLY C 112 -5.51 -115.07 -99.21
CA GLY C 112 -5.57 -113.87 -100.05
C GLY C 112 -5.20 -112.62 -99.28
N LEU C 113 -5.60 -112.55 -98.01
CA LEU C 113 -5.17 -111.45 -97.16
C LEU C 113 -3.65 -111.31 -97.17
N PHE C 114 -2.95 -112.40 -96.88
CA PHE C 114 -1.49 -112.36 -96.87
C PHE C 114 -0.92 -112.01 -98.24
N LEU C 115 -1.46 -112.60 -99.30
CA LEU C 115 -0.92 -112.35 -100.63
C LEU C 115 -1.07 -110.86 -101.02
N ARG C 116 -2.26 -110.30 -100.81
CA ARG C 116 -2.49 -108.90 -101.15
C ARG C 116 -1.64 -107.98 -100.29
N LEU C 117 -1.55 -108.26 -98.99
CA LEU C 117 -0.76 -107.42 -98.11
C LEU C 117 0.72 -107.47 -98.48
N GLU C 118 1.23 -108.65 -98.81
CA GLU C 118 2.61 -108.77 -99.28
C GLU C 118 2.82 -108.02 -100.59
N LEU C 119 1.86 -108.12 -101.51
CA LEU C 119 1.99 -107.40 -102.77
C LEU C 119 2.08 -105.90 -102.53
N ALA C 120 1.22 -105.37 -101.67
CA ALA C 120 1.27 -103.95 -101.35
C ALA C 120 2.59 -103.58 -100.69
N ILE C 121 3.08 -104.42 -99.77
CA ILE C 121 4.32 -104.10 -99.06
C ILE C 121 5.48 -104.04 -100.04
N ASP C 122 5.56 -105.02 -100.94
CA ASP C 122 6.65 -105.01 -101.92
C ASP C 122 6.49 -103.88 -102.93
N THR C 123 5.26 -103.51 -103.27
CA THR C 123 5.05 -102.41 -104.19
C THR C 123 5.52 -101.09 -103.60
N VAL C 124 5.24 -100.85 -102.33
CA VAL C 124 5.52 -99.55 -101.71
C VAL C 124 6.81 -99.55 -100.92
N GLY C 125 7.51 -100.68 -100.80
CA GLY C 125 8.68 -100.75 -99.95
C GLY C 125 8.33 -100.40 -98.52
N ALA C 126 7.14 -100.82 -98.09
CA ALA C 126 6.58 -100.35 -96.84
C ALA C 126 7.36 -100.88 -95.64
N LYS C 127 7.42 -100.05 -94.59
CA LYS C 127 7.93 -100.47 -93.29
C LYS C 127 6.91 -100.30 -92.18
N ARG C 128 5.86 -99.51 -92.39
CA ARG C 128 4.82 -99.32 -91.40
C ARG C 128 3.50 -99.82 -91.96
N VAL C 129 2.69 -100.43 -91.09
CA VAL C 129 1.43 -101.03 -91.47
C VAL C 129 0.38 -100.65 -90.43
N VAL C 130 -0.83 -100.37 -90.90
CA VAL C 130 -1.97 -100.06 -90.06
C VAL C 130 -3.10 -101.02 -90.40
N LEU C 131 -3.71 -101.61 -89.39
CA LEU C 131 -4.82 -102.54 -89.56
C LEU C 131 -6.06 -101.92 -88.92
N ASP C 132 -7.02 -101.50 -89.75
CA ASP C 132 -8.19 -100.76 -89.29
C ASP C 132 -9.43 -101.64 -89.37
N THR C 133 -10.18 -101.70 -88.27
CA THR C 133 -11.46 -102.41 -88.18
C THR C 133 -11.31 -103.89 -88.52
N ILE C 134 -10.55 -104.60 -87.67
CA ILE C 134 -10.30 -106.02 -87.86
C ILE C 134 -11.46 -106.82 -87.27
N GLU C 135 -12.44 -106.14 -86.67
CA GLU C 135 -13.61 -106.83 -86.14
C GLU C 135 -14.57 -107.26 -87.25
N SER C 136 -14.60 -106.51 -88.35
CA SER C 136 -15.42 -106.92 -89.50
C SER C 136 -14.94 -108.25 -90.07
N LEU C 137 -13.63 -108.52 -89.98
CA LEU C 137 -13.12 -109.81 -90.44
C LEU C 137 -13.75 -110.95 -89.66
N PHE C 138 -13.85 -110.82 -88.33
CA PHE C 138 -14.55 -111.81 -87.53
C PHE C 138 -16.05 -111.85 -87.85
N SER C 139 -16.67 -110.68 -87.99
CA SER C 139 -18.11 -110.63 -88.25
C SER C 139 -18.48 -111.29 -89.57
N ALA C 140 -17.60 -111.26 -90.56
CA ALA C 140 -17.93 -111.79 -91.87
C ALA C 140 -17.97 -113.32 -91.86
N PHE C 141 -16.84 -113.95 -91.55
CA PHE C 141 -16.75 -115.40 -91.57
C PHE C 141 -17.42 -115.99 -90.33
N SER C 142 -17.86 -117.25 -90.46
CA SER C 142 -18.60 -117.93 -89.41
C SER C 142 -17.70 -118.68 -88.44
N ASN C 143 -16.70 -119.38 -88.95
CA ASN C 143 -15.84 -120.19 -88.09
C ASN C 143 -14.92 -119.29 -87.28
N PRO C 144 -15.02 -119.27 -85.94
CA PRO C 144 -14.18 -118.36 -85.15
C PRO C 144 -12.74 -118.83 -85.00
N ALA C 145 -12.56 -120.15 -84.86
CA ALA C 145 -11.23 -120.70 -84.65
C ALA C 145 -10.32 -120.44 -85.83
N ILE C 146 -10.85 -120.58 -87.05
CA ILE C 146 -10.06 -120.35 -88.25
C ILE C 146 -9.57 -118.90 -88.29
N LEU C 147 -10.47 -117.95 -88.00
CA LEU C 147 -10.08 -116.54 -88.00
C LEU C 147 -9.04 -116.26 -86.92
N ARG C 148 -9.24 -116.83 -85.73
CA ARG C 148 -8.29 -116.67 -84.65
C ARG C 148 -6.90 -117.13 -85.08
N ALA C 149 -6.81 -118.36 -85.59
CA ALA C 149 -5.53 -118.89 -86.04
C ALA C 149 -4.95 -118.03 -87.16
N GLU C 150 -5.80 -117.60 -88.10
CA GLU C 150 -5.29 -116.87 -89.25
C GLU C 150 -4.67 -115.54 -88.85
N ILE C 151 -5.31 -114.79 -87.95
CA ILE C 151 -4.68 -113.51 -87.63
C ILE C 151 -3.57 -113.68 -86.59
N ARG C 152 -3.57 -114.75 -85.79
CA ARG C 152 -2.38 -115.02 -85.00
C ARG C 152 -1.19 -115.27 -85.92
N ARG C 153 -1.40 -116.04 -86.99
CA ARG C 153 -0.39 -116.20 -88.02
C ARG C 153 -0.05 -114.87 -88.69
N LEU C 154 -1.05 -114.02 -88.90
CA LEU C 154 -0.79 -112.72 -89.51
C LEU C 154 0.11 -111.84 -88.64
N PHE C 155 -0.17 -111.76 -87.35
CA PHE C 155 0.67 -110.99 -86.44
C PHE C 155 2.07 -111.59 -86.35
N ASP C 156 2.15 -112.92 -86.27
CA ASP C 156 3.45 -113.58 -86.27
C ASP C 156 4.23 -113.27 -87.53
N TRP C 157 3.53 -113.25 -88.68
CA TRP C 157 4.16 -112.98 -89.97
C TRP C 157 4.63 -111.52 -90.08
N LEU C 158 3.82 -110.60 -89.56
CA LEU C 158 4.24 -109.20 -89.55
C LEU C 158 5.49 -109.01 -88.69
N LYS C 159 5.49 -109.58 -87.49
CA LYS C 159 6.71 -109.56 -86.68
C LYS C 159 7.86 -110.25 -87.40
N GLU C 160 7.55 -111.33 -88.11
CA GLU C 160 8.56 -112.19 -88.73
C GLU C 160 9.30 -111.48 -89.85
N ARG C 161 8.60 -110.70 -90.65
CA ARG C 161 9.31 -109.88 -91.62
C ARG C 161 9.66 -108.49 -91.09
N GLY C 162 9.26 -108.16 -89.86
CA GLY C 162 9.77 -106.97 -89.21
C GLY C 162 9.19 -105.65 -89.68
N LEU C 163 7.87 -105.53 -89.73
CA LEU C 163 7.20 -104.27 -89.98
C LEU C 163 6.62 -103.71 -88.70
N THR C 164 6.51 -102.38 -88.63
CA THR C 164 5.93 -101.71 -87.47
C THR C 164 4.43 -101.56 -87.70
N THR C 165 3.63 -102.27 -86.91
CA THR C 165 2.20 -102.37 -87.16
C THR C 165 1.40 -101.76 -86.03
N VAL C 166 0.35 -101.04 -86.39
CA VAL C 166 -0.58 -100.44 -85.44
C VAL C 166 -1.98 -100.95 -85.75
N ILE C 167 -2.66 -101.48 -84.72
CA ILE C 167 -3.96 -102.13 -84.88
C ILE C 167 -5.02 -101.28 -84.19
N THR C 168 -6.12 -101.03 -84.87
CA THR C 168 -7.25 -100.29 -84.32
C THR C 168 -8.32 -101.27 -83.85
N ALA C 169 -8.69 -101.16 -82.58
CA ALA C 169 -9.68 -102.05 -81.97
C ALA C 169 -10.68 -101.25 -81.15
N GLU C 170 -11.92 -101.70 -81.16
CA GLU C 170 -12.96 -101.10 -80.34
C GLU C 170 -12.83 -101.54 -78.89
N ARG C 171 -13.42 -100.76 -77.98
CA ARG C 171 -13.27 -101.02 -76.56
C ARG C 171 -14.19 -102.15 -76.09
N GLY C 172 -15.51 -101.95 -76.22
CA GLY C 172 -16.46 -102.94 -75.76
C GLY C 172 -17.12 -102.56 -74.45
N ASP C 173 -17.33 -103.55 -73.58
CA ASP C 173 -18.01 -103.30 -72.31
C ASP C 173 -17.23 -103.79 -71.10
N GLY C 174 -16.55 -104.93 -71.21
CA GLY C 174 -15.88 -105.51 -70.06
C GLY C 174 -14.40 -105.16 -69.95
N ALA C 175 -13.68 -105.30 -71.06
CA ALA C 175 -12.25 -105.00 -71.06
C ALA C 175 -11.95 -103.90 -72.07
N LEU C 176 -10.66 -103.63 -72.30
CA LEU C 176 -10.25 -102.61 -73.25
C LEU C 176 -10.48 -103.03 -74.70
N THR C 177 -10.94 -104.26 -74.93
CA THR C 177 -11.24 -104.73 -76.27
C THR C 177 -12.40 -105.71 -76.19
N ARG C 178 -13.23 -105.69 -77.24
CA ARG C 178 -14.40 -106.55 -77.30
C ARG C 178 -14.16 -107.87 -78.02
N GLN C 179 -13.08 -107.98 -78.78
CA GLN C 179 -12.76 -109.20 -79.51
C GLN C 179 -11.52 -109.90 -78.96
N GLY C 180 -11.02 -109.48 -77.80
CA GLY C 180 -9.88 -110.15 -77.19
C GLY C 180 -8.58 -110.02 -77.97
N LEU C 181 -8.33 -108.85 -78.55
CA LEU C 181 -7.05 -108.62 -79.21
C LEU C 181 -5.96 -108.25 -78.21
N GLU C 182 -6.33 -107.94 -76.96
CA GLU C 182 -5.33 -107.80 -75.91
C GLU C 182 -4.60 -109.12 -75.66
N GLU C 183 -5.32 -110.23 -75.73
CA GLU C 183 -4.69 -111.54 -75.61
C GLU C 183 -3.50 -111.64 -76.54
N TYR C 184 -3.55 -110.91 -77.66
CA TYR C 184 -2.61 -111.12 -78.75
C TYR C 184 -1.52 -110.06 -78.74
N VAL C 185 -1.91 -108.79 -78.65
CA VAL C 185 -0.99 -107.66 -78.71
C VAL C 185 -0.77 -107.14 -77.30
N SER C 186 0.45 -107.30 -76.80
CA SER C 186 0.82 -106.79 -75.49
C SER C 186 2.08 -105.92 -75.52
N ASP C 187 2.67 -105.71 -76.69
CA ASP C 187 3.86 -104.88 -76.77
C ASP C 187 3.57 -103.43 -76.40
N CYS C 188 2.39 -102.92 -76.78
CA CYS C 188 2.01 -101.54 -76.46
C CYS C 188 0.51 -101.42 -76.59
N VAL C 189 -0.14 -100.87 -75.57
CA VAL C 189 -1.58 -100.67 -75.53
C VAL C 189 -1.85 -99.22 -75.19
N ILE C 190 -2.58 -98.52 -76.06
CA ILE C 190 -2.89 -97.10 -75.88
C ILE C 190 -4.41 -96.95 -75.89
N LEU C 191 -4.95 -96.44 -74.80
CA LEU C 191 -6.40 -96.27 -74.65
C LEU C 191 -6.74 -94.79 -74.82
N LEU C 192 -7.67 -94.51 -75.73
CA LEU C 192 -8.17 -93.17 -75.97
C LEU C 192 -9.58 -93.07 -75.42
N ASP C 193 -9.84 -91.99 -74.67
CA ASP C 193 -11.13 -91.82 -74.01
C ASP C 193 -11.66 -90.43 -74.32
N HIS C 194 -13.00 -90.33 -74.33
CA HIS C 194 -13.67 -89.06 -74.61
C HIS C 194 -14.79 -88.92 -73.58
N ARG C 195 -14.52 -88.18 -72.51
CA ARG C 195 -15.42 -88.14 -71.37
C ARG C 195 -16.01 -86.75 -71.18
N VAL C 196 -17.28 -86.69 -70.81
CA VAL C 196 -18.01 -85.45 -70.61
C VAL C 196 -18.24 -85.27 -69.11
N GLU C 197 -17.85 -84.11 -68.59
CA GLU C 197 -18.09 -83.75 -67.21
C GLU C 197 -18.63 -82.32 -67.15
N ASN C 198 -19.77 -82.15 -66.48
CA ASN C 198 -20.41 -80.84 -66.37
C ASN C 198 -20.67 -80.25 -67.76
N GLN C 199 -21.08 -81.11 -68.69
CA GLN C 199 -21.42 -80.77 -70.08
C GLN C 199 -20.18 -80.48 -70.92
N ILE C 200 -18.98 -80.51 -70.35
CA ILE C 200 -17.75 -80.25 -71.08
C ILE C 200 -17.08 -81.59 -71.39
N SER C 201 -16.80 -81.83 -72.66
CA SER C 201 -16.20 -83.07 -73.11
C SER C 201 -14.70 -82.87 -73.39
N THR C 202 -13.89 -83.80 -72.90
CA THR C 202 -12.45 -83.74 -73.08
C THR C 202 -11.94 -85.09 -73.54
N ARG C 203 -10.83 -85.04 -74.29
CA ARG C 203 -10.21 -86.22 -74.86
C ARG C 203 -8.90 -86.52 -74.13
N ARG C 204 -8.76 -87.77 -73.68
CA ARG C 204 -7.61 -88.18 -72.89
C ARG C 204 -6.94 -89.39 -73.53
N LEU C 205 -5.64 -89.50 -73.32
CA LEU C 205 -4.84 -90.62 -73.81
C LEU C 205 -4.11 -91.26 -72.64
N ARG C 206 -4.02 -92.59 -72.65
CA ARG C 206 -3.33 -93.29 -71.58
C ARG C 206 -2.56 -94.47 -72.18
N ILE C 207 -1.33 -94.68 -71.72
CA ILE C 207 -0.52 -95.82 -72.13
C ILE C 207 -0.75 -96.91 -71.09
N VAL C 208 -1.66 -97.83 -71.38
CA VAL C 208 -2.05 -98.83 -70.38
C VAL C 208 -0.89 -99.76 -70.08
N LYS C 209 -0.22 -100.26 -71.13
CA LYS C 209 0.87 -101.21 -70.96
C LYS C 209 1.84 -101.05 -72.12
N TYR C 210 3.08 -100.65 -71.82
CA TYR C 210 4.13 -100.54 -72.81
C TYR C 210 5.30 -101.38 -72.34
N ARG C 211 5.50 -102.53 -72.98
CA ARG C 211 6.47 -103.51 -72.52
C ARG C 211 7.85 -103.18 -73.06
N GLY C 212 8.84 -103.12 -72.17
CA GLY C 212 10.24 -103.00 -72.56
C GLY C 212 10.96 -101.78 -72.04
N THR C 213 10.27 -100.81 -71.45
CA THR C 213 10.95 -99.62 -70.96
C THR C 213 9.95 -98.72 -70.24
N ALA C 214 10.48 -97.69 -69.59
CA ALA C 214 9.65 -96.76 -68.84
C ALA C 214 8.86 -95.87 -69.79
N HIS C 215 7.85 -95.20 -69.24
CA HIS C 215 6.96 -94.34 -70.00
C HIS C 215 6.04 -93.61 -69.02
N GLY C 216 5.26 -92.68 -69.57
CA GLY C 216 4.27 -91.99 -68.76
C GLY C 216 3.08 -92.88 -68.46
N THR C 217 2.56 -92.75 -67.24
CA THR C 217 1.45 -93.58 -66.78
C THR C 217 0.18 -92.81 -66.46
N ASN C 218 0.23 -91.48 -66.45
CA ASN C 218 -0.96 -90.69 -66.14
C ASN C 218 -1.84 -90.55 -67.37
N GLU C 219 -3.03 -89.98 -67.17
CA GLU C 219 -3.94 -89.69 -68.28
C GLU C 219 -3.65 -88.29 -68.80
N TYR C 220 -3.27 -88.19 -70.07
CA TYR C 220 -2.84 -86.94 -70.66
C TYR C 220 -3.93 -86.40 -71.57
N PRO C 221 -4.50 -85.23 -71.26
CA PRO C 221 -5.49 -84.65 -72.18
C PRO C 221 -4.83 -84.18 -73.46
N PHE C 222 -5.40 -84.61 -74.59
CA PHE C 222 -4.87 -84.28 -75.91
C PHE C 222 -5.93 -83.54 -76.71
N LEU C 223 -5.51 -82.98 -77.84
CA LEU C 223 -6.38 -82.18 -78.69
C LEU C 223 -6.16 -82.54 -80.15
N ILE C 224 -7.23 -82.49 -80.92
CA ILE C 224 -7.18 -82.68 -82.37
C ILE C 224 -7.46 -81.32 -83.01
N ASP C 225 -6.49 -80.80 -83.75
CA ASP C 225 -6.57 -79.47 -84.32
C ASP C 225 -6.22 -79.55 -85.81
N THR C 226 -6.07 -78.39 -86.44
CA THR C 226 -5.72 -78.35 -87.85
C THR C 226 -4.42 -79.11 -88.12
N ASP C 227 -3.44 -78.99 -87.23
CA ASP C 227 -2.21 -79.76 -87.36
C ASP C 227 -2.49 -81.25 -87.22
N GLY C 228 -3.34 -81.62 -86.29
CA GLY C 228 -3.66 -83.01 -86.00
C GLY C 228 -3.57 -83.26 -84.51
N PHE C 229 -3.05 -84.44 -84.16
CA PHE C 229 -2.83 -84.74 -82.76
C PHE C 229 -1.81 -83.78 -82.17
N SER C 230 -2.13 -83.26 -80.99
CA SER C 230 -1.22 -82.42 -80.23
C SER C 230 -1.31 -82.81 -78.77
N VAL C 231 -0.15 -83.04 -78.15
CA VAL C 231 -0.10 -83.46 -76.76
C VAL C 231 0.96 -82.65 -76.02
N LEU C 232 0.52 -81.80 -75.10
CA LEU C 232 1.43 -81.01 -74.28
C LEU C 232 1.36 -81.49 -72.84
N PRO C 233 2.00 -82.62 -72.53
CA PRO C 233 1.90 -83.16 -71.16
C PRO C 233 2.45 -82.19 -70.14
N VAL C 234 1.80 -82.14 -68.97
CA VAL C 234 2.26 -81.30 -67.87
C VAL C 234 3.48 -81.87 -67.17
N SER C 235 3.87 -83.09 -67.49
CA SER C 235 5.03 -83.73 -66.88
C SER C 235 6.33 -83.42 -67.62
N ALA C 236 6.26 -82.75 -68.76
CA ALA C 236 7.45 -82.39 -69.52
C ALA C 236 8.07 -81.06 -69.08
N LEU C 237 7.37 -80.27 -68.27
CA LEU C 237 7.90 -79.00 -67.82
C LEU C 237 9.10 -79.22 -66.90
N GLY C 238 10.14 -78.41 -67.10
CA GLY C 238 11.33 -78.49 -66.29
C GLY C 238 11.75 -77.12 -65.80
N LEU C 239 12.47 -77.12 -64.67
CA LEU C 239 12.94 -75.89 -64.06
C LEU C 239 14.36 -75.58 -64.52
N LEU C 240 14.46 -75.27 -65.82
CA LEU C 240 15.71 -74.83 -66.44
C LEU C 240 15.41 -73.53 -67.20
N HIS C 241 15.47 -72.42 -66.48
CA HIS C 241 15.11 -71.11 -67.01
C HIS C 241 16.33 -70.20 -66.95
N GLN C 242 16.85 -69.81 -68.11
CA GLN C 242 17.95 -68.87 -68.15
C GLN C 242 17.50 -67.50 -67.67
N VAL C 243 18.21 -66.95 -66.70
CA VAL C 243 17.83 -65.66 -66.13
C VAL C 243 18.61 -64.54 -66.82
N HIS C 244 18.04 -63.34 -66.77
CA HIS C 244 18.65 -62.17 -67.37
C HIS C 244 18.82 -61.09 -66.31
N GLU C 245 19.88 -60.29 -66.47
CA GLU C 245 20.20 -59.22 -65.53
C GLU C 245 19.64 -57.87 -65.95
N GLU C 246 18.94 -57.80 -67.08
CA GLU C 246 18.34 -56.55 -67.51
C GLU C 246 17.04 -56.29 -66.74
N ARG C 247 16.56 -55.06 -66.85
CA ARG C 247 15.33 -54.63 -66.20
C ARG C 247 14.31 -54.17 -67.24
N ILE C 248 13.04 -54.30 -66.88
CA ILE C 248 11.94 -53.88 -67.74
C ILE C 248 11.26 -52.67 -67.12
N ALA C 249 10.71 -51.82 -67.98
CA ALA C 249 10.05 -50.60 -67.56
C ALA C 249 8.54 -50.81 -67.54
N SER C 250 7.92 -50.58 -66.39
CA SER C 250 6.48 -50.79 -66.26
C SER C 250 5.70 -49.71 -67.00
N GLY C 251 6.29 -48.54 -67.18
CA GLY C 251 5.61 -47.40 -67.74
C GLY C 251 5.13 -46.39 -66.72
N VAL C 252 5.14 -46.74 -65.43
CA VAL C 252 4.81 -45.82 -64.35
C VAL C 252 6.13 -45.40 -63.70
N PRO C 253 6.57 -44.15 -63.85
CA PRO C 253 7.87 -43.76 -63.28
C PRO C 253 7.96 -43.95 -61.78
N ASP C 254 6.88 -43.63 -61.05
CA ASP C 254 6.93 -43.76 -59.59
C ASP C 254 7.06 -45.21 -59.17
N LEU C 255 6.26 -46.10 -59.77
CA LEU C 255 6.36 -47.53 -59.47
C LEU C 255 7.73 -48.08 -59.86
N ASP C 256 8.27 -47.65 -61.00
CA ASP C 256 9.58 -48.10 -61.43
C ASP C 256 10.67 -47.66 -60.46
N ALA C 257 10.62 -46.42 -59.97
CA ALA C 257 11.62 -45.95 -59.03
C ALA C 257 11.46 -46.59 -57.66
N MET C 258 10.22 -46.98 -57.31
CA MET C 258 9.99 -47.57 -55.99
C MET C 258 10.86 -48.80 -55.77
N MET C 259 11.22 -49.50 -56.84
CA MET C 259 12.01 -50.71 -56.73
C MET C 259 13.42 -50.45 -57.23
N ALA C 260 14.42 -51.01 -56.54
CA ALA C 260 15.81 -50.85 -56.94
C ALA C 260 16.05 -51.45 -58.32
N GLY C 261 16.92 -50.81 -59.09
CA GLY C 261 17.27 -51.27 -60.41
C GLY C 261 16.44 -50.68 -61.54
N GLY C 262 15.36 -49.97 -61.23
CA GLY C 262 14.53 -49.38 -62.25
C GLY C 262 13.32 -50.18 -62.67
N GLY C 263 13.21 -51.44 -62.27
CA GLY C 263 12.05 -52.22 -62.63
C GLY C 263 12.28 -53.69 -62.37
N PHE C 264 11.22 -54.47 -62.58
CA PHE C 264 11.29 -55.91 -62.39
C PHE C 264 12.26 -56.53 -63.38
N PHE C 265 12.88 -57.64 -62.97
CA PHE C 265 13.81 -58.33 -63.86
C PHE C 265 13.09 -58.87 -65.09
N ARG C 266 13.77 -58.77 -66.24
CA ARG C 266 13.18 -59.16 -67.51
C ARG C 266 12.96 -60.67 -67.57
N GLY C 267 11.90 -61.06 -68.26
CA GLY C 267 11.56 -62.47 -68.39
C GLY C 267 10.92 -63.09 -67.16
N SER C 268 10.55 -62.30 -66.17
CA SER C 268 9.95 -62.79 -64.93
C SER C 268 8.43 -62.81 -65.04
N SER C 269 7.80 -63.52 -64.12
CA SER C 269 6.34 -63.61 -64.04
C SER C 269 5.85 -62.58 -63.04
N ILE C 270 4.99 -61.67 -63.49
CA ILE C 270 4.47 -60.59 -62.68
C ILE C 270 2.97 -60.76 -62.53
N LEU C 271 2.50 -60.79 -61.29
CA LEU C 271 1.09 -60.88 -60.98
C LEU C 271 0.57 -59.53 -60.49
N VAL C 272 -0.61 -59.15 -60.95
CA VAL C 272 -1.28 -57.92 -60.54
C VAL C 272 -2.62 -58.32 -59.95
N SER C 273 -2.74 -58.23 -58.63
CA SER C 273 -3.93 -58.67 -57.93
C SER C 273 -4.70 -57.45 -57.42
N GLY C 274 -6.01 -57.63 -57.25
CA GLY C 274 -6.85 -56.57 -56.74
C GLY C 274 -8.31 -56.87 -56.99
N VAL C 275 -9.16 -56.12 -56.28
CA VAL C 275 -10.60 -56.26 -56.41
C VAL C 275 -11.05 -55.60 -57.70
N ALA C 276 -12.30 -55.85 -58.10
CA ALA C 276 -12.82 -55.25 -59.32
C ALA C 276 -12.76 -53.74 -59.25
N GLY C 277 -12.29 -53.12 -60.34
CA GLY C 277 -12.13 -51.69 -60.39
C GLY C 277 -10.86 -51.16 -59.78
N ALA C 278 -9.94 -52.04 -59.38
CA ALA C 278 -8.69 -51.57 -58.77
C ALA C 278 -7.77 -50.92 -59.80
N GLY C 279 -7.70 -51.46 -61.01
CA GLY C 279 -6.83 -50.91 -62.04
C GLY C 279 -5.81 -51.89 -62.57
N LYS C 280 -6.10 -53.19 -62.41
CA LYS C 280 -5.21 -54.22 -62.93
C LYS C 280 -5.07 -54.12 -64.44
N SER C 281 -6.20 -53.96 -65.15
CA SER C 281 -6.14 -53.79 -66.59
C SER C 281 -5.40 -52.53 -66.98
N SER C 282 -5.58 -51.44 -66.21
CA SER C 282 -4.85 -50.21 -66.50
C SER C 282 -3.35 -50.42 -66.37
N LEU C 283 -2.92 -51.11 -65.32
CA LEU C 283 -1.49 -51.37 -65.15
C LEU C 283 -0.94 -52.26 -66.26
N ALA C 284 -1.71 -53.29 -66.64
CA ALA C 284 -1.28 -54.16 -67.73
C ALA C 284 -1.16 -53.39 -69.03
N ALA C 285 -2.13 -52.51 -69.30
CA ALA C 285 -2.07 -51.67 -70.49
C ALA C 285 -0.87 -50.74 -70.45
N HIS C 286 -0.56 -50.20 -69.27
CA HIS C 286 0.64 -49.38 -69.12
C HIS C 286 1.89 -50.17 -69.47
N PHE C 287 1.99 -51.40 -68.96
CA PHE C 287 3.12 -52.27 -69.29
C PHE C 287 3.23 -52.48 -70.79
N ALA C 288 2.11 -52.83 -71.43
CA ALA C 288 2.13 -53.13 -72.86
C ALA C 288 2.51 -51.90 -73.67
N ALA C 289 1.94 -50.73 -73.33
CA ALA C 289 2.25 -49.51 -74.07
C ALA C 289 3.70 -49.11 -73.87
N ALA C 290 4.24 -49.25 -72.65
CA ALA C 290 5.65 -48.95 -72.43
C ALA C 290 6.54 -49.88 -73.23
N ALA C 291 6.20 -51.16 -73.30
CA ALA C 291 6.98 -52.09 -74.11
C ALA C 291 6.93 -51.71 -75.58
N CYS C 292 5.74 -51.33 -76.07
CA CYS C 292 5.60 -50.96 -77.48
C CYS C 292 6.38 -49.70 -77.80
N ALA C 293 6.37 -48.72 -76.90
CA ALA C 293 7.00 -47.44 -77.18
C ALA C 293 8.50 -47.59 -77.42
N ARG C 294 9.10 -48.67 -76.91
CA ARG C 294 10.52 -48.93 -77.10
C ARG C 294 10.82 -49.70 -78.38
N GLY C 295 9.83 -49.89 -79.25
CA GLY C 295 10.03 -50.61 -80.49
C GLY C 295 9.90 -52.11 -80.38
N GLU C 296 9.47 -52.63 -79.24
CA GLU C 296 9.30 -54.06 -79.03
C GLU C 296 7.85 -54.48 -79.28
N ARG C 297 7.66 -55.77 -79.51
CA ARG C 297 6.35 -56.33 -79.76
C ARG C 297 5.66 -56.67 -78.45
N ALA C 298 4.33 -56.65 -78.46
CA ALA C 298 3.58 -56.96 -77.26
C ALA C 298 2.24 -57.58 -77.61
N MET C 299 1.79 -58.53 -76.79
CA MET C 299 0.48 -59.16 -76.94
C MET C 299 -0.33 -58.98 -75.67
N TYR C 300 -1.63 -58.71 -75.82
CA TYR C 300 -2.50 -58.48 -74.68
C TYR C 300 -3.69 -59.45 -74.84
N PHE C 301 -3.58 -60.63 -74.26
CA PHE C 301 -4.69 -61.57 -74.25
C PHE C 301 -5.74 -61.08 -73.26
N SER C 302 -6.95 -60.83 -73.76
CA SER C 302 -8.07 -60.35 -72.94
C SER C 302 -9.22 -61.35 -73.01
N PHE C 303 -9.65 -61.82 -71.84
CA PHE C 303 -10.78 -62.73 -71.72
C PHE C 303 -12.01 -62.04 -71.14
N GLU C 304 -12.03 -60.71 -71.17
CA GLU C 304 -13.08 -59.94 -70.52
C GLU C 304 -13.66 -58.84 -71.39
N GLU C 305 -12.94 -58.34 -72.40
CA GLU C 305 -13.38 -57.17 -73.12
C GLU C 305 -13.05 -57.30 -74.60
N ALA C 306 -13.78 -56.56 -75.42
CA ALA C 306 -13.45 -56.48 -76.84
C ALA C 306 -12.34 -55.47 -77.08
N ALA C 307 -11.72 -55.56 -78.27
CA ALA C 307 -10.61 -54.67 -78.59
C ALA C 307 -11.04 -53.22 -78.57
N ASP C 308 -12.17 -52.90 -79.21
CA ASP C 308 -12.63 -51.50 -79.29
C ASP C 308 -13.00 -50.96 -77.92
N GLN C 309 -13.71 -51.75 -77.12
CA GLN C 309 -14.06 -51.33 -75.77
C GLN C 309 -12.82 -51.08 -74.93
N ALA C 310 -11.85 -51.98 -74.99
CA ALA C 310 -10.59 -51.76 -74.28
C ALA C 310 -9.90 -50.50 -74.77
N VAL C 311 -9.93 -50.27 -76.09
CA VAL C 311 -9.32 -49.07 -76.65
C VAL C 311 -9.93 -47.82 -76.04
N ARG C 312 -11.26 -47.74 -76.02
CA ARG C 312 -11.86 -46.47 -75.60
C ARG C 312 -11.92 -46.39 -74.07
N ASN C 313 -11.69 -47.51 -73.38
CA ASN C 313 -11.48 -47.48 -71.93
C ASN C 313 -10.10 -46.92 -71.59
N MET C 314 -9.06 -47.33 -72.32
CA MET C 314 -7.70 -46.84 -72.10
C MET C 314 -7.48 -45.44 -72.64
N ARG C 315 -8.23 -45.04 -73.67
CA ARG C 315 -8.08 -43.69 -74.22
C ARG C 315 -8.42 -42.65 -73.17
N SER C 316 -9.31 -42.99 -72.24
CA SER C 316 -9.59 -42.10 -71.12
C SER C 316 -8.38 -41.92 -70.21
N LEU C 317 -7.56 -42.97 -70.03
CA LEU C 317 -6.33 -42.89 -69.26
C LEU C 317 -5.19 -42.30 -70.07
N GLY C 318 -5.38 -42.16 -71.39
CA GLY C 318 -4.38 -41.53 -72.22
C GLY C 318 -3.53 -42.52 -72.99
N LEU C 319 -3.54 -43.78 -72.56
CA LEU C 319 -2.84 -44.82 -73.29
C LEU C 319 -3.48 -45.01 -74.66
N ASP C 320 -2.75 -44.63 -75.70
CA ASP C 320 -3.24 -44.69 -77.07
C ASP C 320 -2.81 -46.02 -77.65
N LEU C 321 -3.50 -47.08 -77.24
CA LEU C 321 -3.21 -48.42 -77.74
C LEU C 321 -3.53 -48.56 -79.23
N GLY C 322 -4.42 -47.71 -79.73
CA GLY C 322 -4.71 -47.75 -81.16
C GLY C 322 -3.49 -47.47 -82.00
N ARG C 323 -2.64 -46.54 -81.56
CA ARG C 323 -1.44 -46.19 -82.30
C ARG C 323 -0.54 -47.41 -82.49
N TRP C 324 -0.26 -48.14 -81.40
CA TRP C 324 0.61 -49.30 -81.49
C TRP C 324 -0.04 -50.47 -82.20
N ARG C 325 -1.34 -50.71 -81.97
CA ARG C 325 -2.03 -51.76 -82.72
C ARG C 325 -2.05 -51.47 -84.22
N ASP C 326 -2.18 -50.19 -84.60
CA ASP C 326 -2.25 -49.77 -85.99
C ASP C 326 -0.86 -49.79 -86.66
N ALA C 327 0.18 -49.45 -85.91
CA ALA C 327 1.54 -49.58 -86.40
C ALA C 327 2.03 -51.01 -86.42
N GLY C 328 1.34 -51.92 -85.73
CA GLY C 328 1.67 -53.33 -85.81
C GLY C 328 2.64 -53.84 -84.78
N LEU C 329 2.69 -53.20 -83.60
CA LEU C 329 3.55 -53.64 -82.51
C LEU C 329 2.77 -54.18 -81.32
N LEU C 330 1.44 -54.10 -81.34
CA LEU C 330 0.60 -54.59 -80.27
C LEU C 330 -0.51 -55.46 -80.84
N ARG C 331 -0.76 -56.59 -80.20
CA ARG C 331 -1.77 -57.55 -80.64
C ARG C 331 -2.83 -57.73 -79.56
N PHE C 332 -4.10 -57.79 -79.97
CA PHE C 332 -5.22 -58.06 -79.08
C PHE C 332 -5.93 -59.31 -79.56
N MET C 333 -6.33 -60.16 -78.62
CA MET C 333 -7.05 -61.40 -78.95
C MET C 333 -8.53 -61.27 -78.66
N ALA C 334 -8.88 -60.89 -77.42
CA ALA C 334 -10.27 -60.68 -77.02
C ALA C 334 -11.09 -61.95 -77.23
N THR C 335 -10.72 -62.98 -76.47
CA THR C 335 -11.37 -64.28 -76.58
C THR C 335 -12.01 -64.66 -75.25
N ARG C 336 -13.26 -65.12 -75.32
CA ARG C 336 -13.99 -65.50 -74.11
C ARG C 336 -13.46 -66.83 -73.57
N PRO C 337 -13.53 -67.03 -72.25
CA PRO C 337 -13.06 -68.31 -71.69
C PRO C 337 -13.81 -69.52 -72.21
N THR C 338 -15.10 -69.39 -72.50
CA THR C 338 -15.92 -70.52 -72.93
C THR C 338 -15.84 -70.78 -74.43
N PHE C 339 -15.15 -69.94 -75.19
CA PHE C 339 -15.09 -70.14 -76.63
C PHE C 339 -14.43 -71.46 -76.99
N TYR C 340 -13.33 -71.79 -76.34
CA TYR C 340 -12.60 -73.02 -76.58
C TYR C 340 -12.61 -73.88 -75.31
N SER C 341 -12.01 -75.06 -75.41
CA SER C 341 -11.70 -75.87 -74.24
C SER C 341 -10.35 -75.41 -73.69
N LEU C 342 -9.97 -75.91 -72.52
CA LEU C 342 -8.71 -75.50 -71.92
C LEU C 342 -7.53 -75.86 -72.82
N GLU C 343 -7.56 -77.05 -73.42
CA GLU C 343 -6.47 -77.48 -74.28
C GLU C 343 -6.31 -76.55 -75.47
N MET C 344 -7.42 -76.16 -76.12
CA MET C 344 -7.31 -75.28 -77.27
C MET C 344 -6.97 -73.85 -76.87
N HIS C 345 -7.43 -73.40 -75.70
CA HIS C 345 -6.94 -72.12 -75.18
C HIS C 345 -5.42 -72.14 -75.09
N LEU C 346 -4.86 -73.17 -74.45
CA LEU C 346 -3.41 -73.30 -74.34
C LEU C 346 -2.75 -73.35 -75.72
N ALA C 347 -3.31 -74.16 -76.63
CA ALA C 347 -2.70 -74.34 -77.94
C ALA C 347 -2.72 -73.06 -78.74
N VAL C 348 -3.84 -72.33 -78.73
CA VAL C 348 -3.93 -71.09 -79.49
C VAL C 348 -2.97 -70.05 -78.90
N ILE C 349 -2.93 -69.94 -77.58
CA ILE C 349 -2.01 -68.99 -76.96
C ILE C 349 -0.58 -69.31 -77.36
N LEU C 350 -0.18 -70.58 -77.25
CA LEU C 350 1.19 -70.96 -77.58
C LEU C 350 1.50 -70.70 -79.05
N ARG C 351 0.57 -71.08 -79.93
CA ARG C 351 0.80 -70.94 -81.37
C ARG C 351 0.97 -69.47 -81.75
N GLU C 352 0.05 -68.61 -81.28
CA GLU C 352 0.14 -67.20 -81.65
C GLU C 352 1.33 -66.53 -81.00
N VAL C 353 1.69 -66.90 -79.77
CA VAL C 353 2.88 -66.35 -79.14
C VAL C 353 4.12 -66.72 -79.95
N MET C 354 4.22 -67.99 -80.36
CA MET C 354 5.36 -68.41 -81.16
C MET C 354 5.40 -67.67 -82.49
N ARG C 355 4.25 -67.53 -83.14
CA ARG C 355 4.22 -66.87 -84.45
C ARG C 355 4.62 -65.40 -84.34
N PHE C 356 4.08 -64.68 -83.36
CA PHE C 356 4.34 -63.25 -83.25
C PHE C 356 5.70 -62.93 -82.65
N GLU C 357 6.21 -63.78 -81.77
CA GLU C 357 7.51 -63.56 -81.13
C GLU C 357 7.53 -62.20 -80.43
N PRO C 358 6.64 -61.98 -79.45
CA PRO C 358 6.63 -60.67 -78.77
C PRO C 358 7.63 -60.61 -77.62
N SER C 359 7.68 -59.47 -76.94
CA SER C 359 8.54 -59.29 -75.78
C SER C 359 7.77 -59.17 -74.47
N VAL C 360 6.47 -58.95 -74.52
CA VAL C 360 5.65 -58.84 -73.31
C VAL C 360 4.25 -59.38 -73.59
N VAL C 361 3.83 -60.38 -72.82
CA VAL C 361 2.52 -61.00 -72.95
C VAL C 361 1.72 -60.70 -71.68
N VAL C 362 0.56 -60.10 -71.85
CA VAL C 362 -0.29 -59.71 -70.73
C VAL C 362 -1.59 -60.51 -70.80
N LEU C 363 -1.79 -61.40 -69.82
CA LEU C 363 -2.99 -62.21 -69.74
C LEU C 363 -3.93 -61.59 -68.71
N ASP C 364 -5.10 -61.16 -69.15
CA ASP C 364 -6.05 -60.48 -68.28
C ASP C 364 -7.46 -60.98 -68.54
N PRO C 365 -8.14 -61.59 -67.55
CA PRO C 365 -7.54 -62.02 -66.29
C PRO C 365 -7.36 -63.53 -66.24
N ILE C 366 -6.38 -64.01 -65.46
CA ILE C 366 -6.19 -65.45 -65.34
C ILE C 366 -7.27 -66.08 -64.47
N SER C 367 -8.05 -65.28 -63.74
CA SER C 367 -9.09 -65.83 -62.89
C SER C 367 -10.36 -66.15 -63.67
N ALA C 368 -10.47 -65.67 -64.92
CA ALA C 368 -11.66 -65.90 -65.71
C ALA C 368 -11.91 -67.39 -65.98
N PHE C 369 -10.86 -68.20 -65.94
CA PHE C 369 -10.97 -69.64 -66.21
C PHE C 369 -11.39 -70.44 -64.98
N THR C 370 -11.99 -69.78 -63.98
CA THR C 370 -12.25 -70.45 -62.71
C THR C 370 -13.19 -71.64 -62.87
N GLU C 371 -14.35 -71.43 -63.51
CA GLU C 371 -15.36 -72.46 -63.64
C GLU C 371 -15.27 -73.23 -64.94
N SER C 372 -14.27 -72.94 -65.79
CA SER C 372 -14.13 -73.68 -67.03
C SER C 372 -13.89 -75.17 -66.77
N GLY C 373 -13.20 -75.48 -65.68
CA GLY C 373 -12.98 -76.86 -65.28
C GLY C 373 -12.65 -76.97 -63.81
N ASP C 374 -12.18 -78.14 -63.38
CA ASP C 374 -11.74 -78.30 -62.00
C ASP C 374 -10.48 -77.47 -61.75
N ARG C 375 -10.19 -77.26 -60.47
CA ARG C 375 -9.03 -76.44 -60.10
C ARG C 375 -7.75 -77.01 -60.69
N LEU C 376 -7.60 -78.33 -60.67
CA LEU C 376 -6.38 -78.95 -61.18
C LEU C 376 -6.16 -78.69 -62.66
N GLU C 377 -7.21 -78.78 -63.48
CA GLU C 377 -7.07 -78.57 -64.92
C GLU C 377 -6.67 -77.14 -65.24
N VAL C 378 -7.33 -76.17 -64.60
CA VAL C 378 -6.99 -74.76 -64.80
C VAL C 378 -5.57 -74.48 -64.34
N GLN C 379 -5.19 -75.05 -63.19
CA GLN C 379 -3.83 -74.87 -62.72
C GLN C 379 -2.82 -75.47 -63.69
N SER C 380 -3.13 -76.63 -64.27
CA SER C 380 -2.24 -77.22 -65.26
C SER C 380 -2.08 -76.30 -66.47
N MET C 381 -3.19 -75.76 -66.96
CA MET C 381 -3.11 -74.85 -68.10
C MET C 381 -2.27 -73.62 -67.77
N LEU C 382 -2.51 -73.02 -66.60
CA LEU C 382 -1.77 -71.83 -66.21
C LEU C 382 -0.28 -72.12 -66.04
N LEU C 383 0.04 -73.26 -65.41
CA LEU C 383 1.44 -73.63 -65.23
C LEU C 383 2.12 -73.86 -66.58
N ARG C 384 1.44 -74.53 -67.51
CA ARG C 384 2.02 -74.73 -68.82
C ARG C 384 2.28 -73.40 -69.51
N ILE C 385 1.32 -72.47 -69.44
CA ILE C 385 1.49 -71.17 -70.08
C ILE C 385 2.67 -70.42 -69.46
N VAL C 386 2.73 -70.41 -68.13
CA VAL C 386 3.79 -69.67 -67.44
C VAL C 386 5.16 -70.26 -67.77
N ASP C 387 5.25 -71.59 -67.76
CA ASP C 387 6.52 -72.25 -68.07
C ASP C 387 6.94 -71.98 -69.52
N PHE C 388 5.98 -72.02 -70.45
CA PHE C 388 6.31 -71.72 -71.84
C PHE C 388 6.82 -70.30 -71.99
N LEU C 389 6.16 -69.33 -71.34
CA LEU C 389 6.62 -67.94 -71.43
C LEU C 389 8.01 -67.78 -70.82
N LYS C 390 8.23 -68.39 -69.65
CA LYS C 390 9.54 -68.26 -69.00
C LYS C 390 10.64 -68.93 -69.82
N ASN C 391 10.36 -70.08 -70.43
CA ASN C 391 11.35 -70.71 -71.28
C ASN C 391 11.66 -69.84 -72.50
N ARG C 392 10.64 -69.24 -73.09
CA ARG C 392 10.84 -68.30 -74.19
C ARG C 392 11.48 -67.00 -73.74
N GLY C 393 11.56 -66.76 -72.44
CA GLY C 393 12.12 -65.52 -71.94
C GLY C 393 11.27 -64.30 -72.23
N ILE C 394 9.95 -64.44 -72.15
CA ILE C 394 9.02 -63.35 -72.37
C ILE C 394 8.50 -62.89 -71.03
N THR C 395 8.25 -61.58 -70.91
CA THR C 395 7.75 -60.98 -69.69
C THR C 395 6.24 -61.18 -69.62
N GLY C 396 5.81 -61.98 -68.64
CA GLY C 396 4.40 -62.30 -68.48
C GLY C 396 3.77 -61.46 -67.38
N ILE C 397 2.70 -60.75 -67.75
CA ILE C 397 1.95 -59.92 -66.81
C ILE C 397 0.56 -60.52 -66.69
N PHE C 398 0.29 -61.17 -65.56
CA PHE C 398 -0.98 -61.84 -65.33
C PHE C 398 -1.82 -61.00 -64.37
N THR C 399 -3.07 -60.73 -64.75
CA THR C 399 -3.98 -59.98 -63.90
C THR C 399 -4.98 -60.94 -63.27
N HIS C 400 -5.11 -60.86 -61.94
CA HIS C 400 -6.00 -61.74 -61.19
C HIS C 400 -6.91 -60.90 -60.30
N LEU C 401 -8.13 -61.37 -60.13
CA LEU C 401 -9.11 -60.69 -59.29
C LEU C 401 -9.02 -61.20 -57.86
N ALA C 402 -9.26 -60.30 -56.90
CA ALA C 402 -9.15 -60.61 -55.49
C ALA C 402 -10.54 -60.64 -54.84
N HIS C 403 -10.64 -61.41 -53.76
CA HIS C 403 -11.88 -61.55 -53.02
C HIS C 403 -11.71 -61.15 -51.56
N THR C 409 -2.70 -61.36 -50.20
CA THR C 409 -3.75 -62.37 -50.20
C THR C 409 -3.47 -63.44 -51.24
N THR C 410 -3.99 -64.64 -51.00
CA THR C 410 -3.85 -65.77 -51.90
C THR C 410 -5.15 -65.97 -52.68
N ASP C 411 -5.01 -66.24 -53.98
CA ASP C 411 -6.17 -66.26 -54.85
C ASP C 411 -6.47 -67.65 -55.42
N ALA C 412 -5.50 -68.25 -56.14
CA ALA C 412 -5.78 -69.51 -56.81
C ALA C 412 -4.62 -70.51 -56.75
N GLY C 413 -3.65 -70.30 -55.87
CA GLY C 413 -2.52 -71.21 -55.79
C GLY C 413 -1.49 -71.04 -56.90
N LEU C 414 -1.67 -70.08 -57.79
CA LEU C 414 -0.69 -69.80 -58.83
C LEU C 414 0.25 -68.66 -58.48
N GLU C 415 0.01 -67.95 -57.38
CA GLU C 415 1.00 -67.01 -56.88
C GLU C 415 2.27 -67.76 -56.49
N GLU C 416 2.17 -69.08 -56.33
CA GLU C 416 3.26 -69.88 -55.81
C GLU C 416 4.52 -69.73 -56.66
N LEU C 417 4.38 -69.36 -57.93
CA LEU C 417 5.52 -69.25 -58.84
C LEU C 417 5.93 -67.82 -59.12
N MET C 418 5.04 -66.85 -58.96
CA MET C 418 5.28 -65.49 -59.46
C MET C 418 6.56 -64.90 -58.88
N ASP C 419 7.35 -64.27 -59.75
CA ASP C 419 8.54 -63.53 -59.35
C ASP C 419 8.21 -62.19 -58.70
N GLY C 420 7.25 -61.46 -59.24
CA GLY C 420 6.85 -60.19 -58.68
C GLY C 420 5.35 -60.13 -58.48
N TRP C 421 4.95 -59.44 -57.41
CA TRP C 421 3.54 -59.35 -57.04
C TRP C 421 3.21 -57.90 -56.74
N VAL C 422 2.19 -57.36 -57.40
CA VAL C 422 1.71 -56.01 -57.18
C VAL C 422 0.25 -56.09 -56.79
N LEU C 423 -0.08 -55.61 -55.60
CA LEU C 423 -1.44 -55.61 -55.09
C LEU C 423 -2.00 -54.20 -55.15
N MET C 424 -3.18 -54.07 -55.77
CA MET C 424 -3.87 -52.79 -55.92
C MET C 424 -5.11 -52.82 -55.05
N LEU C 425 -5.23 -51.84 -54.16
CA LEU C 425 -6.32 -51.79 -53.19
C LEU C 425 -7.18 -50.57 -53.46
N ASN C 426 -8.49 -50.74 -53.32
CA ASN C 426 -9.47 -49.66 -53.45
C ASN C 426 -10.32 -49.70 -52.18
N ARG C 427 -9.87 -49.01 -51.14
CA ARG C 427 -10.47 -49.14 -49.82
C ARG C 427 -11.48 -48.03 -49.55
N GLU C 428 -12.49 -48.36 -48.75
CA GLU C 428 -13.49 -47.40 -48.29
C GLU C 428 -13.15 -47.01 -46.86
N VAL C 429 -12.77 -45.75 -46.66
CA VAL C 429 -12.41 -45.24 -45.34
C VAL C 429 -12.80 -43.77 -45.28
N ASN C 430 -13.40 -43.37 -44.15
CA ASN C 430 -13.83 -41.99 -43.94
C ASN C 430 -14.90 -41.60 -44.96
N GLY C 431 -15.82 -42.53 -45.25
CA GLY C 431 -16.91 -42.25 -46.16
C GLY C 431 -16.46 -41.87 -47.55
N GLU C 432 -15.45 -42.57 -48.08
CA GLU C 432 -14.90 -42.26 -49.40
C GLU C 432 -13.86 -43.32 -49.74
N PHE C 433 -13.65 -43.51 -51.04
CA PHE C 433 -12.80 -44.57 -51.55
C PHE C 433 -11.46 -44.01 -51.99
N ASN C 434 -10.39 -44.68 -51.57
CA ASN C 434 -9.02 -44.29 -51.89
C ASN C 434 -8.28 -45.46 -52.52
N ARG C 435 -7.44 -45.14 -53.50
CA ARG C 435 -6.65 -46.14 -54.22
C ARG C 435 -5.23 -46.19 -53.67
N GLU C 436 -4.66 -47.40 -53.67
CA GLU C 436 -3.29 -47.62 -53.23
C GLU C 436 -2.74 -48.83 -53.95
N LEU C 437 -1.42 -48.98 -53.91
CA LEU C 437 -0.78 -50.16 -54.50
C LEU C 437 0.53 -50.41 -53.78
N TYR C 438 0.92 -51.68 -53.70
CA TYR C 438 2.20 -52.01 -53.09
C TYR C 438 2.73 -53.32 -53.66
N LEU C 439 4.05 -53.45 -53.65
CA LEU C 439 4.74 -54.64 -54.15
C LEU C 439 4.79 -55.67 -53.02
N LEU C 440 3.93 -56.70 -53.13
CA LEU C 440 3.92 -57.73 -52.10
C LEU C 440 5.24 -58.48 -52.04
N LYS C 441 5.94 -58.59 -53.16
CA LYS C 441 7.22 -59.27 -53.21
C LYS C 441 7.89 -59.01 -54.56
N ALA C 442 9.21 -58.86 -54.52
CA ALA C 442 10.00 -58.60 -55.73
C ALA C 442 11.30 -59.37 -55.59
N ARG C 443 11.40 -60.49 -56.31
CA ARG C 443 12.53 -61.40 -56.16
C ARG C 443 13.83 -60.76 -56.64
N GLY C 444 14.91 -61.06 -55.91
CA GLY C 444 16.25 -60.67 -56.32
C GLY C 444 16.51 -59.18 -56.37
N MET C 445 15.90 -58.41 -55.49
CA MET C 445 16.15 -56.97 -55.44
C MET C 445 15.45 -56.40 -54.22
N ALA C 446 15.89 -55.22 -53.81
CA ALA C 446 15.29 -54.51 -52.70
C ALA C 446 14.31 -53.46 -53.23
N HIS C 447 13.18 -53.32 -52.53
CA HIS C 447 12.09 -52.48 -53.00
C HIS C 447 11.45 -51.79 -51.82
N SER C 448 10.72 -50.71 -52.12
CA SER C 448 10.02 -49.95 -51.09
C SER C 448 8.96 -50.82 -50.42
N ASN C 449 8.80 -50.63 -49.11
CA ASN C 449 7.80 -51.35 -48.32
C ASN C 449 6.67 -50.43 -47.87
N GLN C 450 6.35 -49.41 -48.66
CA GLN C 450 5.33 -48.44 -48.33
C GLN C 450 4.09 -48.69 -49.18
N VAL C 451 2.92 -48.49 -48.56
CA VAL C 451 1.65 -48.62 -49.26
C VAL C 451 1.40 -47.26 -49.93
N ARG C 452 1.90 -47.12 -51.15
CA ARG C 452 1.89 -45.85 -51.86
C ARG C 452 0.51 -45.61 -52.47
N GLU C 453 -0.21 -44.61 -51.95
CA GLU C 453 -1.47 -44.20 -52.55
C GLU C 453 -1.21 -43.54 -53.90
N PHE C 454 -2.04 -43.88 -54.89
CA PHE C 454 -1.93 -43.33 -56.22
C PHE C 454 -3.30 -42.79 -56.65
N LEU C 455 -3.31 -42.08 -57.78
CA LEU C 455 -4.54 -41.48 -58.29
C LEU C 455 -4.46 -41.47 -59.81
N MET C 456 -5.31 -42.25 -60.46
CA MET C 456 -5.31 -42.36 -61.91
C MET C 456 -6.03 -41.16 -62.55
N SER C 457 -5.45 -40.65 -63.64
CA SER C 457 -6.00 -39.50 -64.33
C SER C 457 -5.63 -39.60 -65.81
N ASP C 458 -5.92 -38.51 -66.55
CA ASP C 458 -5.63 -38.50 -67.97
C ASP C 458 -4.14 -38.71 -68.25
N ARG C 459 -3.28 -38.15 -67.40
CA ARG C 459 -1.84 -38.30 -67.61
C ARG C 459 -1.40 -39.75 -67.37
N GLY C 460 -2.23 -40.54 -66.69
CA GLY C 460 -1.96 -41.94 -66.47
C GLY C 460 -2.06 -42.28 -65.01
N ILE C 461 -1.30 -43.32 -64.62
CA ILE C 461 -1.22 -43.67 -63.21
C ILE C 461 -0.10 -42.87 -62.55
N SER C 462 -0.44 -42.16 -61.48
CA SER C 462 0.51 -41.28 -60.82
C SER C 462 0.41 -41.50 -59.31
N LEU C 463 1.54 -41.83 -58.69
CA LEU C 463 1.59 -42.02 -57.24
C LEU C 463 1.75 -40.69 -56.54
N LEU C 464 0.99 -40.49 -55.48
CA LEU C 464 1.09 -39.27 -54.69
C LEU C 464 2.41 -39.28 -53.90
N PRO C 465 2.87 -38.11 -53.47
CA PRO C 465 4.10 -38.05 -52.68
C PRO C 465 3.94 -38.86 -51.41
N PRO C 466 5.02 -39.47 -50.92
CA PRO C 466 4.92 -40.31 -49.73
C PRO C 466 4.39 -39.52 -48.54
N HIS C 467 3.62 -40.23 -47.70
CA HIS C 467 3.06 -39.63 -46.50
C HIS C 467 4.17 -39.43 -45.48
N LEU C 468 4.26 -38.19 -44.97
CA LEU C 468 5.29 -37.82 -44.00
C LEU C 468 4.61 -37.36 -42.71
N GLY C 469 5.15 -37.80 -41.59
CA GLY C 469 4.57 -37.47 -40.31
C GLY C 469 3.92 -38.67 -39.65
N GLU C 470 3.65 -38.55 -38.36
CA GLU C 470 3.02 -39.64 -37.63
C GLU C 470 1.60 -39.88 -38.14
N GLY C 471 1.11 -41.09 -37.92
CA GLY C 471 -0.20 -41.47 -38.40
C GLY C 471 -0.28 -41.51 -39.92
N GLY C 472 0.71 -42.15 -40.55
CA GLY C 472 0.77 -42.18 -42.00
C GLY C 472 -0.38 -42.93 -42.65
N ALA C 473 -1.16 -43.68 -41.87
CA ALA C 473 -2.28 -44.42 -42.43
C ALA C 473 -3.31 -43.48 -43.06
N LEU C 474 -3.36 -42.23 -42.62
CA LEU C 474 -4.31 -41.27 -43.17
C LEU C 474 -4.12 -41.12 -44.67
N THR C 475 -5.25 -41.08 -45.39
CA THR C 475 -5.23 -40.95 -46.84
C THR C 475 -6.48 -40.18 -47.28
N GLY C 476 -6.38 -39.56 -48.45
CA GLY C 476 -7.52 -38.82 -48.97
C GLY C 476 -7.76 -37.53 -48.21
N THR C 477 -9.03 -37.26 -47.91
CA THR C 477 -9.39 -36.03 -47.21
C THR C 477 -8.75 -35.98 -45.83
N ALA C 478 -8.55 -37.14 -45.20
CA ALA C 478 -7.97 -37.19 -43.87
C ALA C 478 -6.56 -36.61 -43.86
N ARG C 479 -5.79 -36.82 -44.92
CA ARG C 479 -4.45 -36.26 -44.99
C ARG C 479 -4.48 -34.74 -44.98
N LYS C 480 -5.36 -34.13 -45.78
CA LYS C 480 -5.50 -32.68 -45.77
C LYS C 480 -5.97 -32.17 -44.41
N ALA C 481 -6.92 -32.89 -43.79
CA ALA C 481 -7.40 -32.49 -42.47
C ALA C 481 -6.27 -32.52 -41.45
N GLU C 482 -5.46 -33.56 -41.47
CA GLU C 482 -4.33 -33.66 -40.55
C GLU C 482 -3.33 -32.54 -40.79
N GLU C 483 -3.05 -32.22 -42.06
CA GLU C 483 -2.15 -31.12 -42.36
C GLU C 483 -2.68 -29.81 -41.79
N ALA C 484 -3.98 -29.55 -41.98
CA ALA C 484 -4.57 -28.33 -41.45
C ALA C 484 -4.50 -28.28 -39.94
N ARG C 485 -4.77 -29.40 -39.27
CA ARG C 485 -4.71 -29.45 -37.81
C ARG C 485 -3.30 -29.17 -37.32
N LEU C 486 -2.30 -29.77 -37.97
CA LEU C 486 -0.91 -29.51 -37.60
C LEU C 486 -0.57 -28.03 -37.76
N ARG C 487 -0.99 -27.44 -38.88
CA ARG C 487 -0.72 -26.03 -39.10
C ARG C 487 -1.33 -25.18 -37.99
N ARG C 488 -2.60 -25.45 -37.65
CA ARG C 488 -3.27 -24.67 -36.62
C ARG C 488 -2.54 -24.78 -35.29
N ALA C 489 -2.20 -26.01 -34.89
CA ALA C 489 -1.58 -26.20 -33.58
C ALA C 489 -0.21 -25.55 -33.49
N GLU C 490 0.62 -25.72 -34.52
CA GLU C 490 1.95 -25.11 -34.49
C GLU C 490 1.86 -23.59 -34.52
N ILE C 491 0.88 -23.04 -35.26
CA ILE C 491 0.66 -21.60 -35.26
C ILE C 491 0.32 -21.11 -33.86
N GLU C 492 -0.55 -21.84 -33.17
CA GLU C 492 -0.93 -21.39 -31.83
C GLU C 492 0.22 -21.54 -30.83
N ARG C 493 1.09 -22.52 -31.03
CA ARG C 493 2.30 -22.58 -30.20
C ARG C 493 3.18 -21.35 -30.44
N GLN C 494 3.32 -20.94 -31.70
CA GLN C 494 4.04 -19.70 -32.00
C GLN C 494 3.40 -18.52 -31.28
N THR C 495 2.07 -18.47 -31.27
CA THR C 495 1.38 -17.40 -30.56
C THR C 495 1.70 -17.42 -29.06
N GLU C 496 1.72 -18.62 -28.47
CA GLU C 496 2.13 -18.76 -27.07
C GLU C 496 3.48 -18.11 -26.82
N LEU C 497 4.48 -18.49 -27.63
CA LEU C 497 5.83 -17.96 -27.41
C LEU C 497 5.86 -16.45 -27.59
N GLY C 498 5.15 -15.95 -28.61
CA GLY C 498 5.10 -14.51 -28.82
C GLY C 498 4.50 -13.77 -27.64
N ARG C 499 3.43 -14.32 -27.06
CA ARG C 499 2.81 -13.67 -25.91
C ARG C 499 3.76 -13.63 -24.72
N LEU C 500 4.49 -14.73 -24.47
CA LEU C 500 5.46 -14.69 -23.39
C LEU C 500 6.53 -13.63 -23.63
N GLN C 501 7.01 -13.53 -24.87
CA GLN C 501 8.02 -12.52 -25.17
C GLN C 501 7.47 -11.12 -24.92
N GLN C 502 6.22 -10.86 -25.31
CA GLN C 502 5.61 -9.55 -25.06
C GLN C 502 5.46 -9.29 -23.57
N GLN C 503 5.15 -10.33 -22.79
CA GLN C 503 5.06 -10.17 -21.35
C GLN C 503 6.38 -9.70 -20.77
N ILE C 504 7.48 -10.34 -21.17
CA ILE C 504 8.78 -9.93 -20.66
C ILE C 504 9.11 -8.51 -21.12
N GLU C 505 8.71 -8.18 -22.36
CA GLU C 505 8.72 -6.83 -22.88
C GLU C 505 8.14 -5.83 -21.87
N GLN C 506 6.91 -6.11 -21.44
CA GLN C 506 6.22 -5.22 -20.50
C GLN C 506 6.99 -5.07 -19.19
N ARG C 507 7.48 -6.19 -18.66
CA ARG C 507 8.21 -6.11 -17.39
C ARG C 507 9.45 -5.24 -17.52
N ARG C 508 10.21 -5.42 -18.61
CA ARG C 508 11.41 -4.62 -18.81
C ARG C 508 11.08 -3.15 -18.96
N ARG C 509 9.96 -2.84 -19.64
CA ARG C 509 9.57 -1.44 -19.78
C ARG C 509 9.34 -0.81 -18.42
N ARG C 510 8.50 -1.43 -17.59
CA ARG C 510 8.33 -0.85 -16.25
C ARG C 510 9.68 -0.71 -15.54
N ALA C 511 10.54 -1.73 -15.62
CA ALA C 511 11.80 -1.68 -14.88
C ALA C 511 12.60 -0.43 -15.22
N ARG C 512 12.85 -0.21 -16.51
CA ARG C 512 13.74 0.89 -16.85
C ARG C 512 13.04 2.24 -16.76
N ALA C 513 11.72 2.28 -16.94
CA ALA C 513 11.01 3.54 -16.69
C ALA C 513 11.12 3.94 -15.22
N GLN C 514 10.97 2.96 -14.31
CA GLN C 514 11.14 3.21 -12.89
C GLN C 514 12.56 3.72 -12.62
N ILE C 515 13.55 3.12 -13.28
CA ILE C 515 14.94 3.57 -13.13
C ILE C 515 15.07 5.03 -13.55
N GLU C 516 14.39 5.40 -14.64
CA GLU C 516 14.44 6.78 -15.12
C GLU C 516 13.90 7.75 -14.06
N ALA C 517 12.78 7.39 -13.44
CA ALA C 517 12.22 8.23 -12.38
C ALA C 517 13.22 8.39 -11.23
N LEU C 518 13.84 7.28 -10.83
CA LEU C 518 14.81 7.34 -9.73
C LEU C 518 16.00 8.23 -10.07
N GLU C 519 16.49 8.16 -11.31
CA GLU C 519 17.60 9.02 -11.72
C GLU C 519 17.19 10.49 -11.69
N ALA C 520 15.95 10.79 -12.09
CA ALA C 520 15.47 12.16 -11.97
C ALA C 520 15.52 12.63 -10.52
N GLU C 521 15.08 11.77 -9.60
CA GLU C 521 15.18 12.12 -8.17
C GLU C 521 16.63 12.40 -7.78
N LEU C 522 17.56 11.56 -8.24
CA LEU C 522 18.97 11.76 -7.90
C LEU C 522 19.49 13.11 -8.39
N GLN C 523 19.13 13.48 -9.62
CA GLN C 523 19.59 14.77 -10.15
C GLN C 523 19.02 15.93 -9.34
N ALA C 524 17.73 15.84 -8.97
CA ALA C 524 17.15 16.88 -8.12
C ALA C 524 17.92 17.00 -6.81
N GLU C 525 18.27 15.87 -6.20
CA GLU C 525 19.00 15.92 -4.94
C GLU C 525 20.37 16.55 -5.12
N GLU C 526 21.05 16.25 -6.23
CA GLU C 526 22.33 16.88 -6.49
C GLU C 526 22.20 18.39 -6.58
N ILE C 527 21.18 18.87 -7.30
CA ILE C 527 20.95 20.31 -7.38
C ILE C 527 20.72 20.88 -6.00
N ALA C 528 19.98 20.17 -5.15
CA ALA C 528 19.74 20.65 -3.80
C ALA C 528 21.04 20.78 -3.01
N LEU C 529 21.91 19.78 -3.10
CA LEU C 529 23.20 19.85 -2.39
C LEU C 529 24.00 21.07 -2.84
N LYS C 530 24.05 21.30 -4.15
CA LYS C 530 24.86 22.41 -4.65
C LYS C 530 24.26 23.75 -4.25
N ALA C 531 22.93 23.85 -4.22
CA ALA C 531 22.30 25.05 -3.69
C ALA C 531 22.67 25.26 -2.23
N LEU C 532 22.65 24.19 -1.43
CA LEU C 532 23.08 24.25 -0.03
C LEU C 532 24.48 24.81 0.13
N VAL C 533 25.44 24.30 -0.64
CA VAL C 533 26.83 24.77 -0.56
C VAL C 533 26.96 26.22 -0.98
N GLU C 534 26.35 26.59 -2.11
CA GLU C 534 26.49 27.96 -2.61
C GLU C 534 25.91 28.96 -1.62
N SER C 535 24.69 28.73 -1.14
CA SER C 535 24.07 29.69 -0.24
C SER C 535 24.81 29.79 1.08
N GLU C 536 25.29 28.66 1.59
CA GLU C 536 26.01 28.66 2.87
C GLU C 536 27.31 29.45 2.73
N SER C 537 28.04 29.26 1.63
CA SER C 537 29.25 30.04 1.41
C SER C 537 28.93 31.52 1.27
N ALA C 538 27.82 31.84 0.60
CA ALA C 538 27.44 33.25 0.48
C ALA C 538 27.16 33.86 1.85
N HIS C 539 26.50 33.11 2.73
CA HIS C 539 26.28 33.59 4.10
C HIS C 539 27.60 33.82 4.81
N GLU C 540 28.55 32.90 4.65
CA GLU C 540 29.90 33.12 5.18
C GLU C 540 30.46 34.46 4.71
N ARG C 541 30.39 34.70 3.39
CA ARG C 541 30.96 35.93 2.82
C ARG C 541 30.28 37.18 3.39
N GLN C 542 28.95 37.15 3.47
CA GLN C 542 28.22 38.31 3.97
C GLN C 542 28.55 38.57 5.44
N ARG C 543 28.66 37.50 6.23
CA ARG C 543 29.03 37.67 7.64
C ARG C 543 30.41 38.31 7.77
N LEU C 544 31.37 37.85 6.96
CA LEU C 544 32.70 38.44 7.00
C LEU C 544 32.64 39.93 6.64
N ALA C 545 31.88 40.27 5.60
CA ALA C 545 31.78 41.67 5.19
C ALA C 545 31.19 42.54 6.29
N ASP C 546 30.11 42.06 6.93
CA ASP C 546 29.49 42.83 8.00
C ASP C 546 30.43 43.00 9.18
N ALA C 547 31.17 41.94 9.53
CA ALA C 547 32.13 42.04 10.63
C ALA C 547 33.20 43.09 10.32
N ASP C 548 33.71 43.09 9.08
CA ASP C 548 34.70 44.09 8.70
C ASP C 548 34.13 45.50 8.78
N THR C 549 32.88 45.68 8.34
CA THR C 549 32.26 47.00 8.41
C THR C 549 32.19 47.49 9.85
N LEU C 550 31.75 46.63 10.76
CA LEU C 550 31.70 47.02 12.17
C LEU C 550 33.11 47.30 12.71
N ALA C 551 34.10 46.52 12.26
CA ALA C 551 35.47 46.69 12.71
C ALA C 551 36.00 48.08 12.37
N ARG C 552 35.81 48.52 11.13
CA ARG C 552 36.08 49.92 10.81
C ARG C 552 35.26 50.88 11.68
N SER C 553 33.95 50.65 11.77
CA SER C 553 33.10 51.64 12.45
C SER C 553 33.59 51.90 13.87
N ARG C 554 34.18 50.88 14.51
CA ARG C 554 34.67 51.03 15.87
C ARG C 554 36.20 50.90 15.97
N GLY C 555 36.92 51.08 14.87
CA GLY C 555 38.35 50.88 14.84
C GLY C 555 39.17 52.15 14.96
N ASN C 556 40.37 52.01 15.54
CA ASN C 556 41.32 53.11 15.64
C ASN C 556 42.25 53.20 14.44
N GLU C 557 42.22 52.22 13.54
CA GLU C 557 43.09 52.25 12.36
C GLU C 557 42.82 53.45 11.46
N ARG C 558 41.74 54.20 11.71
CA ARG C 558 41.43 55.38 10.91
C ARG C 558 42.51 56.44 11.01
N PHE C 559 43.40 56.35 12.00
CA PHE C 559 44.40 57.38 12.23
C PHE C 559 45.84 56.88 12.19
N ALA C 560 46.06 55.57 12.18
CA ALA C 560 47.41 55.03 12.14
C ALA C 560 47.39 53.51 12.02
N GLY D 4 -12.00 -79.90 -97.43
CA GLY D 4 -13.33 -79.87 -96.86
C GLY D 4 -14.28 -80.88 -97.46
N ILE D 5 -15.48 -80.97 -96.89
CA ILE D 5 -16.50 -81.90 -97.37
C ILE D 5 -17.83 -81.17 -97.46
N GLY D 6 -18.73 -81.70 -98.28
CA GLY D 6 -20.05 -81.11 -98.41
C GLY D 6 -20.86 -81.23 -97.14
N LYS D 7 -21.80 -80.30 -96.99
CA LYS D 7 -22.63 -80.26 -95.79
C LYS D 7 -24.00 -79.71 -96.16
N SER D 8 -25.05 -80.30 -95.56
CA SER D 8 -26.41 -79.89 -95.83
C SER D 8 -27.00 -79.21 -94.62
N PRO D 9 -27.35 -77.92 -94.69
CA PRO D 9 -28.02 -77.27 -93.54
C PRO D 9 -29.34 -77.94 -93.22
N THR D 10 -29.69 -77.92 -91.93
CA THR D 10 -30.91 -78.56 -91.46
C THR D 10 -31.92 -77.56 -90.92
N GLY D 11 -31.76 -76.28 -91.21
CA GLY D 11 -32.66 -75.28 -90.68
C GLY D 11 -32.30 -74.83 -89.28
N ILE D 12 -31.92 -75.78 -88.41
CA ILE D 12 -31.54 -75.45 -87.03
C ILE D 12 -30.23 -74.67 -87.08
N GLN D 13 -30.29 -73.37 -86.80
CA GLN D 13 -29.11 -72.53 -86.91
C GLN D 13 -28.03 -72.96 -85.93
N GLY D 14 -28.41 -73.23 -84.68
CA GLY D 14 -27.42 -73.62 -83.69
C GLY D 14 -26.72 -74.91 -84.05
N PHE D 15 -27.48 -75.94 -84.44
CA PHE D 15 -26.88 -77.21 -84.83
C PHE D 15 -26.02 -77.05 -86.07
N ASP D 16 -26.48 -76.25 -87.04
CA ASP D 16 -25.71 -76.04 -88.25
C ASP D 16 -24.37 -75.39 -87.95
N GLU D 17 -24.36 -74.35 -87.11
CA GLU D 17 -23.11 -73.67 -86.81
C GLU D 17 -22.23 -74.52 -85.90
N LEU D 18 -22.84 -75.40 -85.10
CA LEU D 18 -22.07 -76.35 -84.32
C LEU D 18 -21.34 -77.35 -85.22
N THR D 19 -22.05 -77.84 -86.23
CA THR D 19 -21.47 -78.81 -87.17
C THR D 19 -20.63 -78.15 -88.26
N LEU D 20 -20.61 -76.83 -88.33
CA LEU D 20 -19.81 -76.11 -89.34
C LEU D 20 -20.40 -76.29 -90.73
N GLY D 21 -21.72 -76.24 -90.83
CA GLY D 21 -22.38 -76.36 -92.12
C GLY D 21 -23.61 -77.25 -92.10
N GLY D 22 -23.59 -78.29 -91.26
CA GLY D 22 -24.69 -79.20 -91.12
C GLY D 22 -24.24 -80.63 -91.31
N LEU D 23 -25.21 -81.51 -91.53
CA LEU D 23 -24.92 -82.91 -91.72
C LEU D 23 -24.19 -83.12 -93.06
N PRO D 24 -23.37 -84.17 -93.16
CA PRO D 24 -22.67 -84.43 -94.43
C PRO D 24 -23.66 -84.72 -95.55
N THR D 25 -23.30 -84.28 -96.75
CA THR D 25 -24.15 -84.46 -97.92
C THR D 25 -23.77 -85.75 -98.63
N GLY D 26 -24.76 -86.60 -98.90
CA GLY D 26 -24.54 -87.86 -99.56
C GLY D 26 -24.11 -88.99 -98.66
N ARG D 27 -24.15 -88.81 -97.34
CA ARG D 27 -23.75 -89.81 -96.37
C ARG D 27 -24.86 -90.03 -95.36
N PRO D 28 -24.94 -91.23 -94.78
CA PRO D 28 -25.97 -91.48 -93.77
C PRO D 28 -25.60 -90.93 -92.41
N SER D 29 -26.62 -90.47 -91.69
CA SER D 29 -26.47 -89.91 -90.36
C SER D 29 -27.35 -90.68 -89.38
N LEU D 30 -26.82 -90.94 -88.20
CA LEU D 30 -27.52 -91.70 -87.16
C LEU D 30 -27.93 -90.76 -86.05
N VAL D 31 -29.20 -90.85 -85.63
CA VAL D 31 -29.74 -90.08 -84.53
C VAL D 31 -30.18 -91.07 -83.46
N CYS D 32 -29.42 -91.16 -82.38
CA CYS D 32 -29.68 -92.08 -81.29
C CYS D 32 -30.30 -91.37 -80.11
N GLY D 33 -31.04 -92.13 -79.30
CA GLY D 33 -31.70 -91.59 -78.14
C GLY D 33 -32.92 -92.40 -77.73
N SER D 34 -33.22 -92.43 -76.43
CA SER D 34 -34.36 -93.18 -75.93
C SER D 34 -35.67 -92.57 -76.42
N ALA D 35 -36.78 -93.20 -76.07
CA ALA D 35 -38.09 -92.69 -76.49
C ALA D 35 -38.33 -91.31 -75.91
N GLY D 36 -38.87 -90.42 -76.74
CA GLY D 36 -39.20 -89.07 -76.32
C GLY D 36 -38.08 -88.05 -76.42
N CYS D 37 -36.90 -88.44 -76.91
CA CYS D 37 -35.80 -87.50 -77.04
C CYS D 37 -36.01 -86.50 -78.17
N GLY D 38 -36.65 -86.93 -79.26
CA GLY D 38 -36.95 -86.02 -80.35
C GLY D 38 -36.31 -86.37 -81.67
N LYS D 39 -36.00 -87.65 -81.89
CA LYS D 39 -35.39 -88.09 -83.14
C LYS D 39 -36.34 -87.89 -84.31
N THR D 40 -37.61 -88.26 -84.13
CA THR D 40 -38.58 -88.12 -85.21
C THR D 40 -38.76 -86.67 -85.60
N LEU D 41 -38.86 -85.78 -84.61
CA LEU D 41 -38.97 -84.36 -84.90
C LEU D 41 -37.70 -83.83 -85.56
N PHE D 42 -36.53 -84.31 -85.10
CA PHE D 42 -35.28 -83.91 -85.75
C PHE D 42 -35.32 -84.21 -87.24
N ALA D 43 -35.68 -85.45 -87.59
CA ALA D 43 -35.77 -85.82 -89.00
C ALA D 43 -36.82 -84.99 -89.73
N SER D 44 -37.96 -84.74 -89.07
CA SER D 44 -39.03 -84.00 -89.71
C SER D 44 -38.61 -82.58 -90.07
N THR D 45 -38.02 -81.86 -89.11
CA THR D 45 -37.53 -80.51 -89.42
C THR D 45 -36.40 -80.57 -90.44
N PHE D 46 -35.54 -81.58 -90.36
CA PHE D 46 -34.54 -81.77 -91.40
C PHE D 46 -35.18 -81.69 -92.78
N LEU D 47 -36.15 -82.57 -93.03
CA LEU D 47 -36.80 -82.62 -94.34
C LEU D 47 -37.51 -81.31 -94.66
N ILE D 48 -38.25 -80.78 -93.68
CA ILE D 48 -39.08 -79.59 -93.93
C ILE D 48 -38.21 -78.39 -94.28
N ASN D 49 -37.15 -78.16 -93.49
CA ASN D 49 -36.25 -77.05 -93.76
C ASN D 49 -35.51 -77.25 -95.06
N GLY D 50 -35.08 -78.48 -95.36
CA GLY D 50 -34.44 -78.72 -96.64
C GLY D 50 -35.33 -78.38 -97.81
N VAL D 51 -36.61 -78.76 -97.73
CA VAL D 51 -37.52 -78.46 -98.82
C VAL D 51 -37.86 -76.96 -98.89
N ARG D 52 -38.07 -76.31 -97.75
CA ARG D 52 -38.60 -74.95 -97.73
C ARG D 52 -37.54 -73.86 -97.73
N ASP D 53 -36.27 -74.20 -97.59
CA ASP D 53 -35.24 -73.17 -97.50
C ASP D 53 -34.11 -73.40 -98.51
N HIS D 54 -33.85 -74.67 -98.84
CA HIS D 54 -32.77 -75.01 -99.76
C HIS D 54 -33.25 -75.76 -101.00
N GLY D 55 -34.57 -75.85 -101.20
CA GLY D 55 -35.12 -76.42 -102.41
C GLY D 55 -34.69 -77.85 -102.70
N GLU D 56 -34.76 -78.71 -101.69
CA GLU D 56 -34.41 -80.12 -101.85
C GLU D 56 -35.60 -80.99 -101.48
N PRO D 57 -36.13 -81.78 -102.41
CA PRO D 57 -37.26 -82.66 -102.09
C PRO D 57 -36.88 -83.72 -101.08
N GLY D 58 -37.88 -84.17 -100.33
CA GLY D 58 -37.66 -85.08 -99.23
C GLY D 58 -38.57 -86.30 -99.32
N VAL D 59 -38.08 -87.39 -98.73
CA VAL D 59 -38.83 -88.64 -98.61
C VAL D 59 -38.72 -89.12 -97.17
N PHE D 60 -39.84 -89.54 -96.61
CA PHE D 60 -39.92 -90.00 -95.23
C PHE D 60 -40.43 -91.43 -95.23
N VAL D 61 -39.53 -92.39 -95.03
CA VAL D 61 -39.88 -93.81 -94.99
C VAL D 61 -40.02 -94.20 -93.53
N THR D 62 -41.25 -94.47 -93.11
CA THR D 62 -41.56 -94.82 -91.73
C THR D 62 -41.94 -96.30 -91.66
N PHE D 63 -41.35 -97.02 -90.70
CA PHE D 63 -41.63 -98.44 -90.56
C PHE D 63 -42.61 -98.74 -89.43
N GLU D 64 -42.85 -97.79 -88.53
CA GLU D 64 -43.81 -97.98 -87.43
C GLU D 64 -44.97 -97.02 -87.50
N GLU D 65 -44.71 -95.72 -87.56
CA GLU D 65 -45.76 -94.71 -87.49
C GLU D 65 -46.45 -94.56 -88.84
N ARG D 66 -47.76 -94.35 -88.80
CA ARG D 66 -48.53 -94.14 -90.02
C ARG D 66 -48.40 -92.69 -90.50
N PRO D 67 -48.71 -92.42 -91.77
CA PRO D 67 -48.62 -91.05 -92.27
C PRO D 67 -49.45 -90.06 -91.49
N GLU D 68 -50.62 -90.47 -91.00
CA GLU D 68 -51.45 -89.59 -90.18
C GLU D 68 -50.69 -89.16 -88.93
N ASP D 69 -50.06 -90.11 -88.24
CA ASP D 69 -49.28 -89.78 -87.05
C ASP D 69 -48.10 -88.90 -87.42
N ILE D 70 -47.42 -89.21 -88.53
CA ILE D 70 -46.24 -88.44 -88.92
C ILE D 70 -46.61 -86.99 -89.18
N VAL D 71 -47.73 -86.75 -89.87
CA VAL D 71 -48.16 -85.38 -90.14
C VAL D 71 -48.64 -84.69 -88.86
N ASN D 72 -49.41 -85.39 -88.02
CA ASN D 72 -49.97 -84.77 -86.82
C ASN D 72 -48.86 -84.39 -85.84
N ASN D 73 -47.78 -85.17 -85.79
CA ASN D 73 -46.70 -84.86 -84.86
C ASN D 73 -46.16 -83.45 -85.08
N VAL D 74 -45.92 -83.09 -86.35
CA VAL D 74 -45.37 -81.77 -86.65
C VAL D 74 -46.45 -80.73 -86.97
N ALA D 75 -47.72 -81.14 -87.04
CA ALA D 75 -48.78 -80.16 -87.28
C ALA D 75 -48.75 -79.02 -86.28
N SER D 76 -48.41 -79.33 -85.02
CA SER D 76 -48.42 -78.30 -83.98
C SER D 76 -47.24 -77.34 -84.11
N LEU D 77 -46.12 -77.81 -84.64
CA LEU D 77 -44.91 -76.99 -84.70
C LEU D 77 -45.03 -75.87 -85.73
N GLY D 78 -46.10 -75.89 -86.53
CA GLY D 78 -46.34 -74.88 -87.53
C GLY D 78 -46.10 -75.31 -88.95
N PHE D 79 -45.39 -76.43 -89.16
CA PHE D 79 -45.25 -76.96 -90.50
C PHE D 79 -46.59 -77.49 -91.00
N GLU D 80 -46.70 -77.63 -92.32
CA GLU D 80 -47.90 -78.18 -92.94
C GLU D 80 -47.46 -79.32 -93.85
N LEU D 81 -47.28 -80.51 -93.25
CA LEU D 81 -46.96 -81.68 -94.05
C LEU D 81 -48.08 -82.02 -95.01
N ASP D 82 -49.33 -81.75 -94.64
CA ASP D 82 -50.43 -81.95 -95.58
C ASP D 82 -50.22 -81.13 -96.84
N LYS D 83 -49.84 -79.86 -96.69
CA LYS D 83 -49.60 -79.02 -97.86
C LYS D 83 -48.34 -79.43 -98.61
N LEU D 84 -47.28 -79.80 -97.89
CA LEU D 84 -46.04 -80.17 -98.56
C LEU D 84 -46.16 -81.50 -99.31
N ILE D 85 -47.09 -82.36 -98.91
CA ILE D 85 -47.39 -83.57 -99.68
C ILE D 85 -48.40 -83.28 -100.77
N GLU D 86 -49.46 -82.56 -100.43
CA GLU D 86 -50.42 -81.99 -101.38
C GLU D 86 -49.73 -81.27 -102.53
N GLU D 87 -48.50 -80.82 -102.35
CA GLU D 87 -47.70 -80.28 -103.44
C GLU D 87 -46.58 -81.21 -103.89
N GLU D 88 -46.44 -82.37 -103.26
CA GLU D 88 -45.28 -83.26 -103.40
C GLU D 88 -43.99 -82.46 -103.42
N LYS D 89 -43.62 -82.01 -102.23
CA LYS D 89 -42.26 -81.68 -101.88
C LYS D 89 -41.66 -82.65 -100.87
N ILE D 90 -42.51 -83.34 -100.10
CA ILE D 90 -42.10 -84.44 -99.25
C ILE D 90 -43.06 -85.59 -99.47
N ALA D 91 -42.50 -86.78 -99.73
CA ALA D 91 -43.26 -87.99 -100.02
C ALA D 91 -43.12 -88.97 -98.87
N ILE D 92 -44.24 -89.44 -98.33
CA ILE D 92 -44.27 -90.29 -97.15
C ILE D 92 -44.56 -91.72 -97.58
N GLU D 93 -43.73 -92.66 -97.14
CA GLU D 93 -43.88 -94.07 -97.44
C GLU D 93 -43.98 -94.84 -96.13
N HIS D 94 -45.17 -95.37 -95.85
CA HIS D 94 -45.43 -96.17 -94.66
C HIS D 94 -45.19 -97.63 -95.04
N ILE D 95 -43.99 -98.12 -94.74
CA ILE D 95 -43.59 -99.47 -95.16
C ILE D 95 -43.80 -100.36 -93.94
N ALA D 96 -44.99 -100.95 -93.86
CA ALA D 96 -45.38 -101.79 -92.73
C ALA D 96 -45.48 -103.25 -93.17
N VAL D 97 -44.98 -104.15 -92.34
CA VAL D 97 -44.99 -105.58 -92.60
C VAL D 97 -45.67 -106.27 -91.43
N ASP D 98 -46.64 -107.14 -91.73
CA ASP D 98 -47.35 -107.89 -90.71
C ASP D 98 -46.90 -109.34 -90.73
N PRO D 99 -46.27 -109.85 -89.67
CA PRO D 99 -45.79 -111.24 -89.71
C PRO D 99 -46.90 -112.28 -89.58
N SER D 100 -48.13 -111.87 -89.25
CA SER D 100 -49.19 -112.84 -89.05
C SER D 100 -49.46 -113.65 -90.31
N GLU D 101 -49.62 -112.96 -91.45
CA GLU D 101 -49.85 -113.63 -92.72
C GLU D 101 -48.57 -113.86 -93.52
N VAL D 102 -47.44 -114.02 -92.83
CA VAL D 102 -46.15 -114.23 -93.49
C VAL D 102 -45.61 -115.59 -93.07
N ALA D 103 -45.33 -116.44 -94.05
CA ALA D 103 -44.62 -117.69 -93.85
C ALA D 103 -43.42 -117.73 -94.78
N GLU D 104 -42.24 -118.00 -94.22
CA GLU D 104 -40.98 -117.85 -94.93
C GLU D 104 -40.50 -119.22 -95.39
N ILE D 105 -40.42 -119.41 -96.71
CA ILE D 105 -39.83 -120.60 -97.31
C ILE D 105 -38.79 -120.13 -98.33
N GLY D 106 -37.55 -120.59 -98.16
CA GLY D 106 -36.49 -120.16 -99.04
C GLY D 106 -35.88 -118.84 -98.61
N ASP D 107 -35.17 -118.21 -99.54
CA ASP D 107 -34.48 -116.95 -99.32
C ASP D 107 -35.24 -115.82 -99.99
N TYR D 108 -35.33 -114.69 -99.31
CA TYR D 108 -36.05 -113.51 -99.78
C TYR D 108 -35.17 -112.29 -99.70
N ASP D 109 -35.41 -111.34 -100.61
CA ASP D 109 -34.71 -110.06 -100.63
C ASP D 109 -35.72 -108.95 -100.49
N LEU D 110 -35.36 -107.92 -99.71
CA LEU D 110 -36.25 -106.78 -99.50
C LEU D 110 -36.22 -105.90 -100.75
N GLU D 111 -36.65 -106.50 -101.86
CA GLU D 111 -36.70 -105.85 -103.16
C GLU D 111 -37.84 -104.85 -103.28
N GLY D 112 -38.99 -105.14 -102.65
CA GLY D 112 -40.09 -104.19 -102.68
C GLY D 112 -39.75 -102.90 -101.96
N LEU D 113 -38.99 -102.99 -100.87
CA LEU D 113 -38.51 -101.78 -100.21
C LEU D 113 -37.78 -100.87 -101.19
N PHE D 114 -36.80 -101.43 -101.90
CA PHE D 114 -36.04 -100.63 -102.87
C PHE D 114 -36.94 -100.10 -103.98
N LEU D 115 -37.83 -100.93 -104.51
CA LEU D 115 -38.68 -100.48 -105.62
C LEU D 115 -39.57 -99.33 -105.18
N ARG D 116 -40.23 -99.45 -104.03
CA ARG D 116 -41.11 -98.39 -103.56
C ARG D 116 -40.34 -97.12 -103.23
N LEU D 117 -39.18 -97.27 -102.59
CA LEU D 117 -38.39 -96.09 -102.24
C LEU D 117 -37.89 -95.38 -103.50
N GLU D 118 -37.46 -96.13 -104.50
CA GLU D 118 -37.06 -95.55 -105.77
C GLU D 118 -38.23 -94.85 -106.46
N LEU D 119 -39.42 -95.47 -106.42
CA LEU D 119 -40.58 -94.85 -107.03
C LEU D 119 -40.88 -93.51 -106.37
N ALA D 120 -40.85 -93.47 -105.03
CA ALA D 120 -41.08 -92.21 -104.33
C ALA D 120 -40.02 -91.18 -104.66
N ILE D 121 -38.75 -91.60 -104.73
CA ILE D 121 -37.67 -90.66 -105.00
C ILE D 121 -37.84 -90.04 -106.38
N ASP D 122 -38.15 -90.87 -107.39
CA ASP D 122 -38.35 -90.34 -108.73
C ASP D 122 -39.63 -89.51 -108.83
N THR D 123 -40.66 -89.85 -108.06
CA THR D 123 -41.88 -89.06 -108.08
C THR D 123 -41.65 -87.66 -107.52
N VAL D 124 -40.89 -87.55 -106.43
CA VAL D 124 -40.73 -86.27 -105.75
C VAL D 124 -39.44 -85.55 -106.12
N GLY D 125 -38.58 -86.15 -106.94
CA GLY D 125 -37.29 -85.56 -107.24
C GLY D 125 -36.48 -85.39 -105.97
N ALA D 126 -36.62 -86.34 -105.05
CA ALA D 126 -36.10 -86.19 -103.70
C ALA D 126 -34.58 -86.19 -103.68
N LYS D 127 -34.03 -85.40 -102.75
CA LYS D 127 -32.60 -85.43 -102.44
C LYS D 127 -32.33 -85.78 -100.98
N ARG D 128 -33.34 -85.67 -100.10
CA ARG D 128 -33.17 -85.99 -98.70
C ARG D 128 -34.10 -87.14 -98.35
N VAL D 129 -33.63 -88.04 -97.49
CA VAL D 129 -34.37 -89.23 -97.10
C VAL D 129 -34.25 -89.42 -95.59
N VAL D 130 -35.34 -89.82 -94.97
CA VAL D 130 -35.38 -90.11 -93.54
C VAL D 130 -35.90 -91.53 -93.37
N LEU D 131 -35.22 -92.32 -92.54
CA LEU D 131 -35.60 -93.70 -92.25
C LEU D 131 -35.96 -93.79 -90.77
N ASP D 132 -37.25 -93.97 -90.49
CA ASP D 132 -37.77 -93.93 -89.13
C ASP D 132 -38.17 -95.33 -88.67
N THR D 133 -37.67 -95.72 -87.50
CA THR D 133 -38.02 -96.99 -86.85
C THR D 133 -37.67 -98.18 -87.73
N ILE D 134 -36.37 -98.35 -87.98
CA ILE D 134 -35.89 -99.45 -88.81
C ILE D 134 -35.74 -100.71 -87.96
N GLU D 135 -36.04 -100.61 -86.66
CA GLU D 135 -35.98 -101.79 -85.80
C GLU D 135 -37.17 -102.70 -86.02
N SER D 136 -38.32 -102.13 -86.40
CA SER D 136 -39.49 -102.95 -86.72
C SER D 136 -39.21 -103.86 -87.91
N LEU D 137 -38.37 -103.41 -88.85
CA LEU D 137 -38.00 -104.25 -89.97
C LEU D 137 -37.32 -105.53 -89.49
N PHE D 138 -36.38 -105.41 -88.54
CA PHE D 138 -35.77 -106.59 -87.94
C PHE D 138 -36.78 -107.41 -87.15
N SER D 139 -37.63 -106.74 -86.37
CA SER D 139 -38.59 -107.46 -85.53
C SER D 139 -39.58 -108.28 -86.36
N ALA D 140 -39.91 -107.83 -87.58
CA ALA D 140 -40.90 -108.52 -88.38
C ALA D 140 -40.36 -109.84 -88.92
N PHE D 141 -39.32 -109.77 -89.74
CA PHE D 141 -38.77 -110.96 -90.36
C PHE D 141 -37.94 -111.76 -89.36
N SER D 142 -37.83 -113.07 -89.63
CA SER D 142 -37.15 -113.99 -88.72
C SER D 142 -35.66 -114.12 -89.02
N ASN D 143 -35.28 -114.22 -90.29
CA ASN D 143 -33.88 -114.42 -90.63
C ASN D 143 -33.10 -113.13 -90.41
N PRO D 144 -32.12 -113.12 -89.49
CA PRO D 144 -31.39 -111.87 -89.21
C PRO D 144 -30.36 -111.52 -90.27
N ALA D 145 -29.69 -112.54 -90.81
CA ALA D 145 -28.63 -112.30 -91.78
C ALA D 145 -29.18 -111.66 -93.05
N ILE D 146 -30.35 -112.11 -93.50
CA ILE D 146 -30.94 -111.54 -94.71
C ILE D 146 -31.24 -110.06 -94.51
N LEU D 147 -31.82 -109.71 -93.36
CA LEU D 147 -32.12 -108.30 -93.08
C LEU D 147 -30.84 -107.48 -92.99
N ARG D 148 -29.82 -108.02 -92.33
CA ARG D 148 -28.54 -107.33 -92.23
C ARG D 148 -27.98 -107.02 -93.62
N ALA D 149 -27.91 -108.05 -94.47
CA ALA D 149 -27.40 -107.84 -95.82
C ALA D 149 -28.28 -106.86 -96.59
N GLU D 150 -29.60 -106.98 -96.44
CA GLU D 150 -30.50 -106.14 -97.22
C GLU D 150 -30.33 -104.67 -96.89
N ILE D 151 -30.23 -104.32 -95.60
CA ILE D 151 -30.11 -102.89 -95.33
C ILE D 151 -28.67 -102.41 -95.50
N ARG D 152 -27.67 -103.30 -95.40
CA ARG D 152 -26.34 -102.87 -95.82
C ARG D 152 -26.34 -102.49 -97.30
N ARG D 153 -27.01 -103.30 -98.12
CA ARG D 153 -27.23 -102.96 -99.52
C ARG D 153 -28.05 -101.68 -99.66
N LEU D 154 -29.03 -101.47 -98.79
CA LEU D 154 -29.84 -100.26 -98.85
C LEU D 154 -29.00 -99.01 -98.58
N PHE D 155 -28.18 -99.04 -97.53
CA PHE D 155 -27.30 -97.89 -97.25
C PHE D 155 -26.30 -97.67 -98.37
N ASP D 156 -25.72 -98.76 -98.88
CA ASP D 156 -24.80 -98.64 -100.01
C ASP D 156 -25.50 -98.03 -101.21
N TRP D 157 -26.76 -98.42 -101.45
CA TRP D 157 -27.53 -97.91 -102.59
C TRP D 157 -27.89 -96.44 -102.41
N LEU D 158 -28.23 -96.04 -101.19
CA LEU D 158 -28.50 -94.64 -100.93
C LEU D 158 -27.26 -93.79 -101.17
N LYS D 159 -26.12 -94.23 -100.63
CA LYS D 159 -24.87 -93.53 -100.93
C LYS D 159 -24.58 -93.55 -102.43
N GLU D 160 -24.92 -94.66 -103.08
CA GLU D 160 -24.56 -94.89 -104.48
C GLU D 160 -25.30 -93.96 -105.42
N ARG D 161 -26.57 -93.70 -105.15
CA ARG D 161 -27.24 -92.66 -105.93
C ARG D 161 -27.14 -91.28 -105.29
N GLY D 162 -26.51 -91.16 -104.13
CA GLY D 162 -26.17 -89.84 -103.61
C GLY D 162 -27.31 -89.04 -103.01
N LEU D 163 -28.07 -89.63 -102.09
CA LEU D 163 -29.06 -88.91 -101.32
C LEU D 163 -28.57 -88.68 -99.90
N THR D 164 -29.04 -87.61 -99.27
CA THR D 164 -28.69 -87.29 -97.90
C THR D 164 -29.69 -87.96 -96.97
N THR D 165 -29.25 -88.94 -96.20
CA THR D 165 -30.14 -89.79 -95.43
C THR D 165 -29.89 -89.64 -93.94
N VAL D 166 -30.98 -89.59 -93.18
CA VAL D 166 -30.95 -89.52 -91.72
C VAL D 166 -31.73 -90.71 -91.17
N ILE D 167 -31.10 -91.45 -90.27
CA ILE D 167 -31.66 -92.69 -89.74
C ILE D 167 -31.97 -92.49 -88.26
N THR D 168 -33.18 -92.89 -87.85
CA THR D 168 -33.59 -92.82 -86.46
C THR D 168 -33.43 -94.20 -85.81
N ALA D 169 -32.68 -94.24 -84.71
CA ALA D 169 -32.40 -95.49 -84.01
C ALA D 169 -32.56 -95.30 -82.51
N GLU D 170 -33.06 -96.33 -81.85
CA GLU D 170 -33.18 -96.32 -80.39
C GLU D 170 -31.82 -96.57 -79.74
N ARG D 171 -31.71 -96.17 -78.48
CA ARG D 171 -30.42 -96.26 -77.78
C ARG D 171 -30.15 -97.67 -77.29
N GLY D 172 -31.00 -98.20 -76.41
CA GLY D 172 -30.78 -99.52 -75.85
C GLY D 172 -30.24 -99.49 -74.44
N ASP D 173 -29.32 -100.40 -74.13
CA ASP D 173 -28.78 -100.50 -72.78
C ASP D 173 -27.26 -100.46 -72.73
N GLY D 174 -26.58 -101.07 -73.70
CA GLY D 174 -25.14 -101.18 -73.65
C GLY D 174 -24.42 -100.09 -74.44
N ALA D 175 -24.84 -99.88 -75.69
CA ALA D 175 -24.22 -98.88 -76.54
C ALA D 175 -25.23 -97.84 -76.96
N LEU D 176 -24.84 -96.94 -77.87
CA LEU D 176 -25.72 -95.90 -78.35
C LEU D 176 -26.82 -96.44 -79.27
N THR D 177 -26.79 -97.74 -79.58
CA THR D 177 -27.83 -98.35 -80.40
C THR D 177 -28.02 -99.79 -79.93
N ARG D 178 -29.27 -100.25 -80.02
CA ARG D 178 -29.62 -101.59 -79.60
C ARG D 178 -29.59 -102.62 -80.72
N GLN D 179 -29.58 -102.18 -81.97
CA GLN D 179 -29.54 -103.09 -83.12
C GLN D 179 -28.22 -103.02 -83.88
N GLY D 180 -27.22 -102.35 -83.32
CA GLY D 180 -25.91 -102.30 -83.97
C GLY D 180 -25.88 -101.54 -85.29
N LEU D 181 -26.62 -100.44 -85.37
CA LEU D 181 -26.55 -99.60 -86.56
C LEU D 181 -25.33 -98.68 -86.54
N GLU D 182 -24.67 -98.55 -85.39
CA GLU D 182 -23.38 -97.86 -85.35
C GLU D 182 -22.34 -98.59 -86.18
N GLU D 183 -22.37 -99.93 -86.17
CA GLU D 183 -21.49 -100.71 -87.01
C GLU D 183 -21.56 -100.21 -88.46
N TYR D 184 -22.71 -99.67 -88.84
CA TYR D 184 -22.99 -99.39 -90.25
C TYR D 184 -22.79 -97.92 -90.56
N VAL D 185 -23.38 -97.04 -89.76
CA VAL D 185 -23.37 -95.59 -89.98
C VAL D 185 -22.33 -94.98 -89.05
N SER D 186 -21.25 -94.46 -89.63
CA SER D 186 -20.23 -93.77 -88.85
C SER D 186 -19.90 -92.38 -89.38
N ASP D 187 -20.58 -91.94 -90.45
CA ASP D 187 -20.32 -90.61 -90.98
C ASP D 187 -20.70 -89.51 -90.00
N CYS D 188 -21.79 -89.71 -89.25
CA CYS D 188 -22.22 -88.73 -88.26
C CYS D 188 -23.15 -89.41 -87.28
N VAL D 189 -22.89 -89.23 -85.99
CA VAL D 189 -23.69 -89.81 -84.91
C VAL D 189 -24.08 -88.70 -83.95
N ILE D 190 -25.38 -88.53 -83.74
CA ILE D 190 -25.91 -87.48 -82.88
C ILE D 190 -26.76 -88.15 -81.80
N LEU D 191 -26.38 -87.95 -80.55
CA LEU D 191 -27.07 -88.54 -79.41
C LEU D 191 -27.91 -87.47 -78.72
N LEU D 192 -29.20 -87.76 -78.56
CA LEU D 192 -30.13 -86.88 -77.85
C LEU D 192 -30.47 -87.51 -76.51
N ASP D 193 -30.40 -86.70 -75.45
CA ASP D 193 -30.62 -87.19 -74.10
C ASP D 193 -31.63 -86.31 -73.39
N HIS D 194 -32.38 -86.90 -72.47
CA HIS D 194 -33.39 -86.18 -71.70
C HIS D 194 -33.23 -86.62 -70.24
N ARG D 195 -32.51 -85.80 -69.46
CA ARG D 195 -32.11 -86.19 -68.13
C ARG D 195 -32.76 -85.29 -67.08
N VAL D 196 -33.15 -85.91 -65.96
CA VAL D 196 -33.82 -85.21 -64.86
C VAL D 196 -32.85 -85.12 -63.70
N GLU D 197 -32.66 -83.90 -63.19
CA GLU D 197 -31.83 -83.65 -62.02
C GLU D 197 -32.58 -82.72 -61.08
N ASN D 198 -32.70 -83.13 -59.82
CA ASN D 198 -33.43 -82.35 -58.82
C ASN D 198 -34.85 -82.05 -59.28
N GLN D 199 -35.48 -83.03 -59.92
CA GLN D 199 -36.84 -82.99 -60.43
C GLN D 199 -36.96 -82.13 -61.68
N ILE D 200 -35.89 -81.50 -62.15
CA ILE D 200 -35.91 -80.67 -63.35
C ILE D 200 -35.33 -81.47 -64.50
N SER D 201 -36.08 -81.58 -65.59
CA SER D 201 -35.66 -82.35 -66.76
C SER D 201 -35.20 -81.40 -67.86
N THR D 202 -34.06 -81.76 -68.46
CA THR D 202 -33.46 -80.96 -69.52
C THR D 202 -33.07 -81.86 -70.69
N ARG D 203 -33.10 -81.28 -71.88
CA ARG D 203 -32.81 -81.99 -73.12
C ARG D 203 -31.45 -81.52 -73.65
N ARG D 204 -30.58 -82.49 -73.95
CA ARG D 204 -29.21 -82.21 -74.38
C ARG D 204 -28.94 -82.93 -75.69
N LEU D 205 -28.05 -82.33 -76.49
CA LEU D 205 -27.63 -82.89 -77.77
C LEU D 205 -26.11 -83.00 -77.77
N ARG D 206 -25.60 -84.08 -78.35
CA ARG D 206 -24.16 -84.28 -78.43
C ARG D 206 -23.81 -84.90 -79.76
N ILE D 207 -22.73 -84.42 -80.38
CA ILE D 207 -22.22 -84.99 -81.63
C ILE D 207 -21.14 -86.00 -81.25
N VAL D 208 -21.52 -87.27 -81.16
CA VAL D 208 -20.58 -88.28 -80.65
C VAL D 208 -19.42 -88.46 -81.61
N LYS D 209 -19.71 -88.57 -82.90
CA LYS D 209 -18.67 -88.81 -83.91
C LYS D 209 -19.13 -88.21 -85.23
N TYR D 210 -18.39 -87.22 -85.72
CA TYR D 210 -18.66 -86.61 -87.02
C TYR D 210 -17.38 -86.70 -87.84
N ARG D 211 -17.37 -87.61 -88.81
CA ARG D 211 -16.15 -87.92 -89.55
C ARG D 211 -15.97 -86.93 -90.71
N GLY D 212 -14.78 -86.34 -90.79
CA GLY D 212 -14.41 -85.52 -91.93
C GLY D 212 -14.07 -84.07 -91.64
N THR D 213 -14.31 -83.58 -90.43
CA THR D 213 -14.00 -82.19 -90.11
C THR D 213 -14.28 -81.92 -88.64
N ALA D 214 -13.87 -80.74 -88.20
CA ALA D 214 -14.06 -80.35 -86.80
C ALA D 214 -15.52 -80.04 -86.53
N HIS D 215 -15.85 -79.97 -85.24
CA HIS D 215 -17.22 -79.74 -84.79
C HIS D 215 -17.19 -79.55 -83.28
N GLY D 216 -18.35 -79.19 -82.73
CA GLY D 216 -18.49 -79.08 -81.28
C GLY D 216 -18.56 -80.45 -80.63
N THR D 217 -17.92 -80.56 -79.47
CA THR D 217 -17.84 -81.83 -78.75
C THR D 217 -18.53 -81.82 -77.39
N ASN D 218 -18.97 -80.66 -76.90
CA ASN D 218 -19.62 -80.58 -75.61
C ASN D 218 -21.09 -80.99 -75.73
N GLU D 219 -21.76 -81.11 -74.59
CA GLU D 219 -23.20 -81.38 -74.55
C GLU D 219 -23.95 -80.06 -74.54
N TYR D 220 -24.77 -79.84 -75.55
CA TYR D 220 -25.45 -78.57 -75.74
C TYR D 220 -26.92 -78.71 -75.36
N PRO D 221 -27.39 -78.01 -74.34
CA PRO D 221 -28.83 -78.07 -74.02
C PRO D 221 -29.65 -77.38 -75.10
N PHE D 222 -30.65 -78.09 -75.59
CA PHE D 222 -31.53 -77.58 -76.64
C PHE D 222 -32.97 -77.54 -76.14
N LEU D 223 -33.82 -76.89 -76.93
CA LEU D 223 -35.22 -76.70 -76.56
C LEU D 223 -36.11 -76.96 -77.77
N ILE D 224 -37.29 -77.50 -77.51
CA ILE D 224 -38.32 -77.70 -78.53
C ILE D 224 -39.45 -76.72 -78.21
N ASP D 225 -39.70 -75.80 -79.14
CA ASP D 225 -40.67 -74.73 -78.94
C ASP D 225 -41.61 -74.68 -80.14
N THR D 226 -42.43 -73.62 -80.19
CA THR D 226 -43.36 -73.48 -81.30
C THR D 226 -42.63 -73.47 -82.64
N ASP D 227 -41.47 -72.81 -82.69
CA ASP D 227 -40.66 -72.83 -83.91
C ASP D 227 -40.17 -74.24 -84.21
N GLY D 228 -39.74 -74.97 -83.18
CA GLY D 228 -39.20 -76.29 -83.32
C GLY D 228 -37.90 -76.40 -82.55
N PHE D 229 -36.94 -77.13 -83.12
CA PHE D 229 -35.63 -77.21 -82.52
C PHE D 229 -34.97 -75.83 -82.46
N SER D 230 -34.42 -75.50 -81.30
CA SER D 230 -33.65 -74.27 -81.11
C SER D 230 -32.42 -74.59 -80.28
N VAL D 231 -31.27 -74.16 -80.77
CA VAL D 231 -30.01 -74.44 -80.08
C VAL D 231 -29.18 -73.16 -80.04
N LEU D 232 -28.99 -72.63 -78.83
CA LEU D 232 -28.16 -71.44 -78.64
C LEU D 232 -26.91 -71.83 -77.86
N PRO D 233 -25.93 -72.45 -78.53
CA PRO D 233 -24.73 -72.90 -77.81
C PRO D 233 -23.99 -71.73 -77.17
N VAL D 234 -23.44 -71.99 -75.97
CA VAL D 234 -22.65 -70.99 -75.27
C VAL D 234 -21.27 -70.80 -75.87
N SER D 235 -20.87 -71.66 -76.82
CA SER D 235 -19.58 -71.57 -77.46
C SER D 235 -19.58 -70.66 -78.69
N ALA D 236 -20.75 -70.16 -79.10
CA ALA D 236 -20.85 -69.27 -80.24
C ALA D 236 -20.66 -67.80 -79.87
N LEU D 237 -20.68 -67.46 -78.58
CA LEU D 237 -20.49 -66.08 -78.17
C LEU D 237 -19.08 -65.60 -78.50
N GLY D 238 -18.99 -64.38 -79.02
CA GLY D 238 -17.71 -63.79 -79.34
C GLY D 238 -17.61 -62.39 -78.79
N LEU D 239 -16.36 -61.97 -78.57
CA LEU D 239 -16.08 -60.63 -78.02
C LEU D 239 -15.81 -59.65 -79.16
N LEU D 240 -16.87 -59.40 -79.93
CA LEU D 240 -16.86 -58.40 -80.99
C LEU D 240 -18.07 -57.48 -80.78
N HIS D 241 -17.88 -56.46 -79.93
CA HIS D 241 -18.94 -55.57 -79.52
C HIS D 241 -18.59 -54.15 -79.96
N GLN D 242 -19.36 -53.59 -80.89
CA GLN D 242 -19.15 -52.22 -81.30
C GLN D 242 -19.50 -51.27 -80.17
N VAL D 243 -18.57 -50.38 -79.83
CA VAL D 243 -18.79 -49.46 -78.73
C VAL D 243 -19.32 -48.13 -79.25
N HIS D 244 -20.00 -47.40 -78.38
CA HIS D 244 -20.58 -46.11 -78.71
C HIS D 244 -20.04 -45.05 -77.76
N GLU D 245 -19.90 -43.83 -78.27
CA GLU D 245 -19.39 -42.72 -77.49
C GLU D 245 -20.48 -41.88 -76.85
N GLU D 246 -21.76 -42.23 -77.06
CA GLU D 246 -22.85 -41.49 -76.44
C GLU D 246 -23.02 -41.92 -74.98
N ARG D 247 -23.80 -41.12 -74.26
CA ARG D 247 -24.07 -41.37 -72.85
C ARG D 247 -25.57 -41.56 -72.64
N ILE D 248 -25.91 -42.32 -71.60
CA ILE D 248 -27.30 -42.57 -71.24
C ILE D 248 -27.59 -41.86 -69.92
N ALA D 249 -28.86 -41.46 -69.76
CA ALA D 249 -29.31 -40.74 -68.58
C ALA D 249 -30.01 -41.72 -67.64
N SER D 250 -29.51 -41.79 -66.40
CA SER D 250 -30.08 -42.72 -65.43
C SER D 250 -31.45 -42.24 -64.95
N GLY D 251 -31.70 -40.94 -65.01
CA GLY D 251 -32.90 -40.34 -64.46
C GLY D 251 -32.71 -39.69 -63.12
N VAL D 252 -31.58 -39.94 -62.45
CA VAL D 252 -31.25 -39.27 -61.19
C VAL D 252 -30.20 -38.20 -61.52
N PRO D 253 -30.55 -36.91 -61.42
CA PRO D 253 -29.57 -35.88 -61.80
C PRO D 253 -28.28 -35.93 -60.98
N ASP D 254 -28.38 -36.19 -59.68
CA ASP D 254 -27.18 -36.22 -58.85
C ASP D 254 -26.27 -37.37 -59.23
N LEU D 255 -26.83 -38.56 -59.40
CA LEU D 255 -26.03 -39.71 -59.82
C LEU D 255 -25.43 -39.48 -61.20
N ASP D 256 -26.19 -38.88 -62.12
CA ASP D 256 -25.68 -38.60 -63.45
C ASP D 256 -24.52 -37.63 -63.42
N ALA D 257 -24.61 -36.58 -62.60
CA ALA D 257 -23.52 -35.61 -62.52
C ALA D 257 -22.32 -36.18 -61.77
N MET D 258 -22.55 -37.14 -60.87
CA MET D 258 -21.44 -37.71 -60.11
C MET D 258 -20.37 -38.30 -61.03
N MET D 259 -20.76 -38.75 -62.22
CA MET D 259 -19.84 -39.36 -63.15
C MET D 259 -19.59 -38.42 -64.32
N ALA D 260 -18.34 -38.36 -64.77
CA ALA D 260 -17.98 -37.51 -65.90
C ALA D 260 -18.71 -37.95 -67.16
N GLY D 261 -19.08 -36.98 -67.99
CA GLY D 261 -19.77 -37.25 -69.24
C GLY D 261 -21.28 -37.24 -69.16
N GLY D 262 -21.86 -37.18 -67.96
CA GLY D 262 -23.30 -37.14 -67.80
C GLY D 262 -23.97 -38.48 -67.56
N GLY D 263 -23.25 -39.59 -67.72
CA GLY D 263 -23.86 -40.88 -67.46
C GLY D 263 -23.01 -42.00 -68.01
N PHE D 264 -23.46 -43.22 -67.74
CA PHE D 264 -22.76 -44.41 -68.21
C PHE D 264 -22.80 -44.47 -69.72
N PHE D 265 -21.77 -45.07 -70.32
CA PHE D 265 -21.73 -45.22 -71.76
C PHE D 265 -22.87 -46.11 -72.26
N ARG D 266 -23.44 -45.72 -73.40
CA ARG D 266 -24.60 -46.41 -73.95
C ARG D 266 -24.21 -47.82 -74.41
N GLY D 267 -25.16 -48.74 -74.28
CA GLY D 267 -24.94 -50.10 -74.67
C GLY D 267 -24.10 -50.92 -73.72
N SER D 268 -23.80 -50.40 -72.53
CA SER D 268 -22.98 -51.09 -71.55
C SER D 268 -23.84 -51.88 -70.58
N SER D 269 -23.20 -52.80 -69.85
CA SER D 269 -23.86 -53.62 -68.85
C SER D 269 -23.71 -52.95 -67.49
N ILE D 270 -24.84 -52.65 -66.85
CA ILE D 270 -24.86 -51.96 -65.56
C ILE D 270 -25.46 -52.89 -64.52
N LEU D 271 -24.72 -53.09 -63.44
CA LEU D 271 -25.18 -53.90 -62.31
C LEU D 271 -25.56 -53.00 -61.15
N VAL D 272 -26.67 -53.32 -60.50
CA VAL D 272 -27.13 -52.60 -59.32
C VAL D 272 -27.23 -53.62 -58.18
N SER D 273 -26.30 -53.55 -57.24
CA SER D 273 -26.21 -54.51 -56.16
C SER D 273 -26.65 -53.86 -54.85
N GLY D 274 -27.13 -54.68 -53.94
CA GLY D 274 -27.55 -54.20 -52.63
C GLY D 274 -28.40 -55.23 -51.91
N VAL D 275 -28.56 -55.00 -50.61
CA VAL D 275 -29.36 -55.87 -49.77
C VAL D 275 -30.84 -55.60 -50.02
N ALA D 276 -31.70 -56.49 -49.53
CA ALA D 276 -33.14 -56.30 -49.71
C ALA D 276 -33.58 -54.96 -49.13
N GLY D 277 -34.41 -54.25 -49.89
CA GLY D 277 -34.87 -52.94 -49.47
C GLY D 277 -33.93 -51.80 -49.76
N ALA D 278 -32.82 -52.05 -50.47
CA ALA D 278 -31.88 -50.98 -50.76
C ALA D 278 -32.43 -49.99 -51.76
N GLY D 279 -33.14 -50.46 -52.79
CA GLY D 279 -33.68 -49.58 -53.80
C GLY D 279 -33.21 -49.92 -55.21
N LYS D 280 -32.78 -51.17 -55.41
CA LYS D 280 -32.35 -51.60 -56.73
C LYS D 280 -33.48 -51.50 -57.75
N SER D 281 -34.68 -51.98 -57.36
CA SER D 281 -35.83 -51.88 -58.24
C SER D 281 -36.19 -50.43 -58.50
N SER D 282 -36.07 -49.56 -57.48
CA SER D 282 -36.37 -48.15 -57.68
C SER D 282 -35.41 -47.53 -58.70
N LEU D 283 -34.12 -47.85 -58.60
CA LEU D 283 -33.16 -47.32 -59.55
C LEU D 283 -33.41 -47.85 -60.96
N ALA D 284 -33.75 -49.13 -61.07
CA ALA D 284 -34.06 -49.71 -62.38
C ALA D 284 -35.28 -49.04 -62.99
N ALA D 285 -36.32 -48.80 -62.17
CA ALA D 285 -37.51 -48.10 -62.64
C ALA D 285 -37.18 -46.68 -63.07
N HIS D 286 -36.28 -46.02 -62.33
CA HIS D 286 -35.85 -44.68 -62.73
C HIS D 286 -35.18 -44.72 -64.10
N PHE D 287 -34.30 -45.70 -64.32
CA PHE D 287 -33.66 -45.85 -65.62
C PHE D 287 -34.70 -46.04 -66.71
N ALA D 288 -35.64 -46.95 -66.50
CA ALA D 288 -36.64 -47.26 -67.52
C ALA D 288 -37.50 -46.04 -67.82
N ALA D 289 -37.95 -45.34 -66.77
CA ALA D 289 -38.80 -44.17 -66.97
C ALA D 289 -38.04 -43.05 -67.69
N ALA D 290 -36.78 -42.84 -67.33
CA ALA D 290 -35.97 -41.84 -68.03
C ALA D 290 -35.80 -42.20 -69.50
N ALA D 291 -35.56 -43.48 -69.81
CA ALA D 291 -35.46 -43.90 -71.19
C ALA D 291 -36.77 -43.66 -71.93
N CYS D 292 -37.90 -43.99 -71.30
CA CYS D 292 -39.20 -43.81 -71.95
C CYS D 292 -39.49 -42.33 -72.20
N ALA D 293 -39.15 -41.46 -71.23
CA ALA D 293 -39.49 -40.05 -71.36
C ALA D 293 -38.84 -39.41 -72.59
N ARG D 294 -37.75 -40.00 -73.08
CA ARG D 294 -37.06 -39.48 -74.26
C ARG D 294 -37.63 -40.04 -75.56
N GLY D 295 -38.75 -40.75 -75.51
CA GLY D 295 -39.35 -41.31 -76.70
C GLY D 295 -38.80 -42.66 -77.12
N GLU D 296 -37.96 -43.28 -76.31
CA GLU D 296 -37.37 -44.58 -76.62
C GLU D 296 -38.16 -45.70 -75.95
N ARG D 297 -37.99 -46.90 -76.47
CA ARG D 297 -38.67 -48.07 -75.94
C ARG D 297 -37.89 -48.68 -74.79
N ALA D 298 -38.60 -49.35 -73.89
CA ALA D 298 -37.94 -49.95 -72.74
C ALA D 298 -38.70 -51.20 -72.29
N MET D 299 -37.94 -52.21 -71.84
CA MET D 299 -38.52 -53.43 -71.28
C MET D 299 -38.02 -53.66 -69.87
N TYR D 300 -38.90 -54.10 -68.98
CA TYR D 300 -38.55 -54.32 -67.58
C TYR D 300 -38.95 -55.76 -67.26
N PHE D 301 -38.01 -56.69 -67.42
CA PHE D 301 -38.25 -58.07 -67.02
C PHE D 301 -38.20 -58.15 -65.50
N SER D 302 -39.30 -58.60 -64.89
CA SER D 302 -39.41 -58.73 -63.45
C SER D 302 -39.71 -60.19 -63.09
N PHE D 303 -38.86 -60.76 -62.24
CA PHE D 303 -39.04 -62.13 -61.76
C PHE D 303 -39.47 -62.17 -60.29
N GLU D 304 -39.97 -61.04 -59.79
CA GLU D 304 -40.29 -60.90 -58.37
C GLU D 304 -41.66 -60.30 -58.10
N GLU D 305 -42.24 -59.54 -59.02
CA GLU D 305 -43.46 -58.80 -58.73
C GLU D 305 -44.39 -58.81 -59.95
N ALA D 306 -45.67 -58.59 -59.69
CA ALA D 306 -46.62 -58.42 -60.77
C ALA D 306 -46.59 -56.98 -61.29
N ALA D 307 -47.16 -56.80 -62.48
CA ALA D 307 -47.15 -55.47 -63.10
C ALA D 307 -47.88 -54.44 -62.24
N ASP D 308 -49.08 -54.79 -61.74
CA ASP D 308 -49.87 -53.85 -60.96
C ASP D 308 -49.19 -53.51 -59.63
N GLN D 309 -48.66 -54.53 -58.95
CA GLN D 309 -47.94 -54.30 -57.71
C GLN D 309 -46.74 -53.40 -57.93
N ALA D 310 -45.96 -53.67 -58.97
CA ALA D 310 -44.84 -52.80 -59.29
C ALA D 310 -45.31 -51.38 -59.58
N VAL D 311 -46.43 -51.25 -60.29
CA VAL D 311 -46.98 -49.93 -60.60
C VAL D 311 -47.27 -49.17 -59.33
N ARG D 312 -47.97 -49.79 -58.38
CA ARG D 312 -48.40 -48.99 -57.22
C ARG D 312 -47.28 -48.90 -56.19
N ASN D 313 -46.22 -49.71 -56.36
CA ASN D 313 -44.99 -49.50 -55.57
C ASN D 313 -44.21 -48.30 -56.07
N MET D 314 -44.10 -48.15 -57.40
CA MET D 314 -43.40 -47.01 -57.99
C MET D 314 -44.21 -45.71 -57.93
N ARG D 315 -45.53 -45.81 -57.93
CA ARG D 315 -46.36 -44.60 -57.85
C ARG D 315 -46.09 -43.84 -56.56
N SER D 316 -45.71 -44.56 -55.51
CA SER D 316 -45.30 -43.90 -54.27
C SER D 316 -44.03 -43.08 -54.46
N LEU D 317 -43.10 -43.55 -55.30
CA LEU D 317 -41.88 -42.80 -55.61
C LEU D 317 -42.14 -41.73 -56.66
N GLY D 318 -43.31 -41.77 -57.31
CA GLY D 318 -43.65 -40.75 -58.28
C GLY D 318 -43.46 -41.18 -59.71
N LEU D 319 -42.68 -42.24 -59.91
CA LEU D 319 -42.51 -42.79 -61.25
C LEU D 319 -43.83 -43.34 -61.74
N ASP D 320 -44.41 -42.69 -62.75
CA ASP D 320 -45.70 -43.05 -63.30
C ASP D 320 -45.45 -43.98 -64.48
N LEU D 321 -45.12 -45.24 -64.15
CA LEU D 321 -44.88 -46.24 -65.17
C LEU D 321 -46.15 -46.59 -65.95
N GLY D 322 -47.32 -46.35 -65.33
CA GLY D 322 -48.56 -46.60 -66.04
C GLY D 322 -48.67 -45.75 -67.30
N ARG D 323 -48.22 -44.50 -67.23
CA ARG D 323 -48.30 -43.61 -68.39
C ARG D 323 -47.53 -44.19 -69.58
N TRP D 324 -46.30 -44.63 -69.36
CA TRP D 324 -45.49 -45.16 -70.45
C TRP D 324 -45.97 -46.53 -70.92
N ARG D 325 -46.38 -47.40 -69.98
CA ARG D 325 -46.94 -48.68 -70.39
C ARG D 325 -48.22 -48.51 -71.21
N ASP D 326 -49.04 -47.51 -70.86
CA ASP D 326 -50.30 -47.24 -71.53
C ASP D 326 -50.10 -46.56 -72.88
N ALA D 327 -49.09 -45.69 -72.99
CA ALA D 327 -48.73 -45.11 -74.28
C ALA D 327 -47.97 -46.09 -75.18
N GLY D 328 -47.47 -47.19 -74.62
CA GLY D 328 -46.86 -48.23 -75.43
C GLY D 328 -45.37 -48.10 -75.63
N LEU D 329 -44.67 -47.48 -74.68
CA LEU D 329 -43.22 -47.37 -74.75
C LEU D 329 -42.50 -48.18 -73.68
N LEU D 330 -43.24 -48.82 -72.76
CA LEU D 330 -42.66 -49.62 -71.70
C LEU D 330 -43.37 -50.97 -71.65
N ARG D 331 -42.60 -52.03 -71.51
CA ARG D 331 -43.13 -53.39 -71.47
C ARG D 331 -42.78 -54.05 -70.14
N PHE D 332 -43.73 -54.79 -69.57
CA PHE D 332 -43.53 -55.56 -68.35
C PHE D 332 -43.82 -57.01 -68.64
N MET D 333 -43.00 -57.92 -68.11
CA MET D 333 -43.18 -59.35 -68.31
C MET D 333 -43.77 -60.01 -67.07
N ALA D 334 -43.13 -59.82 -65.92
CA ALA D 334 -43.60 -60.34 -64.64
C ALA D 334 -43.75 -61.87 -64.70
N THR D 335 -42.61 -62.51 -64.87
CA THR D 335 -42.56 -63.96 -65.01
C THR D 335 -41.73 -64.56 -63.87
N ARG D 336 -42.26 -65.61 -63.25
CA ARG D 336 -41.57 -66.26 -62.15
C ARG D 336 -40.40 -67.09 -62.67
N PRO D 337 -39.34 -67.25 -61.87
CA PRO D 337 -38.20 -68.07 -62.32
C PRO D 337 -38.56 -69.51 -62.61
N THR D 338 -39.51 -70.09 -61.88
CA THR D 338 -39.86 -71.49 -62.02
C THR D 338 -40.89 -71.75 -63.11
N PHE D 339 -41.43 -70.70 -63.73
CA PHE D 339 -42.45 -70.89 -64.76
C PHE D 339 -41.91 -71.70 -65.94
N TYR D 340 -40.71 -71.37 -66.40
CA TYR D 340 -40.08 -72.05 -67.52
C TYR D 340 -38.80 -72.74 -67.05
N SER D 341 -38.15 -73.44 -67.97
CA SER D 341 -36.79 -73.91 -67.75
C SER D 341 -35.82 -72.78 -68.14
N LEU D 342 -34.53 -72.97 -67.85
CA LEU D 342 -33.56 -71.93 -68.17
C LEU D 342 -33.52 -71.67 -69.68
N GLU D 343 -33.58 -72.73 -70.48
CA GLU D 343 -33.52 -72.56 -71.93
C GLU D 343 -34.70 -71.73 -72.43
N MET D 344 -35.91 -72.01 -71.94
CA MET D 344 -37.07 -71.25 -72.39
C MET D 344 -37.08 -69.84 -71.82
N HIS D 345 -36.57 -69.64 -70.61
CA HIS D 345 -36.38 -68.27 -70.13
C HIS D 345 -35.52 -67.49 -71.11
N LEU D 346 -34.36 -68.05 -71.47
CA LEU D 346 -33.48 -67.40 -72.43
C LEU D 346 -34.19 -67.16 -73.77
N ALA D 347 -34.89 -68.18 -74.27
CA ALA D 347 -35.52 -68.08 -75.57
C ALA D 347 -36.62 -67.02 -75.58
N VAL D 348 -37.45 -66.99 -74.54
CA VAL D 348 -38.53 -66.00 -74.47
C VAL D 348 -37.95 -64.60 -74.36
N ILE D 349 -36.93 -64.42 -73.51
CA ILE D 349 -36.31 -63.11 -73.38
C ILE D 349 -35.77 -62.64 -74.72
N LEU D 350 -35.02 -63.52 -75.41
CA LEU D 350 -34.43 -63.15 -76.69
C LEU D 350 -35.52 -62.83 -77.72
N ARG D 351 -36.54 -63.68 -77.79
CA ARG D 351 -37.59 -63.48 -78.80
C ARG D 351 -38.32 -62.17 -78.58
N GLU D 352 -38.72 -61.89 -77.34
CA GLU D 352 -39.47 -60.67 -77.09
C GLU D 352 -38.59 -59.44 -77.24
N VAL D 353 -37.32 -59.52 -76.84
CA VAL D 353 -36.41 -58.39 -77.05
C VAL D 353 -36.25 -58.10 -78.54
N MET D 354 -36.07 -59.14 -79.35
CA MET D 354 -35.96 -58.95 -80.79
C MET D 354 -37.23 -58.35 -81.36
N ARG D 355 -38.40 -58.86 -80.94
CA ARG D 355 -39.65 -58.36 -81.49
C ARG D 355 -39.88 -56.90 -81.13
N PHE D 356 -39.66 -56.52 -79.87
CA PHE D 356 -39.95 -55.18 -79.43
C PHE D 356 -38.89 -54.17 -79.85
N GLU D 357 -37.63 -54.58 -79.97
CA GLU D 357 -36.55 -53.70 -80.35
C GLU D 357 -36.47 -52.50 -79.41
N PRO D 358 -36.25 -52.72 -78.12
CA PRO D 358 -36.19 -51.59 -77.18
C PRO D 358 -34.81 -50.96 -77.11
N SER D 359 -34.66 -49.94 -76.27
CA SER D 359 -33.38 -49.29 -76.06
C SER D 359 -32.80 -49.53 -74.67
N VAL D 360 -33.60 -50.03 -73.73
CA VAL D 360 -33.12 -50.31 -72.38
C VAL D 360 -33.88 -51.51 -71.82
N VAL D 361 -33.14 -52.55 -71.43
CA VAL D 361 -33.70 -53.76 -70.86
C VAL D 361 -33.23 -53.88 -69.42
N VAL D 362 -34.18 -53.98 -68.49
CA VAL D 362 -33.88 -54.04 -67.06
C VAL D 362 -34.33 -55.41 -66.54
N LEU D 363 -33.37 -56.22 -66.13
CA LEU D 363 -33.65 -57.54 -65.58
C LEU D 363 -33.54 -57.45 -64.07
N ASP D 364 -34.65 -57.72 -63.37
CA ASP D 364 -34.71 -57.60 -61.92
C ASP D 364 -35.47 -58.78 -61.33
N PRO D 365 -34.83 -59.60 -60.49
CA PRO D 365 -33.38 -59.60 -60.26
C PRO D 365 -32.71 -60.80 -60.92
N ILE D 366 -31.44 -60.67 -61.29
CA ILE D 366 -30.72 -61.79 -61.88
C ILE D 366 -30.39 -62.86 -60.85
N SER D 367 -30.52 -62.53 -59.56
CA SER D 367 -30.20 -63.52 -58.53
C SER D 367 -31.34 -64.49 -58.29
N ALA D 368 -32.54 -64.18 -58.81
CA ALA D 368 -33.69 -65.05 -58.59
C ALA D 368 -33.50 -66.44 -59.17
N PHE D 369 -32.63 -66.59 -60.17
CA PHE D 369 -32.38 -67.88 -60.80
C PHE D 369 -31.36 -68.73 -60.05
N THR D 370 -31.13 -68.44 -58.77
CA THR D 370 -30.04 -69.09 -58.05
C THR D 370 -30.24 -70.60 -57.97
N GLU D 371 -31.40 -71.05 -57.51
CA GLU D 371 -31.67 -72.47 -57.30
C GLU D 371 -32.35 -73.13 -58.48
N SER D 372 -32.59 -72.40 -59.57
CA SER D 372 -33.23 -73.00 -60.74
C SER D 372 -32.37 -74.14 -61.29
N GLY D 373 -31.05 -74.00 -61.19
CA GLY D 373 -30.14 -75.04 -61.63
C GLY D 373 -28.79 -74.91 -60.97
N ASP D 374 -27.79 -75.64 -61.47
CA ASP D 374 -26.44 -75.48 -60.96
C ASP D 374 -25.88 -74.11 -61.33
N ARG D 375 -24.80 -73.72 -60.65
CA ARG D 375 -24.22 -72.40 -60.89
C ARG D 375 -23.80 -72.24 -62.35
N LEU D 376 -23.23 -73.29 -62.94
CA LEU D 376 -22.77 -73.21 -64.32
C LEU D 376 -23.91 -72.94 -65.30
N GLU D 377 -25.06 -73.60 -65.14
CA GLU D 377 -26.17 -73.40 -66.07
C GLU D 377 -26.73 -71.98 -65.98
N VAL D 378 -26.92 -71.48 -64.76
CA VAL D 378 -27.41 -70.11 -64.58
C VAL D 378 -26.41 -69.12 -65.13
N GLN D 379 -25.12 -69.35 -64.90
CA GLN D 379 -24.10 -68.46 -65.45
C GLN D 379 -24.12 -68.48 -66.97
N SER D 380 -24.31 -69.66 -67.57
CA SER D 380 -24.41 -69.75 -69.03
C SER D 380 -25.59 -68.94 -69.54
N MET D 381 -26.75 -69.06 -68.88
CA MET D 381 -27.91 -68.30 -69.30
C MET D 381 -27.65 -66.80 -69.20
N LEU D 382 -27.08 -66.37 -68.07
CA LEU D 382 -26.83 -64.95 -67.87
C LEU D 382 -25.81 -64.42 -68.88
N LEU D 383 -24.76 -65.19 -69.14
CA LEU D 383 -23.76 -64.77 -70.12
C LEU D 383 -24.37 -64.66 -71.51
N ARG D 384 -25.20 -65.63 -71.89
CA ARG D 384 -25.85 -65.55 -73.19
C ARG D 384 -26.73 -64.31 -73.29
N ILE D 385 -27.50 -64.03 -72.24
CA ILE D 385 -28.37 -62.85 -72.26
C ILE D 385 -27.55 -61.57 -72.38
N VAL D 386 -26.49 -61.47 -71.58
CA VAL D 386 -25.67 -60.26 -71.59
C VAL D 386 -25.01 -60.07 -72.95
N ASP D 387 -24.46 -61.15 -73.51
CA ASP D 387 -23.83 -61.05 -74.82
C ASP D 387 -24.82 -60.68 -75.90
N PHE D 388 -26.03 -61.25 -75.86
CA PHE D 388 -27.05 -60.88 -76.83
C PHE D 388 -27.39 -59.41 -76.74
N LEU D 389 -27.60 -58.90 -75.52
CA LEU D 389 -27.91 -57.48 -75.34
C LEU D 389 -26.77 -56.60 -75.83
N LYS D 390 -25.52 -56.94 -75.48
CA LYS D 390 -24.39 -56.13 -75.91
C LYS D 390 -24.22 -56.16 -77.43
N ASN D 391 -24.43 -57.31 -78.07
CA ASN D 391 -24.36 -57.36 -79.52
C ASN D 391 -25.44 -56.51 -80.15
N ARG D 392 -26.65 -56.56 -79.61
CA ARG D 392 -27.73 -55.70 -80.08
C ARG D 392 -27.53 -54.24 -79.72
N GLY D 393 -26.55 -53.93 -78.87
CA GLY D 393 -26.31 -52.56 -78.45
C GLY D 393 -27.41 -51.98 -77.60
N ILE D 394 -27.98 -52.79 -76.71
CA ILE D 394 -29.03 -52.36 -75.80
C ILE D 394 -28.42 -52.17 -74.42
N THR D 395 -28.92 -51.19 -73.69
CA THR D 395 -28.46 -50.89 -72.34
C THR D 395 -29.11 -51.85 -71.36
N GLY D 396 -28.29 -52.71 -70.75
CA GLY D 396 -28.79 -53.70 -69.82
C GLY D 396 -28.57 -53.26 -68.38
N ILE D 397 -29.65 -53.24 -67.61
CA ILE D 397 -29.62 -52.88 -66.20
C ILE D 397 -30.02 -54.11 -65.42
N PHE D 398 -29.06 -54.76 -64.77
CA PHE D 398 -29.30 -55.98 -64.02
C PHE D 398 -29.28 -55.67 -62.53
N THR D 399 -30.33 -56.10 -61.83
CA THR D 399 -30.41 -55.90 -60.39
C THR D 399 -30.10 -57.22 -59.67
N HIS D 400 -29.16 -57.16 -58.72
CA HIS D 400 -28.74 -58.34 -57.99
C HIS D 400 -28.80 -58.06 -56.49
N LEU D 401 -29.14 -59.10 -55.73
CA LEU D 401 -29.24 -59.00 -54.28
C LEU D 401 -27.90 -59.31 -53.64
N ALA D 402 -27.60 -58.63 -52.54
CA ALA D 402 -26.34 -58.78 -51.83
C ALA D 402 -26.54 -59.51 -50.51
N HIS D 403 -25.48 -60.17 -50.06
CA HIS D 403 -25.52 -60.91 -48.80
C HIS D 403 -24.42 -60.42 -47.85
N THR D 409 -18.61 -55.83 -53.17
CA THR D 409 -18.80 -57.24 -52.84
C THR D 409 -19.07 -58.06 -54.11
N THR D 410 -18.73 -59.34 -54.05
CA THR D 410 -18.97 -60.27 -55.15
C THR D 410 -20.17 -61.14 -54.84
N ASP D 411 -21.01 -61.35 -55.85
CA ASP D 411 -22.29 -62.03 -55.62
C ASP D 411 -22.38 -63.38 -56.31
N ALA D 412 -22.22 -63.42 -57.64
CA ALA D 412 -22.44 -64.67 -58.36
C ALA D 412 -21.44 -64.91 -59.49
N GLY D 413 -20.32 -64.18 -59.52
CA GLY D 413 -19.35 -64.37 -60.58
C GLY D 413 -19.73 -63.74 -61.91
N LEU D 414 -20.86 -63.05 -61.98
CA LEU D 414 -21.26 -62.35 -63.19
C LEU D 414 -20.91 -60.87 -63.17
N GLU D 415 -20.43 -60.34 -62.03
CA GLU D 415 -19.87 -59.01 -62.04
C GLU D 415 -18.64 -58.95 -62.94
N GLU D 416 -18.09 -60.13 -63.27
CA GLU D 416 -16.83 -60.22 -63.99
C GLU D 416 -16.89 -59.48 -65.33
N LEU D 417 -18.08 -59.28 -65.88
CA LEU D 417 -18.24 -58.64 -67.18
C LEU D 417 -18.75 -57.20 -67.09
N MET D 418 -19.44 -56.84 -66.01
CA MET D 418 -20.18 -55.59 -65.98
C MET D 418 -19.28 -54.39 -66.25
N ASP D 419 -19.78 -53.48 -67.09
CA ASP D 419 -19.11 -52.21 -67.35
C ASP D 419 -19.25 -51.21 -66.21
N GLY D 420 -20.43 -51.11 -65.62
CA GLY D 420 -20.66 -50.21 -64.52
C GLY D 420 -21.30 -50.93 -63.35
N TRP D 421 -20.93 -50.52 -62.15
CA TRP D 421 -21.40 -51.16 -60.93
C TRP D 421 -21.86 -50.08 -59.95
N VAL D 422 -23.09 -50.19 -59.47
CA VAL D 422 -23.65 -49.27 -58.49
C VAL D 422 -24.08 -50.09 -57.28
N LEU D 423 -23.49 -49.79 -56.12
CA LEU D 423 -23.80 -50.49 -54.89
C LEU D 423 -24.64 -49.58 -54.01
N MET D 424 -25.78 -50.10 -53.55
CA MET D 424 -26.72 -49.39 -52.69
C MET D 424 -26.67 -50.02 -51.32
N LEU D 425 -26.39 -49.22 -50.30
CA LEU D 425 -26.23 -49.69 -48.93
C LEU D 425 -27.32 -49.12 -48.04
N ASN D 426 -27.83 -49.94 -47.13
CA ASN D 426 -28.83 -49.53 -46.14
C ASN D 426 -28.26 -49.96 -44.79
N ARG D 427 -27.47 -49.09 -44.17
CA ARG D 427 -26.72 -49.46 -42.99
C ARG D 427 -27.43 -49.03 -41.71
N GLU D 428 -27.21 -49.81 -40.65
CA GLU D 428 -27.70 -49.49 -39.32
C GLU D 428 -26.56 -48.92 -38.50
N VAL D 429 -26.66 -47.64 -38.15
CA VAL D 429 -25.63 -46.96 -37.37
C VAL D 429 -26.31 -45.91 -36.50
N ASN D 430 -25.88 -45.83 -35.23
CA ASN D 430 -26.44 -44.87 -34.28
C ASN D 430 -27.92 -45.15 -34.04
N GLY D 431 -28.29 -46.42 -33.97
CA GLY D 431 -29.67 -46.79 -33.69
C GLY D 431 -30.65 -46.30 -34.72
N GLU D 432 -30.29 -46.38 -36.01
CA GLU D 432 -31.15 -45.89 -37.08
C GLU D 432 -30.49 -46.27 -38.41
N PHE D 433 -31.32 -46.37 -39.44
CA PHE D 433 -30.89 -46.86 -40.74
C PHE D 433 -30.74 -45.70 -41.72
N ASN D 434 -29.62 -45.68 -42.44
CA ASN D 434 -29.30 -44.66 -43.41
C ASN D 434 -28.98 -45.29 -44.75
N ARG D 435 -29.41 -44.63 -45.83
CA ARG D 435 -29.22 -45.09 -47.19
C ARG D 435 -28.03 -44.38 -47.83
N GLU D 436 -27.30 -45.11 -48.67
CA GLU D 436 -26.17 -44.56 -49.40
C GLU D 436 -26.01 -45.34 -50.70
N LEU D 437 -25.25 -44.78 -51.63
CA LEU D 437 -24.95 -45.47 -52.87
C LEU D 437 -23.62 -44.96 -53.42
N TYR D 438 -22.90 -45.84 -54.11
CA TYR D 438 -21.65 -45.44 -54.72
C TYR D 438 -21.35 -46.30 -55.93
N LEU D 439 -20.60 -45.72 -56.86
CA LEU D 439 -20.21 -46.40 -58.10
C LEU D 439 -18.95 -47.20 -57.83
N LEU D 440 -19.11 -48.52 -57.70
CA LEU D 440 -17.94 -49.37 -57.45
C LEU D 440 -16.95 -49.31 -58.59
N LYS D 441 -17.41 -49.09 -59.82
CA LYS D 441 -16.54 -49.00 -60.97
C LYS D 441 -17.33 -48.49 -62.17
N ALA D 442 -16.67 -47.68 -62.98
CA ALA D 442 -17.30 -47.10 -64.18
C ALA D 442 -16.23 -47.07 -65.27
N ARG D 443 -16.34 -47.99 -66.22
CA ARG D 443 -15.31 -48.17 -67.23
C ARG D 443 -15.24 -46.97 -68.17
N GLY D 444 -14.01 -46.64 -68.56
CA GLY D 444 -13.77 -45.62 -69.57
C GLY D 444 -14.20 -44.21 -69.22
N MET D 445 -14.12 -43.84 -67.95
CA MET D 445 -14.46 -42.48 -67.54
C MET D 445 -14.08 -42.31 -66.08
N ALA D 446 -13.94 -41.05 -65.67
CA ALA D 446 -13.66 -40.71 -64.29
C ALA D 446 -14.95 -40.36 -63.56
N HIS D 447 -15.03 -40.79 -62.30
CA HIS D 447 -16.27 -40.66 -61.54
C HIS D 447 -15.94 -40.36 -60.09
N SER D 448 -16.94 -39.84 -59.37
CA SER D 448 -16.76 -39.52 -57.97
C SER D 448 -16.49 -40.78 -57.16
N ASN D 449 -15.63 -40.65 -56.16
CA ASN D 449 -15.27 -41.75 -55.26
C ASN D 449 -15.83 -41.54 -53.86
N GLN D 450 -16.98 -40.87 -53.76
CA GLN D 450 -17.60 -40.55 -52.48
C GLN D 450 -18.80 -41.45 -52.26
N VAL D 451 -19.01 -41.87 -51.01
CA VAL D 451 -20.18 -42.67 -50.64
C VAL D 451 -21.31 -41.67 -50.37
N ARG D 452 -22.04 -41.34 -51.42
CA ARG D 452 -23.05 -40.29 -51.37
C ARG D 452 -24.33 -40.83 -50.73
N GLU D 453 -24.65 -40.33 -49.54
CA GLU D 453 -25.92 -40.68 -48.91
C GLU D 453 -27.07 -40.03 -49.67
N PHE D 454 -28.14 -40.80 -49.86
CA PHE D 454 -29.32 -40.32 -50.56
C PHE D 454 -30.55 -40.59 -49.71
N LEU D 455 -31.69 -40.04 -50.13
CA LEU D 455 -32.94 -40.19 -49.40
C LEU D 455 -34.08 -40.20 -50.40
N MET D 456 -34.75 -41.35 -50.53
CA MET D 456 -35.84 -41.50 -51.48
C MET D 456 -37.12 -40.88 -50.94
N SER D 457 -37.87 -40.20 -51.82
CA SER D 457 -39.10 -39.53 -51.44
C SER D 457 -40.02 -39.48 -52.65
N ASP D 458 -41.13 -38.75 -52.51
CA ASP D 458 -42.09 -38.64 -53.60
C ASP D 458 -41.46 -38.05 -54.85
N ARG D 459 -40.54 -37.09 -54.70
CA ARG D 459 -39.90 -36.48 -55.86
C ARG D 459 -38.98 -37.47 -56.56
N GLY D 460 -38.61 -38.54 -55.87
CA GLY D 460 -37.80 -39.59 -56.46
C GLY D 460 -36.58 -39.87 -55.60
N ILE D 461 -35.51 -40.35 -56.26
CA ILE D 461 -34.24 -40.55 -55.57
C ILE D 461 -33.45 -39.24 -55.61
N SER D 462 -33.05 -38.77 -54.43
CA SER D 462 -32.35 -37.50 -54.32
C SER D 462 -31.15 -37.68 -53.39
N LEU D 463 -29.96 -37.35 -53.89
CA LEU D 463 -28.75 -37.42 -53.09
C LEU D 463 -28.59 -36.16 -52.24
N LEU D 464 -28.24 -36.35 -50.97
CA LEU D 464 -28.00 -35.22 -50.09
C LEU D 464 -26.71 -34.51 -50.49
N PRO D 465 -26.55 -33.26 -50.08
CA PRO D 465 -25.33 -32.53 -50.39
C PRO D 465 -24.13 -33.26 -49.80
N PRO D 466 -22.97 -33.18 -50.45
CA PRO D 466 -21.80 -33.91 -49.96
C PRO D 466 -21.42 -33.47 -48.55
N HIS D 467 -20.93 -34.43 -47.78
CA HIS D 467 -20.49 -34.17 -46.41
C HIS D 467 -19.20 -33.35 -46.44
N LEU D 468 -19.19 -32.24 -45.72
CA LEU D 468 -18.05 -31.35 -45.65
C LEU D 468 -17.56 -31.25 -44.22
N GLY D 469 -16.25 -31.30 -44.03
CA GLY D 469 -15.67 -31.26 -42.72
C GLY D 469 -15.08 -32.61 -42.33
N GLU D 470 -14.25 -32.60 -41.28
CA GLU D 470 -13.62 -33.81 -40.81
C GLU D 470 -14.68 -34.77 -40.27
N GLY D 471 -14.32 -36.06 -40.26
CA GLY D 471 -15.25 -37.09 -39.82
C GLY D 471 -16.46 -37.22 -40.73
N GLY D 472 -16.20 -37.28 -42.05
CA GLY D 472 -17.28 -37.33 -43.01
C GLY D 472 -18.12 -38.60 -42.93
N ALA D 473 -17.65 -39.61 -42.19
CA ALA D 473 -18.40 -40.85 -42.08
C ALA D 473 -19.76 -40.62 -41.42
N LEU D 474 -19.89 -39.56 -40.63
CA LEU D 474 -21.15 -39.26 -39.96
C LEU D 474 -22.28 -39.10 -40.97
N THR D 475 -23.43 -39.69 -40.65
CA THR D 475 -24.60 -39.62 -41.52
C THR D 475 -25.86 -39.64 -40.66
N GLY D 476 -26.94 -39.10 -41.21
CA GLY D 476 -28.21 -39.10 -40.49
C GLY D 476 -28.19 -38.09 -39.35
N THR D 477 -28.72 -38.50 -38.21
CA THR D 477 -28.79 -37.61 -37.06
C THR D 477 -27.41 -37.17 -36.60
N ALA D 478 -26.41 -38.03 -36.79
CA ALA D 478 -25.05 -37.72 -36.36
C ALA D 478 -24.51 -36.49 -37.09
N ARG D 479 -24.86 -36.31 -38.35
CA ARG D 479 -24.43 -35.13 -39.09
C ARG D 479 -24.98 -33.85 -38.48
N LYS D 480 -26.27 -33.83 -38.15
CA LYS D 480 -26.85 -32.66 -37.49
C LYS D 480 -26.22 -32.43 -36.13
N ALA D 481 -25.98 -33.50 -35.37
CA ALA D 481 -25.35 -33.36 -34.06
C ALA D 481 -23.96 -32.75 -34.19
N GLU D 482 -23.18 -33.22 -35.17
CA GLU D 482 -21.84 -32.68 -35.38
C GLU D 482 -21.90 -31.21 -35.78
N GLU D 483 -22.86 -30.85 -36.63
CA GLU D 483 -23.01 -29.45 -37.02
C GLU D 483 -23.32 -28.58 -35.81
N ALA D 484 -24.23 -29.05 -34.95
CA ALA D 484 -24.57 -28.29 -33.74
C ALA D 484 -23.37 -28.15 -32.82
N ARG D 485 -22.60 -29.23 -32.65
CA ARG D 485 -21.42 -29.17 -31.79
C ARG D 485 -20.40 -28.18 -32.33
N LEU D 486 -20.17 -28.19 -33.65
CA LEU D 486 -19.25 -27.23 -34.25
C LEU D 486 -19.73 -25.80 -34.02
N ARG D 487 -21.03 -25.56 -34.20
CA ARG D 487 -21.57 -24.22 -33.99
C ARG D 487 -21.32 -23.77 -32.56
N ARG D 488 -21.62 -24.65 -31.59
CA ARG D 488 -21.45 -24.29 -30.19
C ARG D 488 -19.99 -23.96 -29.88
N ALA D 489 -19.07 -24.80 -30.34
CA ALA D 489 -17.66 -24.60 -30.01
C ALA D 489 -17.12 -23.31 -30.62
N GLU D 490 -17.42 -23.06 -31.91
CA GLU D 490 -16.92 -21.85 -32.55
C GLU D 490 -17.54 -20.61 -31.92
N ILE D 491 -18.82 -20.69 -31.52
CA ILE D 491 -19.44 -19.58 -30.82
C ILE D 491 -18.71 -19.28 -29.52
N GLU D 492 -18.36 -20.33 -28.77
CA GLU D 492 -17.68 -20.07 -27.50
C GLU D 492 -16.26 -19.56 -27.70
N ARG D 493 -15.60 -19.95 -28.80
CA ARG D 493 -14.32 -19.34 -29.13
C ARG D 493 -14.48 -17.84 -29.40
N GLN D 494 -15.53 -17.47 -30.13
CA GLN D 494 -15.83 -16.06 -30.33
C GLN D 494 -16.03 -15.35 -28.99
N THR D 495 -16.72 -16.00 -28.06
CA THR D 495 -16.92 -15.42 -26.73
C THR D 495 -15.58 -15.21 -26.01
N GLU D 496 -14.68 -16.20 -26.13
CA GLU D 496 -13.33 -16.05 -25.58
C GLU D 496 -12.67 -14.77 -26.09
N LEU D 497 -12.64 -14.60 -27.41
CA LEU D 497 -11.96 -13.44 -27.98
C LEU D 497 -12.62 -12.14 -27.54
N GLY D 498 -13.96 -12.12 -27.51
CA GLY D 498 -14.66 -10.94 -27.06
C GLY D 498 -14.32 -10.57 -25.62
N ARG D 499 -14.23 -11.57 -24.74
CA ARG D 499 -13.90 -11.29 -23.35
C ARG D 499 -12.49 -10.73 -23.23
N LEU D 500 -11.53 -11.27 -23.99
CA LEU D 500 -10.19 -10.68 -23.96
C LEU D 500 -10.21 -9.23 -24.43
N GLN D 501 -10.95 -8.94 -25.49
CA GLN D 501 -11.03 -7.56 -25.96
C GLN D 501 -11.62 -6.65 -24.90
N GLN D 502 -12.67 -7.10 -24.21
CA GLN D 502 -13.25 -6.30 -23.14
C GLN D 502 -12.26 -6.08 -22.00
N GLN D 503 -11.45 -7.09 -21.70
CA GLN D 503 -10.42 -6.96 -20.67
C GLN D 503 -9.46 -5.83 -21.02
N ILE D 504 -8.98 -5.82 -22.26
CA ILE D 504 -8.05 -4.77 -22.66
C ILE D 504 -8.75 -3.42 -22.64
N GLU D 505 -10.03 -3.39 -23.01
CA GLU D 505 -10.91 -2.25 -22.82
C GLU D 505 -10.78 -1.67 -21.42
N GLN D 506 -10.98 -2.53 -20.42
CA GLN D 506 -10.93 -2.10 -19.03
C GLN D 506 -9.57 -1.51 -18.67
N ARG D 507 -8.50 -2.18 -19.08
CA ARG D 507 -7.17 -1.68 -18.75
C ARG D 507 -6.93 -0.29 -19.35
N ARG D 508 -7.32 -0.11 -20.61
CA ARG D 508 -7.14 1.20 -21.24
C ARG D 508 -7.96 2.28 -20.55
N ARG D 509 -9.17 1.93 -20.11
CA ARG D 509 -9.98 2.90 -19.39
C ARG D 509 -9.27 3.39 -18.14
N ARG D 510 -8.83 2.45 -17.28
CA ARG D 510 -8.09 2.92 -16.11
C ARG D 510 -6.89 3.76 -16.52
N ALA D 511 -6.14 3.34 -17.54
CA ALA D 511 -4.93 4.08 -17.91
C ALA D 511 -5.23 5.55 -18.19
N ARG D 512 -6.18 5.81 -19.09
CA ARG D 512 -6.36 7.20 -19.48
C ARG D 512 -7.15 7.98 -18.43
N ALA D 513 -8.00 7.32 -17.63
CA ALA D 513 -8.61 8.04 -16.51
C ALA D 513 -7.55 8.50 -15.51
N GLN D 514 -6.59 7.62 -15.22
CA GLN D 514 -5.48 7.99 -14.35
C GLN D 514 -4.71 9.17 -14.94
N ILE D 515 -4.49 9.15 -16.25
CA ILE D 515 -3.82 10.26 -16.92
C ILE D 515 -4.60 11.55 -16.71
N GLU D 516 -5.92 11.48 -16.79
CA GLU D 516 -6.76 12.65 -16.60
C GLU D 516 -6.56 13.24 -15.21
N ALA D 517 -6.55 12.37 -14.19
CA ALA D 517 -6.31 12.86 -12.83
C ALA D 517 -4.95 13.55 -12.72
N LEU D 518 -3.92 12.95 -13.32
CA LEU D 518 -2.59 13.55 -13.25
C LEU D 518 -2.56 14.92 -13.93
N GLU D 519 -3.23 15.06 -15.07
CA GLU D 519 -3.28 16.35 -15.75
C GLU D 519 -4.00 17.39 -14.89
N ALA D 520 -5.05 16.99 -14.19
CA ALA D 520 -5.71 17.91 -13.27
C ALA D 520 -4.72 18.39 -12.20
N GLU D 521 -3.93 17.47 -11.66
CA GLU D 521 -2.89 17.88 -10.70
C GLU D 521 -1.94 18.89 -11.32
N LEU D 522 -1.51 18.65 -12.56
CA LEU D 522 -0.58 19.56 -13.22
C LEU D 522 -1.18 20.97 -13.36
N GLN D 523 -2.45 21.04 -13.76
CA GLN D 523 -3.09 22.35 -13.91
C GLN D 523 -3.16 23.08 -12.57
N ALA D 524 -3.50 22.34 -11.50
CA ALA D 524 -3.53 22.97 -10.18
C ALA D 524 -2.15 23.52 -9.81
N GLU D 525 -1.09 22.77 -10.10
CA GLU D 525 0.25 23.24 -9.79
C GLU D 525 0.59 24.49 -10.59
N GLU D 526 0.20 24.54 -11.86
CA GLU D 526 0.44 25.74 -12.66
C GLU D 526 -0.25 26.96 -12.04
N ILE D 527 -1.50 26.80 -11.63
CA ILE D 527 -2.20 27.90 -10.97
C ILE D 527 -1.44 28.34 -9.72
N ALA D 528 -0.92 27.38 -8.96
CA ALA D 528 -0.17 27.71 -7.76
C ALA D 528 1.08 28.54 -8.09
N LEU D 529 1.82 28.14 -9.13
CA LEU D 529 3.00 28.90 -9.51
C LEU D 529 2.64 30.34 -9.88
N LYS D 530 1.57 30.50 -10.64
CA LYS D 530 1.20 31.84 -11.09
C LYS D 530 0.73 32.70 -9.92
N ALA D 531 0.03 32.09 -8.96
CA ALA D 531 -0.32 32.81 -7.74
C ALA D 531 0.93 33.24 -6.98
N LEU D 532 1.93 32.35 -6.89
CA LEU D 532 3.21 32.69 -6.27
C LEU D 532 3.87 33.90 -6.91
N VAL D 533 3.94 33.94 -8.23
CA VAL D 533 4.56 35.05 -8.94
C VAL D 533 3.78 36.35 -8.73
N GLU D 534 2.45 36.30 -8.90
CA GLU D 534 1.65 37.52 -8.78
C GLU D 534 1.77 38.11 -7.39
N SER D 535 1.58 37.29 -6.34
CA SER D 535 1.62 37.82 -4.99
C SER D 535 3.00 38.35 -4.62
N GLU D 536 4.05 37.66 -5.06
CA GLU D 536 5.41 38.09 -4.75
C GLU D 536 5.69 39.44 -5.40
N SER D 537 5.29 39.61 -6.67
CA SER D 537 5.47 40.90 -7.33
C SER D 537 4.66 41.99 -6.64
N ALA D 538 3.46 41.66 -6.18
CA ALA D 538 2.67 42.65 -5.45
C ALA D 538 3.35 43.08 -4.17
N HIS D 539 3.97 42.13 -3.46
CA HIS D 539 4.74 42.48 -2.27
C HIS D 539 5.90 43.41 -2.62
N GLU D 540 6.60 43.11 -3.72
CA GLU D 540 7.64 44.02 -4.21
C GLU D 540 7.09 45.43 -4.38
N ARG D 541 5.95 45.55 -5.07
CA ARG D 541 5.36 46.86 -5.34
C ARG D 541 5.00 47.59 -4.05
N GLN D 542 4.38 46.88 -3.11
CA GLN D 542 3.97 47.52 -1.85
C GLN D 542 5.19 47.96 -1.05
N ARG D 543 6.25 47.16 -1.04
CA ARG D 543 7.46 47.55 -0.34
C ARG D 543 8.06 48.81 -0.94
N LEU D 544 8.10 48.89 -2.27
CA LEU D 544 8.60 50.10 -2.93
C LEU D 544 7.77 51.32 -2.55
N ALA D 545 6.44 51.16 -2.55
CA ALA D 545 5.57 52.28 -2.21
C ALA D 545 5.80 52.76 -0.79
N ASP D 546 5.92 51.82 0.17
CA ASP D 546 6.15 52.21 1.56
C ASP D 546 7.50 52.89 1.73
N ALA D 547 8.53 52.39 1.04
CA ALA D 547 9.85 53.02 1.12
C ALA D 547 9.79 54.44 0.60
N ASP D 548 9.09 54.66 -0.52
CA ASP D 548 8.95 56.01 -1.06
C ASP D 548 8.22 56.93 -0.07
N THR D 549 7.15 56.42 0.56
CA THR D 549 6.42 57.21 1.54
C THR D 549 7.33 57.66 2.68
N LEU D 550 8.11 56.73 3.23
CA LEU D 550 9.04 57.10 4.28
C LEU D 550 10.09 58.10 3.78
N ALA D 551 10.53 57.93 2.52
CA ALA D 551 11.54 58.81 1.94
C ALA D 551 11.06 60.25 1.91
N ARG D 552 9.84 60.47 1.43
CA ARG D 552 9.23 61.80 1.58
C ARG D 552 9.13 62.22 3.04
N SER D 553 8.60 61.35 3.91
CA SER D 553 8.34 61.78 5.29
C SER D 553 9.61 62.32 5.94
N ARG D 554 10.76 61.79 5.57
CA ARG D 554 12.03 62.22 6.13
C ARG D 554 12.95 62.91 5.12
N GLY D 555 12.40 63.39 4.00
CA GLY D 555 13.19 63.97 2.95
C GLY D 555 13.26 65.49 2.95
N ASN D 556 14.38 66.01 2.45
CA ASN D 556 14.56 67.45 2.29
C ASN D 556 14.09 67.96 0.93
N GLU D 557 13.71 67.08 0.01
CA GLU D 557 13.24 67.50 -1.30
C GLU D 557 11.97 68.34 -1.22
N ARG D 558 11.34 68.45 -0.05
CA ARG D 558 10.14 69.24 0.10
C ARG D 558 10.40 70.72 -0.15
N PHE D 559 11.66 71.14 -0.16
CA PHE D 559 11.99 72.55 -0.30
C PHE D 559 12.89 72.88 -1.49
N ALA D 560 13.46 71.88 -2.14
CA ALA D 560 14.32 72.12 -3.29
C ALA D 560 14.75 70.81 -3.94
N GLY E 4 -53.55 -78.45 -83.74
CA GLY E 4 -53.79 -79.08 -82.46
C GLY E 4 -54.39 -80.47 -82.59
N ILE E 5 -54.53 -81.16 -81.45
CA ILE E 5 -55.09 -82.50 -81.40
C ILE E 5 -56.11 -82.58 -80.28
N GLY E 6 -57.01 -83.54 -80.39
CA GLY E 6 -58.01 -83.73 -79.35
C GLY E 6 -57.40 -84.21 -78.05
N LYS E 7 -58.09 -83.90 -76.95
CA LYS E 7 -57.61 -84.25 -75.63
C LYS E 7 -58.78 -84.52 -74.72
N SER E 8 -58.66 -85.54 -73.87
CA SER E 8 -59.71 -85.92 -72.96
C SER E 8 -59.31 -85.60 -71.53
N PRO E 9 -60.00 -84.69 -70.84
CA PRO E 9 -59.69 -84.42 -69.42
C PRO E 9 -59.87 -85.68 -68.57
N THR E 10 -59.05 -85.80 -67.53
CA THR E 10 -59.09 -86.96 -66.65
C THR E 10 -59.55 -86.61 -65.24
N GLY E 11 -60.15 -85.45 -65.04
CA GLY E 11 -60.56 -85.05 -63.71
C GLY E 11 -59.44 -84.42 -62.91
N ILE E 12 -58.24 -84.98 -62.99
CA ILE E 12 -57.09 -84.45 -62.26
C ILE E 12 -56.72 -83.09 -62.87
N GLN E 13 -57.00 -82.01 -62.15
CA GLN E 13 -56.78 -80.67 -62.71
C GLN E 13 -55.30 -80.43 -63.00
N GLY E 14 -54.43 -80.81 -62.05
CA GLY E 14 -53.01 -80.58 -62.26
C GLY E 14 -52.47 -81.32 -63.46
N PHE E 15 -52.80 -82.61 -63.57
CA PHE E 15 -52.34 -83.38 -64.72
C PHE E 15 -52.92 -82.85 -66.02
N ASP E 16 -54.20 -82.47 -66.00
CA ASP E 16 -54.83 -81.94 -67.21
C ASP E 16 -54.13 -80.67 -67.68
N GLU E 17 -53.85 -79.74 -66.76
CA GLU E 17 -53.21 -78.50 -67.16
C GLU E 17 -51.74 -78.72 -67.51
N LEU E 18 -51.12 -79.76 -66.94
CA LEU E 18 -49.77 -80.12 -67.33
C LEU E 18 -49.75 -80.63 -68.77
N THR E 19 -50.72 -81.45 -69.13
CA THR E 19 -50.81 -82.02 -70.48
C THR E 19 -51.45 -81.07 -71.47
N LEU E 20 -51.98 -79.94 -71.02
CA LEU E 20 -52.61 -78.96 -71.91
C LEU E 20 -53.93 -79.48 -72.46
N GLY E 21 -54.71 -80.13 -71.61
CA GLY E 21 -56.01 -80.64 -72.00
C GLY E 21 -56.30 -82.04 -71.51
N GLY E 22 -55.27 -82.87 -71.39
CA GLY E 22 -55.40 -84.22 -70.90
C GLY E 22 -54.80 -85.21 -71.88
N LEU E 23 -55.16 -86.48 -71.70
CA LEU E 23 -54.66 -87.52 -72.57
C LEU E 23 -55.24 -87.37 -73.98
N PRO E 24 -54.53 -87.85 -75.00
CA PRO E 24 -55.07 -87.76 -76.36
C PRO E 24 -56.34 -88.57 -76.50
N THR E 25 -57.25 -88.07 -77.33
CA THR E 25 -58.53 -88.72 -77.56
C THR E 25 -58.44 -89.64 -78.77
N GLY E 26 -58.85 -90.90 -78.57
CA GLY E 26 -58.79 -91.88 -79.63
C GLY E 26 -57.46 -92.58 -79.79
N ARG E 27 -56.53 -92.39 -78.86
CA ARG E 27 -55.21 -92.99 -78.92
C ARG E 27 -54.92 -93.71 -77.62
N PRO E 28 -54.07 -94.74 -77.66
CA PRO E 28 -53.72 -95.46 -76.43
C PRO E 28 -52.68 -94.72 -75.62
N SER E 29 -52.80 -94.83 -74.30
CA SER E 29 -51.88 -94.23 -73.36
C SER E 29 -51.31 -95.29 -72.45
N LEU E 30 -50.01 -95.19 -72.17
CA LEU E 30 -49.29 -96.16 -71.34
C LEU E 30 -48.97 -95.52 -69.99
N VAL E 31 -49.27 -96.24 -68.92
CA VAL E 31 -48.96 -95.83 -67.56
C VAL E 31 -47.99 -96.85 -66.97
N CYS E 32 -46.73 -96.46 -66.85
CA CYS E 32 -45.69 -97.35 -66.36
C CYS E 32 -45.33 -97.01 -64.91
N GLY E 33 -44.83 -98.01 -64.21
CA GLY E 33 -44.45 -97.86 -62.82
C GLY E 33 -44.47 -99.16 -62.05
N SER E 34 -43.60 -99.28 -61.05
CA SER E 34 -43.52 -100.49 -60.24
C SER E 34 -44.80 -100.69 -59.43
N ALA E 35 -44.88 -101.79 -58.70
CA ALA E 35 -46.04 -102.06 -57.88
C ALA E 35 -46.22 -100.99 -56.81
N GLY E 36 -47.46 -100.55 -56.63
CA GLY E 36 -47.78 -99.57 -55.62
C GLY E 36 -47.67 -98.12 -56.05
N CYS E 37 -47.28 -97.86 -57.30
CA CYS E 37 -47.17 -96.47 -57.77
C CYS E 37 -48.51 -95.80 -57.95
N GLY E 38 -49.54 -96.53 -58.36
CA GLY E 38 -50.87 -95.96 -58.49
C GLY E 38 -51.45 -95.99 -59.89
N LYS E 39 -50.98 -96.92 -60.72
CA LYS E 39 -51.50 -97.02 -62.08
C LYS E 39 -52.97 -97.42 -62.10
N THR E 40 -53.35 -98.39 -61.28
CA THR E 40 -54.74 -98.83 -61.23
C THR E 40 -55.65 -97.70 -60.79
N LEU E 41 -55.25 -96.96 -59.75
CA LEU E 41 -56.05 -95.81 -59.32
C LEU E 41 -56.09 -94.74 -60.40
N PHE E 42 -54.96 -94.50 -61.09
CA PHE E 42 -54.97 -93.54 -62.18
C PHE E 42 -56.04 -93.88 -63.20
N ALA E 43 -56.06 -95.14 -63.65
CA ALA E 43 -57.07 -95.56 -64.61
C ALA E 43 -58.48 -95.44 -64.03
N SER E 44 -58.64 -95.79 -62.76
CA SER E 44 -59.96 -95.77 -62.14
C SER E 44 -60.52 -94.35 -62.10
N THR E 45 -59.73 -93.38 -61.63
CA THR E 45 -60.21 -92.00 -61.63
C THR E 45 -60.40 -91.50 -63.06
N PHE E 46 -59.52 -91.90 -63.99
CA PHE E 46 -59.76 -91.58 -65.39
C PHE E 46 -61.20 -91.92 -65.78
N LEU E 47 -61.57 -93.19 -65.62
CA LEU E 47 -62.91 -93.62 -66.02
C LEU E 47 -64.00 -92.90 -65.23
N ILE E 48 -63.80 -92.78 -63.91
CA ILE E 48 -64.85 -92.23 -63.05
C ILE E 48 -65.10 -90.76 -63.40
N ASN E 49 -64.03 -89.98 -63.53
CA ASN E 49 -64.17 -88.58 -63.88
C ASN E 49 -64.73 -88.41 -65.28
N GLY E 50 -64.30 -89.25 -66.23
CA GLY E 50 -64.88 -89.17 -67.56
C GLY E 50 -66.38 -89.41 -67.55
N VAL E 51 -66.84 -90.39 -66.77
CA VAL E 51 -68.27 -90.67 -66.72
C VAL E 51 -69.03 -89.58 -65.96
N ARG E 52 -68.48 -89.07 -64.86
CA ARG E 52 -69.23 -88.20 -63.96
C ARG E 52 -69.07 -86.72 -64.25
N ASP E 53 -68.18 -86.33 -65.17
CA ASP E 53 -67.95 -84.91 -65.42
C ASP E 53 -68.08 -84.56 -66.89
N HIS E 54 -67.75 -85.51 -67.76
CA HIS E 54 -67.79 -85.29 -69.21
C HIS E 54 -68.74 -86.22 -69.94
N GLY E 55 -69.53 -87.01 -69.21
CA GLY E 55 -70.56 -87.83 -69.81
C GLY E 55 -70.06 -88.83 -70.83
N GLU E 56 -68.99 -89.57 -70.49
CA GLU E 56 -68.44 -90.58 -71.38
C GLU E 56 -68.44 -91.92 -70.67
N PRO E 57 -69.15 -92.92 -71.20
CA PRO E 57 -69.17 -94.24 -70.56
C PRO E 57 -67.81 -94.91 -70.61
N GLY E 58 -67.57 -95.77 -69.62
CA GLY E 58 -66.27 -96.38 -69.45
C GLY E 58 -66.38 -97.90 -69.35
N VAL E 59 -65.28 -98.54 -69.74
CA VAL E 59 -65.12 -99.99 -69.64
C VAL E 59 -63.77 -100.27 -69.00
N PHE E 60 -63.76 -101.20 -68.04
CA PHE E 60 -62.55 -101.57 -67.30
C PHE E 60 -62.31 -103.05 -67.51
N VAL E 61 -61.34 -103.40 -68.37
CA VAL E 61 -60.99 -104.77 -68.65
C VAL E 61 -59.78 -105.13 -67.81
N THR E 62 -59.99 -105.97 -66.80
CA THR E 62 -58.95 -106.37 -65.86
C THR E 62 -58.57 -107.83 -66.13
N PHE E 63 -57.26 -108.08 -66.21
CA PHE E 63 -56.77 -109.44 -66.48
C PHE E 63 -56.30 -110.15 -65.23
N GLU E 64 -56.05 -109.44 -64.14
CA GLU E 64 -55.62 -110.05 -62.88
C GLU E 64 -56.62 -109.84 -61.75
N GLU E 65 -57.00 -108.60 -61.47
CA GLU E 65 -57.84 -108.31 -60.33
C GLU E 65 -59.31 -108.59 -60.64
N ARG E 66 -60.03 -109.09 -59.65
CA ARG E 66 -61.45 -109.37 -59.80
C ARG E 66 -62.27 -108.09 -59.64
N PRO E 67 -63.51 -108.09 -60.11
CA PRO E 67 -64.35 -106.89 -59.96
C PRO E 67 -64.53 -106.46 -58.51
N GLU E 68 -64.60 -107.41 -57.58
CA GLU E 68 -64.69 -107.05 -56.17
C GLU E 68 -63.48 -106.22 -55.74
N ASP E 69 -62.28 -106.68 -56.10
CA ASP E 69 -61.07 -105.94 -55.76
C ASP E 69 -61.07 -104.58 -56.46
N ILE E 70 -61.48 -104.54 -57.72
CA ILE E 70 -61.46 -103.28 -58.47
C ILE E 70 -62.37 -102.25 -57.83
N VAL E 71 -63.56 -102.66 -57.40
CA VAL E 71 -64.48 -101.75 -56.74
C VAL E 71 -63.99 -101.36 -55.35
N ASN E 72 -63.47 -102.32 -54.58
CA ASN E 72 -63.05 -102.03 -53.22
C ASN E 72 -61.85 -101.07 -53.21
N ASN E 73 -60.98 -101.16 -54.21
CA ASN E 73 -59.80 -100.30 -54.25
C ASN E 73 -60.20 -98.82 -54.21
N VAL E 74 -61.20 -98.45 -55.01
CA VAL E 74 -61.63 -97.05 -55.07
C VAL E 74 -62.80 -96.76 -54.14
N ALA E 75 -63.37 -97.76 -53.47
CA ALA E 75 -64.45 -97.50 -52.53
C ALA E 75 -64.06 -96.47 -51.49
N SER E 76 -62.79 -96.49 -51.05
CA SER E 76 -62.36 -95.58 -50.00
C SER E 76 -62.19 -94.16 -50.50
N LEU E 77 -61.87 -93.98 -51.78
CA LEU E 77 -61.59 -92.66 -52.32
C LEU E 77 -62.85 -91.82 -52.44
N GLY E 78 -64.01 -92.43 -52.24
CA GLY E 78 -65.28 -91.75 -52.30
C GLY E 78 -66.11 -92.05 -53.53
N PHE E 79 -65.50 -92.63 -54.56
CA PHE E 79 -66.29 -93.07 -55.71
C PHE E 79 -67.18 -94.25 -55.31
N GLU E 80 -68.21 -94.49 -56.12
CA GLU E 80 -69.11 -95.61 -55.90
C GLU E 80 -69.18 -96.39 -57.21
N LEU E 81 -68.21 -97.28 -57.41
CA LEU E 81 -68.24 -98.14 -58.58
C LEU E 81 -69.44 -99.06 -58.56
N ASP E 82 -69.90 -99.47 -57.37
CA ASP E 82 -71.12 -100.27 -57.29
C ASP E 82 -72.29 -99.52 -57.90
N LYS E 83 -72.43 -98.23 -57.58
CA LYS E 83 -73.52 -97.44 -58.14
C LYS E 83 -73.31 -97.17 -59.63
N LEU E 84 -72.07 -96.88 -60.03
CA LEU E 84 -71.82 -96.58 -61.44
C LEU E 84 -71.99 -97.81 -62.33
N ILE E 85 -71.85 -99.01 -61.80
CA ILE E 85 -72.17 -100.23 -62.54
C ILE E 85 -73.65 -100.56 -62.43
N GLU E 86 -74.19 -100.48 -61.21
CA GLU E 86 -75.62 -100.55 -60.94
C GLU E 86 -76.43 -99.63 -61.84
N GLU E 87 -75.80 -98.59 -62.40
CA GLU E 87 -76.43 -97.76 -63.42
C GLU E 87 -75.88 -97.99 -64.81
N GLU E 88 -74.91 -98.87 -64.95
CA GLU E 88 -74.10 -99.03 -66.18
C GLU E 88 -73.74 -97.66 -66.75
N LYS E 89 -72.78 -97.04 -66.09
CA LYS E 89 -71.92 -96.02 -66.67
C LYS E 89 -70.48 -96.49 -66.81
N ILE E 90 -70.08 -97.48 -66.02
CA ILE E 90 -68.80 -98.17 -66.19
C ILE E 90 -69.06 -99.67 -66.12
N ALA E 91 -68.56 -100.40 -67.12
CA ALA E 91 -68.74 -101.84 -67.26
C ALA E 91 -67.41 -102.53 -67.01
N ILE E 92 -67.40 -103.50 -66.09
CA ILE E 92 -66.19 -104.19 -65.67
C ILE E 92 -66.16 -105.57 -66.29
N GLU E 93 -65.05 -105.92 -66.94
CA GLU E 93 -64.86 -107.21 -67.57
C GLU E 93 -63.62 -107.86 -66.98
N HIS E 94 -63.82 -108.93 -66.20
CA HIS E 94 -62.74 -109.68 -65.59
C HIS E 94 -62.39 -110.81 -66.55
N ILE E 95 -61.37 -110.59 -67.37
CA ILE E 95 -61.00 -111.55 -68.43
C ILE E 95 -59.84 -112.37 -67.87
N ALA E 96 -60.18 -113.48 -67.23
CA ALA E 96 -59.20 -114.36 -66.59
C ALA E 96 -59.08 -115.66 -67.36
N VAL E 97 -57.84 -116.12 -67.53
CA VAL E 97 -57.54 -117.37 -68.23
C VAL E 97 -56.72 -118.26 -67.30
N ASP E 98 -57.15 -119.52 -67.17
CA ASP E 98 -56.45 -120.48 -66.34
C ASP E 98 -55.72 -121.47 -67.22
N PRO E 99 -54.38 -121.54 -67.18
CA PRO E 99 -53.66 -122.47 -68.07
C PRO E 99 -53.76 -123.92 -67.64
N SER E 100 -54.29 -124.20 -66.45
CA SER E 100 -54.33 -125.57 -65.96
C SER E 100 -55.15 -126.47 -66.89
N GLU E 101 -56.37 -126.02 -67.22
CA GLU E 101 -57.25 -126.76 -68.12
C GLU E 101 -57.13 -126.32 -69.57
N VAL E 102 -55.95 -125.83 -69.98
CA VAL E 102 -55.73 -125.37 -71.34
C VAL E 102 -54.64 -126.22 -71.97
N ALA E 103 -54.94 -126.84 -73.10
CA ALA E 103 -53.97 -127.52 -73.94
C ALA E 103 -54.07 -126.97 -75.34
N GLU E 104 -52.93 -126.55 -75.90
CA GLU E 104 -52.90 -125.79 -77.15
C GLU E 104 -52.51 -126.73 -78.29
N ILE E 105 -53.43 -126.91 -79.24
CA ILE E 105 -53.17 -127.64 -80.48
C ILE E 105 -53.60 -126.74 -81.63
N GLY E 106 -52.68 -126.47 -82.55
CA GLY E 106 -52.96 -125.58 -83.65
C GLY E 106 -52.79 -124.12 -83.29
N ASP E 107 -53.38 -123.26 -84.11
CA ASP E 107 -53.30 -121.82 -83.95
C ASP E 107 -54.62 -121.28 -83.42
N TYR E 108 -54.53 -120.33 -82.49
CA TYR E 108 -55.70 -119.75 -81.85
C TYR E 108 -55.62 -118.23 -81.93
N ASP E 109 -56.78 -117.59 -81.97
CA ASP E 109 -56.90 -116.14 -81.96
C ASP E 109 -57.72 -115.71 -80.75
N LEU E 110 -57.29 -114.62 -80.11
CA LEU E 110 -58.00 -114.11 -78.95
C LEU E 110 -59.27 -113.39 -79.42
N GLU E 111 -60.14 -114.19 -80.03
CA GLU E 111 -61.41 -113.72 -80.57
C GLU E 111 -62.45 -113.47 -79.48
N GLY E 112 -62.44 -114.28 -78.42
CA GLY E 112 -63.37 -114.06 -77.32
C GLY E 112 -63.10 -112.75 -76.60
N LEU E 113 -61.82 -112.38 -76.48
CA LEU E 113 -61.49 -111.07 -75.92
C LEU E 113 -62.20 -109.96 -76.68
N PHE E 114 -62.07 -109.96 -78.01
CA PHE E 114 -62.71 -108.92 -78.81
C PHE E 114 -64.22 -108.99 -78.69
N LEU E 115 -64.80 -110.19 -78.75
CA LEU E 115 -66.26 -110.29 -78.68
C LEU E 115 -66.80 -109.76 -77.36
N ARG E 116 -66.19 -110.18 -76.24
CA ARG E 116 -66.66 -109.71 -74.94
C ARG E 116 -66.47 -108.21 -74.78
N LEU E 117 -65.32 -107.69 -75.21
CA LEU E 117 -65.06 -106.26 -75.08
C LEU E 117 -66.04 -105.45 -75.93
N GLU E 118 -66.33 -105.92 -77.14
CA GLU E 118 -67.32 -105.27 -77.98
C GLU E 118 -68.71 -105.31 -77.34
N LEU E 119 -69.07 -106.46 -76.76
CA LEU E 119 -70.36 -106.57 -76.10
C LEU E 119 -70.48 -105.57 -74.97
N ALA E 120 -69.44 -105.45 -74.14
CA ALA E 120 -69.46 -104.47 -73.05
C ALA E 120 -69.55 -103.05 -73.59
N ILE E 121 -68.79 -102.75 -74.66
CA ILE E 121 -68.79 -101.40 -75.19
C ILE E 121 -70.17 -101.03 -75.70
N ASP E 122 -70.82 -101.94 -76.43
CA ASP E 122 -72.16 -101.65 -76.93
C ASP E 122 -73.19 -101.60 -75.81
N THR E 123 -73.00 -102.40 -74.76
CA THR E 123 -73.92 -102.38 -73.63
C THR E 123 -73.87 -101.04 -72.91
N VAL E 124 -72.67 -100.50 -72.71
CA VAL E 124 -72.51 -99.30 -71.89
C VAL E 124 -72.39 -98.03 -72.72
N GLY E 125 -72.38 -98.12 -74.05
CA GLY E 125 -72.16 -96.96 -74.88
C GLY E 125 -70.82 -96.33 -74.57
N ALA E 126 -69.83 -97.18 -74.28
CA ALA E 126 -68.57 -96.71 -73.72
C ALA E 126 -67.77 -95.91 -74.74
N LYS E 127 -67.04 -94.92 -74.23
CA LYS E 127 -66.06 -94.18 -75.01
C LYS E 127 -64.66 -94.26 -74.43
N ARG E 128 -64.53 -94.64 -73.15
CA ARG E 128 -63.23 -94.78 -72.52
C ARG E 128 -63.03 -96.23 -72.10
N VAL E 129 -61.79 -96.71 -72.24
CA VAL E 129 -61.44 -98.10 -71.95
C VAL E 129 -60.14 -98.12 -71.16
N VAL E 130 -60.07 -99.01 -70.18
CA VAL E 130 -58.86 -99.21 -69.37
C VAL E 130 -58.50 -100.69 -69.46
N LEU E 131 -57.21 -100.96 -69.71
CA LEU E 131 -56.68 -102.32 -69.80
C LEU E 131 -55.69 -102.53 -68.67
N ASP E 132 -56.08 -103.33 -67.68
CA ASP E 132 -55.30 -103.52 -66.47
C ASP E 132 -54.64 -104.90 -66.45
N THR E 133 -53.33 -104.91 -66.21
CA THR E 133 -52.55 -106.14 -66.05
C THR E 133 -52.63 -107.02 -67.31
N ILE E 134 -52.08 -106.49 -68.40
CA ILE E 134 -52.09 -107.20 -69.67
C ILE E 134 -50.90 -108.16 -69.74
N GLU E 135 -50.08 -108.17 -68.69
CA GLU E 135 -48.96 -109.11 -68.65
C GLU E 135 -49.42 -110.52 -68.31
N SER E 136 -50.51 -110.65 -67.55
CA SER E 136 -51.06 -111.97 -67.28
C SER E 136 -51.53 -112.65 -68.56
N LEU E 137 -51.99 -111.87 -69.54
CA LEU E 137 -52.37 -112.45 -70.83
C LEU E 137 -51.19 -113.15 -71.48
N PHE E 138 -50.01 -112.52 -71.48
CA PHE E 138 -48.80 -113.18 -71.97
C PHE E 138 -48.41 -114.37 -71.11
N SER E 139 -48.48 -114.22 -69.78
CA SER E 139 -48.07 -115.29 -68.89
C SER E 139 -48.93 -116.54 -69.05
N ALA E 140 -50.20 -116.38 -69.41
CA ALA E 140 -51.09 -117.53 -69.51
C ALA E 140 -50.76 -118.39 -70.72
N PHE E 141 -50.90 -117.82 -71.91
CA PHE E 141 -50.67 -118.57 -73.14
C PHE E 141 -49.17 -118.78 -73.38
N SER E 142 -48.85 -119.84 -74.13
CA SER E 142 -47.48 -120.22 -74.37
C SER E 142 -46.89 -119.57 -75.62
N ASN E 143 -47.65 -119.51 -76.71
CA ASN E 143 -47.12 -118.96 -77.95
C ASN E 143 -47.00 -117.45 -77.85
N PRO E 144 -45.80 -116.88 -77.93
CA PRO E 144 -45.65 -115.43 -77.77
C PRO E 144 -46.07 -114.64 -79.00
N ALA E 145 -45.79 -115.18 -80.19
CA ALA E 145 -46.09 -114.46 -81.42
C ALA E 145 -47.58 -114.25 -81.59
N ILE E 146 -48.37 -115.27 -81.26
CA ILE E 146 -49.82 -115.16 -81.39
C ILE E 146 -50.35 -114.05 -80.49
N LEU E 147 -49.88 -114.00 -79.25
CA LEU E 147 -50.32 -112.94 -78.32
C LEU E 147 -49.89 -111.57 -78.81
N ARG E 148 -48.65 -111.47 -79.30
CA ARG E 148 -48.17 -110.21 -79.84
C ARG E 148 -49.08 -109.72 -80.97
N ALA E 149 -49.33 -110.58 -81.95
CA ALA E 149 -50.19 -110.20 -83.05
C ALA E 149 -51.60 -109.87 -82.57
N GLU E 150 -52.12 -110.65 -81.62
CA GLU E 150 -53.50 -110.44 -81.18
C GLU E 150 -53.67 -109.09 -80.51
N ILE E 151 -52.74 -108.68 -79.64
CA ILE E 151 -52.98 -107.40 -79.00
C ILE E 151 -52.55 -106.24 -79.89
N ARG E 152 -51.63 -106.46 -80.86
CA ARG E 152 -51.43 -105.41 -81.86
C ARG E 152 -52.72 -105.16 -82.63
N ARG E 153 -53.41 -106.24 -83.01
CA ARG E 153 -54.74 -106.12 -83.60
C ARG E 153 -55.73 -105.47 -82.64
N LEU E 154 -55.62 -105.78 -81.35
CA LEU E 154 -56.52 -105.17 -80.37
C LEU E 154 -56.34 -103.65 -80.29
N PHE E 155 -55.08 -103.20 -80.21
CA PHE E 155 -54.82 -101.76 -80.17
C PHE E 155 -55.26 -101.10 -81.47
N ASP E 156 -54.97 -101.74 -82.61
CA ASP E 156 -55.41 -101.21 -83.89
C ASP E 156 -56.94 -101.11 -83.93
N TRP E 157 -57.63 -102.10 -83.38
CA TRP E 157 -59.09 -102.14 -83.37
C TRP E 157 -59.67 -101.07 -82.45
N LEU E 158 -59.03 -100.85 -81.30
CA LEU E 158 -59.48 -99.79 -80.40
C LEU E 158 -59.32 -98.42 -81.06
N LYS E 159 -58.17 -98.18 -81.69
CA LYS E 159 -58.00 -96.94 -82.45
C LYS E 159 -59.01 -96.88 -83.59
N GLU E 160 -59.30 -98.02 -84.20
CA GLU E 160 -60.12 -98.09 -85.41
C GLU E 160 -61.57 -97.72 -85.13
N ARG E 161 -62.10 -98.15 -83.99
CA ARG E 161 -63.43 -97.67 -83.63
C ARG E 161 -63.38 -96.41 -82.76
N GLY E 162 -62.19 -95.92 -82.42
CA GLY E 162 -62.07 -94.60 -81.81
C GLY E 162 -62.49 -94.49 -80.36
N LEU E 163 -61.95 -95.35 -79.49
CA LEU E 163 -62.12 -95.23 -78.06
C LEU E 163 -60.84 -94.70 -77.43
N THR E 164 -60.98 -94.02 -76.30
CA THR E 164 -59.83 -93.49 -75.56
C THR E 164 -59.39 -94.55 -74.55
N THR E 165 -58.21 -95.12 -74.75
CA THR E 165 -57.78 -96.28 -73.98
C THR E 165 -56.54 -95.95 -73.16
N VAL E 166 -56.52 -96.45 -71.93
CA VAL E 166 -55.39 -96.30 -71.02
C VAL E 166 -54.93 -97.69 -70.60
N ILE E 167 -53.64 -97.96 -70.75
CA ILE E 167 -53.07 -99.28 -70.52
C ILE E 167 -52.15 -99.22 -69.31
N THR E 168 -52.31 -100.16 -68.38
CA THR E 168 -51.46 -100.27 -67.21
C THR E 168 -50.38 -101.31 -67.45
N ALA E 169 -49.12 -100.91 -67.28
CA ALA E 169 -47.98 -101.80 -67.52
C ALA E 169 -46.97 -101.65 -66.40
N GLU E 170 -46.33 -102.76 -66.04
CA GLU E 170 -45.28 -102.75 -65.05
C GLU E 170 -43.97 -102.22 -65.65
N ARG E 171 -43.07 -101.76 -64.78
CA ARG E 171 -41.85 -101.13 -65.26
C ARG E 171 -40.81 -102.17 -65.70
N GLY E 172 -40.37 -103.02 -64.76
CA GLY E 172 -39.35 -104.00 -65.07
C GLY E 172 -37.98 -103.63 -64.55
N ASP E 173 -36.94 -103.92 -65.32
CA ASP E 173 -35.58 -103.64 -64.89
C ASP E 173 -34.78 -102.82 -65.87
N GLY E 174 -34.95 -103.03 -67.18
CA GLY E 174 -34.14 -102.35 -68.17
C GLY E 174 -34.78 -101.09 -68.73
N ALA E 175 -36.03 -101.19 -69.14
CA ALA E 175 -36.74 -100.05 -69.72
C ALA E 175 -37.97 -99.71 -68.89
N LEU E 176 -38.78 -98.78 -69.37
CA LEU E 176 -40.00 -98.39 -68.66
C LEU E 176 -41.08 -99.47 -68.70
N THR E 177 -40.84 -100.56 -69.41
CA THR E 177 -41.79 -101.66 -69.47
C THR E 177 -41.02 -102.96 -69.60
N ARG E 178 -41.56 -104.02 -68.99
CA ARG E 178 -40.92 -105.33 -69.00
C ARG E 178 -41.41 -106.23 -70.12
N GLN E 179 -42.55 -105.91 -70.74
CA GLN E 179 -43.09 -106.71 -71.83
C GLN E 179 -43.04 -106.00 -73.17
N GLY E 180 -42.33 -104.88 -73.25
CA GLY E 180 -42.18 -104.17 -74.51
C GLY E 180 -43.46 -103.58 -75.08
N LEU E 181 -44.31 -103.03 -74.20
CA LEU E 181 -45.49 -102.32 -74.67
C LEU E 181 -45.18 -100.91 -75.12
N GLU E 182 -43.99 -100.40 -74.80
CA GLU E 182 -43.54 -99.14 -75.39
C GLU E 182 -43.40 -99.25 -76.90
N GLU E 183 -42.92 -100.40 -77.38
CA GLU E 183 -42.85 -100.64 -78.82
C GLU E 183 -44.19 -100.32 -79.47
N TYR E 184 -45.27 -100.47 -78.72
CA TYR E 184 -46.61 -100.45 -79.29
C TYR E 184 -47.28 -99.11 -79.07
N VAL E 185 -47.27 -98.64 -77.83
CA VAL E 185 -47.96 -97.42 -77.42
C VAL E 185 -46.93 -96.31 -77.30
N SER E 186 -46.99 -95.32 -78.19
CA SER E 186 -46.11 -94.16 -78.14
C SER E 186 -46.87 -92.84 -78.16
N ASP E 187 -48.20 -92.86 -78.19
CA ASP E 187 -48.96 -91.62 -78.19
C ASP E 187 -48.78 -90.84 -76.89
N CYS E 188 -48.68 -91.54 -75.77
CA CYS E 188 -48.49 -90.90 -74.47
C CYS E 188 -47.96 -91.92 -73.49
N VAL E 189 -46.88 -91.57 -72.79
CA VAL E 189 -46.24 -92.44 -71.80
C VAL E 189 -46.10 -91.65 -70.51
N ILE E 190 -46.65 -92.19 -69.43
CA ILE E 190 -46.64 -91.53 -68.12
C ILE E 190 -46.00 -92.49 -67.13
N LEU E 191 -44.89 -92.07 -66.53
CA LEU E 191 -44.14 -92.88 -65.58
C LEU E 191 -44.43 -92.39 -64.17
N LEU E 192 -44.86 -93.30 -63.30
CA LEU E 192 -45.11 -93.01 -61.90
C LEU E 192 -44.00 -93.66 -61.05
N ASP E 193 -43.44 -92.89 -60.13
CA ASP E 193 -42.32 -93.36 -59.34
C ASP E 193 -42.61 -93.11 -57.86
N HIS E 194 -42.05 -93.97 -57.01
CA HIS E 194 -42.24 -93.86 -55.56
C HIS E 194 -40.86 -94.06 -54.92
N ARG E 195 -40.18 -92.96 -54.61
CA ARG E 195 -38.79 -93.02 -54.20
C ARG E 195 -38.63 -92.56 -52.76
N VAL E 196 -37.74 -93.23 -52.03
CA VAL E 196 -37.48 -92.94 -50.62
C VAL E 196 -36.11 -92.30 -50.51
N GLU E 197 -36.04 -91.13 -49.86
CA GLU E 197 -34.79 -90.45 -49.59
C GLU E 197 -34.78 -90.01 -48.14
N ASN E 198 -33.72 -90.36 -47.42
CA ASN E 198 -33.58 -90.03 -46.01
C ASN E 198 -34.78 -90.55 -45.21
N GLN E 199 -35.26 -91.73 -45.57
CA GLN E 199 -36.38 -92.43 -44.93
C GLN E 199 -37.72 -91.83 -45.32
N ILE E 200 -37.75 -90.75 -46.09
CA ILE E 200 -39.00 -90.11 -46.50
C ILE E 200 -39.31 -90.54 -47.93
N SER E 201 -40.50 -91.07 -48.14
CA SER E 201 -40.92 -91.56 -49.44
C SER E 201 -41.88 -90.56 -50.10
N THR E 202 -41.65 -90.29 -51.38
CA THR E 202 -42.45 -89.35 -52.14
C THR E 202 -42.82 -89.96 -53.47
N ARG E 203 -43.98 -89.54 -53.98
CA ARG E 203 -44.55 -90.04 -55.23
C ARG E 203 -44.42 -88.96 -56.30
N ARG E 204 -43.86 -89.33 -57.44
CA ARG E 204 -43.61 -88.40 -58.53
C ARG E 204 -44.23 -88.92 -59.82
N LEU E 205 -44.61 -87.99 -60.70
CA LEU E 205 -45.18 -88.29 -61.98
C LEU E 205 -44.37 -87.59 -63.07
N ARG E 206 -44.17 -88.28 -64.20
CA ARG E 206 -43.41 -87.68 -65.30
C ARG E 206 -44.05 -88.10 -66.61
N ILE E 207 -44.15 -87.14 -67.54
CA ILE E 207 -44.66 -87.43 -68.88
C ILE E 207 -43.45 -87.69 -69.76
N VAL E 208 -43.11 -88.97 -69.95
CA VAL E 208 -41.88 -89.31 -70.65
C VAL E 208 -41.96 -88.89 -72.11
N LYS E 209 -43.07 -89.21 -72.78
CA LYS E 209 -43.24 -88.90 -74.18
C LYS E 209 -44.72 -88.70 -74.47
N TYR E 210 -45.07 -87.49 -74.90
CA TYR E 210 -46.45 -87.17 -75.30
C TYR E 210 -46.40 -86.61 -76.72
N ARG E 211 -46.82 -87.42 -77.68
CA ARG E 211 -46.66 -87.08 -79.09
C ARG E 211 -47.82 -86.20 -79.55
N GLY E 212 -47.50 -85.07 -80.18
CA GLY E 212 -48.49 -84.24 -80.83
C GLY E 212 -48.59 -82.81 -80.32
N THR E 213 -47.95 -82.47 -79.20
CA THR E 213 -48.05 -81.11 -78.69
C THR E 213 -47.14 -80.96 -77.47
N ALA E 214 -47.00 -79.72 -77.02
CA ALA E 214 -46.17 -79.42 -75.87
C ALA E 214 -46.80 -79.92 -74.58
N HIS E 215 -46.00 -79.98 -73.53
CA HIS E 215 -46.43 -80.48 -72.24
C HIS E 215 -45.31 -80.23 -71.23
N GLY E 216 -45.61 -80.51 -69.96
CA GLY E 216 -44.59 -80.42 -68.92
C GLY E 216 -43.63 -81.59 -69.00
N THR E 217 -42.35 -81.30 -68.74
CA THR E 217 -41.29 -82.30 -68.83
C THR E 217 -40.59 -82.60 -67.52
N ASN E 218 -40.85 -81.82 -66.47
CA ASN E 218 -40.21 -82.05 -65.18
C ASN E 218 -40.92 -83.16 -64.42
N GLU E 219 -40.32 -83.57 -63.30
CA GLU E 219 -40.93 -84.54 -62.41
C GLU E 219 -41.79 -83.81 -61.38
N TYR E 220 -43.08 -84.10 -61.37
CA TYR E 220 -44.03 -83.39 -60.53
C TYR E 220 -44.43 -84.27 -59.35
N PRO E 221 -44.14 -83.86 -58.12
CA PRO E 221 -44.61 -84.66 -56.97
C PRO E 221 -46.11 -84.55 -56.83
N PHE E 222 -46.76 -85.71 -56.71
CA PHE E 222 -48.21 -85.78 -56.60
C PHE E 222 -48.58 -86.48 -55.28
N LEU E 223 -49.86 -86.41 -54.94
CA LEU E 223 -50.36 -86.97 -53.70
C LEU E 223 -51.67 -87.69 -53.95
N ILE E 224 -51.88 -88.77 -53.20
CA ILE E 224 -53.13 -89.52 -53.21
C ILE E 224 -53.82 -89.27 -51.87
N ASP E 225 -55.00 -88.66 -51.92
CA ASP E 225 -55.72 -88.26 -50.73
C ASP E 225 -57.15 -88.76 -50.82
N THR E 226 -57.99 -88.30 -49.89
CA THR E 226 -59.40 -88.70 -49.89
C THR E 226 -60.05 -88.38 -51.22
N ASP E 227 -59.75 -87.20 -51.78
CA ASP E 227 -60.27 -86.85 -53.11
C ASP E 227 -59.74 -87.82 -54.17
N GLY E 228 -58.46 -88.16 -54.09
CA GLY E 228 -57.81 -89.01 -55.07
C GLY E 228 -56.51 -88.39 -55.50
N PHE E 229 -56.21 -88.53 -56.79
CA PHE E 229 -55.02 -87.88 -57.33
C PHE E 229 -55.14 -86.36 -57.21
N SER E 230 -54.07 -85.73 -56.74
CA SER E 230 -53.98 -84.29 -56.67
C SER E 230 -52.58 -83.87 -57.11
N VAL E 231 -52.52 -82.92 -58.03
CA VAL E 231 -51.24 -82.46 -58.57
C VAL E 231 -51.23 -80.95 -58.61
N LEU E 232 -50.38 -80.33 -57.78
CA LEU E 232 -50.23 -78.88 -57.76
C LEU E 232 -48.85 -78.52 -58.28
N PRO E 233 -48.63 -78.56 -59.59
CA PRO E 233 -47.30 -78.29 -60.13
C PRO E 233 -46.84 -76.88 -59.78
N VAL E 234 -45.54 -76.76 -59.51
CA VAL E 234 -44.95 -75.45 -59.22
C VAL E 234 -44.77 -74.60 -60.46
N SER E 235 -44.98 -75.16 -61.65
CA SER E 235 -44.86 -74.44 -62.90
C SER E 235 -46.14 -73.71 -63.31
N ALA E 236 -47.24 -73.93 -62.58
CA ALA E 236 -48.50 -73.27 -62.88
C ALA E 236 -48.65 -71.91 -62.21
N LEU E 237 -47.77 -71.57 -61.26
CA LEU E 237 -47.85 -70.28 -60.60
C LEU E 237 -47.55 -69.15 -61.58
N GLY E 238 -48.34 -68.09 -61.50
CA GLY E 238 -48.15 -66.93 -62.34
C GLY E 238 -48.17 -65.65 -61.53
N LEU E 239 -47.51 -64.63 -62.07
CA LEU E 239 -47.42 -63.33 -61.40
C LEU E 239 -48.52 -62.41 -61.93
N LEU E 240 -49.75 -62.78 -61.59
CA LEU E 240 -50.94 -61.97 -61.87
C LEU E 240 -51.71 -61.81 -60.56
N HIS E 241 -51.33 -60.82 -59.77
CA HIS E 241 -51.88 -60.59 -58.44
C HIS E 241 -52.54 -59.22 -58.41
N GLN E 242 -53.86 -59.20 -58.25
CA GLN E 242 -54.57 -57.93 -58.13
C GLN E 242 -54.20 -57.26 -56.81
N VAL E 243 -53.78 -56.00 -56.88
CA VAL E 243 -53.37 -55.28 -55.69
C VAL E 243 -54.52 -54.46 -55.15
N HIS E 244 -54.46 -54.15 -53.86
CA HIS E 244 -55.47 -53.37 -53.18
C HIS E 244 -54.83 -52.15 -52.54
N GLU E 245 -55.59 -51.06 -52.48
CA GLU E 245 -55.12 -49.81 -51.91
C GLU E 245 -55.49 -49.64 -50.44
N GLU E 246 -56.18 -50.61 -49.85
CA GLU E 246 -56.52 -50.54 -48.44
C GLU E 246 -55.32 -50.92 -47.58
N ARG E 247 -55.43 -50.63 -46.28
CA ARG E 247 -54.39 -50.91 -45.31
C ARG E 247 -54.93 -51.85 -44.24
N ILE E 248 -54.03 -52.63 -43.65
CA ILE E 248 -54.36 -53.55 -42.58
C ILE E 248 -53.74 -53.05 -41.28
N ALA E 249 -54.41 -53.36 -40.18
CA ALA E 249 -53.99 -52.94 -38.84
C ALA E 249 -53.26 -54.09 -38.17
N SER E 250 -52.01 -53.83 -37.76
CA SER E 250 -51.22 -54.88 -37.12
C SER E 250 -51.72 -55.17 -35.71
N GLY E 251 -52.36 -54.19 -35.07
CA GLY E 251 -52.76 -54.30 -33.69
C GLY E 251 -51.85 -53.58 -32.72
N VAL E 252 -50.67 -53.17 -33.16
CA VAL E 252 -49.75 -52.37 -32.36
C VAL E 252 -49.85 -50.92 -32.84
N PRO E 253 -50.41 -50.01 -32.07
CA PRO E 253 -50.57 -48.62 -32.56
C PRO E 253 -49.26 -47.96 -32.94
N ASP E 254 -48.20 -48.18 -32.16
CA ASP E 254 -46.92 -47.53 -32.46
C ASP E 254 -46.34 -48.05 -33.77
N LEU E 255 -46.34 -49.38 -33.96
CA LEU E 255 -45.84 -49.95 -35.20
C LEU E 255 -46.69 -49.51 -36.39
N ASP E 256 -48.01 -49.43 -36.20
CA ASP E 256 -48.90 -48.99 -37.28
C ASP E 256 -48.61 -47.54 -37.67
N ALA E 257 -48.40 -46.66 -36.69
CA ALA E 257 -48.12 -45.26 -37.01
C ALA E 257 -46.72 -45.09 -37.58
N MET E 258 -45.79 -45.98 -37.23
CA MET E 258 -44.43 -45.85 -37.73
C MET E 258 -44.39 -45.83 -39.25
N MET E 259 -45.35 -46.48 -39.90
CA MET E 259 -45.38 -46.54 -41.35
C MET E 259 -46.50 -45.66 -41.89
N ALA E 260 -46.23 -44.98 -43.00
CA ALA E 260 -47.23 -44.12 -43.62
C ALA E 260 -48.43 -44.94 -44.07
N GLY E 261 -49.62 -44.35 -43.97
CA GLY E 261 -50.85 -44.99 -44.39
C GLY E 261 -51.57 -45.77 -43.31
N GLY E 262 -50.96 -45.97 -42.15
CA GLY E 262 -51.58 -46.68 -41.07
C GLY E 262 -51.25 -48.16 -40.97
N GLY E 263 -50.62 -48.74 -41.97
CA GLY E 263 -50.27 -50.15 -41.89
C GLY E 263 -49.85 -50.68 -43.25
N PHE E 264 -49.43 -51.93 -43.25
CA PHE E 264 -49.01 -52.60 -44.47
C PHE E 264 -50.19 -52.74 -45.42
N PHE E 265 -49.92 -52.74 -46.72
CA PHE E 265 -50.96 -52.91 -47.72
C PHE E 265 -51.62 -54.28 -47.59
N ARG E 266 -52.94 -54.30 -47.77
CA ARG E 266 -53.72 -55.51 -47.60
C ARG E 266 -53.38 -56.53 -48.69
N GLY E 267 -53.44 -57.80 -48.31
CA GLY E 267 -53.14 -58.87 -49.24
C GLY E 267 -51.66 -59.08 -49.52
N SER E 268 -50.78 -58.43 -48.78
CA SER E 268 -49.34 -58.54 -48.99
C SER E 268 -48.75 -59.63 -48.11
N SER E 269 -47.52 -60.03 -48.44
CA SER E 269 -46.78 -61.04 -47.68
C SER E 269 -45.88 -60.33 -46.68
N ILE E 270 -46.07 -60.64 -45.40
CA ILE E 270 -45.33 -60.00 -44.32
C ILE E 270 -44.50 -61.06 -43.62
N LEU E 271 -43.19 -60.81 -43.52
CA LEU E 271 -42.27 -61.69 -42.81
C LEU E 271 -41.87 -61.06 -41.49
N VAL E 272 -41.82 -61.89 -40.44
CA VAL E 272 -41.40 -61.46 -39.12
C VAL E 272 -40.20 -62.32 -38.73
N SER E 273 -39.01 -61.73 -38.75
CA SER E 273 -37.78 -62.46 -38.50
C SER E 273 -37.22 -62.08 -37.14
N GLY E 274 -36.46 -62.99 -36.55
CA GLY E 274 -35.83 -62.74 -35.27
C GLY E 274 -35.33 -64.02 -34.64
N VAL E 275 -34.49 -63.86 -33.63
CA VAL E 275 -33.93 -64.98 -32.89
C VAL E 275 -34.98 -65.54 -31.95
N ALA E 276 -34.73 -66.72 -31.39
CA ALA E 276 -35.67 -67.32 -30.47
C ALA E 276 -35.93 -66.39 -29.28
N GLY E 277 -37.20 -66.26 -28.92
CA GLY E 277 -37.59 -65.37 -27.84
C GLY E 277 -37.72 -63.92 -28.22
N ALA E 278 -37.62 -63.58 -29.51
CA ALA E 278 -37.74 -62.18 -29.93
C ALA E 278 -39.17 -61.67 -29.79
N GLY E 279 -40.16 -62.49 -30.14
CA GLY E 279 -41.55 -62.08 -30.06
C GLY E 279 -42.28 -62.18 -31.38
N LYS E 280 -41.78 -63.02 -32.28
CA LYS E 280 -42.42 -63.23 -33.58
C LYS E 280 -43.83 -63.79 -33.40
N SER E 281 -43.97 -64.80 -32.54
CA SER E 281 -45.29 -65.36 -32.26
C SER E 281 -46.20 -64.32 -31.61
N SER E 282 -45.66 -63.49 -30.72
CA SER E 282 -46.46 -62.44 -30.11
C SER E 282 -46.99 -61.47 -31.16
N LEU E 283 -46.13 -61.06 -32.09
CA LEU E 283 -46.57 -60.14 -33.13
C LEU E 283 -47.61 -60.78 -34.04
N ALA E 284 -47.41 -62.06 -34.39
CA ALA E 284 -48.39 -62.77 -35.21
C ALA E 284 -49.73 -62.87 -34.50
N ALA E 285 -49.70 -63.17 -33.20
CA ALA E 285 -50.93 -63.23 -32.42
C ALA E 285 -51.60 -61.86 -32.35
N HIS E 286 -50.81 -60.79 -32.24
CA HIS E 286 -51.37 -59.45 -32.28
C HIS E 286 -52.09 -59.20 -33.60
N PHE E 287 -51.45 -59.58 -34.71
CA PHE E 287 -52.08 -59.43 -36.02
C PHE E 287 -53.40 -60.18 -36.07
N ALA E 288 -53.39 -61.45 -35.64
CA ALA E 288 -54.60 -62.27 -35.72
C ALA E 288 -55.71 -61.71 -34.86
N ALA E 289 -55.37 -61.29 -33.63
CA ALA E 289 -56.39 -60.75 -32.73
C ALA E 289 -56.95 -59.44 -33.26
N ALA E 290 -56.10 -58.58 -33.82
CA ALA E 290 -56.59 -57.34 -34.41
C ALA E 290 -57.51 -57.62 -35.59
N ALA E 291 -57.17 -58.60 -36.43
CA ALA E 291 -58.06 -58.96 -37.52
C ALA E 291 -59.39 -59.48 -37.01
N CYS E 292 -59.35 -60.32 -35.97
CA CYS E 292 -60.60 -60.88 -35.43
C CYS E 292 -61.47 -59.80 -34.81
N ALA E 293 -60.86 -58.83 -34.12
CA ALA E 293 -61.64 -57.81 -33.42
C ALA E 293 -62.48 -56.99 -34.38
N ARG E 294 -62.10 -56.93 -35.65
CA ARG E 294 -62.85 -56.19 -36.66
C ARG E 294 -63.96 -57.01 -37.30
N GLY E 295 -64.24 -58.20 -36.77
CA GLY E 295 -65.27 -59.05 -37.33
C GLY E 295 -64.84 -59.92 -38.48
N GLU E 296 -63.55 -59.98 -38.79
CA GLU E 296 -63.02 -60.78 -39.88
C GLU E 296 -62.51 -62.12 -39.36
N ARG E 297 -62.39 -63.08 -40.26
CA ARG E 297 -61.90 -64.41 -39.93
C ARG E 297 -60.39 -64.45 -39.97
N ALA E 298 -59.81 -65.36 -39.18
CA ALA E 298 -58.36 -65.48 -39.15
C ALA E 298 -57.95 -66.91 -38.83
N MET E 299 -56.85 -67.36 -39.45
CA MET E 299 -56.29 -68.67 -39.19
C MET E 299 -54.83 -68.53 -38.73
N TYR E 300 -54.44 -69.34 -37.75
CA TYR E 300 -53.10 -69.28 -37.19
C TYR E 300 -52.52 -70.70 -37.27
N PHE E 301 -51.84 -71.01 -38.37
CA PHE E 301 -51.15 -72.28 -38.49
C PHE E 301 -49.91 -72.26 -37.60
N SER E 302 -49.85 -73.19 -36.65
CA SER E 302 -48.73 -73.30 -35.72
C SER E 302 -48.08 -74.67 -35.86
N PHE E 303 -46.79 -74.68 -36.12
CA PHE E 303 -46.00 -75.92 -36.24
C PHE E 303 -45.08 -76.11 -35.04
N GLU E 304 -45.35 -75.39 -33.95
CA GLU E 304 -44.45 -75.38 -32.79
C GLU E 304 -45.15 -75.58 -31.47
N GLU E 305 -46.46 -75.28 -31.36
CA GLU E 305 -47.11 -75.28 -30.06
C GLU E 305 -48.53 -75.81 -30.19
N ALA E 306 -49.07 -76.29 -29.07
CA ALA E 306 -50.46 -76.70 -29.03
C ALA E 306 -51.37 -75.48 -28.83
N ALA E 307 -52.65 -75.67 -29.11
CA ALA E 307 -53.61 -74.57 -29.00
C ALA E 307 -53.67 -74.05 -27.57
N ASP E 308 -53.79 -74.94 -26.59
CA ASP E 308 -53.93 -74.53 -25.19
C ASP E 308 -52.66 -73.82 -24.69
N GLN E 309 -51.49 -74.38 -25.02
CA GLN E 309 -50.23 -73.75 -24.63
C GLN E 309 -50.11 -72.36 -25.24
N ALA E 310 -50.43 -72.23 -26.53
CA ALA E 310 -50.41 -70.91 -27.16
C ALA E 310 -51.38 -69.97 -26.47
N VAL E 311 -52.56 -70.48 -26.11
CA VAL E 311 -53.56 -69.66 -25.43
C VAL E 311 -52.99 -69.11 -24.13
N ARG E 312 -52.39 -69.95 -23.30
CA ARG E 312 -51.99 -69.46 -21.98
C ARG E 312 -50.65 -68.74 -22.06
N ASN E 313 -49.93 -68.88 -23.19
CA ASN E 313 -48.77 -68.04 -23.45
C ASN E 313 -49.19 -66.61 -23.83
N MET E 314 -50.23 -66.48 -24.67
CA MET E 314 -50.73 -65.18 -25.08
C MET E 314 -51.56 -64.50 -24.01
N ARG E 315 -52.21 -65.27 -23.13
CA ARG E 315 -53.01 -64.68 -22.07
C ARG E 315 -52.14 -63.84 -21.14
N SER E 316 -50.86 -64.20 -21.02
CA SER E 316 -49.93 -63.37 -20.28
C SER E 316 -49.71 -62.01 -20.94
N LEU E 317 -49.72 -61.96 -22.27
CA LEU E 317 -49.60 -60.70 -23.00
C LEU E 317 -50.95 -59.97 -23.08
N GLY E 318 -52.03 -60.65 -22.71
CA GLY E 318 -53.33 -60.01 -22.68
C GLY E 318 -54.19 -60.33 -23.87
N LEU E 319 -53.57 -60.83 -24.94
CA LEU E 319 -54.32 -61.27 -26.10
C LEU E 319 -55.19 -62.46 -25.72
N ASP E 320 -56.50 -62.24 -25.71
CA ASP E 320 -57.47 -63.26 -25.31
C ASP E 320 -57.92 -63.97 -26.58
N LEU E 321 -57.05 -64.86 -27.09
CA LEU E 321 -57.37 -65.63 -28.27
C LEU E 321 -58.49 -66.63 -28.02
N GLY E 322 -58.71 -67.01 -26.77
CA GLY E 322 -59.81 -67.90 -26.47
C GLY E 322 -61.15 -67.29 -26.84
N ARG E 323 -61.31 -65.99 -26.63
CA ARG E 323 -62.57 -65.33 -26.95
C ARG E 323 -62.90 -65.48 -28.44
N TRP E 324 -61.93 -65.18 -29.31
CA TRP E 324 -62.18 -65.25 -30.74
C TRP E 324 -62.29 -66.69 -31.24
N ARG E 325 -61.47 -67.61 -30.71
CA ARG E 325 -61.61 -69.01 -31.07
C ARG E 325 -62.97 -69.57 -30.65
N ASP E 326 -63.48 -69.14 -29.50
CA ASP E 326 -64.75 -69.61 -28.95
C ASP E 326 -65.94 -68.97 -29.67
N ALA E 327 -65.82 -67.71 -30.09
CA ALA E 327 -66.84 -67.09 -30.92
C ALA E 327 -66.80 -67.56 -32.37
N GLY E 328 -65.72 -68.22 -32.78
CA GLY E 328 -65.67 -68.82 -34.10
C GLY E 328 -65.10 -67.93 -35.20
N LEU E 329 -64.22 -66.99 -34.85
CA LEU E 329 -63.57 -66.14 -35.82
C LEU E 329 -62.07 -66.41 -35.95
N LEU E 330 -61.52 -67.29 -35.13
CA LEU E 330 -60.10 -67.62 -35.16
C LEU E 330 -59.95 -69.14 -35.17
N ARG E 331 -59.05 -69.64 -36.02
CA ARG E 331 -58.81 -71.06 -36.16
C ARG E 331 -57.36 -71.39 -35.81
N PHE E 332 -57.14 -72.49 -35.09
CA PHE E 332 -55.81 -72.98 -34.77
C PHE E 332 -55.66 -74.38 -35.32
N MET E 333 -54.50 -74.70 -35.89
CA MET E 333 -54.24 -76.02 -36.45
C MET E 333 -53.34 -76.84 -35.53
N ALA E 334 -52.18 -76.28 -35.17
CA ALA E 334 -51.25 -76.92 -34.24
C ALA E 334 -50.81 -78.29 -34.77
N THR E 335 -50.13 -78.26 -35.91
CA THR E 335 -49.69 -79.47 -36.58
C THR E 335 -48.17 -79.50 -36.67
N ARG E 336 -47.58 -80.63 -36.32
CA ARG E 336 -46.13 -80.77 -36.36
C ARG E 336 -45.63 -80.89 -37.80
N PRO E 337 -44.41 -80.44 -38.07
CA PRO E 337 -43.90 -80.55 -39.45
C PRO E 337 -43.78 -81.98 -39.94
N THR E 338 -43.48 -82.93 -39.06
CA THR E 338 -43.28 -84.32 -39.46
C THR E 338 -44.57 -85.13 -39.53
N PHE E 339 -45.71 -84.54 -39.15
CA PHE E 339 -46.96 -85.29 -39.18
C PHE E 339 -47.31 -85.75 -40.59
N TYR E 340 -47.16 -84.86 -41.56
CA TYR E 340 -47.47 -85.16 -42.96
C TYR E 340 -46.20 -85.05 -43.79
N SER E 341 -46.34 -85.34 -45.08
CA SER E 341 -45.30 -85.02 -46.05
C SER E 341 -45.51 -83.58 -46.51
N LEU E 342 -44.55 -83.05 -47.28
CA LEU E 342 -44.68 -81.67 -47.75
C LEU E 342 -45.92 -81.48 -48.60
N GLU E 343 -46.20 -82.45 -49.48
CA GLU E 343 -47.36 -82.34 -50.35
C GLU E 343 -48.65 -82.28 -49.56
N MET E 344 -48.78 -83.13 -48.53
CA MET E 344 -50.02 -83.11 -47.73
C MET E 344 -50.08 -81.89 -46.83
N HIS E 345 -48.94 -81.40 -46.34
CA HIS E 345 -48.96 -80.12 -45.64
C HIS E 345 -49.56 -79.04 -46.54
N LEU E 346 -49.05 -78.93 -47.77
CA LEU E 346 -49.58 -77.96 -48.71
C LEU E 346 -51.07 -78.19 -48.97
N ALA E 347 -51.45 -79.44 -49.21
CA ALA E 347 -52.84 -79.75 -49.55
C ALA E 347 -53.78 -79.42 -48.40
N VAL E 348 -53.41 -79.79 -47.17
CA VAL E 348 -54.26 -79.51 -46.02
C VAL E 348 -54.38 -78.01 -45.81
N ILE E 349 -53.26 -77.29 -45.90
CA ILE E 349 -53.31 -75.84 -45.73
C ILE E 349 -54.25 -75.22 -46.75
N LEU E 350 -54.08 -75.60 -48.02
CA LEU E 350 -54.91 -75.03 -49.08
C LEU E 350 -56.38 -75.37 -48.87
N ARG E 351 -56.67 -76.64 -48.55
CA ARG E 351 -58.05 -77.07 -48.39
C ARG E 351 -58.74 -76.32 -47.25
N GLU E 352 -58.08 -76.25 -46.09
CA GLU E 352 -58.71 -75.59 -44.96
C GLU E 352 -58.81 -74.08 -45.17
N VAL E 353 -57.82 -73.48 -45.83
CA VAL E 353 -57.91 -72.04 -46.13
C VAL E 353 -59.10 -71.78 -47.05
N MET E 354 -59.26 -72.61 -48.09
CA MET E 354 -60.39 -72.44 -48.99
C MET E 354 -61.71 -72.64 -48.26
N ARG E 355 -61.80 -73.65 -47.40
CA ARG E 355 -63.05 -73.92 -46.70
C ARG E 355 -63.41 -72.78 -45.76
N PHE E 356 -62.45 -72.29 -44.97
CA PHE E 356 -62.74 -71.27 -43.97
C PHE E 356 -62.90 -69.88 -44.57
N GLU E 357 -62.19 -69.58 -45.66
CA GLU E 357 -62.24 -68.27 -46.30
C GLU E 357 -61.90 -67.17 -45.30
N PRO E 358 -60.70 -67.20 -44.72
CA PRO E 358 -60.34 -66.16 -43.74
C PRO E 358 -59.79 -64.90 -44.39
N SER E 359 -59.44 -63.90 -43.57
CA SER E 359 -58.85 -62.67 -44.06
C SER E 359 -57.38 -62.51 -43.68
N VAL E 360 -56.88 -63.32 -42.74
CA VAL E 360 -55.48 -63.24 -42.32
C VAL E 360 -55.00 -64.63 -41.92
N VAL E 361 -53.94 -65.11 -42.59
CA VAL E 361 -53.35 -66.41 -42.32
C VAL E 361 -51.95 -66.19 -41.78
N VAL E 362 -51.67 -66.74 -40.60
CA VAL E 362 -50.39 -66.58 -39.93
C VAL E 362 -49.73 -67.94 -39.82
N LEU E 363 -48.62 -68.12 -40.54
CA LEU E 363 -47.85 -69.35 -40.52
C LEU E 363 -46.66 -69.16 -39.60
N ASP E 364 -46.59 -69.93 -38.52
CA ASP E 364 -45.54 -69.80 -37.52
C ASP E 364 -45.03 -71.17 -37.10
N PRO E 365 -43.76 -71.51 -37.32
CA PRO E 365 -42.84 -70.73 -38.16
C PRO E 365 -42.58 -71.43 -39.49
N ILE E 366 -42.26 -70.66 -40.54
CA ILE E 366 -41.96 -71.27 -41.82
C ILE E 366 -40.60 -71.96 -41.82
N SER E 367 -39.76 -71.69 -40.80
CA SER E 367 -38.45 -72.32 -40.75
C SER E 367 -38.50 -73.74 -40.20
N ALA E 368 -39.63 -74.12 -39.60
CA ALA E 368 -39.75 -75.45 -39.01
C ALA E 368 -39.60 -76.56 -40.04
N PHE E 369 -39.87 -76.28 -41.32
CA PHE E 369 -39.78 -77.27 -42.37
C PHE E 369 -38.36 -77.42 -42.92
N THR E 370 -37.35 -77.00 -42.17
CA THR E 370 -36.00 -76.95 -42.71
C THR E 370 -35.50 -78.33 -43.10
N GLU E 371 -35.58 -79.31 -42.20
CA GLU E 371 -35.04 -80.63 -42.45
C GLU E 371 -36.08 -81.62 -42.97
N SER E 372 -37.32 -81.17 -43.21
CA SER E 372 -38.32 -82.07 -43.74
C SER E 372 -37.92 -82.61 -45.10
N GLY E 373 -37.21 -81.80 -45.89
CA GLY E 373 -36.71 -82.22 -47.18
C GLY E 373 -35.54 -81.36 -47.63
N ASP E 374 -35.16 -81.48 -48.90
CA ASP E 374 -34.13 -80.62 -49.44
C ASP E 374 -34.62 -79.18 -49.52
N ARG E 375 -33.67 -78.26 -49.68
CA ARG E 375 -34.03 -76.84 -49.72
C ARG E 375 -35.01 -76.55 -50.85
N LEU E 376 -34.80 -77.17 -52.01
CA LEU E 376 -35.67 -76.92 -53.15
C LEU E 376 -37.12 -77.33 -52.89
N GLU E 377 -37.34 -78.49 -52.26
CA GLU E 377 -38.71 -78.95 -52.01
C GLU E 377 -39.44 -78.03 -51.03
N VAL E 378 -38.77 -77.65 -49.94
CA VAL E 378 -39.36 -76.73 -48.97
C VAL E 378 -39.64 -75.39 -49.61
N GLN E 379 -38.71 -74.89 -50.42
CA GLN E 379 -38.94 -73.63 -51.13
C GLN E 379 -40.12 -73.73 -52.07
N SER E 380 -40.27 -74.86 -52.76
CA SER E 380 -41.42 -75.04 -53.64
C SER E 380 -42.73 -75.00 -52.85
N MET E 381 -42.76 -75.68 -51.70
CA MET E 381 -43.95 -75.66 -50.88
C MET E 381 -44.28 -74.25 -50.41
N LEU E 382 -43.27 -73.53 -49.92
CA LEU E 382 -43.49 -72.18 -49.42
C LEU E 382 -43.94 -71.25 -50.54
N LEU E 383 -43.32 -71.36 -51.72
CA LEU E 383 -43.73 -70.53 -52.85
C LEU E 383 -45.15 -70.81 -53.26
N ARG E 384 -45.54 -72.10 -53.31
CA ARG E 384 -46.91 -72.43 -53.65
C ARG E 384 -47.89 -71.83 -52.64
N ILE E 385 -47.56 -71.94 -51.34
CA ILE E 385 -48.46 -71.41 -50.32
C ILE E 385 -48.58 -69.89 -50.45
N VAL E 386 -47.45 -69.21 -50.64
CA VAL E 386 -47.46 -67.75 -50.73
C VAL E 386 -48.25 -67.30 -51.96
N ASP E 387 -48.03 -67.97 -53.09
CA ASP E 387 -48.75 -67.61 -54.31
C ASP E 387 -50.24 -67.86 -54.15
N PHE E 388 -50.62 -68.98 -53.53
CA PHE E 388 -52.04 -69.24 -53.31
C PHE E 388 -52.67 -68.16 -52.45
N LEU E 389 -52.00 -67.79 -51.35
CA LEU E 389 -52.54 -66.74 -50.49
C LEU E 389 -52.65 -65.41 -51.23
N LYS E 390 -51.62 -65.03 -51.98
CA LYS E 390 -51.66 -63.77 -52.70
C LYS E 390 -52.75 -63.76 -53.78
N ASN E 391 -52.93 -64.88 -54.49
CA ASN E 391 -54.01 -64.96 -55.46
C ASN E 391 -55.37 -64.83 -54.79
N ARG E 392 -55.55 -65.49 -53.65
CA ARG E 392 -56.78 -65.34 -52.88
C ARG E 392 -56.91 -63.97 -52.22
N GLY E 393 -55.86 -63.17 -52.25
CA GLY E 393 -55.91 -61.85 -51.62
C GLY E 393 -56.01 -61.91 -50.11
N ILE E 394 -55.32 -62.85 -49.48
CA ILE E 394 -55.30 -62.99 -48.03
C ILE E 394 -53.98 -62.45 -47.51
N THR E 395 -54.02 -61.84 -46.33
CA THR E 395 -52.84 -61.28 -45.69
C THR E 395 -52.07 -62.39 -45.01
N GLY E 396 -50.87 -62.67 -45.50
CA GLY E 396 -50.04 -63.73 -44.97
C GLY E 396 -48.96 -63.18 -44.07
N ILE E 397 -48.93 -63.69 -42.84
CA ILE E 397 -47.94 -63.31 -41.84
C ILE E 397 -47.10 -64.54 -41.54
N PHE E 398 -45.87 -64.55 -42.06
CA PHE E 398 -44.97 -65.69 -41.89
C PHE E 398 -43.91 -65.35 -40.85
N THR E 399 -43.74 -66.22 -39.87
CA THR E 399 -42.73 -66.04 -38.83
C THR E 399 -41.54 -66.95 -39.10
N HIS E 400 -40.35 -66.38 -39.14
CA HIS E 400 -39.13 -67.12 -39.41
C HIS E 400 -38.10 -66.85 -38.32
N LEU E 401 -37.31 -67.87 -38.02
CA LEU E 401 -36.27 -67.78 -37.00
C LEU E 401 -34.97 -67.32 -37.64
N ALA E 402 -34.20 -66.53 -36.88
CA ALA E 402 -32.95 -65.96 -37.36
C ALA E 402 -31.76 -66.62 -36.67
N HIS E 403 -30.62 -66.61 -37.36
CA HIS E 403 -29.40 -67.19 -36.84
C HIS E 403 -28.26 -66.16 -36.80
N THR E 409 -31.07 -59.46 -42.30
CA THR E 409 -30.41 -60.74 -42.51
C THR E 409 -31.24 -61.63 -43.43
N THR E 410 -30.57 -62.55 -44.13
CA THR E 410 -31.20 -63.51 -45.01
C THR E 410 -31.27 -64.87 -44.34
N ASP E 411 -32.42 -65.54 -44.48
CA ASP E 411 -32.65 -66.77 -43.73
C ASP E 411 -32.75 -68.00 -44.61
N ALA E 412 -33.69 -68.01 -45.58
CA ALA E 412 -33.91 -69.21 -46.35
C ALA E 412 -34.19 -68.95 -47.83
N GLY E 413 -33.90 -67.75 -48.33
CA GLY E 413 -34.17 -67.44 -49.72
C GLY E 413 -35.62 -67.16 -50.05
N LEU E 414 -36.51 -67.17 -49.06
CA LEU E 414 -37.91 -66.84 -49.27
C LEU E 414 -38.24 -65.39 -48.93
N GLU E 415 -37.30 -64.64 -48.35
CA GLU E 415 -37.49 -63.21 -48.22
C GLU E 415 -37.58 -62.57 -49.59
N GLU E 416 -37.14 -63.30 -50.62
CA GLU E 416 -37.02 -62.74 -51.96
C GLU E 416 -38.35 -62.20 -52.48
N LEU E 417 -39.47 -62.70 -51.94
CA LEU E 417 -40.79 -62.28 -52.39
C LEU E 417 -41.51 -61.33 -51.43
N MET E 418 -41.14 -61.33 -50.15
CA MET E 418 -41.94 -60.65 -49.14
C MET E 418 -42.13 -59.17 -49.47
N ASP E 419 -43.36 -58.70 -49.29
CA ASP E 419 -43.68 -57.28 -49.43
C ASP E 419 -43.21 -56.45 -48.24
N GLY E 420 -43.40 -56.96 -47.03
CA GLY E 420 -42.97 -56.27 -45.83
C GLY E 420 -42.15 -57.16 -44.94
N TRP E 421 -41.16 -56.56 -44.29
CA TRP E 421 -40.22 -57.30 -43.45
C TRP E 421 -40.09 -56.58 -42.11
N VAL E 422 -40.31 -57.30 -41.02
CA VAL E 422 -40.16 -56.76 -39.67
C VAL E 422 -39.15 -57.63 -38.94
N LEU E 423 -38.04 -57.02 -38.51
CA LEU E 423 -36.99 -57.72 -37.79
C LEU E 423 -37.07 -57.36 -36.31
N MET E 424 -37.11 -58.37 -35.46
CA MET E 424 -37.18 -58.22 -34.01
C MET E 424 -35.85 -58.67 -33.43
N LEU E 425 -35.20 -57.80 -32.67
CA LEU E 425 -33.88 -58.05 -32.11
C LEU E 425 -33.96 -58.09 -30.60
N ASN E 426 -33.22 -59.02 -30.00
CA ASN E 426 -33.10 -59.15 -28.55
C ASN E 426 -31.60 -59.16 -28.24
N ARG E 427 -31.02 -57.99 -28.06
CA ARG E 427 -29.58 -57.83 -27.98
C ARG E 427 -29.11 -57.78 -26.54
N GLU E 428 -27.89 -58.28 -26.32
CA GLU E 428 -27.23 -58.22 -25.02
C GLU E 428 -26.20 -57.10 -25.07
N VAL E 429 -26.44 -56.05 -24.29
CA VAL E 429 -25.54 -54.90 -24.23
C VAL E 429 -25.59 -54.31 -22.84
N ASN E 430 -24.41 -53.97 -22.30
CA ASN E 430 -24.30 -53.40 -20.95
C ASN E 430 -24.78 -54.40 -19.90
N GLY E 431 -24.45 -55.68 -20.11
CA GLY E 431 -24.82 -56.70 -19.13
C GLY E 431 -26.30 -56.84 -18.92
N GLU E 432 -27.08 -56.78 -20.00
CA GLU E 432 -28.54 -56.87 -19.91
C GLU E 432 -29.10 -56.89 -21.32
N PHE E 433 -30.29 -57.47 -21.44
CA PHE E 433 -30.92 -57.72 -22.74
C PHE E 433 -32.01 -56.70 -23.00
N ASN E 434 -32.00 -56.13 -24.21
CA ASN E 434 -32.97 -55.13 -24.64
C ASN E 434 -33.62 -55.56 -25.94
N ARG E 435 -34.91 -55.27 -26.06
CA ARG E 435 -35.70 -55.62 -27.22
C ARG E 435 -35.86 -54.43 -28.15
N GLU E 436 -35.86 -54.70 -29.46
CA GLU E 436 -36.06 -53.68 -30.47
C GLU E 436 -36.71 -54.32 -31.69
N LEU E 437 -37.24 -53.47 -32.57
CA LEU E 437 -37.81 -53.96 -33.81
C LEU E 437 -37.72 -52.86 -34.86
N TYR E 438 -37.59 -53.26 -36.12
CA TYR E 438 -37.57 -52.29 -37.20
C TYR E 438 -38.04 -52.92 -38.49
N LEU E 439 -38.59 -52.07 -39.36
CA LEU E 439 -39.12 -52.50 -40.66
C LEU E 439 -37.97 -52.51 -41.64
N LEU E 440 -37.47 -53.71 -41.98
CA LEU E 440 -36.38 -53.81 -42.93
C LEU E 440 -36.78 -53.29 -44.31
N LYS E 441 -38.05 -53.41 -44.67
CA LYS E 441 -38.53 -52.91 -45.95
C LYS E 441 -40.05 -52.95 -45.97
N ALA E 442 -40.65 -51.95 -46.61
CA ALA E 442 -42.10 -51.84 -46.71
C ALA E 442 -42.42 -51.30 -48.10
N ARG E 443 -42.88 -52.20 -48.97
CA ARG E 443 -43.08 -51.85 -50.36
C ARG E 443 -44.20 -50.84 -50.55
N GLY E 444 -44.00 -49.92 -51.49
CA GLY E 444 -45.03 -48.98 -51.90
C GLY E 444 -45.48 -47.99 -50.84
N MET E 445 -44.57 -47.56 -49.97
CA MET E 445 -44.91 -46.57 -48.95
C MET E 445 -43.64 -46.16 -48.23
N ALA E 446 -43.71 -45.01 -47.58
CA ALA E 446 -42.60 -44.50 -46.78
C ALA E 446 -42.83 -44.85 -45.31
N HIS E 447 -41.74 -45.21 -44.64
CA HIS E 447 -41.82 -45.72 -43.27
C HIS E 447 -40.63 -45.22 -42.47
N SER E 448 -40.78 -45.26 -41.15
CA SER E 448 -39.70 -44.84 -40.26
C SER E 448 -38.49 -45.74 -40.43
N ASN E 449 -37.30 -45.12 -40.33
CA ASN E 449 -36.03 -45.83 -40.45
C ASN E 449 -35.29 -45.88 -39.10
N GLN E 450 -36.05 -45.90 -38.00
CA GLN E 450 -35.49 -45.91 -36.66
C GLN E 450 -35.62 -47.30 -36.06
N VAL E 451 -34.60 -47.70 -35.29
CA VAL E 451 -34.62 -48.98 -34.58
C VAL E 451 -35.34 -48.71 -33.26
N ARG E 452 -36.67 -48.86 -33.29
CA ARG E 452 -37.52 -48.50 -32.17
C ARG E 452 -37.48 -49.59 -31.11
N GLU E 453 -36.90 -49.29 -29.95
CA GLU E 453 -36.94 -50.21 -28.83
C GLU E 453 -38.35 -50.32 -28.28
N PHE E 454 -38.77 -51.53 -27.96
CA PHE E 454 -40.10 -51.77 -27.42
C PHE E 454 -39.97 -52.62 -26.15
N LEU E 455 -41.08 -52.76 -25.44
CA LEU E 455 -41.09 -53.52 -24.19
C LEU E 455 -42.46 -54.17 -24.04
N MET E 456 -42.50 -55.50 -24.10
CA MET E 456 -43.74 -56.24 -24.03
C MET E 456 -44.21 -56.36 -22.58
N SER E 457 -45.51 -56.20 -22.36
CA SER E 457 -46.10 -56.27 -21.02
C SER E 457 -47.53 -56.76 -21.14
N ASP E 458 -48.25 -56.72 -20.01
CA ASP E 458 -49.64 -57.17 -20.00
C ASP E 458 -50.49 -56.40 -20.99
N ARG E 459 -50.26 -55.09 -21.13
CA ARG E 459 -51.04 -54.30 -22.07
C ARG E 459 -50.76 -54.69 -23.51
N GLY E 460 -49.64 -55.37 -23.75
CA GLY E 460 -49.31 -55.86 -25.07
C GLY E 460 -47.92 -55.42 -25.47
N ILE E 461 -47.72 -55.29 -26.78
CA ILE E 461 -46.45 -54.77 -27.29
C ILE E 461 -46.53 -53.26 -27.35
N SER E 462 -45.59 -52.59 -26.70
CA SER E 462 -45.59 -51.13 -26.63
C SER E 462 -44.19 -50.61 -26.92
N LEU E 463 -44.09 -49.73 -27.91
CA LEU E 463 -42.82 -49.13 -28.26
C LEU E 463 -42.53 -47.93 -27.37
N LEU E 464 -41.29 -47.85 -26.88
CA LEU E 464 -40.88 -46.73 -26.06
C LEU E 464 -40.78 -45.46 -26.91
N PRO E 465 -40.83 -44.29 -26.26
CA PRO E 465 -40.70 -43.05 -27.03
C PRO E 465 -39.37 -43.00 -27.74
N PRO E 466 -39.31 -42.37 -28.91
CA PRO E 466 -38.06 -42.35 -29.67
C PRO E 466 -36.93 -41.71 -28.88
N HIS E 467 -35.72 -42.23 -29.11
CA HIS E 467 -34.53 -41.73 -28.44
C HIS E 467 -34.18 -40.36 -29.02
N LEU E 468 -34.01 -39.38 -28.15
CA LEU E 468 -33.69 -38.01 -28.55
C LEU E 468 -32.36 -37.60 -27.94
N GLY E 469 -31.53 -36.96 -28.74
CA GLY E 469 -30.21 -36.56 -28.28
C GLY E 469 -29.12 -37.38 -28.96
N GLU E 470 -27.89 -36.89 -28.86
CA GLU E 470 -26.76 -37.57 -29.46
C GLU E 470 -26.54 -38.92 -28.78
N GLY E 471 -25.89 -39.82 -29.51
CA GLY E 471 -25.65 -41.16 -29.01
C GLY E 471 -26.93 -41.95 -28.82
N GLY E 472 -27.81 -41.92 -29.83
CA GLY E 472 -29.09 -42.59 -29.71
C GLY E 472 -29.01 -44.09 -29.58
N ALA E 473 -27.83 -44.67 -29.84
CA ALA E 473 -27.69 -46.12 -29.73
C ALA E 473 -27.96 -46.61 -28.30
N LEU E 474 -27.78 -45.73 -27.32
CA LEU E 474 -28.02 -46.12 -25.93
C LEU E 474 -29.44 -46.61 -25.73
N THR E 475 -29.58 -47.70 -24.98
CA THR E 475 -30.87 -48.30 -24.70
C THR E 475 -30.85 -48.94 -23.32
N GLY E 476 -32.03 -49.07 -22.72
CA GLY E 476 -32.12 -49.70 -21.41
C GLY E 476 -31.59 -48.78 -20.33
N THR E 477 -30.82 -49.36 -19.40
CA THR E 477 -30.27 -48.58 -18.29
C THR E 477 -29.35 -47.47 -18.78
N ALA E 478 -28.69 -47.69 -19.91
CA ALA E 478 -27.77 -46.69 -20.43
C ALA E 478 -28.49 -45.39 -20.77
N ARG E 479 -29.73 -45.48 -21.27
CA ARG E 479 -30.50 -44.29 -21.57
C ARG E 479 -30.76 -43.46 -20.32
N LYS E 480 -31.17 -44.10 -19.22
CA LYS E 480 -31.39 -43.38 -17.97
C LYS E 480 -30.08 -42.80 -17.45
N ALA E 481 -28.99 -43.55 -17.56
CA ALA E 481 -27.70 -43.03 -17.12
C ALA E 481 -27.29 -41.79 -17.91
N GLU E 482 -27.49 -41.83 -19.23
CA GLU E 482 -27.17 -40.67 -20.06
C GLU E 482 -28.03 -39.48 -19.70
N GLU E 483 -29.32 -39.71 -19.45
CA GLU E 483 -30.20 -38.62 -19.04
C GLU E 483 -29.72 -37.99 -17.74
N ALA E 484 -29.35 -38.82 -16.76
CA ALA E 484 -28.86 -38.30 -15.49
C ALA E 484 -27.57 -37.51 -15.68
N ARG E 485 -26.66 -38.02 -16.50
CA ARG E 485 -25.40 -37.31 -16.75
C ARG E 485 -25.65 -35.96 -17.40
N LEU E 486 -26.56 -35.90 -18.38
CA LEU E 486 -26.90 -34.63 -19.01
C LEU E 486 -27.48 -33.66 -17.99
N ARG E 487 -28.38 -34.15 -17.13
CA ARG E 487 -28.96 -33.28 -16.11
C ARG E 487 -27.88 -32.71 -15.21
N ARG E 488 -26.97 -33.56 -14.75
CA ARG E 488 -25.91 -33.11 -13.85
C ARG E 488 -25.05 -32.04 -14.51
N ALA E 489 -24.62 -32.29 -15.76
CA ALA E 489 -23.72 -31.36 -16.42
C ALA E 489 -24.39 -30.01 -16.68
N GLU E 490 -25.62 -30.02 -17.18
CA GLU E 490 -26.30 -28.76 -17.45
C GLU E 490 -26.58 -28.00 -16.15
N ILE E 491 -26.89 -28.72 -15.07
CA ILE E 491 -27.07 -28.08 -13.78
C ILE E 491 -25.78 -27.37 -13.35
N GLU E 492 -24.64 -28.05 -13.53
CA GLU E 492 -23.40 -27.43 -13.10
C GLU E 492 -23.01 -26.24 -13.99
N ARG E 493 -23.38 -26.28 -15.26
CA ARG E 493 -23.20 -25.11 -16.11
C ARG E 493 -24.03 -23.93 -15.59
N GLN E 494 -25.27 -24.20 -15.19
CA GLN E 494 -26.09 -23.16 -14.56
C GLN E 494 -25.40 -22.60 -13.33
N THR E 495 -24.80 -23.48 -12.52
CA THR E 495 -24.08 -23.03 -11.34
C THR E 495 -22.90 -22.13 -11.72
N GLU E 496 -22.18 -22.49 -12.78
CA GLU E 496 -21.11 -21.63 -13.29
C GLU E 496 -21.62 -20.22 -13.57
N LEU E 497 -22.70 -20.12 -14.35
CA LEU E 497 -23.21 -18.80 -14.72
C LEU E 497 -23.67 -18.03 -13.49
N GLY E 498 -24.34 -18.71 -12.56
CA GLY E 498 -24.77 -18.04 -11.34
C GLY E 498 -23.61 -17.49 -10.53
N ARG E 499 -22.52 -18.26 -10.43
CA ARG E 499 -21.37 -17.79 -9.68
C ARG E 499 -20.75 -16.56 -10.34
N LEU E 500 -20.65 -16.55 -11.67
CA LEU E 500 -20.15 -15.35 -12.35
C LEU E 500 -21.04 -14.14 -12.07
N GLN E 501 -22.36 -14.34 -12.11
CA GLN E 501 -23.27 -13.23 -11.83
C GLN E 501 -23.07 -12.71 -10.40
N GLN E 502 -22.90 -13.61 -9.44
CA GLN E 502 -22.66 -13.19 -8.06
C GLN E 502 -21.34 -12.43 -7.93
N GLN E 503 -20.32 -12.86 -8.69
CA GLN E 503 -19.04 -12.16 -8.69
C GLN E 503 -19.22 -10.71 -9.13
N ILE E 504 -19.94 -10.51 -10.23
CA ILE E 504 -20.16 -9.14 -10.71
C ILE E 504 -20.98 -8.36 -9.70
N GLU E 505 -21.94 -9.02 -9.05
CA GLU E 505 -22.66 -8.51 -7.89
C GLU E 505 -21.70 -7.88 -6.88
N GLN E 506 -20.72 -8.67 -6.45
CA GLN E 506 -19.77 -8.22 -5.44
C GLN E 506 -19.01 -6.99 -5.92
N ARG E 507 -18.53 -7.02 -7.16
CA ARG E 507 -17.77 -5.88 -7.67
C ARG E 507 -18.61 -4.60 -7.66
N ARG E 508 -19.86 -4.70 -8.11
CA ARG E 508 -20.72 -3.52 -8.13
C ARG E 508 -20.99 -3.00 -6.72
N ARG E 509 -21.14 -3.92 -5.76
CA ARG E 509 -21.36 -3.48 -4.38
C ARG E 509 -20.18 -2.65 -3.89
N ARG E 510 -18.95 -3.17 -4.02
CA ARG E 510 -17.83 -2.33 -3.62
C ARG E 510 -17.83 -1.01 -4.36
N ALA E 511 -18.10 -1.01 -5.67
CA ALA E 511 -18.01 0.23 -6.44
C ALA E 511 -18.91 1.31 -5.84
N ARG E 512 -20.19 0.99 -5.66
CA ARG E 512 -21.10 2.06 -5.24
C ARG E 512 -20.97 2.37 -3.74
N ALA E 513 -20.54 1.39 -2.93
CA ALA E 513 -20.25 1.73 -1.54
C ALA E 513 -19.08 2.73 -1.46
N GLN E 514 -18.05 2.49 -2.26
CA GLN E 514 -16.93 3.43 -2.33
C GLN E 514 -17.41 4.81 -2.76
N ILE E 515 -18.32 4.85 -3.75
CA ILE E 515 -18.89 6.11 -4.19
C ILE E 515 -19.59 6.82 -3.03
N GLU E 516 -20.31 6.04 -2.21
CA GLU E 516 -21.01 6.63 -1.07
C GLU E 516 -20.04 7.28 -0.11
N ALA E 517 -18.93 6.61 0.18
CA ALA E 517 -17.91 7.20 1.06
C ALA E 517 -17.39 8.51 0.48
N LEU E 518 -17.10 8.51 -0.83
CA LEU E 518 -16.58 9.72 -1.46
C LEU E 518 -17.58 10.87 -1.38
N GLU E 519 -18.86 10.58 -1.58
CA GLU E 519 -19.88 11.63 -1.47
C GLU E 519 -19.96 12.17 -0.05
N ALA E 520 -19.81 11.31 0.95
CA ALA E 520 -19.75 11.80 2.33
C ALA E 520 -18.59 12.77 2.51
N GLU E 521 -17.43 12.43 1.96
CA GLU E 521 -16.30 13.35 2.00
C GLU E 521 -16.65 14.69 1.36
N LEU E 522 -17.32 14.65 0.21
CA LEU E 522 -17.67 15.89 -0.48
C LEU E 522 -18.60 16.76 0.37
N GLN E 523 -19.58 16.14 1.02
CA GLN E 523 -20.50 16.92 1.87
C GLN E 523 -19.75 17.55 3.04
N ALA E 524 -18.84 16.80 3.65
CA ALA E 524 -18.04 17.37 4.73
C ALA E 524 -17.25 18.59 4.24
N GLU E 525 -16.66 18.48 3.05
CA GLU E 525 -15.90 19.61 2.52
C GLU E 525 -16.79 20.81 2.26
N GLU E 526 -18.00 20.59 1.76
CA GLU E 526 -18.93 21.70 1.56
C GLU E 526 -19.24 22.41 2.88
N ILE E 527 -19.50 21.62 3.93
CA ILE E 527 -19.74 22.22 5.24
C ILE E 527 -18.54 23.05 5.67
N ALA E 528 -17.33 22.54 5.42
CA ALA E 528 -16.13 23.28 5.79
C ALA E 528 -16.05 24.61 5.06
N LEU E 529 -16.33 24.62 3.75
CA LEU E 529 -16.29 25.88 3.00
C LEU E 529 -17.27 26.89 3.58
N LYS E 530 -18.49 26.43 3.88
CA LYS E 530 -19.49 27.37 4.37
C LYS E 530 -19.13 27.89 5.76
N ALA E 531 -18.53 27.05 6.60
CA ALA E 531 -18.02 27.53 7.87
C ALA E 531 -16.94 28.59 7.66
N LEU E 532 -16.04 28.36 6.70
CA LEU E 532 -15.02 29.34 6.35
C LEU E 532 -15.61 30.69 5.97
N VAL E 533 -16.62 30.71 5.10
CA VAL E 533 -17.24 31.95 4.68
C VAL E 533 -17.95 32.65 5.83
N GLU E 534 -18.75 31.90 6.61
CA GLU E 534 -19.50 32.52 7.70
C GLU E 534 -18.57 33.15 8.73
N SER E 535 -17.56 32.40 9.18
CA SER E 535 -16.68 32.94 10.22
C SER E 535 -15.87 34.13 9.71
N GLU E 536 -15.42 34.06 8.46
CA GLU E 536 -14.64 35.16 7.89
C GLU E 536 -15.48 36.42 7.81
N SER E 537 -16.74 36.30 7.36
CA SER E 537 -17.62 37.46 7.32
C SER E 537 -17.88 38.00 8.72
N ALA E 538 -18.03 37.10 9.70
CA ALA E 538 -18.22 37.56 11.07
C ALA E 538 -17.02 38.35 11.57
N HIS E 539 -15.81 37.90 11.23
CA HIS E 539 -14.62 38.65 11.59
C HIS E 539 -14.63 40.03 10.94
N GLU E 540 -15.02 40.10 9.66
CA GLU E 540 -15.20 41.39 9.00
C GLU E 540 -16.12 42.30 9.82
N ARG E 541 -17.28 41.78 10.21
CA ARG E 541 -18.26 42.57 10.94
C ARG E 541 -17.70 43.05 12.27
N GLN E 542 -17.04 42.17 13.01
CA GLN E 542 -16.49 42.55 14.31
C GLN E 542 -15.40 43.62 14.16
N ARG E 543 -14.55 43.47 13.14
CA ARG E 543 -13.52 44.48 12.90
C ARG E 543 -14.15 45.84 12.61
N LEU E 544 -15.19 45.86 11.78
CA LEU E 544 -15.87 47.13 11.49
C LEU E 544 -16.44 47.74 12.76
N ALA E 545 -17.07 46.91 13.61
CA ALA E 545 -17.66 47.42 14.84
C ALA E 545 -16.60 48.01 15.76
N ASP E 546 -15.47 47.32 15.92
CA ASP E 546 -14.40 47.83 16.78
C ASP E 546 -13.82 49.13 16.23
N ALA E 547 -13.64 49.21 14.90
CA ALA E 547 -13.12 50.45 14.31
C ALA E 547 -14.08 51.61 14.57
N ASP E 548 -15.38 51.38 14.43
CA ASP E 548 -16.36 52.42 14.72
C ASP E 548 -16.29 52.86 16.18
N THR E 549 -16.16 51.89 17.10
CA THR E 549 -16.07 52.23 18.52
C THR E 549 -14.88 53.14 18.78
N LEU E 550 -13.71 52.78 18.23
CA LEU E 550 -12.54 53.63 18.40
C LEU E 550 -12.75 55.00 17.77
N ALA E 551 -13.44 55.04 16.61
CA ALA E 551 -13.69 56.30 15.91
C ALA E 551 -14.49 57.27 16.77
N ARG E 552 -15.57 56.78 17.39
CA ARG E 552 -16.23 57.60 18.40
C ARG E 552 -15.29 57.98 19.54
N SER E 553 -14.58 57.00 20.10
CA SER E 553 -13.79 57.29 21.31
C SER E 553 -12.82 58.43 21.08
N ARG E 554 -12.34 58.57 19.84
CA ARG E 554 -11.40 59.64 19.50
C ARG E 554 -11.96 60.66 18.52
N GLY E 555 -13.28 60.73 18.39
CA GLY E 555 -13.91 61.60 17.40
C GLY E 555 -14.41 62.92 17.94
N ASN E 556 -14.42 63.92 17.07
CA ASN E 556 -14.96 65.23 17.40
C ASN E 556 -16.44 65.37 17.09
N GLU E 557 -17.04 64.37 16.42
CA GLU E 557 -18.46 64.43 16.08
C GLU E 557 -19.35 64.48 17.32
N ARG E 558 -18.79 64.28 18.51
CA ARG E 558 -19.58 64.35 19.74
C ARG E 558 -20.18 65.73 19.96
N PHE E 559 -19.69 66.75 19.26
CA PHE E 559 -20.13 68.12 19.51
C PHE E 559 -20.72 68.81 18.28
N ALA E 560 -20.57 68.23 17.08
CA ALA E 560 -21.11 68.83 15.87
C ALA E 560 -20.92 67.92 14.67
N GLY F 4 -64.82 -98.36 -46.33
CA GLY F 4 -63.73 -98.98 -45.61
C GLY F 4 -63.64 -100.48 -45.81
N ILE F 5 -62.58 -101.08 -45.27
CA ILE F 5 -62.37 -102.52 -45.38
C ILE F 5 -61.99 -103.08 -44.02
N GLY F 6 -62.20 -104.38 -43.83
CA GLY F 6 -61.84 -105.01 -42.58
C GLY F 6 -60.35 -105.04 -42.36
N LYS F 7 -59.97 -105.10 -41.10
CA LYS F 7 -58.56 -105.09 -40.71
C LYS F 7 -58.36 -105.90 -39.44
N SER F 8 -57.27 -106.66 -39.40
CA SER F 8 -56.98 -107.50 -38.25
C SER F 8 -55.78 -106.95 -37.50
N PRO F 9 -55.92 -106.51 -36.26
CA PRO F 9 -54.76 -106.07 -35.47
C PRO F 9 -53.75 -107.19 -35.30
N THR F 10 -52.47 -106.82 -35.24
CA THR F 10 -51.39 -107.80 -35.11
C THR F 10 -50.65 -107.68 -33.79
N GLY F 11 -51.23 -106.99 -32.80
CA GLY F 11 -50.55 -106.81 -31.53
C GLY F 11 -49.57 -105.66 -31.55
N ILE F 12 -48.81 -105.51 -32.63
CA ILE F 12 -47.83 -104.42 -32.75
C ILE F 12 -48.60 -103.10 -32.86
N GLN F 13 -48.58 -102.30 -31.80
CA GLN F 13 -49.37 -101.07 -31.79
C GLN F 13 -48.91 -100.10 -32.88
N GLY F 14 -47.59 -99.93 -33.01
CA GLY F 14 -47.09 -99.01 -34.02
C GLY F 14 -47.48 -99.40 -35.43
N PHE F 15 -47.28 -100.68 -35.77
CA PHE F 15 -47.66 -101.15 -37.10
C PHE F 15 -49.16 -101.06 -37.31
N ASP F 16 -49.95 -101.39 -36.29
CA ASP F 16 -51.39 -101.31 -36.42
C ASP F 16 -51.86 -99.89 -36.70
N GLU F 17 -51.32 -98.92 -35.95
CA GLU F 17 -51.74 -97.54 -36.16
C GLU F 17 -51.18 -96.97 -37.46
N LEU F 18 -50.04 -97.51 -37.91
CA LEU F 18 -49.52 -97.13 -39.23
C LEU F 18 -50.44 -97.61 -40.34
N THR F 19 -50.93 -98.84 -40.23
CA THR F 19 -51.82 -99.42 -41.22
C THR F 19 -53.27 -99.00 -41.05
N LEU F 20 -53.60 -98.28 -39.97
CA LEU F 20 -54.96 -97.81 -39.73
C LEU F 20 -55.90 -98.97 -39.38
N GLY F 21 -55.40 -99.90 -38.57
CA GLY F 21 -56.20 -101.03 -38.13
C GLY F 21 -55.47 -102.35 -38.16
N GLY F 22 -54.54 -102.51 -39.10
CA GLY F 22 -53.76 -103.71 -39.23
C GLY F 22 -53.85 -104.29 -40.63
N LEU F 23 -53.44 -105.54 -40.76
CA LEU F 23 -53.49 -106.20 -42.05
C LEU F 23 -54.94 -106.45 -42.47
N PRO F 24 -55.19 -106.53 -43.78
CA PRO F 24 -56.56 -106.78 -44.25
C PRO F 24 -57.05 -108.14 -43.77
N THR F 25 -58.34 -108.23 -43.49
CA THR F 25 -58.95 -109.46 -43.01
C THR F 25 -59.51 -110.24 -44.20
N GLY F 26 -59.13 -111.52 -44.28
CA GLY F 26 -59.57 -112.38 -45.36
C GLY F 26 -58.75 -112.29 -46.63
N ARG F 27 -57.62 -111.59 -46.60
CA ARG F 27 -56.76 -111.41 -47.76
C ARG F 27 -55.34 -111.83 -47.41
N PRO F 28 -54.57 -112.26 -48.41
CA PRO F 28 -53.18 -112.65 -48.15
C PRO F 28 -52.25 -111.44 -48.07
N SER F 29 -51.26 -111.55 -47.19
CA SER F 29 -50.27 -110.50 -46.99
C SER F 29 -48.87 -111.07 -47.22
N LEU F 30 -48.03 -110.30 -47.88
CA LEU F 30 -46.67 -110.71 -48.22
C LEU F 30 -45.68 -109.95 -47.36
N VAL F 31 -44.75 -110.67 -46.74
CA VAL F 31 -43.68 -110.10 -45.94
C VAL F 31 -42.37 -110.44 -46.62
N CYS F 32 -41.75 -109.46 -47.25
CA CYS F 32 -40.50 -109.64 -47.99
C CYS F 32 -39.32 -109.11 -47.19
N GLY F 33 -38.14 -109.67 -47.47
CA GLY F 33 -36.93 -109.28 -46.79
C GLY F 33 -35.88 -110.37 -46.80
N SER F 34 -34.61 -109.97 -46.80
CA SER F 34 -33.51 -110.93 -46.82
C SER F 34 -33.47 -111.74 -45.52
N ALA F 35 -32.55 -112.69 -45.43
CA ALA F 35 -32.43 -113.49 -44.22
C ALA F 35 -32.07 -112.63 -43.03
N GLY F 36 -32.73 -112.88 -41.90
CA GLY F 36 -32.46 -112.17 -40.67
C GLY F 36 -33.24 -110.90 -40.47
N CYS F 37 -34.12 -110.53 -41.41
CA CYS F 37 -34.90 -109.31 -41.25
C CYS F 37 -36.00 -109.44 -40.20
N GLY F 38 -36.59 -110.62 -40.04
CA GLY F 38 -37.57 -110.83 -39.00
C GLY F 38 -38.95 -111.22 -39.50
N LYS F 39 -39.04 -111.81 -40.70
CA LYS F 39 -40.32 -112.22 -41.24
C LYS F 39 -40.95 -113.32 -40.41
N THR F 40 -40.16 -114.31 -40.01
CA THR F 40 -40.69 -115.42 -39.21
C THR F 40 -41.23 -114.91 -37.87
N LEU F 41 -40.48 -114.03 -37.22
CA LEU F 41 -40.96 -113.45 -35.97
C LEU F 41 -42.20 -112.59 -36.20
N PHE F 42 -42.24 -111.85 -37.30
CA PHE F 42 -43.43 -111.07 -37.62
C PHE F 42 -44.66 -111.97 -37.67
N ALA F 43 -44.57 -113.06 -38.42
CA ALA F 43 -45.70 -113.99 -38.50
C ALA F 43 -46.02 -114.59 -37.13
N SER F 44 -44.99 -114.93 -36.36
CA SER F 44 -45.21 -115.56 -35.07
C SER F 44 -45.97 -114.66 -34.12
N THR F 45 -45.54 -113.40 -33.99
CA THR F 45 -46.29 -112.47 -33.14
C THR F 45 -47.66 -112.20 -33.71
N PHE F 46 -47.78 -112.13 -35.04
CA PHE F 46 -49.11 -112.03 -35.64
C PHE F 46 -50.05 -113.08 -35.05
N LEU F 47 -49.65 -114.35 -35.17
CA LEU F 47 -50.52 -115.44 -34.69
C LEU F 47 -50.72 -115.36 -33.18
N ILE F 48 -49.63 -115.10 -32.44
CA ILE F 48 -49.71 -115.14 -30.98
C ILE F 48 -50.63 -114.04 -30.46
N ASN F 49 -50.45 -112.82 -30.97
CA ASN F 49 -51.30 -111.70 -30.56
C ASN F 49 -52.75 -111.92 -30.99
N GLY F 50 -52.95 -112.45 -32.20
CA GLY F 50 -54.32 -112.74 -32.62
C GLY F 50 -55.00 -113.72 -31.68
N VAL F 51 -54.29 -114.77 -31.26
CA VAL F 51 -54.90 -115.74 -30.37
C VAL F 51 -55.09 -115.19 -28.96
N ARG F 52 -54.12 -114.42 -28.44
CA ARG F 52 -54.12 -114.03 -27.04
C ARG F 52 -54.80 -112.70 -26.76
N ASP F 53 -55.19 -111.94 -27.78
CA ASP F 53 -55.76 -110.62 -27.55
C ASP F 53 -57.10 -110.45 -28.27
N HIS F 54 -57.27 -111.13 -29.40
CA HIS F 54 -58.48 -111.01 -30.19
C HIS F 54 -59.21 -112.34 -30.36
N GLY F 55 -58.79 -113.39 -29.67
CA GLY F 55 -59.50 -114.65 -29.67
C GLY F 55 -59.67 -115.29 -31.04
N GLU F 56 -58.59 -115.34 -31.82
CA GLU F 56 -58.63 -115.95 -33.14
C GLU F 56 -57.60 -117.08 -33.21
N PRO F 57 -58.03 -118.32 -33.44
CA PRO F 57 -57.07 -119.42 -33.54
C PRO F 57 -56.16 -119.27 -34.75
N GLY F 58 -54.97 -119.86 -34.62
CA GLY F 58 -53.95 -119.70 -35.63
C GLY F 58 -53.38 -121.03 -36.07
N VAL F 59 -52.87 -121.02 -37.30
CA VAL F 59 -52.20 -122.17 -37.91
C VAL F 59 -50.90 -121.68 -38.53
N PHE F 60 -49.83 -122.42 -38.29
CA PHE F 60 -48.49 -122.08 -38.79
C PHE F 60 -48.00 -123.22 -39.65
N VAL F 61 -48.04 -123.05 -40.96
CA VAL F 61 -47.59 -124.06 -41.92
C VAL F 61 -46.18 -123.68 -42.34
N THR F 62 -45.21 -124.47 -41.89
CA THR F 62 -43.80 -124.24 -42.16
C THR F 62 -43.29 -125.28 -43.15
N PHE F 63 -42.58 -124.83 -44.19
CA PHE F 63 -42.05 -125.73 -45.20
C PHE F 63 -40.57 -126.04 -45.02
N GLU F 64 -39.85 -125.26 -44.21
CA GLU F 64 -38.44 -125.51 -43.95
C GLU F 64 -38.14 -125.80 -42.49
N GLU F 65 -38.58 -124.93 -41.58
CA GLU F 65 -38.23 -125.07 -40.17
C GLU F 65 -39.14 -126.08 -39.49
N ARG F 66 -38.55 -126.85 -38.58
CA ARG F 66 -39.32 -127.84 -37.81
C ARG F 66 -40.06 -127.17 -36.66
N PRO F 67 -41.09 -127.84 -36.12
CA PRO F 67 -41.83 -127.25 -35.00
C PRO F 67 -40.95 -126.91 -33.80
N GLU F 68 -39.93 -127.72 -33.53
CA GLU F 68 -39.01 -127.39 -32.43
C GLU F 68 -38.33 -126.05 -32.67
N ASP F 69 -37.82 -125.83 -33.89
CA ASP F 69 -37.20 -124.54 -34.21
C ASP F 69 -38.23 -123.41 -34.12
N ILE F 70 -39.43 -123.65 -34.63
CA ILE F 70 -40.46 -122.61 -34.63
C ILE F 70 -40.79 -122.17 -33.21
N VAL F 71 -40.94 -123.13 -32.30
CA VAL F 71 -41.23 -122.79 -30.90
C VAL F 71 -40.03 -122.14 -30.23
N ASN F 72 -38.83 -122.66 -30.46
CA ASN F 72 -37.64 -122.13 -29.78
C ASN F 72 -37.35 -120.70 -30.21
N ASN F 73 -37.64 -120.36 -31.47
CA ASN F 73 -37.38 -119.02 -31.96
C ASN F 73 -38.07 -117.97 -31.10
N VAL F 74 -39.35 -118.20 -30.78
CA VAL F 74 -40.12 -117.23 -29.99
C VAL F 74 -40.11 -117.55 -28.50
N ALA F 75 -39.53 -118.68 -28.09
CA ALA F 75 -39.45 -118.99 -26.67
C ALA F 75 -38.80 -117.86 -25.88
N SER F 76 -37.79 -117.20 -26.46
CA SER F 76 -37.08 -116.16 -25.75
C SER F 76 -37.89 -114.87 -25.63
N LEU F 77 -38.78 -114.61 -26.58
CA LEU F 77 -39.53 -113.36 -26.61
C LEU F 77 -40.57 -113.30 -25.51
N GLY F 78 -40.80 -114.43 -24.82
CA GLY F 78 -41.75 -114.50 -23.74
C GLY F 78 -43.03 -115.25 -24.07
N PHE F 79 -43.31 -115.47 -25.35
CA PHE F 79 -44.45 -116.30 -25.71
C PHE F 79 -44.18 -117.75 -25.31
N GLU F 80 -45.26 -118.52 -25.21
CA GLU F 80 -45.16 -119.95 -24.90
C GLU F 80 -45.94 -120.70 -25.97
N LEU F 81 -45.27 -120.95 -27.10
CA LEU F 81 -45.89 -121.76 -28.14
C LEU F 81 -46.17 -123.17 -27.67
N ASP F 82 -45.35 -123.71 -26.77
CA ASP F 82 -45.62 -125.01 -26.20
C ASP F 82 -46.98 -125.02 -25.50
N LYS F 83 -47.26 -123.98 -24.71
CA LYS F 83 -48.54 -123.90 -24.02
C LYS F 83 -49.68 -123.62 -24.99
N LEU F 84 -49.46 -122.74 -25.98
CA LEU F 84 -50.53 -122.42 -26.91
C LEU F 84 -50.87 -123.59 -27.83
N ILE F 85 -49.95 -124.52 -28.04
CA ILE F 85 -50.26 -125.76 -28.77
C ILE F 85 -50.82 -126.81 -27.82
N GLU F 86 -50.19 -126.97 -26.67
CA GLU F 86 -50.70 -127.76 -25.55
C GLU F 86 -52.14 -127.43 -25.22
N GLU F 87 -52.62 -126.25 -25.59
CA GLU F 87 -54.04 -125.91 -25.48
C GLU F 87 -54.75 -125.87 -26.82
N GLU F 88 -54.04 -126.13 -27.91
CA GLU F 88 -54.52 -125.89 -29.29
C GLU F 88 -55.27 -124.56 -29.36
N LYS F 89 -54.46 -123.51 -29.36
CA LYS F 89 -54.84 -122.22 -29.91
C LYS F 89 -54.04 -121.87 -31.16
N ILE F 90 -52.86 -122.48 -31.32
CA ILE F 90 -52.08 -122.40 -32.55
C ILE F 90 -51.63 -123.80 -32.91
N ALA F 91 -51.89 -124.21 -34.16
CA ALA F 91 -51.58 -125.53 -34.67
C ALA F 91 -50.45 -125.43 -35.69
N ILE F 92 -49.39 -126.21 -35.49
CA ILE F 92 -48.17 -126.14 -36.31
C ILE F 92 -48.16 -127.34 -37.24
N GLU F 93 -47.96 -127.07 -38.54
CA GLU F 93 -47.89 -128.11 -39.55
C GLU F 93 -46.55 -127.98 -40.28
N HIS F 94 -45.68 -128.95 -40.05
CA HIS F 94 -44.37 -129.01 -40.70
C HIS F 94 -44.54 -129.84 -41.97
N ILE F 95 -44.71 -129.16 -43.09
CA ILE F 95 -45.00 -129.82 -44.37
C ILE F 95 -43.68 -129.88 -45.12
N ALA F 96 -42.96 -130.99 -44.92
CA ALA F 96 -41.65 -131.19 -45.51
C ALA F 96 -41.71 -132.28 -46.58
N VAL F 97 -41.03 -132.03 -47.70
CA VAL F 97 -40.98 -132.96 -48.81
C VAL F 97 -39.52 -133.26 -49.14
N ASP F 98 -39.19 -134.55 -49.25
CA ASP F 98 -37.83 -134.96 -49.57
C ASP F 98 -37.79 -135.47 -51.01
N PRO F 99 -37.04 -134.82 -51.89
CA PRO F 99 -37.03 -135.28 -53.29
C PRO F 99 -36.23 -136.55 -53.52
N SER F 100 -35.47 -137.01 -52.52
CA SER F 100 -34.63 -138.18 -52.73
C SER F 100 -35.47 -139.41 -53.08
N GLU F 101 -36.52 -139.68 -52.30
CA GLU F 101 -37.40 -140.81 -52.55
C GLU F 101 -38.62 -140.43 -53.38
N VAL F 102 -38.50 -139.42 -54.25
CA VAL F 102 -39.61 -138.96 -55.07
C VAL F 102 -39.23 -139.13 -56.54
N ALA F 103 -40.05 -139.88 -57.27
CA ALA F 103 -39.95 -139.99 -58.72
C ALA F 103 -41.29 -139.63 -59.32
N GLU F 104 -41.28 -138.70 -60.28
CA GLU F 104 -42.50 -138.09 -60.80
C GLU F 104 -42.85 -138.74 -62.14
N ILE F 105 -44.00 -139.41 -62.18
CA ILE F 105 -44.57 -139.94 -63.41
C ILE F 105 -46.01 -139.45 -63.50
N GLY F 106 -46.34 -138.77 -64.60
CA GLY F 106 -47.66 -138.22 -64.76
C GLY F 106 -47.81 -136.87 -64.09
N ASP F 107 -49.07 -136.47 -63.88
CA ASP F 107 -49.41 -135.19 -63.28
C ASP F 107 -49.87 -135.41 -61.84
N TYR F 108 -49.44 -134.52 -60.96
CA TYR F 108 -49.76 -134.60 -59.54
C TYR F 108 -50.33 -133.26 -59.06
N ASP F 109 -51.18 -133.34 -58.05
CA ASP F 109 -51.76 -132.16 -57.41
C ASP F 109 -51.39 -132.17 -55.94
N LEU F 110 -51.07 -130.99 -55.40
CA LEU F 110 -50.70 -130.86 -53.99
C LEU F 110 -51.99 -130.95 -53.15
N GLU F 111 -52.64 -132.10 -53.26
CA GLU F 111 -53.88 -132.39 -52.55
C GLU F 111 -53.66 -132.67 -51.07
N GLY F 112 -52.55 -133.32 -50.72
CA GLY F 112 -52.25 -133.56 -49.32
C GLY F 112 -52.02 -132.28 -48.55
N LEU F 113 -51.39 -131.29 -49.19
CA LEU F 113 -51.25 -129.98 -48.57
C LEU F 113 -52.61 -129.44 -48.13
N PHE F 114 -53.57 -129.42 -49.06
CA PHE F 114 -54.90 -128.91 -48.73
C PHE F 114 -55.57 -129.75 -47.66
N LEU F 115 -55.48 -131.08 -47.76
CA LEU F 115 -56.15 -131.92 -46.77
C LEU F 115 -55.59 -131.70 -45.37
N ARG F 116 -54.26 -131.68 -45.24
CA ARG F 116 -53.65 -131.48 -43.93
C ARG F 116 -53.97 -130.09 -43.38
N LEU F 117 -53.89 -129.06 -44.23
CA LEU F 117 -54.16 -127.71 -43.78
C LEU F 117 -55.62 -127.57 -43.33
N GLU F 118 -56.55 -128.16 -44.08
CA GLU F 118 -57.95 -128.16 -43.68
C GLU F 118 -58.14 -128.90 -42.36
N LEU F 119 -57.48 -130.04 -42.19
CA LEU F 119 -57.60 -130.79 -40.94
C LEU F 119 -57.14 -129.94 -39.76
N ALA F 120 -56.00 -129.27 -39.91
CA ALA F 120 -55.51 -128.40 -38.84
C ALA F 120 -56.48 -127.25 -38.57
N ILE F 121 -57.02 -126.64 -39.64
CA ILE F 121 -57.93 -125.52 -39.46
C ILE F 121 -59.17 -125.94 -38.70
N ASP F 122 -59.74 -127.08 -39.06
CA ASP F 122 -60.93 -127.56 -38.37
C ASP F 122 -60.61 -128.01 -36.94
N THR F 123 -59.41 -128.55 -36.72
CA THR F 123 -59.02 -128.97 -35.38
C THR F 123 -58.92 -127.77 -34.45
N VAL F 124 -58.33 -126.67 -34.92
CA VAL F 124 -58.04 -125.53 -34.06
C VAL F 124 -59.07 -124.43 -34.17
N GLY F 125 -60.07 -124.56 -35.05
CA GLY F 125 -61.01 -123.48 -35.28
C GLY F 125 -60.30 -122.23 -35.75
N ALA F 126 -59.26 -122.42 -36.55
CA ALA F 126 -58.34 -121.34 -36.88
C ALA F 126 -58.99 -120.29 -37.76
N LYS F 127 -58.57 -119.04 -37.54
CA LYS F 127 -58.93 -117.93 -38.42
C LYS F 127 -57.72 -117.25 -39.03
N ARG F 128 -56.53 -117.46 -38.46
CA ARG F 128 -55.31 -116.87 -39.00
C ARG F 128 -54.37 -117.98 -39.43
N VAL F 129 -53.66 -117.74 -40.53
CA VAL F 129 -52.76 -118.73 -41.12
C VAL F 129 -51.47 -118.04 -41.52
N VAL F 130 -50.35 -118.72 -41.29
CA VAL F 130 -49.02 -118.24 -41.68
C VAL F 130 -48.38 -119.30 -42.55
N LEU F 131 -47.80 -118.87 -43.68
CA LEU F 131 -47.13 -119.76 -44.62
C LEU F 131 -45.65 -119.37 -44.65
N ASP F 132 -44.79 -120.22 -44.09
CA ASP F 132 -43.38 -119.91 -43.92
C ASP F 132 -42.54 -120.75 -44.88
N THR F 133 -41.66 -120.07 -45.63
CA THR F 133 -40.70 -120.70 -46.52
C THR F 133 -41.40 -121.54 -47.59
N ILE F 134 -42.16 -120.86 -48.44
CA ILE F 134 -42.90 -121.52 -49.52
C ILE F 134 -41.99 -121.72 -50.72
N GLU F 135 -40.74 -121.26 -50.63
CA GLU F 135 -39.79 -121.46 -51.72
C GLU F 135 -39.27 -122.90 -51.74
N SER F 136 -39.20 -123.55 -50.57
CA SER F 136 -38.80 -124.95 -50.54
C SER F 136 -39.79 -125.82 -51.29
N LEU F 137 -41.08 -125.44 -51.30
CA LEU F 137 -42.07 -126.18 -52.07
C LEU F 137 -41.71 -126.19 -53.55
N PHE F 138 -41.33 -125.04 -54.10
CA PHE F 138 -40.84 -124.98 -55.48
C PHE F 138 -39.54 -125.76 -55.66
N SER F 139 -38.61 -125.61 -54.73
CA SER F 139 -37.32 -126.28 -54.85
C SER F 139 -37.44 -127.79 -54.85
N ALA F 140 -38.44 -128.34 -54.15
CA ALA F 140 -38.57 -129.79 -54.05
C ALA F 140 -39.03 -130.40 -55.37
N PHE F 141 -40.24 -130.04 -55.80
CA PHE F 141 -40.80 -130.61 -57.02
C PHE F 141 -40.15 -130.02 -58.26
N SER F 142 -40.18 -130.78 -59.35
CA SER F 142 -39.52 -130.40 -60.59
C SER F 142 -40.42 -129.58 -61.52
N ASN F 143 -41.68 -129.98 -61.66
CA ASN F 143 -42.56 -129.29 -62.59
C ASN F 143 -42.96 -127.93 -62.02
N PRO F 144 -42.60 -126.82 -62.68
CA PRO F 144 -42.91 -125.50 -62.12
C PRO F 144 -44.37 -125.10 -62.30
N ALA F 145 -44.95 -125.45 -63.44
CA ALA F 145 -46.33 -125.06 -63.75
C ALA F 145 -47.30 -125.67 -62.76
N ILE F 146 -47.09 -126.94 -62.41
CA ILE F 146 -47.98 -127.60 -61.46
C ILE F 146 -47.96 -126.89 -60.11
N LEU F 147 -46.76 -126.56 -59.63
CA LEU F 147 -46.65 -125.85 -58.36
C LEU F 147 -47.30 -124.48 -58.43
N ARG F 148 -47.07 -123.76 -59.53
CA ARG F 148 -47.69 -122.45 -59.71
C ARG F 148 -49.20 -122.56 -59.61
N ALA F 149 -49.80 -123.47 -60.39
CA ALA F 149 -51.24 -123.64 -60.35
C ALA F 149 -51.71 -124.06 -58.97
N GLU F 150 -50.97 -124.97 -58.32
CA GLU F 150 -51.41 -125.48 -57.04
C GLU F 150 -51.47 -124.40 -55.98
N ILE F 151 -50.45 -123.53 -55.90
CA ILE F 151 -50.54 -122.53 -54.85
C ILE F 151 -51.42 -121.36 -55.27
N ARG F 152 -51.62 -121.11 -56.56
CA ARG F 152 -52.66 -120.16 -56.93
C ARG F 152 -54.01 -120.65 -56.45
N ARG F 153 -54.29 -121.95 -56.63
CA ARG F 153 -55.48 -122.56 -56.06
C ARG F 153 -55.47 -122.49 -54.54
N LEU F 154 -54.31 -122.63 -53.91
CA LEU F 154 -54.23 -122.54 -52.45
C LEU F 154 -54.61 -121.16 -51.95
N PHE F 155 -54.06 -120.10 -52.57
CA PHE F 155 -54.41 -118.75 -52.18
C PHE F 155 -55.88 -118.46 -52.44
N ASP F 156 -56.39 -118.91 -53.59
CA ASP F 156 -57.81 -118.74 -53.90
C ASP F 156 -58.66 -119.45 -52.85
N TRP F 157 -58.24 -120.64 -52.43
CA TRP F 157 -58.98 -121.43 -51.44
C TRP F 157 -58.94 -120.77 -50.06
N LEU F 158 -57.79 -120.21 -49.68
CA LEU F 158 -57.70 -119.50 -48.41
C LEU F 158 -58.62 -118.29 -48.41
N LYS F 159 -58.60 -117.50 -49.49
CA LYS F 159 -59.54 -116.39 -49.60
C LYS F 159 -60.97 -116.91 -49.61
N GLU F 160 -61.20 -118.06 -50.24
CA GLU F 160 -62.53 -118.60 -50.47
C GLU F 160 -63.20 -119.03 -49.17
N ARG F 161 -62.44 -119.64 -48.26
CA ARG F 161 -63.01 -119.89 -46.95
C ARG F 161 -62.76 -118.76 -45.96
N GLY F 162 -62.06 -117.71 -46.36
CA GLY F 162 -62.00 -116.50 -45.55
C GLY F 162 -61.12 -116.56 -44.32
N LEU F 163 -59.87 -116.97 -44.47
CA LEU F 163 -58.88 -116.90 -43.40
C LEU F 163 -57.91 -115.76 -43.67
N THR F 164 -57.35 -115.20 -42.60
CA THR F 164 -56.37 -114.12 -42.71
C THR F 164 -54.98 -114.75 -42.77
N THR F 165 -54.32 -114.63 -43.93
CA THR F 165 -53.09 -115.35 -44.19
C THR F 165 -51.92 -114.40 -44.38
N VAL F 166 -50.78 -114.76 -43.81
CA VAL F 166 -49.53 -114.00 -43.94
C VAL F 166 -48.48 -114.94 -44.53
N ILE F 167 -47.83 -114.50 -45.59
CA ILE F 167 -46.88 -115.32 -46.34
C ILE F 167 -45.49 -114.73 -46.17
N THR F 168 -44.51 -115.58 -45.86
CA THR F 168 -43.12 -115.16 -45.74
C THR F 168 -42.37 -115.51 -47.01
N ALA F 169 -41.74 -114.51 -47.61
CA ALA F 169 -41.02 -114.68 -48.86
C ALA F 169 -39.67 -113.97 -48.79
N GLU F 170 -38.66 -114.57 -49.43
CA GLU F 170 -37.35 -113.97 -49.51
C GLU F 170 -37.34 -112.87 -50.57
N ARG F 171 -36.36 -111.97 -50.45
CA ARG F 171 -36.30 -110.81 -51.35
C ARG F 171 -35.73 -111.18 -52.72
N GLY F 172 -34.49 -111.63 -52.76
CA GLY F 172 -33.85 -111.95 -54.02
C GLY F 172 -32.86 -110.90 -54.47
N ASP F 173 -32.82 -110.63 -55.77
CA ASP F 173 -31.86 -109.67 -56.32
C ASP F 173 -32.51 -108.58 -57.16
N GLY F 174 -33.54 -108.92 -57.94
CA GLY F 174 -34.13 -107.96 -58.85
C GLY F 174 -35.35 -107.23 -58.30
N ALA F 175 -36.29 -107.99 -57.74
CA ALA F 175 -37.50 -107.41 -57.18
C ALA F 175 -37.62 -107.73 -55.70
N LEU F 176 -38.75 -107.39 -55.10
CA LEU F 176 -38.97 -107.66 -53.68
C LEU F 176 -39.18 -109.13 -53.38
N THR F 177 -39.22 -109.98 -54.42
CA THR F 177 -39.36 -111.41 -54.23
C THR F 177 -38.60 -112.12 -55.33
N ARG F 178 -38.03 -113.28 -54.99
CA ARG F 178 -37.25 -114.07 -55.93
C ARG F 178 -38.05 -115.14 -56.64
N GLN F 179 -39.23 -115.48 -56.14
CA GLN F 179 -40.08 -116.49 -56.77
C GLN F 179 -41.35 -115.91 -57.38
N GLY F 180 -41.44 -114.59 -57.48
CA GLY F 180 -42.59 -113.97 -58.11
C GLY F 180 -43.89 -114.15 -57.36
N LEU F 181 -43.86 -114.08 -56.03
CA LEU F 181 -45.09 -114.13 -55.25
C LEU F 181 -45.78 -112.77 -55.20
N GLU F 182 -45.10 -111.71 -55.61
CA GLU F 182 -45.77 -110.42 -55.80
C GLU F 182 -46.82 -110.51 -56.89
N GLU F 183 -46.55 -111.25 -57.95
CA GLU F 183 -47.54 -111.49 -58.99
C GLU F 183 -48.86 -111.94 -58.38
N TYR F 184 -48.77 -112.61 -57.23
CA TYR F 184 -49.93 -113.31 -56.68
C TYR F 184 -50.58 -112.50 -55.56
N VAL F 185 -49.77 -112.05 -54.61
CA VAL F 185 -50.25 -111.34 -53.43
C VAL F 185 -50.02 -109.85 -53.62
N SER F 186 -51.10 -109.09 -53.75
CA SER F 186 -51.02 -107.65 -53.88
C SER F 186 -51.89 -106.91 -52.88
N ASP F 187 -52.60 -107.62 -52.00
CA ASP F 187 -53.44 -106.96 -51.00
C ASP F 187 -52.60 -106.16 -50.01
N CYS F 188 -51.43 -106.66 -49.64
CA CYS F 188 -50.56 -105.95 -48.71
C CYS F 188 -49.15 -106.50 -48.85
N VAL F 189 -48.18 -105.61 -49.00
CA VAL F 189 -46.78 -105.98 -49.15
C VAL F 189 -45.97 -105.18 -48.13
N ILE F 190 -45.23 -105.88 -47.28
CA ILE F 190 -44.44 -105.26 -46.22
C ILE F 190 -42.99 -105.69 -46.40
N LEU F 191 -42.11 -104.74 -46.60
CA LEU F 191 -40.68 -105.00 -46.82
C LEU F 191 -39.92 -104.67 -45.55
N LEU F 192 -39.14 -105.63 -45.07
CA LEU F 192 -38.28 -105.45 -43.91
C LEU F 192 -36.83 -105.40 -44.38
N ASP F 193 -36.09 -104.41 -43.88
CA ASP F 193 -34.72 -104.19 -44.32
C ASP F 193 -33.82 -104.06 -43.10
N HIS F 194 -32.56 -104.47 -43.27
CA HIS F 194 -31.57 -104.41 -42.20
C HIS F 194 -30.29 -103.85 -42.81
N ARG F 195 -30.08 -102.54 -42.65
CA ARG F 195 -29.01 -101.84 -43.36
C ARG F 195 -27.98 -101.30 -42.38
N VAL F 196 -26.71 -101.39 -42.79
CA VAL F 196 -25.59 -100.94 -41.97
C VAL F 196 -25.02 -99.67 -42.58
N GLU F 197 -24.89 -98.63 -41.76
CA GLU F 197 -24.28 -97.38 -42.18
C GLU F 197 -23.30 -96.93 -41.11
N ASN F 198 -22.07 -96.66 -41.52
CA ASN F 198 -21.01 -96.25 -40.59
C ASN F 198 -20.84 -97.27 -39.47
N GLN F 199 -20.93 -98.55 -39.82
CA GLN F 199 -20.78 -99.70 -38.94
C GLN F 199 -21.98 -99.90 -38.04
N ILE F 200 -22.99 -99.03 -38.09
CA ILE F 200 -24.19 -99.15 -37.26
C ILE F 200 -25.30 -99.74 -38.11
N SER F 201 -25.90 -100.83 -37.64
CA SER F 201 -26.95 -101.52 -38.36
C SER F 201 -28.31 -101.19 -37.74
N THR F 202 -29.28 -100.88 -38.60
CA THR F 202 -30.62 -100.53 -38.17
C THR F 202 -31.64 -101.31 -38.99
N ARG F 203 -32.78 -101.57 -38.37
CA ARG F 203 -33.87 -102.35 -38.95
C ARG F 203 -35.02 -101.42 -39.29
N ARG F 204 -35.49 -101.49 -40.54
CA ARG F 204 -36.53 -100.61 -41.04
C ARG F 204 -37.67 -101.43 -41.63
N LEU F 205 -38.88 -100.87 -41.56
CA LEU F 205 -40.07 -101.48 -42.11
C LEU F 205 -40.73 -100.50 -43.07
N ARG F 206 -41.27 -101.03 -44.18
CA ARG F 206 -41.94 -100.18 -45.15
C ARG F 206 -43.14 -100.92 -45.71
N ILE F 207 -44.26 -100.20 -45.85
CA ILE F 207 -45.46 -100.75 -46.46
C ILE F 207 -45.43 -100.38 -47.93
N VAL F 208 -44.94 -101.31 -48.76
CA VAL F 208 -44.72 -100.99 -50.18
C VAL F 208 -46.05 -100.74 -50.88
N LYS F 209 -47.03 -101.60 -50.66
CA LYS F 209 -48.33 -101.50 -51.32
C LYS F 209 -49.39 -102.10 -50.42
N TYR F 210 -50.34 -101.29 -49.98
CA TYR F 210 -51.47 -101.74 -49.17
C TYR F 210 -52.74 -101.29 -49.89
N ARG F 211 -53.43 -102.24 -50.52
CA ARG F 211 -54.56 -101.93 -51.38
C ARG F 211 -55.83 -101.81 -50.55
N GLY F 212 -56.55 -100.70 -50.73
CA GLY F 212 -57.87 -100.53 -50.15
C GLY F 212 -58.04 -99.36 -49.21
N THR F 213 -56.96 -98.68 -48.81
CA THR F 213 -57.09 -97.55 -47.91
C THR F 213 -55.73 -96.90 -47.70
N ALA F 214 -55.75 -95.75 -47.03
CA ALA F 214 -54.52 -95.01 -46.76
C ALA F 214 -53.68 -95.72 -45.70
N HIS F 215 -52.42 -95.30 -45.61
CA HIS F 215 -51.46 -95.90 -44.70
C HIS F 215 -50.19 -95.07 -44.73
N GLY F 216 -49.25 -95.41 -43.84
CA GLY F 216 -47.96 -94.75 -43.85
C GLY F 216 -47.10 -95.25 -45.00
N THR F 217 -46.34 -94.33 -45.58
CA THR F 217 -45.51 -94.64 -46.75
C THR F 217 -44.02 -94.47 -46.50
N ASN F 218 -43.61 -93.90 -45.37
CA ASN F 218 -42.20 -93.69 -45.09
C ASN F 218 -41.57 -94.98 -44.55
N GLU F 219 -40.25 -94.98 -44.41
CA GLU F 219 -39.53 -96.08 -43.81
C GLU F 219 -39.43 -95.86 -42.31
N TYR F 220 -39.99 -96.80 -41.54
CA TYR F 220 -40.09 -96.64 -40.09
C TYR F 220 -39.08 -97.55 -39.41
N PRO F 221 -38.10 -97.01 -38.68
CA PRO F 221 -37.17 -97.87 -37.95
C PRO F 221 -37.87 -98.56 -36.80
N PHE F 222 -37.72 -99.88 -36.73
CA PHE F 222 -38.35 -100.70 -35.71
C PHE F 222 -37.28 -101.42 -34.90
N LEU F 223 -37.70 -102.03 -33.80
CA LEU F 223 -36.79 -102.71 -32.89
C LEU F 223 -37.40 -104.02 -32.44
N ILE F 224 -36.54 -105.02 -32.24
CA ILE F 224 -36.94 -106.31 -31.68
C ILE F 224 -36.34 -106.40 -30.28
N ASP F 225 -37.22 -106.50 -29.28
CA ASP F 225 -36.80 -106.48 -27.88
C ASP F 225 -37.45 -107.66 -27.17
N THR F 226 -37.32 -107.67 -25.84
CA THR F 226 -37.90 -108.75 -25.05
C THR F 226 -39.40 -108.86 -25.31
N ASP F 227 -40.09 -107.73 -25.43
CA ASP F 227 -41.51 -107.76 -25.76
C ASP F 227 -41.73 -108.34 -27.16
N GLY F 228 -40.88 -107.97 -28.11
CA GLY F 228 -41.00 -108.40 -29.48
C GLY F 228 -40.88 -107.20 -30.40
N PHE F 229 -41.68 -107.22 -31.47
CA PHE F 229 -41.72 -106.06 -32.36
C PHE F 229 -42.22 -104.83 -31.62
N SER F 230 -41.52 -103.72 -31.81
CA SER F 230 -41.93 -102.43 -31.27
C SER F 230 -41.69 -101.37 -32.33
N VAL F 231 -42.73 -100.57 -32.59
CA VAL F 231 -42.64 -99.53 -33.62
C VAL F 231 -43.20 -98.22 -33.07
N LEU F 232 -42.34 -97.24 -32.89
CA LEU F 232 -42.75 -95.92 -32.42
C LEU F 232 -42.57 -94.91 -33.55
N PRO F 233 -43.47 -94.89 -34.53
CA PRO F 233 -43.29 -93.98 -35.67
C PRO F 233 -43.28 -92.53 -35.22
N VAL F 234 -42.44 -91.73 -35.88
CA VAL F 234 -42.36 -90.29 -35.60
C VAL F 234 -43.55 -89.54 -36.18
N SER F 235 -44.38 -90.18 -36.98
CA SER F 235 -45.55 -89.54 -37.58
C SER F 235 -46.78 -89.62 -36.70
N ALA F 236 -46.71 -90.34 -35.58
CA ALA F 236 -47.84 -90.45 -34.66
C ALA F 236 -47.88 -89.33 -33.62
N LEU F 237 -46.81 -88.55 -33.49
CA LEU F 237 -46.80 -87.48 -32.51
C LEU F 237 -47.80 -86.39 -32.90
N GLY F 238 -48.53 -85.89 -31.90
CA GLY F 238 -49.50 -84.84 -32.12
C GLY F 238 -49.33 -83.73 -31.10
N LEU F 239 -49.77 -82.54 -31.50
CA LEU F 239 -49.67 -81.35 -30.65
C LEU F 239 -50.97 -81.16 -29.87
N LEU F 240 -51.22 -82.11 -28.97
CA LEU F 240 -52.34 -82.05 -28.04
C LEU F 240 -51.79 -82.26 -26.63
N HIS F 241 -51.33 -81.18 -26.01
CA HIS F 241 -50.66 -81.22 -24.72
C HIS F 241 -51.47 -80.40 -23.72
N GLN F 242 -52.04 -81.07 -22.73
CA GLN F 242 -52.76 -80.35 -21.68
C GLN F 242 -51.78 -79.54 -20.84
N VAL F 243 -52.07 -78.24 -20.70
CA VAL F 243 -51.18 -77.36 -19.95
C VAL F 243 -51.66 -77.23 -18.51
N HIS F 244 -50.73 -76.89 -17.62
CA HIS F 244 -51.01 -76.72 -16.21
C HIS F 244 -50.61 -75.33 -15.77
N GLU F 245 -51.35 -74.79 -14.80
CA GLU F 245 -51.11 -73.45 -14.28
C GLU F 245 -50.22 -73.44 -13.05
N GLU F 246 -49.76 -74.61 -12.59
CA GLU F 246 -48.88 -74.66 -11.44
C GLU F 246 -47.44 -74.33 -11.85
N ARG F 247 -46.61 -74.08 -10.84
CA ARG F 247 -45.21 -73.75 -11.05
C ARG F 247 -44.32 -74.77 -10.37
N ILE F 248 -43.11 -74.94 -10.91
CA ILE F 248 -42.13 -75.87 -10.37
C ILE F 248 -40.98 -75.05 -9.77
N ALA F 249 -40.36 -75.63 -8.75
CA ALA F 249 -39.26 -74.99 -8.05
C ALA F 249 -37.94 -75.55 -8.55
N SER F 250 -37.06 -74.68 -9.03
CA SER F 250 -35.78 -75.12 -9.57
C SER F 250 -34.85 -75.58 -8.47
N GLY F 251 -35.04 -75.05 -7.25
CA GLY F 251 -34.13 -75.29 -6.16
C GLY F 251 -33.15 -74.16 -5.89
N VAL F 252 -33.03 -73.21 -6.81
CA VAL F 252 -32.21 -72.02 -6.61
C VAL F 252 -33.16 -70.85 -6.30
N PRO F 253 -33.18 -70.33 -5.07
CA PRO F 253 -34.13 -69.27 -4.75
C PRO F 253 -33.99 -68.04 -5.62
N ASP F 254 -32.75 -67.64 -5.93
CA ASP F 254 -32.56 -66.43 -6.74
C ASP F 254 -33.08 -66.62 -8.16
N LEU F 255 -32.76 -67.75 -8.78
CA LEU F 255 -33.26 -68.04 -10.12
C LEU F 255 -34.78 -68.15 -10.12
N ASP F 256 -35.35 -68.77 -9.08
CA ASP F 256 -36.80 -68.89 -8.99
C ASP F 256 -37.47 -67.53 -8.87
N ALA F 257 -36.91 -66.63 -8.07
CA ALA F 257 -37.51 -65.31 -7.91
C ALA F 257 -37.30 -64.45 -9.16
N MET F 258 -36.22 -64.71 -9.90
CA MET F 258 -35.94 -63.91 -11.08
C MET F 258 -37.11 -63.93 -12.07
N MET F 259 -37.89 -65.02 -12.07
CA MET F 259 -39.01 -65.15 -12.99
C MET F 259 -40.32 -65.01 -12.23
N ALA F 260 -41.29 -64.34 -12.85
CA ALA F 260 -42.59 -64.15 -12.23
C ALA F 260 -43.28 -65.49 -12.01
N GLY F 261 -44.03 -65.61 -10.92
CA GLY F 261 -44.76 -66.81 -10.60
C GLY F 261 -44.02 -67.80 -9.73
N GLY F 262 -42.72 -67.61 -9.50
CA GLY F 262 -41.96 -68.49 -8.66
C GLY F 262 -41.18 -69.57 -9.39
N GLY F 263 -41.43 -69.78 -10.68
CA GLY F 263 -40.69 -70.80 -11.41
C GLY F 263 -41.34 -71.08 -12.74
N PHE F 264 -40.67 -71.94 -13.51
CA PHE F 264 -41.16 -72.34 -14.82
C PHE F 264 -42.46 -73.11 -14.66
N PHE F 265 -43.33 -73.02 -15.67
CA PHE F 265 -44.58 -73.75 -15.65
C PHE F 265 -44.34 -75.26 -15.65
N ARG F 266 -45.16 -75.97 -14.88
CA ARG F 266 -44.99 -77.41 -14.70
C ARG F 266 -45.30 -78.14 -16.01
N GLY F 267 -44.59 -79.24 -16.24
CA GLY F 267 -44.77 -80.03 -17.43
C GLY F 267 -44.15 -79.45 -18.69
N SER F 268 -43.35 -78.40 -18.57
CA SER F 268 -42.73 -77.75 -19.71
C SER F 268 -41.34 -78.34 -19.98
N SER F 269 -40.82 -78.05 -21.17
CA SER F 269 -39.49 -78.50 -21.58
C SER F 269 -38.50 -77.39 -21.28
N ILE F 270 -37.49 -77.68 -20.47
CA ILE F 270 -36.49 -76.71 -20.04
C ILE F 270 -35.13 -77.14 -20.58
N LEU F 271 -34.47 -76.24 -21.30
CA LEU F 271 -33.14 -76.49 -21.83
C LEU F 271 -32.13 -75.69 -21.01
N VAL F 272 -31.00 -76.33 -20.72
CA VAL F 272 -29.89 -75.69 -20.00
C VAL F 272 -28.67 -75.78 -20.90
N SER F 273 -28.28 -74.66 -21.49
CA SER F 273 -27.17 -74.61 -22.45
C SER F 273 -25.96 -73.95 -21.82
N GLY F 274 -24.78 -74.30 -22.32
CA GLY F 274 -23.56 -73.71 -21.83
C GLY F 274 -22.36 -74.52 -22.28
N VAL F 275 -21.19 -73.89 -22.15
CA VAL F 275 -19.92 -74.53 -22.50
C VAL F 275 -19.55 -75.52 -21.41
N ALA F 276 -18.56 -76.37 -21.68
CA ALA F 276 -18.11 -77.33 -20.69
C ALA F 276 -17.65 -76.63 -19.42
N GLY F 277 -18.09 -77.16 -18.28
CA GLY F 277 -17.77 -76.55 -17.00
C GLY F 277 -18.65 -75.41 -16.58
N ALA F 278 -19.71 -75.12 -17.33
CA ALA F 278 -20.59 -74.01 -16.98
C ALA F 278 -21.42 -74.32 -15.73
N GLY F 279 -21.90 -75.55 -15.60
CA GLY F 279 -22.72 -75.92 -14.45
C GLY F 279 -24.09 -76.45 -14.82
N LYS F 280 -24.22 -76.93 -16.06
CA LYS F 280 -25.49 -77.50 -16.51
C LYS F 280 -25.88 -78.71 -15.66
N SER F 281 -24.92 -79.60 -15.41
CA SER F 281 -25.19 -80.76 -14.56
C SER F 281 -25.54 -80.32 -13.13
N SER F 282 -24.86 -79.29 -12.63
CA SER F 282 -25.17 -78.79 -11.29
C SER F 282 -26.61 -78.28 -11.22
N LEU F 283 -27.04 -77.53 -12.23
CA LEU F 283 -28.40 -77.01 -12.24
C LEU F 283 -29.42 -78.15 -12.35
N ALA F 284 -29.13 -79.14 -13.20
CA ALA F 284 -30.03 -80.29 -13.32
C ALA F 284 -30.13 -81.05 -12.00
N ALA F 285 -29.00 -81.23 -11.33
CA ALA F 285 -29.01 -81.89 -10.02
C ALA F 285 -29.80 -81.08 -9.01
N HIS F 286 -29.68 -79.75 -9.06
CA HIS F 286 -30.48 -78.90 -8.19
C HIS F 286 -31.96 -79.12 -8.44
N PHE F 287 -32.36 -79.15 -9.71
CA PHE F 287 -33.76 -79.40 -10.05
C PHE F 287 -34.22 -80.74 -9.48
N ALA F 288 -33.43 -81.80 -9.70
CA ALA F 288 -33.82 -83.13 -9.26
C ALA F 288 -33.92 -83.19 -7.74
N ALA F 289 -32.95 -82.62 -7.03
CA ALA F 289 -32.97 -82.63 -5.57
C ALA F 289 -34.14 -81.85 -5.02
N ALA F 290 -34.43 -80.69 -5.62
CA ALA F 290 -35.59 -79.91 -5.18
C ALA F 290 -36.88 -80.68 -5.40
N ALA F 291 -37.02 -81.37 -6.53
CA ALA F 291 -38.21 -82.18 -6.77
C ALA F 291 -38.31 -83.30 -5.75
N CYS F 292 -37.19 -83.96 -5.44
CA CYS F 292 -37.21 -85.05 -4.47
C CYS F 292 -37.57 -84.56 -3.07
N ALA F 293 -37.05 -83.39 -2.67
CA ALA F 293 -37.27 -82.91 -1.32
C ALA F 293 -38.75 -82.68 -1.04
N ARG F 294 -39.56 -82.49 -2.07
CA ARG F 294 -40.99 -82.29 -1.91
C ARG F 294 -41.78 -83.60 -1.88
N GLY F 295 -41.09 -84.74 -1.82
CA GLY F 295 -41.76 -86.02 -1.80
C GLY F 295 -42.12 -86.59 -3.15
N GLU F 296 -41.67 -85.97 -4.23
CA GLU F 296 -41.96 -86.43 -5.58
C GLU F 296 -40.80 -87.27 -6.12
N ARG F 297 -41.10 -88.07 -7.14
CA ARG F 297 -40.12 -88.94 -7.76
C ARG F 297 -39.35 -88.19 -8.84
N ALA F 298 -38.12 -88.63 -9.08
CA ALA F 298 -37.30 -87.96 -10.09
C ALA F 298 -36.34 -88.96 -10.72
N MET F 299 -36.07 -88.79 -12.01
CA MET F 299 -35.10 -89.60 -12.73
C MET F 299 -34.05 -88.71 -13.38
N TYR F 300 -32.80 -89.15 -13.34
CA TYR F 300 -31.69 -88.37 -13.88
C TYR F 300 -30.95 -89.29 -14.86
N PHE F 301 -31.34 -89.25 -16.13
CA PHE F 301 -30.62 -89.97 -17.16
C PHE F 301 -29.29 -89.27 -17.44
N SER F 302 -28.19 -89.99 -17.24
CA SER F 302 -26.85 -89.46 -17.45
C SER F 302 -26.13 -90.30 -18.50
N PHE F 303 -25.66 -89.64 -19.56
CA PHE F 303 -24.90 -90.29 -20.63
C PHE F 303 -23.43 -89.92 -20.57
N GLU F 304 -22.97 -89.40 -19.43
CA GLU F 304 -21.61 -88.88 -19.30
C GLU F 304 -20.88 -89.36 -18.07
N GLU F 305 -21.57 -89.77 -17.01
CA GLU F 305 -20.91 -90.06 -15.75
C GLU F 305 -21.55 -91.27 -15.07
N ALA F 306 -20.79 -91.91 -14.19
CA ALA F 306 -21.35 -92.98 -13.38
C ALA F 306 -22.08 -92.41 -12.17
N ALA F 307 -22.91 -93.25 -11.56
CA ALA F 307 -23.70 -92.81 -10.41
C ALA F 307 -22.81 -92.33 -9.27
N ASP F 308 -21.79 -93.12 -8.92
CA ASP F 308 -20.92 -92.77 -7.79
C ASP F 308 -20.13 -91.50 -8.06
N GLN F 309 -19.58 -91.37 -9.28
CA GLN F 309 -18.86 -90.16 -9.64
C GLN F 309 -19.75 -88.94 -9.58
N ALA F 310 -20.97 -89.05 -10.12
CA ALA F 310 -21.92 -87.95 -10.02
C ALA F 310 -22.22 -87.62 -8.56
N VAL F 311 -22.37 -88.66 -7.74
CA VAL F 311 -22.65 -88.45 -6.31
C VAL F 311 -21.55 -87.62 -5.68
N ARG F 312 -20.29 -87.99 -5.89
CA ARG F 312 -19.23 -87.31 -5.14
C ARG F 312 -18.85 -86.00 -5.82
N ASN F 313 -19.31 -85.80 -7.06
CA ASN F 313 -19.22 -84.48 -7.69
C ASN F 313 -20.23 -83.51 -7.11
N MET F 314 -21.47 -83.97 -6.89
CA MET F 314 -22.52 -83.14 -6.30
C MET F 314 -22.35 -82.95 -4.80
N ARG F 315 -21.73 -83.91 -4.11
CA ARG F 315 -21.52 -83.78 -2.67
C ARG F 315 -20.66 -82.57 -2.36
N SER F 316 -19.77 -82.21 -3.28
CA SER F 316 -19.01 -80.98 -3.13
C SER F 316 -19.88 -79.74 -3.17
N LEU F 317 -20.94 -79.75 -3.98
CA LEU F 317 -21.91 -78.65 -4.03
C LEU F 317 -22.92 -78.73 -2.90
N GLY F 318 -22.96 -79.86 -2.19
CA GLY F 318 -23.83 -79.99 -1.05
C GLY F 318 -25.09 -80.77 -1.34
N LEU F 319 -25.42 -80.91 -2.62
CA LEU F 319 -26.56 -81.73 -3.01
C LEU F 319 -26.29 -83.18 -2.64
N ASP F 320 -27.05 -83.68 -1.66
CA ASP F 320 -26.87 -85.03 -1.14
C ASP F 320 -27.84 -85.94 -1.91
N LEU F 321 -27.46 -86.25 -3.15
CA LEU F 321 -28.27 -87.12 -3.98
C LEU F 321 -28.32 -88.55 -3.44
N GLY F 322 -27.32 -88.93 -2.66
CA GLY F 322 -27.33 -90.25 -2.06
C GLY F 322 -28.54 -90.46 -1.16
N ARG F 323 -28.91 -89.42 -0.42
CA ARG F 323 -30.05 -89.52 0.48
C ARG F 323 -31.33 -89.88 -0.28
N TRP F 324 -31.61 -89.17 -1.37
CA TRP F 324 -32.83 -89.42 -2.13
C TRP F 324 -32.76 -90.73 -2.92
N ARG F 325 -31.59 -91.05 -3.50
CA ARG F 325 -31.45 -92.33 -4.16
C ARG F 325 -31.63 -93.51 -3.19
N ASP F 326 -31.16 -93.36 -1.96
CA ASP F 326 -31.22 -94.39 -0.94
C ASP F 326 -32.62 -94.51 -0.34
N ALA F 327 -33.33 -93.39 -0.21
CA ALA F 327 -34.73 -93.41 0.21
C ALA F 327 -35.66 -93.86 -0.90
N GLY F 328 -35.20 -93.87 -2.16
CA GLY F 328 -35.99 -94.41 -3.25
C GLY F 328 -36.85 -93.41 -3.98
N LEU F 329 -36.46 -92.13 -3.99
CA LEU F 329 -37.18 -91.10 -4.73
C LEU F 329 -36.41 -90.56 -5.92
N LEU F 330 -35.16 -90.99 -6.12
CA LEU F 330 -34.33 -90.54 -7.22
C LEU F 330 -33.72 -91.75 -7.92
N ARG F 331 -33.73 -91.74 -9.24
CA ARG F 331 -33.21 -92.84 -10.04
C ARG F 331 -32.09 -92.33 -10.94
N PHE F 332 -31.01 -93.13 -11.05
CA PHE F 332 -29.90 -92.84 -11.94
C PHE F 332 -29.75 -93.99 -12.92
N MET F 333 -29.48 -93.66 -14.19
CA MET F 333 -29.31 -94.69 -15.22
C MET F 333 -27.83 -94.86 -15.56
N ALA F 334 -27.15 -93.78 -15.91
CA ALA F 334 -25.72 -93.79 -16.21
C ALA F 334 -25.42 -94.77 -17.35
N THR F 335 -25.95 -94.42 -18.52
CA THR F 335 -25.81 -95.25 -19.71
C THR F 335 -25.09 -94.48 -20.81
N ARG F 336 -24.10 -95.13 -21.42
CA ARG F 336 -23.33 -94.50 -22.47
C ARG F 336 -24.14 -94.40 -23.76
N PRO F 337 -23.89 -93.39 -24.59
CA PRO F 337 -24.65 -93.27 -25.84
C PRO F 337 -24.46 -94.45 -26.78
N THR F 338 -23.28 -95.07 -26.80
CA THR F 338 -22.99 -96.16 -27.72
C THR F 338 -23.44 -97.52 -27.19
N PHE F 339 -23.95 -97.61 -25.97
CA PHE F 339 -24.34 -98.89 -25.42
C PHE F 339 -25.46 -99.53 -26.24
N TYR F 340 -26.46 -98.74 -26.62
CA TYR F 340 -27.59 -99.20 -27.40
C TYR F 340 -27.63 -98.49 -28.74
N SER F 341 -28.59 -98.86 -29.57
CA SER F 341 -28.92 -98.09 -30.76
C SER F 341 -29.90 -96.98 -30.36
N LEU F 342 -30.18 -96.07 -31.28
CA LEU F 342 -31.10 -94.98 -30.96
C LEU F 342 -32.49 -95.50 -30.58
N GLU F 343 -32.96 -96.51 -31.31
CA GLU F 343 -34.28 -97.06 -31.04
C GLU F 343 -34.35 -97.65 -29.64
N MET F 344 -33.32 -98.40 -29.23
CA MET F 344 -33.36 -99.00 -27.89
C MET F 344 -33.12 -97.95 -26.81
N HIS F 345 -32.32 -96.92 -27.08
CA HIS F 345 -32.24 -95.81 -26.14
C HIS F 345 -33.63 -95.23 -25.89
N LEU F 346 -34.37 -94.92 -26.96
CA LEU F 346 -35.73 -94.41 -26.82
C LEU F 346 -36.61 -95.39 -26.07
N ALA F 347 -36.55 -96.68 -26.44
CA ALA F 347 -37.43 -97.68 -25.83
C ALA F 347 -37.14 -97.84 -24.35
N VAL F 348 -35.86 -97.91 -23.96
CA VAL F 348 -35.51 -98.07 -22.56
C VAL F 348 -35.94 -96.85 -21.76
N ILE F 349 -35.69 -95.65 -22.31
CA ILE F 349 -36.09 -94.43 -21.61
C ILE F 349 -37.60 -94.44 -21.39
N LEU F 350 -38.37 -94.73 -22.44
CA LEU F 350 -39.82 -94.72 -22.32
C LEU F 350 -40.30 -95.77 -21.33
N ARG F 351 -39.75 -96.99 -21.42
CA ARG F 351 -40.19 -98.06 -20.55
C ARG F 351 -39.92 -97.75 -19.09
N GLU F 352 -38.71 -97.29 -18.78
CA GLU F 352 -38.39 -97.00 -17.38
C GLU F 352 -39.14 -95.79 -16.87
N VAL F 353 -39.36 -94.77 -17.72
CA VAL F 353 -40.15 -93.62 -17.29
C VAL F 353 -41.57 -94.05 -16.97
N MET F 354 -42.16 -94.88 -17.83
CA MET F 354 -43.52 -95.37 -17.56
C MET F 354 -43.57 -96.19 -16.28
N ARG F 355 -42.58 -97.07 -16.08
CA ARG F 355 -42.59 -97.92 -14.89
C ARG F 355 -42.45 -97.10 -13.61
N PHE F 356 -41.52 -96.15 -13.59
CA PHE F 356 -41.26 -95.39 -12.38
C PHE F 356 -42.29 -94.30 -12.11
N GLU F 357 -42.87 -93.72 -13.16
CA GLU F 357 -43.87 -92.67 -13.02
C GLU F 357 -43.31 -91.51 -12.20
N PRO F 358 -42.23 -90.88 -12.66
CA PRO F 358 -41.64 -89.77 -11.89
C PRO F 358 -42.32 -88.44 -12.19
N SER F 359 -41.85 -87.37 -11.54
CA SER F 359 -42.36 -86.03 -11.77
C SER F 359 -41.36 -85.12 -12.45
N VAL F 360 -40.09 -85.50 -12.51
CA VAL F 360 -39.07 -84.69 -13.17
C VAL F 360 -38.01 -85.60 -13.78
N VAL F 361 -37.81 -85.49 -15.09
CA VAL F 361 -36.83 -86.28 -15.82
C VAL F 361 -35.75 -85.34 -16.35
N VAL F 362 -34.50 -85.62 -16.00
CA VAL F 362 -33.37 -84.77 -16.38
C VAL F 362 -32.46 -85.59 -17.30
N LEU F 363 -32.38 -85.19 -18.56
CA LEU F 363 -31.52 -85.85 -19.54
C LEU F 363 -30.26 -85.02 -19.71
N ASP F 364 -29.11 -85.60 -19.37
CA ASP F 364 -27.84 -84.89 -19.40
C ASP F 364 -26.75 -85.78 -19.99
N PRO F 365 -26.15 -85.40 -21.14
CA PRO F 365 -26.60 -84.30 -21.98
C PRO F 365 -27.25 -84.82 -23.26
N ILE F 366 -28.17 -84.03 -23.85
CA ILE F 366 -28.79 -84.46 -25.09
C ILE F 366 -27.84 -84.32 -26.27
N SER F 367 -26.71 -83.63 -26.09
CA SER F 367 -25.76 -83.47 -27.19
C SER F 367 -24.86 -84.68 -27.35
N ALA F 368 -24.84 -85.57 -26.36
CA ALA F 368 -23.97 -86.74 -26.42
C ALA F 368 -24.30 -87.66 -27.59
N PHE F 369 -25.53 -87.61 -28.10
CA PHE F 369 -25.95 -88.45 -29.21
C PHE F 369 -25.60 -87.87 -30.57
N THR F 370 -24.63 -86.94 -30.63
CA THR F 370 -24.36 -86.21 -31.86
C THR F 370 -23.92 -87.15 -32.98
N GLU F 371 -22.92 -87.98 -32.73
CA GLU F 371 -22.35 -88.85 -33.75
C GLU F 371 -22.95 -90.24 -33.76
N SER F 372 -23.93 -90.52 -32.90
CA SER F 372 -24.55 -91.83 -32.89
C SER F 372 -25.21 -92.14 -34.24
N GLY F 373 -25.73 -91.11 -34.89
CA GLY F 373 -26.32 -91.26 -36.21
C GLY F 373 -26.38 -89.95 -36.95
N ASP F 374 -27.13 -89.90 -38.05
CA ASP F 374 -27.32 -88.64 -38.76
C ASP F 374 -28.14 -87.68 -37.93
N ARG F 375 -28.11 -86.41 -38.31
CA ARG F 375 -28.82 -85.39 -37.55
C ARG F 375 -30.31 -85.70 -37.49
N LEU F 376 -30.89 -86.17 -38.59
CA LEU F 376 -32.32 -86.46 -38.62
C LEU F 376 -32.72 -87.54 -37.64
N GLU F 377 -31.94 -88.63 -37.53
CA GLU F 377 -32.29 -89.72 -36.63
C GLU F 377 -32.24 -89.28 -35.17
N VAL F 378 -31.18 -88.56 -34.79
CA VAL F 378 -31.06 -88.06 -33.43
C VAL F 378 -32.18 -87.07 -33.12
N GLN F 379 -32.51 -86.20 -34.08
CA GLN F 379 -33.61 -85.28 -33.88
C GLN F 379 -34.93 -86.02 -33.71
N SER F 380 -35.14 -87.09 -34.48
CA SER F 380 -36.36 -87.87 -34.32
C SER F 380 -36.43 -88.48 -32.93
N MET F 381 -35.31 -89.04 -32.45
CA MET F 381 -35.30 -89.62 -31.11
C MET F 381 -35.61 -88.56 -30.05
N LEU F 382 -34.96 -87.40 -30.16
CA LEU F 382 -35.17 -86.35 -29.18
C LEU F 382 -36.60 -85.83 -29.21
N LEU F 383 -37.16 -85.65 -30.41
CA LEU F 383 -38.54 -85.19 -30.53
C LEU F 383 -39.51 -86.21 -29.94
N ARG F 384 -39.28 -87.50 -30.20
CA ARG F 384 -40.15 -88.52 -29.60
C ARG F 384 -40.07 -88.48 -28.09
N ILE F 385 -38.86 -88.35 -27.53
CA ILE F 385 -38.71 -88.32 -26.08
C ILE F 385 -39.44 -87.09 -25.50
N VAL F 386 -39.23 -85.94 -26.12
CA VAL F 386 -39.83 -84.70 -25.61
C VAL F 386 -41.35 -84.78 -25.67
N ASP F 387 -41.88 -85.28 -26.79
CA ASP F 387 -43.33 -85.39 -26.93
C ASP F 387 -43.90 -86.38 -25.92
N PHE F 388 -43.21 -87.51 -25.70
CA PHE F 388 -43.67 -88.46 -24.70
C PHE F 388 -43.72 -87.84 -23.32
N LEU F 389 -42.65 -87.12 -22.94
CA LEU F 389 -42.63 -86.48 -21.63
C LEU F 389 -43.73 -85.44 -21.51
N LYS F 390 -43.92 -84.60 -22.54
CA LYS F 390 -44.96 -83.58 -22.47
C LYS F 390 -46.35 -84.18 -22.42
N ASN F 391 -46.60 -85.26 -23.17
CA ASN F 391 -47.90 -85.93 -23.08
C ASN F 391 -48.12 -86.51 -21.68
N ARG F 392 -47.09 -87.11 -21.10
CA ARG F 392 -47.19 -87.60 -19.72
C ARG F 392 -47.24 -86.47 -18.70
N GLY F 393 -47.00 -85.23 -19.12
CA GLY F 393 -47.00 -84.12 -18.18
C GLY F 393 -45.86 -84.15 -17.18
N ILE F 394 -44.68 -84.57 -17.62
CA ILE F 394 -43.50 -84.62 -16.77
C ILE F 394 -42.60 -83.45 -17.14
N THR F 395 -41.91 -82.91 -16.13
CA THR F 395 -41.02 -81.78 -16.32
C THR F 395 -39.68 -82.30 -16.84
N GLY F 396 -39.35 -81.93 -18.08
CA GLY F 396 -38.13 -82.38 -18.72
C GLY F 396 -37.05 -81.31 -18.65
N ILE F 397 -35.90 -81.68 -18.10
CA ILE F 397 -34.74 -80.80 -17.99
C ILE F 397 -33.65 -81.39 -18.86
N PHE F 398 -33.39 -80.78 -20.01
CA PHE F 398 -32.39 -81.26 -20.95
C PHE F 398 -31.16 -80.38 -20.88
N THR F 399 -30.00 -81.00 -20.72
CA THR F 399 -28.73 -80.28 -20.67
C THR F 399 -28.01 -80.44 -22.00
N HIS F 400 -27.61 -79.33 -22.61
CA HIS F 400 -26.93 -79.34 -23.90
C HIS F 400 -25.64 -78.52 -23.81
N LEU F 401 -24.63 -78.98 -24.54
CA LEU F 401 -23.34 -78.30 -24.57
C LEU F 401 -23.32 -77.25 -25.67
N ALA F 402 -22.61 -76.16 -25.42
CA ALA F 402 -22.53 -75.04 -26.35
C ALA F 402 -21.15 -74.95 -26.97
N HIS F 403 -21.10 -74.38 -28.17
CA HIS F 403 -19.85 -74.22 -28.90
C HIS F 403 -19.59 -72.75 -29.24
N THR F 409 -27.72 -68.72 -28.23
CA THR F 409 -27.08 -69.48 -29.30
C THR F 409 -27.91 -70.71 -29.65
N THR F 410 -27.77 -71.16 -30.90
CA THR F 410 -28.45 -72.35 -31.39
C THR F 410 -27.47 -73.53 -31.44
N ASP F 411 -27.95 -74.70 -31.01
CA ASP F 411 -27.04 -75.84 -30.85
C ASP F 411 -27.35 -76.98 -31.81
N ALA F 412 -28.58 -77.51 -31.79
CA ALA F 412 -28.86 -78.69 -32.59
C ALA F 412 -30.26 -78.67 -33.23
N GLY F 413 -30.92 -77.52 -33.28
CA GLY F 413 -32.25 -77.45 -33.86
C GLY F 413 -33.35 -77.99 -32.97
N LEU F 414 -33.04 -78.42 -31.75
CA LEU F 414 -34.06 -78.87 -30.81
C LEU F 414 -34.48 -77.80 -29.81
N GLU F 415 -33.80 -76.66 -29.80
CA GLU F 415 -34.31 -75.52 -29.04
C GLU F 415 -35.65 -75.07 -29.59
N GLU F 416 -35.97 -75.51 -30.82
CA GLU F 416 -37.14 -75.03 -31.53
C GLU F 416 -38.42 -75.29 -30.75
N LEU F 417 -38.41 -76.27 -29.84
CA LEU F 417 -39.60 -76.62 -29.07
C LEU F 417 -39.56 -76.15 -27.62
N MET F 418 -38.38 -75.91 -27.06
CA MET F 418 -38.25 -75.71 -25.62
C MET F 418 -39.12 -74.56 -25.13
N ASP F 419 -39.81 -74.78 -24.01
CA ASP F 419 -40.58 -73.75 -23.33
C ASP F 419 -39.71 -72.75 -22.58
N GLY F 420 -38.69 -73.23 -21.89
CA GLY F 420 -37.78 -72.36 -21.16
C GLY F 420 -36.34 -72.67 -21.51
N TRP F 421 -35.53 -71.60 -21.54
CA TRP F 421 -34.13 -71.71 -21.92
C TRP F 421 -33.28 -70.97 -20.90
N VAL F 422 -32.29 -71.65 -20.34
CA VAL F 422 -31.36 -71.06 -19.39
C VAL F 422 -29.96 -71.24 -19.95
N LEU F 423 -29.26 -70.13 -20.19
CA LEU F 423 -27.90 -70.15 -20.72
C LEU F 423 -26.93 -69.80 -19.60
N MET F 424 -25.93 -70.67 -19.42
CA MET F 424 -24.90 -70.51 -18.41
C MET F 424 -23.58 -70.18 -19.11
N LEU F 425 -22.97 -69.07 -18.74
CA LEU F 425 -21.77 -68.57 -19.38
C LEU F 425 -20.61 -68.58 -18.39
N ASN F 426 -19.43 -68.96 -18.88
CA ASN F 426 -18.20 -68.94 -18.09
C ASN F 426 -17.18 -68.16 -18.92
N ARG F 427 -17.16 -66.85 -18.74
CA ARG F 427 -16.39 -65.97 -19.61
C ARG F 427 -15.04 -65.62 -19.01
N GLU F 428 -14.07 -65.40 -19.88
CA GLU F 428 -12.75 -64.94 -19.50
C GLU F 428 -12.64 -63.45 -19.78
N VAL F 429 -12.53 -62.64 -18.73
CA VAL F 429 -12.44 -61.20 -18.87
C VAL F 429 -11.57 -60.67 -17.73
N ASN F 430 -10.68 -59.74 -18.06
CA ASN F 430 -9.77 -59.14 -17.08
C ASN F 430 -8.85 -60.20 -16.47
N GLY F 431 -8.38 -61.13 -17.31
CA GLY F 431 -7.45 -62.15 -16.84
C GLY F 431 -8.02 -63.04 -15.76
N GLU F 432 -9.28 -63.43 -15.89
CA GLU F 432 -9.93 -64.26 -14.88
C GLU F 432 -11.31 -64.63 -15.39
N PHE F 433 -11.82 -65.76 -14.89
CA PHE F 433 -13.06 -66.35 -15.37
C PHE F 433 -14.20 -66.05 -14.40
N ASN F 434 -15.33 -65.61 -14.95
CA ASN F 434 -16.52 -65.28 -14.19
C ASN F 434 -17.71 -66.05 -14.72
N ARG F 435 -18.58 -66.49 -13.81
CA ARG F 435 -19.77 -67.25 -14.14
C ARG F 435 -20.99 -66.35 -14.17
N GLU F 436 -21.92 -66.64 -15.08
CA GLU F 436 -23.18 -65.91 -15.20
C GLU F 436 -24.24 -66.85 -15.77
N LEU F 437 -25.49 -66.45 -15.64
CA LEU F 437 -26.58 -67.20 -16.22
C LEU F 437 -27.74 -66.27 -16.52
N TYR F 438 -28.50 -66.60 -17.56
CA TYR F 438 -29.68 -65.79 -17.86
C TYR F 438 -30.71 -66.64 -18.60
N LEU F 439 -31.97 -66.25 -18.45
CA LEU F 439 -33.09 -66.93 -19.07
C LEU F 439 -33.27 -66.38 -20.49
N LEU F 440 -32.84 -67.15 -21.48
CA LEU F 440 -32.98 -66.72 -22.86
C LEU F 440 -34.43 -66.53 -23.25
N LYS F 441 -35.34 -67.31 -22.66
CA LYS F 441 -36.76 -67.20 -22.96
C LYS F 441 -37.54 -68.02 -21.95
N ALA F 442 -38.71 -67.51 -21.57
CA ALA F 442 -39.57 -68.17 -20.60
C ALA F 442 -41.02 -67.95 -21.06
N ARG F 443 -41.62 -68.98 -21.63
CA ARG F 443 -42.93 -68.85 -22.25
C ARG F 443 -44.01 -68.58 -21.21
N GLY F 444 -44.96 -67.73 -21.59
CA GLY F 444 -46.15 -67.48 -20.79
C GLY F 444 -45.91 -66.83 -19.44
N MET F 445 -44.91 -65.96 -19.33
CA MET F 445 -44.66 -65.26 -18.09
C MET F 445 -43.58 -64.20 -18.34
N ALA F 446 -43.53 -63.23 -17.45
CA ALA F 446 -42.51 -62.20 -17.49
C ALA F 446 -41.36 -62.55 -16.55
N HIS F 447 -40.14 -62.25 -17.01
CA HIS F 447 -38.94 -62.67 -16.29
C HIS F 447 -37.88 -61.58 -16.40
N SER F 448 -36.92 -61.65 -15.48
CA SER F 448 -35.82 -60.69 -15.49
C SER F 448 -35.00 -60.83 -16.76
N ASN F 449 -34.53 -59.68 -17.27
CA ASN F 449 -33.70 -59.62 -18.47
C ASN F 449 -32.27 -59.23 -18.14
N GLN F 450 -31.80 -59.60 -16.96
CA GLN F 450 -30.45 -59.25 -16.49
C GLN F 450 -29.55 -60.48 -16.55
N VAL F 451 -28.29 -60.26 -16.92
CA VAL F 451 -27.29 -61.32 -16.95
C VAL F 451 -26.75 -61.42 -15.53
N ARG F 452 -27.39 -62.24 -14.71
CA ARG F 452 -27.10 -62.33 -13.29
C ARG F 452 -25.86 -63.20 -13.07
N GLU F 453 -24.78 -62.58 -12.62
CA GLU F 453 -23.59 -63.35 -12.24
C GLU F 453 -23.85 -64.15 -10.98
N PHE F 454 -23.40 -65.40 -10.96
CA PHE F 454 -23.57 -66.27 -9.81
C PHE F 454 -22.22 -66.87 -9.43
N LEU F 455 -22.19 -67.54 -8.28
CA LEU F 455 -20.96 -68.14 -7.78
C LEU F 455 -21.32 -69.41 -7.02
N MET F 456 -20.93 -70.55 -7.54
CA MET F 456 -21.25 -71.83 -6.93
C MET F 456 -20.31 -72.12 -5.76
N SER F 457 -20.89 -72.66 -4.67
CA SER F 457 -20.13 -72.96 -3.47
C SER F 457 -20.78 -74.14 -2.76
N ASP F 458 -20.30 -74.42 -1.54
CA ASP F 458 -20.84 -75.54 -0.77
C ASP F 458 -22.34 -75.36 -0.52
N ARG F 459 -22.78 -74.14 -0.27
CA ARG F 459 -24.21 -73.91 -0.01
C ARG F 459 -25.04 -74.15 -1.26
N GLY F 460 -24.40 -74.17 -2.43
CA GLY F 460 -25.08 -74.46 -3.67
C GLY F 460 -24.83 -73.38 -4.70
N ILE F 461 -25.79 -73.22 -5.62
CA ILE F 461 -25.72 -72.13 -6.58
C ILE F 461 -26.35 -70.89 -5.99
N SER F 462 -25.59 -69.79 -5.97
CA SER F 462 -26.05 -68.55 -5.36
C SER F 462 -25.74 -67.40 -6.29
N LEU F 463 -26.77 -66.63 -6.64
CA LEU F 463 -26.60 -65.46 -7.49
C LEU F 463 -26.17 -64.26 -6.66
N LEU F 464 -25.18 -63.53 -7.17
CA LEU F 464 -24.73 -62.33 -6.50
C LEU F 464 -25.79 -61.23 -6.60
N PRO F 465 -25.73 -60.23 -5.72
CA PRO F 465 -26.69 -59.13 -5.81
C PRO F 465 -26.57 -58.43 -7.15
N PRO F 466 -27.68 -57.91 -7.67
CA PRO F 466 -27.63 -57.27 -8.99
C PRO F 466 -26.65 -56.10 -9.02
N HIS F 467 -26.02 -55.93 -10.17
CA HIS F 467 -25.06 -54.84 -10.37
C HIS F 467 -25.81 -53.52 -10.45
N LEU F 468 -25.40 -52.56 -9.63
CA LEU F 468 -26.03 -51.25 -9.58
C LEU F 468 -25.00 -50.18 -9.95
N GLY F 469 -25.43 -49.23 -10.75
CA GLY F 469 -24.53 -48.18 -11.21
C GLY F 469 -24.21 -48.35 -12.69
N GLU F 470 -23.67 -47.27 -13.27
CA GLU F 470 -23.30 -47.29 -14.68
C GLU F 470 -22.18 -48.29 -14.92
N GLY F 471 -22.08 -48.76 -16.16
CA GLY F 471 -21.10 -49.75 -16.51
C GLY F 471 -21.33 -51.09 -15.83
N GLY F 472 -22.57 -51.56 -15.86
CA GLY F 472 -22.92 -52.80 -15.18
C GLY F 472 -22.24 -54.02 -15.73
N ALA F 473 -21.62 -53.91 -16.92
CA ALA F 473 -20.94 -55.07 -17.50
C ALA F 473 -19.80 -55.56 -16.61
N LEU F 474 -19.26 -54.70 -15.77
CA LEU F 474 -18.16 -55.08 -14.89
C LEU F 474 -18.58 -56.24 -13.99
N THR F 475 -17.68 -57.21 -13.84
CA THR F 475 -17.91 -58.38 -13.02
C THR F 475 -16.60 -58.85 -12.42
N GLY F 476 -16.70 -59.56 -11.29
CA GLY F 476 -15.51 -60.08 -10.65
C GLY F 476 -14.72 -58.98 -9.97
N THR F 477 -13.39 -59.03 -10.13
CA THR F 477 -12.52 -58.04 -9.50
C THR F 477 -12.82 -56.63 -10.00
N ALA F 478 -13.27 -56.52 -11.26
CA ALA F 478 -13.57 -55.21 -11.82
C ALA F 478 -14.67 -54.50 -11.05
N ARG F 479 -15.66 -55.24 -10.55
CA ARG F 479 -16.72 -54.64 -9.77
C ARG F 479 -16.18 -54.01 -8.48
N LYS F 480 -15.31 -54.74 -7.76
CA LYS F 480 -14.71 -54.18 -6.56
C LYS F 480 -13.84 -52.97 -6.89
N ALA F 481 -13.08 -53.05 -7.99
CA ALA F 481 -12.25 -51.92 -8.38
C ALA F 481 -13.09 -50.69 -8.68
N GLU F 482 -14.21 -50.86 -9.39
CA GLU F 482 -15.10 -49.75 -9.69
C GLU F 482 -15.69 -49.18 -8.41
N GLU F 483 -16.09 -50.04 -7.47
CA GLU F 483 -16.62 -49.55 -6.20
C GLU F 483 -15.58 -48.70 -5.48
N ALA F 484 -14.34 -49.18 -5.43
CA ALA F 484 -13.27 -48.42 -4.76
C ALA F 484 -13.03 -47.09 -5.44
N ARG F 485 -13.02 -47.08 -6.77
CA ARG F 485 -12.81 -45.83 -7.50
C ARG F 485 -13.93 -44.83 -7.22
N LEU F 486 -15.18 -45.30 -7.21
CA LEU F 486 -16.30 -44.43 -6.89
C LEU F 486 -16.15 -43.86 -5.48
N ARG F 487 -15.78 -44.71 -4.52
CA ARG F 487 -15.61 -44.22 -3.15
C ARG F 487 -14.54 -43.14 -3.10
N ARG F 488 -13.40 -43.37 -3.75
CA ARG F 488 -12.32 -42.39 -3.73
C ARG F 488 -12.77 -41.06 -4.32
N ALA F 489 -13.42 -41.11 -5.49
CA ALA F 489 -13.80 -39.88 -6.17
C ALA F 489 -14.83 -39.08 -5.36
N GLU F 490 -15.86 -39.76 -4.83
CA GLU F 490 -16.87 -39.05 -4.06
C GLU F 490 -16.28 -38.48 -2.77
N ILE F 491 -15.34 -39.22 -2.15
CA ILE F 491 -14.65 -38.70 -0.97
C ILE F 491 -13.91 -37.42 -1.30
N GLU F 492 -13.22 -37.41 -2.44
CA GLU F 492 -12.45 -36.21 -2.78
C GLU F 492 -13.37 -35.04 -3.15
N ARG F 493 -14.53 -35.32 -3.72
CA ARG F 493 -15.52 -34.26 -3.91
C ARG F 493 -15.96 -33.66 -2.58
N GLN F 494 -16.20 -34.52 -1.59
CA GLN F 494 -16.51 -34.05 -0.25
C GLN F 494 -15.39 -33.16 0.28
N THR F 495 -14.14 -33.56 0.04
CA THR F 495 -13.00 -32.74 0.47
C THR F 495 -13.01 -31.37 -0.21
N GLU F 496 -13.33 -31.35 -1.50
CA GLU F 496 -13.48 -30.08 -2.22
C GLU F 496 -14.46 -29.16 -1.51
N LEU F 497 -15.67 -29.67 -1.25
CA LEU F 497 -16.69 -28.83 -0.62
C LEU F 497 -16.24 -28.37 0.76
N GLY F 498 -15.62 -29.25 1.54
CA GLY F 498 -15.14 -28.86 2.85
C GLY F 498 -14.10 -27.75 2.78
N ARG F 499 -13.19 -27.84 1.82
CA ARG F 499 -12.18 -26.80 1.69
C ARG F 499 -12.80 -25.45 1.33
N LEU F 500 -13.79 -25.45 0.43
CA LEU F 500 -14.47 -24.20 0.13
C LEU F 500 -15.16 -23.62 1.38
N GLN F 501 -15.81 -24.47 2.16
CA GLN F 501 -16.45 -23.99 3.38
C GLN F 501 -15.44 -23.39 4.34
N GLN F 502 -14.28 -24.03 4.48
CA GLN F 502 -13.22 -23.49 5.34
C GLN F 502 -12.71 -22.15 4.82
N GLN F 503 -12.62 -22.01 3.49
CA GLN F 503 -12.21 -20.74 2.91
C GLN F 503 -13.15 -19.62 3.30
N ILE F 504 -14.46 -19.87 3.18
CA ILE F 504 -15.43 -18.84 3.55
C ILE F 504 -15.34 -18.56 5.04
N GLU F 505 -15.11 -19.61 5.84
CA GLU F 505 -14.76 -19.49 7.26
C GLU F 505 -13.70 -18.42 7.49
N GLN F 506 -12.57 -18.57 6.78
CA GLN F 506 -11.45 -17.63 6.95
C GLN F 506 -11.87 -16.20 6.60
N ARG F 507 -12.58 -16.03 5.48
CA ARG F 507 -12.98 -14.68 5.09
C ARG F 507 -13.87 -14.03 6.15
N ARG F 508 -14.84 -14.79 6.68
CA ARG F 508 -15.72 -14.24 7.70
C ARG F 508 -14.95 -13.88 8.96
N ARG F 509 -13.95 -14.70 9.32
CA ARG F 509 -13.15 -14.38 10.51
C ARG F 509 -12.46 -13.03 10.34
N ARG F 510 -11.73 -12.84 9.23
CA ARG F 510 -11.13 -11.53 9.04
C ARG F 510 -12.18 -10.43 9.09
N ALA F 511 -13.34 -10.63 8.44
CA ALA F 511 -14.34 -9.56 8.38
C ALA F 511 -14.72 -9.09 9.77
N ARG F 512 -15.13 -10.01 10.64
CA ARG F 512 -15.66 -9.56 11.91
C ARG F 512 -14.54 -9.17 12.88
N ALA F 513 -13.33 -9.74 12.73
CA ALA F 513 -12.22 -9.24 13.54
C ALA F 513 -11.90 -7.79 13.19
N GLN F 514 -11.91 -7.47 11.89
CA GLN F 514 -11.72 -6.09 11.45
C GLN F 514 -12.80 -5.19 12.03
N ILE F 515 -14.03 -5.68 12.05
CA ILE F 515 -15.14 -4.90 12.64
C ILE F 515 -14.86 -4.63 14.11
N GLU F 516 -14.31 -5.63 14.82
CA GLU F 516 -13.99 -5.46 16.23
C GLU F 516 -12.98 -4.34 16.43
N ALA F 517 -11.93 -4.32 15.60
CA ALA F 517 -10.93 -3.26 15.70
C ALA F 517 -11.57 -1.90 15.47
N LEU F 518 -12.45 -1.80 14.46
CA LEU F 518 -13.10 -0.52 14.17
C LEU F 518 -13.97 -0.06 15.34
N GLU F 519 -14.68 -0.98 15.97
CA GLU F 519 -15.50 -0.61 17.13
C GLU F 519 -14.64 -0.13 18.30
N ALA F 520 -13.47 -0.75 18.49
CA ALA F 520 -12.55 -0.25 19.50
C ALA F 520 -12.16 1.19 19.20
N GLU F 521 -11.85 1.49 17.93
CA GLU F 521 -11.55 2.87 17.55
C GLU F 521 -12.72 3.80 17.90
N LEU F 522 -13.94 3.37 17.61
CA LEU F 522 -15.11 4.21 17.90
C LEU F 522 -15.23 4.50 19.39
N GLN F 523 -15.02 3.48 20.23
CA GLN F 523 -15.12 3.70 21.68
C GLN F 523 -14.04 4.68 22.15
N ALA F 524 -12.82 4.54 21.62
CA ALA F 524 -11.78 5.49 21.99
C ALA F 524 -12.18 6.92 21.62
N GLU F 525 -12.76 7.09 20.42
CA GLU F 525 -13.17 8.43 20.00
C GLU F 525 -14.26 8.98 20.91
N GLU F 526 -15.21 8.14 21.33
CA GLU F 526 -16.24 8.59 22.26
C GLU F 526 -15.62 9.08 23.56
N ILE F 527 -14.67 8.33 24.11
CA ILE F 527 -13.99 8.77 25.32
C ILE F 527 -13.32 10.12 25.10
N ALA F 528 -12.71 10.30 23.92
CA ALA F 528 -12.06 11.58 23.63
C ALA F 528 -13.06 12.72 23.62
N LEU F 529 -14.23 12.52 23.00
CA LEU F 529 -15.24 13.58 22.98
C LEU F 529 -15.66 13.95 24.39
N LYS F 530 -15.89 12.94 25.24
CA LYS F 530 -16.37 13.23 26.58
C LYS F 530 -15.29 13.93 27.41
N ALA F 531 -14.02 13.56 27.21
CA ALA F 531 -12.94 14.30 27.85
C ALA F 531 -12.92 15.76 27.38
N LEU F 532 -13.12 15.99 26.09
CA LEU F 532 -13.21 17.34 25.55
C LEU F 532 -14.29 18.16 26.23
N VAL F 533 -15.49 17.61 26.37
CA VAL F 533 -16.60 18.33 27.02
C VAL F 533 -16.31 18.60 28.48
N GLU F 534 -15.86 17.59 29.22
CA GLU F 534 -15.62 17.76 30.65
C GLU F 534 -14.56 18.83 30.91
N SER F 535 -13.42 18.74 30.23
CA SER F 535 -12.34 19.70 30.48
C SER F 535 -12.74 21.12 30.07
N GLU F 536 -13.46 21.25 28.96
CA GLU F 536 -13.88 22.56 28.50
C GLU F 536 -14.83 23.20 29.51
N SER F 537 -15.79 22.41 30.02
CA SER F 537 -16.70 22.94 31.04
C SER F 537 -15.94 23.32 32.30
N ALA F 538 -14.93 22.53 32.67
CA ALA F 538 -14.13 22.86 33.84
C ALA F 538 -13.40 24.19 33.64
N HIS F 539 -12.88 24.42 32.44
CA HIS F 539 -12.25 25.71 32.15
C HIS F 539 -13.25 26.84 32.28
N GLU F 540 -14.47 26.65 31.77
CA GLU F 540 -15.53 27.62 31.97
C GLU F 540 -15.70 27.96 33.45
N ARG F 541 -15.81 26.91 34.27
CA ARG F 541 -16.04 27.11 35.71
C ARG F 541 -14.89 27.87 36.36
N GLN F 542 -13.65 27.49 36.03
CA GLN F 542 -12.49 28.16 36.62
C GLN F 542 -12.43 29.63 36.20
N ARG F 543 -12.73 29.91 34.92
CA ARG F 543 -12.73 31.29 34.47
C ARG F 543 -13.76 32.11 35.23
N LEU F 544 -14.96 31.55 35.42
CA LEU F 544 -15.99 32.27 36.19
C LEU F 544 -15.51 32.54 37.60
N ALA F 545 -14.89 31.54 38.25
CA ALA F 545 -14.42 31.73 39.62
C ALA F 545 -13.37 32.83 39.69
N ASP F 546 -12.40 32.83 38.77
CA ASP F 546 -11.37 33.85 38.78
C ASP F 546 -11.96 35.24 38.54
N ALA F 547 -12.92 35.36 37.62
CA ALA F 547 -13.55 36.64 37.37
C ALA F 547 -14.26 37.15 38.62
N ASP F 548 -14.97 36.26 39.33
CA ASP F 548 -15.62 36.66 40.57
C ASP F 548 -14.61 37.12 41.62
N THR F 549 -13.49 36.41 41.73
CA THR F 549 -12.46 36.81 42.69
C THR F 549 -11.95 38.21 42.40
N LEU F 550 -11.65 38.49 41.13
CA LEU F 550 -11.20 39.83 40.76
C LEU F 550 -12.31 40.86 41.04
N ALA F 551 -13.56 40.49 40.79
CA ALA F 551 -14.69 41.40 41.00
C ALA F 551 -14.78 41.85 42.45
N ARG F 552 -14.69 40.90 43.39
CA ARG F 552 -14.54 41.29 44.79
C ARG F 552 -13.31 42.14 45.01
N SER F 553 -12.14 41.71 44.51
CA SER F 553 -10.90 42.42 44.85
C SER F 553 -10.99 43.89 44.48
N ARG F 554 -11.74 44.21 43.42
CA ARG F 554 -11.90 45.60 42.99
C ARG F 554 -13.32 46.13 43.16
N GLY F 555 -14.14 45.49 43.99
CA GLY F 555 -15.53 45.86 44.12
C GLY F 555 -15.84 46.75 45.31
N ASN F 556 -16.88 47.57 45.15
CA ASN F 556 -17.37 48.41 46.23
C ASN F 556 -18.44 47.74 47.09
N GLU F 557 -18.91 46.56 46.69
CA GLU F 557 -19.93 45.85 47.46
C GLU F 557 -19.45 45.48 48.86
N ARG F 558 -18.16 45.65 49.16
CA ARG F 558 -17.64 45.34 50.48
C ARG F 558 -18.27 46.21 51.56
N PHE F 559 -18.93 47.31 51.18
CA PHE F 559 -19.45 48.26 52.15
C PHE F 559 -20.95 48.49 52.05
N ALA F 560 -21.60 48.03 50.98
CA ALA F 560 -23.04 48.21 50.81
C ALA F 560 -23.55 47.48 49.58
N GLY G 4 39.32 75.87 93.41
CA GLY G 4 37.92 76.22 93.24
C GLY G 4 37.50 77.44 94.05
N ILE G 5 36.26 77.89 93.84
CA ILE G 5 35.72 79.04 94.55
C ILE G 5 34.33 78.69 95.05
N GLY G 6 33.88 79.43 96.07
CA GLY G 6 32.55 79.22 96.60
C GLY G 6 31.47 79.62 95.61
N LYS G 7 30.31 79.00 95.77
CA LYS G 7 29.19 79.24 94.87
C LYS G 7 27.89 79.08 95.64
N SER G 8 26.93 79.96 95.33
CA SER G 8 25.63 79.93 96.01
C SER G 8 24.56 79.50 95.04
N PRO G 9 23.90 78.35 95.26
CA PRO G 9 22.78 77.96 94.39
C PRO G 9 21.66 78.99 94.43
N THR G 10 20.97 79.12 93.29
CA THR G 10 19.89 80.10 93.16
C THR G 10 18.53 79.45 92.98
N GLY G 11 18.40 78.15 93.27
CA GLY G 11 17.14 77.47 93.06
C GLY G 11 16.95 77.00 91.63
N ILE G 12 17.32 77.83 90.66
CA ILE G 12 17.17 77.47 89.25
C ILE G 12 18.17 76.36 88.94
N GLN G 13 17.67 75.14 88.75
CA GLN G 13 18.56 73.99 88.55
C GLN G 13 19.39 74.14 87.28
N GLY G 14 18.75 74.57 86.18
CA GLY G 14 19.49 74.71 84.93
C GLY G 14 20.59 75.74 85.03
N PHE G 15 20.28 76.91 85.57
CA PHE G 15 21.30 77.95 85.72
C PHE G 15 22.41 77.50 86.67
N ASP G 16 22.04 76.83 87.76
CA ASP G 16 23.03 76.36 88.71
C ASP G 16 24.00 75.37 88.06
N GLU G 17 23.47 74.41 87.31
CA GLU G 17 24.35 73.42 86.69
C GLU G 17 25.12 74.03 85.52
N LEU G 18 24.58 75.08 84.90
CA LEU G 18 25.34 75.80 83.89
C LEU G 18 26.53 76.52 84.50
N THR G 19 26.33 77.15 85.65
CA THR G 19 27.39 77.88 86.35
C THR G 19 28.29 76.98 87.17
N LEU G 20 27.95 75.68 87.29
CA LEU G 20 28.77 74.73 88.06
C LEU G 20 28.70 75.01 89.55
N GLY G 21 27.49 75.33 90.03
CA GLY G 21 27.28 75.57 91.44
C GLY G 21 26.40 76.77 91.73
N GLY G 22 26.47 77.79 90.89
CA GLY G 22 25.67 78.99 91.03
C GLY G 22 26.53 80.22 91.02
N LEU G 23 25.95 81.33 91.48
CA LEU G 23 26.68 82.59 91.52
C LEU G 23 27.78 82.53 92.57
N PRO G 24 28.85 83.30 92.40
CA PRO G 24 29.92 83.31 93.40
C PRO G 24 29.42 83.81 94.75
N THR G 25 29.98 83.24 95.82
CA THR G 25 29.59 83.61 97.17
C THR G 25 30.50 84.70 97.69
N GLY G 26 29.90 85.78 98.19
CA GLY G 26 30.65 86.91 98.70
C GLY G 26 31.09 87.91 97.66
N ARG G 27 30.63 87.80 96.44
CA ARG G 27 31.00 88.69 95.35
C ARG G 27 29.75 89.25 94.69
N PRO G 28 29.84 90.44 94.10
CA PRO G 28 28.68 91.02 93.43
C PRO G 28 28.48 90.44 92.04
N SER G 29 27.21 90.31 91.66
CA SER G 29 26.81 89.80 90.37
C SER G 29 25.94 90.81 89.65
N LEU G 30 26.16 90.97 88.36
CA LEU G 30 25.43 91.93 87.54
C LEU G 30 24.47 91.20 86.62
N VAL G 31 23.22 91.65 86.60
CA VAL G 31 22.19 91.11 85.72
C VAL G 31 21.76 92.23 84.78
N CYS G 32 22.17 92.14 83.52
CA CYS G 32 21.88 93.15 82.51
C CYS G 32 20.76 92.69 81.59
N GLY G 33 20.07 93.66 81.01
CA GLY G 33 18.98 93.38 80.11
C GLY G 33 17.97 94.51 80.03
N SER G 34 17.33 94.66 78.87
CA SER G 34 16.35 95.72 78.68
C SER G 34 15.13 95.49 79.55
N ALA G 35 14.17 96.42 79.51
CA ALA G 35 12.97 96.28 80.31
C ALA G 35 12.18 95.05 79.88
N GLY G 36 11.68 94.30 80.87
CA GLY G 36 10.88 93.12 80.61
C GLY G 36 11.65 91.83 80.44
N CYS G 37 12.98 91.85 80.54
CA CYS G 37 13.77 90.64 80.39
C CYS G 37 13.63 89.69 81.58
N GLY G 38 13.47 90.22 82.79
CA GLY G 38 13.24 89.39 83.96
C GLY G 38 14.31 89.50 85.02
N LYS G 39 15.01 90.63 85.08
CA LYS G 39 16.05 90.82 86.09
C LYS G 39 15.47 90.86 87.49
N THR G 40 14.35 91.57 87.67
CA THR G 40 13.74 91.68 88.98
C THR G 40 13.28 90.30 89.47
N LEU G 41 12.65 89.52 88.59
CA LEU G 41 12.24 88.17 88.95
C LEU G 41 13.45 87.30 89.24
N PHE G 42 14.52 87.44 88.46
CA PHE G 42 15.74 86.68 88.73
C PHE G 42 16.22 86.92 90.15
N ALA G 43 16.33 88.20 90.54
CA ALA G 43 16.75 88.51 91.90
C ALA G 43 15.77 87.97 92.93
N SER G 44 14.47 88.08 92.64
CA SER G 44 13.46 87.66 93.60
C SER G 44 13.55 86.16 93.88
N THR G 45 13.62 85.34 92.82
CA THR G 45 13.78 83.91 93.04
C THR G 45 15.12 83.60 93.68
N PHE G 46 16.17 84.32 93.31
CA PHE G 46 17.44 84.19 94.01
C PHE G 46 17.23 84.23 95.53
N LEU G 47 16.65 85.34 96.00
CA LEU G 47 16.46 85.51 97.44
C LEU G 47 15.52 84.44 98.01
N ILE G 48 14.42 84.17 97.31
CA ILE G 48 13.40 83.26 97.84
C ILE G 48 13.96 81.84 97.96
N ASN G 49 14.64 81.37 96.91
CA ASN G 49 15.24 80.03 96.96
C ASN G 49 16.35 79.97 98.00
N GLY G 50 17.17 81.01 98.10
CA GLY G 50 18.20 81.02 99.13
C GLY G 50 17.61 80.89 100.52
N VAL G 51 16.52 81.60 100.79
CA VAL G 51 15.91 81.53 102.12
C VAL G 51 15.21 80.19 102.34
N ARG G 52 14.51 79.67 101.34
CA ARG G 52 13.63 78.51 101.53
C ARG G 52 14.29 77.17 101.26
N ASP G 53 15.53 77.15 100.75
CA ASP G 53 16.16 75.87 100.42
C ASP G 53 17.54 75.74 101.04
N HIS G 54 18.23 76.87 101.24
CA HIS G 54 19.57 76.87 101.78
C HIS G 54 19.69 77.65 103.08
N GLY G 55 18.57 78.11 103.65
CA GLY G 55 18.58 78.75 104.95
C GLY G 55 19.45 79.99 105.04
N GLU G 56 19.34 80.89 104.07
CA GLU G 56 20.09 82.13 104.06
C GLU G 56 19.14 83.31 104.00
N PRO G 57 19.15 84.18 105.01
CA PRO G 57 18.26 85.34 104.99
C PRO G 57 18.62 86.31 103.87
N GLY G 58 17.60 87.04 103.41
CA GLY G 58 17.76 87.91 102.27
C GLY G 58 17.28 89.31 102.56
N VAL G 59 17.86 90.25 101.81
CA VAL G 59 17.50 91.67 101.87
C VAL G 59 17.32 92.15 100.43
N PHE G 60 16.25 92.90 100.19
CA PHE G 60 15.91 93.42 98.87
C PHE G 60 15.83 94.94 98.97
N VAL G 61 16.87 95.62 98.47
CA VAL G 61 16.93 97.07 98.48
C VAL G 61 16.50 97.55 97.10
N THR G 62 15.32 98.16 97.05
CA THR G 62 14.74 98.65 95.80
C THR G 62 14.78 100.17 95.79
N PHE G 63 15.25 100.74 94.68
CA PHE G 63 15.35 102.19 94.55
C PHE G 63 14.21 102.80 93.73
N GLU G 64 13.47 102.00 92.98
CA GLU G 64 12.34 102.49 92.20
C GLU G 64 11.01 101.88 92.63
N GLU G 65 10.91 100.55 92.68
CA GLU G 65 9.64 99.90 92.95
C GLU G 65 9.36 99.88 94.45
N ARG G 66 8.08 100.04 94.80
CA ARG G 66 7.67 100.00 96.19
C ARG G 66 7.52 98.56 96.67
N PRO G 67 7.53 98.34 97.99
CA PRO G 67 7.38 96.98 98.50
C PRO G 67 6.10 96.30 98.03
N GLU G 68 5.01 97.04 97.88
CA GLU G 68 3.78 96.45 97.36
C GLU G 68 4.00 95.87 95.97
N ASP G 69 4.63 96.65 95.08
CA ASP G 69 4.92 96.16 93.75
C ASP G 69 5.86 94.97 93.79
N ILE G 70 6.88 95.03 94.65
CA ILE G 70 7.86 93.95 94.72
C ILE G 70 7.19 92.65 95.14
N VAL G 71 6.30 92.71 96.12
CA VAL G 71 5.59 91.50 96.56
C VAL G 71 4.60 91.02 95.51
N ASN G 72 3.85 91.95 94.90
CA ASN G 72 2.84 91.56 93.93
C ASN G 72 3.45 90.92 92.69
N ASN G 73 4.65 91.37 92.30
CA ASN G 73 5.29 90.82 91.11
C ASN G 73 5.45 89.31 91.23
N VAL G 74 5.93 88.83 92.38
CA VAL G 74 6.15 87.40 92.57
C VAL G 74 4.97 86.70 93.23
N ALA G 75 3.94 87.44 93.65
CA ALA G 75 2.77 86.79 94.23
C ALA G 75 2.19 85.72 93.30
N SER G 76 2.23 85.97 91.99
CA SER G 76 1.62 85.04 91.04
C SER G 76 2.47 83.78 90.86
N LEU G 77 3.79 83.89 91.03
CA LEU G 77 4.69 82.77 90.79
C LEU G 77 4.55 81.69 91.85
N GLY G 78 3.81 81.97 92.91
CA GLY G 78 3.59 81.03 93.99
C GLY G 78 4.35 81.32 95.26
N PHE G 79 5.36 82.17 95.21
CA PHE G 79 6.03 82.59 96.43
C PHE G 79 5.09 83.45 97.26
N GLU G 80 5.40 83.56 98.55
CA GLU G 80 4.63 84.41 99.47
C GLU G 80 5.62 85.34 100.16
N LEU G 81 5.94 86.45 99.50
CA LEU G 81 6.79 87.45 100.11
C LEU G 81 6.15 88.05 101.34
N ASP G 82 4.81 88.15 101.36
CA ASP G 82 4.13 88.62 102.57
C ASP G 82 4.45 87.73 103.74
N LYS G 83 4.40 86.40 103.55
CA LYS G 83 4.72 85.48 104.63
C LYS G 83 6.21 85.49 104.97
N LEU G 84 7.07 85.57 103.95
CA LEU G 84 8.50 85.56 104.23
C LEU G 84 8.98 86.84 104.93
N ILE G 85 8.25 87.94 104.78
CA ILE G 85 8.54 89.15 105.54
C ILE G 85 7.84 89.12 106.90
N GLU G 86 6.57 88.72 106.90
CA GLU G 86 5.81 88.41 108.11
C GLU G 86 6.56 87.47 109.05
N GLU G 87 7.52 86.71 108.54
CA GLU G 87 8.42 85.92 109.37
C GLU G 87 9.83 86.48 109.44
N GLU G 88 10.10 87.59 108.75
CA GLU G 88 11.45 88.11 108.52
C GLU G 88 12.42 86.97 108.21
N LYS G 89 12.28 86.51 106.97
CA LYS G 89 13.35 85.82 106.26
C LYS G 89 13.87 86.62 105.08
N ILE G 90 13.07 87.55 104.57
CA ILE G 90 13.50 88.53 103.58
C ILE G 90 13.01 89.90 104.03
N ALA G 91 13.93 90.86 104.07
CA ALA G 91 13.64 92.23 104.51
C ALA G 91 13.73 93.17 103.32
N ILE G 92 12.67 93.95 103.11
CA ILE G 92 12.55 94.83 101.95
C ILE G 92 12.80 96.27 102.39
N GLU G 93 13.71 96.95 101.69
CA GLU G 93 14.04 98.34 101.96
C GLU G 93 13.78 99.16 100.71
N HIS G 94 12.76 100.01 100.76
CA HIS G 94 12.41 100.90 99.66
C HIS G 94 13.14 102.22 99.89
N ILE G 95 14.29 102.37 99.24
CA ILE G 95 15.15 103.54 99.47
C ILE G 95 14.87 104.50 98.33
N ALA G 96 13.92 105.40 98.56
CA ALA G 96 13.47 106.37 97.57
C ALA G 96 13.91 107.77 97.96
N VAL G 97 14.38 108.52 96.98
CA VAL G 97 14.84 109.90 97.17
C VAL G 97 14.08 110.80 96.21
N ASP G 98 13.51 111.89 96.74
CA ASP G 98 12.77 112.84 95.93
C ASP G 98 13.60 114.11 95.78
N PRO G 99 14.02 114.48 94.55
CA PRO G 99 14.86 115.67 94.39
C PRO G 99 14.10 116.98 94.54
N SER G 100 12.77 116.95 94.60
CA SER G 100 12.00 118.18 94.67
C SER G 100 12.34 118.98 95.92
N GLU G 101 12.33 118.32 97.08
CA GLU G 101 12.67 118.96 98.35
C GLU G 101 14.13 118.80 98.72
N VAL G 102 15.02 118.67 97.74
CA VAL G 102 16.44 118.48 97.99
C VAL G 102 17.20 119.65 97.38
N ALA G 103 17.98 120.34 98.20
CA ALA G 103 18.92 121.37 97.75
C ALA G 103 20.29 121.02 98.29
N GLU G 104 21.29 120.98 97.41
CA GLU G 104 22.61 120.46 97.74
C GLU G 104 23.57 121.61 97.98
N ILE G 105 24.07 121.72 99.20
CA ILE G 105 25.11 122.67 99.58
C ILE G 105 26.22 121.89 100.26
N GLY G 106 27.44 121.98 99.74
CA GLY G 106 28.55 121.25 100.29
C GLY G 106 28.61 119.82 99.76
N ASP G 107 29.36 118.98 100.48
CA ASP G 107 29.57 117.60 100.12
C ASP G 107 28.76 116.69 101.02
N TYR G 108 28.16 115.66 100.43
CA TYR G 108 27.31 114.72 101.15
C TYR G 108 27.76 113.29 100.88
N ASP G 109 27.53 112.42 101.85
CA ASP G 109 27.82 111.00 101.72
C ASP G 109 26.55 110.21 101.92
N LEU G 110 26.36 109.16 101.12
CA LEU G 110 25.17 108.32 101.22
C LEU G 110 25.32 107.42 102.45
N GLU G 111 25.40 108.07 103.61
CA GLU G 111 25.55 107.40 104.89
C GLU G 111 24.25 106.76 105.37
N GLY G 112 23.10 107.38 105.09
CA GLY G 112 21.83 106.77 105.46
C GLY G 112 21.58 105.47 104.74
N LEU G 113 22.00 105.38 103.47
CA LEU G 113 21.91 104.13 102.74
C LEU G 113 22.60 103.01 103.52
N PHE G 114 23.86 103.24 103.90
CA PHE G 114 24.61 102.23 104.63
C PHE G 114 23.96 101.92 105.98
N LEU G 115 23.53 102.94 106.70
CA LEU G 115 22.94 102.70 108.02
C LEU G 115 21.68 101.86 107.92
N ARG G 116 20.77 102.22 107.00
CA ARG G 116 19.53 101.46 106.84
C ARG G 116 19.81 100.04 106.37
N LEU G 117 20.72 99.88 105.41
CA LEU G 117 21.02 98.54 104.90
C LEU G 117 21.64 97.67 105.99
N GLU G 118 22.53 98.24 106.80
CA GLU G 118 23.09 97.51 107.93
C GLU G 118 22.02 97.14 108.94
N LEU G 119 21.10 98.06 109.22
CA LEU G 119 20.02 97.76 110.17
C LEU G 119 19.18 96.59 109.67
N ALA G 120 18.83 96.60 108.39
CA ALA G 120 18.06 95.49 107.83
C ALA G 120 18.85 94.18 107.89
N ILE G 121 20.14 94.25 107.56
CA ILE G 121 20.95 93.03 107.56
C ILE G 121 21.01 92.43 108.96
N ASP G 122 21.24 93.26 109.98
CA ASP G 122 21.31 92.75 111.34
C ASP G 122 19.93 92.29 111.83
N THR G 123 18.85 92.95 111.38
CA THR G 123 17.51 92.53 111.78
C THR G 123 17.19 91.14 111.25
N VAL G 124 17.54 90.87 109.99
CA VAL G 124 17.13 89.63 109.33
C VAL G 124 18.22 88.57 109.35
N GLY G 125 19.41 88.87 109.87
CA GLY G 125 20.51 87.93 109.81
C GLY G 125 20.85 87.59 108.37
N ALA G 126 20.73 88.58 107.48
CA ALA G 126 20.76 88.35 106.06
C ALA G 126 22.16 87.93 105.59
N LYS G 127 22.17 87.06 104.58
CA LYS G 127 23.39 86.70 103.87
C LYS G 127 23.32 87.01 102.39
N ARG G 128 22.13 87.22 101.84
CA ARG G 128 21.97 87.56 100.43
C ARG G 128 21.33 88.93 100.32
N VAL G 129 21.77 89.69 99.32
CA VAL G 129 21.31 91.07 99.11
C VAL G 129 21.05 91.26 97.63
N VAL G 130 19.97 91.98 97.33
CA VAL G 130 19.62 92.34 95.96
C VAL G 130 19.49 93.85 95.88
N LEU G 131 20.09 94.45 94.85
CA LEU G 131 20.04 95.89 94.63
C LEU G 131 19.31 96.14 93.32
N ASP G 132 18.08 96.68 93.41
CA ASP G 132 17.22 96.86 92.26
C ASP G 132 17.11 98.32 91.88
N THR G 133 17.35 98.62 90.59
CA THR G 133 17.19 99.95 90.02
C THR G 133 18.10 100.96 90.72
N ILE G 134 19.40 100.75 90.57
CA ILE G 134 20.39 101.63 91.18
C ILE G 134 20.64 102.83 90.28
N GLU G 135 19.97 102.88 89.12
CA GLU G 135 20.10 104.03 88.24
C GLU G 135 19.32 105.23 88.75
N SER G 136 18.21 104.98 89.47
CA SER G 136 17.48 106.08 90.07
C SER G 136 18.32 106.82 91.09
N LEU G 137 19.23 106.11 91.77
CA LEU G 137 20.13 106.78 92.70
C LEU G 137 20.98 107.84 92.00
N PHE G 138 21.53 107.50 90.83
CA PHE G 138 22.25 108.49 90.02
C PHE G 138 21.31 109.59 89.52
N SER G 139 20.13 109.22 89.04
CA SER G 139 19.21 110.22 88.49
C SER G 139 18.76 111.23 89.53
N ALA G 140 18.70 110.84 90.81
CA ALA G 140 18.19 111.75 91.83
C ALA G 140 19.21 112.85 92.14
N PHE G 141 20.39 112.45 92.64
CA PHE G 141 21.40 113.41 93.02
C PHE G 141 22.10 114.00 91.79
N SER G 142 22.64 115.21 91.96
CA SER G 142 23.26 115.94 90.87
C SER G 142 24.75 115.63 90.71
N ASN G 143 25.48 115.57 91.81
CA ASN G 143 26.93 115.36 91.73
C ASN G 143 27.22 113.92 91.34
N PRO G 144 27.85 113.67 90.19
CA PRO G 144 28.09 112.28 89.76
C PRO G 144 29.24 111.62 90.50
N ALA G 145 30.30 112.38 90.78
CA ALA G 145 31.48 111.82 91.42
C ALA G 145 31.17 111.30 92.81
N ILE G 146 30.34 112.04 93.57
CA ILE G 146 29.98 111.61 94.91
C ILE G 146 29.24 110.29 94.86
N LEU G 147 28.28 110.16 93.95
CA LEU G 147 27.54 108.90 93.82
C LEU G 147 28.46 107.76 93.41
N ARG G 148 29.35 108.02 92.46
CA ARG G 148 30.31 107.00 92.04
C ARG G 148 31.12 106.50 93.21
N ALA G 149 31.72 107.42 93.96
CA ALA G 149 32.51 107.02 95.12
C ALA G 149 31.66 106.31 96.14
N GLU G 150 30.44 106.78 96.38
CA GLU G 150 29.61 106.19 97.42
C GLU G 150 29.26 104.76 97.11
N ILE G 151 28.88 104.44 95.87
CA ILE G 151 28.52 103.05 95.63
C ILE G 151 29.75 102.19 95.40
N ARG G 152 30.89 102.76 94.98
CA ARG G 152 32.10 101.96 95.02
C ARG G 152 32.41 101.54 96.45
N ARG G 153 32.27 102.47 97.40
CA ARG G 153 32.38 102.13 98.81
C ARG G 153 31.31 101.14 99.24
N LEU G 154 30.10 101.25 98.69
CA LEU G 154 29.04 100.31 99.03
C LEU G 154 29.38 98.88 98.59
N PHE G 155 29.84 98.73 97.35
CA PHE G 155 30.24 97.40 96.86
C PHE G 155 31.42 96.86 97.66
N ASP G 156 32.41 97.72 97.94
CA ASP G 156 33.54 97.31 98.76
C ASP G 156 33.07 96.86 100.14
N TRP G 157 32.11 97.57 100.72
CA TRP G 157 31.57 97.26 102.05
C TRP G 157 30.79 95.95 102.04
N LEU G 158 30.01 95.72 100.98
CA LEU G 158 29.29 94.46 100.87
C LEU G 158 30.26 93.28 100.78
N LYS G 159 31.28 93.41 99.92
CA LYS G 159 32.32 92.38 99.88
C LYS G 159 33.02 92.26 101.23
N GLU G 160 33.22 93.39 101.90
CA GLU G 160 34.00 93.46 103.12
C GLU G 160 33.33 92.72 104.28
N ARG G 161 32.01 92.83 104.40
CA ARG G 161 31.33 92.00 105.37
C ARG G 161 30.86 90.67 104.80
N GLY G 162 31.06 90.42 103.51
CA GLY G 162 30.86 89.09 102.96
C GLY G 162 29.43 88.67 102.75
N LEU G 163 28.63 89.48 102.06
CA LEU G 163 27.30 89.09 101.64
C LEU G 163 27.28 88.80 100.15
N THR G 164 26.37 87.93 99.73
CA THR G 164 26.22 87.59 98.33
C THR G 164 25.20 88.54 97.70
N THR G 165 25.67 89.40 96.80
CA THR G 165 24.86 90.49 96.28
C THR G 165 24.62 90.33 94.79
N VAL G 166 23.40 90.63 94.38
CA VAL G 166 22.99 90.60 92.98
C VAL G 166 22.45 91.98 92.62
N ILE G 167 22.97 92.57 91.55
CA ILE G 167 22.65 93.94 91.14
C ILE G 167 21.88 93.89 89.83
N THR G 168 20.78 94.62 89.76
CA THR G 168 19.98 94.73 88.55
C THR G 168 20.32 96.02 87.83
N ALA G 169 20.71 95.91 86.56
CA ALA G 169 21.12 97.06 85.76
C ALA G 169 20.48 96.99 84.37
N GLU G 170 20.12 98.15 83.83
CA GLU G 170 19.58 98.23 82.49
C GLU G 170 20.72 98.11 81.46
N ARG G 171 20.34 97.74 80.24
CA ARG G 171 21.34 97.51 79.20
C ARG G 171 21.86 98.81 78.60
N GLY G 172 20.97 99.58 77.97
CA GLY G 172 21.38 100.82 77.33
C GLY G 172 21.46 100.70 75.81
N ASP G 173 22.46 101.33 75.21
CA ASP G 173 22.60 101.33 73.76
C ASP G 173 23.98 100.86 73.28
N GLY G 174 25.04 101.23 73.98
CA GLY G 174 26.38 100.92 73.52
C GLY G 174 26.97 99.66 74.12
N ALA G 175 26.88 99.52 75.43
CA ALA G 175 27.42 98.35 76.12
C ALA G 175 26.31 97.61 76.86
N LEU G 176 26.68 96.60 77.65
CA LEU G 176 25.72 95.82 78.41
C LEU G 176 25.12 96.62 79.58
N THR G 177 25.61 97.84 79.82
CA THR G 177 25.06 98.69 80.87
C THR G 177 25.15 100.13 80.42
N ARG G 178 24.17 100.92 80.85
CA ARG G 178 24.10 102.33 80.48
C ARG G 178 24.73 103.26 81.50
N GLN G 179 24.98 102.78 82.72
CA GLN G 179 25.59 103.59 83.77
C GLN G 179 27.00 103.12 84.12
N GLY G 180 27.57 102.23 83.33
CA GLY G 180 28.94 101.78 83.58
C GLY G 180 29.14 101.00 84.85
N LEU G 181 28.18 100.14 85.20
CA LEU G 181 28.35 99.27 86.35
C LEU G 181 29.20 98.04 86.02
N GLU G 182 29.45 97.79 84.73
CA GLU G 182 30.42 96.77 84.36
C GLU G 182 31.81 97.14 84.83
N GLU G 183 32.15 98.43 84.76
CA GLU G 183 33.43 98.90 85.29
C GLU G 183 33.64 98.39 86.71
N TYR G 184 32.53 98.16 87.43
CA TYR G 184 32.60 97.93 88.86
C TYR G 184 32.47 96.44 89.17
N VAL G 185 31.46 95.80 88.61
CA VAL G 185 31.13 94.40 88.88
C VAL G 185 31.64 93.56 87.71
N SER G 186 32.65 92.73 87.98
CA SER G 186 33.18 91.82 86.98
C SER G 186 33.24 90.37 87.45
N ASP G 187 32.80 90.09 88.68
CA ASP G 187 32.82 88.72 89.18
C ASP G 187 31.88 87.81 88.39
N CYS G 188 30.73 88.34 87.97
CA CYS G 188 29.77 87.56 87.20
C CYS G 188 28.82 88.52 86.49
N VAL G 189 28.65 88.32 85.18
CA VAL G 189 27.77 89.15 84.37
C VAL G 189 26.83 88.23 83.60
N ILE G 190 25.52 88.44 83.78
CA ILE G 190 24.50 87.62 83.15
C ILE G 190 23.60 88.53 82.34
N LEU G 191 23.54 88.29 81.03
CA LEU G 191 22.74 89.10 80.11
C LEU G 191 21.48 88.34 79.75
N LEU G 192 20.32 88.98 79.94
CA LEU G 192 19.03 88.43 79.57
C LEU G 192 18.51 89.18 78.36
N ASP G 193 18.04 88.43 77.37
CA ASP G 193 17.59 89.02 76.11
C ASP G 193 16.21 88.48 75.76
N HIS G 194 15.43 89.30 75.07
CA HIS G 194 14.08 88.92 74.64
C HIS G 194 13.93 89.35 73.19
N ARG G 195 14.14 88.40 72.27
CA ARG G 195 14.23 88.72 70.85
C ARG G 195 13.09 88.08 70.08
N VAL G 196 12.57 88.83 69.10
CA VAL G 196 11.45 88.39 68.27
C VAL G 196 11.98 88.08 66.88
N GLU G 197 11.67 86.88 66.39
CA GLU G 197 12.03 86.47 65.04
C GLU G 197 10.81 85.82 64.40
N ASN G 198 10.44 86.30 63.20
CA ASN G 198 9.29 85.79 62.48
C ASN G 198 8.03 85.87 63.35
N GLN G 199 7.91 86.97 64.10
CA GLN G 199 6.79 87.29 64.98
C GLN G 199 6.80 86.45 66.26
N ILE G 200 7.75 85.52 66.43
CA ILE G 200 7.84 84.68 67.61
C ILE G 200 8.93 85.24 68.51
N SER G 201 8.58 85.51 69.76
CA SER G 201 9.50 86.08 70.72
C SER G 201 10.00 85.01 71.68
N THR G 202 11.31 85.00 71.92
CA THR G 202 11.93 84.02 72.80
C THR G 202 12.87 84.72 73.76
N ARG G 203 13.03 84.13 74.94
CA ARG G 203 13.85 84.67 76.01
C ARG G 203 15.12 83.83 76.16
N ARG G 204 16.27 84.50 76.14
CA ARG G 204 17.56 83.83 76.18
C ARG G 204 18.39 84.38 77.33
N LEU G 205 19.27 83.53 77.87
CA LEU G 205 20.18 83.90 78.95
C LEU G 205 21.60 83.58 78.51
N ARG G 206 22.55 84.46 78.87
CA ARG G 206 23.93 84.24 78.52
C ARG G 206 24.82 84.69 79.67
N ILE G 207 25.85 83.89 79.97
CA ILE G 207 26.83 84.26 81.00
C ILE G 207 27.99 84.92 80.28
N VAL G 208 27.98 86.26 80.26
CA VAL G 208 28.96 86.99 79.46
C VAL G 208 30.36 86.79 80.04
N LYS G 209 30.50 86.93 81.35
CA LYS G 209 31.80 86.83 82.00
C LYS G 209 31.59 86.33 83.42
N TYR G 210 32.14 85.15 83.72
CA TYR G 210 32.09 84.58 85.06
C TYR G 210 33.52 84.28 85.48
N ARG G 211 34.07 85.10 86.37
CA ARG G 211 35.49 85.03 86.72
C ARG G 211 35.70 83.99 87.81
N GLY G 212 36.66 83.08 87.58
CA GLY G 212 37.09 82.15 88.59
C GLY G 212 36.91 80.67 88.28
N THR G 213 36.21 80.33 87.20
CA THR G 213 36.01 78.92 86.88
C THR G 213 35.26 78.80 85.56
N ALA G 214 35.18 77.57 85.07
CA ALA G 214 34.51 77.30 83.80
C ALA G 214 33.00 77.43 83.97
N HIS G 215 32.30 77.51 82.84
CA HIS G 215 30.86 77.68 82.81
C HIS G 215 30.39 77.56 81.37
N GLY G 216 29.07 77.56 81.18
CA GLY G 216 28.51 77.55 79.85
C GLY G 216 28.64 78.91 79.19
N THR G 217 28.92 78.90 77.88
CA THR G 217 29.14 80.12 77.12
C THR G 217 28.11 80.35 76.02
N ASN G 218 27.25 79.39 75.73
CA ASN G 218 26.26 79.55 74.67
C ASN G 218 25.05 80.34 75.20
N GLU G 219 24.15 80.69 74.29
CA GLU G 219 22.91 81.35 74.65
C GLU G 219 21.85 80.30 74.91
N TYR G 220 21.32 80.27 76.14
CA TYR G 220 20.39 79.24 76.56
C TYR G 220 18.98 79.80 76.61
N PRO G 221 18.05 79.29 75.80
CA PRO G 221 16.66 79.76 75.89
C PRO G 221 16.03 79.29 77.19
N PHE G 222 15.44 80.23 77.92
CA PHE G 222 14.80 79.95 79.20
C PHE G 222 13.33 80.32 79.14
N LEU G 223 12.59 79.91 80.16
CA LEU G 223 11.16 80.13 80.22
C LEU G 223 10.75 80.57 81.62
N ILE G 224 9.75 81.44 81.69
CA ILE G 224 9.15 81.86 82.94
C ILE G 224 7.75 81.25 83.01
N ASP G 225 7.53 80.40 84.02
CA ASP G 225 6.29 79.66 84.14
C ASP G 225 5.76 79.83 85.56
N THR G 226 4.73 79.05 85.89
CA THR G 226 4.15 79.11 87.23
C THR G 226 5.21 78.84 88.29
N ASP G 227 6.10 77.88 88.04
CA ASP G 227 7.19 77.62 88.97
C ASP G 227 8.13 78.83 89.06
N GLY G 228 8.42 79.46 87.92
CA GLY G 228 9.33 80.56 87.85
C GLY G 228 10.32 80.35 86.73
N PHE G 229 11.58 80.74 86.97
CA PHE G 229 12.63 80.48 86.01
C PHE G 229 12.82 78.99 85.83
N SER G 230 12.91 78.56 84.57
CA SER G 230 13.21 77.18 84.23
C SER G 230 14.20 77.17 83.07
N VAL G 231 15.27 76.41 83.22
CA VAL G 231 16.31 76.36 82.20
C VAL G 231 16.71 74.90 81.96
N LEU G 232 16.38 74.39 80.77
CA LEU G 232 16.75 73.03 80.40
C LEU G 232 17.79 73.09 79.29
N PRO G 233 19.05 73.38 79.61
CA PRO G 233 20.06 73.51 78.57
C PRO G 233 20.23 72.21 77.79
N VAL G 234 20.47 72.36 76.48
CA VAL G 234 20.71 71.20 75.62
C VAL G 234 22.10 70.62 75.81
N SER G 235 22.97 71.28 76.56
CA SER G 235 24.32 70.81 76.81
C SER G 235 24.41 69.89 78.02
N ALA G 236 23.33 69.71 78.77
CA ALA G 236 23.32 68.84 79.93
C ALA G 236 22.97 67.40 79.58
N LEU G 237 22.49 67.13 78.37
CA LEU G 237 22.16 65.77 77.98
C LEU G 237 23.41 64.91 77.91
N GLY G 238 23.30 63.68 78.43
CA GLY G 238 24.41 62.75 78.40
C GLY G 238 23.95 61.39 77.90
N LEU G 239 24.91 60.65 77.35
CA LEU G 239 24.64 59.32 76.80
C LEU G 239 24.94 58.25 77.86
N LEU G 240 24.12 58.27 78.91
CA LEU G 240 24.15 57.27 79.97
C LEU G 240 22.73 56.73 80.14
N HIS G 241 22.38 55.74 79.32
CA HIS G 241 21.03 55.19 79.28
C HIS G 241 21.09 53.71 79.64
N GLN G 242 20.49 53.36 80.78
CA GLN G 242 20.43 51.96 81.18
C GLN G 242 19.51 51.20 80.23
N VAL G 243 20.01 50.11 79.67
CA VAL G 243 19.24 49.33 78.71
C VAL G 243 18.54 48.17 79.43
N HIS G 244 17.45 47.70 78.82
CA HIS G 244 16.66 46.60 79.35
C HIS G 244 16.58 45.49 78.34
N GLU G 245 16.52 44.25 78.83
CA GLU G 245 16.46 43.07 77.98
C GLU G 245 15.03 42.59 77.73
N GLU G 246 14.03 43.29 78.27
CA GLU G 246 12.65 42.91 78.03
C GLU G 246 12.19 43.42 76.66
N ARG G 247 11.05 42.91 76.21
CA ARG G 247 10.46 43.28 74.94
C ARG G 247 9.07 43.88 75.16
N ILE G 248 8.68 44.76 74.24
CA ILE G 248 7.38 45.40 74.28
C ILE G 248 6.53 44.86 73.13
N ALA G 249 5.22 44.83 73.36
CA ALA G 249 4.26 44.32 72.39
C ALA G 249 3.62 45.49 71.64
N SER G 250 3.75 45.47 70.31
CA SER G 250 3.20 46.56 69.51
C SER G 250 1.67 46.51 69.46
N GLY G 251 1.10 45.31 69.65
CA GLY G 251 -0.32 45.11 69.49
C GLY G 251 -0.72 44.48 68.17
N VAL G 252 0.19 44.43 67.20
CA VAL G 252 -0.04 43.75 65.93
C VAL G 252 0.71 42.43 65.98
N PRO G 253 0.02 41.28 66.05
CA PRO G 253 0.73 39.99 66.17
C PRO G 253 1.68 39.72 65.02
N ASP G 254 1.30 40.06 63.78
CA ASP G 254 2.16 39.78 62.65
C ASP G 254 3.43 40.62 62.70
N LEU G 255 3.30 41.92 62.99
CA LEU G 255 4.46 42.78 63.10
C LEU G 255 5.35 42.34 64.27
N ASP G 256 4.74 41.93 65.39
CA ASP G 256 5.52 41.47 66.53
C ASP G 256 6.31 40.20 66.20
N ALA G 257 5.69 39.26 65.48
CA ALA G 257 6.40 38.03 65.13
C ALA G 257 7.45 38.28 64.06
N MET G 258 7.25 39.30 63.21
CA MET G 258 8.20 39.56 62.15
C MET G 258 9.61 39.80 62.70
N MET G 259 9.71 40.28 63.92
CA MET G 259 11.00 40.58 64.53
C MET G 259 11.30 39.55 65.62
N ALA G 260 12.56 39.13 65.70
CA ALA G 260 12.97 38.17 66.71
C ALA G 260 12.78 38.74 68.11
N GLY G 261 12.42 37.88 69.05
CA GLY G 261 12.22 38.28 70.43
C GLY G 261 10.80 38.69 70.79
N GLY G 262 9.93 38.85 69.81
CA GLY G 262 8.55 39.21 70.07
C GLY G 262 8.23 40.70 69.97
N GLY G 263 9.25 41.56 69.88
CA GLY G 263 8.97 42.98 69.75
C GLY G 263 10.22 43.80 69.99
N PHE G 264 10.07 45.10 69.80
CA PHE G 264 11.18 46.02 70.00
C PHE G 264 11.60 46.04 71.46
N PHE G 265 12.87 46.30 71.70
CA PHE G 265 13.38 46.36 73.07
C PHE G 265 12.72 47.51 73.84
N ARG G 266 12.42 47.25 75.11
CA ARG G 266 11.70 48.21 75.94
C ARG G 266 12.57 49.43 76.21
N GLY G 267 11.92 50.59 76.33
CA GLY G 267 12.63 51.82 76.58
C GLY G 267 13.35 52.41 75.38
N SER G 268 13.13 51.88 74.18
CA SER G 268 13.80 52.35 72.98
C SER G 268 12.95 53.41 72.27
N SER G 269 13.58 54.12 71.35
CA SER G 269 12.92 55.14 70.55
C SER G 269 12.49 54.52 69.22
N ILE G 270 11.18 54.57 68.95
CA ILE G 270 10.60 53.96 67.76
C ILE G 270 10.02 55.06 66.89
N LEU G 271 10.44 55.10 65.63
CA LEU G 271 9.92 56.05 64.66
C LEU G 271 8.99 55.34 63.68
N VAL G 272 7.87 55.99 63.37
CA VAL G 272 6.90 55.48 62.40
C VAL G 272 6.78 56.52 61.30
N SER G 273 7.35 56.24 60.14
CA SER G 273 7.37 57.17 59.03
C SER G 273 6.42 56.72 57.93
N GLY G 274 5.94 57.70 57.16
CA GLY G 274 5.05 57.40 56.06
C GLY G 274 4.36 58.66 55.57
N VAL G 275 3.77 58.53 54.38
CA VAL G 275 3.04 59.63 53.76
C VAL G 275 1.68 59.77 54.45
N ALA G 276 0.99 60.88 54.18
CA ALA G 276 -0.32 61.10 54.77
C ALA G 276 -1.26 59.96 54.40
N GLY G 277 -2.00 59.47 55.40
CA GLY G 277 -2.91 58.37 55.19
C GLY G 277 -2.28 56.99 55.23
N ALA G 278 -1.00 56.90 55.58
CA ALA G 278 -0.34 55.60 55.64
C ALA G 278 -0.84 54.75 56.79
N GLY G 279 -1.06 55.36 57.96
CA GLY G 279 -1.52 54.63 59.13
C GLY G 279 -0.60 54.77 60.32
N LYS G 280 0.21 55.83 60.34
CA LYS G 280 1.11 56.07 61.47
C LYS G 280 0.33 56.26 62.76
N SER G 281 -0.73 57.06 62.71
CA SER G 281 -1.57 57.25 63.90
C SER G 281 -2.24 55.94 64.30
N SER G 282 -2.67 55.12 63.34
CA SER G 282 -3.27 53.84 63.67
C SER G 282 -2.27 52.94 64.39
N LEU G 283 -1.03 52.89 63.92
CA LEU G 283 -0.01 52.08 64.58
C LEU G 283 0.30 52.60 65.98
N ALA G 284 0.38 53.92 66.13
CA ALA G 284 0.63 54.49 67.45
C ALA G 284 -0.51 54.17 68.40
N ALA G 285 -1.75 54.27 67.92
CA ALA G 285 -2.89 53.92 68.74
C ALA G 285 -2.87 52.44 69.11
N HIS G 286 -2.45 51.58 68.18
CA HIS G 286 -2.31 50.16 68.50
C HIS G 286 -1.30 49.96 69.62
N PHE G 287 -0.15 50.64 69.53
CA PHE G 287 0.85 50.56 70.59
C PHE G 287 0.27 50.98 71.93
N ALA G 288 -0.41 52.13 71.95
CA ALA G 288 -0.95 52.65 73.20
C ALA G 288 -2.00 51.72 73.79
N ALA G 289 -2.89 51.20 72.94
CA ALA G 289 -3.94 50.31 73.42
C ALA G 289 -3.36 49.01 73.94
N ALA G 290 -2.35 48.46 73.25
CA ALA G 290 -1.69 47.25 73.73
C ALA G 290 -1.01 47.48 75.06
N ALA G 291 -0.35 48.63 75.23
CA ALA G 291 0.26 48.95 76.52
C ALA G 291 -0.80 49.05 77.61
N CYS G 292 -1.93 49.71 77.31
CA CYS G 292 -2.98 49.86 78.32
C CYS G 292 -3.60 48.53 78.70
N ALA G 293 -3.80 47.63 77.73
CA ALA G 293 -4.46 46.38 77.99
C ALA G 293 -3.70 45.53 79.00
N ARG G 294 -2.39 45.77 79.14
CA ARG G 294 -1.56 45.04 80.10
C ARG G 294 -1.56 45.67 81.48
N GLY G 295 -2.41 46.67 81.72
CA GLY G 295 -2.46 47.32 83.01
C GLY G 295 -1.46 48.44 83.20
N GLU G 296 -0.74 48.84 82.16
CA GLU G 296 0.24 49.90 82.23
C GLU G 296 -0.36 51.22 81.78
N ARG G 297 0.28 52.32 82.16
CA ARG G 297 -0.16 53.65 81.82
C ARG G 297 0.39 54.06 80.45
N ALA G 298 -0.32 54.94 79.77
CA ALA G 298 0.12 55.38 78.45
C ALA G 298 -0.36 56.81 78.19
N MET G 299 0.47 57.58 77.50
CA MET G 299 0.13 58.94 77.09
C MET G 299 0.26 59.07 75.57
N TYR G 300 -0.69 59.79 74.96
CA TYR G 300 -0.71 59.95 73.51
C TYR G 300 -0.76 61.46 73.26
N PHE G 301 0.40 62.10 73.10
CA PHE G 301 0.45 63.50 72.73
C PHE G 301 0.08 63.63 71.25
N SER G 302 -0.98 64.38 70.98
CA SER G 302 -1.46 64.61 69.62
C SER G 302 -1.43 66.09 69.29
N PHE G 303 -0.73 66.46 68.22
CA PHE G 303 -0.65 67.83 67.75
C PHE G 303 -1.46 68.04 66.48
N GLU G 304 -2.37 67.13 66.19
CA GLU G 304 -3.12 67.15 64.93
C GLU G 304 -4.61 66.96 65.08
N GLU G 305 -5.09 66.36 66.17
CA GLU G 305 -6.50 66.00 66.26
C GLU G 305 -7.00 66.21 67.69
N ALA G 306 -8.32 66.37 67.82
CA ALA G 306 -8.92 66.43 69.13
C ALA G 306 -9.15 65.02 69.68
N ALA G 307 -9.38 64.94 70.99
CA ALA G 307 -9.56 63.65 71.64
C ALA G 307 -10.76 62.90 71.06
N ASP G 308 -11.90 63.59 70.93
CA ASP G 308 -13.12 62.94 70.44
C ASP G 308 -12.97 62.49 68.99
N GLN G 309 -12.40 63.34 68.15
CA GLN G 309 -12.16 62.97 66.75
C GLN G 309 -11.24 61.76 66.65
N ALA G 310 -10.15 61.76 67.43
CA ALA G 310 -9.27 60.59 67.43
C ALA G 310 -10.03 59.35 67.91
N VAL G 311 -10.88 59.51 68.92
CA VAL G 311 -11.66 58.39 69.43
C VAL G 311 -12.51 57.78 68.33
N ARG G 312 -13.24 58.62 67.59
CA ARG G 312 -14.19 58.03 66.64
C ARG G 312 -13.49 57.66 65.34
N ASN G 313 -12.24 58.14 65.15
CA ASN G 313 -11.40 57.63 64.07
C ASN G 313 -10.88 56.25 64.37
N MET G 314 -10.44 56.00 65.61
CA MET G 314 -9.95 54.69 66.03
C MET G 314 -11.05 53.68 66.26
N ARG G 315 -12.25 54.14 66.63
CA ARG G 315 -13.36 53.22 66.84
C ARG G 315 -13.70 52.47 65.57
N SER G 316 -13.45 53.09 64.41
CA SER G 316 -13.62 52.41 63.14
C SER G 316 -12.63 51.25 62.99
N LEU G 317 -11.41 51.40 63.50
CA LEU G 317 -10.42 50.33 63.49
C LEU G 317 -10.64 49.34 64.62
N GLY G 318 -11.51 49.67 65.57
CA GLY G 318 -11.84 48.74 66.63
C GLY G 318 -11.12 49.05 67.93
N LEU G 319 -10.06 49.84 67.85
CA LEU G 319 -9.36 50.27 69.07
C LEU G 319 -10.29 51.15 69.90
N ASP G 320 -10.71 50.63 71.04
CA ASP G 320 -11.64 51.32 71.94
C ASP G 320 -10.81 52.10 72.95
N LEU G 321 -10.25 53.22 72.49
CA LEU G 321 -9.46 54.08 73.37
C LEU G 321 -10.31 54.73 74.44
N GLY G 322 -11.61 54.86 74.21
CA GLY G 322 -12.47 55.41 75.24
C GLY G 322 -12.46 54.57 76.50
N ARG G 323 -12.41 53.25 76.36
CA ARG G 323 -12.40 52.37 77.52
C ARG G 323 -11.20 52.66 78.43
N TRP G 324 -10.00 52.73 77.84
CA TRP G 324 -8.80 52.98 78.64
C TRP G 324 -8.73 54.41 79.15
N ARG G 325 -9.12 55.39 78.34
CA ARG G 325 -9.17 56.76 78.84
C ARG G 325 -10.15 56.93 79.99
N ASP G 326 -11.28 56.22 79.94
CA ASP G 326 -12.32 56.28 80.96
C ASP G 326 -11.94 55.51 82.22
N ALA G 327 -11.23 54.40 82.07
CA ALA G 327 -10.68 53.68 83.23
C ALA G 327 -9.46 54.37 83.82
N GLY G 328 -8.86 55.32 83.10
CA GLY G 328 -7.78 56.10 83.66
C GLY G 328 -6.39 55.56 83.43
N LEU G 329 -6.19 54.80 82.36
CA LEU G 329 -4.87 54.29 81.99
C LEU G 329 -4.29 54.92 80.73
N LEU G 330 -5.06 55.76 80.04
CA LEU G 330 -4.61 56.43 78.83
C LEU G 330 -4.90 57.91 78.93
N ARG G 331 -3.93 58.73 78.52
CA ARG G 331 -4.05 60.19 78.58
C ARG G 331 -3.93 60.77 77.19
N PHE G 332 -4.77 61.77 76.89
CA PHE G 332 -4.71 62.50 75.62
C PHE G 332 -4.49 63.97 75.93
N MET G 333 -3.63 64.63 75.14
CA MET G 333 -3.35 66.05 75.33
C MET G 333 -4.06 66.89 74.29
N ALA G 334 -3.86 66.58 73.01
CA ALA G 334 -4.51 67.27 71.90
C ALA G 334 -4.20 68.77 71.93
N THR G 335 -2.93 69.07 71.74
CA THR G 335 -2.44 70.43 71.79
C THR G 335 -1.83 70.83 70.45
N ARG G 336 -2.21 72.01 69.96
CA ARG G 336 -1.71 72.49 68.68
C ARG G 336 -0.25 72.94 68.81
N PRO G 337 0.53 72.83 67.74
CA PRO G 337 1.93 73.27 67.81
C PRO G 337 2.08 74.74 68.13
N THR G 338 1.17 75.59 67.67
CA THR G 338 1.28 77.03 67.84
C THR G 338 0.71 77.52 69.18
N PHE G 339 0.11 76.64 69.97
CA PHE G 339 -0.47 77.06 71.24
C PHE G 339 0.57 77.63 72.17
N TYR G 340 1.72 76.97 72.28
CA TYR G 340 2.81 77.40 73.15
C TYR G 340 4.04 77.73 72.30
N SER G 341 5.10 78.17 72.97
CA SER G 341 6.41 78.26 72.35
C SER G 341 7.10 76.89 72.49
N LEU G 342 8.25 76.72 71.84
CA LEU G 342 8.94 75.45 71.91
C LEU G 342 9.33 75.11 73.35
N GLU G 343 9.81 76.11 74.09
CA GLU G 343 10.23 75.87 75.47
C GLU G 343 9.06 75.39 76.33
N MET G 344 7.88 76.01 76.18
CA MET G 344 6.74 75.59 76.98
C MET G 344 6.17 74.26 76.50
N HIS G 345 6.25 73.98 75.20
CA HIS G 345 5.90 72.63 74.74
C HIS G 345 6.76 71.60 75.47
N LEU G 346 8.07 71.80 75.46
CA LEU G 346 8.97 70.89 76.16
C LEU G 346 8.63 70.80 77.64
N ALA G 347 8.43 71.95 78.28
CA ALA G 347 8.19 71.98 79.73
C ALA G 347 6.90 71.27 80.09
N VAL G 348 5.82 71.52 79.32
CA VAL G 348 4.54 70.88 79.61
C VAL G 348 4.65 69.37 79.39
N ILE G 349 5.29 68.96 78.30
CA ILE G 349 5.45 67.53 78.05
C ILE G 349 6.21 66.87 79.20
N LEU G 350 7.33 67.47 79.60
CA LEU G 350 8.13 66.90 80.68
C LEU G 350 7.35 66.85 81.99
N ARG G 351 6.66 67.95 82.32
CA ARG G 351 5.94 68.01 83.58
C ARG G 351 4.84 66.97 83.65
N GLU G 352 4.04 66.87 82.59
CA GLU G 352 2.94 65.90 82.62
C GLU G 352 3.45 64.48 82.55
N VAL G 353 4.52 64.23 81.81
CA VAL G 353 5.10 62.88 81.78
C VAL G 353 5.58 62.50 83.18
N MET G 354 6.27 63.41 83.86
CA MET G 354 6.74 63.13 85.21
C MET G 354 5.57 62.89 86.16
N ARG G 355 4.53 63.71 86.06
CA ARG G 355 3.39 63.57 86.97
C ARG G 355 2.67 62.24 86.76
N PHE G 356 2.41 61.87 85.50
CA PHE G 356 1.64 60.68 85.21
C PHE G 356 2.45 59.39 85.37
N GLU G 357 3.75 59.43 85.09
CA GLU G 357 4.61 58.27 85.19
C GLU G 357 4.08 57.14 84.32
N PRO G 358 3.97 57.34 83.01
CA PRO G 358 3.44 56.29 82.13
C PRO G 358 4.52 55.30 81.69
N SER G 359 4.13 54.31 80.90
CA SER G 359 5.06 53.34 80.36
C SER G 359 5.26 53.46 78.85
N VAL G 360 4.40 54.21 78.15
CA VAL G 360 4.52 54.40 76.71
C VAL G 360 4.00 55.78 76.34
N VAL G 361 4.86 56.59 75.72
CA VAL G 361 4.52 57.93 75.28
C VAL G 361 4.57 57.97 73.76
N VAL G 362 3.46 58.37 73.14
CA VAL G 362 3.33 58.41 71.69
C VAL G 362 3.17 59.86 71.26
N LEU G 363 4.15 60.40 70.57
CA LEU G 363 4.12 61.76 70.06
C LEU G 363 3.75 61.72 68.58
N ASP G 364 2.60 62.32 68.23
CA ASP G 364 2.09 62.27 66.86
C ASP G 364 1.57 63.64 66.46
N PRO G 365 2.14 64.29 65.43
CA PRO G 365 3.40 63.88 64.81
C PRO G 365 4.54 64.82 65.20
N ILE G 366 5.77 64.33 65.19
CA ILE G 366 6.92 65.18 65.51
C ILE G 366 7.23 66.15 64.38
N SER G 367 6.64 65.93 63.19
CA SER G 367 6.92 66.84 62.06
C SER G 367 6.06 68.10 62.13
N ALA G 368 5.04 68.11 62.99
CA ALA G 368 4.16 69.27 63.07
C ALA G 368 4.89 70.53 63.50
N PHE G 369 6.01 70.39 64.20
CA PHE G 369 6.78 71.53 64.69
C PHE G 369 7.74 72.09 63.64
N THR G 370 7.51 71.81 62.36
CA THR G 370 8.47 72.15 61.34
C THR G 370 8.70 73.67 61.25
N GLU G 371 7.61 74.44 61.12
CA GLU G 371 7.71 75.88 60.94
C GLU G 371 7.61 76.66 62.24
N SER G 372 7.49 75.98 63.39
CA SER G 372 7.42 76.68 64.66
C SER G 372 8.68 77.51 64.89
N GLY G 373 9.82 77.02 64.44
CA GLY G 373 11.07 77.75 64.54
C GLY G 373 12.09 77.26 63.53
N ASP G 374 13.34 77.66 63.69
CA ASP G 374 14.39 77.17 62.82
C ASP G 374 14.62 75.67 63.07
N ARG G 375 15.31 75.03 62.13
CA ARG G 375 15.55 73.59 62.25
C ARG G 375 16.30 73.27 63.52
N LEU G 376 17.28 74.09 63.89
CA LEU G 376 18.08 73.83 65.08
C LEU G 376 17.25 73.84 66.36
N GLU G 377 16.33 74.80 66.50
CA GLU G 377 15.52 74.88 67.72
C GLU G 377 14.59 73.68 67.86
N VAL G 378 13.92 73.30 66.77
CA VAL G 378 13.04 72.13 66.79
C VAL G 378 13.84 70.88 67.08
N GLN G 379 15.02 70.74 66.47
CA GLN G 379 15.87 69.59 66.74
C GLN G 379 16.29 69.56 68.20
N SER G 380 16.60 70.71 68.78
CA SER G 380 16.96 70.76 70.19
C SER G 380 15.80 70.29 71.06
N MET G 381 14.59 70.77 70.76
CA MET G 381 13.43 70.33 71.53
C MET G 381 13.22 68.83 71.42
N LEU G 382 13.29 68.30 70.19
CA LEU G 382 13.07 66.88 69.99
C LEU G 382 14.14 66.05 70.68
N LEU G 383 15.40 66.48 70.60
CA LEU G 383 16.48 65.76 71.27
C LEU G 383 16.30 65.77 72.78
N ARG G 384 15.91 66.92 73.34
CA ARG G 384 15.66 66.97 74.78
C ARG G 384 14.54 66.02 75.17
N ILE G 385 13.46 66.00 74.40
CA ILE G 385 12.33 65.11 74.72
C ILE G 385 12.77 63.65 74.65
N VAL G 386 13.48 63.29 73.59
CA VAL G 386 13.90 61.90 73.41
C VAL G 386 14.84 61.48 74.53
N ASP G 387 15.80 62.34 74.87
CA ASP G 387 16.74 62.01 75.94
C ASP G 387 16.02 61.89 77.27
N PHE G 388 15.07 62.77 77.56
CA PHE G 388 14.31 62.66 78.80
C PHE G 388 13.56 61.35 78.87
N LEU G 389 12.88 60.97 77.78
CA LEU G 389 12.15 59.70 77.76
C LEU G 389 13.08 58.52 77.94
N LYS G 390 14.22 58.52 77.24
CA LYS G 390 15.15 57.40 77.36
C LYS G 390 15.76 57.31 78.75
N ASN G 391 16.07 58.46 79.37
CA ASN G 391 16.57 58.43 80.74
C ASN G 391 15.52 57.89 81.69
N ARG G 392 14.26 58.29 81.53
CA ARG G 392 13.17 57.75 82.32
C ARG G 392 12.85 56.30 81.98
N GLY G 393 13.42 55.78 80.89
CA GLY G 393 13.13 54.41 80.48
C GLY G 393 11.72 54.20 80.00
N ILE G 394 11.16 55.17 79.29
CA ILE G 394 9.83 55.08 78.73
C ILE G 394 9.93 54.79 77.25
N THR G 395 8.98 54.02 76.72
CA THR G 395 8.95 53.65 75.32
C THR G 395 8.34 54.80 74.52
N GLY G 396 9.15 55.42 73.68
CA GLY G 396 8.71 56.55 72.88
C GLY G 396 8.39 56.13 71.46
N ILE G 397 7.16 56.43 71.04
CA ILE G 397 6.68 56.14 69.69
C ILE G 397 6.43 57.48 69.01
N PHE G 398 7.31 57.86 68.09
CA PHE G 398 7.21 59.13 67.39
C PHE G 398 6.71 58.88 65.97
N THR G 399 5.68 59.61 65.57
CA THR G 399 5.13 59.52 64.23
C THR G 399 5.58 60.71 63.40
N HIS G 400 6.15 60.44 62.23
CA HIS G 400 6.66 61.48 61.34
C HIS G 400 6.09 61.29 59.95
N LEU G 401 5.85 62.41 59.27
CA LEU G 401 5.31 62.41 57.92
C LEU G 401 6.45 62.36 56.91
N ALA G 402 6.21 61.67 55.79
CA ALA G 402 7.21 61.49 54.76
C ALA G 402 6.85 62.30 53.51
N HIS G 403 7.87 62.66 52.75
CA HIS G 403 7.69 63.43 51.52
C HIS G 403 8.28 62.69 50.32
N THR G 409 13.86 56.45 53.94
CA THR G 409 13.98 57.87 53.62
C THR G 409 14.32 58.68 54.87
N THR G 410 14.98 59.81 54.67
CA THR G 410 15.34 60.72 55.75
C THR G 410 14.38 61.91 55.76
N ASP G 411 13.96 62.31 56.97
CA ASP G 411 12.92 63.32 57.08
C ASP G 411 13.40 64.62 57.72
N ALA G 412 13.94 64.55 58.94
CA ALA G 412 14.29 65.78 59.64
C ALA G 412 15.61 65.69 60.42
N GLY G 413 16.44 64.69 60.16
CA GLY G 413 17.68 64.54 60.89
C GLY G 413 17.54 63.99 62.28
N LEU G 414 16.32 63.63 62.72
CA LEU G 414 16.12 63.02 64.03
C LEU G 414 16.02 61.50 63.96
N GLU G 415 15.98 60.93 62.76
CA GLU G 415 16.13 59.48 62.65
C GLU G 415 17.50 59.05 63.17
N GLU G 416 18.42 60.01 63.28
CA GLU G 416 19.82 59.72 63.61
C GLU G 416 19.93 58.96 64.93
N LEU G 417 18.95 59.09 65.82
CA LEU G 417 18.99 58.45 67.13
C LEU G 417 18.10 57.23 67.25
N MET G 418 17.06 57.11 66.43
CA MET G 418 16.02 56.12 66.66
C MET G 418 16.59 54.72 66.71
N ASP G 419 16.12 53.94 67.69
CA ASP G 419 16.46 52.53 67.81
C ASP G 419 15.73 51.66 66.80
N GLY G 420 14.44 51.92 66.58
CA GLY G 420 13.67 51.15 65.61
C GLY G 420 12.93 52.08 64.66
N TRP G 421 12.83 51.62 63.41
CA TRP G 421 12.21 52.43 62.36
C TRP G 421 11.22 51.55 61.60
N VAL G 422 9.98 52.03 61.50
CA VAL G 422 8.94 51.34 60.75
C VAL G 422 8.42 52.30 59.68
N LEU G 423 8.55 51.89 58.42
CA LEU G 423 8.10 52.70 57.29
C LEU G 423 6.83 52.10 56.73
N MET G 424 5.79 52.95 56.60
CA MET G 424 4.49 52.55 56.08
C MET G 424 4.31 53.20 54.72
N LEU G 425 4.06 52.40 53.70
CA LEU G 425 3.95 52.86 52.32
C LEU G 425 2.53 52.65 51.81
N ASN G 426 2.03 53.63 51.05
CA ASN G 426 0.73 53.55 50.40
C ASN G 426 0.97 53.87 48.93
N ARG G 427 1.28 52.84 48.15
CA ARG G 427 1.74 53.02 46.78
C ARG G 427 0.60 52.86 45.78
N GLU G 428 0.71 53.58 44.67
CA GLU G 428 -0.22 53.48 43.55
C GLU G 428 0.44 52.64 42.46
N VAL G 429 -0.11 51.46 42.21
CA VAL G 429 0.42 50.55 41.19
C VAL G 429 -0.74 49.78 40.60
N ASN G 430 -0.74 49.64 39.27
CA ASN G 430 -1.79 48.91 38.56
C ASN G 430 -3.14 49.59 38.74
N GLY G 431 -3.14 50.92 38.72
CA GLY G 431 -4.38 51.67 38.85
C GLY G 431 -5.12 51.43 40.14
N GLU G 432 -4.41 51.35 41.25
CA GLU G 432 -5.02 51.08 42.55
C GLU G 432 -3.94 51.20 43.61
N PHE G 433 -4.37 51.49 44.84
CA PHE G 433 -3.46 51.79 45.94
C PHE G 433 -3.36 50.59 46.88
N ASN G 434 -2.14 50.24 47.25
CA ASN G 434 -1.86 49.12 48.13
C ASN G 434 -1.01 49.58 49.30
N ARG G 435 -1.28 49.02 50.47
CA ARG G 435 -0.58 49.35 51.70
C ARG G 435 0.49 48.31 52.00
N GLU G 436 1.61 48.78 52.57
CA GLU G 436 2.71 47.91 52.97
C GLU G 436 3.44 48.55 54.14
N LEU G 437 4.24 47.75 54.83
CA LEU G 437 5.08 48.28 55.90
C LEU G 437 6.31 47.41 56.06
N TYR G 438 7.40 48.03 56.48
CA TYR G 438 8.62 47.25 56.72
C TYR G 438 9.48 47.96 57.77
N LEU G 439 10.28 47.16 58.48
CA LEU G 439 11.17 47.64 59.51
C LEU G 439 12.47 48.07 58.85
N LEU G 440 12.67 49.39 58.72
CA LEU G 440 13.88 49.89 58.11
C LEU G 440 15.13 49.50 58.93
N LYS G 441 14.98 49.38 60.24
CA LYS G 441 16.09 49.00 61.10
C LYS G 441 15.56 48.68 62.49
N ALA G 442 16.18 47.68 63.12
CA ALA G 442 15.78 47.24 64.46
C ALA G 442 17.06 46.88 65.21
N ARG G 443 17.49 47.76 66.10
CA ARG G 443 18.78 47.60 66.78
C ARG G 443 18.77 46.39 67.70
N GLY G 444 19.92 45.71 67.73
CA GLY G 444 20.15 44.62 68.67
C GLY G 444 19.26 43.41 68.52
N MET G 445 18.87 43.07 67.30
CA MET G 445 18.07 41.89 67.06
C MET G 445 17.94 41.67 65.56
N ALA G 446 17.60 40.45 65.18
CA ALA G 446 17.37 40.11 63.79
C ALA G 446 15.88 40.16 63.48
N HIS G 447 15.56 40.64 62.28
CA HIS G 447 14.17 40.91 61.91
C HIS G 447 13.98 40.58 60.43
N SER G 448 12.71 40.38 60.07
CA SER G 448 12.37 40.09 58.68
C SER G 448 12.75 41.26 57.77
N ASN G 449 13.21 40.93 56.57
CA ASN G 449 13.60 41.92 55.58
C ASN G 449 12.62 41.93 54.40
N GLN G 450 11.36 41.61 54.66
CA GLN G 450 10.33 41.54 53.63
C GLN G 450 9.41 42.75 53.73
N VAL G 451 8.98 43.26 52.57
CA VAL G 451 8.03 44.37 52.52
C VAL G 451 6.64 43.74 52.62
N ARG G 452 6.17 43.58 53.86
CA ARG G 452 4.93 42.86 54.13
C ARG G 452 3.74 43.75 53.86
N GLU G 453 2.96 43.42 52.84
CA GLU G 453 1.71 44.12 52.59
C GLU G 453 0.70 43.80 53.67
N PHE G 454 -0.03 44.82 54.12
CA PHE G 454 -1.03 44.67 55.16
C PHE G 454 -2.34 45.31 54.68
N LEU G 455 -3.40 45.07 55.44
CA LEU G 455 -4.71 45.61 55.09
C LEU G 455 -5.48 45.89 56.38
N MET G 456 -5.73 47.17 56.64
CA MET G 456 -6.41 47.57 57.86
C MET G 456 -7.92 47.36 57.74
N SER G 457 -8.54 46.88 58.81
CA SER G 457 -9.97 46.60 58.84
C SER G 457 -10.47 46.75 60.27
N ASP G 458 -11.73 46.36 60.47
CA ASP G 458 -12.33 46.48 61.79
C ASP G 458 -11.56 45.69 62.84
N ARG G 459 -11.04 44.52 62.47
CA ARG G 459 -10.28 43.71 63.42
C ARG G 459 -8.96 44.38 63.78
N GLY G 460 -8.51 45.32 62.97
CA GLY G 460 -7.31 46.08 63.26
C GLY G 460 -6.37 46.04 62.08
N ILE G 461 -5.07 46.17 62.38
CA ILE G 461 -4.06 46.04 61.36
C ILE G 461 -3.68 44.57 61.21
N SER G 462 -3.78 44.06 59.99
CA SER G 462 -3.51 42.65 59.74
C SER G 462 -2.64 42.52 58.51
N LEU G 463 -1.50 41.85 58.65
CA LEU G 463 -0.60 41.62 57.54
C LEU G 463 -1.04 40.39 56.74
N LEU G 464 -1.03 40.53 55.42
CA LEU G 464 -1.38 39.43 54.55
C LEU G 464 -0.28 38.37 54.59
N PRO G 465 -0.60 37.13 54.20
CA PRO G 465 0.41 36.09 54.18
C PRO G 465 1.54 36.47 53.24
N PRO G 466 2.77 36.05 53.54
CA PRO G 466 3.90 36.44 52.70
C PRO G 466 3.72 35.96 51.26
N HIS G 467 4.23 36.79 50.33
CA HIS G 467 4.15 36.47 48.91
C HIS G 467 5.11 35.34 48.60
N LEU G 468 4.61 34.29 47.95
CA LEU G 468 5.40 33.12 47.60
C LEU G 468 5.41 32.94 46.09
N GLY G 469 6.57 32.64 45.54
CA GLY G 469 6.71 32.50 44.12
C GLY G 469 7.51 33.64 43.52
N GLU G 470 7.96 33.44 42.28
CA GLU G 470 8.75 34.45 41.59
C GLU G 470 7.89 35.70 41.34
N GLY G 471 8.58 36.83 41.18
CA GLY G 471 7.89 38.08 40.98
C GLY G 471 7.09 38.52 42.19
N GLY G 472 7.70 38.44 43.37
CA GLY G 472 7.01 38.77 44.61
C GLY G 472 6.57 40.21 44.71
N ALA G 473 7.08 41.09 43.84
CA ALA G 473 6.68 42.48 43.89
C ALA G 473 5.19 42.67 43.66
N LEU G 474 4.55 41.71 42.99
CA LEU G 474 3.13 41.82 42.72
C LEU G 474 2.34 41.93 44.01
N THR G 475 1.35 42.83 44.02
CA THR G 475 0.51 43.07 45.18
C THR G 475 -0.88 43.46 44.72
N GLY G 476 -1.87 43.22 45.58
CA GLY G 476 -3.23 43.60 45.25
C GLY G 476 -3.82 42.68 44.21
N THR G 477 -4.53 43.27 43.24
CA THR G 477 -5.18 42.48 42.20
C THR G 477 -4.15 41.70 41.38
N ALA G 478 -2.94 42.23 41.24
CA ALA G 478 -1.92 41.57 40.46
C ALA G 478 -1.56 40.21 41.04
N ARG G 479 -1.57 40.09 42.37
CA ARG G 479 -1.28 38.81 43.00
C ARG G 479 -2.32 37.76 42.62
N LYS G 480 -3.60 38.11 42.67
CA LYS G 480 -4.65 37.18 42.26
C LYS G 480 -4.52 36.83 40.78
N ALA G 481 -4.22 37.82 39.95
CA ALA G 481 -4.06 37.56 38.52
C ALA G 481 -2.92 36.59 38.27
N GLU G 482 -1.79 36.78 38.95
CA GLU G 482 -0.66 35.88 38.80
C GLU G 482 -1.01 34.47 39.27
N GLU G 483 -1.74 34.36 40.38
CA GLU G 483 -2.17 33.04 40.85
C GLU G 483 -3.03 32.35 39.81
N ALA G 484 -3.99 33.08 39.22
CA ALA G 484 -4.85 32.50 38.20
C ALA G 484 -4.05 32.07 36.98
N ARG G 485 -3.09 32.89 36.55
CA ARG G 485 -2.28 32.55 35.40
C ARG G 485 -1.46 31.29 35.66
N LEU G 486 -0.87 31.17 36.86
CA LEU G 486 -0.13 29.98 37.21
C LEU G 486 -1.02 28.75 37.18
N ARG G 487 -2.23 28.87 37.75
CA ARG G 487 -3.16 27.74 37.74
C ARG G 487 -3.48 27.31 36.32
N ARG G 488 -3.77 28.27 35.45
CA ARG G 488 -4.12 27.95 34.06
C ARG G 488 -2.97 27.22 33.38
N ALA G 489 -1.75 27.75 33.51
CA ALA G 489 -0.61 27.18 32.80
C ALA G 489 -0.29 25.77 33.29
N GLU G 490 -0.28 25.56 34.61
CA GLU G 490 0.03 24.24 35.13
C GLU G 490 -1.07 23.24 34.76
N ILE G 491 -2.33 23.69 34.74
CA ILE G 491 -3.42 22.83 34.30
C ILE G 491 -3.20 22.39 32.85
N GLU G 492 -2.80 23.33 31.99
CA GLU G 492 -2.61 22.96 30.60
C GLU G 492 -1.40 22.05 30.41
N ARG G 493 -0.37 22.20 31.24
CA ARG G 493 0.73 21.24 31.22
C ARG G 493 0.24 19.84 31.58
N GLN G 494 -0.62 19.75 32.61
CA GLN G 494 -1.23 18.47 32.94
C GLN G 494 -1.99 17.90 31.74
N THR G 495 -2.71 18.76 31.02
CA THR G 495 -3.43 18.31 29.83
C THR G 495 -2.47 17.77 28.78
N GLU G 496 -1.34 18.45 28.58
CA GLU G 496 -0.30 17.95 27.67
C GLU G 496 0.09 16.53 28.03
N LEU G 497 0.46 16.31 29.29
CA LEU G 497 0.92 14.98 29.70
C LEU G 497 -0.18 13.94 29.52
N GLY G 498 -1.41 14.30 29.86
CA GLY G 498 -2.52 13.36 29.69
C GLY G 498 -2.72 12.98 28.23
N ARG G 499 -2.61 13.95 27.32
CA ARG G 499 -2.79 13.65 25.91
C ARG G 499 -1.69 12.71 25.41
N LEU G 500 -0.44 12.94 25.83
CA LEU G 500 0.62 12.01 25.44
C LEU G 500 0.34 10.59 25.96
N GLN G 501 -0.12 10.48 27.21
CA GLN G 501 -0.45 9.16 27.75
C GLN G 501 -1.54 8.49 26.93
N GLN G 502 -2.58 9.25 26.56
CA GLN G 502 -3.65 8.69 25.73
C GLN G 502 -3.12 8.25 24.36
N GLN G 503 -2.18 9.01 23.80
CA GLN G 503 -1.58 8.63 22.52
C GLN G 503 -0.90 7.26 22.62
N ILE G 504 -0.11 7.07 23.67
CA ILE G 504 0.56 5.79 23.84
C ILE G 504 -0.46 4.69 24.07
N GLU G 505 -1.53 5.01 24.80
CA GLU G 505 -2.72 4.17 24.92
C GLU G 505 -3.16 3.62 23.57
N GLN G 506 -3.40 4.55 22.63
CA GLN G 506 -3.87 4.18 21.30
C GLN G 506 -2.89 3.25 20.59
N ARG G 507 -1.60 3.57 20.66
CA ARG G 507 -0.61 2.74 19.98
C ARG G 507 -0.62 1.32 20.54
N ARG G 508 -0.66 1.20 21.86
CA ARG G 508 -0.67 -0.13 22.47
C ARG G 508 -1.92 -0.92 22.08
N ARG G 509 -3.07 -0.22 21.99
CA ARG G 509 -4.29 -0.91 21.58
C ARG G 509 -4.13 -1.51 20.20
N ARG G 510 -3.72 -0.70 19.22
CA ARG G 510 -3.49 -1.30 17.90
C ARG G 510 -2.51 -2.46 17.99
N ALA G 511 -1.42 -2.32 18.74
CA ALA G 511 -0.41 -3.37 18.77
C ALA G 511 -1.01 -4.70 19.18
N ARG G 512 -1.70 -4.73 20.33
CA ARG G 512 -2.15 -6.03 20.81
C ARG G 512 -3.38 -6.53 20.06
N ALA G 513 -4.20 -5.62 19.51
CA ALA G 513 -5.29 -6.08 18.65
C ALA G 513 -4.72 -6.78 17.41
N GLN G 514 -3.68 -6.20 16.81
CA GLN G 514 -3.02 -6.82 15.68
C GLN G 514 -2.47 -8.20 16.06
N ILE G 515 -1.90 -8.28 17.27
CA ILE G 515 -1.40 -9.58 17.76
C ILE G 515 -2.53 -10.59 17.84
N GLU G 516 -3.70 -10.14 18.30
CA GLU G 516 -4.85 -11.04 18.40
C GLU G 516 -5.24 -11.60 17.03
N ALA G 517 -5.27 -10.73 16.02
CA ALA G 517 -5.58 -11.20 14.67
C ALA G 517 -4.57 -12.24 14.20
N LEU G 518 -3.27 -11.97 14.46
CA LEU G 518 -2.24 -12.92 14.03
C LEU G 518 -2.39 -14.27 14.73
N GLU G 519 -2.72 -14.26 16.02
CA GLU G 519 -2.93 -15.51 16.74
C GLU G 519 -4.13 -16.29 16.17
N ALA G 520 -5.18 -15.57 15.78
CA ALA G 520 -6.30 -16.24 15.12
C ALA G 520 -5.84 -16.93 13.84
N GLU G 521 -5.01 -16.24 13.05
CA GLU G 521 -4.45 -16.88 11.86
C GLU G 521 -3.68 -18.15 12.22
N LEU G 522 -2.87 -18.08 13.28
CA LEU G 522 -2.08 -19.25 13.68
C LEU G 522 -2.98 -20.43 14.05
N GLN G 523 -4.06 -20.16 14.79
CA GLN G 523 -4.96 -21.25 15.17
C GLN G 523 -5.62 -21.87 13.94
N ALA G 524 -6.03 -21.03 12.99
CA ALA G 524 -6.60 -21.57 11.75
C ALA G 524 -5.60 -22.47 11.04
N GLU G 525 -4.34 -22.05 10.98
CA GLU G 525 -3.33 -22.87 10.31
C GLU G 525 -3.13 -24.20 11.03
N GLU G 526 -3.15 -24.18 12.36
CA GLU G 526 -3.03 -25.43 13.10
C GLU G 526 -4.17 -26.39 12.76
N ILE G 527 -5.40 -25.86 12.72
CA ILE G 527 -6.53 -26.70 12.33
C ILE G 527 -6.31 -27.28 10.94
N ALA G 528 -5.79 -26.47 10.02
CA ALA G 528 -5.54 -26.96 8.67
C ALA G 528 -4.53 -28.10 8.67
N LEU G 529 -3.44 -27.97 9.43
CA LEU G 529 -2.46 -29.05 9.50
C LEU G 529 -3.09 -30.34 10.01
N LYS G 530 -3.90 -30.24 11.05
CA LYS G 530 -4.48 -31.44 11.63
C LYS G 530 -5.48 -32.08 10.69
N ALA G 531 -6.23 -31.26 9.96
CA ALA G 531 -7.10 -31.80 8.91
C ALA G 531 -6.29 -32.53 7.85
N LEU G 532 -5.16 -31.95 7.43
CA LEU G 532 -4.26 -32.60 6.49
C LEU G 532 -3.81 -33.97 6.97
N VAL G 533 -3.37 -34.09 8.21
CA VAL G 533 -2.91 -35.37 8.75
C VAL G 533 -4.05 -36.38 8.83
N GLU G 534 -5.20 -35.97 9.37
CA GLU G 534 -6.31 -36.90 9.53
C GLU G 534 -6.77 -37.45 8.20
N SER G 535 -7.00 -36.57 7.21
CA SER G 535 -7.52 -37.04 5.93
C SER G 535 -6.51 -37.91 5.21
N GLU G 536 -5.22 -37.56 5.29
CA GLU G 536 -4.19 -38.34 4.62
C GLU G 536 -4.11 -39.74 5.23
N SER G 537 -4.17 -39.84 6.56
CA SER G 537 -4.16 -41.15 7.19
C SER G 537 -5.41 -41.95 6.81
N ALA G 538 -6.55 -41.28 6.70
CA ALA G 538 -7.77 -41.97 6.27
C ALA G 538 -7.62 -42.52 4.86
N HIS G 539 -7.00 -41.76 3.97
CA HIS G 539 -6.73 -42.26 2.63
C HIS G 539 -5.82 -43.49 2.67
N GLU G 540 -4.78 -43.44 3.51
CA GLU G 540 -3.94 -44.62 3.72
C GLU G 540 -4.80 -45.84 4.09
N ARG G 541 -5.68 -45.66 5.09
CA ARG G 541 -6.50 -46.77 5.57
C ARG G 541 -7.41 -47.32 4.47
N GLN G 542 -8.05 -46.42 3.72
CA GLN G 542 -8.95 -46.86 2.66
C GLN G 542 -8.20 -47.60 1.56
N ARG G 543 -7.00 -47.12 1.21
CA ARG G 543 -6.20 -47.81 0.20
C ARG G 543 -5.83 -49.21 0.67
N LEU G 544 -5.44 -49.34 1.94
CA LEU G 544 -5.13 -50.67 2.46
C LEU G 544 -6.34 -51.59 2.39
N ALA G 545 -7.51 -51.07 2.77
CA ALA G 545 -8.72 -51.89 2.74
C ALA G 545 -9.04 -52.35 1.32
N ASP G 546 -8.95 -51.44 0.35
CA ASP G 546 -9.25 -51.82 -1.03
C ASP G 546 -8.25 -52.85 -1.56
N ALA G 547 -6.96 -52.68 -1.21
CA ALA G 547 -5.96 -53.65 -1.64
C ALA G 547 -6.26 -55.03 -1.07
N ASP G 548 -6.64 -55.10 0.21
CA ASP G 548 -7.00 -56.37 0.83
C ASP G 548 -8.20 -57.00 0.12
N THR G 549 -9.21 -56.19 -0.19
CA THR G 549 -10.39 -56.71 -0.89
C THR G 549 -10.00 -57.34 -2.22
N LEU G 550 -9.18 -56.64 -3.00
CA LEU G 550 -8.73 -57.22 -4.27
C LEU G 550 -7.92 -58.48 -4.04
N ALA G 551 -7.10 -58.49 -2.98
CA ALA G 551 -6.25 -59.65 -2.68
C ALA G 551 -7.09 -60.90 -2.44
N ARG G 552 -8.14 -60.79 -1.62
CA ARG G 552 -9.10 -61.89 -1.54
C ARG G 552 -9.73 -62.20 -2.89
N SER G 553 -10.22 -61.18 -3.61
CA SER G 553 -10.97 -61.46 -4.83
C SER G 553 -10.15 -62.31 -5.80
N ARG G 554 -8.83 -62.13 -5.79
CA ARG G 554 -7.95 -62.89 -6.68
C ARG G 554 -7.02 -63.85 -5.95
N GLY G 555 -7.34 -64.20 -4.71
CA GLY G 555 -6.46 -65.01 -3.89
C GLY G 555 -6.82 -66.49 -3.85
N ASN G 556 -5.80 -67.33 -3.67
CA ASN G 556 -5.99 -68.76 -3.51
C ASN G 556 -6.19 -69.18 -2.06
N GLU G 557 -6.02 -68.27 -1.10
CA GLU G 557 -6.20 -68.61 0.30
C GLU G 557 -7.61 -69.04 0.63
N ARG G 558 -8.55 -68.91 -0.31
CA ARG G 558 -9.92 -69.34 -0.08
C ARG G 558 -10.02 -70.84 0.16
N PHE G 559 -8.98 -71.61 -0.18
CA PHE G 559 -9.03 -73.06 -0.09
C PHE G 559 -7.96 -73.66 0.81
N ALA G 560 -6.96 -72.90 1.24
CA ALA G 560 -5.91 -73.42 2.10
C ALA G 560 -4.97 -72.30 2.53
N GLY H 4 -3.19 86.53 92.47
CA GLY H 4 -3.63 87.27 91.30
C GLY H 4 -3.77 88.75 91.53
N ILE H 5 -4.04 89.50 90.46
CA ILE H 5 -4.19 90.95 90.53
C ILE H 5 -5.44 91.34 89.74
N GLY H 6 -5.98 92.52 90.08
CA GLY H 6 -7.15 93.01 89.37
C GLY H 6 -6.83 93.36 87.93
N LYS H 7 -7.87 93.29 87.10
CA LYS H 7 -7.72 93.56 85.68
C LYS H 7 -9.00 94.17 85.14
N SER H 8 -8.85 95.15 84.24
CA SER H 8 -10.00 95.85 83.67
C SER H 8 -10.13 95.48 82.20
N PRO H 9 -11.21 94.82 81.78
CA PRO H 9 -11.41 94.55 80.35
C PRO H 9 -11.49 95.84 79.54
N THR H 10 -11.01 95.77 78.30
CA THR H 10 -10.99 96.93 77.43
C THR H 10 -11.91 96.79 76.22
N GLY H 11 -12.84 95.84 76.25
CA GLY H 11 -13.71 95.61 75.12
C GLY H 11 -13.09 94.74 74.05
N ILE H 12 -11.80 94.96 73.75
CA ILE H 12 -11.11 94.15 72.74
C ILE H 12 -10.96 92.73 73.28
N GLN H 13 -11.72 91.80 72.72
CA GLN H 13 -11.72 90.43 73.23
C GLN H 13 -10.35 89.79 73.09
N GLY H 14 -9.72 89.95 71.92
CA GLY H 14 -8.42 89.34 71.70
C GLY H 14 -7.37 89.86 72.66
N PHE H 15 -7.28 91.18 72.81
CA PHE H 15 -6.32 91.76 73.74
C PHE H 15 -6.62 91.35 75.18
N ASP H 16 -7.90 91.32 75.56
CA ASP H 16 -8.26 90.94 76.91
C ASP H 16 -7.83 89.50 77.21
N GLU H 17 -8.09 88.58 76.28
CA GLU H 17 -7.73 87.18 76.52
C GLU H 17 -6.22 86.99 76.42
N LEU H 18 -5.54 87.84 75.65
CA LEU H 18 -4.08 87.80 75.62
C LEU H 18 -3.50 88.23 76.96
N THR H 19 -4.06 89.28 77.56
CA THR H 19 -3.61 89.78 78.85
C THR H 19 -4.16 89.01 80.03
N LEU H 20 -5.08 88.08 79.80
CA LEU H 20 -5.66 87.27 80.88
C LEU H 20 -6.57 88.10 81.76
N GLY H 21 -7.36 88.98 81.15
CA GLY H 21 -8.30 89.80 81.89
C GLY H 21 -8.33 91.24 81.44
N GLY H 22 -7.20 91.77 81.00
CA GLY H 22 -7.09 93.12 80.51
C GLY H 22 -6.00 93.87 81.23
N LEU H 23 -6.03 95.19 81.11
CA LEU H 23 -5.03 96.04 81.75
C LEU H 23 -5.20 95.99 83.27
N PRO H 24 -4.12 96.21 84.02
CA PRO H 24 -4.23 96.21 85.48
C PRO H 24 -5.15 97.33 85.97
N THR H 25 -5.87 97.06 87.04
CA THR H 25 -6.80 98.02 87.61
C THR H 25 -6.11 98.83 88.69
N GLY H 26 -6.21 100.16 88.58
CA GLY H 26 -5.58 101.05 89.53
C GLY H 26 -4.13 101.35 89.27
N ARG H 27 -3.59 100.96 88.12
CA ARG H 27 -2.20 101.17 87.76
C ARG H 27 -2.12 101.84 86.39
N PRO H 28 -1.06 102.60 86.15
CA PRO H 28 -0.90 103.25 84.85
C PRO H 28 -0.37 102.30 83.80
N SER H 29 -0.85 102.50 82.57
CA SER H 29 -0.45 101.69 81.42
C SER H 29 0.11 102.61 80.33
N LEU H 30 1.19 102.17 79.69
CA LEU H 30 1.86 102.94 78.66
C LEU H 30 1.59 102.29 77.31
N VAL H 31 1.20 103.12 76.33
CA VAL H 31 0.97 102.69 74.96
C VAL H 31 1.96 103.44 74.08
N CYS H 32 2.99 102.73 73.61
CA CYS H 32 4.03 103.32 72.80
C CYS H 32 3.84 102.96 71.32
N GLY H 33 4.37 103.82 70.46
CA GLY H 33 4.26 103.63 69.03
C GLY H 33 4.38 104.92 68.25
N SER H 34 4.91 104.83 67.03
CA SER H 34 5.09 106.02 66.19
C SER H 34 3.73 106.58 65.78
N ALA H 35 3.74 107.70 65.05
CA ALA H 35 2.49 108.31 64.61
C ALA H 35 1.73 107.37 63.68
N GLY H 36 0.42 107.28 63.88
CA GLY H 36 -0.44 106.47 63.06
C GLY H 36 -0.59 105.03 63.49
N CYS H 37 0.05 104.62 64.60
CA CYS H 37 -0.07 103.24 65.05
C CYS H 37 -1.44 102.93 65.66
N GLY H 38 -2.06 103.91 66.32
CA GLY H 38 -3.40 103.72 66.85
C GLY H 38 -3.51 103.84 68.36
N LYS H 39 -2.60 104.58 68.98
CA LYS H 39 -2.64 104.76 70.42
C LYS H 39 -3.88 105.53 70.86
N THR H 40 -4.20 106.61 70.13
CA THR H 40 -5.37 107.41 70.48
C THR H 40 -6.64 106.58 70.37
N LEU H 41 -6.78 105.81 69.30
CA LEU H 41 -7.94 104.94 69.17
C LEU H 41 -7.96 103.86 70.25
N PHE H 42 -6.79 103.31 70.59
CA PHE H 42 -6.73 102.34 71.67
C PHE H 42 -7.33 102.92 72.95
N ALA H 43 -6.87 104.11 73.33
CA ALA H 43 -7.41 104.75 74.54
C ALA H 43 -8.90 105.04 74.39
N SER H 44 -9.32 105.47 73.21
CA SER H 44 -10.72 105.83 73.01
C SER H 44 -11.63 104.63 73.19
N THR H 45 -11.31 103.50 72.55
CA THR H 45 -12.11 102.30 72.76
C THR H 45 -12.01 101.81 74.19
N PHE H 46 -10.83 101.92 74.80
CA PHE H 46 -10.72 101.62 76.23
C PHE H 46 -11.83 102.31 77.00
N LEU H 47 -11.88 103.64 76.90
CA LEU H 47 -12.86 104.39 77.67
C LEU H 47 -14.29 104.03 77.26
N ILE H 48 -14.53 103.93 75.95
CA ILE H 48 -15.90 103.71 75.46
C ILE H 48 -16.42 102.35 75.92
N ASN H 49 -15.61 101.31 75.77
CA ASN H 49 -16.01 99.98 76.20
C ASN H 49 -16.17 99.92 77.71
N GLY H 50 -15.27 100.56 78.46
CA GLY H 50 -15.42 100.59 79.89
C GLY H 50 -16.75 101.21 80.32
N VAL H 51 -17.12 102.32 79.67
CA VAL H 51 -18.37 102.97 80.03
C VAL H 51 -19.59 102.16 79.57
N ARG H 52 -19.55 101.58 78.37
CA ARG H 52 -20.73 100.98 77.77
C ARG H 52 -20.91 99.50 78.06
N ASP H 53 -19.92 98.85 78.70
CA ASP H 53 -20.03 97.42 78.92
C ASP H 53 -19.80 97.05 80.38
N HIS H 54 -18.99 97.85 81.09
CA HIS H 54 -18.66 97.57 82.48
C HIS H 54 -19.07 98.70 83.41
N GLY H 55 -19.79 99.70 82.92
CA GLY H 55 -20.34 100.74 83.77
C GLY H 55 -19.30 101.52 84.55
N GLU H 56 -18.24 101.96 83.89
CA GLU H 56 -17.19 102.75 84.52
C GLU H 56 -17.04 104.08 83.80
N PRO H 57 -17.27 105.19 84.47
CA PRO H 57 -17.12 106.50 83.82
C PRO H 57 -15.67 106.77 83.43
N GLY H 58 -15.52 107.59 82.39
CA GLY H 58 -14.21 107.83 81.82
C GLY H 58 -13.92 109.32 81.69
N VAL H 59 -12.63 109.62 81.71
CA VAL H 59 -12.12 110.98 81.52
C VAL H 59 -10.99 110.91 80.50
N PHE H 60 -11.00 111.83 79.54
CA PHE H 60 -10.02 111.89 78.47
C PHE H 60 -9.33 113.25 78.54
N VAL H 61 -8.11 113.29 79.05
CA VAL H 61 -7.33 114.51 79.17
C VAL H 61 -6.37 114.55 77.98
N THR H 62 -6.63 115.47 77.05
CA THR H 62 -5.84 115.61 75.84
C THR H 62 -5.01 116.89 75.93
N PHE H 63 -3.72 116.78 75.61
CA PHE H 63 -2.84 117.94 75.67
C PHE H 63 -2.56 118.56 74.31
N GLU H 64 -2.86 117.85 73.21
CA GLU H 64 -2.67 118.38 71.87
C GLU H 64 -3.96 118.48 71.09
N GLU H 65 -4.73 117.40 70.98
CA GLU H 65 -5.92 117.40 70.15
C GLU H 65 -7.10 118.05 70.87
N ARG H 66 -7.91 118.77 70.10
CA ARG H 66 -9.09 119.42 70.65
C ARG H 66 -10.24 118.42 70.79
N PRO H 67 -11.24 118.74 71.61
CA PRO H 67 -12.38 117.81 71.76
C PRO H 67 -13.08 117.50 70.45
N GLU H 68 -13.17 118.48 69.53
CA GLU H 68 -13.77 118.21 68.24
C GLU H 68 -12.99 117.11 67.51
N ASP H 69 -11.67 117.21 67.47
CA ASP H 69 -10.86 116.18 66.83
C ASP H 69 -11.03 114.84 67.54
N ILE H 70 -11.04 114.86 68.88
CA ILE H 70 -11.13 113.62 69.64
C ILE H 70 -12.44 112.91 69.32
N VAL H 71 -13.54 113.63 69.26
CA VAL H 71 -14.84 113.03 68.94
C VAL H 71 -14.89 112.58 67.48
N ASN H 72 -14.38 113.40 66.55
CA ASN H 72 -14.46 113.06 65.14
C ASN H 72 -13.64 111.82 64.81
N ASN H 73 -12.52 111.63 65.51
CA ASN H 73 -11.66 110.48 65.24
C ASN H 73 -12.44 109.17 65.38
N VAL H 74 -13.22 109.04 66.45
CA VAL H 74 -13.98 107.82 66.68
C VAL H 74 -15.40 107.89 66.15
N ALA H 75 -15.84 109.03 65.65
CA ALA H 75 -17.18 109.12 65.08
C ALA H 75 -17.40 108.06 64.00
N SER H 76 -16.37 107.77 63.21
CA SER H 76 -16.53 106.81 62.12
C SER H 76 -16.61 105.38 62.61
N LEU H 77 -15.99 105.06 63.74
CA LEU H 77 -15.92 103.69 64.24
C LEU H 77 -17.28 103.22 64.76
N GLY H 78 -18.24 104.13 64.87
CA GLY H 78 -19.57 103.81 65.33
C GLY H 78 -19.89 104.29 66.74
N PHE H 79 -18.88 104.64 67.52
CA PHE H 79 -19.14 105.22 68.82
C PHE H 79 -19.75 106.61 68.66
N GLU H 80 -20.39 107.08 69.72
CA GLU H 80 -20.99 108.42 69.73
C GLU H 80 -20.45 109.13 70.97
N LEU H 81 -19.26 109.71 70.84
CA LEU H 81 -18.71 110.50 71.94
C LEU H 81 -19.58 111.71 72.23
N ASP H 82 -20.23 112.28 71.21
CA ASP H 82 -21.16 113.37 71.46
C ASP H 82 -22.26 112.94 72.41
N LYS H 83 -22.82 111.76 72.21
CA LYS H 83 -23.88 111.27 73.09
C LYS H 83 -23.32 110.88 74.47
N LEU H 84 -22.15 110.26 74.49
CA LEU H 84 -21.59 109.85 75.78
C LEU H 84 -21.15 111.03 76.63
N ILE H 85 -20.86 112.18 76.03
CA ILE H 85 -20.60 113.40 76.78
C ILE H 85 -21.89 114.13 77.09
N GLU H 86 -22.76 114.25 76.09
CA GLU H 86 -24.14 114.71 76.25
C GLU H 86 -24.87 114.01 77.39
N GLU H 87 -24.42 112.82 77.78
CA GLU H 87 -24.92 112.14 78.97
C GLU H 87 -23.94 112.15 80.13
N GLU H 88 -22.77 112.74 79.94
CA GLU H 88 -21.63 112.62 80.88
C GLU H 88 -21.50 111.18 81.38
N LYS H 89 -20.98 110.36 80.48
CA LYS H 89 -20.30 109.12 80.83
C LYS H 89 -18.81 109.18 80.52
N ILE H 90 -18.40 110.06 79.61
CA ILE H 90 -17.00 110.37 79.36
C ILE H 90 -16.85 111.88 79.32
N ALA H 91 -15.89 112.40 80.11
CA ALA H 91 -15.63 113.83 80.22
C ALA H 91 -14.29 114.16 79.58
N ILE H 92 -14.29 115.12 78.66
CA ILE H 92 -13.12 115.47 77.86
C ILE H 92 -12.55 116.77 78.40
N GLU H 93 -11.24 116.77 78.68
CA GLU H 93 -10.53 117.94 79.17
C GLU H 93 -9.39 118.25 78.21
N HIS H 94 -9.52 119.35 77.48
CA HIS H 94 -8.49 119.83 76.56
C HIS H 94 -7.59 120.78 77.33
N ILE H 95 -6.47 120.25 77.82
CA ILE H 95 -5.57 121.03 78.68
C ILE H 95 -4.45 121.52 77.76
N ALA H 96 -4.64 122.72 77.22
CA ALA H 96 -3.70 123.33 76.28
C ALA H 96 -3.01 124.51 76.93
N VAL H 97 -1.69 124.62 76.70
CA VAL H 97 -0.88 125.70 77.24
C VAL H 97 -0.16 126.37 76.08
N ASP H 98 -0.24 127.71 76.03
CA ASP H 98 0.41 128.47 74.98
C ASP H 98 1.61 129.21 75.57
N PRO H 99 2.83 128.91 75.14
CA PRO H 99 4.01 129.57 75.75
C PRO H 99 4.18 131.01 75.30
N SER H 100 3.43 131.47 74.31
CA SER H 100 3.63 132.83 73.80
C SER H 100 3.37 133.86 74.89
N GLU H 101 2.24 133.75 75.59
CA GLU H 101 1.89 134.67 76.66
C GLU H 101 2.31 134.15 78.03
N VAL H 102 3.38 133.34 78.10
CA VAL H 102 3.86 132.79 79.35
C VAL H 102 5.27 133.27 79.60
N ALA H 103 5.49 133.90 80.74
CA ALA H 103 6.80 134.26 81.23
C ALA H 103 6.98 133.69 82.64
N GLU H 104 8.06 132.97 82.84
CA GLU H 104 8.27 132.18 84.06
C GLU H 104 9.21 132.93 84.99
N ILE H 105 8.69 133.31 86.16
CA ILE H 105 9.48 133.88 87.24
C ILE H 105 9.19 133.09 88.51
N GLY H 106 10.23 132.55 89.12
CA GLY H 106 10.05 131.72 90.30
C GLY H 106 9.71 130.28 89.96
N ASP H 107 9.18 129.58 90.96
CA ASP H 107 8.82 128.18 90.83
C ASP H 107 7.31 128.04 90.73
N TYR H 108 6.86 127.15 89.86
CA TYR H 108 5.45 126.93 89.61
C TYR H 108 5.12 125.44 89.74
N ASP H 109 3.89 125.14 90.14
CA ASP H 109 3.40 123.77 90.22
C ASP H 109 2.19 123.63 89.32
N LEU H 110 2.08 122.49 88.63
CA LEU H 110 0.95 122.24 87.73
C LEU H 110 -0.27 121.88 88.59
N GLU H 111 -0.67 122.85 89.40
CA GLU H 111 -1.80 122.72 90.31
C GLU H 111 -3.14 122.81 89.58
N GLY H 112 -3.23 123.64 88.53
CA GLY H 112 -4.46 123.71 87.76
C GLY H 112 -4.77 122.41 87.06
N LEU H 113 -3.74 121.71 86.57
CA LEU H 113 -3.95 120.39 86.00
C LEU H 113 -4.68 119.49 86.97
N PHE H 114 -4.17 119.37 88.20
CA PHE H 114 -4.81 118.54 89.21
C PHE H 114 -6.21 119.01 89.54
N LEU H 115 -6.41 120.32 89.70
CA LEU H 115 -7.73 120.81 90.06
C LEU H 115 -8.75 120.50 88.98
N ARG H 116 -8.42 120.78 87.72
CA ARG H 116 -9.35 120.52 86.63
C ARG H 116 -9.62 119.03 86.49
N LEU H 117 -8.58 118.20 86.58
CA LEU H 117 -8.77 116.77 86.43
C LEU H 117 -9.64 116.21 87.56
N GLU H 118 -9.43 116.69 88.79
CA GLU H 118 -10.27 116.29 89.91
C GLU H 118 -11.71 116.75 89.70
N LEU H 119 -11.90 117.97 89.20
CA LEU H 119 -13.26 118.45 88.95
C LEU H 119 -13.97 117.56 87.94
N ALA H 120 -13.28 117.21 86.86
CA ALA H 120 -13.89 116.32 85.86
C ALA H 120 -14.19 114.95 86.46
N ILE H 121 -13.26 114.41 87.26
CA ILE H 121 -13.47 113.09 87.84
C ILE H 121 -14.69 113.08 88.74
N ASP H 122 -14.83 114.10 89.59
CA ASP H 122 -15.99 114.17 90.48
C ASP H 122 -17.27 114.46 89.71
N THR H 123 -17.19 115.21 88.62
CA THR H 123 -18.37 115.49 87.81
C THR H 123 -18.90 114.22 87.16
N VAL H 124 -18.01 113.37 86.64
CA VAL H 124 -18.42 112.21 85.86
C VAL H 124 -18.42 110.92 86.67
N GLY H 125 -17.99 110.96 87.93
CA GLY H 125 -17.86 109.74 88.70
C GLY H 125 -16.89 108.78 88.04
N ALA H 126 -15.84 109.35 87.43
CA ALA H 126 -14.97 108.58 86.55
C ALA H 126 -14.15 107.55 87.32
N LYS H 127 -13.91 106.42 86.67
CA LYS H 127 -12.97 105.41 87.15
C LYS H 127 -11.84 105.14 86.18
N ARG H 128 -11.99 105.53 84.91
CA ARG H 128 -10.94 105.33 83.91
C ARG H 128 -10.49 106.70 83.40
N VAL H 129 -9.19 106.82 83.15
CA VAL H 129 -8.58 108.07 82.72
C VAL H 129 -7.62 107.76 81.58
N VAL H 130 -7.59 108.64 80.59
CA VAL H 130 -6.67 108.56 79.47
C VAL H 130 -5.90 109.86 79.37
N LEU H 131 -4.58 109.76 79.22
CA LEU H 131 -3.70 110.93 79.11
C LEU H 131 -3.07 110.91 77.71
N ASP H 132 -3.49 111.83 76.86
CA ASP H 132 -3.08 111.85 75.46
C ASP H 132 -2.12 113.00 75.20
N THR H 133 -0.98 112.67 74.58
CA THR H 133 0.03 113.65 74.16
C THR H 133 0.56 114.45 75.34
N ILE H 134 1.23 113.76 76.25
CA ILE H 134 1.79 114.39 77.43
C ILE H 134 3.15 114.99 77.11
N GLU H 135 3.61 114.83 75.87
CA GLU H 135 4.88 115.42 75.46
C GLU H 135 4.74 116.92 75.21
N SER H 136 3.55 117.38 74.80
CA SER H 136 3.32 118.81 74.66
C SER H 136 3.46 119.53 75.98
N LEU H 137 3.12 118.86 77.09
CA LEU H 137 3.29 119.46 78.40
C LEU H 137 4.77 119.79 78.66
N PHE H 138 5.67 118.87 78.34
CA PHE H 138 7.10 119.15 78.42
C PHE H 138 7.52 120.23 77.44
N SER H 139 7.04 120.15 76.19
CA SER H 139 7.45 121.12 75.18
C SER H 139 7.03 122.54 75.53
N ALA H 140 5.93 122.72 76.26
CA ALA H 140 5.45 124.07 76.56
C ALA H 140 6.34 124.75 77.60
N PHE H 141 6.41 124.19 78.79
CA PHE H 141 7.19 124.80 79.87
C PHE H 141 8.68 124.58 79.66
N SER H 142 9.47 125.49 80.23
CA SER H 142 10.93 125.47 80.05
C SER H 142 11.65 124.63 81.10
N ASN H 143 11.25 124.73 82.35
CA ASN H 143 11.95 124.01 83.41
C ASN H 143 11.62 122.52 83.34
N PRO H 144 12.61 121.66 83.09
CA PRO H 144 12.30 120.22 82.94
C PRO H 144 12.05 119.52 84.28
N ALA H 145 12.82 119.91 85.31
CA ALA H 145 12.70 119.25 86.60
C ALA H 145 11.32 119.46 87.21
N ILE H 146 10.78 120.66 87.08
CA ILE H 146 9.45 120.94 87.63
C ILE H 146 8.41 120.06 86.98
N LEU H 147 8.46 119.93 85.65
CA LEU H 147 7.50 119.08 84.94
C LEU H 147 7.66 117.62 85.34
N ARG H 148 8.92 117.16 85.46
CA ARG H 148 9.18 115.79 85.88
C ARG H 148 8.54 115.52 87.23
N ALA H 149 8.84 116.39 88.21
CA ALA H 149 8.26 116.21 89.54
C ALA H 149 6.74 116.28 89.49
N GLU H 150 6.20 117.22 88.71
CA GLU H 150 4.75 117.40 88.70
C GLU H 150 4.02 116.18 88.17
N ILE H 151 4.52 115.57 87.09
CA ILE H 151 3.76 114.42 86.60
C ILE H 151 4.11 113.16 87.37
N ARG H 152 5.28 113.09 88.01
CA ARG H 152 5.48 111.98 88.95
C ARG H 152 4.45 112.05 90.08
N ARG H 153 4.23 113.27 90.61
CA ARG H 153 3.16 113.49 91.57
C ARG H 153 1.79 113.17 90.96
N LEU H 154 1.59 113.49 89.68
CA LEU H 154 0.31 113.18 89.03
C LEU H 154 0.05 111.68 88.97
N PHE H 155 1.04 110.90 88.54
CA PHE H 155 0.89 109.46 88.48
C PHE H 155 0.69 108.88 89.89
N ASP H 156 1.47 109.37 90.85
CA ASP H 156 1.28 108.93 92.23
C ASP H 156 -0.12 109.24 92.72
N TRP H 157 -0.65 110.41 92.36
CA TRP H 157 -1.99 110.84 92.78
C TRP H 157 -3.08 110.00 92.11
N LEU H 158 -2.89 109.67 90.83
CA LEU H 158 -3.84 108.81 90.15
C LEU H 158 -3.87 107.43 90.79
N LYS H 159 -2.70 106.84 91.06
CA LYS H 159 -2.66 105.58 91.78
C LYS H 159 -3.27 105.74 93.18
N GLU H 160 -3.04 106.90 93.79
CA GLU H 160 -3.42 107.14 95.18
C GLU H 160 -4.93 107.18 95.36
N ARG H 161 -5.65 107.80 94.42
CA ARG H 161 -7.10 107.70 94.48
C ARG H 161 -7.64 106.51 93.68
N GLY H 162 -6.79 105.74 93.02
CA GLY H 162 -7.21 104.46 92.47
C GLY H 162 -8.05 104.52 91.20
N LEU H 163 -7.58 105.24 90.19
CA LEU H 163 -8.18 105.23 88.87
C LEU H 163 -7.34 104.41 87.91
N THR H 164 -7.98 103.83 86.90
CA THR H 164 -7.29 103.05 85.88
C THR H 164 -6.90 103.99 84.74
N THR H 165 -5.60 104.21 84.57
CA THR H 165 -5.11 105.24 83.67
C THR H 165 -4.31 104.62 82.53
N VAL H 166 -4.51 105.14 81.33
CA VAL H 166 -3.79 104.74 80.13
C VAL H 166 -3.12 105.97 79.54
N ILE H 167 -1.81 105.88 79.30
CA ILE H 167 -1.00 107.01 78.85
C ILE H 167 -0.54 106.74 77.43
N THR H 168 -0.69 107.73 76.56
CA THR H 168 -0.23 107.65 75.18
C THR H 168 1.12 108.36 75.04
N ALA H 169 2.12 107.64 74.54
CA ALA H 169 3.47 108.17 74.39
C ALA H 169 4.03 107.80 73.04
N GLU H 170 4.81 108.72 72.46
CA GLU H 170 5.49 108.46 71.20
C GLU H 170 6.71 107.58 71.42
N ARG H 171 7.16 106.93 70.35
CA ARG H 171 8.26 105.97 70.46
C ARG H 171 9.61 106.67 70.53
N GLY H 172 9.97 107.41 69.49
CA GLY H 172 11.26 108.06 69.44
C GLY H 172 12.26 107.36 68.55
N ASP H 173 13.52 107.32 68.97
CA ASP H 173 14.57 106.71 68.17
C ASP H 173 15.38 105.65 68.91
N GLY H 174 15.65 105.86 70.19
CA GLY H 174 16.50 104.93 70.94
C GLY H 174 15.75 103.88 71.71
N ALA H 175 14.74 104.29 72.47
CA ALA H 175 13.95 103.36 73.27
C ALA H 175 12.49 103.41 72.85
N LEU H 176 11.63 102.71 73.59
CA LEU H 176 10.20 102.69 73.29
C LEU H 176 9.52 104.01 73.59
N THR H 177 10.24 104.98 74.17
CA THR H 177 9.68 106.29 74.45
C THR H 177 10.79 107.32 74.29
N ARG H 178 10.39 108.51 73.83
CA ARG H 178 11.32 109.60 73.60
C ARG H 178 11.45 110.56 74.77
N GLN H 179 10.51 110.53 75.72
CA GLN H 179 10.55 111.40 76.88
C GLN H 179 10.79 110.63 78.18
N GLY H 180 11.16 109.37 78.09
CA GLY H 180 11.48 108.60 79.28
C GLY H 180 10.31 108.35 80.21
N LEU H 181 9.13 108.09 79.65
CA LEU H 181 7.99 107.71 80.48
C LEU H 181 8.03 106.24 80.87
N GLU H 182 8.89 105.45 80.25
CA GLU H 182 9.13 104.09 80.72
C GLU H 182 9.73 104.10 82.11
N GLU H 183 10.62 105.05 82.39
CA GLU H 183 11.18 105.20 83.73
C GLU H 183 10.05 105.22 84.76
N TYR H 184 8.87 105.70 84.35
CA TYR H 184 7.81 106.02 85.30
C TYR H 184 6.76 104.92 85.32
N VAL H 185 6.29 104.50 84.16
CA VAL H 185 5.21 103.54 84.03
C VAL H 185 5.82 102.19 83.64
N SER H 186 5.74 101.23 84.56
CA SER H 186 6.23 99.89 84.31
C SER H 186 5.19 98.81 84.59
N ASP H 187 3.98 99.19 85.02
CA ASP H 187 2.95 98.20 85.29
C ASP H 187 2.51 97.46 84.03
N CYS H 188 2.48 98.15 82.89
CA CYS H 188 2.08 97.54 81.63
C CYS H 188 2.57 98.41 80.49
N VAL H 189 3.26 97.81 79.53
CA VAL H 189 3.78 98.52 78.36
C VAL H 189 3.33 97.79 77.11
N ILE H 190 2.64 98.49 76.22
CA ILE H 190 2.11 97.91 74.99
C ILE H 190 2.66 98.70 73.82
N LEU H 191 3.38 98.02 72.93
CA LEU H 191 4.01 98.64 71.78
C LEU H 191 3.20 98.31 70.53
N LEU H 192 2.80 99.33 69.80
CA LEU H 192 2.09 99.18 68.54
C LEU H 192 3.03 99.54 67.39
N ASP H 193 3.06 98.69 66.37
CA ASP H 193 3.99 98.87 65.26
C ASP H 193 3.22 98.76 63.95
N HIS H 194 3.72 99.48 62.93
CA HIS H 194 3.09 99.48 61.61
C HIS H 194 4.22 99.34 60.60
N ARG H 195 4.45 98.11 60.13
CA ARG H 195 5.64 97.80 59.33
C ARG H 195 5.23 97.38 57.93
N VAL H 196 6.01 97.81 56.95
CA VAL H 196 5.76 97.53 55.54
C VAL H 196 6.82 96.53 55.06
N GLU H 197 6.37 95.44 54.46
CA GLU H 197 7.26 94.44 53.87
C GLU H 197 6.72 94.07 52.50
N ASN H 198 7.58 94.16 51.48
CA ASN H 198 7.19 93.87 50.10
C ASN H 198 6.00 94.71 49.67
N GLN H 199 6.00 95.98 50.10
CA GLN H 199 4.97 96.98 49.80
C GLN H 199 3.68 96.74 50.58
N ILE H 200 3.59 95.69 51.38
CA ILE H 200 2.39 95.39 52.16
C ILE H 200 2.65 95.82 53.60
N SER H 201 1.76 96.65 54.12
CA SER H 201 1.88 97.18 55.47
C SER H 201 0.93 96.45 56.42
N THR H 202 1.45 96.06 57.58
CA THR H 202 0.67 95.34 58.58
C THR H 202 0.89 95.98 59.95
N ARG H 203 -0.14 95.87 60.79
CA ARG H 203 -0.16 96.44 62.12
C ARG H 203 -0.02 95.33 63.15
N ARG H 204 0.93 95.49 64.07
CA ARG H 204 1.23 94.48 65.07
C ARG H 204 1.18 95.09 66.46
N LEU H 205 0.83 94.26 67.45
CA LEU H 205 0.77 94.65 68.84
C LEU H 205 1.65 93.72 69.66
N ARG H 206 2.34 94.27 70.65
CA ARG H 206 3.20 93.46 71.50
C ARG H 206 3.11 93.96 72.93
N ILE H 207 3.03 93.05 73.89
CA ILE H 207 3.03 93.39 75.31
C ILE H 207 4.47 93.28 75.78
N VAL H 208 5.18 94.41 75.81
CA VAL H 208 6.61 94.38 76.11
C VAL H 208 6.85 93.94 77.54
N LYS H 209 6.11 94.52 78.48
CA LYS H 209 6.29 94.21 79.90
C LYS H 209 4.96 94.39 80.62
N TYR H 210 4.43 93.31 81.18
CA TYR H 210 3.20 93.36 81.96
C TYR H 210 3.51 92.76 83.32
N ARG H 211 3.61 93.60 84.35
CA ARG H 211 4.08 93.18 85.66
C ARG H 211 2.92 92.62 86.47
N GLY H 212 3.10 91.42 87.02
CA GLY H 212 2.15 90.85 87.97
C GLY H 212 1.53 89.54 87.57
N THR H 213 1.70 89.08 86.33
CA THR H 213 1.09 87.82 85.92
C THR H 213 1.52 87.49 84.51
N ALA H 214 1.18 86.27 84.07
CA ALA H 214 1.53 85.81 82.75
C ALA H 214 0.70 86.51 81.69
N HIS H 215 1.15 86.39 80.44
CA HIS H 215 0.51 87.04 79.31
C HIS H 215 1.18 86.55 78.03
N GLY H 216 0.61 86.95 76.90
CA GLY H 216 1.21 86.63 75.62
C GLY H 216 2.43 87.50 75.36
N THR H 217 3.46 86.88 74.74
CA THR H 217 4.72 87.56 74.49
C THR H 217 5.06 87.71 73.01
N ASN H 218 4.30 87.08 72.11
CA ASN H 218 4.58 87.17 70.69
C ASN H 218 4.00 88.47 70.13
N GLU H 219 4.33 88.75 68.86
CA GLU H 219 3.77 89.89 68.15
C GLU H 219 2.50 89.45 67.46
N TYR H 220 1.38 90.09 67.81
CA TYR H 220 0.07 89.69 67.31
C TYR H 220 -0.40 90.69 66.27
N PRO H 221 -0.61 90.28 65.02
CA PRO H 221 -1.15 91.21 64.02
C PRO H 221 -2.61 91.52 64.33
N PHE H 222 -2.92 92.82 64.37
CA PHE H 222 -4.27 93.29 64.68
C PHE H 222 -4.81 94.11 63.50
N LEU H 223 -6.09 94.41 63.56
CA LEU H 223 -6.77 95.13 62.49
C LEU H 223 -7.70 96.17 63.08
N ILE H 224 -7.82 97.30 62.39
CA ILE H 224 -8.76 98.36 62.73
C ILE H 224 -9.85 98.35 61.66
N ASP H 225 -11.08 98.09 62.08
CA ASP H 225 -12.20 97.94 61.16
C ASP H 225 -13.35 98.81 61.65
N THR H 226 -14.53 98.64 61.03
CA THR H 226 -15.69 99.41 61.43
C THR H 226 -16.00 99.21 62.91
N ASP H 227 -15.87 97.97 63.40
CA ASP H 227 -16.06 97.72 64.84
C ASP H 227 -15.01 98.46 65.66
N GLY H 228 -13.76 98.46 65.20
CA GLY H 228 -12.65 99.05 65.90
C GLY H 228 -11.49 98.09 65.96
N PHE H 229 -10.80 98.07 67.10
CA PHE H 229 -9.73 97.11 67.29
C PHE H 229 -10.29 95.69 67.27
N SER H 230 -9.62 94.82 66.53
CA SER H 230 -9.94 93.40 66.50
C SER H 230 -8.65 92.61 66.53
N VAL H 231 -8.57 91.63 67.43
CA VAL H 231 -7.37 90.83 67.59
C VAL H 231 -7.75 89.36 67.67
N LEU H 232 -7.38 88.59 66.67
CA LEU H 232 -7.64 87.15 66.66
C LEU H 232 -6.32 86.41 66.77
N PRO H 233 -5.74 86.34 67.96
CA PRO H 233 -4.43 85.68 68.10
C PRO H 233 -4.49 84.22 67.68
N VAL H 234 -3.40 83.76 67.05
CA VAL H 234 -3.30 82.36 66.64
C VAL H 234 -2.99 81.44 67.82
N SER H 235 -2.70 81.99 68.99
CA SER H 235 -2.41 81.20 70.18
C SER H 235 -3.66 80.84 70.97
N ALA H 236 -4.83 81.37 70.59
CA ALA H 236 -6.08 81.06 71.28
C ALA H 236 -6.76 79.83 70.74
N LEU H 237 -6.34 79.31 69.60
CA LEU H 237 -6.96 78.11 69.03
C LEU H 237 -6.70 76.91 69.92
N GLY H 238 -7.74 76.09 70.12
CA GLY H 238 -7.62 74.89 70.91
C GLY H 238 -8.23 73.71 70.20
N LEU H 239 -7.74 72.52 70.56
CA LEU H 239 -8.20 71.27 69.95
C LEU H 239 -9.31 70.66 70.81
N LEU H 240 -10.44 71.37 70.84
CA LEU H 240 -11.67 70.90 71.48
C LEU H 240 -12.80 71.01 70.47
N HIS H 241 -12.95 69.97 69.64
CA HIS H 241 -13.90 69.97 68.54
C HIS H 241 -14.89 68.83 68.76
N GLN H 242 -16.15 69.17 69.00
CA GLN H 242 -17.18 68.15 69.14
C GLN H 242 -17.42 67.46 67.80
N VAL H 243 -17.34 66.13 67.80
CA VAL H 243 -17.50 65.38 66.56
C VAL H 243 -18.95 64.91 66.42
N HIS H 244 -19.34 64.66 65.17
CA HIS H 244 -20.69 64.21 64.86
C HIS H 244 -20.62 62.90 64.11
N GLU H 245 -21.63 62.06 64.32
CA GLU H 245 -21.70 60.75 63.69
C GLU H 245 -22.51 60.75 62.41
N GLU H 246 -23.05 61.90 61.99
CA GLU H 246 -23.81 61.97 60.76
C GLU H 246 -22.86 62.06 59.56
N ARG H 247 -23.42 61.85 58.37
CA ARG H 247 -22.66 61.89 57.13
C ARG H 247 -23.23 62.98 56.22
N ILE H 248 -22.36 63.51 55.36
CA ILE H 248 -22.73 64.53 54.40
C ILE H 248 -22.68 63.93 53.01
N ALA H 249 -23.53 64.47 52.13
CA ALA H 249 -23.63 64.01 50.75
C ALA H 249 -22.86 64.93 49.84
N SER H 250 -21.90 64.37 49.10
CA SER H 250 -21.08 65.19 48.21
C SER H 250 -21.88 65.67 47.00
N GLY H 251 -22.91 64.93 46.62
CA GLY H 251 -23.67 65.19 45.41
C GLY H 251 -23.30 64.29 44.24
N VAL H 252 -22.20 63.56 44.34
CA VAL H 252 -21.81 62.58 43.33
C VAL H 252 -22.14 61.19 43.88
N PRO H 253 -23.14 60.50 43.35
CA PRO H 253 -23.51 59.19 43.92
C PRO H 253 -22.38 58.18 43.93
N ASP H 254 -21.58 58.14 42.86
CA ASP H 254 -20.50 57.16 42.80
C ASP H 254 -19.43 57.44 43.86
N LEU H 255 -19.03 58.71 43.99
CA LEU H 255 -18.05 59.08 45.00
C LEU H 255 -18.60 58.83 46.40
N ASP H 256 -19.89 59.12 46.62
CA ASP H 256 -20.49 58.89 47.92
C ASP H 256 -20.52 57.41 48.28
N ALA H 257 -20.84 56.54 47.31
CA ALA H 257 -20.88 55.11 47.58
C ALA H 257 -19.47 54.54 47.73
N MET H 258 -18.48 55.16 47.09
CA MET H 258 -17.11 54.65 47.17
C MET H 258 -16.64 54.54 48.61
N MET H 259 -17.16 55.40 49.49
CA MET H 259 -16.74 55.43 50.89
C MET H 259 -17.85 54.85 51.76
N ALA H 260 -17.46 54.08 52.77
CA ALA H 260 -18.43 53.49 53.69
C ALA H 260 -19.18 54.59 54.44
N GLY H 261 -20.46 54.34 54.72
CA GLY H 261 -21.29 55.27 55.45
C GLY H 261 -22.06 56.27 54.59
N GLY H 262 -21.77 56.34 53.30
CA GLY H 262 -22.48 57.24 52.42
C GLY H 262 -21.80 58.58 52.17
N GLY H 263 -20.77 58.93 52.93
CA GLY H 263 -20.09 60.18 52.69
C GLY H 263 -19.17 60.52 53.84
N PHE H 264 -18.44 61.62 53.66
CA PHE H 264 -17.52 62.10 54.68
C PHE H 264 -18.29 62.52 55.92
N PHE H 265 -17.65 62.38 57.09
CA PHE H 265 -18.28 62.78 58.34
C PHE H 265 -18.55 64.29 58.36
N ARG H 266 -19.70 64.65 58.91
CA ARG H 266 -20.13 66.04 58.93
C ARG H 266 -19.23 66.88 59.82
N GLY H 267 -19.05 68.14 59.43
CA GLY H 267 -18.21 69.04 60.18
C GLY H 267 -16.72 68.84 60.02
N SER H 268 -16.30 68.00 59.07
CA SER H 268 -14.89 67.70 58.84
C SER H 268 -14.31 68.63 57.79
N SER H 269 -12.98 68.67 57.73
CA SER H 269 -12.26 69.47 56.75
C SER H 269 -11.91 68.60 55.56
N ILE H 270 -12.38 68.99 54.37
CA ILE H 270 -12.19 68.22 53.15
C ILE H 270 -11.34 69.04 52.19
N LEU H 271 -10.25 68.45 51.73
CA LEU H 271 -9.37 69.08 50.75
C LEU H 271 -9.57 68.42 49.39
N VAL H 272 -9.59 69.24 48.35
CA VAL H 272 -9.71 68.78 46.97
C VAL H 272 -8.49 69.30 46.22
N SER H 273 -7.56 68.42 45.91
CA SER H 273 -6.30 68.79 45.29
C SER H 273 -6.29 68.33 43.83
N GLY H 274 -5.52 69.02 43.01
CA GLY H 274 -5.39 68.67 41.61
C GLY H 274 -4.77 69.80 40.82
N VAL H 275 -4.33 69.45 39.61
CA VAL H 275 -3.73 70.41 38.70
C VAL H 275 -4.83 71.28 38.09
N ALA H 276 -4.43 72.37 37.43
CA ALA H 276 -5.40 73.24 36.79
C ALA H 276 -6.24 72.47 35.77
N GLY H 277 -7.54 72.69 35.81
CA GLY H 277 -8.46 71.98 34.93
C GLY H 277 -8.87 70.61 35.39
N ALA H 278 -8.49 70.20 36.60
CA ALA H 278 -8.86 68.88 37.09
C ALA H 278 -10.34 68.78 37.41
N GLY H 279 -10.92 69.82 37.99
CA GLY H 279 -12.33 69.80 38.34
C GLY H 279 -12.59 70.05 39.81
N LYS H 280 -11.64 70.68 40.49
CA LYS H 280 -11.79 70.99 41.91
C LYS H 280 -12.98 71.92 42.13
N SER H 281 -13.09 72.97 41.30
CA SER H 281 -14.23 73.87 41.40
C SER H 281 -15.53 73.16 41.09
N SER H 282 -15.53 72.24 40.13
CA SER H 282 -16.73 71.48 39.81
C SER H 282 -17.17 70.64 41.00
N LEU H 283 -16.22 69.97 41.67
CA LEU H 283 -16.56 69.16 42.83
C LEU H 283 -17.07 70.03 43.97
N ALA H 284 -16.44 71.19 44.20
CA ALA H 284 -16.91 72.10 45.24
C ALA H 284 -18.32 72.59 44.95
N ALA H 285 -18.60 72.92 43.68
CA ALA H 285 -19.94 73.35 43.29
C ALA H 285 -20.94 72.21 43.49
N HIS H 286 -20.53 70.98 43.19
CA HIS H 286 -21.40 69.83 43.45
C HIS H 286 -21.74 69.73 44.93
N PHE H 287 -20.73 69.88 45.78
CA PHE H 287 -20.97 69.85 47.22
C PHE H 287 -21.96 70.93 47.64
N ALA H 288 -21.72 72.16 47.18
CA ALA H 288 -22.58 73.27 47.56
C ALA H 288 -24.02 73.06 47.09
N ALA H 289 -24.18 72.62 45.84
CA ALA H 289 -25.51 72.41 45.29
C ALA H 289 -26.24 71.28 46.02
N ALA H 290 -25.52 70.21 46.33
CA ALA H 290 -26.14 69.12 47.10
C ALA H 290 -26.57 69.59 48.48
N ALA H 291 -25.74 70.40 49.14
CA ALA H 291 -26.13 70.95 50.44
C ALA H 291 -27.37 71.83 50.31
N CYS H 292 -27.42 72.67 49.28
CA CYS H 292 -28.55 73.56 49.10
C CYS H 292 -29.83 72.78 48.81
N ALA H 293 -29.73 71.72 48.00
CA ALA H 293 -30.93 70.98 47.61
C ALA H 293 -31.65 70.37 48.80
N ARG H 294 -30.94 70.17 49.91
CA ARG H 294 -31.53 69.61 51.12
C ARG H 294 -32.13 70.68 52.02
N GLY H 295 -32.22 71.92 51.56
CA GLY H 295 -32.78 72.99 52.35
C GLY H 295 -31.81 73.67 53.30
N GLU H 296 -30.53 73.35 53.21
CA GLU H 296 -29.50 73.95 54.06
C GLU H 296 -28.83 75.12 53.36
N ARG H 297 -28.19 75.97 54.15
CA ARG H 297 -27.49 77.13 53.64
C ARG H 297 -26.07 76.76 53.23
N ALA H 298 -25.52 77.51 52.27
CA ALA H 298 -24.17 77.23 51.81
C ALA H 298 -23.51 78.51 51.34
N MET H 299 -22.20 78.62 51.58
CA MET H 299 -21.39 79.74 51.10
C MET H 299 -20.24 79.23 50.25
N TYR H 300 -19.94 79.94 49.16
CA TYR H 300 -18.89 79.55 48.24
C TYR H 300 -17.96 80.75 48.10
N PHE H 301 -16.93 80.82 48.93
CA PHE H 301 -15.92 81.86 48.79
C PHE H 301 -15.04 81.53 47.59
N SER H 302 -15.01 82.44 46.62
CA SER H 302 -14.23 82.30 45.40
C SER H 302 -13.22 83.44 45.29
N PHE H 303 -11.95 83.08 45.16
CA PHE H 303 -10.87 84.05 44.99
C PHE H 303 -10.32 84.04 43.56
N GLU H 304 -11.08 83.47 42.63
CA GLU H 304 -10.61 83.26 41.27
C GLU H 304 -11.58 83.70 40.19
N GLU H 305 -12.89 83.76 40.48
CA GLU H 305 -13.87 83.99 39.44
C GLU H 305 -14.99 84.89 39.95
N ALA H 306 -15.68 85.54 39.02
CA ALA H 306 -16.86 86.31 39.38
C ALA H 306 -18.08 85.39 39.49
N ALA H 307 -19.12 85.91 40.14
CA ALA H 307 -20.33 85.11 40.35
C ALA H 307 -20.95 84.69 39.02
N ASP H 308 -21.10 85.63 38.08
CA ASP H 308 -21.75 85.31 36.80
C ASP H 308 -20.92 84.32 35.99
N GLN H 309 -19.60 84.52 35.94
CA GLN H 309 -18.73 83.60 35.22
C GLN H 309 -18.81 82.20 35.83
N ALA H 310 -18.77 82.10 37.16
CA ALA H 310 -18.92 80.80 37.81
C ALA H 310 -20.27 80.19 37.47
N VAL H 311 -21.32 81.01 37.45
CA VAL H 311 -22.66 80.53 37.12
C VAL H 311 -22.66 79.89 35.74
N ARG H 312 -22.12 80.58 34.74
CA ARG H 312 -22.29 80.06 33.38
C ARG H 312 -21.21 78.99 33.09
N ASN H 313 -20.21 78.89 33.96
CA ASN H 313 -19.28 77.75 33.91
C ASN H 313 -19.94 76.48 34.45
N MET H 314 -20.67 76.61 35.56
CA MET H 314 -21.38 75.47 36.15
C MET H 314 -22.64 75.08 35.39
N ARG H 315 -23.28 76.04 34.72
CA ARG H 315 -24.49 75.73 33.96
C ARG H 315 -24.18 74.73 32.85
N SER H 316 -22.95 74.74 32.35
CA SER H 316 -22.54 73.71 31.40
C SER H 316 -22.51 72.32 32.01
N LEU H 317 -22.14 72.22 33.29
CA LEU H 317 -22.16 70.94 34.01
C LEU H 317 -23.56 70.61 34.51
N GLY H 318 -24.49 71.56 34.44
CA GLY H 318 -25.86 71.29 34.82
C GLY H 318 -26.21 71.79 36.21
N LEU H 319 -25.19 72.06 37.03
CA LEU H 319 -25.42 72.64 38.33
C LEU H 319 -26.02 74.03 38.18
N ASP H 320 -27.28 74.18 38.56
CA ASP H 320 -28.01 75.44 38.42
C ASP H 320 -27.86 76.19 39.73
N LEU H 321 -26.68 76.78 39.93
CA LEU H 321 -26.40 77.56 41.13
C LEU H 321 -27.24 78.84 41.18
N GLY H 322 -27.70 79.32 40.03
CA GLY H 322 -28.56 80.48 40.01
C GLY H 322 -29.84 80.24 40.80
N ARG H 323 -30.41 79.04 40.68
CA ARG H 323 -31.64 78.73 41.40
C ARG H 323 -31.48 78.90 42.90
N TRP H 324 -30.41 78.32 43.46
CA TRP H 324 -30.20 78.41 44.91
C TRP H 324 -29.77 79.80 45.35
N ARG H 325 -28.92 80.47 44.57
CA ARG H 325 -28.57 81.85 44.90
C ARG H 325 -29.78 82.77 44.88
N ASP H 326 -30.71 82.54 43.94
CA ASP H 326 -31.90 83.35 43.77
C ASP H 326 -32.96 83.04 44.83
N ALA H 327 -33.06 81.78 45.25
CA ALA H 327 -33.93 81.41 46.37
C ALA H 327 -33.33 81.79 47.72
N GLY H 328 -32.05 82.11 47.77
CA GLY H 328 -31.45 82.62 49.00
C GLY H 328 -30.85 81.57 49.91
N LEU H 329 -30.40 80.45 49.35
CA LEU H 329 -29.74 79.41 50.13
C LEU H 329 -28.26 79.26 49.81
N LEU H 330 -27.75 79.99 48.82
CA LEU H 330 -26.35 79.94 48.42
C LEU H 330 -25.80 81.35 48.32
N ARG H 331 -24.60 81.55 48.85
CA ARG H 331 -23.95 82.85 48.85
C ARG H 331 -22.63 82.78 48.09
N PHE H 332 -22.35 83.81 47.30
CA PHE H 332 -21.08 83.94 46.58
C PHE H 332 -20.41 85.23 47.00
N MET H 333 -19.10 85.19 47.20
CA MET H 333 -18.34 86.37 47.60
C MET H 333 -17.56 86.95 46.42
N ALA H 334 -16.75 86.12 45.76
CA ALA H 334 -15.99 86.52 44.58
C ALA H 334 -15.08 87.70 44.90
N THR H 335 -14.12 87.43 45.78
CA THR H 335 -13.19 88.45 46.25
C THR H 335 -11.76 88.06 45.88
N ARG H 336 -11.02 89.02 45.34
CA ARG H 336 -9.65 88.76 44.93
C ARG H 336 -8.73 88.67 46.17
N PRO H 337 -7.65 87.89 46.09
CA PRO H 337 -6.74 87.80 47.25
C PRO H 337 -6.11 89.13 47.62
N THR H 338 -5.84 90.01 46.66
CA THR H 338 -5.15 91.27 46.91
C THR H 338 -6.10 92.39 47.34
N PHE H 339 -7.41 92.15 47.34
CA PHE H 339 -8.35 93.20 47.68
C PHE H 339 -8.14 93.68 49.12
N TYR H 340 -7.96 92.75 50.05
CA TYR H 340 -7.75 93.05 51.45
C TYR H 340 -6.37 92.57 51.89
N SER H 341 -6.04 92.83 53.14
CA SER H 341 -4.89 92.21 53.78
C SER H 341 -5.33 90.86 54.35
N LEU H 342 -4.38 90.05 54.82
CA LEU H 342 -4.73 88.75 55.36
C LEU H 342 -5.67 88.87 56.55
N GLU H 343 -5.40 89.84 57.43
CA GLU H 343 -6.25 90.01 58.61
C GLU H 343 -7.68 90.34 58.22
N MET H 344 -7.87 91.23 57.25
CA MET H 344 -9.24 91.57 56.85
C MET H 344 -9.89 90.46 56.05
N HIS H 345 -9.13 89.70 55.27
CA HIS H 345 -9.69 88.49 54.67
C HIS H 345 -10.27 87.59 55.74
N LEU H 346 -9.47 87.29 56.77
CA LEU H 346 -9.95 86.46 57.87
C LEU H 346 -11.18 87.07 58.54
N ALA H 347 -11.12 88.38 58.83
CA ALA H 347 -12.20 89.03 59.55
C ALA H 347 -13.50 89.02 58.74
N VAL H 348 -13.42 89.32 57.45
CA VAL H 348 -14.61 89.33 56.60
C VAL H 348 -15.19 87.93 56.49
N ILE H 349 -14.33 86.93 56.29
CA ILE H 349 -14.81 85.56 56.18
C ILE H 349 -15.54 85.17 57.47
N LEU H 350 -14.91 85.43 58.62
CA LEU H 350 -15.52 85.07 59.89
C LEU H 350 -16.84 85.81 60.12
N ARG H 351 -16.85 87.12 59.85
CA ARG H 351 -18.05 87.91 60.08
C ARG H 351 -19.21 87.43 59.22
N GLU H 352 -18.97 87.22 57.93
CA GLU H 352 -20.06 86.80 57.05
C GLU H 352 -20.50 85.38 57.35
N VAL H 353 -19.56 84.49 57.70
CA VAL H 353 -19.94 83.14 58.08
C VAL H 353 -20.83 83.17 59.32
N MET H 354 -20.45 83.96 60.32
CA MET H 354 -21.28 84.07 61.52
C MET H 354 -22.65 84.64 61.20
N ARG H 355 -22.70 85.67 60.37
CA ARG H 355 -23.98 86.30 60.05
C ARG H 355 -24.91 85.35 59.30
N PHE H 356 -24.38 84.64 58.30
CA PHE H 356 -25.21 83.78 57.46
C PHE H 356 -25.55 82.45 58.13
N GLU H 357 -24.66 81.93 58.98
CA GLU H 357 -24.88 80.66 59.66
C GLU H 357 -25.16 79.56 58.66
N PRO H 358 -24.23 79.27 57.74
CA PRO H 358 -24.45 78.22 56.74
C PRO H 358 -24.12 76.84 57.26
N SER H 359 -24.28 75.82 56.41
CA SER H 359 -23.94 74.46 56.76
C SER H 359 -22.75 73.92 55.97
N VAL H 360 -22.35 74.59 54.90
CA VAL H 360 -21.21 74.16 54.09
C VAL H 360 -20.51 75.39 53.51
N VAL H 361 -19.22 75.54 53.82
CA VAL H 361 -18.40 76.64 53.33
C VAL H 361 -17.33 76.07 52.41
N VAL H 362 -17.28 76.58 51.18
CA VAL H 362 -16.34 76.10 50.17
C VAL H 362 -15.39 77.24 49.83
N LEU H 363 -14.12 77.08 50.18
CA LEU H 363 -13.09 78.06 49.88
C LEU H 363 -12.30 77.59 48.66
N ASP H 364 -12.35 78.37 47.58
CA ASP H 364 -11.72 77.99 46.33
C ASP H 364 -11.02 79.19 45.72
N PRO H 365 -9.69 79.16 45.54
CA PRO H 365 -8.81 78.14 46.11
C PRO H 365 -7.99 78.68 47.28
N ILE H 366 -7.60 77.81 48.21
CA ILE H 366 -6.78 78.25 49.33
C ILE H 366 -5.34 78.55 48.89
N SER H 367 -4.96 78.11 47.69
CA SER H 367 -3.59 78.35 47.23
C SER H 367 -3.43 79.76 46.65
N ALA H 368 -4.53 80.47 46.40
CA ALA H 368 -4.45 81.80 45.82
C ALA H 368 -3.71 82.78 46.71
N PHE H 369 -3.67 82.53 48.02
CA PHE H 369 -3.01 83.41 48.97
C PHE H 369 -1.50 83.15 49.07
N THR H 370 -0.91 82.51 48.07
CA THR H 370 0.48 82.07 48.19
C THR H 370 1.43 83.25 48.37
N GLU H 371 1.35 84.25 47.50
CA GLU H 371 2.29 85.37 47.50
C GLU H 371 1.75 86.57 48.28
N SER H 372 0.56 86.47 48.88
CA SER H 372 0.03 87.58 49.65
C SER H 372 0.95 87.93 50.81
N GLY H 373 1.61 86.93 51.39
CA GLY H 373 2.57 87.14 52.45
C GLY H 373 3.53 85.99 52.59
N ASP H 374 4.29 85.95 53.67
CA ASP H 374 5.16 84.81 53.92
C ASP H 374 4.34 83.56 54.20
N ARG H 375 5.01 82.41 54.12
CA ARG H 375 4.31 81.14 54.32
C ARG H 375 3.66 81.08 55.70
N LEU H 376 4.36 81.58 56.72
CA LEU H 376 3.83 81.52 58.08
C LEU H 376 2.54 82.31 58.23
N GLU H 377 2.45 83.52 57.65
CA GLU H 377 1.25 84.33 57.79
C GLU H 377 0.05 83.69 57.11
N VAL H 378 0.24 83.19 55.89
CA VAL H 378 -0.83 82.51 55.17
C VAL H 378 -1.26 81.26 55.92
N GLN H 379 -0.31 80.51 56.45
CA GLN H 379 -0.65 79.33 57.23
C GLN H 379 -1.43 79.70 58.47
N SER H 380 -1.06 80.80 59.13
CA SER H 380 -1.81 81.24 60.31
C SER H 380 -3.25 81.59 59.92
N MET H 381 -3.42 82.31 58.82
CA MET H 381 -4.78 82.65 58.38
C MET H 381 -5.59 81.39 58.09
N LEU H 382 -5.00 80.45 57.35
CA LEU H 382 -5.71 79.22 56.99
C LEU H 382 -6.06 78.40 58.23
N LEU H 383 -5.12 78.30 59.17
CA LEU H 383 -5.38 77.56 60.40
C LEU H 383 -6.49 78.20 61.22
N ARG H 384 -6.48 79.54 61.31
CA ARG H 384 -7.55 80.21 62.03
C ARG H 384 -8.90 79.95 61.37
N ILE H 385 -8.95 80.02 60.03
CA ILE H 385 -10.22 79.79 59.33
C ILE H 385 -10.70 78.36 59.57
N VAL H 386 -9.80 77.39 59.44
CA VAL H 386 -10.17 75.99 59.59
C VAL H 386 -10.66 75.72 61.01
N ASP H 387 -9.95 76.24 62.00
CA ASP H 387 -10.35 76.04 63.39
C ASP H 387 -11.69 76.69 63.67
N PHE H 388 -11.92 77.90 63.14
CA PHE H 388 -13.21 78.55 63.33
C PHE H 388 -14.34 77.72 62.74
N LEU H 389 -14.14 77.22 61.52
CA LEU H 389 -15.17 76.39 60.88
C LEU H 389 -15.42 75.11 61.68
N LYS H 390 -14.36 74.44 62.11
CA LYS H 390 -14.52 73.21 62.86
C LYS H 390 -15.20 73.45 64.21
N ASN H 391 -14.87 74.54 64.89
CA ASN H 391 -15.55 74.87 66.13
C ASN H 391 -17.03 75.14 65.89
N ARG H 392 -17.35 75.87 64.83
CA ARG H 392 -18.74 76.10 64.46
C ARG H 392 -19.42 74.84 63.94
N GLY H 393 -18.67 73.78 63.68
CA GLY H 393 -19.25 72.55 63.15
C GLY H 393 -19.77 72.70 61.74
N ILE H 394 -19.08 73.44 60.90
CA ILE H 394 -19.45 73.64 59.50
C ILE H 394 -18.53 72.79 58.64
N THR H 395 -19.08 72.26 57.55
CA THR H 395 -18.33 71.42 56.62
C THR H 395 -17.52 72.32 55.68
N GLY H 396 -16.20 72.24 55.80
CA GLY H 396 -15.30 73.07 55.01
C GLY H 396 -14.73 72.27 53.85
N ILE H 397 -14.93 72.81 52.65
CA ILE H 397 -14.42 72.22 51.41
C ILE H 397 -13.39 73.18 50.84
N PHE H 398 -12.11 72.84 50.96
CA PHE H 398 -11.03 73.70 50.49
C PHE H 398 -10.46 73.13 49.20
N THR H 399 -10.35 73.97 48.18
CA THR H 399 -9.78 73.56 46.90
C THR H 399 -8.36 74.11 46.79
N HIS H 400 -7.42 73.22 46.48
CA HIS H 400 -6.01 73.60 46.36
C HIS H 400 -5.46 73.11 45.03
N LEU H 401 -4.56 73.89 44.46
CA LEU H 401 -3.92 73.57 43.19
C LEU H 401 -2.66 72.74 43.43
N ALA H 402 -2.39 71.81 42.52
CA ALA H 402 -1.26 70.90 42.63
C ALA H 402 -0.19 71.25 41.60
N HIS H 403 1.05 70.90 41.93
CA HIS H 403 2.18 71.16 41.05
C HIS H 403 2.93 69.86 40.72
N THR H 409 0.15 63.94 47.07
CA THR H 409 1.16 64.98 47.03
C THR H 409 0.92 66.03 48.11
N THR H 410 1.98 66.69 48.54
CA THR H 410 1.91 67.75 49.53
C THR H 410 2.03 69.11 48.85
N ASP H 411 1.20 70.05 49.30
CA ASP H 411 1.09 71.32 48.60
C ASP H 411 1.60 72.50 49.43
N ALA H 412 1.02 72.72 50.62
CA ALA H 412 1.36 73.92 51.38
C ALA H 412 1.47 73.67 52.88
N GLY H 413 1.55 72.42 53.33
CA GLY H 413 1.64 72.13 54.74
C GLY H 413 0.33 72.25 55.49
N LEU H 414 -0.77 72.54 54.81
CA LEU H 414 -2.08 72.58 55.44
C LEU H 414 -2.88 71.30 55.27
N GLU H 415 -2.38 70.35 54.46
CA GLU H 415 -2.99 69.03 54.45
C GLU H 415 -2.84 68.38 55.81
N GLU H 416 -1.94 68.91 56.65
CA GLU H 416 -1.58 68.29 57.91
C GLU H 416 -2.81 68.11 58.80
N LEU H 417 -3.86 68.91 58.61
CA LEU H 417 -5.05 68.85 59.44
C LEU H 417 -6.24 68.17 58.77
N MET H 418 -6.28 68.12 57.45
CA MET H 418 -7.50 67.74 56.74
C MET H 418 -7.97 66.35 57.16
N ASP H 419 -9.28 66.22 57.39
CA ASP H 419 -9.92 64.95 57.67
C ASP H 419 -10.06 64.08 56.42
N GLY H 420 -10.45 64.67 55.30
CA GLY H 420 -10.60 63.93 54.07
C GLY H 420 -9.86 64.61 52.94
N TRP H 421 -9.30 63.79 52.05
CA TRP H 421 -8.49 64.28 50.94
C TRP H 421 -8.95 63.60 49.65
N VAL H 422 -9.28 64.40 48.65
CA VAL H 422 -9.68 63.90 47.33
C VAL H 422 -8.73 64.49 46.30
N LEU H 423 -8.01 63.63 45.59
CA LEU H 423 -7.07 64.05 44.56
C LEU H 423 -7.67 63.78 43.20
N MET H 424 -7.68 64.81 42.35
CA MET H 424 -8.21 64.73 41.00
C MET H 424 -7.04 64.84 40.03
N LEU H 425 -6.91 63.85 39.15
CA LEU H 425 -5.79 63.76 38.22
C LEU H 425 -6.29 63.88 36.79
N ASN H 426 -5.54 64.61 35.97
CA ASN H 426 -5.81 64.76 34.54
C ASN H 426 -4.53 64.38 33.82
N ARG H 427 -4.37 63.10 33.52
CA ARG H 427 -3.11 62.57 33.02
C ARG H 427 -3.12 62.45 31.51
N GLU H 428 -1.93 62.61 30.92
CA GLU H 428 -1.72 62.43 29.50
C GLU H 428 -1.07 61.07 29.28
N VAL H 429 -1.79 60.15 28.64
CA VAL H 429 -1.30 58.81 28.38
C VAL H 429 -1.90 58.32 27.08
N ASN H 430 -1.08 57.69 26.24
CA ASN H 430 -1.52 57.18 24.93
C ASN H 430 -2.00 58.31 24.03
N GLY H 431 -1.30 59.44 24.08
CA GLY H 431 -1.64 60.56 23.22
C GLY H 431 -3.03 61.11 23.46
N GLU H 432 -3.44 61.21 24.71
CA GLU H 432 -4.78 61.69 25.04
C GLU H 432 -4.87 61.82 26.56
N PHE H 433 -5.77 62.69 27.00
CA PHE H 433 -5.90 63.04 28.41
C PHE H 433 -7.10 62.34 29.02
N ASN H 434 -6.90 61.74 30.19
CA ASN H 434 -7.92 61.01 30.93
C ASN H 434 -8.03 61.56 32.35
N ARG H 435 -9.26 61.62 32.84
CA ARG H 435 -9.55 62.14 34.18
C ARG H 435 -9.74 60.98 35.16
N GLU H 436 -9.30 61.19 36.40
CA GLU H 436 -9.45 60.22 37.47
C GLU H 436 -9.52 60.95 38.79
N LEU H 437 -9.98 60.25 39.82
CA LEU H 437 -10.01 60.82 41.17
C LEU H 437 -9.91 59.70 42.18
N TYR H 438 -9.31 60.00 43.33
CA TYR H 438 -9.24 59.00 44.38
C TYR H 438 -9.13 59.69 45.75
N LEU H 439 -9.61 58.98 46.77
CA LEU H 439 -9.59 59.48 48.15
C LEU H 439 -8.24 59.14 48.76
N LEU H 440 -7.37 60.15 48.88
CA LEU H 440 -6.05 59.91 49.46
C LEU H 440 -6.16 59.45 50.91
N LYS H 441 -7.20 59.89 51.63
CA LYS H 441 -7.39 59.51 53.01
C LYS H 441 -8.77 59.95 53.46
N ALA H 442 -9.40 59.12 54.30
CA ALA H 442 -10.73 59.40 54.82
C ALA H 442 -10.76 58.92 56.27
N ARG H 443 -10.69 59.86 57.20
CA ARG H 443 -10.55 59.53 58.61
C ARG H 443 -11.81 58.84 59.14
N GLY H 444 -11.60 57.87 60.02
CA GLY H 444 -12.67 57.22 60.75
C GLY H 444 -13.66 56.44 59.91
N MET H 445 -13.21 55.82 58.83
CA MET H 445 -14.09 55.00 58.01
C MET H 445 -13.24 54.29 56.96
N ALA H 446 -13.80 53.23 56.41
CA ALA H 446 -13.16 52.48 55.34
C ALA H 446 -13.69 52.93 53.98
N HIS H 447 -12.80 53.02 53.00
CA HIS H 447 -13.14 53.58 51.70
C HIS H 447 -12.42 52.82 50.61
N SER H 448 -12.93 52.95 49.39
CA SER H 448 -12.32 52.29 48.25
C SER H 448 -10.91 52.82 48.02
N ASN H 449 -10.01 51.91 47.60
CA ASN H 449 -8.63 52.24 47.31
C ASN H 449 -8.34 52.15 45.81
N GLN H 450 -9.33 52.42 44.98
CA GLN H 450 -9.21 52.34 43.53
C GLN H 450 -9.13 53.73 42.93
N VAL H 451 -8.31 53.87 41.89
CA VAL H 451 -8.20 55.14 41.16
C VAL H 451 -9.32 55.13 40.13
N ARG H 452 -10.48 55.63 40.53
CA ARG H 452 -11.69 55.55 39.72
C ARG H 452 -11.67 56.65 38.66
N GLU H 453 -11.56 56.24 37.40
CA GLU H 453 -11.67 57.19 36.30
C GLU H 453 -13.11 57.69 36.17
N PHE H 454 -13.26 58.99 35.95
CA PHE H 454 -14.56 59.61 35.81
C PHE H 454 -14.58 60.43 34.53
N LEU H 455 -15.78 60.91 34.17
CA LEU H 455 -15.95 61.69 32.94
C LEU H 455 -17.07 62.69 33.18
N MET H 456 -16.72 63.97 33.20
CA MET H 456 -17.69 65.03 33.45
C MET H 456 -18.51 65.33 32.20
N SER H 457 -19.81 65.55 32.39
CA SER H 457 -20.72 65.82 31.28
C SER H 457 -21.87 66.68 31.78
N ASP H 458 -22.87 66.87 30.93
CA ASP H 458 -24.02 67.68 31.30
C ASP H 458 -24.73 67.14 32.53
N ARG H 459 -24.82 65.81 32.65
CA ARG H 459 -25.48 65.22 33.80
C ARG H 459 -24.69 65.45 35.08
N GLY H 460 -23.42 65.80 34.96
CA GLY H 460 -22.59 66.12 36.10
C GLY H 460 -21.32 65.31 36.09
N ILE H 461 -20.78 65.08 37.29
CA ILE H 461 -19.62 64.21 37.43
C ILE H 461 -20.09 62.77 37.58
N SER H 462 -19.58 61.90 36.70
CA SER H 462 -20.00 60.50 36.69
C SER H 462 -18.78 59.61 36.59
N LEU H 463 -18.64 58.70 37.54
CA LEU H 463 -17.53 57.76 37.52
C LEU H 463 -17.84 56.57 36.62
N LEU H 464 -16.88 56.17 35.81
CA LEU H 464 -17.04 55.02 34.95
C LEU H 464 -17.04 53.74 35.78
N PRO H 465 -17.59 52.66 35.23
CA PRO H 465 -17.59 51.40 35.96
C PRO H 465 -16.17 50.96 36.26
N PRO H 466 -15.95 50.28 37.39
CA PRO H 466 -14.58 49.89 37.75
C PRO H 466 -13.95 49.01 36.69
N HIS H 467 -12.64 49.17 36.53
CA HIS H 467 -11.88 48.39 35.57
C HIS H 467 -11.75 46.96 36.08
N LEU H 468 -12.12 46.00 35.22
CA LEU H 468 -12.08 44.59 35.57
C LEU H 468 -11.14 43.86 34.62
N GLY H 469 -10.33 42.98 35.16
CA GLY H 469 -9.35 42.27 34.36
C GLY H 469 -7.93 42.73 34.66
N GLU H 470 -6.97 41.92 34.22
CA GLU H 470 -5.57 42.26 34.43
C GLU H 470 -5.19 43.52 33.67
N GLY H 471 -4.15 44.18 34.14
CA GLY H 471 -3.72 45.43 33.53
C GLY H 471 -4.73 46.54 33.69
N GLY H 472 -5.25 46.70 34.91
CA GLY H 472 -6.28 47.70 35.16
C GLY H 472 -5.83 49.13 34.94
N ALA H 473 -4.52 49.36 34.82
CA ALA H 473 -4.02 50.72 34.61
C ALA H 473 -4.56 51.32 33.31
N LEU H 474 -4.94 50.47 32.36
CA LEU H 474 -5.44 50.96 31.09
C LEU H 474 -6.68 51.83 31.29
N THR H 475 -6.73 52.95 30.56
CA THR H 475 -7.83 53.89 30.66
C THR H 475 -8.05 54.54 29.30
N GLY H 476 -9.26 55.02 29.08
CA GLY H 476 -9.56 55.71 27.82
C GLY H 476 -9.65 54.72 26.67
N THR H 477 -9.04 55.11 25.54
CA THR H 477 -9.09 54.26 24.35
C THR H 477 -8.41 52.92 24.59
N ALA H 478 -7.40 52.91 25.46
CA ALA H 478 -6.68 51.67 25.74
C ALA H 478 -7.59 50.61 26.33
N ARG H 479 -8.56 51.01 27.15
CA ARG H 479 -9.50 50.06 27.72
C ARG H 479 -10.33 49.38 26.64
N LYS H 480 -10.86 50.16 25.69
CA LYS H 480 -11.61 49.58 24.57
C LYS H 480 -10.72 48.68 23.73
N ALA H 481 -9.48 49.10 23.48
CA ALA H 481 -8.56 48.28 22.69
C ALA H 481 -8.30 46.94 23.38
N GLU H 482 -8.07 46.97 24.70
CA GLU H 482 -7.85 45.73 25.44
C GLU H 482 -9.08 44.84 25.40
N GLU H 483 -10.27 45.42 25.54
CA GLU H 483 -11.49 44.63 25.45
C GLU H 483 -11.59 43.94 24.09
N ALA H 484 -11.33 44.69 23.01
CA ALA H 484 -11.39 44.11 21.67
C ALA H 484 -10.37 43.00 21.50
N ARG H 485 -9.15 43.19 22.01
CA ARG H 485 -8.12 42.17 21.91
C ARG H 485 -8.53 40.90 22.66
N LEU H 486 -9.09 41.06 23.86
CA LEU H 486 -9.56 39.90 24.61
C LEU H 486 -10.65 39.16 23.84
N ARG H 487 -11.59 39.91 23.26
CA ARG H 487 -12.66 39.27 22.50
C ARG H 487 -12.09 38.47 21.34
N ARG H 488 -11.15 39.07 20.60
CA ARG H 488 -10.57 38.38 19.45
C ARG H 488 -9.88 37.09 19.88
N ALA H 489 -9.05 37.18 20.92
CA ALA H 489 -8.28 36.01 21.33
C ALA H 489 -9.18 34.88 21.84
N GLU H 490 -10.17 35.20 22.68
CA GLU H 490 -11.05 34.16 23.19
C GLU H 490 -11.88 33.56 22.06
N ILE H 491 -12.29 34.38 21.09
CA ILE H 491 -13.01 33.85 19.93
C ILE H 491 -12.14 32.86 19.17
N GLU H 492 -10.87 33.19 18.98
CA GLU H 492 -10.02 32.27 18.23
C GLU H 492 -9.73 31.00 19.01
N ARG H 493 -9.68 31.08 20.34
CA ARG H 493 -9.59 29.86 21.15
C ARG H 493 -10.81 28.98 20.94
N GLN H 494 -11.99 29.58 20.91
CA GLN H 494 -13.21 28.84 20.60
C GLN H 494 -13.09 28.16 19.23
N THR H 495 -12.54 28.89 18.25
CA THR H 495 -12.34 28.30 16.92
C THR H 495 -11.41 27.09 16.99
N GLU H 496 -10.33 27.21 17.76
CA GLU H 496 -9.43 26.07 17.98
C GLU H 496 -10.21 24.84 18.45
N LEU H 497 -10.98 25.00 19.52
CA LEU H 497 -11.70 23.86 20.07
C LEU H 497 -12.70 23.29 19.07
N GLY H 498 -13.39 24.17 18.35
CA GLY H 498 -14.32 23.69 17.34
C GLY H 498 -13.65 22.88 16.25
N ARG H 499 -12.47 23.33 15.80
CA ARG H 499 -11.76 22.60 14.77
C ARG H 499 -11.34 21.21 15.26
N LEU H 500 -10.86 21.13 16.50
CA LEU H 500 -10.53 19.80 17.04
C LEU H 500 -11.75 18.89 17.09
N GLN H 501 -12.89 19.44 17.52
CA GLN H 501 -14.12 18.63 17.56
C GLN H 501 -14.49 18.14 16.16
N GLN H 502 -14.37 19.01 15.15
CA GLN H 502 -14.66 18.59 13.79
C GLN H 502 -13.69 17.51 13.30
N GLN H 503 -12.43 17.61 13.71
CA GLN H 503 -11.45 16.58 13.36
C GLN H 503 -11.86 15.23 13.89
N ILE H 504 -12.26 15.18 15.17
CA ILE H 504 -12.69 13.91 15.74
C ILE H 504 -13.96 13.42 15.04
N GLU H 505 -14.85 14.35 14.69
CA GLU H 505 -15.98 14.10 13.81
C GLU H 505 -15.57 13.28 12.58
N GLN H 506 -14.58 13.80 11.85
CA GLN H 506 -14.12 13.14 10.63
C GLN H 506 -13.62 11.72 10.90
N ARG H 507 -12.81 11.58 11.96
CA ARG H 507 -12.27 10.24 12.26
C ARG H 507 -13.39 9.25 12.57
N ARG H 508 -14.38 9.66 13.36
CA ARG H 508 -15.48 8.76 13.68
C ARG H 508 -16.27 8.40 12.43
N ARG H 509 -16.45 9.36 11.52
CA ARG H 509 -17.17 9.05 10.28
C ARG H 509 -16.46 7.96 9.50
N ARG H 510 -15.16 8.12 9.24
CA ARG H 510 -14.47 7.02 8.56
C ARG H 510 -14.62 5.71 9.33
N ALA H 511 -14.47 5.75 10.66
CA ALA H 511 -14.51 4.50 11.41
C ALA H 511 -15.81 3.73 11.16
N ARG H 512 -16.95 4.38 11.34
CA ARG H 512 -18.18 3.61 11.25
C ARG H 512 -18.58 3.36 9.80
N ALA H 513 -18.17 4.21 8.86
CA ALA H 513 -18.39 3.86 7.45
C ALA H 513 -17.62 2.60 7.07
N GLN H 514 -16.37 2.49 7.53
CA GLN H 514 -15.57 1.30 7.31
C GLN H 514 -16.26 0.08 7.92
N ILE H 515 -16.82 0.25 9.12
CA ILE H 515 -17.56 -0.84 9.77
C ILE H 515 -18.73 -1.27 8.90
N GLU H 516 -19.43 -0.30 8.29
CA GLU H 516 -20.57 -0.62 7.42
C GLU H 516 -20.13 -1.48 6.25
N ALA H 517 -19.01 -1.11 5.62
CA ALA H 517 -18.50 -1.92 4.51
C ALA H 517 -18.20 -3.34 4.96
N LEU H 518 -17.55 -3.48 6.13
CA LEU H 518 -17.21 -4.82 6.62
C LEU H 518 -18.47 -5.65 6.90
N GLU H 519 -19.51 -5.02 7.45
CA GLU H 519 -20.76 -5.76 7.68
C GLU H 519 -21.39 -6.20 6.37
N ALA H 520 -21.31 -5.37 5.34
CA ALA H 520 -21.79 -5.80 4.02
C ALA H 520 -21.05 -7.04 3.55
N GLU H 521 -19.73 -7.05 3.72
CA GLU H 521 -18.96 -8.24 3.38
C GLU H 521 -19.45 -9.46 4.16
N LEU H 522 -19.72 -9.29 5.45
CA LEU H 522 -20.17 -10.41 6.27
C LEU H 522 -21.51 -10.96 5.76
N GLN H 523 -22.44 -10.07 5.40
CA GLN H 523 -23.73 -10.54 4.90
C GLN H 523 -23.56 -11.30 3.58
N ALA H 524 -22.70 -10.80 2.70
CA ALA H 524 -22.44 -11.52 1.46
C ALA H 524 -21.90 -12.92 1.74
N GLU H 525 -20.98 -13.03 2.71
CA GLU H 525 -20.42 -14.34 3.03
C GLU H 525 -21.49 -15.27 3.59
N GLU H 526 -22.40 -14.75 4.41
CA GLU H 526 -23.49 -15.58 4.92
C GLU H 526 -24.35 -16.12 3.78
N ILE H 527 -24.69 -15.25 2.82
CA ILE H 527 -25.46 -15.71 1.66
C ILE H 527 -24.70 -16.80 0.93
N ALA H 528 -23.39 -16.65 0.80
CA ALA H 528 -22.59 -17.68 0.12
C ALA H 528 -22.66 -19.01 0.86
N LEU H 529 -22.54 -19.00 2.18
CA LEU H 529 -22.63 -20.25 2.95
C LEU H 529 -23.98 -20.92 2.72
N LYS H 530 -25.06 -20.15 2.76
CA LYS H 530 -26.37 -20.75 2.63
C LYS H 530 -26.58 -21.31 1.22
N ALA H 531 -26.05 -20.62 0.21
CA ALA H 531 -26.08 -21.17 -1.14
C ALA H 531 -25.32 -22.49 -1.22
N LEU H 532 -24.15 -22.55 -0.57
CA LEU H 532 -23.38 -23.78 -0.50
C LEU H 532 -24.17 -24.93 0.10
N VAL H 533 -24.85 -24.71 1.22
CA VAL H 533 -25.63 -25.76 1.86
C VAL H 533 -26.81 -26.19 1.00
N GLU H 534 -27.56 -25.22 0.46
CA GLU H 534 -28.74 -25.56 -0.34
C GLU H 534 -28.35 -26.39 -1.57
N SER H 535 -27.36 -25.93 -2.33
CA SER H 535 -27.00 -26.63 -3.56
C SER H 535 -26.43 -28.01 -3.26
N GLU H 536 -25.64 -28.13 -2.20
CA GLU H 536 -25.05 -29.43 -1.84
C GLU H 536 -26.15 -30.41 -1.46
N SER H 537 -27.13 -29.97 -0.67
CA SER H 537 -28.24 -30.85 -0.32
C SER H 537 -29.04 -31.23 -1.57
N ALA H 538 -29.21 -30.30 -2.50
CA ALA H 538 -29.92 -30.62 -3.73
C ALA H 538 -29.18 -31.69 -4.53
N HIS H 539 -27.85 -31.59 -4.57
CA HIS H 539 -27.06 -32.63 -5.23
C HIS H 539 -27.25 -33.98 -4.56
N GLU H 540 -27.26 -33.99 -3.22
CA GLU H 540 -27.57 -35.22 -2.49
C GLU H 540 -28.90 -35.80 -2.96
N ARG H 541 -29.94 -34.97 -3.01
CA ARG H 541 -31.27 -35.44 -3.39
C ARG H 541 -31.28 -36.00 -4.81
N GLN H 542 -30.65 -35.30 -5.74
CA GLN H 542 -30.63 -35.76 -7.13
C GLN H 542 -29.87 -37.08 -7.26
N ARG H 543 -28.76 -37.22 -6.54
CA ARG H 543 -28.02 -38.47 -6.57
C ARG H 543 -28.87 -39.63 -6.06
N LEU H 544 -29.59 -39.40 -4.96
CA LEU H 544 -30.47 -40.44 -4.44
C LEU H 544 -31.54 -40.82 -5.46
N ALA H 545 -32.13 -39.82 -6.11
CA ALA H 545 -33.17 -40.11 -7.09
C ALA H 545 -32.62 -40.93 -8.26
N ASP H 546 -31.45 -40.56 -8.77
CA ASP H 546 -30.85 -41.30 -9.89
C ASP H 546 -30.52 -42.73 -9.48
N ALA H 547 -29.99 -42.91 -8.27
CA ALA H 547 -29.68 -44.25 -7.80
C ALA H 547 -30.94 -45.11 -7.72
N ASP H 548 -32.03 -44.54 -7.21
CA ASP H 548 -33.30 -45.27 -7.15
C ASP H 548 -33.77 -45.65 -8.55
N THR H 549 -33.67 -44.72 -9.50
CA THR H 549 -34.09 -45.01 -10.88
C THR H 549 -33.31 -46.19 -11.45
N LEU H 550 -31.99 -46.18 -11.28
CA LEU H 550 -31.19 -47.32 -11.74
C LEU H 550 -31.58 -48.60 -11.02
N ALA H 551 -31.88 -48.50 -9.71
CA ALA H 551 -32.24 -49.67 -8.92
C ALA H 551 -33.49 -50.35 -9.47
N ARG H 552 -34.53 -49.57 -9.76
CA ARG H 552 -35.65 -50.13 -10.50
C ARG H 552 -35.23 -50.70 -11.86
N SER H 553 -34.48 -49.93 -12.63
CA SER H 553 -34.19 -50.37 -14.01
C SER H 553 -33.54 -51.74 -14.02
N ARG H 554 -32.76 -52.06 -12.98
CA ARG H 554 -32.10 -53.36 -12.89
C ARG H 554 -32.60 -54.22 -11.74
N GLY H 555 -33.79 -53.94 -11.22
CA GLY H 555 -34.31 -54.64 -10.06
C GLY H 555 -35.29 -55.76 -10.38
N ASN H 556 -35.31 -56.77 -9.51
CA ASN H 556 -36.26 -57.86 -9.61
C ASN H 556 -37.56 -57.59 -8.87
N GLU H 557 -37.64 -56.52 -8.09
CA GLU H 557 -38.87 -56.20 -7.35
C GLU H 557 -40.06 -55.95 -8.27
N ARG H 558 -39.84 -55.86 -9.58
CA ARG H 558 -40.95 -55.66 -10.52
C ARG H 558 -41.94 -56.82 -10.51
N PHE H 559 -41.56 -57.96 -9.94
CA PHE H 559 -42.40 -59.15 -9.99
C PHE H 559 -42.76 -59.71 -8.62
N ALA H 560 -42.13 -59.24 -7.55
CA ALA H 560 -42.43 -59.73 -6.21
C ALA H 560 -41.66 -58.94 -5.15
N GLY I 4 -19.17 110.15 59.36
CA GLY I 4 -18.22 110.48 58.32
C GLY I 4 -17.67 111.89 58.43
N ILE I 5 -16.70 112.22 57.57
CA ILE I 5 -16.08 113.54 57.55
C ILE I 5 -16.00 114.02 56.11
N GLY I 6 -15.89 115.33 55.95
CA GLY I 6 -15.77 115.90 54.62
C GLY I 6 -14.45 115.54 53.96
N LYS I 7 -14.46 115.53 52.63
CA LYS I 7 -13.28 115.16 51.86
C LYS I 7 -13.27 115.94 50.56
N SER I 8 -12.08 116.38 50.16
CA SER I 8 -11.92 117.16 48.94
C SER I 8 -11.19 116.34 47.90
N PRO I 9 -11.81 116.00 46.76
CA PRO I 9 -11.09 115.29 45.70
C PRO I 9 -9.91 116.11 45.18
N THR I 10 -8.86 115.41 44.76
CA THR I 10 -7.65 116.06 44.27
C THR I 10 -7.40 115.80 42.80
N GLY I 11 -8.40 115.34 42.06
CA GLY I 11 -8.20 115.04 40.66
C GLY I 11 -7.61 113.65 40.43
N ILE I 12 -6.62 113.27 41.25
CA ILE I 12 -6.00 111.95 41.11
C ILE I 12 -7.02 110.89 41.50
N GLN I 13 -7.52 110.14 40.52
CA GLN I 13 -8.58 109.17 40.79
C GLN I 13 -8.10 108.07 41.74
N GLY I 14 -6.91 107.55 41.50
CA GLY I 14 -6.40 106.48 42.34
C GLY I 14 -6.23 106.92 43.78
N PHE I 15 -5.59 108.08 44.00
CA PHE I 15 -5.42 108.58 45.35
C PHE I 15 -6.76 108.88 46.02
N ASP I 16 -7.70 109.46 45.25
CA ASP I 16 -9.01 109.77 45.81
C ASP I 16 -9.73 108.51 46.26
N GLU I 17 -9.72 107.47 45.44
CA GLU I 17 -10.42 106.24 45.83
C GLU I 17 -9.66 105.50 46.93
N LEU I 18 -8.34 105.68 47.00
CA LEU I 18 -7.59 105.12 48.11
C LEU I 18 -7.97 105.79 49.43
N THR I 19 -8.12 107.12 49.41
CA THR I 19 -8.48 107.88 50.60
C THR I 19 -9.98 107.86 50.88
N LEU I 20 -10.79 107.30 49.98
CA LEU I 20 -12.24 107.23 50.17
C LEU I 20 -12.88 108.61 50.06
N GLY I 21 -12.42 109.41 49.10
CA GLY I 21 -12.98 110.72 48.88
C GLY I 21 -11.95 111.80 48.63
N GLY I 22 -10.78 111.66 49.25
CA GLY I 22 -9.69 112.60 49.08
C GLY I 22 -9.22 113.12 50.42
N LEU I 23 -8.46 114.22 50.37
CA LEU I 23 -7.94 114.81 51.59
C LEU I 23 -9.08 115.42 52.41
N PRO I 24 -8.91 115.51 53.73
CA PRO I 24 -9.95 116.11 54.56
C PRO I 24 -10.17 117.57 54.20
N THR I 25 -11.42 118.01 54.31
CA THR I 25 -11.79 119.38 53.98
C THR I 25 -11.74 120.24 55.24
N GLY I 26 -11.02 121.36 55.15
CA GLY I 26 -10.87 122.26 56.28
C GLY I 26 -9.78 121.90 57.25
N ARG I 27 -8.93 120.93 56.92
CA ARG I 27 -7.85 120.48 57.78
C ARG I 27 -6.54 120.51 57.02
N PRO I 28 -5.42 120.68 57.71
CA PRO I 28 -4.11 120.68 57.04
C PRO I 28 -3.62 119.28 56.75
N SER I 29 -2.95 119.15 55.61
CA SER I 29 -2.37 117.89 55.17
C SER I 29 -0.87 118.05 54.95
N LEU I 30 -0.11 117.05 55.37
CA LEU I 30 1.34 117.07 55.26
C LEU I 30 1.79 116.10 54.17
N VAL I 31 2.66 116.57 53.29
CA VAL I 31 3.25 115.76 52.24
C VAL I 31 4.75 115.72 52.48
N CYS I 32 5.24 114.57 52.94
CA CYS I 32 6.64 114.38 53.27
C CYS I 32 7.35 113.59 52.18
N GLY I 33 8.66 113.79 52.07
CA GLY I 33 9.47 113.12 51.08
C GLY I 33 10.72 113.89 50.74
N SER I 34 11.79 113.16 50.37
CA SER I 34 13.05 113.79 50.02
C SER I 34 12.92 114.59 48.74
N ALA I 35 14.00 115.27 48.34
CA ALA I 35 13.96 116.07 47.12
C ALA I 35 13.71 115.18 45.91
N GLY I 36 12.84 115.66 45.02
CA GLY I 36 12.52 114.94 43.80
C GLY I 36 11.40 113.93 43.89
N CYS I 37 10.78 113.78 45.06
CA CYS I 37 9.68 112.82 45.20
C CYS I 37 8.41 113.29 44.50
N GLY I 38 8.14 114.59 44.48
CA GLY I 38 6.99 115.10 43.77
C GLY I 38 5.97 115.82 44.64
N LYS I 39 6.41 116.36 45.77
CA LYS I 39 5.51 117.08 46.66
C LYS I 39 4.97 118.35 46.01
N THR I 40 5.85 119.11 45.34
CA THR I 40 5.43 120.34 44.69
C THR I 40 4.40 120.05 43.60
N LEU I 41 4.65 119.03 42.78
CA LEU I 41 3.68 118.66 41.76
C LEU I 41 2.39 118.15 42.39
N PHE I 42 2.48 117.40 43.49
CA PHE I 42 1.27 116.96 44.17
C PHE I 42 0.40 118.15 44.55
N ALA I 43 1.00 119.16 45.19
CA ALA I 43 0.24 120.35 45.57
C ALA I 43 -0.29 121.06 44.33
N SER I 44 0.51 121.15 43.27
CA SER I 44 0.10 121.87 42.07
C SER I 44 -1.13 121.23 41.43
N THR I 45 -1.11 119.92 41.23
CA THR I 45 -2.29 119.26 40.68
C THR I 45 -3.46 119.35 41.65
N PHE I 46 -3.20 119.26 42.96
CA PHE I 46 -4.27 119.50 43.92
C PHE I 46 -5.01 120.78 43.58
N LEU I 47 -4.28 121.90 43.54
CA LEU I 47 -4.91 123.19 43.29
C LEU I 47 -5.56 123.23 41.91
N ILE I 48 -4.87 122.73 40.89
CA ILE I 48 -5.36 122.84 39.52
C ILE I 48 -6.65 122.05 39.35
N ASN I 49 -6.66 120.81 39.84
CA ASN I 49 -7.86 119.98 39.74
C ASN I 49 -9.00 120.56 40.57
N GLY I 50 -8.69 121.08 41.76
CA GLY I 50 -9.73 121.70 42.55
C GLY I 50 -10.38 122.87 41.82
N VAL I 51 -9.57 123.70 41.16
CA VAL I 51 -10.12 124.85 40.45
C VAL I 51 -10.87 124.42 39.18
N ARG I 52 -10.35 123.44 38.44
CA ARG I 52 -10.86 123.13 37.11
C ARG I 52 -11.92 122.03 37.10
N ASP I 53 -12.18 121.37 38.23
CA ASP I 53 -13.13 120.27 38.23
C ASP I 53 -14.19 120.43 39.32
N HIS I 54 -13.83 121.09 40.42
CA HIS I 54 -14.74 121.26 41.54
C HIS I 54 -15.00 122.73 41.86
N GLY I 55 -14.53 123.65 41.04
CA GLY I 55 -14.84 125.06 41.20
C GLY I 55 -14.42 125.66 42.52
N GLU I 56 -13.18 125.40 42.95
CA GLU I 56 -12.67 125.93 44.19
C GLU I 56 -11.40 126.74 43.91
N PRO I 57 -11.39 128.04 44.20
CA PRO I 57 -10.18 128.84 43.96
C PRO I 57 -9.04 128.41 44.85
N GLY I 58 -7.83 128.65 44.34
CA GLY I 58 -6.63 128.17 45.01
C GLY I 58 -5.62 129.29 45.21
N VAL I 59 -4.79 129.10 46.24
CA VAL I 59 -3.70 130.00 46.57
C VAL I 59 -2.46 129.16 46.80
N PHE I 60 -1.33 129.59 46.22
CA PHE I 60 -0.06 128.87 46.32
C PHE I 60 0.96 129.81 46.94
N VAL I 61 1.26 129.60 48.22
CA VAL I 61 2.23 130.41 48.95
C VAL I 61 3.55 129.64 48.95
N THR I 62 4.52 130.16 48.21
CA THR I 62 5.82 129.54 48.06
C THR I 62 6.87 130.37 48.80
N PHE I 63 7.70 129.70 49.60
CA PHE I 63 8.72 130.39 50.37
C PHE I 63 10.11 130.30 49.74
N GLU I 64 10.32 129.39 48.80
CA GLU I 64 11.61 129.25 48.12
C GLU I 64 11.52 129.51 46.63
N GLU I 65 10.62 128.83 45.92
CA GLU I 65 10.56 128.93 44.48
C GLU I 65 9.80 130.18 44.04
N ARG I 66 10.27 130.79 42.96
CA ARG I 66 9.61 131.97 42.42
C ARG I 66 8.41 131.58 41.57
N PRO I 67 7.49 132.52 41.33
CA PRO I 67 6.32 132.20 40.50
C PRO I 67 6.68 131.68 39.13
N GLU I 68 7.76 132.20 38.52
CA GLU I 68 8.19 131.68 37.22
C GLU I 68 8.51 130.20 37.31
N ASP I 69 9.28 129.80 38.33
CA ASP I 69 9.59 128.39 38.50
C ASP I 69 8.33 127.57 38.77
N ILE I 70 7.43 128.11 39.60
CA ILE I 70 6.22 127.38 39.95
C ILE I 70 5.37 127.11 38.71
N VAL I 71 5.23 128.10 37.84
CA VAL I 71 4.46 127.92 36.62
C VAL I 71 5.17 127.00 35.63
N ASN I 72 6.49 127.16 35.48
CA ASN I 72 7.23 126.36 34.51
C ASN I 72 7.24 124.89 34.89
N ASN I 73 7.25 124.59 36.19
CA ASN I 73 7.29 123.20 36.64
C ASN I 73 6.11 122.42 36.07
N VAL I 74 4.90 123.00 36.13
CA VAL I 74 3.71 122.31 35.65
C VAL I 74 3.36 122.67 34.22
N ALA I 75 4.08 123.62 33.60
CA ALA I 75 3.81 123.95 32.21
C ALA I 75 3.86 122.72 31.32
N SER I 76 4.78 121.79 31.60
CA SER I 76 4.95 120.62 30.75
C SER I 76 3.82 119.61 30.93
N LEU I 77 3.23 119.56 32.12
CA LEU I 77 2.20 118.56 32.42
C LEU I 77 0.90 118.84 31.67
N GLY I 78 0.80 120.00 31.04
CA GLY I 78 -0.38 120.38 30.29
C GLY I 78 -1.25 121.43 30.95
N PHE I 79 -1.07 121.66 32.25
CA PHE I 79 -1.78 122.75 32.89
C PHE I 79 -1.26 124.09 32.36
N GLU I 80 -2.07 125.13 32.55
CA GLU I 80 -1.69 126.48 32.16
C GLU I 80 -1.88 127.37 33.39
N LEU I 81 -0.87 127.40 34.25
CA LEU I 81 -0.91 128.29 35.40
C LEU I 81 -0.93 129.75 34.96
N ASP I 82 -0.29 130.07 33.84
CA ASP I 82 -0.36 131.43 33.33
C ASP I 82 -1.81 131.83 33.06
N LYS I 83 -2.59 130.94 32.43
CA LYS I 83 -3.99 131.24 32.16
C LYS I 83 -4.82 131.22 33.44
N LEU I 84 -4.56 130.29 34.34
CA LEU I 84 -5.35 130.23 35.57
C LEU I 84 -5.08 131.41 36.50
N ILE I 85 -3.92 132.05 36.39
CA ILE I 85 -3.65 133.29 37.11
C ILE I 85 -4.17 134.50 36.34
N GLU I 86 -3.89 134.52 35.03
CA GLU I 86 -4.47 135.46 34.09
C GLU I 86 -5.98 135.56 34.22
N GLU I 87 -6.63 134.54 34.76
CA GLU I 87 -8.05 134.59 35.09
C GLU I 87 -8.32 134.69 36.58
N GLU I 88 -7.28 134.70 37.41
CA GLU I 88 -7.37 134.56 38.86
C GLU I 88 -8.38 133.47 39.22
N LYS I 89 -7.95 132.24 39.03
CA LYS I 89 -8.47 131.07 39.72
C LYS I 89 -7.45 130.47 40.69
N ILE I 90 -6.17 130.73 40.47
CA ILE I 90 -5.11 130.39 41.41
C ILE I 90 -4.21 131.62 41.56
N ALA I 91 -3.97 132.02 42.82
CA ALA I 91 -3.17 133.19 43.15
C ALA I 91 -1.87 132.75 43.79
N ILE I 92 -0.74 133.22 43.25
CA ILE I 92 0.59 132.79 43.68
C ILE I 92 1.21 133.91 44.52
N GLU I 93 1.69 133.54 45.70
CA GLU I 93 2.34 134.48 46.61
C GLU I 93 3.75 133.97 46.91
N HIS I 94 4.75 134.68 46.39
CA HIS I 94 6.15 134.36 46.62
C HIS I 94 6.59 135.15 47.85
N ILE I 95 6.58 134.48 49.00
CA ILE I 95 6.88 135.16 50.28
C ILE I 95 8.33 134.82 50.60
N ALA I 96 9.23 135.71 50.15
CA ALA I 96 10.66 135.53 50.32
C ALA I 96 11.21 136.54 51.31
N VAL I 97 12.10 136.08 52.19
CA VAL I 97 12.72 136.92 53.20
C VAL I 97 14.23 136.79 53.06
N ASP I 98 14.92 137.93 53.01
CA ASP I 98 16.37 137.96 52.90
C ASP I 98 16.97 138.37 54.23
N PRO I 99 17.75 137.52 54.89
CA PRO I 99 18.29 137.90 56.20
C PRO I 99 19.44 138.89 56.13
N SER I 100 19.96 139.18 54.94
CA SER I 100 21.11 140.07 54.82
C SER I 100 20.78 141.46 55.36
N GLU I 101 19.66 142.04 54.91
CA GLU I 101 19.22 143.35 55.36
C GLU I 101 18.24 143.28 56.53
N VAL I 102 18.34 142.24 57.36
CA VAL I 102 17.45 142.07 58.50
C VAL I 102 18.28 142.07 59.78
N ALA I 103 17.94 142.98 60.69
CA ALA I 103 18.50 143.00 62.03
C ALA I 103 17.34 142.99 63.03
N GLU I 104 17.39 142.06 63.97
CA GLU I 104 16.27 141.78 64.87
C GLU I 104 16.51 142.43 66.22
N ILE I 105 15.64 143.39 66.57
CA ILE I 105 15.63 144.02 67.88
C ILE I 105 14.21 143.93 68.42
N GLY I 106 14.06 143.32 69.59
CA GLY I 106 12.73 143.14 70.17
C GLY I 106 12.04 141.90 69.62
N ASP I 107 10.72 141.87 69.81
CA ASP I 107 9.89 140.76 69.39
C ASP I 107 9.09 141.14 68.16
N TYR I 108 8.99 140.21 67.22
CA TYR I 108 8.30 140.43 65.95
C TYR I 108 7.28 139.32 65.72
N ASP I 109 6.21 139.65 65.01
CA ASP I 109 5.18 138.70 64.62
C ASP I 109 5.08 138.67 63.11
N LEU I 110 4.90 137.47 62.54
CA LEU I 110 4.78 137.31 61.10
C LEU I 110 3.38 137.76 60.67
N GLU I 111 3.12 139.06 60.92
CA GLU I 111 1.86 139.69 60.60
C GLU I 111 1.70 139.96 59.11
N GLY I 112 2.79 140.30 58.42
CA GLY I 112 2.71 140.51 56.99
C GLY I 112 2.34 139.24 56.23
N LEU I 113 2.84 138.10 56.71
CA LEU I 113 2.43 136.83 56.12
C LEU I 113 0.92 136.68 56.13
N PHE I 114 0.30 136.89 57.30
CA PHE I 114 -1.14 136.77 57.40
C PHE I 114 -1.86 137.80 56.54
N LEU I 115 -1.38 139.05 56.56
CA LEU I 115 -2.06 140.08 55.78
C LEU I 115 -2.03 139.78 54.29
N ARG I 116 -0.85 139.41 53.77
CA ARG I 116 -0.74 139.10 52.34
C ARG I 116 -1.56 137.87 51.97
N LEU I 117 -1.52 136.83 52.81
CA LEU I 117 -2.26 135.62 52.51
C LEU I 117 -3.77 135.89 52.53
N GLU I 118 -4.23 136.68 53.49
CA GLU I 118 -5.64 137.08 53.51
C GLU I 118 -6.02 137.90 52.29
N LEU I 119 -5.14 138.82 51.88
CA LEU I 119 -5.42 139.61 50.69
C LEU I 119 -5.58 138.72 49.47
N ALA I 120 -4.67 137.77 49.30
CA ALA I 120 -4.78 136.84 48.17
C ALA I 120 -6.05 136.01 48.26
N ILE I 121 -6.39 135.54 49.46
CA ILE I 121 -7.58 134.69 49.60
C ILE I 121 -8.83 135.47 49.22
N ASP I 122 -8.95 136.72 49.70
CA ASP I 122 -10.11 137.52 49.36
C ASP I 122 -10.11 137.92 47.89
N THR I 123 -8.94 138.12 47.30
CA THR I 123 -8.87 138.47 45.89
C THR I 123 -9.36 137.33 45.01
N VAL I 124 -8.98 136.10 45.34
CA VAL I 124 -9.27 134.96 44.47
C VAL I 124 -10.49 134.16 44.94
N GLY I 125 -11.10 134.53 46.06
CA GLY I 125 -12.19 133.74 46.61
C GLY I 125 -11.73 132.32 46.90
N ALA I 126 -10.49 132.19 47.35
CA ALA I 126 -9.84 130.89 47.43
C ALA I 126 -10.47 130.02 48.51
N LYS I 127 -10.48 128.72 48.25
CA LYS I 127 -10.85 127.71 49.23
C LYS I 127 -9.74 126.70 49.48
N ARG I 128 -8.76 126.60 48.58
CA ARG I 128 -7.64 125.69 48.75
C ARG I 128 -6.35 126.49 48.84
N VAL I 129 -5.44 126.02 49.69
CA VAL I 129 -4.18 126.71 49.95
C VAL I 129 -3.06 125.68 49.97
N VAL I 130 -1.92 126.04 49.39
CA VAL I 130 -0.73 125.21 49.39
C VAL I 130 0.42 126.02 49.99
N LEU I 131 1.15 125.41 50.92
CA LEU I 131 2.30 126.04 51.56
C LEU I 131 3.55 125.26 51.18
N ASP I 132 4.40 125.87 50.35
CA ASP I 132 5.57 125.21 49.80
C ASP I 132 6.84 125.74 50.43
N THR I 133 7.68 124.83 50.91
CA THR I 133 9.00 125.13 51.45
C THR I 133 8.90 126.09 52.64
N ILE I 134 8.27 125.61 53.71
CA ILE I 134 8.10 126.40 54.92
C ILE I 134 9.33 126.29 55.80
N GLU I 135 10.33 125.52 55.35
CA GLU I 135 11.58 125.41 56.10
C GLU I 135 12.45 126.65 55.91
N SER I 136 12.34 127.30 54.75
CA SER I 136 13.07 128.55 54.54
C SER I 136 12.62 129.63 55.51
N LEU I 137 11.35 129.60 55.91
CA LEU I 137 10.87 130.55 56.91
C LEU I 137 11.64 130.41 58.22
N PHE I 138 11.84 129.17 58.68
CA PHE I 138 12.67 128.93 59.86
C PHE I 138 14.13 129.33 59.60
N SER I 139 14.67 128.96 58.45
CA SER I 139 16.07 129.26 58.16
C SER I 139 16.36 130.74 58.13
N ALA I 140 15.39 131.57 57.73
CA ALA I 140 15.64 133.00 57.61
C ALA I 140 15.75 133.66 58.98
N PHE I 141 14.69 133.62 59.77
CA PHE I 141 14.69 134.27 61.07
C PHE I 141 15.49 133.48 62.09
N SER I 142 15.99 134.18 63.10
CA SER I 142 16.87 133.58 64.11
C SER I 142 16.10 133.01 65.30
N ASN I 143 15.09 133.71 65.79
CA ASN I 143 14.37 133.25 66.97
C ASN I 143 13.47 132.08 66.60
N PRO I 144 13.70 130.89 67.17
CA PRO I 144 12.88 129.72 66.78
C PRO I 144 11.50 129.72 67.40
N ALA I 145 11.40 130.17 68.66
CA ALA I 145 10.12 130.14 69.36
C ALA I 145 9.10 131.04 68.68
N ILE I 146 9.53 132.21 68.23
CA ILE I 146 8.61 133.14 67.56
C ILE I 146 8.04 132.50 66.30
N LEU I 147 8.91 131.88 65.50
CA LEU I 147 8.45 131.22 64.28
C LEU I 147 7.50 130.07 64.60
N ARG I 148 7.84 129.27 65.62
CA ARG I 148 6.97 128.17 66.03
C ARG I 148 5.59 128.69 66.38
N ALA I 149 5.52 129.69 67.26
CA ALA I 149 4.24 130.26 67.64
C ALA I 149 3.51 130.84 66.45
N GLU I 150 4.24 131.53 65.56
CA GLU I 150 3.59 132.21 64.45
C GLU I 150 2.93 131.21 63.50
N ILE I 151 3.60 130.11 63.17
CA ILE I 151 2.94 129.21 62.22
C ILE I 151 1.94 128.31 62.94
N ARG I 152 2.09 128.07 64.24
CA ARG I 152 0.98 127.42 64.94
C ARG I 152 -0.27 128.27 64.86
N ARG I 153 -0.12 129.59 65.07
CA ARG I 153 -1.22 130.53 64.85
C ARG I 153 -1.68 130.51 63.40
N LEU I 154 -0.75 130.37 62.44
CA LEU I 154 -1.14 130.32 61.04
C LEU I 154 -2.01 129.10 60.73
N PHE I 155 -1.61 127.93 61.20
CA PHE I 155 -2.41 126.72 60.99
C PHE I 155 -3.76 126.84 61.69
N ASP I 156 -3.76 127.35 62.93
CA ASP I 156 -5.01 127.56 63.63
C ASP I 156 -5.92 128.52 62.86
N TRP I 157 -5.33 129.57 62.27
CA TRP I 157 -6.09 130.56 61.52
C TRP I 157 -6.65 129.98 60.22
N LEU I 158 -5.85 129.14 59.54
CA LEU I 158 -6.34 128.48 58.34
C LEU I 158 -7.51 127.57 58.67
N LYS I 159 -7.38 126.76 59.71
CA LYS I 159 -8.52 125.95 60.15
C LYS I 159 -9.69 126.83 60.56
N GLU I 160 -9.38 127.97 61.18
CA GLU I 160 -10.39 128.84 61.77
C GLU I 160 -11.28 129.48 60.71
N ARG I 161 -10.69 129.89 59.59
CA ARG I 161 -11.54 130.36 58.49
C ARG I 161 -11.91 129.23 57.52
N GLY I 162 -11.42 128.02 57.74
CA GLY I 162 -11.94 126.87 57.00
C GLY I 162 -11.47 126.74 55.56
N LEU I 163 -10.17 126.80 55.32
CA LEU I 163 -9.61 126.50 54.01
C LEU I 163 -8.95 125.13 54.03
N THR I 164 -8.90 124.49 52.87
CA THR I 164 -8.25 123.19 52.74
C THR I 164 -6.79 123.41 52.35
N THR I 165 -5.88 123.07 53.26
CA THR I 165 -4.48 123.42 53.12
C THR I 165 -3.62 122.18 53.00
N VAL I 166 -2.63 122.25 52.10
CA VAL I 166 -1.66 121.18 51.89
C VAL I 166 -0.27 121.77 52.09
N ILE I 167 0.53 121.13 52.94
CA ILE I 167 1.84 121.63 53.34
C ILE I 167 2.91 120.69 52.79
N THR I 168 3.93 121.26 52.17
CA THR I 168 5.06 120.50 51.65
C THR I 168 6.22 120.58 52.64
N ALA I 169 6.71 119.42 53.07
CA ALA I 169 7.78 119.33 54.04
C ALA I 169 8.81 118.29 53.60
N GLU I 170 10.08 118.58 53.88
CA GLU I 170 11.16 117.64 53.60
C GLU I 170 11.18 116.53 54.66
N ARG I 171 11.80 115.41 54.30
CA ARG I 171 11.80 114.24 55.19
C ARG I 171 12.82 114.39 56.30
N GLY I 172 14.10 114.49 55.96
CA GLY I 172 15.15 114.57 56.96
C GLY I 172 15.91 113.27 57.14
N ASP I 173 16.25 112.95 58.38
CA ASP I 173 17.03 111.74 58.66
C ASP I 173 16.40 110.84 59.71
N GLY I 174 15.78 111.40 60.73
CA GLY I 174 15.24 110.61 61.83
C GLY I 174 13.77 110.27 61.68
N ALA I 175 12.95 111.27 61.39
CA ALA I 175 11.52 111.06 61.26
C ALA I 175 11.06 111.46 59.86
N LEU I 176 9.74 111.46 59.63
CA LEU I 176 9.19 111.83 58.34
C LEU I 176 9.31 113.32 58.05
N THR I 177 9.81 114.11 59.01
CA THR I 177 10.01 115.53 58.81
C THR I 177 11.23 115.96 59.61
N ARG I 178 11.96 116.94 59.06
CA ARG I 178 13.17 117.45 59.69
C ARG I 178 12.94 118.67 60.56
N GLN I 179 11.80 119.33 60.43
CA GLN I 179 11.48 120.51 61.23
C GLN I 179 10.34 120.27 62.21
N GLY I 180 9.93 119.02 62.39
CA GLY I 180 8.89 118.70 63.35
C GLY I 180 7.52 119.26 63.02
N LEU I 181 7.15 119.24 61.73
CA LEU I 181 5.79 119.64 61.35
C LEU I 181 4.78 118.53 61.57
N GLU I 182 5.24 117.31 61.81
CA GLU I 182 4.34 116.24 62.25
C GLU I 182 3.71 116.56 63.59
N GLU I 183 4.50 117.17 64.50
CA GLU I 183 3.95 117.62 65.77
C GLU I 183 2.68 118.43 65.56
N TYR I 184 2.59 119.10 64.40
CA TYR I 184 1.57 120.11 64.19
C TYR I 184 0.43 119.55 63.36
N VAL I 185 0.75 118.92 62.23
CA VAL I 185 -0.23 118.44 61.27
C VAL I 185 -0.35 116.92 61.45
N SER I 186 -1.51 116.48 61.93
CA SER I 186 -1.79 115.06 62.08
C SER I 186 -3.08 114.62 61.41
N ASP I 187 -3.79 115.54 60.76
CA ASP I 187 -5.04 115.17 60.08
C ASP I 187 -4.80 114.21 58.93
N CYS I 188 -3.69 114.39 58.20
CA CYS I 188 -3.35 113.51 57.08
C CYS I 188 -1.88 113.66 56.77
N VAL I 189 -1.17 112.53 56.68
CA VAL I 189 0.26 112.50 56.38
C VAL I 189 0.47 111.55 55.21
N ILE I 190 1.09 112.07 54.14
CA ILE I 190 1.33 111.29 52.94
C ILE I 190 2.82 111.32 52.65
N LEU I 191 3.45 110.15 52.63
CA LEU I 191 4.89 110.02 52.41
C LEU I 191 5.12 109.54 50.99
N LEU I 192 5.95 110.28 50.25
CA LEU I 192 6.35 109.91 48.91
C LEU I 192 7.79 109.45 48.92
N ASP I 193 8.06 108.32 48.27
CA ASP I 193 9.39 107.72 48.29
C ASP I 193 9.82 107.41 46.87
N HIS I 194 11.13 107.46 46.64
CA HIS I 194 11.71 107.17 45.32
C HIS I 194 12.92 106.26 45.55
N ARG I 195 12.70 104.96 45.39
CA ARG I 195 13.70 103.97 45.79
C ARG I 195 14.21 103.21 44.57
N VAL I 196 15.52 102.93 44.57
CA VAL I 196 16.19 102.23 43.48
C VAL I 196 16.55 100.84 43.95
N GLU I 197 16.15 99.83 43.18
CA GLU I 197 16.49 98.44 43.45
C GLU I 197 16.94 97.79 42.16
N ASN I 198 18.13 97.17 42.19
CA ASN I 198 18.70 96.54 41.01
C ASN I 198 18.81 97.52 39.85
N GLN I 199 19.17 98.76 40.16
CA GLN I 199 19.37 99.86 39.23
C GLN I 199 18.04 100.43 38.71
N ILE I 200 16.90 99.85 39.10
CA ILE I 200 15.60 100.33 38.65
C ILE I 200 14.98 101.16 39.77
N SER I 201 14.59 102.38 39.45
CA SER I 201 14.02 103.30 40.42
C SER I 201 12.51 103.38 40.24
N THR I 202 11.79 103.31 41.37
CA THR I 202 10.34 103.35 41.37
C THR I 202 9.86 104.34 42.42
N ARG I 203 8.69 104.93 42.15
CA ARG I 203 8.08 105.94 43.00
C ARG I 203 6.88 105.35 43.71
N ARG I 204 6.84 105.49 45.03
CA ARG I 204 5.79 104.90 45.86
C ARG I 204 5.15 105.97 46.71
N LEU I 205 3.86 105.76 47.03
CA LEU I 205 3.10 106.65 47.88
C LEU I 205 2.51 105.86 49.03
N ARG I 206 2.49 106.46 50.22
CA ARG I 206 1.94 105.77 51.39
C ARG I 206 1.20 106.79 52.24
N ILE I 207 0.02 106.39 52.75
CA ILE I 207 -0.75 107.24 53.65
C ILE I 207 -0.38 106.81 55.07
N VAL I 208 0.56 107.53 55.69
CA VAL I 208 1.09 107.10 56.98
C VAL I 208 0.02 107.20 58.05
N LYS I 209 -0.71 108.30 58.09
CA LYS I 209 -1.73 108.51 59.11
C LYS I 209 -2.81 109.43 58.55
N TYR I 210 -4.03 108.91 58.44
CA TYR I 210 -5.19 109.68 57.98
C TYR I 210 -6.26 109.58 59.06
N ARG I 211 -6.44 110.65 59.82
CA ARG I 211 -7.31 110.62 61.00
C ARG I 211 -8.76 110.88 60.58
N GLY I 212 -9.66 109.99 61.02
CA GLY I 212 -11.08 110.21 60.85
C GLY I 212 -11.83 109.16 60.06
N THR I 213 -11.14 108.23 59.39
CA THR I 213 -11.84 107.22 58.61
C THR I 213 -10.83 106.25 58.04
N ALA I 214 -11.35 105.17 57.46
CA ALA I 214 -10.51 104.14 56.87
C ALA I 214 -9.86 104.63 55.58
N HIS I 215 -8.85 103.89 55.14
CA HIS I 215 -8.07 104.24 53.96
C HIS I 215 -7.12 103.10 53.65
N GLY I 216 -6.44 103.21 52.51
CA GLY I 216 -5.42 102.23 52.16
C GLY I 216 -4.16 102.43 52.97
N THR I 217 -3.54 101.32 53.35
CA THR I 217 -2.36 101.35 54.20
C THR I 217 -1.10 100.79 53.54
N ASN I 218 -1.21 100.17 52.36
CA ASN I 218 -0.06 99.61 51.68
C ASN I 218 0.69 100.70 50.94
N GLU I 219 1.86 100.34 50.41
CA GLU I 219 2.65 101.25 49.57
C GLU I 219 2.23 101.07 48.12
N TYR I 220 1.74 102.14 47.52
CA TYR I 220 1.19 102.08 46.17
C TYR I 220 2.15 102.70 45.18
N PRO I 221 2.69 101.95 44.22
CA PRO I 221 3.55 102.56 43.21
C PRO I 221 2.75 103.47 42.28
N PHE I 222 3.23 104.69 42.12
CA PHE I 222 2.57 105.69 41.30
C PHE I 222 3.51 106.13 40.18
N LEU I 223 2.96 106.87 39.22
CA LEU I 223 3.71 107.32 38.06
C LEU I 223 3.36 108.77 37.74
N ILE I 224 4.36 109.50 37.27
CA ILE I 224 4.18 110.88 36.79
C ILE I 224 4.33 110.85 35.28
N ASP I 225 3.26 111.23 34.58
CA ASP I 225 3.23 111.15 33.12
C ASP I 225 2.75 112.48 32.57
N THR I 226 2.47 112.52 31.27
CA THR I 226 1.99 113.74 30.65
C THR I 226 0.72 114.25 31.33
N ASP I 227 -0.18 113.34 31.70
CA ASP I 227 -1.38 113.74 32.43
C ASP I 227 -1.01 114.30 33.81
N GLY I 228 -0.04 113.68 34.48
CA GLY I 228 0.37 114.07 35.81
C GLY I 228 0.43 112.85 36.70
N PHE I 229 0.02 113.03 37.95
CA PHE I 229 -0.06 111.90 38.87
C PHE I 229 -1.08 110.88 38.37
N SER I 230 -0.67 109.61 38.39
CA SER I 230 -1.56 108.51 38.05
C SER I 230 -1.32 107.38 39.04
N VAL I 231 -2.39 106.87 39.62
CA VAL I 231 -2.29 105.81 40.62
C VAL I 231 -3.33 104.73 40.32
N LEU I 232 -2.85 103.55 39.93
CA LEU I 232 -3.72 102.42 39.67
C LEU I 232 -3.50 101.35 40.73
N PRO I 233 -4.03 101.54 41.93
CA PRO I 233 -3.78 100.57 43.01
C PRO I 233 -4.29 99.19 42.63
N VAL I 234 -3.54 98.16 43.05
CA VAL I 234 -3.95 96.77 42.83
C VAL I 234 -5.05 96.33 43.76
N SER I 235 -5.42 97.15 44.75
CA SER I 235 -6.47 96.82 45.68
C SER I 235 -7.85 97.26 45.21
N ALA I 236 -7.93 97.98 44.09
CA ALA I 236 -9.20 98.43 43.54
C ALA I 236 -9.84 97.41 42.61
N LEU I 237 -9.11 96.38 42.20
CA LEU I 237 -9.68 95.37 41.32
C LEU I 237 -10.77 94.59 42.03
N GLY I 238 -11.87 94.33 41.31
CA GLY I 238 -12.97 93.59 41.85
C GLY I 238 -13.42 92.50 40.88
N LEU I 239 -14.02 91.46 41.44
CA LEU I 239 -14.51 90.33 40.65
C LEU I 239 -15.98 90.53 40.30
N LEU I 240 -16.22 91.55 39.47
CA LEU I 240 -17.55 91.82 38.91
C LEU I 240 -17.39 91.94 37.39
N HIS I 241 -17.45 90.80 36.72
CA HIS I 241 -17.21 90.72 35.28
C HIS I 241 -18.47 90.18 34.61
N GLN I 242 -19.10 91.01 33.80
CA GLN I 242 -20.27 90.56 33.04
C GLN I 242 -19.84 89.55 31.99
N VAL I 243 -20.49 88.39 31.99
CA VAL I 243 -20.14 87.33 31.05
C VAL I 243 -21.04 87.40 29.83
N HIS I 244 -20.53 86.85 28.72
CA HIS I 244 -21.25 86.82 27.45
C HIS I 244 -21.39 85.39 26.99
N GLU I 245 -22.51 85.11 26.30
CA GLU I 245 -22.80 83.78 25.80
C GLU I 245 -22.35 83.58 24.35
N GLU I 246 -21.76 84.60 23.72
CA GLU I 246 -21.28 84.46 22.36
C GLU I 246 -19.92 83.73 22.35
N ARG I 247 -19.52 83.31 21.16
CA ARG I 247 -18.27 82.61 20.95
C ARG I 247 -17.38 83.38 19.99
N ILE I 248 -16.07 83.19 20.15
CA ILE I 248 -15.08 83.84 19.29
C ILE I 248 -14.43 82.77 18.43
N ALA I 249 -14.00 83.19 17.24
CA ALA I 249 -13.37 82.31 16.27
C ALA I 249 -11.86 82.49 16.33
N SER I 250 -11.15 81.38 16.59
CA SER I 250 -9.70 81.44 16.69
C SER I 250 -9.05 81.67 15.34
N GLY I 251 -9.72 81.26 14.26
CA GLY I 251 -9.16 81.30 12.93
C GLY I 251 -8.65 79.96 12.44
N VAL I 252 -8.51 78.97 13.32
CA VAL I 252 -8.14 77.61 12.95
C VAL I 252 -9.41 76.77 12.98
N PRO I 253 -9.93 76.31 11.84
CA PRO I 253 -11.19 75.56 11.86
C PRO I 253 -11.13 74.29 12.70
N ASP I 254 -10.01 73.57 12.65
CA ASP I 254 -9.92 72.33 13.41
C ASP I 254 -9.94 72.59 14.90
N LEU I 255 -9.14 73.57 15.35
CA LEU I 255 -9.13 73.92 16.77
C LEU I 255 -10.49 74.44 17.22
N ASP I 256 -11.16 75.24 16.37
CA ASP I 256 -12.49 75.75 16.71
C ASP I 256 -13.50 74.62 16.85
N ALA I 257 -13.47 73.64 15.95
CA ALA I 257 -14.41 72.53 16.04
C ALA I 257 -14.09 71.61 17.21
N MET I 258 -12.80 71.54 17.59
CA MET I 258 -12.41 70.64 18.67
C MET I 258 -13.19 70.94 19.95
N MET I 259 -13.62 72.18 20.13
CA MET I 259 -14.33 72.59 21.34
C MET I 259 -15.79 72.83 21.00
N ALA I 260 -16.68 72.41 21.91
CA ALA I 260 -18.10 72.61 21.71
C ALA I 260 -18.44 74.11 21.66
N GLY I 261 -19.42 74.46 20.83
CA GLY I 261 -19.86 75.82 20.69
C GLY I 261 -19.18 76.62 19.60
N GLY I 262 -18.11 76.08 19.00
CA GLY I 262 -17.41 76.77 17.93
C GLY I 262 -16.19 77.56 18.36
N GLY I 263 -15.99 77.78 19.65
CA GLY I 263 -14.82 78.53 20.08
C GLY I 263 -14.94 78.94 21.53
N PHE I 264 -13.87 79.54 22.03
CA PHE I 264 -13.83 80.00 23.41
C PHE I 264 -14.85 81.12 23.61
N PHE I 265 -15.38 81.20 24.84
CA PHE I 265 -16.33 82.26 25.16
C PHE I 265 -15.71 83.65 25.02
N ARG I 266 -16.49 84.58 24.50
CA ARG I 266 -16.00 85.93 24.22
C ARG I 266 -15.71 86.66 25.52
N GLY I 267 -14.69 87.51 25.47
CA GLY I 267 -14.29 88.27 26.64
C GLY I 267 -13.51 87.50 27.68
N SER I 268 -13.09 86.28 27.37
CA SER I 268 -12.35 85.44 28.31
C SER I 268 -10.84 85.62 28.13
N SER I 269 -10.10 85.16 29.13
CA SER I 269 -8.64 85.21 29.10
C SER I 269 -8.11 83.88 28.58
N ILE I 270 -7.35 83.93 27.49
CA ILE I 270 -6.82 82.74 26.83
C ILE I 270 -5.30 82.77 26.92
N LEU I 271 -4.72 81.71 27.45
CA LEU I 271 -3.28 81.55 27.54
C LEU I 271 -2.81 80.55 26.50
N VAL I 272 -1.68 80.86 25.86
CA VAL I 272 -1.06 79.98 24.88
C VAL I 272 0.35 79.71 25.38
N SER I 273 0.59 78.49 25.87
CA SER I 273 1.86 78.12 26.46
C SER I 273 2.61 77.17 25.53
N GLY I 274 3.93 77.18 25.64
CA GLY I 274 4.76 76.30 24.84
C GLY I 274 6.20 76.74 24.87
N VAL I 275 7.07 75.82 24.44
CA VAL I 275 8.50 76.08 24.37
C VAL I 275 8.79 76.97 23.17
N ALA I 276 10.01 77.50 23.10
CA ALA I 276 10.39 78.36 21.99
C ALA I 276 10.23 77.61 20.67
N GLY I 277 9.64 78.28 19.68
CA GLY I 277 9.40 77.67 18.39
C GLY I 277 8.16 76.82 18.30
N ALA I 278 7.32 76.80 19.35
CA ALA I 278 6.11 75.99 19.32
C ALA I 278 5.07 76.55 18.36
N GLY I 279 4.92 77.87 18.32
CA GLY I 279 3.93 78.49 17.45
C GLY I 279 2.94 79.35 18.19
N LYS I 280 3.30 79.81 19.39
CA LYS I 280 2.43 80.68 20.16
C LYS I 280 2.14 81.97 19.42
N SER I 281 3.18 82.59 18.86
CA SER I 281 2.99 83.81 18.08
C SER I 281 2.14 83.54 16.84
N SER I 282 2.33 82.39 16.20
CA SER I 282 1.51 82.05 15.04
C SER I 282 0.05 81.94 15.42
N LEU I 283 -0.25 81.29 16.54
CA LEU I 283 -1.65 81.16 16.97
C LEU I 283 -2.23 82.52 17.33
N ALA I 284 -1.44 83.38 18.01
CA ALA I 284 -1.92 84.71 18.35
C ALA I 284 -2.21 85.52 17.09
N ALA I 285 -1.32 85.42 16.09
CA ALA I 285 -1.54 86.11 14.83
C ALA I 285 -2.78 85.58 14.13
N HIS I 286 -3.01 84.27 14.20
CA HIS I 286 -4.23 83.70 13.64
C HIS I 286 -5.46 84.30 14.30
N PHE I 287 -5.44 84.39 15.63
CA PHE I 287 -6.55 84.99 16.36
C PHE I 287 -6.79 86.43 15.90
N ALA I 288 -5.71 87.22 15.83
CA ALA I 288 -5.84 88.63 15.47
C ALA I 288 -6.37 88.78 14.04
N ALA I 289 -5.84 87.99 13.11
CA ALA I 289 -6.28 88.07 11.72
C ALA I 289 -7.74 87.65 11.57
N ALA I 290 -8.14 86.59 12.29
CA ALA I 290 -9.54 86.18 12.24
C ALA I 290 -10.45 87.26 12.80
N ALA I 291 -10.04 87.91 13.89
CA ALA I 291 -10.84 89.01 14.44
C ALA I 291 -10.95 90.15 13.43
N CYS I 292 -9.83 90.49 12.79
CA CYS I 292 -9.84 91.59 11.82
C CYS I 292 -10.72 91.27 10.61
N ALA I 293 -10.68 90.02 10.14
CA ALA I 293 -11.41 89.66 8.93
C ALA I 293 -12.91 89.86 9.10
N ARG I 294 -13.40 89.85 10.34
CA ARG I 294 -14.81 90.05 10.62
C ARG I 294 -15.19 91.52 10.77
N GLY I 295 -14.28 92.44 10.46
CA GLY I 295 -14.54 93.86 10.58
C GLY I 295 -14.32 94.44 11.95
N GLU I 296 -13.76 93.68 12.87
CA GLU I 296 -13.50 94.15 14.23
C GLU I 296 -12.05 94.63 14.36
N ARG I 297 -11.81 95.43 15.39
CA ARG I 297 -10.49 95.99 15.66
C ARG I 297 -9.67 95.01 16.49
N ALA I 298 -8.35 95.09 16.34
CA ALA I 298 -7.48 94.19 17.08
C ALA I 298 -6.13 94.86 17.35
N MET I 299 -5.57 94.58 18.53
CA MET I 299 -4.25 95.06 18.89
C MET I 299 -3.33 93.89 19.23
N TYR I 300 -2.08 93.98 18.80
CA TYR I 300 -1.10 92.91 19.03
C TYR I 300 0.11 93.56 19.70
N PHE I 301 0.11 93.57 21.03
CA PHE I 301 1.28 94.04 21.77
C PHE I 301 2.38 92.99 21.67
N SER I 302 3.53 93.39 21.12
CA SER I 302 4.68 92.52 20.95
C SER I 302 5.88 93.09 21.70
N PHE I 303 6.44 92.29 22.60
CA PHE I 303 7.62 92.66 23.37
C PHE I 303 8.86 91.90 22.90
N GLU I 304 8.81 91.33 21.70
CA GLU I 304 9.87 90.47 21.19
C GLU I 304 10.31 90.78 19.77
N GLU I 305 9.47 91.41 18.96
CA GLU I 305 9.79 91.56 17.54
C GLU I 305 9.31 92.91 17.04
N ALA I 306 9.92 93.37 15.95
CA ALA I 306 9.46 94.58 15.29
C ALA I 306 8.27 94.28 14.38
N ALA I 307 7.56 95.34 14.00
CA ALA I 307 6.38 95.17 13.16
C ALA I 307 6.73 94.52 11.83
N ASP I 308 7.77 95.01 11.16
CA ASP I 308 8.14 94.50 9.84
C ASP I 308 8.61 93.04 9.92
N GLN I 309 9.43 92.72 10.92
CA GLN I 309 9.88 91.35 11.10
C GLN I 309 8.71 90.42 11.36
N ALA I 310 7.78 90.82 12.23
CA ALA I 310 6.59 90.02 12.46
C ALA I 310 5.80 89.85 11.18
N VAL I 311 5.69 90.91 10.39
CA VAL I 311 4.96 90.85 9.13
C VAL I 311 5.55 89.79 8.23
N ARG I 312 6.88 89.80 8.05
CA ARG I 312 7.43 88.89 7.04
C ARG I 312 7.64 87.50 7.64
N ASN I 313 7.53 87.37 8.97
CA ASN I 313 7.45 86.06 9.60
C ASN I 313 6.08 85.42 9.37
N MET I 314 5.00 86.21 9.52
CA MET I 314 3.65 85.71 9.30
C MET I 314 3.30 85.55 7.82
N ARG I 315 3.92 86.33 6.95
CA ARG I 315 3.64 86.21 5.52
C ARG I 315 4.03 84.83 5.01
N SER I 316 5.01 84.20 5.65
CA SER I 316 5.34 82.82 5.33
C SER I 316 4.21 81.85 5.68
N LEU I 317 3.48 82.12 6.76
CA LEU I 317 2.33 81.32 7.14
C LEU I 317 1.08 81.72 6.37
N GLY I 318 1.14 82.83 5.65
CA GLY I 318 0.03 83.24 4.81
C GLY I 318 -0.83 84.33 5.43
N LEU I 319 -0.71 84.50 6.74
CA LEU I 319 -1.41 85.58 7.42
C LEU I 319 -0.89 86.92 6.92
N ASP I 320 -1.73 87.63 6.19
CA ASP I 320 -1.36 88.91 5.58
C ASP I 320 -1.78 90.01 6.57
N LEU I 321 -0.99 90.16 7.63
CA LEU I 321 -1.24 91.19 8.63
C LEU I 321 -1.06 92.59 8.06
N GLY I 322 -0.27 92.73 6.99
CA GLY I 322 -0.11 94.02 6.38
C GLY I 322 -1.42 94.58 5.86
N ARG I 323 -2.27 93.72 5.32
CA ARG I 323 -3.56 94.16 4.78
C ARG I 323 -4.40 94.82 5.87
N TRP I 324 -4.52 94.16 7.03
CA TRP I 324 -5.34 94.71 8.10
C TRP I 324 -4.70 95.91 8.78
N ARG I 325 -3.37 95.88 8.97
CA ARG I 325 -2.70 97.05 9.51
C ARG I 325 -2.83 98.27 8.59
N ASP I 326 -2.81 98.05 7.27
CA ASP I 326 -2.90 99.10 6.27
C ASP I 326 -4.32 99.61 6.11
N ALA I 327 -5.32 98.74 6.25
CA ALA I 327 -6.71 99.16 6.27
C ALA I 327 -7.12 99.79 7.59
N GLY I 328 -6.31 99.63 8.63
CA GLY I 328 -6.57 100.31 9.89
C GLY I 328 -7.42 99.55 10.89
N LEU I 329 -7.39 98.22 10.84
CA LEU I 329 -8.11 97.40 11.79
C LEU I 329 -7.20 96.61 12.73
N LEU I 330 -5.89 96.68 12.53
CA LEU I 330 -4.92 95.98 13.36
C LEU I 330 -3.83 96.95 13.79
N ARG I 331 -3.45 96.89 15.06
CA ARG I 331 -2.44 97.78 15.63
C ARG I 331 -1.27 96.96 16.16
N PHE I 332 -0.05 97.43 15.92
CA PHE I 332 1.17 96.81 16.45
C PHE I 332 1.90 97.83 17.29
N MET I 333 2.43 97.41 18.44
CA MET I 333 3.17 98.30 19.33
C MET I 333 4.68 98.06 19.21
N ALA I 334 5.11 96.82 19.39
CA ALA I 334 6.51 96.43 19.25
C ALA I 334 7.39 97.24 20.21
N THR I 335 7.15 97.01 21.50
CA THR I 335 7.86 97.71 22.56
C THR I 335 8.64 96.74 23.42
N ARG I 336 9.90 97.07 23.68
CA ARG I 336 10.75 96.21 24.49
C ARG I 336 10.36 96.29 25.96
N PRO I 337 10.56 95.21 26.73
CA PRO I 337 10.21 95.24 28.15
C PRO I 337 10.98 96.29 28.93
N THR I 338 12.22 96.57 28.58
CA THR I 338 13.05 97.50 29.32
C THR I 338 12.87 98.96 28.90
N PHE I 339 12.06 99.22 27.87
CA PHE I 339 11.88 100.60 27.41
C PHE I 339 11.26 101.47 28.49
N TYR I 340 10.24 100.97 29.19
CA TYR I 340 9.56 101.70 30.24
C TYR I 340 9.75 100.96 31.57
N SER I 341 9.20 101.54 32.63
CA SER I 341 9.04 100.84 33.90
C SER I 341 7.73 100.06 33.85
N LEU I 342 7.50 99.22 34.86
CA LEU I 342 6.27 98.42 34.87
C LEU I 342 5.04 99.32 34.89
N GLU I 343 5.07 100.39 35.69
CA GLU I 343 3.93 101.29 35.79
C GLU I 343 3.62 101.93 34.45
N MET I 344 4.64 102.39 33.73
CA MET I 344 4.37 103.01 32.44
C MET I 344 3.99 101.99 31.38
N HIS I 345 4.52 100.78 31.45
CA HIS I 345 4.01 99.72 30.57
C HIS I 345 2.51 99.57 30.76
N LEU I 346 2.09 99.42 32.02
CA LEU I 346 0.66 99.30 32.31
C LEU I 346 -0.12 100.52 31.80
N ALA I 347 0.40 101.71 32.09
CA ALA I 347 -0.32 102.94 31.72
C ALA I 347 -0.45 103.08 30.21
N VAL I 348 0.62 102.81 29.47
CA VAL I 348 0.58 102.92 28.02
C VAL I 348 -0.39 101.89 27.44
N ILE I 349 -0.32 100.66 27.94
CA ILE I 349 -1.22 99.62 27.44
C ILE I 349 -2.67 100.04 27.67
N LEU I 350 -2.98 100.49 28.90
CA LEU I 350 -4.35 100.87 29.20
C LEU I 350 -4.80 102.06 28.36
N ARG I 351 -3.94 103.07 28.23
CA ARG I 351 -4.31 104.27 27.49
C ARG I 351 -4.59 103.94 26.03
N GLU I 352 -3.70 103.19 25.39
CA GLU I 352 -3.89 102.88 23.98
C GLU I 352 -5.06 101.94 23.77
N VAL I 353 -5.27 100.98 24.68
CA VAL I 353 -6.43 100.11 24.57
C VAL I 353 -7.72 100.92 24.66
N MET I 354 -7.79 101.85 25.62
CA MET I 354 -8.97 102.69 25.74
C MET I 354 -9.17 103.54 24.50
N ARG I 355 -8.10 104.13 23.96
CA ARG I 355 -8.23 105.00 22.81
C ARG I 355 -8.70 104.23 21.58
N PHE I 356 -8.10 103.06 21.32
CA PHE I 356 -8.43 102.31 20.12
C PHE I 356 -9.74 101.55 20.22
N GLU I 357 -10.12 101.11 21.42
CA GLU I 357 -11.37 100.37 21.62
C GLU I 357 -11.40 99.13 20.73
N PRO I 358 -10.45 98.21 20.87
CA PRO I 358 -10.45 97.02 20.01
C PRO I 358 -11.34 95.91 20.55
N SER I 359 -11.38 94.78 19.83
CA SER I 359 -12.15 93.63 20.27
C SER I 359 -11.27 92.44 20.67
N VAL I 360 -9.98 92.46 20.33
CA VAL I 360 -9.06 91.39 20.69
C VAL I 360 -7.68 91.96 20.91
N VAL I 361 -7.13 91.74 22.11
CA VAL I 361 -5.80 92.21 22.49
C VAL I 361 -4.92 91.00 22.72
N VAL I 362 -3.79 90.93 22.00
CA VAL I 362 -2.87 89.80 22.06
C VAL I 362 -1.55 90.31 22.63
N LEU I 363 -1.20 89.85 23.83
CA LEU I 363 0.04 90.21 24.48
C LEU I 363 1.03 89.06 24.31
N ASP I 364 2.14 89.33 23.62
CA ASP I 364 3.12 88.31 23.30
C ASP I 364 4.53 88.84 23.51
N PRO I 365 5.32 88.27 24.43
CA PRO I 365 4.87 87.30 25.43
C PRO I 365 4.78 87.92 26.81
N ILE I 366 3.90 87.39 27.67
CA ILE I 366 3.81 87.91 29.04
C ILE I 366 5.00 87.49 29.88
N SER I 367 5.80 86.52 29.41
CA SER I 367 6.94 86.06 30.19
C SER I 367 8.14 86.98 30.02
N ALA I 368 8.11 87.88 29.03
CA ALA I 368 9.24 88.76 28.78
C ALA I 368 9.54 89.67 29.96
N PHE I 369 8.55 89.95 30.80
CA PHE I 369 8.71 90.83 31.95
C PHE I 369 9.29 90.12 33.17
N THR I 370 9.94 88.96 32.98
CA THR I 370 10.36 88.15 34.11
C THR I 370 11.34 88.87 35.01
N GLU I 371 12.42 89.42 34.44
CA GLU I 371 13.47 90.06 35.20
C GLU I 371 13.30 91.56 35.33
N SER I 372 12.21 92.13 34.79
CA SER I 372 12.00 93.56 34.90
C SER I 372 11.88 93.97 36.37
N GLY I 373 11.31 93.11 37.20
CA GLY I 373 11.20 93.35 38.62
C GLY I 373 11.02 92.07 39.41
N ASP I 374 10.65 92.18 40.67
CA ASP I 374 10.35 91.00 41.46
C ASP I 374 9.08 90.33 40.95
N ARG I 375 8.89 89.08 41.36
CA ARG I 375 7.73 88.32 40.90
C ARG I 375 6.42 89.03 41.26
N LEU I 376 6.36 89.59 42.47
CA LEU I 376 5.13 90.25 42.91
C LEU I 376 4.77 91.44 42.04
N GLU I 377 5.75 92.28 41.66
CA GLU I 377 5.44 93.46 40.85
C GLU I 377 4.94 93.08 39.46
N VAL I 378 5.60 92.12 38.82
CA VAL I 378 5.17 91.65 37.50
C VAL I 378 3.79 91.02 37.59
N GLN I 379 3.55 90.24 38.63
CA GLN I 379 2.22 89.65 38.81
C GLN I 379 1.16 90.73 39.00
N SER I 380 1.49 91.78 39.76
CA SER I 380 0.54 92.87 39.93
C SER I 380 0.22 93.54 38.59
N MET I 381 1.25 93.79 37.78
CA MET I 381 1.02 94.40 36.49
C MET I 381 0.15 93.50 35.61
N LEU I 382 0.46 92.21 35.57
CA LEU I 382 -0.31 91.29 34.74
C LEU I 382 -1.75 91.18 35.22
N LEU I 383 -1.96 91.11 36.54
CA LEU I 383 -3.31 91.04 37.08
C LEU I 383 -4.09 92.29 36.75
N ARG I 384 -3.47 93.47 36.88
CA ARG I 384 -4.17 94.71 36.53
C ARG I 384 -4.55 94.71 35.06
N ILE I 385 -3.64 94.27 34.18
CA ILE I 385 -3.95 94.26 32.75
C ILE I 385 -5.11 93.31 32.46
N VAL I 386 -5.05 92.11 33.04
CA VAL I 386 -6.08 91.10 32.78
C VAL I 386 -7.43 91.59 33.29
N ASP I 387 -7.46 92.16 34.49
CA ASP I 387 -8.71 92.66 35.05
C ASP I 387 -9.26 93.81 34.21
N PHE I 388 -8.40 94.72 33.75
CA PHE I 388 -8.86 95.80 32.90
C PHE I 388 -9.48 95.26 31.61
N LEU I 389 -8.81 94.30 30.96
CA LEU I 389 -9.35 93.73 29.74
C LEU I 389 -10.68 93.03 29.99
N LYS I 390 -10.77 92.24 31.07
CA LYS I 390 -12.01 91.53 31.36
C LYS I 390 -13.14 92.50 31.69
N ASN I 391 -12.86 93.57 32.43
CA ASN I 391 -13.89 94.56 32.70
C ASN I 391 -14.36 95.23 31.41
N ARG I 392 -13.43 95.56 30.52
CA ARG I 392 -13.79 96.11 29.22
C ARG I 392 -14.45 95.08 28.30
N GLY I 393 -14.43 93.81 28.69
CA GLY I 393 -15.01 92.77 27.85
C GLY I 393 -14.25 92.54 26.55
N ILE I 394 -12.92 92.61 26.60
CA ILE I 394 -12.08 92.37 25.44
C ILE I 394 -11.47 90.99 25.58
N THR I 395 -11.28 90.32 24.43
CA THR I 395 -10.70 88.99 24.39
C THR I 395 -9.18 89.11 24.47
N GLY I 396 -8.61 88.61 25.57
CA GLY I 396 -7.19 88.69 25.80
C GLY I 396 -6.51 87.37 25.47
N ILE I 397 -5.52 87.44 24.58
CA ILE I 397 -4.73 86.28 24.18
C ILE I 397 -3.30 86.52 24.65
N PHE I 398 -2.89 85.83 25.70
CA PHE I 398 -1.58 85.99 26.28
C PHE I 398 -0.70 84.81 25.89
N THR I 399 0.48 85.09 25.36
CA THR I 399 1.44 84.05 24.99
C THR I 399 2.55 83.97 26.03
N HIS I 400 2.79 82.76 26.54
CA HIS I 400 3.79 82.53 27.56
C HIS I 400 4.72 81.42 27.13
N LEU I 401 5.99 81.54 27.51
CA LEU I 401 7.01 80.55 27.19
C LEU I 401 7.07 79.49 28.28
N ALA I 402 7.34 78.26 27.88
CA ALA I 402 7.39 77.12 28.79
C ALA I 402 8.82 76.64 28.98
N HIS I 403 9.06 76.02 30.13
CA HIS I 403 10.38 75.50 30.46
C HIS I 403 10.32 74.01 30.78
N THR I 409 1.49 72.36 32.39
CA THR I 409 2.60 72.88 33.18
C THR I 409 2.28 74.27 33.72
N THR I 410 2.89 74.62 34.84
CA THR I 410 2.73 75.93 35.46
C THR I 410 3.96 76.79 35.17
N ASP I 411 3.72 78.06 34.86
CA ASP I 411 4.80 78.91 34.39
C ASP I 411 5.12 80.06 35.35
N ALA I 412 4.12 80.90 35.66
CA ALA I 412 4.41 82.09 36.46
C ALA I 412 3.32 82.41 37.48
N GLY I 413 2.42 81.49 37.77
CA GLY I 413 1.36 81.75 38.72
C GLY I 413 0.22 82.60 38.18
N LEU I 414 0.27 82.98 36.90
CA LEU I 414 -0.82 83.74 36.29
C LEU I 414 -1.79 82.85 35.51
N GLU I 415 -1.48 81.57 35.34
CA GLU I 415 -2.48 80.65 34.81
C GLU I 415 -3.66 80.56 35.77
N GLU I 416 -3.48 81.01 37.01
CA GLU I 416 -4.47 80.84 38.05
C GLU I 416 -5.80 81.46 37.67
N LEU I 417 -5.80 82.44 36.76
CA LEU I 417 -7.02 83.13 36.36
C LEU I 417 -7.54 82.72 34.99
N MET I 418 -6.69 82.19 34.12
CA MET I 418 -7.06 82.02 32.72
C MET I 418 -8.31 81.17 32.55
N ASP I 419 -9.21 81.62 31.67
CA ASP I 419 -10.39 80.86 31.31
C ASP I 419 -10.08 79.70 30.37
N GLY I 420 -9.22 79.91 29.38
CA GLY I 420 -8.84 78.86 28.47
C GLY I 420 -7.34 78.75 28.36
N TRP I 421 -6.87 77.51 28.18
CA TRP I 421 -5.45 77.22 28.14
C TRP I 421 -5.17 76.31 26.95
N VAL I 422 -4.25 76.73 26.08
CA VAL I 422 -3.83 75.95 24.92
C VAL I 422 -2.33 75.72 25.04
N LEU I 423 -1.93 74.45 25.11
CA LEU I 423 -0.52 74.08 25.21
C LEU I 423 -0.05 73.54 23.88
N MET I 424 1.06 74.10 23.37
CA MET I 424 1.66 73.71 22.10
C MET I 424 2.97 73.02 22.40
N LEU I 425 3.12 71.79 21.91
CA LEU I 425 4.28 70.96 22.19
C LEU I 425 5.05 70.70 20.90
N ASN I 426 6.38 70.73 21.00
CA ASN I 426 7.28 70.42 19.89
C ASN I 426 8.25 69.35 20.41
N ARG I 427 7.86 68.09 20.29
CA ARG I 427 8.57 67.01 20.94
C ARG I 427 9.54 66.33 19.97
N GLU I 428 10.63 65.81 20.53
CA GLU I 428 11.61 65.04 19.78
C GLU I 428 11.39 63.56 20.10
N VAL I 429 10.97 62.80 19.10
CA VAL I 429 10.70 61.38 19.26
C VAL I 429 11.01 60.68 17.94
N ASN I 430 11.68 59.53 18.02
CA ASN I 430 12.06 58.76 16.85
C ASN I 430 13.02 59.55 15.95
N GLY I 431 13.93 60.27 16.57
CA GLY I 431 14.93 61.02 15.81
C GLY I 431 14.33 62.08 14.91
N GLU I 432 13.32 62.79 15.38
CA GLU I 432 12.64 63.81 14.57
C GLU I 432 11.63 64.52 15.46
N PHE I 433 11.31 65.76 15.08
CA PHE I 433 10.48 66.64 15.89
C PHE I 433 9.07 66.71 15.31
N ASN I 434 8.08 66.57 16.19
CA ASN I 434 6.68 66.60 15.82
C ASN I 434 5.95 67.64 16.66
N ARG I 435 5.00 68.32 16.02
CA ARG I 435 4.21 69.37 16.66
C ARG I 435 2.85 68.83 17.08
N GLU I 436 2.36 69.33 18.22
CA GLU I 436 1.05 68.95 18.73
C GLU I 436 0.49 70.12 19.54
N LEU I 437 -0.81 70.07 19.81
CA LEU I 437 -1.44 71.08 20.66
C LEU I 437 -2.66 70.48 21.32
N TYR I 438 -2.95 70.95 22.52
CA TYR I 438 -4.16 70.49 23.20
C TYR I 438 -4.67 71.55 24.17
N LEU I 439 -5.97 71.51 24.42
CA LEU I 439 -6.63 72.46 25.32
C LEU I 439 -6.52 71.91 26.73
N LEU I 440 -5.63 72.51 27.53
CA LEU I 440 -5.45 72.06 28.91
C LEU I 440 -6.73 72.26 29.73
N LYS I 441 -7.51 73.28 29.39
CA LYS I 441 -8.76 73.54 30.10
C LYS I 441 -9.55 74.59 29.33
N ALA I 442 -10.88 74.42 29.34
CA ALA I 442 -11.79 75.34 28.64
C ALA I 442 -13.03 75.49 29.51
N ARG I 443 -13.13 76.62 30.19
CA ARG I 443 -14.18 76.82 31.18
C ARG I 443 -15.56 76.89 30.51
N GLY I 444 -16.55 76.32 31.20
CA GLY I 444 -17.94 76.44 30.79
C GLY I 444 -18.29 75.79 29.46
N MET I 445 -17.65 74.69 29.10
CA MET I 445 -17.97 74.00 27.87
C MET I 445 -17.19 72.69 27.84
N ALA I 446 -17.67 71.77 27.00
CA ALA I 446 -16.99 70.50 26.80
C ALA I 446 -16.13 70.56 25.55
N HIS I 447 -14.96 69.93 25.63
CA HIS I 447 -13.97 70.04 24.57
C HIS I 447 -13.25 68.71 24.41
N SER I 448 -12.62 68.54 23.25
CA SER I 448 -11.87 67.33 22.97
C SER I 448 -10.70 67.19 23.94
N ASN I 449 -10.43 65.94 24.33
CA ASN I 449 -9.33 65.61 25.23
C ASN I 449 -8.22 64.86 24.52
N GLN I 450 -8.03 65.13 23.22
CA GLN I 450 -7.04 64.46 22.40
C GLN I 450 -5.87 65.39 22.14
N VAL I 451 -4.66 64.83 22.13
CA VAL I 451 -3.45 65.58 21.82
C VAL I 451 -3.34 65.59 20.29
N ARG I 452 -3.96 66.58 19.66
CA ARG I 452 -4.08 66.64 18.22
C ARG I 452 -2.78 67.16 17.61
N GLU I 453 -2.08 66.29 16.88
CA GLU I 453 -0.90 66.72 16.14
C GLU I 453 -1.31 67.61 14.98
N PHE I 454 -0.55 68.69 14.77
CA PHE I 454 -0.82 69.63 13.70
C PHE I 454 0.46 69.85 12.90
N LEU I 455 0.32 70.54 11.77
CA LEU I 455 1.47 70.81 10.90
C LEU I 455 1.25 72.15 10.23
N MET I 456 2.08 73.13 10.57
CA MET I 456 1.96 74.47 10.01
C MET I 456 2.54 74.54 8.60
N SER I 457 1.84 75.25 7.71
CA SER I 457 2.26 75.39 6.33
C SER I 457 1.76 76.73 5.80
N ASP I 458 1.92 76.92 4.48
CA ASP I 458 1.49 78.17 3.87
C ASP I 458 0.01 78.42 4.07
N ARG I 459 -0.81 77.37 4.01
CA ARG I 459 -2.25 77.54 4.20
C ARG I 459 -2.58 77.95 5.63
N GLY I 460 -1.65 77.74 6.56
CA GLY I 460 -1.82 78.16 7.92
C GLY I 460 -1.57 77.00 8.88
N ILE I 461 -2.22 77.07 10.04
CA ILE I 461 -2.17 75.97 11.00
C ILE I 461 -3.26 74.97 10.65
N SER I 462 -2.85 73.71 10.46
CA SER I 462 -3.80 72.67 10.07
C SER I 462 -3.55 71.43 10.92
N LEU I 463 -4.59 70.96 11.59
CA LEU I 463 -4.49 69.76 12.40
C LEU I 463 -4.67 68.52 11.54
N LEU I 464 -3.82 67.52 11.76
CA LEU I 464 -3.93 66.27 11.04
C LEU I 464 -5.15 65.50 11.50
N PRO I 465 -5.64 64.56 10.69
CA PRO I 465 -6.78 63.76 11.10
C PRO I 465 -6.47 63.00 12.37
N PRO I 466 -7.46 62.77 13.22
CA PRO I 466 -7.20 62.09 14.50
C PRO I 466 -6.61 60.71 14.28
N HIS I 467 -5.74 60.32 15.20
CA HIS I 467 -5.09 59.01 15.15
C HIS I 467 -6.12 57.94 15.51
N LEU I 468 -6.24 56.93 14.65
CA LEU I 468 -7.19 55.84 14.84
C LEU I 468 -6.43 54.53 14.94
N GLY I 469 -6.83 53.69 15.87
CA GLY I 469 -6.16 52.43 16.10
C GLY I 469 -5.37 52.43 17.40
N GLU I 470 -5.00 51.23 17.84
CA GLU I 470 -4.24 51.10 19.07
C GLU I 470 -2.86 51.75 18.93
N GLY I 471 -2.29 52.12 20.06
CA GLY I 471 -1.01 52.80 20.07
C GLY I 471 -1.07 54.16 19.43
N GLY I 472 -2.07 54.96 19.80
CA GLY I 472 -2.27 56.27 19.21
C GLY I 472 -1.14 57.25 19.48
N ALA I 473 -0.25 56.93 20.43
CA ALA I 473 0.85 57.83 20.73
C ALA I 473 1.76 58.04 19.52
N LEU I 474 1.78 57.09 18.59
CA LEU I 474 2.63 57.19 17.41
C LEU I 474 2.29 58.46 16.63
N THR I 475 3.34 59.15 16.18
CA THR I 475 3.19 60.39 15.42
C THR I 475 4.34 60.50 14.43
N GLY I 476 4.10 61.26 13.36
CA GLY I 476 5.15 61.47 12.37
C GLY I 476 5.38 60.22 11.54
N THR I 477 6.66 59.90 11.30
CA THR I 477 7.00 58.74 10.48
C THR I 477 6.49 57.45 11.11
N ALA I 478 6.41 57.42 12.44
CA ALA I 478 5.96 56.20 13.12
C ALA I 478 4.53 55.85 12.74
N ARG I 479 3.69 56.85 12.53
CA ARG I 479 2.31 56.59 12.12
C ARG I 479 2.26 55.90 10.76
N LYS I 480 3.03 56.39 9.79
CA LYS I 480 3.09 55.73 8.48
C LYS I 480 3.65 54.33 8.60
N ALA I 481 4.69 54.15 9.42
CA ALA I 481 5.27 52.83 9.59
C ALA I 481 4.25 51.85 10.18
N GLU I 482 3.49 52.29 11.18
CA GLU I 482 2.46 51.45 11.78
C GLU I 482 1.39 51.11 10.76
N GLU I 483 0.98 52.08 9.94
CA GLU I 483 -0.02 51.81 8.91
C GLU I 483 0.49 50.74 7.94
N ALA I 484 1.75 50.87 7.51
CA ALA I 484 2.31 49.89 6.59
C ALA I 484 2.39 48.51 7.23
N ARG I 485 2.78 48.43 8.50
CA ARG I 485 2.85 47.14 9.19
C ARG I 485 1.48 46.50 9.28
N LEU I 486 0.46 47.30 9.62
CA LEU I 486 -0.90 46.77 9.69
C LEU I 486 -1.33 46.24 8.32
N ARG I 487 -1.05 46.98 7.26
CA ARG I 487 -1.43 46.53 5.92
C ARG I 487 -0.76 45.20 5.60
N ARG I 488 0.54 45.09 5.89
CA ARG I 488 1.27 43.86 5.59
C ARG I 488 0.67 42.68 6.34
N ALA I 489 0.44 42.85 7.64
CA ALA I 489 -0.05 41.74 8.45
C ALA I 489 -1.44 41.29 8.02
N GLU I 490 -2.36 42.24 7.79
CA GLU I 490 -3.71 41.85 7.39
C GLU I 490 -3.70 41.21 6.00
N ILE I 491 -2.82 41.69 5.11
CA ILE I 491 -2.69 41.06 3.80
C ILE I 491 -2.24 39.61 3.95
N GLU I 492 -1.28 39.36 4.83
CA GLU I 492 -0.80 37.98 4.98
C GLU I 492 -1.85 37.10 5.65
N ARG I 493 -2.68 37.65 6.53
CA ARG I 493 -3.80 36.89 7.05
C ARG I 493 -4.76 36.50 5.93
N GLN I 494 -5.04 37.43 5.03
CA GLN I 494 -5.85 37.10 3.86
C GLN I 494 -5.22 35.96 3.06
N THR I 495 -3.90 36.00 2.91
CA THR I 495 -3.21 34.93 2.19
C THR I 495 -3.38 33.60 2.91
N GLU I 496 -3.29 33.60 4.23
CA GLU I 496 -3.55 32.39 5.02
C GLU I 496 -4.92 31.80 4.66
N LEU I 497 -5.96 32.63 4.75
CA LEU I 497 -7.31 32.12 4.49
C LEU I 497 -7.44 31.60 3.06
N GLY I 498 -6.86 32.32 2.10
CA GLY I 498 -6.91 31.87 0.72
C GLY I 498 -6.24 30.52 0.53
N ARG I 499 -5.09 30.32 1.17
CA ARG I 499 -4.40 29.03 1.04
C ARG I 499 -5.24 27.90 1.62
N LEU I 500 -5.88 28.13 2.77
CA LEU I 500 -6.76 27.09 3.31
C LEU I 500 -7.90 26.77 2.36
N GLN I 501 -8.51 27.80 1.76
CA GLN I 501 -9.58 27.56 0.82
C GLN I 501 -9.09 26.74 -0.38
N GLN I 502 -7.90 27.06 -0.89
CA GLN I 502 -7.35 26.29 -2.00
C GLN I 502 -7.08 24.84 -1.59
N GLN I 503 -6.64 24.62 -0.35
CA GLN I 503 -6.42 23.27 0.14
C GLN I 503 -7.71 22.46 0.10
N ILE I 504 -8.80 23.05 0.59
CA ILE I 504 -10.07 22.33 0.58
C ILE I 504 -10.52 22.10 -0.87
N GLU I 505 -10.25 23.08 -1.75
CA GLU I 505 -10.39 22.93 -3.19
C GLU I 505 -9.77 21.62 -3.68
N GLN I 506 -8.49 21.43 -3.36
CA GLN I 506 -7.77 20.24 -3.79
C GLN I 506 -8.43 18.95 -3.29
N ARG I 507 -8.80 18.94 -2.01
CA ARG I 507 -9.41 17.73 -1.45
C ARG I 507 -10.72 17.40 -2.17
N ARG I 508 -11.55 18.41 -2.41
CA ARG I 508 -12.82 18.16 -3.11
C ARG I 508 -12.58 17.65 -4.52
N ARG I 509 -11.55 18.18 -5.20
CA ARG I 509 -11.25 17.70 -6.55
C ARG I 509 -10.93 16.22 -6.53
N ARG I 510 -9.98 15.80 -5.69
CA ARG I 510 -9.73 14.36 -5.63
C ARG I 510 -11.01 13.59 -5.32
N ALA I 511 -11.82 14.07 -4.36
CA ALA I 511 -13.00 13.31 -3.96
C ALA I 511 -13.90 13.01 -5.15
N ARG I 512 -14.28 14.05 -5.90
CA ARG I 512 -15.27 13.80 -6.94
C ARG I 512 -14.63 13.17 -8.19
N ALA I 513 -13.33 13.39 -8.42
CA ALA I 513 -12.68 12.63 -9.49
C ALA I 513 -12.68 11.14 -9.19
N GLN I 514 -12.39 10.78 -7.94
CA GLN I 514 -12.44 9.38 -7.52
C GLN I 514 -13.86 8.83 -7.71
N ILE I 515 -14.87 9.63 -7.39
CA ILE I 515 -16.25 9.21 -7.60
C ILE I 515 -16.51 8.94 -9.07
N GLU I 516 -15.95 9.78 -9.95
CA GLU I 516 -16.12 9.58 -11.38
C GLU I 516 -15.55 8.24 -11.83
N ALA I 517 -14.35 7.92 -11.34
CA ALA I 517 -13.75 6.62 -11.68
C ALA I 517 -14.64 5.47 -11.22
N LEU I 518 -15.17 5.57 -9.99
CA LEU I 518 -16.02 4.50 -9.47
C LEU I 518 -17.29 4.34 -10.31
N GLU I 519 -17.89 5.45 -10.74
CA GLU I 519 -19.07 5.37 -11.59
C GLU I 519 -18.76 4.71 -12.93
N ALA I 520 -17.57 5.01 -13.48
CA ALA I 520 -17.16 4.31 -14.70
C ALA I 520 -17.10 2.80 -14.47
N GLU I 521 -16.53 2.38 -13.34
CA GLU I 521 -16.52 0.96 -13.01
C GLU I 521 -17.94 0.40 -12.96
N LEU I 522 -18.86 1.13 -12.34
CA LEU I 522 -20.24 0.65 -12.23
C LEU I 522 -20.87 0.45 -13.60
N GLN I 523 -20.66 1.42 -14.51
CA GLN I 523 -21.22 1.29 -15.85
C GLN I 523 -20.65 0.08 -16.58
N ALA I 524 -19.34 -0.14 -16.44
CA ALA I 524 -18.74 -1.33 -17.06
C ALA I 524 -19.39 -2.60 -16.52
N GLU I 525 -19.61 -2.66 -15.21
CA GLU I 525 -20.22 -3.86 -14.62
C GLU I 525 -21.65 -4.05 -15.15
N GLU I 526 -22.40 -2.96 -15.30
CA GLU I 526 -23.75 -3.08 -15.86
C GLU I 526 -23.70 -3.67 -17.27
N ILE I 527 -22.79 -3.18 -18.10
CA ILE I 527 -22.64 -3.74 -19.45
C ILE I 527 -22.32 -5.23 -19.37
N ALA I 528 -21.47 -5.62 -18.42
CA ALA I 528 -21.12 -7.03 -18.28
C ALA I 528 -22.35 -7.86 -17.93
N LEU I 529 -23.18 -7.38 -17.00
CA LEU I 529 -24.39 -8.13 -16.63
C LEU I 529 -25.29 -8.31 -17.85
N LYS I 530 -25.48 -7.25 -18.62
CA LYS I 530 -26.40 -7.35 -19.76
C LYS I 530 -25.84 -8.28 -20.83
N ALA I 531 -24.53 -8.26 -21.03
CA ALA I 531 -23.91 -9.25 -21.93
C ALA I 531 -24.15 -10.67 -21.44
N LEU I 532 -24.00 -10.88 -20.12
CA LEU I 532 -24.30 -12.19 -19.53
C LEU I 532 -25.71 -12.66 -19.82
N VAL I 533 -26.72 -11.80 -19.62
CA VAL I 533 -28.10 -12.17 -19.88
C VAL I 533 -28.35 -12.45 -21.35
N GLU I 534 -27.88 -11.57 -22.24
CA GLU I 534 -28.13 -11.75 -23.67
C GLU I 534 -27.53 -13.05 -24.18
N SER I 535 -26.25 -13.30 -23.86
CA SER I 535 -25.60 -14.50 -24.39
C SER I 535 -26.23 -15.77 -23.82
N GLU I 536 -26.59 -15.74 -22.54
CA GLU I 536 -27.20 -16.92 -21.91
C GLU I 536 -28.54 -17.23 -22.56
N SER I 537 -29.36 -16.20 -22.81
CA SER I 537 -30.63 -16.42 -23.49
C SER I 537 -30.41 -16.94 -24.90
N ALA I 538 -29.39 -16.43 -25.59
CA ALA I 538 -29.09 -16.92 -26.94
C ALA I 538 -28.71 -18.40 -26.90
N HIS I 539 -27.94 -18.81 -25.89
CA HIS I 539 -27.62 -20.23 -25.75
C HIS I 539 -28.88 -21.05 -25.52
N GLU I 540 -29.79 -20.55 -24.68
CA GLU I 540 -31.10 -21.20 -24.52
C GLU I 540 -31.78 -21.42 -25.87
N ARG I 541 -31.85 -20.35 -26.68
CA ARG I 541 -32.53 -20.42 -27.96
C ARG I 541 -31.87 -21.44 -28.89
N GLN I 542 -30.54 -21.41 -28.96
CA GLN I 542 -29.83 -22.35 -29.84
C GLN I 542 -30.04 -23.79 -29.39
N ARG I 543 -30.02 -24.04 -28.07
CA ARG I 543 -30.27 -25.39 -27.58
C ARG I 543 -31.65 -25.87 -27.96
N LEU I 544 -32.66 -24.99 -27.82
CA LEU I 544 -34.01 -25.36 -28.22
C LEU I 544 -34.07 -25.71 -29.70
N ALA I 545 -33.42 -24.89 -30.54
CA ALA I 545 -33.44 -25.14 -31.97
C ALA I 545 -32.80 -26.48 -32.32
N ASP I 546 -31.65 -26.78 -31.71
CA ASP I 546 -30.98 -28.04 -31.98
C ASP I 546 -31.82 -29.23 -31.53
N ALA I 547 -32.45 -29.11 -30.36
CA ALA I 547 -33.31 -30.18 -29.87
C ALA I 547 -34.46 -30.44 -30.85
N ASP I 548 -35.08 -29.37 -31.35
CA ASP I 548 -36.16 -29.52 -32.32
C ASP I 548 -35.66 -30.20 -33.59
N THR I 549 -34.48 -29.81 -34.07
CA THR I 549 -33.92 -30.43 -35.27
C THR I 549 -33.75 -31.93 -35.08
N LEU I 550 -33.17 -32.34 -33.94
CA LEU I 550 -33.03 -33.76 -33.67
C LEU I 550 -34.39 -34.45 -33.57
N ALA I 551 -35.37 -33.76 -32.97
CA ALA I 551 -36.71 -34.32 -32.80
C ALA I 551 -37.33 -34.66 -34.14
N ARG I 552 -37.28 -33.74 -35.10
CA ARG I 552 -37.66 -34.10 -36.47
C ARG I 552 -36.83 -35.25 -37.02
N SER I 553 -35.50 -35.17 -36.89
CA SER I 553 -34.65 -36.16 -37.55
C SER I 553 -35.02 -37.57 -37.11
N ARG I 554 -35.48 -37.72 -35.87
CA ARG I 554 -35.86 -39.03 -35.35
C ARG I 554 -37.37 -39.15 -35.05
N GLY I 555 -38.19 -38.29 -35.63
CA GLY I 555 -39.60 -38.26 -35.33
C GLY I 555 -40.48 -38.98 -36.34
N ASN I 556 -41.61 -39.50 -35.85
CA ASN I 556 -42.60 -40.14 -36.70
C ASN I 556 -43.64 -39.16 -37.22
N GLU I 557 -43.65 -37.91 -36.76
CA GLU I 557 -44.62 -36.93 -37.23
C GLU I 557 -44.50 -36.65 -38.71
N ARG I 558 -43.45 -37.15 -39.37
CA ARG I 558 -43.29 -36.93 -40.80
C ARG I 558 -44.41 -37.56 -41.62
N PHE I 559 -45.20 -38.46 -41.01
CA PHE I 559 -46.22 -39.19 -41.75
C PHE I 559 -47.63 -39.01 -41.19
N ALA I 560 -47.78 -38.43 -40.00
CA ALA I 560 -49.10 -38.22 -39.41
C ALA I 560 -49.00 -37.43 -38.12
N GLY J 4 7.12 123.42 27.20
CA GLY J 4 8.50 122.97 27.29
C GLY J 4 9.44 124.02 27.84
N ILE J 5 10.70 123.63 28.05
CA ILE J 5 11.72 124.53 28.58
C ILE J 5 12.98 124.37 27.74
N GLY J 6 13.83 125.39 27.77
CA GLY J 6 15.08 125.33 27.06
C GLY J 6 16.03 124.30 27.65
N LYS J 7 16.93 123.79 26.79
CA LYS J 7 17.87 122.77 27.19
C LYS J 7 19.16 122.94 26.42
N SER J 8 20.29 122.73 27.10
CA SER J 8 21.59 122.88 26.48
C SER J 8 22.26 121.51 26.35
N PRO J 9 22.52 121.03 25.14
CA PRO J 9 23.25 119.75 24.99
C PRO J 9 24.64 119.84 25.61
N THR J 10 25.11 118.71 26.13
CA THR J 10 26.42 118.66 26.78
C THR J 10 27.41 117.79 26.03
N GLY J 11 27.15 117.46 24.78
CA GLY J 11 28.04 116.60 24.03
C GLY J 11 27.79 115.12 24.29
N ILE J 12 27.55 114.75 25.54
CA ILE J 12 27.29 113.35 25.90
C ILE J 12 25.94 112.96 25.31
N GLN J 13 25.95 112.13 24.27
CA GLN J 13 24.71 111.78 23.58
C GLN J 13 23.75 111.03 24.51
N GLY J 14 24.28 110.06 25.26
CA GLY J 14 23.42 109.29 26.14
C GLY J 14 22.76 110.16 27.21
N PHE J 15 23.55 111.00 27.87
CA PHE J 15 22.99 111.88 28.89
C PHE J 15 22.00 112.87 28.28
N ASP J 16 22.32 113.40 27.10
CA ASP J 16 21.42 114.35 26.45
C ASP J 16 20.07 113.71 26.14
N GLU J 17 20.09 112.49 25.58
CA GLU J 17 18.82 111.84 25.24
C GLU J 17 18.10 111.35 26.48
N LEU J 18 18.84 111.07 27.55
CA LEU J 18 18.20 110.75 28.83
C LEU J 18 17.46 111.94 29.39
N THR J 19 18.08 113.13 29.32
CA THR J 19 17.47 114.36 29.82
C THR J 19 16.49 114.98 28.83
N LEU J 20 16.39 114.45 27.62
CA LEU J 20 15.46 114.97 26.62
C LEU J 20 15.90 116.35 26.11
N GLY J 21 17.20 116.50 25.89
CA GLY J 21 17.74 117.73 25.37
C GLY J 21 19.02 118.19 26.05
N GLY J 22 19.14 117.89 27.34
CA GLY J 22 20.31 118.25 28.11
C GLY J 22 19.93 119.04 29.35
N LEU J 23 20.92 119.68 29.95
CA LEU J 23 20.69 120.47 31.14
C LEU J 23 19.85 121.70 30.81
N PRO J 24 19.10 122.22 31.78
CA PRO J 24 18.30 123.42 31.53
C PRO J 24 19.18 124.60 31.19
N THR J 25 18.67 125.47 30.30
CA THR J 25 19.41 126.65 29.86
C THR J 25 19.04 127.84 30.74
N GLY J 26 20.06 128.51 31.28
CA GLY J 26 19.84 129.65 32.15
C GLY J 26 19.57 129.32 33.60
N ARG J 27 19.74 128.07 34.01
CA ARG J 27 19.49 127.62 35.36
C ARG J 27 20.71 126.90 35.90
N PRO J 28 20.93 126.91 37.21
CA PRO J 28 22.07 126.19 37.78
C PRO J 28 21.79 124.71 37.92
N SER J 29 22.85 123.93 37.72
CA SER J 29 22.79 122.47 37.84
C SER J 29 23.81 122.00 38.86
N LEU J 30 23.42 121.03 39.67
CA LEU J 30 24.26 120.49 40.73
C LEU J 30 24.72 119.10 40.36
N VAL J 31 26.02 118.86 40.48
CA VAL J 31 26.62 117.55 40.23
C VAL J 31 27.23 117.07 41.55
N CYS J 32 26.58 116.09 42.17
CA CYS J 32 26.99 115.56 43.46
C CYS J 32 27.70 114.21 43.28
N GLY J 33 28.56 113.89 44.23
CA GLY J 33 29.30 112.65 44.20
C GLY J 33 30.59 112.72 44.99
N SER J 34 31.02 111.59 45.55
CA SER J 34 32.25 111.54 46.34
C SER J 34 33.46 111.79 45.46
N ALA J 35 34.64 111.83 46.05
CA ALA J 35 35.87 112.07 45.30
C ALA J 35 36.10 110.94 44.29
N GLY J 36 36.49 111.31 43.07
CA GLY J 36 36.78 110.36 42.03
C GLY J 36 35.60 109.93 41.19
N CYS J 37 34.40 110.46 41.43
CA CYS J 37 33.24 110.08 40.64
C CYS J 37 33.27 110.67 39.24
N GLY J 38 33.82 111.86 39.06
CA GLY J 38 33.96 112.45 37.75
C GLY J 38 33.21 113.75 37.53
N LYS J 39 32.96 114.49 38.62
CA LYS J 39 32.26 115.77 38.51
C LYS J 39 33.08 116.79 37.73
N THR J 40 34.37 116.87 38.02
CA THR J 40 35.23 117.83 37.32
C THR J 40 35.27 117.54 35.83
N LEU J 41 35.42 116.26 35.47
CA LEU J 41 35.41 115.90 34.06
C LEU J 41 34.06 116.16 33.43
N PHE J 42 32.96 115.90 34.16
CA PHE J 42 31.64 116.22 33.65
C PHE J 42 31.55 117.68 33.26
N ALA J 43 31.95 118.58 34.17
CA ALA J 43 31.91 120.01 33.87
C ALA J 43 32.84 120.35 32.70
N SER J 44 34.02 119.72 32.66
CA SER J 44 34.98 120.03 31.62
C SER J 44 34.44 119.69 30.23
N THR J 45 33.90 118.47 30.07
CA THR J 45 33.32 118.13 28.78
C THR J 45 32.10 118.98 28.49
N PHE J 46 31.31 119.31 29.52
CA PHE J 46 30.21 120.26 29.32
C PHE J 46 30.72 121.49 28.58
N LEU J 47 31.71 122.17 29.16
CA LEU J 47 32.21 123.40 28.56
C LEU J 47 32.83 123.15 27.19
N ILE J 48 33.62 122.08 27.06
CA ILE J 48 34.35 121.83 25.81
C ILE J 48 33.37 121.54 24.68
N ASN J 49 32.40 120.67 24.92
CA ASN J 49 31.40 120.35 23.91
C ASN J 49 30.54 121.57 23.57
N GLY J 50 30.16 122.35 24.58
CA GLY J 50 29.42 123.57 24.30
C GLY J 50 30.17 124.51 23.39
N VAL J 51 31.47 124.69 23.64
CA VAL J 51 32.25 125.58 22.80
C VAL J 51 32.49 125.00 21.40
N ARG J 52 32.76 123.70 21.30
CA ARG J 52 33.22 123.11 20.05
C ARG J 52 32.10 122.55 19.18
N ASP J 53 30.86 122.51 19.67
CA ASP J 53 29.79 121.90 18.89
C ASP J 53 28.59 122.83 18.77
N HIS J 54 28.38 123.68 19.77
CA HIS J 54 27.23 124.59 19.79
C HIS J 54 27.64 126.05 19.85
N GLY J 55 28.92 126.35 19.72
CA GLY J 55 29.38 127.73 19.63
C GLY J 55 29.02 128.60 20.82
N GLU J 56 29.25 128.09 22.04
CA GLU J 56 28.95 128.85 23.25
C GLU J 56 30.22 128.97 24.08
N PRO J 57 30.71 130.19 24.33
CA PRO J 57 31.91 130.36 25.13
C PRO J 57 31.70 129.92 26.57
N GLY J 58 32.80 129.51 27.20
CA GLY J 58 32.73 128.93 28.52
C GLY J 58 33.71 129.60 29.47
N VAL J 59 33.35 129.53 30.76
CA VAL J 59 34.17 130.03 31.85
C VAL J 59 34.23 128.96 32.92
N PHE J 60 35.43 128.71 33.44
CA PHE J 60 35.67 127.69 34.45
C PHE J 60 36.27 128.36 35.67
N VAL J 61 35.46 128.55 36.72
CA VAL J 61 35.89 129.18 37.95
C VAL J 61 36.20 128.06 38.94
N THR J 62 37.47 127.88 39.24
CA THR J 62 37.95 126.83 40.14
C THR J 62 38.42 127.45 41.44
N PHE J 63 37.97 126.89 42.56
CA PHE J 63 38.34 127.40 43.88
C PHE J 63 39.45 126.59 44.55
N GLU J 64 39.72 125.38 44.07
CA GLU J 64 40.78 124.55 44.64
C GLU J 64 41.89 124.23 43.62
N GLU J 65 41.53 123.70 42.46
CA GLU J 65 42.53 123.26 41.50
C GLU J 65 43.06 124.43 40.69
N ARG J 66 44.36 124.39 40.40
CA ARG J 66 44.99 125.42 39.59
C ARG J 66 44.73 125.19 38.10
N PRO J 67 44.90 126.22 37.28
CA PRO J 67 44.67 126.06 35.83
C PRO J 67 45.52 124.96 35.22
N GLU J 68 46.77 124.79 35.70
CA GLU J 68 47.60 123.70 35.18
C GLU J 68 46.94 122.35 35.43
N ASP J 69 46.45 122.12 36.65
CA ASP J 69 45.76 120.87 36.95
C ASP J 69 44.50 120.73 36.11
N ILE J 70 43.75 121.82 35.97
CA ILE J 70 42.49 121.76 35.22
C ILE J 70 42.74 121.36 33.77
N VAL J 71 43.77 121.93 33.15
CA VAL J 71 44.09 121.58 31.77
C VAL J 71 44.66 120.17 31.67
N ASN J 72 45.54 119.78 32.59
CA ASN J 72 46.17 118.47 32.51
C ASN J 72 45.15 117.35 32.70
N ASN J 73 44.13 117.59 33.53
CA ASN J 73 43.12 116.56 33.78
C ASN J 73 42.48 116.09 32.48
N VAL J 74 42.11 117.04 31.61
CA VAL J 74 41.45 116.69 30.36
C VAL J 74 42.42 116.58 29.18
N ALA J 75 43.70 116.90 29.39
CA ALA J 75 44.67 116.74 28.31
C ALA J 75 44.67 115.34 27.74
N SER J 76 44.47 114.33 28.60
CA SER J 76 44.53 112.95 28.14
C SER J 76 43.29 112.55 27.34
N LEU J 77 42.15 113.17 27.63
CA LEU J 77 40.89 112.79 26.99
C LEU J 77 40.85 113.21 25.53
N GLY J 78 41.83 113.99 25.08
CA GLY J 78 41.91 114.45 23.72
C GLY J 78 41.55 115.90 23.51
N PHE J 79 40.89 116.54 24.47
CA PHE J 79 40.66 117.97 24.38
C PHE J 79 41.97 118.72 24.50
N GLU J 80 41.95 119.98 24.04
CA GLU J 80 43.12 120.85 24.14
C GLU J 80 42.66 122.14 24.80
N LEU J 81 42.62 122.14 26.13
CA LEU J 81 42.29 123.34 26.86
C LEU J 81 43.32 124.43 26.64
N ASP J 82 44.59 124.06 26.42
CA ASP J 82 45.59 125.05 26.09
C ASP J 82 45.21 125.79 24.83
N LYS J 83 44.77 125.07 23.79
CA LYS J 83 44.38 125.72 22.55
C LYS J 83 43.08 126.50 22.72
N LEU J 84 42.11 125.94 23.46
CA LEU J 84 40.84 126.64 23.62
C LEU J 84 40.97 127.91 24.46
N ILE J 85 41.98 128.00 25.31
CA ILE J 85 42.27 129.24 26.02
C ILE J 85 43.16 130.16 25.19
N GLU J 86 44.19 129.59 24.58
CA GLU J 86 45.02 130.24 23.58
C GLU J 86 44.18 130.90 22.48
N GLU J 87 42.94 130.47 22.29
CA GLU J 87 42.01 131.14 21.40
C GLU J 87 40.91 131.90 22.14
N GLU J 88 40.91 131.84 23.47
CA GLU J 88 39.80 132.30 24.31
C GLU J 88 38.46 131.87 23.71
N LYS J 89 38.19 130.59 23.88
CA LYS J 89 36.84 130.05 23.87
C LYS J 89 36.41 129.53 25.24
N ILE J 90 37.37 129.22 26.11
CA ILE J 90 37.11 128.92 27.51
C ILE J 90 38.12 129.70 28.35
N ALA J 91 37.61 130.43 29.34
CA ALA J 91 38.41 131.27 30.22
C ALA J 91 38.43 130.67 31.61
N ILE J 92 39.62 130.47 32.16
CA ILE J 92 39.82 129.80 33.45
C ILE J 92 40.16 130.85 34.50
N GLU J 93 39.43 130.81 35.61
CA GLU J 93 39.64 131.73 36.72
C GLU J 93 39.92 130.91 37.98
N HIS J 94 41.16 130.97 38.45
CA HIS J 94 41.58 130.28 39.67
C HIS J 94 41.39 131.26 40.82
N ILE J 95 40.26 131.14 41.51
CA ILE J 95 39.91 132.09 42.58
C ILE J 95 40.28 131.42 43.89
N ALA J 96 41.50 131.68 44.33
CA ALA J 96 42.06 131.08 45.54
C ALA J 96 42.20 132.12 46.63
N VAL J 97 41.83 131.75 47.85
CA VAL J 97 41.91 132.63 49.01
C VAL J 97 42.75 131.94 50.09
N ASP J 98 43.73 132.65 50.64
CA ASP J 98 44.58 132.11 51.68
C ASP J 98 44.22 132.76 53.01
N PRO J 99 43.73 132.01 53.99
CA PRO J 99 43.33 132.63 55.27
C PRO J 99 44.50 133.05 56.13
N SER J 100 45.73 132.65 55.80
CA SER J 100 46.87 132.97 56.65
C SER J 100 47.06 134.47 56.80
N GLU J 101 47.06 135.18 55.67
CA GLU J 101 47.21 136.64 55.66
C GLU J 101 45.87 137.36 55.65
N VAL J 102 44.83 136.76 56.21
CA VAL J 102 43.50 137.36 56.24
C VAL J 102 43.08 137.56 57.68
N ALA J 103 42.75 138.80 58.04
CA ALA J 103 42.15 139.14 59.31
C ALA J 103 40.86 139.90 59.05
N GLU J 104 39.77 139.45 59.65
CA GLU J 104 38.43 139.96 59.34
C GLU J 104 37.98 140.94 60.41
N ILE J 105 37.79 142.20 60.00
CA ILE J 105 37.22 143.23 60.85
C ILE J 105 36.07 143.86 60.08
N GLY J 106 34.88 143.84 60.69
CA GLY J 106 33.70 144.38 60.02
C GLY J 106 33.06 143.35 59.08
N ASP J 107 32.23 143.87 58.19
CA ASP J 107 31.49 143.06 57.24
C ASP J 107 32.12 143.20 55.85
N TYR J 108 32.20 142.08 55.14
CA TYR J 108 32.81 142.03 53.81
C TYR J 108 31.85 141.37 52.84
N ASP J 109 31.95 141.76 51.57
CA ASP J 109 31.17 141.17 50.49
C ASP J 109 32.12 140.59 49.46
N LEU J 110 31.79 139.42 48.92
CA LEU J 110 32.62 138.78 47.90
C LEU J 110 32.41 139.51 46.57
N GLU J 111 32.77 140.79 46.58
CA GLU J 111 32.65 141.66 45.41
C GLU J 111 33.71 141.39 44.36
N GLY J 112 34.93 141.03 44.78
CA GLY J 112 35.96 140.69 43.82
C GLY J 112 35.62 139.45 43.01
N LEU J 113 34.98 138.47 43.65
CA LEU J 113 34.49 137.32 42.92
C LEU J 113 33.62 137.74 41.75
N PHE J 114 32.61 138.56 42.01
CA PHE J 114 31.71 139.02 40.96
C PHE J 114 32.45 139.83 39.90
N LEU J 115 33.34 140.73 40.32
CA LEU J 115 34.05 141.56 39.35
C LEU J 115 34.91 140.72 38.42
N ARG J 116 35.69 139.79 38.99
CA ARG J 116 36.55 138.94 38.15
C ARG J 116 35.72 138.05 37.24
N LEU J 117 34.65 137.46 37.76
CA LEU J 117 33.83 136.57 36.95
C LEU J 117 33.16 137.35 35.80
N GLU J 118 32.69 138.56 36.08
CA GLU J 118 32.13 139.41 35.03
C GLU J 118 33.19 139.77 34.00
N LEU J 119 34.40 140.10 34.45
CA LEU J 119 35.46 140.43 33.51
C LEU J 119 35.75 139.25 32.58
N ALA J 120 35.85 138.05 33.14
CA ALA J 120 36.07 136.87 32.30
C ALA J 120 34.91 136.64 31.34
N ILE J 121 33.68 136.81 31.81
CA ILE J 121 32.52 136.57 30.96
C ILE J 121 32.51 137.53 29.78
N ASP J 122 32.79 138.81 30.04
CA ASP J 122 32.82 139.79 28.96
C ASP J 122 34.02 139.59 28.04
N THR J 123 35.14 139.12 28.59
CA THR J 123 36.31 138.85 27.76
C THR J 123 36.05 137.72 26.77
N VAL J 124 35.38 136.65 27.22
CA VAL J 124 35.22 135.45 26.41
C VAL J 124 33.86 135.39 25.73
N GLY J 125 32.96 136.33 25.99
CA GLY J 125 31.61 136.26 25.45
C GLY J 125 30.93 135.00 25.94
N ALA J 126 31.21 134.62 27.18
CA ALA J 126 30.82 133.31 27.69
C ALA J 126 29.32 133.19 27.85
N LYS J 127 28.81 131.98 27.61
CA LYS J 127 27.42 131.63 27.91
C LYS J 127 27.32 130.46 28.89
N ARG J 128 28.40 129.69 29.08
CA ARG J 128 28.39 128.58 30.01
C ARG J 128 29.42 128.84 31.10
N VAL J 129 29.09 128.44 32.32
CA VAL J 129 29.94 128.67 33.48
C VAL J 129 29.97 127.41 34.32
N VAL J 130 31.15 127.09 34.85
CA VAL J 130 31.34 125.95 35.74
C VAL J 130 31.96 126.47 37.03
N LEU J 131 31.42 126.03 38.17
CA LEU J 131 31.90 126.41 39.49
C LEU J 131 32.42 125.16 40.19
N ASP J 132 33.74 125.08 40.34
CA ASP J 132 34.38 123.87 40.85
C ASP J 132 34.91 124.11 42.27
N THR J 133 34.55 123.22 43.18
CA THR J 133 35.03 123.22 44.56
C THR J 133 34.68 124.53 45.28
N ILE J 134 33.38 124.73 45.45
CA ILE J 134 32.87 125.94 46.11
C ILE J 134 32.88 125.74 47.62
N GLU J 135 33.30 124.56 48.08
CA GLU J 135 33.40 124.31 49.51
C GLU J 135 34.63 124.98 50.11
N SER J 136 35.69 125.14 49.33
CA SER J 136 36.86 125.86 49.80
C SER J 136 36.53 127.31 50.11
N LEU J 137 35.58 127.89 49.38
CA LEU J 137 35.14 129.26 49.68
C LEU J 137 34.59 129.36 51.09
N PHE J 138 33.75 128.40 51.50
CA PHE J 138 33.26 128.35 52.88
C PHE J 138 34.40 128.08 53.85
N SER J 139 35.28 127.13 53.52
CA SER J 139 36.35 126.77 54.43
C SER J 139 37.31 127.93 54.70
N ALA J 140 37.49 128.83 53.73
CA ALA J 140 38.44 129.93 53.90
C ALA J 140 37.93 130.96 54.89
N PHE J 141 36.82 131.60 54.56
CA PHE J 141 36.27 132.65 55.42
C PHE J 141 35.59 132.07 56.65
N SER J 142 35.54 132.89 57.71
CA SER J 142 35.01 132.44 59.00
C SER J 142 33.51 132.68 59.13
N ASN J 143 33.01 133.82 58.69
CA ASN J 143 31.60 134.14 58.85
C ASN J 143 30.76 133.31 57.89
N PRO J 144 29.88 132.43 58.37
CA PRO J 144 29.11 131.58 57.45
C PRO J 144 27.96 132.30 56.77
N ALA J 145 27.30 133.20 57.51
CA ALA J 145 26.14 133.90 56.97
C ALA J 145 26.52 134.77 55.79
N ILE J 146 27.67 135.45 55.88
CA ILE J 146 28.11 136.30 54.78
C ILE J 146 28.34 135.49 53.52
N LEU J 147 29.01 134.33 53.65
CA LEU J 147 29.24 133.48 52.49
C LEU J 147 27.93 132.95 51.92
N ARG J 148 27.01 132.54 52.80
CA ARG J 148 25.71 132.07 52.35
C ARG J 148 25.01 133.13 51.52
N ALA J 149 24.91 134.35 52.06
CA ALA J 149 24.25 135.43 51.34
C ALA J 149 24.99 135.73 50.04
N GLU J 150 26.32 135.73 50.07
CA GLU J 150 27.09 136.11 48.89
C GLU J 150 26.87 135.15 47.75
N ILE J 151 26.87 133.83 48.01
CA ILE J 151 26.70 132.94 46.87
C ILE J 151 25.23 132.79 46.51
N ARG J 152 24.30 133.04 47.44
CA ARG J 152 22.90 133.13 47.00
C ARG J 152 22.74 134.29 46.02
N ARG J 153 23.37 135.43 46.31
CA ARG J 153 23.43 136.54 45.36
C ARG J 153 24.15 136.14 44.07
N LEU J 154 25.20 135.33 44.19
CA LEU J 154 25.92 134.89 43.00
C LEU J 154 25.05 134.04 42.08
N PHE J 155 24.33 133.07 42.64
CA PHE J 155 23.43 132.24 41.84
C PHE J 155 22.30 133.09 41.25
N ASP J 156 21.74 134.00 42.05
CA ASP J 156 20.71 134.89 41.54
C ASP J 156 21.25 135.73 40.39
N TRP J 157 22.49 136.20 40.51
CA TRP J 157 23.12 137.03 39.49
C TRP J 157 23.41 136.24 38.21
N LEU J 158 23.85 134.99 38.36
CA LEU J 158 24.06 134.14 37.19
C LEU J 158 22.75 133.90 36.46
N LYS J 159 21.69 133.56 37.20
CA LYS J 159 20.37 133.43 36.56
C LYS J 159 19.95 134.76 35.95
N GLU J 160 20.28 135.87 36.62
CA GLU J 160 19.79 137.19 36.25
C GLU J 160 20.38 137.65 34.92
N ARG J 161 21.66 137.37 34.68
CA ARG J 161 22.18 137.64 33.35
C ARG J 161 22.07 136.45 32.41
N GLY J 162 21.55 135.32 32.87
CA GLY J 162 21.18 134.24 31.97
C GLY J 162 22.32 133.43 31.40
N LEU J 163 23.20 132.91 32.26
CA LEU J 163 24.23 131.97 31.85
C LEU J 163 23.86 130.56 32.33
N THR J 164 24.33 129.56 31.60
CA THR J 164 24.09 128.17 31.95
C THR J 164 25.23 127.70 32.86
N THR J 165 24.92 127.42 34.12
CA THR J 165 25.94 127.18 35.12
C THR J 165 25.83 125.76 35.67
N VAL J 166 26.98 125.13 35.86
CA VAL J 166 27.08 123.79 36.44
C VAL J 166 27.99 123.87 37.67
N ILE J 167 27.50 123.37 38.80
CA ILE J 167 28.18 123.48 40.08
C ILE J 167 28.62 122.10 40.53
N THR J 168 29.88 121.98 40.93
CA THR J 168 30.43 120.73 41.45
C THR J 168 30.41 120.76 42.98
N ALA J 169 29.79 119.75 43.58
CA ALA J 169 29.65 119.68 45.03
C ALA J 169 29.95 118.26 45.50
N GLU J 170 30.57 118.16 46.68
CA GLU J 170 30.83 116.87 47.29
C GLU J 170 29.56 116.31 47.93
N ARG J 171 29.55 115.00 48.14
CA ARG J 171 28.35 114.34 48.65
C ARG J 171 28.20 114.52 50.16
N GLY J 172 29.17 114.02 50.93
CA GLY J 172 29.08 114.10 52.37
C GLY J 172 28.68 112.79 53.02
N ASP J 173 27.86 112.86 54.07
CA ASP J 173 27.45 111.67 54.80
C ASP J 173 25.95 111.51 54.93
N GLY J 174 25.22 112.61 55.13
CA GLY J 174 23.79 112.52 55.38
C GLY J 174 22.94 112.70 54.14
N ALA J 175 23.22 113.74 53.36
CA ALA J 175 22.45 114.02 52.15
C ALA J 175 23.36 113.99 50.92
N LEU J 176 22.83 114.37 49.77
CA LEU J 176 23.60 114.39 48.54
C LEU J 176 24.63 115.52 48.51
N THR J 177 24.65 116.37 49.54
CA THR J 177 25.63 117.45 49.62
C THR J 177 25.96 117.68 51.08
N ARG J 178 27.21 118.06 51.34
CA ARG J 178 27.69 118.29 52.70
C ARG J 178 27.61 119.75 53.12
N GLN J 179 27.44 120.68 52.17
CA GLN J 179 27.35 122.10 52.48
C GLN J 179 25.96 122.66 52.21
N GLY J 180 24.98 121.81 51.96
CA GLY J 180 23.62 122.28 51.75
C GLY J 180 23.41 123.12 50.51
N LEU J 181 24.07 122.75 49.40
CA LEU J 181 23.82 123.42 48.14
C LEU J 181 22.56 122.92 47.45
N GLU J 182 22.01 121.80 47.91
CA GLU J 182 20.69 121.37 47.44
C GLU J 182 19.63 122.38 47.83
N GLU J 183 19.74 122.96 49.02
CA GLU J 183 18.82 124.02 49.43
C GLU J 183 18.72 125.08 48.34
N TYR J 184 19.80 125.25 47.57
CA TYR J 184 19.92 126.40 46.68
C TYR J 184 19.60 126.01 45.24
N VAL J 185 20.21 124.93 44.77
CA VAL J 185 20.09 124.49 43.38
C VAL J 185 19.12 123.32 43.33
N SER J 186 17.96 123.53 42.72
CA SER J 186 16.97 122.48 42.56
C SER J 186 16.52 122.31 41.11
N ASP J 187 17.05 123.10 40.18
CA ASP J 187 16.67 122.97 38.78
C ASP J 187 17.08 121.63 38.20
N CYS J 188 18.24 121.10 38.60
CA CYS J 188 18.72 119.82 38.12
C CYS J 188 19.78 119.30 39.07
N VAL J 189 19.63 118.05 39.50
CA VAL J 189 20.56 117.40 40.41
C VAL J 189 20.98 116.07 39.81
N ILE J 190 22.28 115.89 39.62
CA ILE J 190 22.83 114.68 39.01
C ILE J 190 23.82 114.07 39.99
N LEU J 191 23.55 112.83 40.41
CA LEU J 191 24.39 112.13 41.37
C LEU J 191 25.23 111.09 40.65
N LEU J 192 26.54 111.16 40.84
CA LEU J 192 27.47 110.19 40.29
C LEU J 192 27.99 109.29 41.40
N ASP J 193 27.98 107.98 41.15
CA ASP J 193 28.35 107.01 42.16
C ASP J 193 29.38 106.04 41.58
N HIS J 194 30.25 105.53 42.46
CA HIS J 194 31.29 104.59 42.05
C HIS J 194 31.30 103.47 43.10
N ARG J 195 30.61 102.37 42.78
CA ARG J 195 30.36 101.32 43.76
C ARG J 195 31.06 100.03 43.36
N VAL J 196 31.60 99.33 44.35
CA VAL J 196 32.34 98.08 44.16
C VAL J 196 31.47 96.94 44.68
N GLU J 197 31.26 95.93 43.84
CA GLU J 197 30.54 94.73 44.22
C GLU J 197 31.32 93.51 43.73
N ASN J 198 31.60 92.58 44.63
CA ASN J 198 32.37 91.38 44.31
C ASN J 198 33.72 91.74 43.69
N GLN J 199 34.34 92.79 44.23
CA GLN J 199 35.64 93.31 43.82
C GLN J 199 35.58 94.06 42.50
N ILE J 200 34.42 94.13 41.84
CA ILE J 200 34.28 94.83 40.57
C ILE J 200 33.64 96.18 40.83
N SER J 201 34.28 97.24 40.38
CA SER J 201 33.81 98.60 40.59
C SER J 201 33.16 99.13 39.31
N THR J 202 32.00 99.75 39.46
CA THR J 202 31.25 100.31 38.34
C THR J 202 30.81 101.73 38.67
N ARG J 203 30.68 102.54 37.63
CA ARG J 203 30.31 103.95 37.73
C ARG J 203 28.88 104.12 37.22
N ARG J 204 28.04 104.77 38.04
CA ARG J 204 26.64 104.95 37.73
C ARG J 204 26.27 106.42 37.81
N LEU J 205 25.28 106.80 37.02
CA LEU J 205 24.76 108.17 36.99
C LEU J 205 23.27 108.13 37.24
N ARG J 206 22.77 109.11 38.00
CA ARG J 206 21.34 109.16 38.29
C ARG J 206 20.89 110.62 38.30
N ILE J 207 19.73 110.89 37.70
CA ILE J 207 19.15 112.22 37.70
C ILE J 207 18.16 112.26 38.87
N VAL J 208 18.62 112.77 40.02
CA VAL J 208 17.81 112.72 41.23
C VAL J 208 16.56 113.58 41.08
N LYS J 209 16.73 114.81 40.59
CA LYS J 209 15.62 115.73 40.46
C LYS J 209 15.90 116.68 39.29
N TYR J 210 15.06 116.63 38.27
CA TYR J 210 15.16 117.53 37.12
C TYR J 210 13.81 118.23 36.97
N ARG J 211 13.76 119.50 37.35
CA ARG J 211 12.51 120.23 37.41
C ARG J 211 12.15 120.80 36.05
N GLY J 212 10.93 120.54 35.60
CA GLY J 212 10.40 121.17 34.40
C GLY J 212 9.99 120.24 33.27
N THR J 213 10.33 118.95 33.35
CA THR J 213 9.97 118.03 32.27
C THR J 213 10.38 116.62 32.65
N ALA J 214 9.93 115.67 31.84
CA ALA J 214 10.24 114.27 32.07
C ALA J 214 11.71 113.96 31.78
N HIS J 215 12.16 112.81 32.26
CA HIS J 215 13.55 112.39 32.12
C HIS J 215 13.65 110.95 32.62
N GLY J 216 14.84 110.37 32.42
CA GLY J 216 15.10 109.04 32.94
C GLY J 216 15.32 109.08 34.45
N THR J 217 14.81 108.05 35.13
CA THR J 217 14.88 107.97 36.58
C THR J 217 15.70 106.80 37.11
N ASN J 218 16.11 105.87 36.24
CA ASN J 218 16.89 104.72 36.68
C ASN J 218 18.36 105.10 36.84
N GLU J 219 19.14 104.18 37.40
CA GLU J 219 20.58 104.35 37.51
C GLU J 219 21.25 103.79 36.27
N TYR J 220 21.96 104.65 35.53
CA TYR J 220 22.54 104.29 34.25
C TYR J 220 24.05 104.11 34.41
N PRO J 221 24.58 102.91 34.18
CA PRO J 221 26.04 102.74 34.23
C PRO J 221 26.71 103.45 33.06
N PHE J 222 27.71 104.26 33.38
CA PHE J 222 28.43 105.03 32.38
C PHE J 222 29.91 104.66 32.42
N LEU J 223 30.65 105.12 31.42
CA LEU J 223 32.06 104.79 31.27
C LEU J 223 32.84 106.04 30.87
N ILE J 224 34.06 106.13 31.37
CA ILE J 224 35.00 107.18 30.99
C ILE J 224 36.09 106.53 30.14
N ASP J 225 36.20 106.96 28.89
CA ASP J 225 37.11 106.36 27.94
C ASP J 225 37.92 107.47 27.27
N THR J 226 38.67 107.10 26.22
CA THR J 226 39.48 108.08 25.51
C THR J 226 38.61 109.22 24.98
N ASP J 227 37.42 108.91 24.48
CA ASP J 227 36.50 109.95 24.04
C ASP J 227 36.07 110.82 25.22
N GLY J 228 35.79 110.20 26.37
CA GLY J 228 35.31 110.89 27.54
C GLY J 228 34.11 110.17 28.11
N PHE J 229 33.14 110.94 28.59
CA PHE J 229 31.90 110.36 29.06
C PHE J 229 31.18 109.65 27.92
N SER J 230 30.72 108.43 28.19
CA SER J 230 29.91 107.67 27.25
C SER J 230 28.78 107.00 28.02
N VAL J 231 27.56 107.17 27.53
CA VAL J 231 26.39 106.60 28.20
C VAL J 231 25.49 105.93 27.17
N LEU J 232 25.39 104.62 27.24
CA LEU J 232 24.52 103.85 26.36
C LEU J 232 23.38 103.26 27.16
N PRO J 233 22.37 104.07 27.52
CA PRO J 233 21.28 103.56 28.35
C PRO J 233 20.54 102.42 27.67
N VAL J 234 20.13 101.44 28.48
CA VAL J 234 19.36 100.31 27.96
C VAL J 234 17.91 100.69 27.67
N SER J 235 17.48 101.88 28.06
CA SER J 235 16.11 102.34 27.83
C SER J 235 15.95 103.02 26.48
N ALA J 236 17.03 103.24 25.74
CA ALA J 236 16.97 103.86 24.42
C ALA J 236 16.73 102.87 23.29
N LEU J 237 16.85 101.57 23.56
CA LEU J 237 16.63 100.57 22.51
C LEU J 237 15.17 100.56 22.09
N GLY J 238 14.95 100.48 20.78
CA GLY J 238 13.61 100.42 20.24
C GLY J 238 13.47 99.29 19.24
N LEU J 239 12.24 98.83 19.08
CA LEU J 239 11.93 97.73 18.17
C LEU J 239 11.49 98.30 16.81
N LEU J 240 12.45 98.93 16.14
CA LEU J 240 12.28 99.43 14.78
C LEU J 240 13.44 98.90 13.93
N HIS J 241 13.28 97.68 13.42
CA HIS J 241 14.32 96.99 12.69
C HIS J 241 13.85 96.71 11.27
N GLN J 242 14.49 97.35 10.29
CA GLN J 242 14.15 97.09 8.90
C GLN J 242 14.56 95.67 8.53
N VAL J 243 13.61 94.91 7.97
CA VAL J 243 13.88 93.53 7.61
C VAL J 243 14.27 93.44 6.14
N HIS J 244 14.99 92.37 5.81
CA HIS J 244 15.46 92.13 4.45
C HIS J 244 14.96 90.77 3.98
N GLU J 245 14.70 90.67 2.68
CA GLU J 245 14.19 89.44 2.09
C GLU J 245 15.31 88.57 1.50
N GLU J 246 16.56 88.99 1.60
CA GLU J 246 17.66 88.18 1.12
C GLU J 246 18.00 87.07 2.12
N ARG J 247 18.79 86.11 1.66
CA ARG J 247 19.23 84.99 2.47
C ARG J 247 20.75 84.98 2.59
N ILE J 248 21.23 84.42 3.68
CA ILE J 248 22.66 84.29 3.93
C ILE J 248 23.04 82.82 3.85
N ALA J 249 24.29 82.57 3.44
CA ALA J 249 24.82 81.22 3.28
C ALA J 249 25.65 80.86 4.50
N SER J 250 25.29 79.76 5.16
CA SER J 250 26.01 79.34 6.35
C SER J 250 27.39 78.78 6.01
N GLY J 251 27.55 78.27 4.78
CA GLY J 251 28.75 77.60 4.39
C GLY J 251 28.67 76.08 4.41
N VAL J 252 27.62 75.53 5.03
CA VAL J 252 27.37 74.09 5.03
C VAL J 252 26.24 73.83 4.04
N PRO J 253 26.51 73.20 2.89
CA PRO J 253 25.44 73.01 1.90
C PRO J 253 24.25 72.22 2.43
N ASP J 254 24.49 71.19 3.23
CA ASP J 254 23.39 70.38 3.74
C ASP J 254 22.51 71.18 4.68
N LEU J 255 23.13 71.91 5.62
CA LEU J 255 22.36 72.74 6.54
C LEU J 255 21.61 73.84 5.79
N ASP J 256 22.24 74.44 4.77
CA ASP J 256 21.58 75.47 3.98
C ASP J 256 20.37 74.93 3.23
N ALA J 257 20.48 73.73 2.66
CA ALA J 257 19.35 73.16 1.93
C ALA J 257 18.26 72.68 2.90
N MET J 258 18.64 72.32 4.12
CA MET J 258 17.65 71.83 5.07
C MET J 258 16.53 72.84 5.30
N MET J 259 16.83 74.12 5.14
CA MET J 259 15.86 75.18 5.36
C MET J 259 15.44 75.78 4.03
N ALA J 260 14.15 76.08 3.90
CA ALA J 260 13.63 76.69 2.68
C ALA J 260 14.26 78.06 2.45
N GLY J 261 14.49 78.39 1.18
CA GLY J 261 15.06 79.66 0.81
C GLY J 261 16.57 79.69 0.67
N GLY J 262 17.26 78.63 1.10
CA GLY J 262 18.70 78.56 0.99
C GLY J 262 19.47 78.97 2.22
N GLY J 263 18.81 79.57 3.22
CA GLY J 263 19.53 79.96 4.43
C GLY J 263 18.69 80.90 5.27
N PHE J 264 19.23 81.22 6.44
CA PHE J 264 18.56 82.12 7.35
C PHE J 264 18.46 83.52 6.74
N PHE J 265 17.41 84.24 7.11
CA PHE J 265 17.24 85.60 6.62
C PHE J 265 18.38 86.52 7.07
N ARG J 266 18.81 87.39 6.17
CA ARG J 266 19.94 88.26 6.42
C ARG J 266 19.59 89.28 7.51
N GLY J 267 20.61 89.62 8.30
CA GLY J 267 20.43 90.58 9.38
C GLY J 267 19.74 90.03 10.61
N SER J 268 19.53 88.73 10.69
CA SER J 268 18.85 88.10 11.82
C SER J 268 19.85 87.66 12.88
N SER J 269 19.34 87.37 14.07
CA SER J 269 20.15 86.89 15.18
C SER J 269 20.09 85.37 15.20
N ILE J 270 21.26 84.73 15.11
CA ILE J 270 21.36 83.28 15.05
C ILE J 270 22.11 82.80 16.28
N LEU J 271 21.50 81.88 17.02
CA LEU J 271 22.12 81.27 18.19
C LEU J 271 22.55 79.85 17.86
N VAL J 272 23.74 79.47 18.33
CA VAL J 272 24.27 78.13 18.16
C VAL J 272 24.54 77.58 19.55
N SER J 273 23.70 76.65 20.00
CA SER J 273 23.79 76.10 21.34
C SER J 273 24.32 74.67 21.29
N GLY J 274 24.93 74.25 22.38
CA GLY J 274 25.45 72.91 22.48
C GLY J 274 26.42 72.78 23.63
N VAL J 275 26.70 71.53 23.99
CA VAL J 275 27.63 71.21 25.06
C VAL J 275 29.05 71.41 24.57
N ALA J 276 30.01 71.42 25.48
CA ALA J 276 31.41 71.59 25.10
C ALA J 276 31.83 70.49 24.13
N GLY J 277 32.53 70.91 23.07
CA GLY J 277 32.96 69.98 22.04
C GLY J 277 31.91 69.66 20.99
N ALA J 278 30.77 70.34 21.01
CA ALA J 278 29.73 70.06 20.01
C ALA J 278 30.12 70.55 18.63
N GLY J 279 30.75 71.71 18.54
CA GLY J 279 31.14 72.27 17.25
C GLY J 279 30.56 73.64 16.98
N LYS J 280 30.19 74.35 18.04
CA LYS J 280 29.64 75.70 17.89
C LYS J 280 30.67 76.63 17.25
N SER J 281 31.92 76.57 17.73
CA SER J 281 32.97 77.39 17.13
C SER J 281 33.22 76.99 15.69
N SER J 282 33.16 75.69 15.38
CA SER J 282 33.34 75.25 14.00
C SER J 282 32.26 75.82 13.09
N LEU J 283 31.01 75.79 13.55
CA LEU J 283 29.91 76.35 12.75
C LEU J 283 30.07 77.86 12.57
N ALA J 284 30.46 78.56 13.64
CA ALA J 284 30.68 79.99 13.54
C ALA J 284 31.80 80.32 12.55
N ALA J 285 32.89 79.54 12.61
CA ALA J 285 33.98 79.73 11.66
C ALA J 285 33.52 79.44 10.24
N HIS J 286 32.67 78.43 10.05
CA HIS J 286 32.12 78.17 8.73
C HIS J 286 31.33 79.37 8.23
N PHE J 287 30.49 79.94 9.09
CA PHE J 287 29.74 81.14 8.72
C PHE J 287 30.66 82.27 8.30
N ALA J 288 31.68 82.54 9.12
CA ALA J 288 32.59 83.65 8.84
C ALA J 288 33.35 83.42 7.54
N ALA J 289 33.85 82.21 7.33
CA ALA J 289 34.60 81.91 6.11
C ALA J 289 33.71 82.00 4.88
N ALA J 290 32.47 81.51 4.97
CA ALA J 290 31.55 81.64 3.85
C ALA J 290 31.25 83.10 3.54
N ALA J 291 31.06 83.93 4.57
CA ALA J 291 30.85 85.35 4.33
C ALA J 291 32.06 85.98 3.68
N CYS J 292 33.26 85.63 4.13
CA CYS J 292 34.48 86.20 3.56
C CYS J 292 34.67 85.79 2.10
N ALA J 293 34.37 84.52 1.78
CA ALA J 293 34.61 84.03 0.44
C ALA J 293 33.80 84.79 -0.60
N ARG J 294 32.71 85.43 -0.19
CA ARG J 294 31.88 86.21 -1.11
C ARG J 294 32.35 87.65 -1.23
N GLY J 295 33.51 87.99 -0.69
CA GLY J 295 34.02 89.34 -0.78
C GLY J 295 33.52 90.30 0.29
N GLU J 296 32.79 89.79 1.29
CA GLU J 296 32.26 90.61 2.37
C GLU J 296 33.18 90.56 3.58
N ARG J 297 33.03 91.56 4.45
CA ARG J 297 33.82 91.65 5.67
C ARG J 297 33.19 90.84 6.78
N ALA J 298 34.03 90.38 7.71
CA ALA J 298 33.52 89.59 8.82
C ALA J 298 34.39 89.78 10.06
N MET J 299 33.76 89.79 11.23
CA MET J 299 34.46 89.88 12.50
C MET J 299 34.10 88.68 13.38
N TYR J 300 35.10 88.15 14.08
CA TYR J 300 34.90 86.97 14.93
C TYR J 300 35.41 87.35 16.31
N PHE J 301 34.53 87.87 17.17
CA PHE J 301 34.89 88.13 18.55
C PHE J 301 34.99 86.81 19.30
N SER J 302 36.17 86.54 19.85
CA SER J 302 36.44 85.31 20.60
C SER J 302 36.86 85.66 22.03
N PHE J 303 36.13 85.12 23.00
CA PHE J 303 36.43 85.31 24.42
C PHE J 303 37.01 84.04 25.05
N GLU J 304 37.50 83.12 24.22
CA GLU J 304 37.94 81.81 24.69
C GLU J 304 39.29 81.39 24.14
N GLU J 305 39.73 81.91 23.00
CA GLU J 305 40.93 81.39 22.35
C GLU J 305 41.72 82.53 21.73
N ALA J 306 43.01 82.28 21.52
CA ALA J 306 43.85 83.23 20.80
C ALA J 306 43.68 83.05 19.30
N ALA J 307 44.11 84.06 18.54
CA ALA J 307 43.97 84.02 17.09
C ALA J 307 44.70 82.83 16.49
N ASP J 308 45.96 82.63 16.89
CA ASP J 308 46.78 81.56 16.32
C ASP J 308 46.21 80.18 16.67
N GLN J 309 45.81 79.99 17.92
CA GLN J 309 45.22 78.73 18.34
C GLN J 309 43.94 78.44 17.57
N ALA J 310 43.07 79.46 17.42
CA ALA J 310 41.87 79.28 16.61
C ALA J 310 42.23 78.93 15.16
N VAL J 311 43.26 79.58 14.64
CA VAL J 311 43.69 79.31 13.27
C VAL J 311 44.07 77.85 13.12
N ARG J 312 44.89 77.31 14.02
CA ARG J 312 45.39 75.97 13.78
C ARG J 312 44.37 74.93 14.26
N ASN J 313 43.35 75.37 15.01
CA ASN J 313 42.20 74.50 15.29
C ASN J 313 41.31 74.36 14.08
N MET J 314 41.04 75.46 13.36
CA MET J 314 40.23 75.45 12.15
C MET J 314 40.95 74.87 10.95
N ARG J 315 42.28 74.98 10.90
CA ARG J 315 43.03 74.43 9.78
C ARG J 315 42.86 72.93 9.69
N SER J 316 42.62 72.28 10.85
CA SER J 316 42.30 70.86 10.83
C SER J 316 40.97 70.57 10.14
N LEU J 317 39.99 71.47 10.29
CA LEU J 317 38.71 71.34 9.59
C LEU J 317 38.79 71.83 8.16
N GLY J 318 39.88 72.49 7.80
CA GLY J 318 40.08 72.92 6.42
C GLY J 318 39.77 74.38 6.19
N LEU J 319 39.04 74.98 7.12
CA LEU J 319 38.77 76.41 7.04
C LEU J 319 40.08 77.18 7.19
N ASP J 320 40.50 77.81 6.11
CA ASP J 320 41.76 78.55 6.06
C ASP J 320 41.45 80.01 6.40
N LEU J 321 41.22 80.26 7.70
CA LEU J 321 40.95 81.61 8.16
C LEU J 321 42.15 82.52 8.01
N GLY J 322 43.35 81.96 7.95
CA GLY J 322 44.53 82.77 7.74
C GLY J 322 44.48 83.52 6.42
N ARG J 323 43.95 82.87 5.37
CA ARG J 323 43.86 83.51 4.07
C ARG J 323 43.02 84.78 4.14
N TRP J 324 41.84 84.70 4.73
CA TRP J 324 40.96 85.87 4.80
C TRP J 324 41.47 86.92 5.78
N ARG J 325 42.03 86.50 6.93
CA ARG J 325 42.63 87.47 7.84
C ARG J 325 43.81 88.20 7.20
N ASP J 326 44.59 87.50 6.38
CA ASP J 326 45.77 88.06 5.72
C ASP J 326 45.39 88.94 4.54
N ALA J 327 44.32 88.59 3.82
CA ALA J 327 43.79 89.46 2.77
C ALA J 327 43.01 90.64 3.31
N GLY J 328 42.64 90.61 4.59
CA GLY J 328 42.02 91.77 5.22
C GLY J 328 40.51 91.79 5.16
N LEU J 329 39.86 90.63 5.09
CA LEU J 329 38.41 90.55 5.11
C LEU J 329 37.86 89.91 6.38
N LEU J 330 38.72 89.43 7.27
CA LEU J 330 38.31 88.80 8.52
C LEU J 330 39.09 89.40 9.67
N ARG J 331 38.40 89.70 10.76
CA ARG J 331 39.01 90.31 11.95
C ARG J 331 38.84 89.40 13.15
N PHE J 332 39.89 89.28 13.96
CA PHE J 332 39.84 88.52 15.21
C PHE J 332 40.19 89.45 16.35
N MET J 333 39.48 89.33 17.47
CA MET J 333 39.73 90.17 18.64
C MET J 333 40.48 89.39 19.72
N ALA J 334 39.95 88.24 20.12
CA ALA J 334 40.58 87.35 21.10
C ALA J 334 40.81 88.10 22.42
N THR J 335 39.69 88.48 23.04
CA THR J 335 39.72 89.23 24.28
C THR J 335 39.04 88.45 25.39
N ARG J 336 39.70 88.39 26.55
CA ARG J 336 39.16 87.65 27.68
C ARG J 336 38.00 88.42 28.32
N PRO J 337 37.03 87.71 28.91
CA PRO J 337 35.91 88.41 29.55
C PRO J 337 36.31 89.34 30.68
N THR J 338 37.37 89.00 31.42
CA THR J 338 37.78 89.78 32.57
C THR J 338 38.72 90.93 32.22
N PHE J 339 39.12 91.05 30.96
CA PHE J 339 40.05 92.10 30.58
C PHE J 339 39.45 93.49 30.83
N TYR J 340 38.19 93.68 30.46
CA TYR J 340 37.49 94.94 30.64
C TYR J 340 36.31 94.75 31.58
N SER J 341 35.60 95.85 31.85
CA SER J 341 34.31 95.78 32.50
C SER J 341 33.25 95.57 31.43
N LEU J 342 32.01 95.31 31.85
CA LEU J 342 30.94 95.08 30.88
C LEU J 342 30.74 96.29 29.98
N GLU J 343 30.78 97.49 30.56
CA GLU J 343 30.58 98.70 29.78
C GLU J 343 31.65 98.86 28.71
N MET J 344 32.91 98.60 29.06
CA MET J 344 33.97 98.75 28.07
C MET J 344 33.96 97.62 27.05
N HIS J 345 33.56 96.40 27.46
CA HIS J 345 33.33 95.36 26.47
C HIS J 345 32.33 95.82 25.43
N LEU J 346 31.18 96.33 25.88
CA LEU J 346 30.17 96.85 24.96
C LEU J 346 30.74 97.96 24.09
N ALA J 347 31.43 98.92 24.71
CA ALA J 347 31.93 100.08 23.98
C ALA J 347 32.96 99.67 22.92
N VAL J 348 33.89 98.78 23.27
CA VAL J 348 34.90 98.34 22.33
C VAL J 348 34.25 97.58 21.17
N ILE J 349 33.32 96.69 21.49
CA ILE J 349 32.64 95.93 20.44
C ILE J 349 31.94 96.90 19.48
N LEU J 350 31.18 97.86 20.03
CA LEU J 350 30.45 98.79 19.19
C LEU J 350 31.39 99.64 18.35
N ARG J 351 32.47 100.15 18.97
CA ARG J 351 33.39 101.02 18.26
C ARG J 351 34.06 100.28 17.11
N GLU J 352 34.57 99.08 17.37
CA GLU J 352 35.26 98.36 16.31
C GLU J 352 34.30 97.89 15.24
N VAL J 353 33.08 97.50 15.61
CA VAL J 353 32.09 97.12 14.61
C VAL J 353 31.77 98.30 13.70
N MET J 354 31.58 99.47 14.30
CA MET J 354 31.30 100.66 13.49
C MET J 354 32.47 101.00 12.58
N ARG J 355 33.70 100.91 13.10
CA ARG J 355 34.87 101.27 12.30
C ARG J 355 35.05 100.31 11.13
N PHE J 356 34.93 99.00 11.37
CA PHE J 356 35.18 98.01 10.34
C PHE J 356 34.02 97.88 9.35
N GLU J 357 32.78 98.08 9.79
CA GLU J 357 31.62 97.97 8.94
C GLU J 357 31.56 96.60 8.29
N PRO J 358 31.49 95.52 9.09
CA PRO J 358 31.45 94.17 8.50
C PRO J 358 30.05 93.74 8.11
N SER J 359 29.92 92.53 7.57
CA SER J 359 28.62 91.97 7.21
C SER J 359 28.20 90.81 8.09
N VAL J 360 29.12 90.24 8.88
CA VAL J 360 28.80 89.13 9.77
C VAL J 360 29.68 89.21 11.01
N VAL J 361 29.04 89.28 12.17
CA VAL J 361 29.73 89.35 13.46
C VAL J 361 29.41 88.09 14.25
N VAL J 362 30.45 87.37 14.66
CA VAL J 362 30.31 86.10 15.37
C VAL J 362 30.88 86.27 16.76
N LEU J 363 30.02 86.21 17.77
CA LEU J 363 30.42 86.33 19.17
C LEU J 363 30.46 84.93 19.77
N ASP J 364 31.66 84.51 20.20
CA ASP J 364 31.85 83.15 20.72
C ASP J 364 32.73 83.20 21.97
N PRO J 365 32.23 82.78 23.13
CA PRO J 365 30.81 82.49 23.38
C PRO J 365 30.15 83.58 24.21
N ILE J 366 28.84 83.76 24.06
CA ILE J 366 28.14 84.75 24.87
C ILE J 366 27.97 84.29 26.31
N SER J 367 28.21 83.01 26.59
CA SER J 367 28.05 82.50 27.94
C SER J 367 29.28 82.79 28.80
N ALA J 368 30.39 83.20 28.18
CA ALA J 368 31.61 83.46 28.94
C ALA J 368 31.44 84.58 29.95
N PHE J 369 30.49 85.49 29.73
CA PHE J 369 30.25 86.61 30.61
C PHE J 369 29.37 86.25 31.81
N THR J 370 29.26 84.97 32.14
CA THR J 370 28.28 84.55 33.15
C THR J 370 28.57 85.17 34.51
N GLU J 371 29.81 85.03 35.00
CA GLU J 371 30.17 85.49 36.33
C GLU J 371 30.77 86.90 36.33
N SER J 372 30.87 87.55 35.18
CA SER J 372 31.41 88.90 35.14
C SER J 372 30.57 89.85 35.99
N GLY J 373 29.27 89.63 36.04
CA GLY J 373 28.38 90.41 36.86
C GLY J 373 27.09 89.68 37.17
N ASP J 374 26.10 90.39 37.69
CA ASP J 374 24.80 89.78 37.91
C ASP J 374 24.13 89.47 36.58
N ARG J 375 23.10 88.63 36.64
CA ARG J 375 22.41 88.22 35.41
C ARG J 375 21.85 89.42 34.68
N LEU J 376 21.28 90.38 35.40
CA LEU J 376 20.69 91.55 34.77
C LEU J 376 21.70 92.37 33.98
N GLU J 377 22.90 92.59 34.53
CA GLU J 377 23.90 93.39 33.84
C GLU J 377 24.38 92.72 32.55
N VAL J 378 24.67 91.43 32.62
CA VAL J 378 25.08 90.68 31.43
C VAL J 378 23.98 90.67 30.40
N GLN J 379 22.73 90.48 30.84
CA GLN J 379 21.61 90.51 29.91
C GLN J 379 21.48 91.88 29.25
N SER J 380 21.70 92.95 30.02
CA SER J 380 21.64 94.29 29.44
C SER J 380 22.72 94.47 28.38
N MET J 381 23.94 94.00 28.67
CA MET J 381 25.01 94.11 27.68
C MET J 381 24.68 93.33 26.42
N LEU J 382 24.19 92.10 26.58
CA LEU J 382 23.87 91.27 25.43
C LEU J 382 22.74 91.86 24.61
N LEU J 383 21.70 92.37 25.29
CA LEU J 383 20.59 93.00 24.58
C LEU J 383 21.05 94.24 23.81
N ARG J 384 21.90 95.06 24.43
CA ARG J 384 22.41 96.23 23.72
C ARG J 384 23.21 95.81 22.48
N ILE J 385 24.05 94.79 22.62
CA ILE J 385 24.85 94.34 21.48
C ILE J 385 23.95 93.82 20.36
N VAL J 386 22.96 93.00 20.73
CA VAL J 386 22.07 92.41 19.73
C VAL J 386 21.26 93.50 19.02
N ASP J 387 20.74 94.46 19.79
CA ASP J 387 19.97 95.54 19.18
C ASP J 387 20.84 96.39 18.27
N PHE J 388 22.07 96.69 18.69
CA PHE J 388 22.96 97.46 17.84
C PHE J 388 23.22 96.73 16.51
N LEU J 389 23.51 95.43 16.59
CA LEU J 389 23.76 94.66 15.37
C LEU J 389 22.53 94.63 14.48
N LYS J 390 21.35 94.40 15.06
CA LYS J 390 20.13 94.35 14.25
C LYS J 390 19.81 95.70 13.63
N ASN J 391 20.03 96.79 14.35
CA ASN J 391 19.81 98.11 13.77
C ASN J 391 20.78 98.36 12.63
N ARG J 392 22.04 97.98 12.79
CA ARG J 392 23.02 98.08 11.72
C ARG J 392 22.75 97.08 10.58
N GLY J 393 21.85 96.14 10.78
CA GLY J 393 21.57 95.14 9.76
C GLY J 393 22.71 94.18 9.52
N ILE J 394 23.42 93.79 10.57
CA ILE J 394 24.52 92.85 10.49
C ILE J 394 24.04 91.49 10.98
N THR J 395 24.55 90.42 10.38
CA THR J 395 24.20 89.07 10.75
C THR J 395 25.00 88.66 11.98
N GLY J 396 24.31 88.45 13.10
CA GLY J 396 24.95 88.09 14.35
C GLY J 396 24.84 86.60 14.61
N ILE J 397 25.99 85.97 14.81
CA ILE J 397 26.08 84.55 15.12
C ILE J 397 26.63 84.43 16.53
N PHE J 398 25.78 84.08 17.49
CA PHE J 398 26.17 83.97 18.89
C PHE J 398 26.28 82.50 19.26
N THR J 399 27.41 82.13 19.86
CA THR J 399 27.63 80.76 20.31
C THR J 399 27.46 80.69 21.83
N HIS J 400 26.63 79.77 22.29
CA HIS J 400 26.35 79.61 23.70
C HIS J 400 26.54 78.15 24.10
N LEU J 401 27.02 77.96 25.34
CA LEU J 401 27.25 76.63 25.88
C LEU J 401 25.99 76.11 26.57
N ALA J 402 25.78 74.81 26.48
CA ALA J 402 24.59 74.16 27.04
C ALA J 402 24.98 73.32 28.26
N HIS J 403 24.00 73.15 29.15
CA HIS J 403 24.20 72.36 30.36
C HIS J 403 23.18 71.23 30.45
N THR J 409 16.61 73.55 24.58
CA THR J 409 16.91 73.92 25.95
C THR J 409 17.11 75.42 26.11
N THR J 410 16.86 75.92 27.30
CA THR J 410 17.04 77.33 27.62
C THR J 410 18.32 77.52 28.43
N ASP J 411 19.06 78.58 28.09
CA ASP J 411 20.39 78.75 28.66
C ASP J 411 20.50 79.97 29.56
N ALA J 412 20.21 81.17 29.02
CA ALA J 412 20.43 82.38 29.80
C ALA J 412 19.34 83.43 29.61
N GLY J 413 18.18 83.08 29.07
CA GLY J 413 17.13 84.04 28.85
C GLY J 413 17.34 84.96 27.68
N LEU J 414 18.42 84.79 26.91
CA LEU J 414 18.64 85.58 25.71
C LEU J 414 18.21 84.88 24.44
N GLU J 415 17.81 83.60 24.52
CA GLU J 415 17.17 82.97 23.39
C GLU J 415 15.86 83.68 23.06
N GLU J 416 15.35 84.47 24.01
CA GLU J 416 14.04 85.07 23.89
C GLU J 416 13.92 85.94 22.65
N LEU J 417 15.04 86.42 22.10
CA LEU J 417 15.03 87.30 20.94
C LEU J 417 15.46 86.61 19.65
N MET J 418 16.23 85.52 19.74
CA MET J 418 16.89 84.98 18.56
C MET J 418 15.90 84.63 17.46
N ASP J 419 16.25 85.00 16.23
CA ASP J 419 15.48 84.63 15.05
C ASP J 419 15.68 83.18 14.65
N GLY J 420 16.91 82.68 14.71
CA GLY J 420 17.18 81.30 14.37
C GLY J 420 17.99 80.63 15.46
N TRP J 421 17.71 79.34 15.65
CA TRP J 421 18.34 78.56 16.71
C TRP J 421 18.82 77.24 16.13
N VAL J 422 20.10 76.95 16.32
CA VAL J 422 20.69 75.69 15.88
C VAL J 422 21.30 75.00 17.10
N LEU J 423 20.80 73.80 17.41
CA LEU J 423 21.28 73.03 18.54
C LEU J 423 22.15 71.89 18.04
N MET J 424 23.35 71.78 18.60
CA MET J 424 24.33 70.76 18.24
C MET J 424 24.45 69.81 19.43
N LEU J 425 24.23 68.52 19.18
CA LEU J 425 24.22 67.51 20.22
C LEU J 425 25.36 66.52 19.99
N ASN J 426 26.01 66.12 21.08
CA ASN J 426 27.07 65.10 21.06
C ASN J 426 26.67 64.05 22.09
N ARG J 427 25.90 63.07 21.67
CA ARG J 427 25.28 62.13 22.59
C ARG J 427 26.09 60.84 22.69
N GLU J 428 26.02 60.23 23.87
CA GLU J 428 26.63 58.93 24.13
C GLU J 428 25.54 57.86 24.10
N VAL J 429 25.60 56.99 23.10
CA VAL J 429 24.62 55.93 22.94
C VAL J 429 25.30 54.73 22.32
N ASN J 430 25.01 53.54 22.84
CA ASN J 430 25.59 52.29 22.36
C ASN J 430 27.11 52.29 22.57
N GLY J 431 27.56 52.82 23.70
CA GLY J 431 28.98 52.82 24.01
C GLY J 431 29.83 53.58 23.02
N GLU J 432 29.34 54.74 22.56
CA GLU J 432 30.05 55.54 21.56
C GLU J 432 29.30 56.85 21.39
N PHE J 433 30.03 57.87 20.94
CA PHE J 433 29.49 59.23 20.84
C PHE J 433 29.18 59.56 19.40
N ASN J 434 27.99 60.13 19.18
CA ASN J 434 27.52 60.51 17.85
C ASN J 434 27.11 61.98 17.87
N ARG J 435 27.40 62.66 16.75
CA ARG J 435 27.09 64.08 16.59
C ARG J 435 25.81 64.25 15.79
N GLU J 436 25.05 65.28 16.14
CA GLU J 436 23.82 65.64 15.44
C GLU J 436 23.58 67.13 15.58
N LEU J 437 22.69 67.66 14.74
CA LEU J 437 22.32 69.06 14.84
C LEU J 437 20.91 69.23 14.29
N TYR J 438 20.19 70.20 14.83
CA TYR J 438 18.85 70.48 14.31
C TYR J 438 18.48 71.94 14.59
N LEU J 439 17.62 72.47 13.73
CA LEU J 439 17.15 73.84 13.82
C LEU J 439 15.97 73.88 14.79
N LEU J 440 16.21 74.37 16.01
CA LEU J 440 15.14 74.45 16.99
C LEU J 440 14.03 75.38 16.53
N LYS J 441 14.36 76.42 15.75
CA LYS J 441 13.37 77.34 15.25
C LYS J 441 14.01 78.23 14.19
N ALA J 442 13.22 78.55 13.17
CA ALA J 442 13.69 79.40 12.06
C ALA J 442 12.53 80.29 11.66
N ARG J 443 12.60 81.56 12.06
CA ARG J 443 11.48 82.48 11.87
C ARG J 443 11.25 82.77 10.40
N GLY J 444 9.98 82.90 10.04
CA GLY J 444 9.57 83.33 8.71
C GLY J 444 9.96 82.42 7.57
N MET J 445 9.97 81.11 7.80
CA MET J 445 10.27 80.16 6.74
C MET J 445 10.02 78.75 7.27
N ALA J 446 9.85 77.82 6.33
CA ALA J 446 9.68 76.42 6.67
C ALA J 446 11.02 75.69 6.55
N HIS J 447 11.26 74.76 7.48
CA HIS J 447 12.55 74.10 7.58
C HIS J 447 12.34 72.65 7.98
N SER J 448 13.37 71.84 7.73
CA SER J 448 13.32 70.43 8.09
C SER J 448 13.21 70.27 9.60
N ASN J 449 12.44 69.25 10.01
CA ASN J 449 12.24 68.93 11.41
C ASN J 449 12.92 67.62 11.79
N GLN J 450 14.03 67.29 11.12
CA GLN J 450 14.76 66.06 11.35
C GLN J 450 16.03 66.34 12.12
N VAL J 451 16.39 65.42 13.03
CA VAL J 451 17.63 65.52 13.79
C VAL J 451 18.72 64.90 12.92
N ARG J 452 19.32 65.74 12.08
CA ARG J 452 20.26 65.27 11.07
C ARG J 452 21.63 65.03 11.71
N GLU J 453 22.04 63.76 11.75
CA GLU J 453 23.38 63.43 12.21
C GLU J 453 24.41 63.89 11.19
N PHE J 454 25.51 64.47 11.69
CA PHE J 454 26.58 64.96 10.84
C PHE J 454 27.91 64.39 11.34
N LEU J 455 28.96 64.60 10.55
CA LEU J 455 30.28 64.09 10.89
C LEU J 455 31.31 65.05 10.34
N MET J 456 32.03 65.72 11.24
CA MET J 456 33.03 66.71 10.84
C MET J 456 34.33 66.03 10.41
N SER J 457 34.92 66.55 9.34
CA SER J 457 36.15 65.99 8.79
C SER J 457 36.95 67.11 8.13
N ASP J 458 38.01 66.72 7.42
CA ASP J 458 38.86 67.71 6.75
C ASP J 458 38.07 68.52 5.74
N ARG J 459 37.12 67.89 5.03
CA ARG J 459 36.33 68.62 4.04
C ARG J 459 35.41 69.63 4.71
N GLY J 460 35.17 69.47 6.00
CA GLY J 460 34.36 70.41 6.75
C GLY J 460 33.26 69.70 7.50
N ILE J 461 32.17 70.44 7.74
CA ILE J 461 30.99 69.82 8.35
C ILE J 461 30.12 69.23 7.25
N SER J 462 29.81 67.94 7.39
CA SER J 462 29.03 67.23 6.37
C SER J 462 27.95 66.42 7.06
N LEU J 463 26.71 66.64 6.66
CA LEU J 463 25.59 65.88 7.19
C LEU J 463 25.44 64.56 6.45
N LEU J 464 25.22 63.49 7.22
CA LEU J 464 25.00 62.18 6.63
C LEU J 464 23.64 62.13 5.94
N PRO J 465 23.45 61.20 5.02
CA PRO J 465 22.15 61.08 4.36
C PRO J 465 21.07 60.80 5.38
N PRO J 466 19.85 61.28 5.14
CA PRO J 466 18.78 61.09 6.12
C PRO J 466 18.52 59.61 6.38
N HIS J 467 18.16 59.31 7.63
CA HIS J 467 17.84 57.96 8.04
C HIS J 467 16.51 57.54 7.43
N LEU J 468 16.50 56.39 6.75
CA LEU J 468 15.32 55.87 6.09
C LEU J 468 14.97 54.52 6.69
N GLY J 469 13.69 54.30 6.94
CA GLY J 469 13.25 53.06 7.55
C GLY J 469 12.79 53.28 8.98
N GLU J 470 12.06 52.29 9.50
CA GLU J 470 11.56 52.38 10.86
C GLU J 470 12.72 52.40 11.86
N GLY J 471 12.44 52.94 13.04
CA GLY J 471 13.47 53.06 14.06
C GLY J 471 14.58 54.01 13.67
N GLY J 472 14.21 55.18 13.15
CA GLY J 472 15.18 56.15 12.68
C GLY J 472 16.10 56.69 13.76
N ALA J 473 15.76 56.46 15.04
CA ALA J 473 16.60 56.96 16.12
C ALA J 473 18.01 56.35 16.07
N LEU J 474 18.14 55.18 15.45
CA LEU J 474 19.45 54.52 15.36
C LEU J 474 20.45 55.42 14.67
N THR J 475 21.67 55.47 15.21
CA THR J 475 22.74 56.29 14.67
C THR J 475 24.08 55.60 14.93
N GLY J 476 25.06 55.93 14.10
CA GLY J 476 26.38 55.36 14.29
C GLY J 476 26.42 53.89 13.90
N THR J 477 27.08 53.09 14.72
CA THR J 477 27.22 51.66 14.42
C THR J 477 25.86 50.97 14.37
N ALA J 478 24.91 51.47 15.16
CA ALA J 478 23.58 50.86 15.19
C ALA J 478 22.91 50.92 13.83
N ARG J 479 23.11 52.00 13.08
CA ARG J 479 22.53 52.11 11.75
C ARG J 479 23.07 51.02 10.82
N LYS J 480 24.38 50.79 10.82
CA LYS J 480 24.96 49.72 10.01
C LYS J 480 24.44 48.36 10.47
N ALA J 481 24.34 48.15 11.78
CA ALA J 481 23.84 46.88 12.29
C ALA J 481 22.41 46.64 11.82
N GLU J 482 21.56 47.67 11.89
CA GLU J 482 20.18 47.53 11.44
C GLU J 482 20.12 47.23 9.94
N GLU J 483 20.96 47.90 9.16
CA GLU J 483 21.00 47.63 7.72
C GLU J 483 21.37 46.17 7.45
N ALA J 484 22.39 45.67 8.16
CA ALA J 484 22.80 44.28 7.98
C ALA J 484 21.68 43.32 8.38
N ARG J 485 21.00 43.60 9.49
CA ARG J 485 19.91 42.74 9.93
C ARG J 485 18.78 42.72 8.91
N LEU J 486 18.43 43.88 8.36
CA LEU J 486 17.40 43.93 7.33
C LEU J 486 17.81 43.11 6.11
N ARG J 487 19.07 43.25 5.68
CA ARG J 487 19.54 42.49 4.53
C ARG J 487 19.41 41.00 4.78
N ARG J 488 19.85 40.55 5.96
CA ARG J 488 19.80 39.13 6.29
C ARG J 488 18.37 38.61 6.26
N ALA J 489 17.45 39.34 6.91
CA ALA J 489 16.07 38.87 7.00
C ALA J 489 15.39 38.81 5.63
N GLU J 490 15.56 39.86 4.82
CA GLU J 490 14.93 39.86 3.51
C GLU J 490 15.54 38.78 2.61
N ILE J 491 16.84 38.54 2.74
CA ILE J 491 17.47 37.45 1.99
C ILE J 491 16.85 36.12 2.37
N GLU J 492 16.63 35.90 3.67
CA GLU J 492 16.07 34.62 4.08
C GLU J 492 14.61 34.47 3.66
N ARG J 493 13.87 35.58 3.59
CA ARG J 493 12.53 35.52 3.02
C ARG J 493 12.57 35.10 1.56
N GLN J 494 13.52 35.65 0.80
CA GLN J 494 13.72 35.22 -0.58
C GLN J 494 14.00 33.72 -0.64
N THR J 495 14.82 33.23 0.28
CA THR J 495 15.11 31.79 0.33
C THR J 495 13.84 30.99 0.59
N GLU J 496 12.99 31.46 1.51
CA GLU J 496 11.70 30.83 1.74
C GLU J 496 10.92 30.66 0.44
N LEU J 497 10.74 31.77 -0.27
CA LEU J 497 9.95 31.72 -1.50
C LEU J 497 10.57 30.79 -2.52
N GLY J 498 11.90 30.83 -2.66
CA GLY J 498 12.56 29.94 -3.59
C GLY J 498 12.35 28.47 -3.25
N ARG J 499 12.41 28.13 -1.96
CA ARG J 499 12.20 26.75 -1.56
C ARG J 499 10.78 26.29 -1.89
N LEU J 500 9.78 27.15 -1.64
CA LEU J 500 8.42 26.78 -2.02
C LEU J 500 8.30 26.55 -3.52
N GLN J 501 8.92 27.42 -4.33
CA GLN J 501 8.86 27.23 -5.77
C GLN J 501 9.50 25.91 -6.17
N GLN J 502 10.63 25.57 -5.57
CA GLN J 502 11.28 24.29 -5.87
C GLN J 502 10.39 23.11 -5.46
N GLN J 503 9.68 23.24 -4.35
CA GLN J 503 8.75 22.19 -3.92
C GLN J 503 7.69 21.95 -4.98
N ILE J 504 7.09 23.02 -5.48
CA ILE J 504 6.06 22.86 -6.51
C ILE J 504 6.67 22.27 -7.78
N GLU J 505 7.91 22.67 -8.08
CA GLU J 505 8.75 22.05 -9.11
C GLU J 505 8.72 20.52 -9.00
N GLN J 506 9.07 20.03 -7.81
CA GLN J 506 9.13 18.59 -7.58
C GLN J 506 7.78 17.92 -7.82
N ARG J 507 6.71 18.53 -7.29
CA ARG J 507 5.39 17.92 -7.46
C ARG J 507 5.02 17.83 -8.94
N ARG J 508 5.26 18.89 -9.70
CA ARG J 508 4.94 18.86 -11.13
C ARG J 508 5.76 17.81 -11.86
N ARG J 509 7.03 17.64 -11.47
CA ARG J 509 7.85 16.62 -12.12
C ARG J 509 7.24 15.24 -11.91
N ARG J 510 6.95 14.87 -10.67
CA ARG J 510 6.29 13.57 -10.49
C ARG J 510 5.01 13.48 -11.31
N ALA J 511 4.19 14.54 -11.31
CA ALA J 511 2.90 14.46 -12.00
C ALA J 511 3.09 14.08 -13.47
N ARG J 512 3.93 14.81 -14.19
CA ARG J 512 3.99 14.55 -15.62
C ARG J 512 4.83 13.32 -15.94
N ALA J 513 5.78 12.95 -15.09
CA ALA J 513 6.47 11.67 -15.29
C ALA J 513 5.48 10.51 -15.15
N GLN J 514 4.60 10.57 -14.15
CA GLN J 514 3.57 9.57 -13.98
C GLN J 514 2.67 9.51 -15.22
N ILE J 515 2.33 10.69 -15.76
CA ILE J 515 1.53 10.74 -16.98
C ILE J 515 2.24 10.03 -18.12
N GLU J 516 3.56 10.22 -18.22
CA GLU J 516 4.33 9.57 -19.26
C GLU J 516 4.25 8.05 -19.15
N ALA J 517 4.38 7.53 -17.94
CA ALA J 517 4.25 6.09 -17.74
C ALA J 517 2.87 5.59 -18.18
N LEU J 518 1.82 6.33 -17.81
CA LEU J 518 0.47 5.92 -18.18
C LEU J 518 0.28 5.92 -19.70
N GLU J 519 0.84 6.91 -20.38
CA GLU J 519 0.74 6.94 -21.84
C GLU J 519 1.47 5.76 -22.47
N ALA J 520 2.62 5.38 -21.90
CA ALA J 520 3.30 4.17 -22.38
C ALA J 520 2.39 2.95 -22.25
N GLU J 521 1.72 2.82 -21.11
CA GLU J 521 0.76 1.73 -20.94
C GLU J 521 -0.31 1.77 -22.03
N LEU J 522 -0.84 2.96 -22.32
CA LEU J 522 -1.88 3.08 -23.34
C LEU J 522 -1.38 2.62 -24.70
N GLN J 523 -0.17 3.02 -25.08
CA GLN J 523 0.37 2.60 -26.37
C GLN J 523 0.54 1.08 -26.44
N ALA J 524 1.03 0.48 -25.35
CA ALA J 524 1.14 -0.97 -25.31
C ALA J 524 -0.22 -1.63 -25.53
N GLU J 525 -1.26 -1.10 -24.87
CA GLU J 525 -2.59 -1.68 -25.03
C GLU J 525 -3.09 -1.55 -26.46
N GLU J 526 -2.82 -0.41 -27.10
CA GLU J 526 -3.21 -0.24 -28.50
C GLU J 526 -2.55 -1.30 -29.38
N ILE J 527 -1.24 -1.52 -29.17
CA ILE J 527 -0.55 -2.55 -29.94
C ILE J 527 -1.20 -3.91 -29.71
N ALA J 528 -1.59 -4.19 -28.46
CA ALA J 528 -2.24 -5.46 -28.17
C ALA J 528 -3.56 -5.61 -28.92
N LEU J 529 -4.38 -4.55 -28.96
CA LEU J 529 -5.65 -4.62 -29.69
C LEU J 529 -5.40 -4.92 -31.16
N LYS J 530 -4.42 -4.24 -31.76
CA LYS J 530 -4.19 -4.42 -33.18
C LYS J 530 -3.64 -5.82 -33.48
N ALA J 531 -2.82 -6.36 -32.58
CA ALA J 531 -2.40 -7.75 -32.71
C ALA J 531 -3.59 -8.69 -32.65
N LEU J 532 -4.52 -8.44 -31.72
CA LEU J 532 -5.74 -9.22 -31.62
C LEU J 532 -6.54 -9.23 -32.92
N VAL J 533 -6.75 -8.07 -33.52
CA VAL J 533 -7.50 -7.98 -34.77
C VAL J 533 -6.78 -8.70 -35.91
N GLU J 534 -5.48 -8.44 -36.07
CA GLU J 534 -4.74 -9.04 -37.17
C GLU J 534 -4.76 -10.57 -37.09
N SER J 535 -4.42 -11.12 -35.92
CA SER J 535 -4.35 -12.57 -35.79
C SER J 535 -5.72 -13.22 -35.96
N GLU J 536 -6.76 -12.58 -35.43
CA GLU J 536 -8.10 -13.13 -35.55
C GLU J 536 -8.54 -13.17 -37.02
N SER J 537 -8.27 -12.08 -37.76
CA SER J 537 -8.59 -12.08 -39.19
C SER J 537 -7.79 -13.15 -39.93
N ALA J 538 -6.53 -13.34 -39.55
CA ALA J 538 -5.72 -14.37 -40.19
C ALA J 538 -6.31 -15.75 -39.94
N HIS J 539 -6.80 -16.00 -38.73
CA HIS J 539 -7.46 -17.27 -38.44
C HIS J 539 -8.70 -17.43 -39.31
N GLU J 540 -9.49 -16.37 -39.46
CA GLU J 540 -10.62 -16.40 -40.39
C GLU J 540 -10.17 -16.85 -41.78
N ARG J 541 -9.12 -16.22 -42.29
CA ARG J 541 -8.65 -16.52 -43.64
C ARG J 541 -8.20 -17.98 -43.77
N GLN J 542 -7.44 -18.47 -42.78
CA GLN J 542 -6.96 -19.84 -42.82
C GLN J 542 -8.12 -20.84 -42.75
N ARG J 543 -9.12 -20.55 -41.93
CA ARG J 543 -10.28 -21.42 -41.85
C ARG J 543 -11.01 -21.49 -43.18
N LEU J 544 -11.18 -20.34 -43.84
CA LEU J 544 -11.82 -20.33 -45.15
C LEU J 544 -11.03 -21.16 -46.15
N ALA J 545 -9.71 -21.01 -46.14
CA ALA J 545 -8.87 -21.75 -47.09
C ALA J 545 -8.99 -23.26 -46.85
N ASP J 546 -8.95 -23.69 -45.59
CA ASP J 546 -9.07 -25.12 -45.29
C ASP J 546 -10.43 -25.66 -45.70
N ALA J 547 -11.50 -24.89 -45.45
CA ALA J 547 -12.83 -25.32 -45.85
C ALA J 547 -12.92 -25.50 -47.36
N ASP J 548 -12.34 -24.54 -48.12
CA ASP J 548 -12.33 -24.67 -49.58
C ASP J 548 -11.56 -25.91 -50.03
N THR J 549 -10.42 -26.18 -49.40
CA THR J 549 -9.64 -27.36 -49.75
C THR J 549 -10.45 -28.63 -49.56
N LEU J 550 -11.13 -28.74 -48.40
CA LEU J 550 -11.97 -29.92 -48.18
C LEU J 550 -13.11 -29.98 -49.18
N ALA J 551 -13.67 -28.81 -49.55
CA ALA J 551 -14.79 -28.76 -50.49
C ALA J 551 -14.39 -29.33 -51.84
N ARG J 552 -13.23 -28.93 -52.37
CA ARG J 552 -12.70 -29.62 -53.54
C ARG J 552 -12.49 -31.10 -53.29
N SER J 553 -11.82 -31.46 -52.18
CA SER J 553 -11.45 -32.86 -51.98
C SER J 553 -12.68 -33.77 -52.04
N ARG J 554 -13.84 -33.26 -51.63
CA ARG J 554 -15.07 -34.04 -51.64
C ARG J 554 -16.11 -33.50 -52.62
N GLY J 555 -15.71 -32.70 -53.59
CA GLY J 555 -16.64 -32.06 -54.49
C GLY J 555 -16.80 -32.75 -55.84
N ASN J 556 -17.98 -32.60 -56.41
CA ASN J 556 -18.26 -33.11 -57.75
C ASN J 556 -17.95 -32.11 -58.86
N GLU J 557 -17.63 -30.86 -58.51
CA GLU J 557 -17.31 -29.86 -59.52
C GLU J 557 -16.09 -30.22 -60.35
N ARG J 558 -15.36 -31.27 -59.98
CA ARG J 558 -14.20 -31.68 -60.75
C ARG J 558 -14.57 -32.13 -62.16
N PHE J 559 -15.85 -32.39 -62.42
CA PHE J 559 -16.27 -32.93 -63.70
C PHE J 559 -17.30 -32.07 -64.42
N ALA J 560 -17.88 -31.06 -63.77
CA ALA J 560 -18.86 -30.20 -64.41
C ALA J 560 -19.27 -29.07 -63.48
N GLY K 4 49.55 112.95 27.97
CA GLY K 4 49.96 112.11 29.07
C GLY K 4 50.63 112.88 30.20
N ILE K 5 50.93 112.18 31.29
CA ILE K 5 51.58 112.78 32.45
C ILE K 5 52.70 111.88 32.91
N GLY K 6 53.66 112.47 33.63
CA GLY K 6 54.77 111.69 34.15
C GLY K 6 54.33 110.70 35.21
N LYS K 7 55.10 109.63 35.35
CA LYS K 7 54.78 108.57 36.29
C LYS K 7 56.08 107.95 36.82
N SER K 8 56.09 107.64 38.10
CA SER K 8 57.26 107.07 38.73
C SER K 8 56.98 105.62 39.12
N PRO K 9 57.69 104.64 38.54
CA PRO K 9 57.52 103.25 38.96
C PRO K 9 57.86 103.06 40.43
N THR K 10 57.16 102.13 41.08
CA THR K 10 57.37 101.87 42.49
C THR K 10 57.94 100.48 42.77
N GLY K 11 58.49 99.82 41.75
CA GLY K 11 59.01 98.48 41.94
C GLY K 11 57.94 97.41 41.85
N ILE K 12 56.77 97.66 42.43
CA ILE K 12 55.67 96.69 42.39
C ILE K 12 55.17 96.62 40.95
N GLN K 13 55.45 95.50 40.27
CA GLN K 13 55.08 95.39 38.86
C GLN K 13 53.57 95.43 38.68
N GLY K 14 52.83 94.72 39.50
CA GLY K 14 51.38 94.69 39.36
C GLY K 14 50.77 96.06 39.55
N PHE K 15 51.17 96.76 40.62
CA PHE K 15 50.64 98.10 40.86
C PHE K 15 51.05 99.06 39.75
N ASP K 16 52.29 98.95 39.28
CA ASP K 16 52.76 99.83 38.21
C ASP K 16 51.94 99.65 36.94
N GLU K 17 51.70 98.39 36.55
CA GLU K 17 50.94 98.15 35.33
C GLU K 17 49.46 98.47 35.52
N LEU K 18 48.98 98.38 36.76
CA LEU K 18 47.61 98.81 37.05
C LEU K 18 47.47 100.31 36.87
N THR K 19 48.44 101.07 37.36
CA THR K 19 48.43 102.53 37.26
C THR K 19 48.91 103.04 35.91
N LEU K 20 49.41 102.16 35.04
CA LEU K 20 49.88 102.56 33.71
C LEU K 20 51.17 103.37 33.80
N GLY K 21 52.08 102.95 34.68
CA GLY K 21 53.35 103.61 34.82
C GLY K 21 53.78 103.81 36.26
N GLY K 22 52.83 104.01 37.16
CA GLY K 22 53.08 104.19 38.56
C GLY K 22 52.46 105.47 39.08
N LEU K 23 52.90 105.89 40.26
CA LEU K 23 52.38 107.10 40.86
C LEU K 23 52.80 108.33 40.05
N PRO K 24 52.03 109.41 40.10
CA PRO K 24 52.41 110.62 39.37
C PRO K 24 53.71 111.19 39.89
N THR K 25 54.50 111.77 38.98
CA THR K 25 55.79 112.35 39.33
C THR K 25 55.62 113.83 39.65
N GLY K 26 56.13 114.24 40.80
CA GLY K 26 56.02 115.62 41.22
C GLY K 26 54.73 116.00 41.91
N ARG K 27 53.89 115.02 42.24
CA ARG K 27 52.60 115.25 42.89
C ARG K 27 52.50 114.39 44.14
N PRO K 28 51.73 114.83 45.12
CA PRO K 28 51.56 114.03 46.34
C PRO K 28 50.55 112.91 46.15
N SER K 29 50.83 111.80 46.81
CA SER K 29 49.97 110.62 46.78
C SER K 29 49.56 110.25 48.19
N LEU K 30 48.30 109.87 48.36
CA LEU K 30 47.73 109.51 49.65
C LEU K 30 47.51 108.01 49.71
N VAL K 31 47.97 107.39 50.80
CA VAL K 31 47.77 105.97 51.04
C VAL K 31 46.94 105.84 52.32
N CYS K 32 45.67 105.48 52.16
CA CYS K 32 44.74 105.36 53.28
C CYS K 32 44.53 103.90 53.65
N GLY K 33 44.16 103.68 54.91
CA GLY K 33 43.92 102.34 55.42
C GLY K 33 44.10 102.25 56.91
N SER K 34 43.35 101.35 57.55
CA SER K 34 43.43 101.17 59.00
C SER K 34 44.78 100.62 59.39
N ALA K 35 45.01 100.45 60.70
CA ALA K 35 46.28 99.93 61.17
C ALA K 35 46.50 98.50 60.67
N GLY K 36 47.72 98.22 60.23
CA GLY K 36 48.08 96.91 59.75
C GLY K 36 47.83 96.64 58.29
N CYS K 37 47.31 97.62 57.54
CA CYS K 37 47.05 97.40 56.12
C CYS K 37 48.32 97.36 55.29
N GLY K 38 49.36 98.12 55.66
CA GLY K 38 50.63 98.06 54.96
C GLY K 38 51.05 99.35 54.32
N LYS K 39 50.56 100.49 54.83
CA LYS K 39 50.94 101.79 54.26
C LYS K 39 52.43 102.08 54.46
N THR K 40 52.95 101.79 55.66
CA THR K 40 54.35 102.04 55.92
C THR K 40 55.24 101.20 55.02
N LEU K 41 54.90 99.92 54.85
CA LEU K 41 55.66 99.08 53.94
C LEU K 41 55.53 99.56 52.50
N PHE K 42 54.33 99.99 52.10
CA PHE K 42 54.15 100.55 50.76
C PHE K 42 55.13 101.68 50.51
N ALA K 43 55.18 102.64 51.43
CA ALA K 43 56.12 103.75 51.28
C ALA K 43 57.56 103.27 51.28
N SER K 44 57.88 102.31 52.14
CA SER K 44 59.25 101.83 52.25
C SER K 44 59.73 101.21 50.94
N THR K 45 58.93 100.30 50.37
CA THR K 45 59.32 99.72 49.09
C THR K 45 59.32 100.77 47.99
N PHE K 46 58.39 101.72 48.04
CA PHE K 46 58.46 102.85 47.11
C PHE K 46 59.85 103.44 47.09
N LEU K 47 60.33 103.88 48.25
CA LEU K 47 61.63 104.53 48.33
C LEU K 47 62.75 103.57 47.92
N ILE K 48 62.70 102.33 48.42
CA ILE K 48 63.79 101.38 48.19
C ILE K 48 63.91 101.05 46.71
N ASN K 49 62.78 100.75 46.05
CA ASN K 49 62.79 100.45 44.64
C ASN K 49 63.21 101.65 43.82
N GLY K 50 62.73 102.85 44.19
CA GLY K 50 63.16 104.04 43.48
C GLY K 50 64.66 104.23 43.54
N VAL K 51 65.25 104.02 44.71
CA VAL K 51 66.70 104.18 44.83
C VAL K 51 67.47 103.07 44.11
N ARG K 52 67.01 101.83 44.21
CA ARG K 52 67.79 100.68 43.75
C ARG K 52 67.51 100.27 42.31
N ASP K 53 66.51 100.85 41.65
CA ASP K 53 66.17 100.43 40.30
C ASP K 53 66.10 101.60 39.33
N HIS K 54 65.75 102.79 39.83
CA HIS K 54 65.62 103.97 38.99
C HIS K 54 66.55 105.09 39.41
N GLY K 55 67.46 104.85 40.35
CA GLY K 55 68.47 105.83 40.70
C GLY K 55 67.92 107.15 41.21
N GLU K 56 66.96 107.10 42.12
CA GLU K 56 66.37 108.31 42.70
C GLU K 56 66.54 108.28 44.21
N PRO K 57 67.26 109.24 44.79
CA PRO K 57 67.42 109.27 46.24
C PRO K 57 66.10 109.52 46.96
N GLY K 58 66.03 109.01 48.19
CA GLY K 58 64.80 109.05 48.95
C GLY K 58 65.00 109.63 50.33
N VAL K 59 63.92 110.19 50.85
CA VAL K 59 63.86 110.74 52.19
C VAL K 59 62.61 110.21 52.87
N PHE K 60 62.75 109.77 54.11
CA PHE K 60 61.65 109.20 54.89
C PHE K 60 61.49 110.04 56.16
N VAL K 61 60.45 110.88 56.19
CA VAL K 61 60.16 111.73 57.33
C VAL K 61 59.07 111.05 58.13
N THR K 62 59.45 110.55 59.31
CA THR K 62 58.53 109.83 60.19
C THR K 62 58.21 110.69 61.40
N PHE K 63 56.92 110.80 61.74
CA PHE K 63 56.50 111.60 62.87
C PHE K 63 56.19 110.77 64.12
N GLU K 64 56.03 109.46 63.98
CA GLU K 64 55.77 108.58 65.12
C GLU K 64 56.86 107.55 65.33
N GLU K 65 57.19 106.77 64.30
CA GLU K 65 58.13 105.67 64.45
C GLU K 65 59.57 106.18 64.42
N ARG K 66 60.42 105.56 65.24
CA ARG K 66 61.83 105.91 65.26
C ARG K 66 62.58 105.25 64.12
N PRO K 67 63.77 105.75 63.78
CA PRO K 67 64.54 105.14 62.69
C PRO K 67 64.83 103.67 62.92
N GLU K 68 65.06 103.27 64.17
CA GLU K 68 65.28 101.84 64.45
C GLU K 68 64.08 101.02 64.03
N ASP K 69 62.88 101.46 64.40
CA ASP K 69 61.66 100.75 64.01
C ASP K 69 61.50 100.76 62.50
N ILE K 70 61.77 101.90 61.86
CA ILE K 70 61.60 102.00 60.42
C ILE K 70 62.51 101.03 59.69
N VAL K 71 63.76 100.92 60.12
CA VAL K 71 64.68 99.98 59.49
C VAL K 71 64.30 98.53 59.80
N ASN K 72 63.94 98.24 61.05
CA ASN K 72 63.64 96.87 61.43
C ASN K 72 62.40 96.35 60.72
N ASN K 73 61.43 97.23 60.45
CA ASN K 73 60.21 96.80 59.78
C ASN K 73 60.52 96.14 58.44
N VAL K 74 61.40 96.74 57.65
CA VAL K 74 61.73 96.20 56.33
C VAL K 74 62.96 95.31 56.35
N ALA K 75 63.66 95.21 57.49
CA ALA K 75 64.82 94.33 57.56
C ALA K 75 64.47 92.90 57.14
N SER K 76 63.27 92.44 57.48
CA SER K 76 62.89 91.07 57.18
C SER K 76 62.58 90.87 55.70
N LEU K 77 62.11 91.91 55.01
CA LEU K 77 61.69 91.79 53.62
C LEU K 77 62.89 91.60 52.69
N GLY K 78 64.10 91.76 53.21
CA GLY K 78 65.31 91.60 52.44
C GLY K 78 66.03 92.88 52.08
N PHE K 79 65.35 94.03 52.21
CA PHE K 79 66.04 95.29 52.02
C PHE K 79 67.03 95.53 53.15
N GLU K 80 67.98 96.42 52.91
CA GLU K 80 68.98 96.79 53.91
C GLU K 80 68.96 98.30 54.03
N LEU K 81 68.02 98.83 54.83
CA LEU K 81 67.99 100.25 55.08
C LEU K 81 69.25 100.72 55.79
N ASP K 82 69.85 99.87 56.63
CA ASP K 82 71.11 100.24 57.25
C ASP K 82 72.17 100.53 56.19
N LYS K 83 72.27 99.67 55.17
CA LYS K 83 73.23 99.89 54.10
C LYS K 83 72.85 101.08 53.23
N LEU K 84 71.56 101.23 52.92
CA LEU K 84 71.15 102.35 52.06
C LEU K 84 71.31 103.70 52.74
N ILE K 85 71.30 103.74 54.07
CA ILE K 85 71.61 104.97 54.81
C ILE K 85 73.11 105.12 55.00
N GLU K 86 73.76 104.03 55.41
CA GLU K 86 75.22 103.92 55.44
C GLU K 86 75.87 104.36 54.14
N GLU K 87 75.13 104.36 53.03
CA GLU K 87 75.60 104.92 51.77
C GLU K 87 74.91 106.24 51.42
N GLU K 88 73.99 106.70 52.25
CA GLU K 88 73.08 107.81 51.94
C GLU K 88 72.57 107.69 50.50
N LYS K 89 71.65 106.76 50.35
CA LYS K 89 70.67 106.77 49.27
C LYS K 89 69.25 107.02 49.76
N ILE K 90 69.00 106.72 51.04
CA ILE K 90 67.76 107.09 51.71
C ILE K 90 68.11 107.73 53.05
N ALA K 91 67.55 108.91 53.31
CA ALA K 91 67.81 109.67 54.52
C ALA K 91 66.57 109.69 55.39
N ILE K 92 66.71 109.30 56.65
CA ILE K 92 65.60 109.14 57.58
C ILE K 92 65.60 110.32 58.55
N GLU K 93 64.44 110.98 58.68
CA GLU K 93 64.27 112.11 59.58
C GLU K 93 63.14 111.79 60.55
N HIS K 94 63.49 111.57 61.81
CA HIS K 94 62.52 111.30 62.87
C HIS K 94 62.16 112.65 63.49
N ILE K 95 61.03 113.21 63.04
CA ILE K 95 60.62 114.55 63.47
C ILE K 95 59.58 114.34 64.56
N ALA K 96 60.05 114.29 65.80
CA ALA K 96 59.21 114.05 66.96
C ALA K 96 59.08 115.31 67.80
N VAL K 97 57.86 115.59 68.28
CA VAL K 97 57.58 116.75 69.10
C VAL K 97 56.92 116.27 70.39
N ASP K 98 57.43 116.74 71.53
CA ASP K 98 56.88 116.37 72.83
C ASP K 98 56.13 117.57 73.41
N PRO K 99 54.82 117.47 73.61
CA PRO K 99 54.07 118.63 74.12
C PRO K 99 54.30 118.90 75.60
N SER K 100 54.96 118.00 76.32
CA SER K 100 55.14 118.18 77.76
C SER K 100 55.92 119.45 78.06
N GLU K 101 57.06 119.64 77.39
CA GLU K 101 57.90 120.83 77.57
C GLU K 101 57.59 121.92 76.55
N VAL K 102 56.36 121.99 76.06
CA VAL K 102 55.95 122.98 75.07
C VAL K 102 54.86 123.84 75.66
N ALA K 103 55.09 125.15 75.69
CA ALA K 103 54.08 126.15 76.03
C ALA K 103 53.99 127.16 74.90
N GLU K 104 52.79 127.39 74.41
CA GLU K 104 52.56 128.17 73.19
C GLU K 104 52.13 129.58 73.56
N ILE K 105 52.95 130.56 73.22
CA ILE K 105 52.61 131.98 73.34
C ILE K 105 52.87 132.64 71.99
N GLY K 106 51.83 133.27 71.44
CA GLY K 106 51.94 133.88 70.14
C GLY K 106 51.72 132.89 69.01
N ASP K 107 52.16 133.29 67.82
CA ASP K 107 52.01 132.48 66.61
C ASP K 107 53.34 131.87 66.23
N TYR K 108 53.29 130.60 65.80
CA TYR K 108 54.47 129.84 65.44
C TYR K 108 54.30 129.24 64.05
N ASP K 109 55.41 129.06 63.35
CA ASP K 109 55.44 128.42 62.05
C ASP K 109 56.34 127.19 62.11
N LEU K 110 55.92 126.11 61.46
CA LEU K 110 56.71 124.88 61.44
C LEU K 110 57.87 125.06 60.47
N GLU K 111 58.73 126.04 60.81
CA GLU K 111 59.91 126.38 60.04
C GLU K 111 61.03 125.37 60.18
N GLY K 112 61.19 124.79 61.37
CA GLY K 112 62.20 123.76 61.55
C GLY K 112 61.93 122.52 60.73
N LEU K 113 60.66 122.16 60.59
CA LEU K 113 60.30 121.06 59.70
C LEU K 113 60.86 121.29 58.30
N PHE K 114 60.58 122.46 57.73
CA PHE K 114 61.07 122.76 56.39
C PHE K 114 62.59 122.79 56.35
N LEU K 115 63.24 123.40 57.33
CA LEU K 115 64.70 123.49 57.31
C LEU K 115 65.34 122.11 57.36
N ARG K 116 64.88 121.24 58.28
CA ARG K 116 65.45 119.91 58.39
C ARG K 116 65.17 119.09 57.14
N LEU K 117 63.95 119.17 56.61
CA LEU K 117 63.62 118.39 55.41
C LEU K 117 64.45 118.85 54.22
N GLU K 118 64.65 120.17 54.07
CA GLU K 118 65.51 120.68 53.02
C GLU K 118 66.95 120.22 53.20
N LEU K 119 67.44 120.24 54.45
CA LEU K 119 68.81 119.79 54.70
C LEU K 119 68.98 118.34 54.28
N ALA K 120 68.02 117.48 54.65
CA ALA K 120 68.09 116.08 54.26
C ALA K 120 68.03 115.93 52.74
N ILE K 121 67.16 116.69 52.09
CA ILE K 121 67.00 116.57 50.64
C ILE K 121 68.30 116.95 49.94
N ASP K 122 68.93 118.04 50.36
CA ASP K 122 70.19 118.46 49.76
C ASP K 122 71.32 117.50 50.10
N THR K 123 71.30 116.90 51.30
CA THR K 123 72.33 115.96 51.67
C THR K 123 72.27 114.71 50.80
N VAL K 124 71.07 114.21 50.52
CA VAL K 124 70.91 112.93 49.83
C VAL K 124 70.64 113.09 48.35
N GLY K 125 70.49 114.32 47.85
CA GLY K 125 70.11 114.53 46.47
C GLY K 125 68.77 113.89 46.18
N ALA K 126 67.88 113.93 47.16
CA ALA K 126 66.65 113.15 47.12
C ALA K 126 65.70 113.64 46.05
N LYS K 127 64.97 112.70 45.45
CA LYS K 127 63.86 113.00 44.56
C LYS K 127 62.54 112.43 45.04
N ARG K 128 62.57 111.45 45.95
CA ARG K 128 61.35 110.85 46.48
C ARG K 128 61.29 111.12 47.98
N VAL K 129 60.08 111.38 48.47
CA VAL K 129 59.85 111.71 49.87
C VAL K 129 58.64 110.94 50.37
N VAL K 130 58.73 110.45 51.60
CA VAL K 130 57.63 109.76 52.27
C VAL K 130 57.34 110.47 53.58
N LEU K 131 56.06 110.72 53.84
CA LEU K 131 55.62 111.37 55.07
C LEU K 131 54.76 110.39 55.85
N ASP K 132 55.30 109.90 56.97
CA ASP K 132 54.65 108.84 57.74
C ASP K 132 54.10 109.41 59.05
N THR K 133 52.83 109.11 59.31
CA THR K 133 52.14 109.47 60.56
C THR K 133 52.15 110.98 60.78
N ILE K 134 51.47 111.69 59.88
CA ILE K 134 51.37 113.14 59.96
C ILE K 134 50.26 113.55 60.91
N GLU K 135 49.55 112.57 61.46
CA GLU K 135 48.50 112.87 62.44
C GLU K 135 49.08 113.23 63.80
N SER K 136 50.24 112.69 64.13
CA SER K 136 50.91 113.07 65.38
C SER K 136 51.28 114.55 65.37
N LEU K 137 51.58 115.11 64.19
CA LEU K 137 51.86 116.53 64.11
C LEU K 137 50.67 117.35 64.57
N PHE K 138 49.46 117.00 64.13
CA PHE K 138 48.25 117.65 64.62
C PHE K 138 48.02 117.38 66.11
N SER K 139 48.22 116.13 66.54
CA SER K 139 47.97 115.79 67.94
C SER K 139 48.90 116.54 68.89
N ALA K 140 50.11 116.88 68.45
CA ALA K 140 51.05 117.53 69.35
C ALA K 140 50.66 118.98 69.61
N PHE K 141 50.63 119.80 68.58
CA PHE K 141 50.32 121.22 68.74
C PHE K 141 48.82 121.43 68.97
N SER K 142 48.51 122.55 69.61
CA SER K 142 47.12 122.84 69.99
C SER K 142 46.38 123.63 68.92
N ASN K 143 47.01 124.62 68.31
CA ASN K 143 46.33 125.46 67.33
C ASN K 143 46.12 124.68 66.03
N PRO K 144 44.88 124.42 65.62
CA PRO K 144 44.65 123.61 64.40
C PRO K 144 44.90 124.39 63.12
N ALA K 145 44.53 125.67 63.10
CA ALA K 145 44.65 126.48 61.89
C ALA K 145 46.10 126.63 61.48
N ILE K 146 46.99 126.84 62.46
CA ILE K 146 48.41 127.00 62.16
C ILE K 146 48.95 125.73 61.50
N LEU K 147 48.61 124.57 62.06
CA LEU K 147 49.08 123.31 61.47
C LEU K 147 48.52 123.11 60.07
N ARG K 148 47.23 123.41 59.89
CA ARG K 148 46.61 123.31 58.57
C ARG K 148 47.37 124.14 57.56
N ALA K 149 47.57 125.42 57.87
CA ALA K 149 48.29 126.30 56.96
C ALA K 149 49.71 125.80 56.73
N GLU K 150 50.38 125.34 57.79
CA GLU K 150 51.77 124.95 57.66
C GLU K 150 51.93 123.76 56.72
N ILE K 151 51.08 122.74 56.83
CA ILE K 151 51.30 121.61 55.93
C ILE K 151 50.70 121.86 54.55
N ARG K 152 49.72 122.76 54.43
CA ARG K 152 49.34 123.18 53.09
C ARG K 152 50.53 123.84 52.38
N ARG K 153 51.24 124.70 53.11
CA ARG K 153 52.49 125.26 52.61
C ARG K 153 53.52 124.18 52.35
N LEU K 154 53.58 123.15 53.20
CA LEU K 154 54.53 122.07 52.99
C LEU K 154 54.26 121.31 51.70
N PHE K 155 53.00 120.95 51.45
CA PHE K 155 52.65 120.25 50.21
C PHE K 155 52.91 121.15 49.00
N ASP K 156 52.54 122.44 49.10
CA ASP K 156 52.82 123.37 48.03
C ASP K 156 54.32 123.46 47.76
N TRP K 157 55.13 123.46 48.82
CA TRP K 157 56.58 123.56 48.70
C TRP K 157 57.18 122.30 48.09
N LEU K 158 56.65 121.13 48.47
CA LEU K 158 57.12 119.88 47.87
C LEU K 158 56.81 119.87 46.38
N LYS K 159 55.59 120.23 46.00
CA LYS K 159 55.26 120.35 44.58
C LYS K 159 56.14 121.40 43.92
N GLU K 160 56.44 122.47 44.65
CA GLU K 160 57.13 123.63 44.10
C GLU K 160 58.58 123.32 43.74
N ARG K 161 59.25 122.53 44.56
CA ARG K 161 60.58 122.08 44.15
C ARG K 161 60.54 120.74 43.42
N GLY K 162 59.36 120.13 43.26
CA GLY K 162 59.23 119.00 42.35
C GLY K 162 59.77 117.68 42.86
N LEU K 163 59.39 117.26 44.05
CA LEU K 163 59.71 115.93 44.55
C LEU K 163 58.46 115.05 44.51
N THR K 164 58.68 113.74 44.37
CA THR K 164 57.59 112.78 44.34
C THR K 164 57.32 112.31 45.77
N THR K 165 56.16 112.68 46.32
CA THR K 165 55.88 112.49 47.73
C THR K 165 54.72 111.53 47.92
N VAL K 166 54.86 110.65 48.91
CA VAL K 166 53.82 109.69 49.30
C VAL K 166 53.50 109.91 50.77
N ILE K 167 52.22 110.09 51.08
CA ILE K 167 51.76 110.42 52.41
C ILE K 167 50.97 109.25 52.98
N THR K 168 51.28 108.86 54.22
CA THR K 168 50.57 107.80 54.91
C THR K 168 49.55 108.41 55.86
N ALA K 169 48.28 108.00 55.70
CA ALA K 169 47.19 108.54 56.50
C ALA K 169 46.29 107.41 56.97
N GLU K 170 45.76 107.54 58.18
CA GLU K 170 44.81 106.58 58.72
C GLU K 170 43.43 106.80 58.10
N ARG K 171 42.59 105.76 58.17
CA ARG K 171 41.28 105.82 57.53
C ARG K 171 40.28 106.61 58.38
N GLY K 172 40.00 106.12 59.58
CA GLY K 172 39.02 106.78 60.44
C GLY K 172 37.68 106.05 60.48
N ASP K 173 36.59 106.80 60.50
CA ASP K 173 35.26 106.20 60.58
C ASP K 173 34.31 106.66 59.49
N GLY K 174 34.37 107.92 59.10
CA GLY K 174 33.42 108.45 58.14
C GLY K 174 33.90 108.44 56.70
N ALA K 175 35.12 108.94 56.48
CA ALA K 175 35.68 108.98 55.13
C ALA K 175 36.97 108.17 55.07
N LEU K 176 37.67 108.24 53.94
CA LEU K 176 38.93 107.52 53.78
C LEU K 176 40.06 108.10 54.61
N THR K 177 39.82 109.21 55.30
CA THR K 177 40.83 109.81 56.17
C THR K 177 40.12 110.46 57.35
N ARG K 178 40.80 110.43 58.50
CA ARG K 178 40.24 110.97 59.73
C ARG K 178 40.68 112.41 60.00
N GLN K 179 41.72 112.90 59.32
CA GLN K 179 42.19 114.26 59.50
C GLN K 179 41.95 115.14 58.28
N GLY K 180 41.17 114.66 57.31
CA GLY K 180 40.84 115.47 56.15
C GLY K 180 42.02 115.77 55.25
N LEU K 181 42.92 114.81 55.05
CA LEU K 181 44.00 114.99 54.10
C LEU K 181 43.55 114.74 52.65
N GLU K 182 42.37 114.15 52.47
CA GLU K 182 41.78 114.08 51.13
C GLU K 182 41.49 115.47 50.58
N GLU K 183 41.04 116.39 51.45
CA GLU K 183 40.84 117.76 51.04
C GLU K 183 42.08 118.29 50.33
N TYR K 184 43.24 117.76 50.69
CA TYR K 184 44.51 118.36 50.28
C TYR K 184 45.12 117.59 49.11
N VAL K 185 45.20 116.27 49.23
CA VAL K 185 45.84 115.42 48.25
C VAL K 185 44.77 114.74 47.42
N SER K 186 44.69 115.11 46.14
CA SER K 186 43.74 114.49 45.22
C SER K 186 44.40 113.95 43.95
N ASP K 187 45.73 114.08 43.82
CA ASP K 187 46.40 113.58 42.63
C ASP K 187 46.31 112.07 42.53
N CYS K 188 46.37 111.36 43.66
CA CYS K 188 46.28 109.91 43.67
C CYS K 188 45.92 109.46 45.07
N VAL K 189 44.89 108.60 45.18
CA VAL K 189 44.42 108.07 46.45
C VAL K 189 44.36 106.55 46.33
N ILE K 190 45.07 105.86 47.22
CA ILE K 190 45.14 104.41 47.21
C ILE K 190 44.67 103.91 48.57
N LEU K 191 43.61 103.10 48.58
CA LEU K 191 43.01 102.57 49.79
C LEU K 191 43.42 101.11 49.94
N LEU K 192 43.99 100.77 51.09
CA LEU K 192 44.36 99.40 51.42
C LEU K 192 43.39 98.88 52.48
N ASP K 193 42.88 97.67 52.26
CA ASP K 193 41.88 97.10 53.14
C ASP K 193 42.31 95.69 53.54
N HIS K 194 41.90 95.28 54.73
CA HIS K 194 42.22 93.94 55.26
C HIS K 194 40.94 93.38 55.86
N ARG K 195 40.23 92.57 55.09
CA ARG K 195 38.89 92.13 55.46
C ARG K 195 38.86 90.62 55.70
N VAL K 196 38.10 90.22 56.71
CA VAL K 196 37.96 88.82 57.10
C VAL K 196 36.56 88.34 56.72
N GLU K 197 36.51 87.23 55.97
CA GLU K 197 35.24 86.61 55.60
C GLU K 197 35.36 85.11 55.85
N ASN K 198 34.40 84.57 56.60
CA ASN K 198 34.40 83.15 56.94
C ASN K 198 35.70 82.74 57.61
N GLN K 199 36.21 83.62 58.47
CA GLN K 199 37.43 83.44 59.26
C GLN K 199 38.68 83.60 58.41
N ILE K 200 38.57 83.82 57.11
CA ILE K 200 39.72 83.98 56.22
C ILE K 200 39.90 85.46 55.94
N SER K 201 41.11 85.97 56.21
CA SER K 201 41.42 87.37 56.03
C SER K 201 42.23 87.57 54.75
N THR K 202 41.85 88.58 53.97
CA THR K 202 42.51 88.88 52.71
C THR K 202 42.79 90.38 52.63
N ARG K 203 43.86 90.71 51.92
CA ARG K 203 44.31 92.09 51.76
C ARG K 203 44.02 92.56 50.34
N ARG K 204 43.36 93.71 50.23
CA ARG K 204 42.93 94.25 48.95
C ARG K 204 43.45 95.67 48.78
N LEU K 205 43.67 96.06 47.52
CA LEU K 205 44.13 97.39 47.16
C LEU K 205 43.16 97.99 46.15
N ARG K 206 42.90 99.28 46.29
CA ARG K 206 41.99 99.95 45.36
C ARG K 206 42.51 101.35 45.08
N ILE K 207 42.46 101.76 43.81
CA ILE K 207 42.84 103.12 43.43
C ILE K 207 41.55 103.94 43.39
N VAL K 208 41.29 104.67 44.48
CA VAL K 208 40.01 105.36 44.61
C VAL K 208 39.92 106.48 43.59
N LYS K 209 40.97 107.27 43.46
CA LYS K 209 40.97 108.42 42.56
C LYS K 209 42.39 108.69 42.09
N TYR K 210 42.63 108.54 40.80
CA TYR K 210 43.92 108.84 40.19
C TYR K 210 43.69 109.86 39.08
N ARG K 211 44.07 111.11 39.33
CA ARG K 211 43.75 112.20 38.42
C ARG K 211 44.79 112.30 37.31
N GLY K 212 44.33 112.33 36.07
CA GLY K 212 45.18 112.60 34.93
C GLY K 212 45.25 111.52 33.88
N THR K 213 44.72 110.33 34.13
CA THR K 213 44.78 109.27 33.13
C THR K 213 44.00 108.06 33.62
N ALA K 214 43.83 107.09 32.73
CA ALA K 214 43.10 105.88 33.05
C ALA K 214 43.90 104.99 33.99
N HIS K 215 43.21 104.03 34.59
CA HIS K 215 43.81 103.12 35.57
C HIS K 215 42.78 102.05 35.90
N GLY K 216 43.22 101.05 36.68
CA GLY K 216 42.32 100.02 37.15
C GLY K 216 41.43 100.54 38.27
N THR K 217 40.17 100.11 38.25
CA THR K 217 39.18 100.57 39.22
C THR K 217 38.65 99.48 40.12
N ASN K 218 38.95 98.22 39.87
CA ASN K 218 38.46 97.13 40.70
C ASN K 218 39.32 96.99 41.96
N GLU K 219 38.88 96.14 42.87
CA GLU K 219 39.63 95.81 44.07
C GLU K 219 40.54 94.62 43.79
N TYR K 220 41.85 94.84 43.91
CA TYR K 220 42.83 93.82 43.55
C TYR K 220 43.41 93.19 44.81
N PRO K 221 43.22 91.89 45.02
CA PRO K 221 43.85 91.25 46.18
C PRO K 221 45.36 91.17 46.00
N PHE K 222 46.08 91.63 47.01
CA PHE K 222 47.54 91.65 46.98
C PHE K 222 48.09 90.83 48.14
N LEU K 223 49.39 90.57 48.10
CA LEU K 223 50.05 89.74 49.10
C LEU K 223 51.37 90.37 49.49
N ILE K 224 51.72 90.20 50.77
CA ILE K 224 53.02 90.62 51.30
C ILE K 224 53.81 89.37 51.60
N ASP K 225 54.95 89.21 50.91
CA ASP K 225 55.76 88.01 51.00
C ASP K 225 57.21 88.41 51.26
N THR K 226 58.11 87.43 51.17
CA THR K 226 59.53 87.71 51.39
C THR K 226 60.02 88.79 50.43
N ASP K 227 59.58 88.76 49.18
CA ASP K 227 59.94 89.80 48.24
C ASP K 227 59.37 91.15 48.67
N GLY K 228 58.13 91.15 49.15
CA GLY K 228 57.44 92.36 49.55
C GLY K 228 56.06 92.39 48.94
N PHE K 229 55.63 93.58 48.53
CA PHE K 229 54.36 93.69 47.83
C PHE K 229 54.39 92.92 46.51
N SER K 230 53.33 92.14 46.28
CA SER K 230 53.16 91.42 45.03
C SER K 230 51.70 91.54 44.60
N VAL K 231 51.48 91.94 43.35
CA VAL K 231 50.14 92.13 42.84
C VAL K 231 50.02 91.48 41.47
N LEU K 232 49.23 90.42 41.38
CA LEU K 232 48.99 89.74 40.11
C LEU K 232 47.54 89.95 39.70
N PRO K 233 47.20 91.13 39.18
CA PRO K 233 45.80 91.40 38.83
C PRO K 233 45.29 90.43 37.78
N VAL K 234 44.02 90.05 37.92
CA VAL K 234 43.38 89.17 36.95
C VAL K 234 43.02 89.88 35.66
N SER K 235 43.15 91.21 35.62
CA SER K 235 42.84 91.99 34.43
C SER K 235 44.03 92.12 33.48
N ALA K 236 45.20 91.63 33.87
CA ALA K 236 46.38 91.70 33.03
C ALA K 236 46.51 90.50 32.08
N LEU K 237 45.72 89.45 32.30
CA LEU K 237 45.79 88.29 31.42
C LEU K 237 45.32 88.63 30.02
N GLY K 238 46.05 88.13 29.02
CA GLY K 238 45.69 88.36 27.64
C GLY K 238 45.72 87.06 26.85
N LEU K 239 44.94 87.05 25.77
CA LEU K 239 44.83 85.87 24.91
C LEU K 239 45.82 85.99 23.75
N LEU K 240 47.10 85.93 24.10
CA LEU K 240 48.20 85.90 23.13
C LEU K 240 49.10 84.72 23.49
N HIS K 241 48.73 83.54 22.98
CA HIS K 241 49.40 82.29 23.31
C HIS K 241 49.97 81.69 22.04
N GLN K 242 51.30 81.63 21.95
CA GLN K 242 51.94 81.00 20.79
C GLN K 242 51.68 79.50 20.81
N VAL K 243 51.16 78.98 19.70
CA VAL K 243 50.82 77.57 19.63
C VAL K 243 51.98 76.79 19.01
N HIS K 244 52.03 75.49 19.31
CA HIS K 244 53.07 74.60 18.81
C HIS K 244 52.41 73.44 18.07
N GLU K 245 53.11 72.96 17.04
CA GLU K 245 52.62 71.86 16.22
C GLU K 245 53.13 70.50 16.68
N GLU K 246 53.94 70.45 17.74
CA GLU K 246 54.42 69.18 18.25
C GLU K 246 53.34 68.50 19.10
N ARG K 247 53.57 67.23 19.39
CA ARG K 247 52.66 66.41 20.18
C ARG K 247 53.37 65.91 21.43
N ILE K 248 52.58 65.68 22.48
CA ILE K 248 53.08 65.16 23.74
C ILE K 248 52.58 63.73 23.92
N ALA K 249 53.37 62.92 24.62
CA ALA K 249 53.05 61.53 24.86
C ALA K 249 52.48 61.39 26.27
N SER K 250 51.27 60.82 26.35
CA SER K 250 50.61 60.66 27.64
C SER K 250 51.28 59.58 28.48
N GLY K 251 51.91 58.61 27.81
CA GLY K 251 52.47 57.45 28.47
C GLY K 251 51.62 56.20 28.35
N VAL K 252 50.36 56.33 27.91
CA VAL K 252 49.49 55.21 27.65
C VAL K 252 49.44 55.00 26.13
N PRO K 253 50.04 53.93 25.60
CA PRO K 253 50.05 53.76 24.13
C PRO K 253 48.67 53.73 23.51
N ASP K 254 47.71 53.06 24.15
CA ASP K 254 46.38 52.96 23.57
C ASP K 254 45.69 54.31 23.52
N LEU K 255 45.75 55.07 24.62
CA LEU K 255 45.17 56.40 24.64
C LEU K 255 45.85 57.32 23.63
N ASP K 256 47.18 57.21 23.52
CA ASP K 256 47.91 58.03 22.55
C ASP K 256 47.51 57.72 21.12
N ALA K 257 47.34 56.43 20.78
CA ALA K 257 46.94 56.07 19.42
C ALA K 257 45.48 56.42 19.16
N MET K 258 44.65 56.44 20.21
CA MET K 258 43.24 56.73 20.02
C MET K 258 43.04 58.09 19.33
N MET K 259 43.97 59.02 19.53
CA MET K 259 43.85 60.35 18.95
C MET K 259 44.85 60.50 17.81
N ALA K 260 44.42 61.17 16.74
CA ALA K 260 45.31 61.41 15.60
C ALA K 260 46.49 62.26 16.00
N GLY K 261 47.65 61.98 15.40
CA GLY K 261 48.86 62.72 15.66
C GLY K 261 49.75 62.15 16.76
N GLY K 262 49.26 61.16 17.51
CA GLY K 262 50.05 60.55 18.56
C GLY K 262 49.81 61.10 19.96
N GLY K 263 49.12 62.23 20.09
CA GLY K 263 48.87 62.76 21.42
C GLY K 263 48.36 64.18 21.34
N PHE K 264 48.01 64.71 22.51
CA PHE K 264 47.50 66.07 22.61
C PHE K 264 48.59 67.06 22.20
N PHE K 265 48.18 68.20 21.65
CA PHE K 265 49.13 69.23 21.27
C PHE K 265 49.88 69.78 22.47
N ARG K 266 51.18 70.02 22.27
CA ARG K 266 52.04 70.47 23.36
C ARG K 266 51.66 71.87 23.82
N GLY K 267 51.82 72.11 25.12
CA GLY K 267 51.50 73.39 25.69
C GLY K 267 50.03 73.64 25.91
N SER K 268 49.18 72.63 25.74
CA SER K 268 47.74 72.77 25.89
C SER K 268 47.31 72.44 27.31
N SER K 269 46.08 72.83 27.65
CA SER K 269 45.50 72.55 28.95
C SER K 269 44.67 71.29 28.86
N ILE K 270 44.99 70.29 29.68
CA ILE K 270 44.34 68.99 29.65
C ILE K 270 43.65 68.79 30.99
N LEU K 271 42.35 68.50 30.95
CA LEU K 271 41.56 68.21 32.13
C LEU K 271 41.27 66.71 32.20
N VAL K 272 41.38 66.15 33.40
CA VAL K 272 41.06 64.75 33.65
C VAL K 272 39.98 64.71 34.71
N SER K 273 38.76 64.39 34.30
CA SER K 273 37.60 64.41 35.19
C SER K 273 37.17 62.98 35.49
N GLY K 274 36.53 62.82 36.64
CA GLY K 274 36.03 61.51 37.06
C GLY K 274 35.68 61.51 38.53
N VAL K 275 34.94 60.48 38.91
CA VAL K 275 34.52 60.28 40.30
C VAL K 275 35.71 59.76 41.10
N ALA K 276 35.59 59.76 42.42
CA ALA K 276 36.66 59.27 43.27
C ALA K 276 36.98 57.82 42.94
N GLY K 277 38.27 57.51 42.84
CA GLY K 277 38.71 56.18 42.48
C GLY K 277 38.72 55.88 41.01
N ALA K 278 38.46 56.88 40.14
CA ALA K 278 38.44 56.63 38.71
C ALA K 278 39.85 56.38 38.16
N GLY K 279 40.84 57.12 38.65
CA GLY K 279 42.20 56.96 38.16
C GLY K 279 42.80 58.23 37.61
N LYS K 280 42.25 59.37 38.01
CA LYS K 280 42.78 60.66 37.56
C LYS K 280 44.23 60.84 37.99
N SER K 281 44.52 60.53 39.26
CA SER K 281 45.89 60.62 39.74
C SER K 281 46.80 59.65 39.01
N SER K 282 46.30 58.45 38.71
CA SER K 282 47.10 57.48 37.96
C SER K 282 47.45 58.01 36.58
N LEU K 283 46.48 58.61 35.89
CA LEU K 283 46.75 59.16 34.56
C LEU K 283 47.72 60.33 34.64
N ALA K 284 47.57 61.19 35.64
CA ALA K 284 48.50 62.31 35.82
C ALA K 284 49.91 61.81 36.08
N ALA K 285 50.03 60.78 36.93
CA ALA K 285 51.34 60.19 37.19
C ALA K 285 51.93 59.57 35.93
N HIS K 286 51.09 58.93 35.11
CA HIS K 286 51.55 58.40 33.83
C HIS K 286 52.12 59.52 32.96
N PHE K 287 51.39 60.64 32.87
CA PHE K 287 51.87 61.77 32.10
C PHE K 287 53.22 62.26 32.61
N ALA K 288 53.33 62.43 33.94
CA ALA K 288 54.57 62.95 34.51
C ALA K 288 55.74 61.99 34.27
N ALA K 289 55.51 60.69 34.48
CA ALA K 289 56.57 59.71 34.28
C ALA K 289 56.99 59.64 32.82
N ALA K 290 56.03 59.70 31.90
CA ALA K 290 56.38 59.71 30.48
C ALA K 290 57.20 60.94 30.12
N ALA K 291 56.83 62.11 30.65
CA ALA K 291 57.62 63.30 30.40
C ALA K 291 59.02 63.16 30.96
N CYS K 292 59.16 62.61 32.16
CA CYS K 292 60.47 62.45 32.78
C CYS K 292 61.34 61.48 31.99
N ALA K 293 60.74 60.38 31.50
CA ALA K 293 61.52 59.35 30.82
C ALA K 293 62.21 59.89 29.57
N ARG K 294 61.69 60.99 29.00
CA ARG K 294 62.29 61.60 27.82
C ARG K 294 63.37 62.61 28.17
N GLY K 295 63.78 62.70 29.43
CA GLY K 295 64.80 63.64 29.84
C GLY K 295 64.30 65.04 30.15
N GLU K 296 63.00 65.24 30.19
CA GLU K 296 62.41 66.54 30.49
C GLU K 296 62.04 66.64 31.97
N ARG K 297 61.88 67.87 32.43
CA ARG K 297 61.53 68.14 33.82
C ARG K 297 60.02 68.09 34.00
N ALA K 298 59.59 67.76 35.21
CA ALA K 298 58.16 67.69 35.48
C ALA K 298 57.88 68.02 36.93
N MET K 299 56.75 68.69 37.18
CA MET K 299 56.29 69.00 38.53
C MET K 299 54.90 68.44 38.75
N TYR K 300 54.65 67.90 39.94
CA TYR K 300 53.37 67.29 40.27
C TYR K 300 52.89 67.96 41.55
N PHE K 301 52.12 69.03 41.43
CA PHE K 301 51.50 69.66 42.59
C PHE K 301 50.36 68.78 43.08
N SER K 302 50.46 68.34 44.33
CA SER K 302 49.46 67.48 44.95
C SER K 302 48.88 68.17 46.18
N PHE K 303 47.56 68.34 46.22
CA PHE K 303 46.85 68.94 47.34
C PHE K 303 46.07 67.89 48.14
N GLU K 304 46.40 66.62 47.95
CA GLU K 304 45.65 65.52 48.54
C GLU K 304 46.49 64.47 49.22
N GLU K 305 47.77 64.32 48.87
CA GLU K 305 48.55 63.21 49.36
C GLU K 305 49.98 63.66 49.64
N ALA K 306 50.66 62.91 50.51
CA ALA K 306 52.08 63.15 50.74
C ALA K 306 52.92 62.48 49.65
N ALA K 307 54.18 62.90 49.57
CA ALA K 307 55.07 62.37 48.54
C ALA K 307 55.25 60.86 48.69
N ASP K 308 55.53 60.40 49.92
CA ASP K 308 55.78 58.97 50.14
C ASP K 308 54.53 58.13 49.86
N GLN K 309 53.37 58.60 50.33
CA GLN K 309 52.12 57.89 50.07
C GLN K 309 51.85 57.81 48.58
N ALA K 310 52.02 58.91 47.86
CA ALA K 310 51.86 58.89 46.41
C ALA K 310 52.83 57.91 45.77
N VAL K 311 54.07 57.89 46.26
CA VAL K 311 55.08 56.98 45.73
C VAL K 311 54.62 55.54 45.86
N ARG K 312 54.16 55.15 47.05
CA ARG K 312 53.88 53.73 47.22
C ARG K 312 52.48 53.38 46.69
N ASN K 313 51.67 54.40 46.39
CA ASN K 313 50.44 54.19 45.64
C ASN K 313 50.72 53.92 44.16
N MET K 314 51.65 54.68 43.57
CA MET K 314 52.03 54.49 42.17
C MET K 314 52.93 53.29 41.95
N ARG K 315 53.71 52.90 42.96
CA ARG K 315 54.58 51.73 42.82
C ARG K 315 53.76 50.47 42.56
N SER K 316 52.52 50.44 43.07
CA SER K 316 51.62 49.34 42.75
C SER K 316 51.25 49.31 41.27
N LEU K 317 51.12 50.48 40.63
CA LEU K 317 50.85 50.56 39.20
C LEU K 317 52.12 50.40 38.38
N GLY K 318 53.28 50.44 39.03
CA GLY K 318 54.53 50.20 38.34
C GLY K 318 55.29 51.48 38.02
N LEU K 319 54.58 52.61 38.06
CA LEU K 319 55.24 53.89 37.87
C LEU K 319 56.22 54.14 39.01
N ASP K 320 57.51 54.12 38.69
CA ASP K 320 58.58 54.28 39.67
C ASP K 320 58.94 55.77 39.71
N LEU K 321 58.08 56.55 40.35
CA LEU K 321 58.31 57.98 40.49
C LEU K 321 59.52 58.27 41.37
N GLY K 322 59.89 57.34 42.24
CA GLY K 322 61.07 57.54 43.06
C GLY K 322 62.32 57.69 42.22
N ARG K 323 62.42 56.93 41.13
CA ARG K 323 63.59 57.01 40.27
C ARG K 323 63.77 58.42 39.71
N TRP K 324 62.71 59.00 39.16
CA TRP K 324 62.82 60.33 38.58
C TRP K 324 62.96 61.42 39.64
N ARG K 325 62.26 61.31 40.76
CA ARG K 325 62.45 62.27 41.85
C ARG K 325 63.88 62.22 42.39
N ASP K 326 64.48 61.04 42.46
CA ASP K 326 65.82 60.84 42.98
C ASP K 326 66.89 61.28 41.99
N ALA K 327 66.64 61.09 40.69
CA ALA K 327 67.54 61.61 39.66
C ALA K 327 67.38 63.11 39.45
N GLY K 328 66.30 63.71 39.96
CA GLY K 328 66.14 65.15 39.92
C GLY K 328 65.41 65.69 38.71
N LEU K 329 64.52 64.90 38.11
CA LEU K 329 63.71 65.35 37.00
C LEU K 329 62.24 65.48 37.33
N LEU K 330 61.82 65.10 38.54
CA LEU K 330 60.44 65.19 38.97
C LEU K 330 60.37 65.87 40.33
N ARG K 331 59.43 66.79 40.50
CA ARG K 331 59.27 67.53 41.74
C ARG K 331 57.88 67.28 42.32
N PHE K 332 57.81 67.11 43.64
CA PHE K 332 56.55 66.96 44.35
C PHE K 332 56.44 68.06 45.39
N MET K 333 55.25 68.64 45.53
CA MET K 333 55.01 69.71 46.50
C MET K 333 54.27 69.19 47.72
N ALA K 334 53.12 68.55 47.51
CA ALA K 334 52.33 67.95 48.57
C ALA K 334 51.93 69.00 49.61
N THR K 335 51.13 69.96 49.15
CA THR K 335 50.70 71.07 49.98
C THR K 335 49.18 71.06 50.13
N ARG K 336 48.70 71.22 51.36
CA ARG K 336 47.27 71.22 51.61
C ARG K 336 46.64 72.52 51.14
N PRO K 337 45.37 72.49 50.74
CA PRO K 337 44.71 73.73 50.29
C PRO K 337 44.64 74.80 51.36
N THR K 338 44.49 74.42 52.63
CA THR K 338 44.34 75.38 53.71
C THR K 338 45.66 75.89 54.26
N PHE K 339 46.80 75.38 53.79
CA PHE K 339 48.09 75.80 54.32
C PHE K 339 48.32 77.29 54.07
N TYR K 340 48.02 77.76 52.87
CA TYR K 340 48.19 79.16 52.49
C TYR K 340 46.84 79.77 52.16
N SER K 341 46.86 81.06 51.83
CA SER K 341 45.70 81.71 51.23
C SER K 341 45.76 81.49 49.72
N LEU K 342 44.71 81.88 49.00
CA LEU K 342 44.69 81.69 47.56
C LEU K 342 45.83 82.45 46.89
N GLU K 343 46.07 83.69 47.34
CA GLU K 343 47.14 84.50 46.74
C GLU K 343 48.49 83.84 46.91
N MET K 344 48.79 83.30 48.09
CA MET K 344 50.09 82.67 48.30
C MET K 344 50.18 81.32 47.61
N HIS K 345 49.06 80.59 47.51
CA HIS K 345 49.07 79.40 46.66
C HIS K 345 49.50 79.76 45.24
N LEU K 346 48.86 80.77 44.66
CA LEU K 346 49.23 81.22 43.32
C LEU K 346 50.70 81.64 43.26
N ALA K 347 51.13 82.44 44.23
CA ALA K 347 52.49 82.98 44.22
C ALA K 347 53.53 81.86 44.34
N VAL K 348 53.31 80.91 45.24
CA VAL K 348 54.26 79.81 45.41
C VAL K 348 54.30 78.95 44.15
N ILE K 349 53.14 78.65 43.58
CA ILE K 349 53.11 77.84 42.36
C ILE K 349 53.89 78.55 41.25
N LEU K 350 53.62 79.84 41.06
CA LEU K 350 54.30 80.58 40.00
C LEU K 350 55.80 80.64 40.25
N ARG K 351 56.20 80.95 41.49
CA ARG K 351 57.62 81.08 41.80
C ARG K 351 58.37 79.79 41.56
N GLU K 352 57.83 78.67 42.08
CA GLU K 352 58.53 77.40 41.92
C GLU K 352 58.52 76.93 40.47
N VAL K 353 57.42 77.17 39.75
CA VAL K 353 57.40 76.82 38.33
C VAL K 353 58.45 77.60 37.56
N MET K 354 58.57 78.90 37.83
CA MET K 354 59.58 79.71 37.18
C MET K 354 60.99 79.22 37.52
N ARG K 355 61.22 78.92 38.80
CA ARG K 355 62.56 78.50 39.21
C ARG K 355 62.95 77.17 38.58
N PHE K 356 62.04 76.19 38.58
CA PHE K 356 62.36 74.85 38.08
C PHE K 356 62.36 74.78 36.57
N GLU K 357 61.52 75.56 35.89
CA GLU K 357 61.44 75.56 34.43
C GLU K 357 61.14 74.15 33.93
N PRO K 358 60.00 73.57 34.32
CA PRO K 358 59.68 72.21 33.87
C PRO K 358 58.99 72.19 32.51
N SER K 359 58.66 71.00 32.02
CA SER K 359 57.95 70.84 30.77
C SER K 359 56.52 70.33 30.94
N VAL K 360 56.18 69.82 32.12
CA VAL K 360 54.83 69.33 32.37
C VAL K 360 54.48 69.56 33.84
N VAL K 361 53.39 70.30 34.09
CA VAL K 361 52.91 70.60 35.43
C VAL K 361 51.56 69.93 35.62
N VAL K 362 51.45 69.09 36.66
CA VAL K 362 50.24 68.34 36.94
C VAL K 362 49.67 68.81 38.27
N LEU K 363 48.51 69.46 38.22
CA LEU K 363 47.83 69.95 39.42
C LEU K 363 46.72 68.97 39.77
N ASP K 364 46.82 68.35 40.95
CA ASP K 364 45.86 67.32 41.36
C ASP K 364 45.51 67.52 42.83
N PRO K 365 44.23 67.79 43.16
CA PRO K 365 43.18 68.13 42.19
C PRO K 365 42.84 69.61 42.26
N ILE K 366 42.35 70.18 41.15
CA ILE K 366 41.96 71.58 41.15
C ILE K 366 40.65 71.80 41.91
N SER K 367 39.92 70.72 42.21
CA SER K 367 38.66 70.86 42.92
C SER K 367 38.86 71.00 44.42
N ALA K 368 40.06 70.72 44.92
CA ALA K 368 40.33 70.79 46.35
C ALA K 368 40.14 72.20 46.91
N PHE K 369 40.26 73.22 46.07
CA PHE K 369 40.12 74.61 46.49
C PHE K 369 38.67 75.07 46.53
N THR K 370 37.72 74.15 46.59
CA THR K 370 36.31 74.52 46.45
C THR K 370 35.86 75.46 47.56
N GLU K 371 36.09 75.09 48.82
CA GLU K 371 35.62 75.86 49.96
C GLU K 371 36.65 76.84 50.49
N SER K 372 37.82 76.93 49.86
CA SER K 372 38.84 77.87 50.33
C SER K 372 38.32 79.30 50.25
N GLY K 373 37.49 79.60 49.26
CA GLY K 373 36.88 80.91 49.12
C GLY K 373 35.62 80.85 48.28
N ASP K 374 35.11 82.01 47.87
CA ASP K 374 33.99 82.04 46.96
C ASP K 374 34.37 81.49 45.59
N ARG K 375 33.36 81.16 44.79
CA ARG K 375 33.62 80.60 43.48
C ARG K 375 34.46 81.53 42.63
N LEU K 376 34.17 82.84 42.69
CA LEU K 376 34.90 83.80 41.87
C LEU K 376 36.39 83.84 42.20
N GLU K 377 36.75 83.81 43.49
CA GLU K 377 38.16 83.89 43.87
C GLU K 377 38.94 82.65 43.40
N VAL K 378 38.36 81.47 43.62
CA VAL K 378 38.99 80.22 43.16
C VAL K 378 39.11 80.22 41.65
N GLN K 379 38.07 80.67 40.95
CA GLN K 379 38.14 80.74 39.49
C GLN K 379 39.22 81.70 39.05
N SER K 380 39.37 82.83 39.74
CA SER K 380 40.44 83.78 39.39
C SER K 380 41.80 83.14 39.57
N MET K 381 42.00 82.42 40.68
CA MET K 381 43.28 81.75 40.90
C MET K 381 43.56 80.72 39.81
N LEU K 382 42.55 79.91 39.48
CA LEU K 382 42.74 78.87 38.48
C LEU K 382 43.02 79.48 37.11
N LEU K 383 42.29 80.54 36.75
CA LEU K 383 42.52 81.20 35.47
C LEU K 383 43.91 81.80 35.40
N ARG K 384 44.37 82.43 36.49
CA ARG K 384 45.72 82.98 36.48
C ARG K 384 46.75 81.87 36.31
N ILE K 385 46.57 80.75 37.00
CA ILE K 385 47.53 79.64 36.89
C ILE K 385 47.55 79.10 35.46
N VAL K 386 46.37 78.88 34.88
CA VAL K 386 46.28 78.32 33.54
C VAL K 386 46.90 79.27 32.52
N ASP K 387 46.60 80.55 32.64
CA ASP K 387 47.17 81.53 31.71
C ASP K 387 48.68 81.60 31.85
N PHE K 388 49.20 81.58 33.07
CA PHE K 388 50.64 81.59 33.26
C PHE K 388 51.30 80.37 32.62
N LEU K 389 50.72 79.19 32.83
CA LEU K 389 51.28 77.98 32.22
C LEU K 389 51.23 78.05 30.71
N LYS K 390 50.10 78.49 30.14
CA LYS K 390 49.99 78.57 28.69
C LYS K 390 50.95 79.60 28.10
N ASN K 391 51.13 80.74 28.77
CA ASN K 391 52.10 81.72 28.30
C ASN K 391 53.51 81.15 28.34
N ARG K 392 53.85 80.43 29.41
CA ARG K 392 55.14 79.76 29.49
C ARG K 392 55.27 78.58 28.54
N GLY K 393 54.16 78.17 27.92
CA GLY K 393 54.19 77.03 27.02
C GLY K 393 54.46 75.71 27.72
N ILE K 394 53.91 75.53 28.91
CA ILE K 394 54.04 74.29 29.67
C ILE K 394 52.74 73.51 29.56
N THR K 395 52.87 72.18 29.53
CA THR K 395 51.73 71.29 29.42
C THR K 395 51.10 71.12 30.81
N GLY K 396 49.88 71.62 30.95
CA GLY K 396 49.18 71.57 32.22
C GLY K 396 48.16 70.43 32.23
N ILE K 397 48.30 69.55 33.23
CA ILE K 397 47.40 68.43 33.43
C ILE K 397 46.66 68.66 34.75
N PHE K 398 45.39 69.04 34.67
CA PHE K 398 44.59 69.35 35.84
C PHE K 398 43.63 68.19 36.10
N THR K 399 43.62 67.69 37.34
CA THR K 399 42.71 66.62 37.72
C THR K 399 41.57 67.21 38.55
N HIS K 400 40.34 66.89 38.15
CA HIS K 400 39.14 67.39 38.81
C HIS K 400 38.22 66.23 39.15
N LEU K 401 37.53 66.36 40.28
CA LEU K 401 36.60 65.35 40.75
C LEU K 401 35.21 65.62 40.18
N ALA K 402 34.47 64.55 39.90
CA ALA K 402 33.15 64.63 39.30
C ALA K 402 32.08 64.24 40.32
N HIS K 403 30.88 64.78 40.12
CA HIS K 403 29.75 64.50 41.00
C HIS K 403 28.57 63.92 40.22
N THR K 409 30.35 66.01 31.52
CA THR K 409 29.76 66.74 32.64
C THR K 409 30.55 68.01 32.96
N THR K 410 29.86 68.99 33.53
CA THR K 410 30.47 70.25 33.94
C THR K 410 30.69 70.26 35.44
N ASP K 411 31.85 70.76 35.85
CA ASP K 411 32.24 70.66 37.25
C ASP K 411 32.33 72.01 37.96
N ALA K 412 33.15 72.93 37.44
CA ALA K 412 33.38 74.18 38.16
C ALA K 412 33.48 75.40 37.25
N GLY K 413 33.07 75.29 35.98
CA GLY K 413 33.16 76.41 35.08
C GLY K 413 34.55 76.67 34.54
N LEU K 414 35.54 75.85 34.89
CA LEU K 414 36.89 75.99 34.34
C LEU K 414 37.16 75.05 33.17
N GLU K 415 36.24 74.14 32.87
CA GLU K 415 36.35 73.40 31.61
C GLU K 415 36.25 74.34 30.44
N GLU K 416 35.76 75.56 30.67
CA GLU K 416 35.46 76.50 29.60
C GLU K 416 36.70 76.80 28.76
N LEU K 417 37.90 76.61 29.32
CA LEU K 417 39.14 76.92 28.62
C LEU K 417 39.89 75.68 28.11
N MET K 418 39.66 74.53 28.72
CA MET K 418 40.52 73.37 28.47
C MET K 418 40.57 73.01 26.99
N ASP K 419 41.78 72.73 26.51
CA ASP K 419 42.00 72.24 25.15
C ASP K 419 41.61 70.77 24.99
N GLY K 420 41.95 69.94 25.96
CA GLY K 420 41.61 68.53 25.90
C GLY K 420 40.93 68.08 27.18
N TRP K 421 39.99 67.16 27.03
CA TRP K 421 39.19 66.67 28.15
C TRP K 421 39.15 65.16 28.11
N VAL K 422 39.53 64.52 29.20
CA VAL K 422 39.48 63.07 29.34
C VAL K 422 38.61 62.73 30.54
N LEU K 423 37.53 62.00 30.30
CA LEU K 423 36.60 61.61 31.35
C LEU K 423 36.81 60.13 31.65
N MET K 424 37.00 59.83 32.94
CA MET K 424 37.20 58.47 33.43
C MET K 424 35.98 58.06 34.22
N LEU K 425 35.36 56.95 33.85
CA LEU K 425 34.13 56.48 34.45
C LEU K 425 34.36 55.15 35.15
N ASN K 426 33.74 54.99 36.32
CA ASN K 426 33.79 53.74 37.08
C ASN K 426 32.34 53.38 37.38
N ARG K 427 31.71 52.65 36.46
CA ARG K 427 30.28 52.42 36.52
C ARG K 427 29.95 51.07 37.16
N GLU K 428 28.80 51.02 37.82
CA GLU K 428 28.27 49.80 38.40
C GLU K 428 27.17 49.26 37.48
N VAL K 429 27.42 48.12 36.87
CA VAL K 429 26.47 47.50 35.95
C VAL K 429 26.63 45.99 36.05
N ASN K 430 25.50 45.29 36.09
CA ASN K 430 25.48 43.83 36.19
C ASN K 430 26.13 43.36 37.50
N GLY K 431 25.87 44.09 38.58
CA GLY K 431 26.39 43.71 39.88
C GLY K 431 27.90 43.68 39.95
N GLU K 432 28.56 44.66 39.34
CA GLU K 432 30.02 44.71 39.30
C GLU K 432 30.43 46.03 38.65
N PHE K 433 31.64 46.47 38.99
CA PHE K 433 32.14 47.77 38.57
C PHE K 433 33.13 47.62 37.43
N ASN K 434 32.96 48.45 36.41
CA ASN K 434 33.80 48.44 35.22
C ASN K 434 34.36 49.84 34.98
N ARG K 435 35.61 49.90 34.53
CA ARG K 435 36.30 51.16 34.26
C ARG K 435 36.27 51.46 32.76
N GLU K 436 36.16 52.75 32.43
CA GLU K 436 36.18 53.21 31.05
C GLU K 436 36.74 54.62 31.02
N LEU K 437 37.13 55.07 29.83
CA LEU K 437 37.59 56.43 29.66
C LEU K 437 37.33 56.87 28.22
N TYR K 438 37.09 58.16 28.05
CA TYR K 438 36.89 58.69 26.70
C TYR K 438 37.27 60.16 26.65
N LEU K 439 37.68 60.59 25.46
CA LEU K 439 38.09 61.98 25.21
C LEU K 439 36.84 62.79 24.90
N LEU K 440 36.39 63.58 25.87
CA LEU K 440 35.21 64.41 25.66
C LEU K 440 35.42 65.43 24.55
N LYS K 441 36.65 65.88 24.36
CA LYS K 441 36.97 66.85 23.32
C LYS K 441 38.48 66.97 23.19
N ALA K 442 38.94 67.14 21.95
CA ALA K 442 40.36 67.27 21.66
C ALA K 442 40.51 68.29 20.53
N ARG K 443 40.93 69.50 20.90
CA ARG K 443 40.96 70.61 19.96
C ARG K 443 41.99 70.38 18.86
N GLY K 444 41.63 70.81 17.65
CA GLY K 444 42.55 70.82 16.52
C GLY K 444 43.05 69.46 16.06
N MET K 445 42.21 68.43 16.16
CA MET K 445 42.60 67.11 15.69
C MET K 445 41.38 66.19 15.76
N ALA K 446 41.44 65.11 15.01
CA ALA K 446 40.39 64.09 15.03
C ALA K 446 40.80 62.95 15.96
N HIS K 447 39.81 62.44 16.69
CA HIS K 447 40.07 61.45 17.73
C HIS K 447 38.93 60.44 17.76
N SER K 448 39.22 59.29 18.36
CA SER K 448 38.22 58.24 18.49
C SER K 448 37.04 58.70 19.34
N ASN K 449 35.85 58.27 18.95
CA ASN K 449 34.63 58.60 19.67
C ASN K 449 34.04 57.38 20.38
N GLN K 450 34.90 56.46 20.81
CA GLN K 450 34.48 55.22 21.46
C GLN K 450 34.76 55.31 22.96
N VAL K 451 33.85 54.75 23.75
CA VAL K 451 34.02 54.68 25.20
C VAL K 451 34.87 53.44 25.47
N ARG K 452 36.19 53.61 25.45
CA ARG K 452 37.13 52.50 25.53
C ARG K 452 37.27 52.05 26.98
N GLU K 453 36.79 50.84 27.27
CA GLU K 453 37.01 50.25 28.59
C GLU K 453 38.48 49.90 28.77
N PHE K 454 39.01 50.19 29.95
CA PHE K 454 40.39 49.89 30.28
C PHE K 454 40.45 49.13 31.60
N LEU K 455 41.63 48.64 31.93
CA LEU K 455 41.83 47.86 33.15
C LEU K 455 43.24 48.11 33.65
N MET K 456 43.35 48.77 34.81
CA MET K 456 44.65 49.10 35.38
C MET K 456 45.26 47.89 36.08
N SER K 457 46.57 47.72 35.90
CA SER K 457 47.29 46.60 36.48
C SER K 457 48.74 47.01 36.73
N ASP K 458 49.57 46.03 37.09
CA ASP K 458 50.97 46.32 37.38
C ASP K 458 51.68 46.91 36.16
N ARG K 459 51.33 46.44 34.96
CA ARG K 459 51.97 46.96 33.75
C ARG K 459 51.56 48.42 33.50
N GLY K 460 50.47 48.86 34.11
CA GLY K 460 50.04 50.23 34.01
C GLY K 460 48.59 50.30 33.58
N ILE K 461 48.24 51.40 32.92
CA ILE K 461 46.90 51.54 32.35
C ILE K 461 46.89 50.92 30.96
N SER K 462 45.97 49.99 30.75
CA SER K 462 45.88 49.27 29.49
C SER K 462 44.43 49.21 29.04
N LEU K 463 44.17 49.69 27.83
CA LEU K 463 42.83 49.65 27.26
C LEU K 463 42.57 48.29 26.62
N LEU K 464 41.38 47.75 26.89
CA LEU K 464 40.99 46.49 26.28
C LEU K 464 40.73 46.67 24.79
N PRO K 465 40.77 45.58 24.03
CA PRO K 465 40.48 45.69 22.61
C PRO K 465 39.08 46.22 22.39
N PRO K 466 38.86 46.97 21.31
CA PRO K 466 37.54 47.57 21.08
C PRO K 466 36.47 46.50 20.98
N HIS K 467 35.27 46.86 21.47
CA HIS K 467 34.13 45.96 21.43
C HIS K 467 33.63 45.85 19.99
N LEU K 468 33.49 44.61 19.51
CA LEU K 468 33.05 44.34 18.16
C LEU K 468 31.76 43.53 18.19
N GLY K 469 30.81 43.90 17.35
CA GLY K 469 29.52 43.23 17.34
C GLY K 469 28.42 44.13 17.87
N GLU K 470 27.19 43.74 17.61
CA GLU K 470 26.04 44.50 18.07
C GLU K 470 25.98 44.49 19.60
N GLY K 471 25.32 45.51 20.15
CA GLY K 471 25.22 45.64 21.59
C GLY K 471 26.56 45.90 22.25
N GLY K 472 27.32 46.84 21.69
CA GLY K 472 28.65 47.12 22.20
C GLY K 472 28.66 47.67 23.61
N ALA K 473 27.52 48.09 24.13
CA ALA K 473 27.47 48.63 25.49
C ALA K 473 27.92 47.59 26.52
N LEU K 474 27.80 46.30 26.19
CA LEU K 474 28.20 45.25 27.13
C LEU K 474 29.67 45.39 27.51
N THR K 475 29.95 45.22 28.79
CA THR K 475 31.30 45.32 29.32
C THR K 475 31.46 44.37 30.49
N GLY K 476 32.70 43.97 30.75
CA GLY K 476 32.96 43.09 31.88
C GLY K 476 32.49 41.67 31.60
N THR K 477 31.86 41.06 32.59
CA THR K 477 31.39 39.68 32.45
C THR K 477 30.36 39.56 31.33
N ALA K 478 29.59 40.63 31.09
CA ALA K 478 28.56 40.59 30.07
C ALA K 478 29.16 40.37 28.69
N ARG K 479 30.34 40.93 28.43
CA ARG K 479 31.00 40.71 27.15
C ARG K 479 31.35 39.24 26.93
N LYS K 480 31.91 38.58 27.94
CA LYS K 480 32.20 37.15 27.83
C LYS K 480 30.92 36.35 27.67
N ALA K 481 29.87 36.71 28.40
CA ALA K 481 28.60 35.99 28.27
C ALA K 481 28.04 36.11 26.86
N GLU K 482 28.10 37.32 26.29
CA GLU K 482 27.62 37.53 24.94
C GLU K 482 28.44 36.73 23.93
N GLU K 483 29.76 36.69 24.12
CA GLU K 483 30.61 35.90 23.23
C GLU K 483 30.22 34.43 23.28
N ALA K 484 30.02 33.91 24.50
CA ALA K 484 29.63 32.50 24.65
C ALA K 484 28.28 32.23 23.99
N ARG K 485 27.32 33.14 24.17
CA ARG K 485 26.01 32.96 23.56
C ARG K 485 26.11 32.94 22.04
N LEU K 486 26.90 33.86 21.47
CA LEU K 486 27.09 33.87 20.02
C LEU K 486 27.71 32.57 19.54
N ARG K 487 28.72 32.07 20.26
CA ARG K 487 29.35 30.83 19.87
C ARG K 487 28.34 29.68 19.87
N ARG K 488 27.54 29.60 20.93
CA ARG K 488 26.55 28.53 21.04
C ARG K 488 25.56 28.58 19.87
N ALA K 489 25.01 29.78 19.60
CA ALA K 489 23.99 29.90 18.57
C ALA K 489 24.54 29.57 17.19
N GLU K 490 25.73 30.10 16.85
CA GLU K 490 26.29 29.83 15.53
C GLU K 490 26.65 28.35 15.39
N ILE K 491 27.12 27.73 16.48
CA ILE K 491 27.39 26.29 16.45
C ILE K 491 26.12 25.52 16.15
N GLU K 492 25.00 25.90 16.78
CA GLU K 492 23.77 25.16 16.55
C GLU K 492 23.23 25.39 15.15
N ARG K 493 23.46 26.57 14.58
CA ARG K 493 23.12 26.80 13.17
C ARG K 493 23.92 25.86 12.27
N GLN K 494 25.21 25.70 12.56
CA GLN K 494 26.02 24.74 11.83
C GLN K 494 25.43 23.33 11.94
N THR K 495 24.98 22.97 13.14
CA THR K 495 24.35 21.66 13.33
C THR K 495 23.09 21.52 12.47
N GLU K 496 22.28 22.58 12.41
CA GLU K 496 21.11 22.58 11.52
C GLU K 496 21.52 22.23 10.09
N LEU K 497 22.48 22.96 9.55
CA LEU K 497 22.87 22.74 8.16
C LEU K 497 23.41 21.32 7.96
N GLY K 498 24.22 20.85 8.91
CA GLY K 498 24.73 19.49 8.81
C GLY K 498 23.63 18.45 8.79
N ARG K 499 22.60 18.63 9.63
CA ARG K 499 21.51 17.67 9.66
C ARG K 499 20.75 17.66 8.33
N LEU K 500 20.52 18.84 7.74
CA LEU K 500 19.87 18.87 6.43
C LEU K 500 20.70 18.15 5.39
N GLN K 501 22.02 18.36 5.41
CA GLN K 501 22.88 17.67 4.44
C GLN K 501 22.80 16.16 4.63
N GLN K 502 22.79 15.68 5.88
CA GLN K 502 22.67 14.25 6.13
C GLN K 502 21.33 13.72 5.65
N GLN K 503 20.26 14.51 5.80
CA GLN K 503 18.95 14.11 5.31
C GLN K 503 18.98 13.87 3.80
N ILE K 504 19.58 14.81 3.06
CA ILE K 504 19.66 14.65 1.61
C ILE K 504 20.53 13.44 1.27
N GLU K 505 21.59 13.24 2.05
CA GLU K 505 22.39 12.01 2.03
C GLU K 505 21.51 10.76 2.01
N GLN K 506 20.63 10.67 3.01
CA GLN K 506 19.76 9.50 3.14
C GLN K 506 18.87 9.33 1.90
N ARG K 507 18.28 10.43 1.43
CA ARG K 507 17.39 10.31 0.28
C ARG K 507 18.15 9.80 -0.95
N ARG K 508 19.35 10.33 -1.18
CA ARG K 508 20.13 9.88 -2.34
C ARG K 508 20.51 8.41 -2.20
N ARG K 509 20.82 7.96 -0.98
CA ARG K 509 21.15 6.55 -0.79
C ARG K 509 19.98 5.66 -1.20
N ARG K 510 18.78 5.92 -0.65
CA ARG K 510 17.65 5.12 -1.11
C ARG K 510 17.50 5.19 -2.63
N ALA K 511 17.62 6.39 -3.22
CA ALA K 511 17.39 6.51 -4.65
C ALA K 511 18.27 5.56 -5.45
N ARG K 512 19.59 5.61 -5.22
CA ARG K 512 20.46 4.83 -6.09
C ARG K 512 20.46 3.35 -5.69
N ALA K 513 20.18 3.02 -4.42
CA ALA K 513 20.01 1.62 -4.08
C ALA K 513 18.80 1.02 -4.81
N GLN K 514 17.71 1.77 -4.84
CA GLN K 514 16.53 1.35 -5.60
C GLN K 514 16.88 1.15 -7.08
N ILE K 515 17.68 2.06 -7.62
CA ILE K 515 18.12 1.93 -9.01
C ILE K 515 18.90 0.62 -9.20
N GLU K 516 19.74 0.29 -8.23
CA GLU K 516 20.52 -0.94 -8.31
C GLU K 516 19.61 -2.16 -8.39
N ALA K 517 18.58 -2.19 -7.54
CA ALA K 517 17.63 -3.31 -7.57
C ALA K 517 16.96 -3.41 -8.94
N LEU K 518 16.55 -2.25 -9.49
CA LEU K 518 15.88 -2.26 -10.79
C LEU K 518 16.82 -2.78 -11.89
N GLU K 519 18.09 -2.39 -11.85
CA GLU K 519 19.04 -2.90 -12.84
C GLU K 519 19.23 -4.40 -12.71
N ALA K 520 19.24 -4.91 -11.48
CA ALA K 520 19.30 -6.36 -11.30
C ALA K 520 18.10 -7.03 -11.98
N GLU K 521 16.90 -6.47 -11.80
CA GLU K 521 15.73 -6.99 -12.49
C GLU K 521 15.93 -7.00 -14.00
N LEU K 522 16.47 -5.91 -14.54
CA LEU K 522 16.68 -5.82 -15.99
C LEU K 522 17.63 -6.91 -16.48
N GLN K 523 18.73 -7.14 -15.75
CA GLN K 523 19.67 -8.19 -16.16
C GLN K 523 19.01 -9.56 -16.13
N ALA K 524 18.21 -9.83 -15.10
CA ALA K 524 17.49 -11.11 -15.06
C ALA K 524 16.59 -11.27 -16.28
N GLU K 525 15.88 -10.19 -16.64
CA GLU K 525 14.99 -10.28 -17.80
C GLU K 525 15.78 -10.53 -19.08
N GLU K 526 16.95 -9.89 -19.23
CA GLU K 526 17.77 -10.16 -20.40
C GLU K 526 18.17 -11.63 -20.48
N ILE K 527 18.59 -12.20 -19.36
CA ILE K 527 18.93 -13.62 -19.33
C ILE K 527 17.73 -14.46 -19.76
N ALA K 528 16.54 -14.08 -19.29
CA ALA K 528 15.34 -14.82 -19.67
C ALA K 528 15.09 -14.77 -21.17
N LEU K 529 15.24 -13.59 -21.78
CA LEU K 529 15.05 -13.48 -23.23
C LEU K 529 16.02 -14.38 -23.97
N LYS K 530 17.28 -14.37 -23.56
CA LYS K 530 18.27 -15.16 -24.28
C LYS K 530 18.03 -16.65 -24.12
N ALA K 531 17.56 -17.06 -22.93
CA ALA K 531 17.16 -18.46 -22.75
C ALA K 531 16.00 -18.81 -23.67
N LEU K 532 15.02 -17.90 -23.79
CA LEU K 532 13.90 -18.10 -24.72
C LEU K 532 14.38 -18.33 -26.15
N VAL K 533 15.29 -17.49 -26.65
CA VAL K 533 15.79 -17.63 -28.01
C VAL K 533 16.56 -18.92 -28.20
N GLU K 534 17.47 -19.23 -27.27
CA GLU K 534 18.29 -20.43 -27.42
C GLU K 534 17.44 -21.69 -27.44
N SER K 535 16.54 -21.83 -26.47
CA SER K 535 15.73 -23.04 -26.40
C SER K 535 14.81 -23.18 -27.60
N GLU K 536 14.23 -22.06 -28.05
CA GLU K 536 13.33 -22.10 -29.20
C GLU K 536 14.08 -22.53 -30.45
N SER K 537 15.28 -21.99 -30.66
CA SER K 537 16.08 -22.42 -31.81
C SER K 537 16.46 -23.90 -31.70
N ALA K 538 16.75 -24.36 -30.49
CA ALA K 538 17.07 -25.77 -30.31
C ALA K 538 15.88 -26.65 -30.67
N HIS K 539 14.67 -26.22 -30.30
CA HIS K 539 13.47 -26.96 -30.69
C HIS K 539 13.33 -27.00 -32.20
N GLU K 540 13.59 -25.86 -32.87
CA GLU K 540 13.61 -25.84 -34.32
C GLU K 540 14.54 -26.90 -34.88
N ARG K 541 15.77 -26.95 -34.35
CA ARG K 541 16.78 -27.89 -34.84
C ARG K 541 16.33 -29.34 -34.63
N GLN K 542 15.81 -29.65 -33.45
CA GLN K 542 15.37 -31.00 -33.17
C GLN K 542 14.21 -31.41 -34.06
N ARG K 543 13.27 -30.50 -34.31
CA ARG K 543 12.16 -30.80 -35.21
C ARG K 543 12.66 -31.11 -36.60
N LEU K 544 13.61 -30.31 -37.10
CA LEU K 544 14.18 -30.58 -38.42
C LEU K 544 14.84 -31.96 -38.46
N ALA K 545 15.60 -32.29 -37.42
CA ALA K 545 16.28 -33.58 -37.39
C ALA K 545 15.28 -34.74 -37.42
N ASP K 546 14.22 -34.63 -36.61
CA ASP K 546 13.22 -35.70 -36.58
C ASP K 546 12.50 -35.83 -37.92
N ALA K 547 12.18 -34.70 -38.55
CA ALA K 547 11.54 -34.75 -39.86
C ALA K 547 12.43 -35.43 -40.88
N ASP K 548 13.73 -35.13 -40.87
CA ASP K 548 14.66 -35.78 -41.78
C ASP K 548 14.72 -37.29 -41.53
N THR K 549 14.75 -37.69 -40.24
CA THR K 549 14.78 -39.11 -39.91
C THR K 549 13.57 -39.83 -40.48
N LEU K 550 12.38 -39.26 -40.29
CA LEU K 550 11.17 -39.86 -40.86
C LEU K 550 11.23 -39.90 -42.38
N ALA K 551 11.79 -38.84 -42.99
CA ALA K 551 11.89 -38.76 -44.45
C ALA K 551 12.71 -39.90 -45.01
N ARG K 552 13.88 -40.17 -44.42
CA ARG K 552 14.60 -41.40 -44.77
C ARG K 552 13.76 -42.64 -44.51
N SER K 553 13.16 -42.76 -43.32
CA SER K 553 12.50 -44.01 -42.96
C SER K 553 11.43 -44.38 -43.99
N ARG K 554 10.81 -43.37 -44.61
CA ARG K 554 9.77 -43.61 -45.62
C ARG K 554 10.18 -43.15 -47.01
N GLY K 555 11.47 -42.97 -47.27
CA GLY K 555 11.93 -42.43 -48.54
C GLY K 555 12.41 -43.48 -49.53
N ASN K 556 12.25 -43.16 -50.81
CA ASN K 556 12.75 -43.99 -51.89
C ASN K 556 14.18 -43.68 -52.30
N GLU K 557 14.76 -42.60 -51.77
CA GLU K 557 16.14 -42.23 -52.12
C GLU K 557 17.15 -43.30 -51.71
N ARG K 558 16.72 -44.31 -50.96
CA ARG K 558 17.64 -45.38 -50.55
C ARG K 558 18.16 -46.16 -51.74
N PHE K 559 17.54 -46.02 -52.91
CA PHE K 559 17.91 -46.82 -54.07
C PHE K 559 18.32 -45.99 -55.28
N ALA K 560 18.09 -44.68 -55.29
CA ALA K 560 18.46 -43.84 -56.41
C ALA K 560 18.21 -42.37 -56.09
N GLY L 4 65.87 89.29 60.97
CA GLY L 4 64.89 88.86 61.96
C GLY L 4 64.88 89.70 63.22
N ILE L 5 63.92 89.43 64.10
CA ILE L 5 63.78 90.15 65.35
C ILE L 5 63.58 89.15 66.48
N GLY L 6 63.88 89.59 67.70
CA GLY L 6 63.70 88.74 68.86
C GLY L 6 62.23 88.46 69.13
N LYS L 7 61.97 87.33 69.77
CA LYS L 7 60.61 86.91 70.06
C LYS L 7 60.59 86.13 71.37
N SER L 8 59.56 86.35 72.18
CA SER L 8 59.44 85.68 73.46
C SER L 8 58.28 84.70 73.42
N PRO L 9 58.52 83.40 73.56
CA PRO L 9 57.41 82.44 73.62
C PRO L 9 56.50 82.73 74.80
N THR L 10 55.20 82.42 74.62
CA THR L 10 54.21 82.68 75.65
C THR L 10 53.59 81.40 76.21
N GLY L 11 54.22 80.25 75.97
CA GLY L 11 53.65 79.00 76.44
C GLY L 11 52.61 78.43 75.49
N ILE L 12 51.74 79.29 74.96
CA ILE L 12 50.70 78.84 74.03
C ILE L 12 51.37 78.41 72.73
N GLN L 13 51.39 77.10 72.48
CA GLN L 13 52.10 76.58 71.31
C GLN L 13 51.48 77.09 70.01
N GLY L 14 50.15 77.07 69.92
CA GLY L 14 49.50 77.52 68.71
C GLY L 14 49.77 78.98 68.40
N PHE L 15 49.61 79.84 69.42
CA PHE L 15 49.89 81.26 69.21
C PHE L 15 51.36 81.51 68.89
N ASP L 16 52.26 80.78 69.56
CA ASP L 16 53.68 80.95 69.29
C ASP L 16 54.03 80.60 67.85
N GLU L 17 53.50 79.47 67.37
CA GLU L 17 53.83 79.07 65.99
C GLU L 17 53.10 79.94 64.98
N LEU L 18 51.95 80.51 65.37
CA LEU L 18 51.29 81.47 64.51
C LEU L 18 52.12 82.74 64.35
N THR L 19 52.70 83.23 65.46
CA THR L 19 53.52 84.42 65.45
C THR L 19 54.96 84.17 65.00
N LEU L 20 55.34 82.91 64.81
CA LEU L 20 56.68 82.56 64.36
C LEU L 20 57.72 82.83 65.45
N GLY L 21 57.36 82.48 66.68
CA GLY L 21 58.28 82.65 67.81
C GLY L 21 57.62 83.21 69.05
N GLY L 22 56.62 84.07 68.87
CA GLY L 22 55.90 84.67 69.97
C GLY L 22 55.89 86.18 69.85
N LEU L 23 55.55 86.84 70.96
CA LEU L 23 55.51 88.29 70.98
C LEU L 23 56.93 88.86 70.86
N PRO L 24 57.05 90.08 70.34
CA PRO L 24 58.39 90.69 70.23
C PRO L 24 59.00 90.91 71.60
N THR L 25 60.32 90.77 71.67
CA THR L 25 61.05 90.93 72.92
C THR L 25 61.53 92.37 73.05
N GLY L 26 61.23 92.99 74.19
CA GLY L 26 61.61 94.37 74.43
C GLY L 26 60.67 95.41 73.88
N ARG L 27 59.50 95.01 73.37
CA ARG L 27 58.53 95.91 72.79
C ARG L 27 57.18 95.71 73.45
N PRO L 28 56.33 96.73 73.48
CA PRO L 28 55.00 96.59 74.08
C PRO L 28 54.02 95.93 73.12
N SER L 29 53.13 95.13 73.71
CA SER L 29 52.10 94.42 72.95
C SER L 29 50.73 94.80 73.51
N LEU L 30 49.77 95.00 72.60
CA LEU L 30 48.42 95.40 72.96
C LEU L 30 47.47 94.23 72.76
N VAL L 31 46.64 93.95 73.76
CA VAL L 31 45.63 92.91 73.70
C VAL L 31 44.28 93.59 73.85
N CYS L 32 43.54 93.68 72.75
CA CYS L 32 42.25 94.35 72.71
C CYS L 32 41.12 93.32 72.70
N GLY L 33 39.96 93.76 73.20
CA GLY L 33 38.80 92.90 73.27
C GLY L 33 37.81 93.33 74.34
N SER L 34 36.52 93.08 74.11
CA SER L 34 35.49 93.46 75.06
C SER L 34 35.63 92.65 76.35
N ALA L 35 34.78 92.94 77.33
CA ALA L 35 34.82 92.22 78.60
C ALA L 35 34.54 90.74 78.39
N GLY L 36 35.32 89.89 79.05
CA GLY L 36 35.13 88.46 78.97
C GLY L 36 35.85 87.75 77.85
N CYS L 37 36.61 88.48 77.02
CA CYS L 37 37.32 87.85 75.92
C CYS L 37 38.52 87.03 76.40
N GLY L 38 39.19 87.46 77.46
CA GLY L 38 40.28 86.68 78.01
C GLY L 38 41.63 87.37 78.00
N LYS L 39 41.62 88.71 78.00
CA LYS L 39 42.88 89.46 78.00
C LYS L 39 43.66 89.25 79.29
N THR L 40 42.98 89.28 80.43
CA THR L 40 43.64 89.09 81.71
C THR L 40 44.28 87.71 81.78
N LEU L 41 43.54 86.68 81.36
CA LEU L 41 44.11 85.34 81.36
C LEU L 41 45.26 85.24 80.36
N PHE L 42 45.15 85.89 79.20
CA PHE L 42 46.25 85.90 78.25
C PHE L 42 47.53 86.42 78.91
N ALA L 43 47.43 87.57 79.57
CA ALA L 43 48.60 88.12 80.25
C ALA L 43 49.09 87.20 81.36
N SER L 44 48.16 86.59 82.09
CA SER L 44 48.54 85.74 83.22
C SER L 44 49.34 84.53 82.74
N THR L 45 48.84 83.82 81.71
CA THR L 45 49.61 82.69 81.20
C THR L 45 50.91 83.17 80.57
N PHE L 46 50.90 84.33 79.90
CA PHE L 46 52.15 84.90 79.43
C PHE L 46 53.20 84.90 80.53
N LEU L 47 52.88 85.55 81.65
CA LEU L 47 53.85 85.66 82.74
C LEU L 47 54.18 84.30 83.32
N ILE L 48 53.18 83.44 83.53
CA ILE L 48 53.39 82.17 84.19
C ILE L 48 54.29 81.27 83.34
N ASN L 49 53.99 81.17 82.04
CA ASN L 49 54.80 80.35 81.15
C ASN L 49 56.20 80.91 81.02
N GLY L 50 56.33 82.24 80.94
CA GLY L 50 57.66 82.83 80.88
C GLY L 50 58.49 82.48 82.09
N VAL L 51 57.89 82.53 83.27
CA VAL L 51 58.64 82.20 84.49
C VAL L 51 58.93 80.70 84.59
N ARG L 52 57.98 79.84 84.24
CA ARG L 52 58.09 78.42 84.50
C ARG L 52 58.70 77.62 83.36
N ASP L 53 58.94 78.22 82.20
CA ASP L 53 59.46 77.45 81.07
C ASP L 53 60.70 78.09 80.47
N HIS L 54 60.80 79.42 80.57
CA HIS L 54 61.93 80.15 79.99
C HIS L 54 62.71 80.94 81.03
N GLY L 55 62.42 80.76 82.31
CA GLY L 55 63.21 81.37 83.36
C GLY L 55 63.28 82.88 83.32
N GLU L 56 62.14 83.55 83.13
CA GLU L 56 62.09 85.00 83.10
C GLU L 56 61.14 85.50 84.16
N PRO L 57 61.61 86.28 85.12
CA PRO L 57 60.71 86.80 86.17
C PRO L 57 59.68 87.77 85.59
N GLY L 58 58.55 87.84 86.28
CA GLY L 58 57.42 88.60 85.80
C GLY L 58 56.90 89.56 86.85
N VAL L 59 56.28 90.62 86.35
CA VAL L 59 55.62 91.64 87.18
C VAL L 59 54.24 91.89 86.60
N PHE L 60 53.24 91.95 87.47
CA PHE L 60 51.84 92.16 87.07
C PHE L 60 51.34 93.42 87.77
N VAL L 61 51.24 94.52 87.03
CA VAL L 61 50.76 95.79 87.55
C VAL L 61 49.29 95.91 87.17
N THR L 62 48.42 95.81 88.17
CA THR L 62 46.98 95.86 87.98
C THR L 62 46.45 97.18 88.52
N PHE L 63 45.62 97.85 87.73
CA PHE L 63 45.05 99.12 88.15
C PHE L 63 43.61 99.01 88.66
N GLU L 64 42.94 97.91 88.38
CA GLU L 64 41.57 97.70 88.84
C GLU L 64 41.43 96.51 89.78
N GLU L 65 41.89 95.33 89.36
CA GLU L 65 41.69 94.12 90.14
C GLU L 65 42.73 94.01 91.26
N ARG L 66 42.29 93.50 92.41
CA ARG L 66 43.17 93.31 93.54
C ARG L 66 43.99 92.03 93.39
N PRO L 67 45.10 91.91 94.11
CA PRO L 67 45.91 90.68 94.01
C PRO L 67 45.13 89.41 94.32
N GLU L 68 44.18 89.47 95.26
CA GLU L 68 43.37 88.30 95.54
C GLU L 68 42.60 87.87 94.31
N ASP L 69 41.95 88.82 93.62
CA ASP L 69 41.23 88.50 92.40
C ASP L 69 42.18 87.98 91.33
N ILE L 70 43.35 88.61 91.19
CA ILE L 70 44.30 88.20 90.15
C ILE L 70 44.74 86.77 90.36
N VAL L 71 45.04 86.38 91.60
CA VAL L 71 45.44 85.02 91.89
C VAL L 71 44.28 84.04 91.73
N ASN L 72 43.09 84.41 92.22
CA ASN L 72 41.95 83.50 92.15
C ASN L 72 41.53 83.22 90.71
N ASN L 73 41.68 84.21 89.83
CA ASN L 73 41.28 84.03 88.44
C ASN L 73 41.99 82.83 87.80
N VAL L 74 43.31 82.74 88.03
CA VAL L 74 44.09 81.64 87.45
C VAL L 74 44.25 80.46 88.38
N ALA L 75 43.78 80.56 89.62
CA ALA L 75 43.85 79.41 90.54
C ALA L 75 43.22 78.17 89.93
N SER L 76 42.12 78.34 89.18
CA SER L 76 41.41 77.19 88.64
C SER L 76 42.15 76.55 87.47
N LEU L 77 42.93 77.35 86.73
CA LEU L 77 43.59 76.86 85.52
C LEU L 77 44.74 75.91 85.86
N GLY L 78 45.09 75.82 87.13
CA GLY L 78 46.15 74.94 87.59
C GLY L 78 47.43 75.65 87.99
N PHE L 79 47.61 76.90 87.60
CA PHE L 79 48.75 77.66 88.07
C PHE L 79 48.61 77.94 89.56
N GLU L 80 49.74 78.26 90.19
CA GLU L 80 49.76 78.60 91.60
C GLU L 80 50.47 79.95 91.72
N LEU L 81 49.71 81.03 91.53
CA LEU L 81 50.28 82.36 91.72
C LEU L 81 50.69 82.58 93.16
N ASP L 82 49.99 81.97 94.12
CA ASP L 82 50.40 82.06 95.52
C ASP L 82 51.82 81.52 95.68
N LYS L 83 52.11 80.36 95.08
CA LYS L 83 53.45 79.79 95.19
C LYS L 83 54.46 80.60 94.39
N LEU L 84 54.10 81.08 93.21
CA LEU L 84 55.04 81.83 92.40
C LEU L 84 55.37 83.19 93.00
N ILE L 85 54.50 83.75 93.84
CA ILE L 85 54.80 84.97 94.58
C ILE L 85 55.51 84.62 95.88
N GLU L 86 55.00 83.62 96.60
CA GLU L 86 55.67 83.01 97.75
C GLU L 86 57.12 82.66 97.47
N GLU L 87 57.49 82.49 96.20
CA GLU L 87 58.88 82.33 95.79
C GLU L 87 59.46 83.55 95.11
N GLU L 88 58.66 84.59 94.92
CA GLU L 88 58.99 85.74 94.07
C GLU L 88 59.64 85.27 92.76
N LYS L 89 58.79 84.74 91.91
CA LYS L 89 59.02 84.68 90.47
C LYS L 89 58.08 85.59 89.69
N ILE L 90 56.94 85.93 90.27
CA ILE L 90 56.03 86.95 89.74
C ILE L 90 55.64 87.88 90.89
N ALA L 91 55.80 89.18 90.66
CA ALA L 91 55.52 90.21 91.66
C ALA L 91 54.29 91.00 91.23
N ILE L 92 53.31 91.11 92.12
CA ILE L 92 52.02 91.74 91.82
C ILE L 92 51.98 93.11 92.48
N GLU L 93 51.65 94.13 91.69
CA GLU L 93 51.54 95.51 92.17
C GLU L 93 50.14 96.01 91.89
N HIS L 94 49.35 96.19 92.93
CA HIS L 94 48.00 96.71 92.83
C HIS L 94 48.08 98.23 93.00
N ILE L 95 48.11 98.93 91.86
CA ILE L 95 48.31 100.39 91.87
C ILE L 95 46.92 101.01 91.73
N ALA L 96 46.30 101.28 92.88
CA ALA L 96 44.95 101.83 92.92
C ALA L 96 44.98 103.27 93.41
N VAL L 97 44.18 104.12 92.77
CA VAL L 97 44.08 105.52 93.12
C VAL L 97 42.62 105.85 93.39
N ASP L 98 42.36 106.50 94.52
CA ASP L 98 41.00 106.89 94.89
C ASP L 98 40.85 108.40 94.71
N PRO L 99 39.98 108.86 93.82
CA PRO L 99 39.86 110.32 93.60
C PRO L 99 39.12 111.04 94.72
N SER L 100 38.49 110.31 95.65
CA SER L 100 37.70 110.96 96.69
C SER L 100 38.57 111.87 97.54
N GLU L 101 39.71 111.36 98.03
CA GLU L 101 40.64 112.13 98.84
C GLU L 101 41.74 112.79 98.01
N VAL L 102 41.48 113.10 96.75
CA VAL L 102 42.47 113.71 95.86
C VAL L 102 41.96 115.07 95.41
N ALA L 103 42.75 116.10 95.67
CA ALA L 103 42.51 117.44 95.15
C ALA L 103 43.78 117.90 94.42
N GLU L 104 43.61 118.33 93.17
CA GLU L 104 44.73 118.61 92.28
C GLU L 104 44.99 120.11 92.23
N ILE L 105 46.16 120.51 92.70
CA ILE L 105 46.65 121.88 92.58
C ILE L 105 48.04 121.83 91.95
N GLY L 106 48.21 122.54 90.84
CA GLY L 106 49.48 122.51 90.15
C GLY L 106 49.61 121.31 89.22
N ASP L 107 50.85 121.03 88.84
CA ASP L 107 51.17 119.94 87.92
C ASP L 107 51.78 118.78 88.70
N TYR L 108 51.39 117.56 88.34
CA TYR L 108 51.85 116.35 89.00
C TYR L 108 52.38 115.36 87.97
N ASP L 109 53.33 114.54 88.39
CA ASP L 109 53.89 113.49 87.57
C ASP L 109 53.67 112.15 88.25
N LEU L 110 53.32 111.13 87.47
CA LEU L 110 53.10 109.79 88.02
C LEU L 110 54.46 109.16 88.33
N GLU L 111 55.16 109.80 89.25
CA GLU L 111 56.48 109.38 89.70
C GLU L 111 56.43 108.17 90.62
N GLY L 112 55.40 108.08 91.46
CA GLY L 112 55.26 106.92 92.32
C GLY L 112 55.03 105.64 91.54
N LEU L 113 54.28 105.73 90.44
CA LEU L 113 54.11 104.59 89.56
C LEU L 113 55.47 104.04 89.13
N PHE L 114 56.34 104.91 88.60
CA PHE L 114 57.66 104.48 88.17
C PHE L 114 58.48 103.93 89.32
N LEU L 115 58.47 104.60 90.47
CA LEU L 115 59.27 104.15 91.60
C LEU L 115 58.84 102.76 92.07
N ARG L 116 57.53 102.55 92.24
CA ARG L 116 57.05 101.25 92.69
C ARG L 116 57.33 100.17 91.67
N LEU L 117 57.11 100.47 90.39
CA LEU L 117 57.33 99.47 89.35
C LEU L 117 58.81 99.10 89.27
N GLU L 118 59.71 100.09 89.39
CA GLU L 118 61.13 99.81 89.42
C GLU L 118 61.51 98.97 90.64
N LEU L 119 60.93 99.29 91.80
CA LEU L 119 61.22 98.52 93.00
C LEU L 119 60.82 97.06 92.81
N ALA L 120 59.63 96.82 92.25
CA ALA L 120 59.20 95.45 92.00
C ALA L 120 60.12 94.76 91.00
N ILE L 121 60.51 95.47 89.94
CA ILE L 121 61.36 94.86 88.91
C ILE L 121 62.70 94.45 89.51
N ASP L 122 63.31 95.32 90.32
CA ASP L 122 64.59 94.98 90.93
C ASP L 122 64.43 93.90 91.98
N THR L 123 63.29 93.87 92.69
CA THR L 123 63.06 92.83 93.69
C THR L 123 62.97 91.44 93.04
N VAL L 124 62.28 91.35 91.91
CA VAL L 124 62.00 90.06 91.29
C VAL L 124 62.95 89.72 90.16
N GLY L 125 63.86 90.62 89.79
CA GLY L 125 64.71 90.40 88.64
C GLY L 125 63.87 90.23 87.38
N ALA L 126 62.77 90.97 87.31
CA ALA L 126 61.76 90.73 86.29
C ALA L 126 62.27 91.07 84.89
N LYS L 127 61.80 90.31 83.91
CA LYS L 127 62.00 90.60 82.51
C LYS L 127 60.69 90.78 81.75
N ARG L 128 59.57 90.29 82.31
CA ARG L 128 58.28 90.43 81.65
C ARG L 128 57.36 91.26 82.55
N VAL L 129 56.54 92.10 81.94
CA VAL L 129 55.65 93.01 82.64
C VAL L 129 54.29 92.97 81.97
N VAL L 130 53.24 93.01 82.79
CA VAL L 130 51.86 93.06 82.32
C VAL L 130 51.19 94.27 82.95
N LEU L 131 50.49 95.05 82.13
CA LEU L 131 49.78 96.25 82.58
C LEU L 131 48.28 96.01 82.36
N ASP L 132 47.55 95.84 83.45
CA ASP L 132 46.13 95.47 83.39
C ASP L 132 45.26 96.65 83.80
N THR L 133 44.27 96.96 82.94
CA THR L 133 43.26 97.98 83.21
C THR L 133 43.91 99.36 83.43
N ILE L 134 44.54 99.86 82.35
CA ILE L 134 45.21 101.15 82.41
C ILE L 134 44.19 102.27 82.14
N GLU L 135 42.94 101.90 81.89
CA GLU L 135 41.90 102.91 81.69
C GLU L 135 41.46 103.54 83.02
N SER L 136 41.56 102.78 84.11
CA SER L 136 41.25 103.35 85.42
C SER L 136 42.22 104.47 85.78
N LEU L 137 43.46 104.38 85.30
CA LEU L 137 44.42 105.46 85.53
C LEU L 137 43.92 106.77 84.92
N PHE L 138 43.41 106.73 83.69
CA PHE L 138 42.79 107.90 83.08
C PHE L 138 41.54 108.33 83.83
N SER L 139 40.69 107.37 84.19
CA SER L 139 39.44 107.71 84.86
C SER L 139 39.66 108.39 86.20
N ALA L 140 40.75 108.07 86.90
CA ALA L 140 40.97 108.63 88.23
C ALA L 140 41.35 110.10 88.15
N PHE L 141 42.47 110.42 87.51
CA PHE L 141 42.95 111.78 87.43
C PHE L 141 42.14 112.59 86.41
N SER L 142 42.11 113.91 86.62
CA SER L 142 41.32 114.80 85.80
C SER L 142 42.07 115.32 84.58
N ASN L 143 43.32 115.70 84.74
CA ASN L 143 44.08 116.28 83.63
C ASN L 143 44.44 115.19 82.63
N PRO L 144 43.95 115.26 81.38
CA PRO L 144 44.24 114.19 80.42
C PRO L 144 45.65 114.26 79.84
N ALA L 145 46.12 115.47 79.59
CA ALA L 145 47.44 115.65 78.97
C ALA L 145 48.55 115.10 79.85
N ILE L 146 48.45 115.34 81.17
CA ILE L 146 49.47 114.84 82.09
C ILE L 146 49.53 113.32 82.05
N LEU L 147 48.36 112.66 82.08
CA LEU L 147 48.33 111.20 82.02
C LEU L 147 48.89 110.69 80.69
N ARG L 148 48.52 111.35 79.59
CA ARG L 148 49.04 110.97 78.29
C ARG L 148 50.55 111.01 78.27
N ALA L 149 51.12 112.15 78.68
CA ALA L 149 52.57 112.29 78.72
C ALA L 149 53.19 111.27 79.66
N GLU L 150 52.57 111.04 80.82
CA GLU L 150 53.17 110.15 81.80
C GLU L 150 53.26 108.73 81.29
N ILE L 151 52.21 108.21 80.65
CA ILE L 151 52.34 106.83 80.21
C ILE L 151 53.10 106.73 78.90
N ARG L 152 53.15 107.79 78.09
CA ARG L 152 54.10 107.75 76.97
C ARG L 152 55.52 107.62 77.49
N ARG L 153 55.85 108.38 78.53
CA ARG L 153 57.13 108.22 79.23
C ARG L 153 57.27 106.83 79.83
N LEU L 154 56.18 106.27 80.35
CA LEU L 154 56.24 104.92 80.91
C LEU L 154 56.58 103.87 79.86
N PHE L 155 55.91 103.92 78.71
CA PHE L 155 56.21 102.98 77.63
C PHE L 155 57.63 103.19 77.11
N ASP L 156 58.05 104.45 76.95
CA ASP L 156 59.42 104.72 76.53
C ASP L 156 60.41 104.16 77.55
N TRP L 157 60.11 104.28 78.84
CA TRP L 157 60.99 103.79 79.90
C TRP L 157 61.05 102.27 79.93
N LEU L 158 59.90 101.61 79.70
CA LEU L 158 59.90 100.16 79.63
C LEU L 158 60.74 99.67 78.46
N LYS L 159 60.56 100.28 77.28
CA LYS L 159 61.42 99.94 76.15
C LYS L 159 62.87 100.26 76.47
N GLU L 160 63.10 101.37 77.20
CA GLU L 160 64.43 101.88 77.45
C GLU L 160 65.25 100.96 78.33
N ARG L 161 64.62 100.37 79.35
CA ARG L 161 65.34 99.35 80.10
C ARG L 161 65.12 97.94 79.55
N GLY L 162 64.31 97.78 78.51
CA GLY L 162 64.26 96.52 77.79
C GLY L 162 63.51 95.39 78.47
N LEU L 163 62.27 95.64 78.90
CA LEU L 163 61.40 94.59 79.39
C LEU L 163 60.33 94.26 78.36
N THR L 164 59.84 93.03 78.39
CA THR L 164 58.80 92.59 77.47
C THR L 164 57.45 92.84 78.14
N THR L 165 56.68 93.77 77.58
CA THR L 165 55.47 94.26 78.24
C THR L 165 54.24 93.94 77.41
N VAL L 166 53.18 93.52 78.10
CA VAL L 166 51.88 93.22 77.50
C VAL L 166 50.84 94.09 78.18
N ILE L 167 50.06 94.82 77.38
CA ILE L 167 49.08 95.79 77.87
C ILE L 167 47.69 95.30 77.56
N THR L 168 46.81 95.33 78.55
CA THR L 168 45.41 94.95 78.38
C THR L 168 44.56 96.20 78.19
N ALA L 169 43.81 96.25 77.10
CA ALA L 169 42.98 97.41 76.77
C ALA L 169 41.61 96.95 76.30
N GLU L 170 40.58 97.73 76.66
CA GLU L 170 39.23 97.45 76.22
C GLU L 170 39.05 97.91 74.77
N ARG L 171 38.02 97.34 74.11
CA ARG L 171 37.82 97.61 72.69
C ARG L 171 37.14 98.97 72.47
N GLY L 172 35.93 99.13 72.98
CA GLY L 172 35.19 100.37 72.78
C GLY L 172 34.10 100.24 71.73
N ASP L 173 33.92 101.28 70.92
CA ASP L 173 32.86 101.28 69.92
C ASP L 173 33.35 101.58 68.51
N GLY L 174 34.32 102.49 68.37
CA GLY L 174 34.76 102.91 67.06
C GLY L 174 35.97 102.16 66.54
N ALA L 175 37.01 102.06 67.37
CA ALA L 175 38.23 101.38 66.98
C ALA L 175 38.51 100.21 67.90
N LEU L 176 39.67 99.58 67.75
CA LEU L 176 40.05 98.45 68.58
C LEU L 176 40.38 98.87 70.02
N THR L 177 40.36 100.16 70.31
CA THR L 177 40.62 100.64 71.66
C THR L 177 39.78 101.90 71.89
N ARG L 178 39.34 102.07 73.13
CA ARG L 178 38.50 103.21 73.49
C ARG L 178 39.30 104.39 74.06
N GLN L 179 40.55 104.16 74.46
CA GLN L 179 41.38 105.22 75.01
C GLN L 179 42.55 105.58 74.09
N GLY L 180 42.55 105.08 72.87
CA GLY L 180 43.61 105.43 71.92
C GLY L 180 44.98 104.93 72.28
N LEU L 181 45.06 103.71 72.81
CA LEU L 181 46.37 103.11 73.07
C LEU L 181 46.98 102.50 71.82
N GLU L 182 46.20 102.35 70.75
CA GLU L 182 46.76 101.99 69.45
C GLU L 182 47.71 103.06 68.95
N GLU L 183 47.37 104.34 69.18
CA GLU L 183 48.28 105.42 68.83
C GLU L 183 49.67 105.15 69.37
N TYR L 184 49.75 104.42 70.49
CA TYR L 184 50.99 104.31 71.23
C TYR L 184 51.69 103.00 70.94
N VAL L 185 50.96 101.89 71.03
CA VAL L 185 51.51 100.55 70.88
C VAL L 185 51.16 100.05 69.48
N SER L 186 52.18 99.89 68.64
CA SER L 186 51.99 99.35 67.31
C SER L 186 52.91 98.17 67.00
N ASP L 187 53.74 97.75 67.96
CA ASP L 187 54.64 96.62 67.72
C ASP L 187 53.86 95.33 67.51
N CYS L 188 52.76 95.15 68.24
CA CYS L 188 51.94 93.94 68.11
C CYS L 188 50.57 94.23 68.68
N VAL L 189 49.52 93.91 67.91
CA VAL L 189 48.14 94.12 68.32
C VAL L 189 47.38 92.81 68.12
N ILE L 190 46.78 92.31 69.20
CA ILE L 190 46.06 91.05 69.19
C ILE L 190 44.64 91.31 69.65
N LEU L 191 43.66 91.02 68.78
CA LEU L 191 42.26 91.25 69.06
C LEU L 191 41.60 89.91 69.40
N LEU L 192 40.93 89.88 70.55
CA LEU L 192 40.17 88.71 70.98
C LEU L 192 38.69 89.01 70.87
N ASP L 193 37.94 88.08 70.28
CA ASP L 193 36.52 88.29 70.03
C ASP L 193 35.74 87.10 70.54
N HIS L 194 34.50 87.35 70.95
CA HIS L 194 33.61 86.31 71.46
C HIS L 194 32.25 86.52 70.82
N ARG L 195 31.98 85.78 69.75
CA ARG L 195 30.81 86.04 68.92
C ARG L 195 29.84 84.87 68.97
N VAL L 196 28.55 85.18 68.99
CA VAL L 196 27.48 84.20 69.06
C VAL L 196 26.77 84.14 67.72
N GLU L 197 26.67 82.94 67.16
CA GLU L 197 25.95 82.71 65.91
C GLU L 197 25.05 81.49 66.08
N ASN L 198 23.76 81.67 65.78
CA ASN L 198 22.79 80.59 65.93
C ASN L 198 22.79 80.03 67.35
N GLN L 199 22.92 80.94 68.32
CA GLN L 199 22.92 80.64 69.75
C GLN L 199 24.22 80.00 70.21
N ILE L 200 25.16 79.73 69.32
CA ILE L 200 26.44 79.11 69.67
C ILE L 200 27.50 80.20 69.71
N SER L 201 28.20 80.29 70.83
CA SER L 201 29.23 81.31 71.02
C SER L 201 30.61 80.70 70.87
N THR L 202 31.48 81.38 70.13
CA THR L 202 32.83 80.92 69.87
C THR L 202 33.81 82.07 70.10
N ARG L 203 35.02 81.70 70.50
CA ARG L 203 36.09 82.63 70.82
C ARG L 203 37.15 82.59 69.73
N ARG L 204 37.49 83.76 69.20
CA ARG L 204 38.42 83.87 68.08
C ARG L 204 39.55 84.83 68.44
N LEU L 205 40.72 84.59 67.86
CA LEU L 205 41.89 85.43 68.05
C LEU L 205 42.40 85.89 66.69
N ARG L 206 42.85 87.14 66.62
CA ARG L 206 43.36 87.68 65.37
C ARG L 206 44.56 88.57 65.65
N ILE L 207 45.61 88.46 64.85
CA ILE L 207 46.78 89.32 64.96
C ILE L 207 46.58 90.46 63.99
N VAL L 208 46.07 91.59 64.49
CA VAL L 208 45.69 92.69 63.60
C VAL L 208 46.94 93.29 62.94
N LYS L 209 47.98 93.53 63.73
CA LYS L 209 49.18 94.15 63.20
C LYS L 209 50.37 93.69 64.04
N TYR L 210 51.31 92.99 63.40
CA TYR L 210 52.53 92.54 64.05
C TYR L 210 53.70 93.05 63.22
N ARG L 211 54.38 94.08 63.72
CA ARG L 211 55.40 94.78 62.95
C ARG L 211 56.75 94.05 63.08
N GLY L 212 57.37 93.77 61.94
CA GLY L 212 58.73 93.25 61.92
C GLY L 212 58.91 91.90 61.27
N THR L 213 57.84 91.18 60.94
CA THR L 213 57.99 89.87 60.32
C THR L 213 56.62 89.31 59.97
N ALA L 214 56.63 88.21 59.23
CA ALA L 214 55.40 87.56 58.81
C ALA L 214 54.70 86.88 59.99
N HIS L 215 53.43 86.54 59.78
CA HIS L 215 52.61 85.93 60.82
C HIS L 215 51.29 85.52 60.17
N GLY L 216 50.47 84.82 60.96
CA GLY L 216 49.14 84.45 60.50
C GLY L 216 48.20 85.64 60.53
N THR L 217 47.34 85.72 59.52
CA THR L 217 46.42 86.83 59.37
C THR L 217 44.95 86.46 59.47
N ASN L 218 44.62 85.16 59.50
CA ASN L 218 43.24 84.74 59.58
C ASN L 218 42.74 84.80 61.03
N GLU L 219 41.44 84.59 61.21
CA GLU L 219 40.85 84.51 62.54
C GLU L 219 40.89 83.06 63.01
N TYR L 220 41.58 82.82 64.13
CA TYR L 220 41.80 81.47 64.61
C TYR L 220 40.92 81.21 65.82
N PRO L 221 39.99 80.26 65.75
CA PRO L 221 39.19 79.93 66.94
C PRO L 221 40.04 79.25 68.00
N PHE L 222 39.98 79.78 69.21
CA PHE L 222 40.76 79.25 70.33
C PHE L 222 39.81 78.80 71.45
N LEU L 223 40.38 78.10 72.43
CA LEU L 223 39.61 77.55 73.53
C LEU L 223 40.35 77.76 74.84
N ILE L 224 39.58 77.98 75.90
CA ILE L 224 40.09 78.09 77.26
C ILE L 224 39.64 76.84 78.01
N ASP L 225 40.61 76.04 78.45
CA ASP L 225 40.33 74.76 79.08
C ASP L 225 41.12 74.69 80.40
N THR L 226 41.12 73.49 81.00
CA THR L 226 41.85 73.30 82.26
C THR L 226 43.32 73.69 82.10
N ASP L 227 43.93 73.32 80.97
CA ASP L 227 45.30 73.73 80.71
C ASP L 227 45.42 75.24 80.59
N GLY L 228 44.46 75.88 79.92
CA GLY L 228 44.48 77.30 79.69
C GLY L 228 44.18 77.58 78.23
N PHE L 229 44.87 78.59 77.69
CA PHE L 229 44.75 78.87 76.27
C PHE L 229 45.25 77.69 75.44
N SER L 230 44.47 77.33 74.44
CA SER L 230 44.85 76.30 73.49
C SER L 230 44.45 76.75 72.09
N VAL L 231 45.40 76.68 71.15
CA VAL L 231 45.14 77.14 69.79
C VAL L 231 45.68 76.10 68.82
N LEU L 232 44.78 75.44 68.09
CA LEU L 232 45.15 74.46 67.08
C LEU L 232 44.80 75.00 65.71
N PRO L 233 45.60 75.92 65.17
CA PRO L 233 45.26 76.52 63.88
C PRO L 233 45.20 75.48 62.77
N VAL L 234 44.24 75.66 61.85
CA VAL L 234 44.12 74.76 60.70
C VAL L 234 45.19 75.01 59.66
N SER L 235 45.97 76.07 59.79
CA SER L 235 47.03 76.38 58.84
C SER L 235 48.36 75.70 59.18
N ALA L 236 48.44 75.02 60.32
CA ALA L 236 49.65 74.32 60.72
C ALA L 236 49.73 72.90 60.18
N LEU L 237 48.63 72.37 59.64
CA LEU L 237 48.65 71.01 59.10
C LEU L 237 49.54 70.94 57.87
N GLY L 238 50.33 69.86 57.79
CA GLY L 238 51.20 69.65 56.66
C GLY L 238 51.06 68.24 56.13
N LEU L 239 51.39 68.09 54.85
CA LEU L 239 51.30 66.79 54.18
C LEU L 239 52.66 66.09 54.22
N LEU L 240 53.05 65.72 55.44
CA LEU L 240 54.26 64.93 55.68
C LEU L 240 53.86 63.74 56.55
N HIS L 241 53.39 62.67 55.90
CA HIS L 241 52.86 61.50 56.58
C HIS L 241 53.71 60.29 56.19
N GLN L 242 54.41 59.73 57.17
CA GLN L 242 55.18 58.52 56.92
C GLN L 242 54.25 57.34 56.66
N VAL L 243 54.47 56.66 55.54
CA VAL L 243 53.61 55.55 55.17
C VAL L 243 54.21 54.23 55.64
N HIS L 244 53.34 53.23 55.82
CA HIS L 244 53.76 51.91 56.26
C HIS L 244 53.32 50.87 55.25
N GLU L 245 54.11 49.81 55.13
CA GLU L 245 53.84 48.74 54.18
C GLU L 245 53.08 47.58 54.80
N GLU L 246 52.75 47.65 56.09
CA GLU L 246 51.98 46.60 56.73
C GLU L 246 50.50 46.73 56.39
N ARG L 247 49.75 45.68 56.70
CA ARG L 247 48.32 45.63 56.43
C ARG L 247 47.56 45.42 57.75
N ILE L 248 46.33 45.91 57.78
CA ILE L 248 45.46 45.78 58.93
C ILE L 248 44.33 44.82 58.58
N ALA L 249 43.84 44.12 59.61
CA ALA L 249 42.77 43.14 59.46
C ALA L 249 41.44 43.76 59.87
N SER L 250 40.48 43.76 58.95
CA SER L 250 39.18 44.36 59.25
C SER L 250 38.38 43.51 60.23
N GLY L 251 38.65 42.21 60.27
CA GLY L 251 37.89 41.28 61.06
C GLY L 251 36.88 40.48 60.26
N VAL L 252 36.60 40.87 59.02
CA VAL L 252 35.74 40.11 58.13
C VAL L 252 36.63 39.38 57.13
N PRO L 253 36.74 38.05 57.21
CA PRO L 253 37.66 37.35 56.30
C PRO L 253 37.34 37.56 54.83
N ASP L 254 36.06 37.58 54.46
CA ASP L 254 35.71 37.75 53.05
C ASP L 254 36.12 39.14 52.55
N LEU L 255 35.80 40.17 53.32
CA LEU L 255 36.19 41.53 52.93
C LEU L 255 37.70 41.67 52.88
N ASP L 256 38.41 41.06 53.84
CA ASP L 256 39.87 41.12 53.84
C ASP L 256 40.46 40.45 52.62
N ALA L 257 39.93 39.29 52.22
CA ALA L 257 40.46 38.60 51.05
C ALA L 257 40.07 39.32 49.75
N MET L 258 38.95 40.03 49.77
CA MET L 258 38.50 40.72 48.55
C MET L 258 39.57 41.67 48.03
N MET L 259 40.41 42.20 48.92
CA MET L 259 41.44 43.15 48.53
C MET L 259 42.81 42.49 48.61
N ALA L 260 43.67 42.79 47.63
CA ALA L 260 45.01 42.24 47.61
C ALA L 260 45.80 42.70 48.84
N GLY L 261 46.66 41.81 49.34
CA GLY L 261 47.48 42.10 50.49
C GLY L 261 46.90 41.73 51.83
N GLY L 262 45.62 41.35 51.88
CA GLY L 262 44.99 40.96 53.13
C GLY L 262 44.22 42.05 53.84
N GLY L 263 44.35 43.31 53.44
CA GLY L 263 43.61 44.36 54.10
C GLY L 263 44.15 45.72 53.71
N PHE L 264 43.46 46.74 54.19
CA PHE L 264 43.85 48.12 53.92
C PHE L 264 45.20 48.41 54.56
N PHE L 265 45.95 49.32 53.95
CA PHE L 265 47.25 49.70 54.49
C PHE L 265 47.10 50.37 55.85
N ARG L 266 48.03 50.03 56.75
CA ARG L 266 47.98 50.52 58.12
C ARG L 266 48.20 52.03 58.18
N GLY L 267 47.54 52.67 59.13
CA GLY L 267 47.65 54.10 59.28
C GLY L 267 46.87 54.93 58.29
N SER L 268 46.02 54.31 57.48
CA SER L 268 45.25 55.00 56.45
C SER L 268 43.89 55.42 57.00
N SER L 269 43.23 56.32 56.27
CA SER L 269 41.91 56.80 56.61
C SER L 269 40.87 55.98 55.85
N ILE L 270 39.98 55.34 56.57
CA ILE L 270 38.96 54.46 55.99
C ILE L 270 37.59 55.05 56.28
N LEU L 271 36.81 55.25 55.23
CA LEU L 271 35.44 55.74 55.34
C LEU L 271 34.47 54.60 55.09
N VAL L 272 33.41 54.56 55.89
CA VAL L 272 32.34 53.57 55.75
C VAL L 272 31.05 54.35 55.56
N SER L 273 30.52 54.34 54.33
CA SER L 273 29.35 55.11 53.99
C SER L 273 28.16 54.18 53.78
N GLY L 274 26.97 54.71 53.99
CA GLY L 274 25.75 53.94 53.80
C GLY L 274 24.57 54.63 54.45
N VAL L 275 23.39 54.16 54.06
CA VAL L 275 22.13 54.68 54.59
C VAL L 275 21.93 54.12 56.00
N ALA L 276 20.97 54.69 56.73
CA ALA L 276 20.68 54.21 58.07
C ALA L 276 20.31 52.74 58.05
N GLY L 277 20.88 51.97 58.98
CA GLY L 277 20.65 50.55 59.04
C GLY L 277 21.49 49.72 58.11
N ALA L 278 22.47 50.33 57.42
CA ALA L 278 23.31 49.57 56.49
C ALA L 278 24.26 48.64 57.23
N GLY L 279 24.84 49.10 58.34
CA GLY L 279 25.77 48.29 59.10
C GLY L 279 27.13 48.93 59.28
N LYS L 280 27.18 50.27 59.15
CA LYS L 280 28.43 50.99 59.34
C LYS L 280 28.97 50.79 60.74
N SER L 281 28.11 50.92 61.75
CA SER L 281 28.53 50.68 63.12
C SER L 281 28.97 49.25 63.33
N SER L 282 28.30 48.29 62.70
CA SER L 282 28.71 46.89 62.82
C SER L 282 30.10 46.69 62.24
N LEU L 283 30.38 47.28 61.08
CA LEU L 283 31.71 47.13 60.49
C LEU L 283 32.78 47.80 61.35
N ALA L 284 32.46 48.99 61.90
CA ALA L 284 33.42 49.66 62.78
C ALA L 284 33.69 48.83 64.03
N ALA L 285 32.65 48.24 64.61
CA ALA L 285 32.83 47.37 65.76
C ALA L 285 33.65 46.15 65.40
N HIS L 286 33.45 45.59 64.20
CA HIS L 286 34.28 44.48 63.75
C HIS L 286 35.74 44.89 63.68
N PHE L 287 36.01 46.06 63.12
CA PHE L 287 37.39 46.57 63.06
C PHE L 287 37.98 46.69 64.46
N ALA L 288 37.24 47.31 65.38
CA ALA L 288 37.75 47.53 66.73
C ALA L 288 38.01 46.21 67.43
N ALA L 289 37.08 45.26 67.33
CA ALA L 289 37.23 43.97 67.99
C ALA L 289 38.41 43.19 67.40
N ALA L 290 38.57 43.23 66.09
CA ALA L 290 39.71 42.56 65.47
C ALA L 290 41.03 43.18 65.93
N ALA L 291 41.08 44.51 66.03
CA ALA L 291 42.29 45.16 66.54
C ALA L 291 42.56 44.74 67.99
N CYS L 292 41.52 44.69 68.82
CA CYS L 292 41.70 44.32 70.21
C CYS L 292 42.16 42.88 70.36
N ALA L 293 41.62 41.97 69.54
CA ALA L 293 41.95 40.55 69.67
C ALA L 293 43.42 40.29 69.46
N ARG L 294 44.12 41.18 68.74
CA ARG L 294 45.55 41.03 68.50
C ARG L 294 46.41 41.64 69.60
N GLY L 295 45.80 42.05 70.72
CA GLY L 295 46.54 42.64 71.81
C GLY L 295 46.81 44.12 71.68
N GLU L 296 46.21 44.78 70.70
CA GLU L 296 46.40 46.21 70.49
C GLU L 296 45.26 47.00 71.12
N ARG L 297 45.50 48.29 71.35
CA ARG L 297 44.51 49.18 71.96
C ARG L 297 43.60 49.75 70.88
N ALA L 298 42.38 50.09 71.29
CA ALA L 298 41.42 50.64 70.34
C ALA L 298 40.47 51.59 71.04
N MET L 299 40.08 52.66 70.35
CA MET L 299 39.09 53.60 70.85
C MET L 299 37.92 53.71 69.88
N TYR L 300 36.71 53.80 70.41
CA TYR L 300 35.51 53.87 69.58
C TYR L 300 34.73 55.11 70.05
N PHE L 301 34.99 56.25 69.41
CA PHE L 301 34.22 57.45 69.68
C PHE L 301 32.84 57.30 69.06
N SER L 302 31.80 57.38 69.90
CA SER L 302 30.42 57.25 69.46
C SER L 302 29.65 58.52 69.83
N PHE L 303 29.04 59.14 68.82
CA PHE L 303 28.22 60.34 69.00
C PHE L 303 26.74 60.04 68.84
N GLU L 304 26.37 58.76 68.92
CA GLU L 304 25.00 58.32 68.65
C GLU L 304 24.42 57.40 69.69
N GLU L 305 25.24 56.69 70.46
CA GLU L 305 24.72 55.64 71.34
C GLU L 305 25.50 55.62 72.64
N ALA L 306 24.87 55.08 73.68
CA ALA L 306 25.57 54.86 74.94
C ALA L 306 26.38 53.57 74.89
N ALA L 307 27.31 53.45 75.83
CA ALA L 307 28.18 52.27 75.86
C ALA L 307 27.38 50.99 76.02
N ASP L 308 26.45 50.97 76.98
CA ASP L 308 25.68 49.75 77.25
C ASP L 308 24.79 49.38 76.07
N GLN L 309 24.12 50.37 75.48
CA GLN L 309 23.28 50.11 74.31
C GLN L 309 24.10 49.57 73.16
N ALA L 310 25.27 50.17 72.89
CA ALA L 310 26.15 49.64 71.86
C ALA L 310 26.58 48.22 72.18
N VAL L 311 26.87 47.94 73.46
CA VAL L 311 27.27 46.61 73.86
C VAL L 311 26.19 45.60 73.52
N ARG L 312 24.95 45.89 73.88
CA ARG L 312 23.92 44.85 73.71
C ARG L 312 23.39 44.85 72.28
N ASN L 313 23.72 45.89 71.50
CA ASN L 313 23.48 45.87 70.06
C ASN L 313 24.49 44.96 69.35
N MET L 314 25.77 45.05 69.74
CA MET L 314 26.81 44.22 69.15
C MET L 314 26.79 42.77 69.66
N ARG L 315 26.30 42.56 70.88
CA ARG L 315 26.23 41.20 71.41
C ARG L 315 25.32 40.33 70.57
N SER L 316 24.33 40.94 69.91
CA SER L 316 23.50 40.21 68.96
C SER L 316 24.30 39.74 67.75
N LEU L 317 25.28 40.54 67.30
CA LEU L 317 26.15 40.15 66.20
C LEU L 317 27.27 39.24 66.67
N GLY L 318 27.45 39.11 67.98
CA GLY L 318 28.44 38.19 68.52
C GLY L 318 29.72 38.88 68.95
N LEU L 319 29.92 40.11 68.49
CA LEU L 319 31.07 40.88 68.94
C LEU L 319 30.93 41.19 70.42
N ASP L 320 31.80 40.58 71.22
CA ASP L 320 31.76 40.72 72.68
C ASP L 320 32.70 41.87 73.05
N LEU L 321 32.23 43.09 72.82
CA LEU L 321 33.01 44.27 73.15
C LEU L 321 33.19 44.43 74.66
N GLY L 322 32.30 43.84 75.45
CA GLY L 322 32.45 43.90 76.89
C GLY L 322 33.74 43.26 77.35
N ARG L 323 34.13 42.15 76.71
CA ARG L 323 35.36 41.47 77.08
C ARG L 323 36.57 42.39 76.95
N TRP L 324 36.71 43.05 75.80
CA TRP L 324 37.86 43.91 75.58
C TRP L 324 37.78 45.20 76.40
N ARG L 325 36.59 45.79 76.54
CA ARG L 325 36.46 46.95 77.42
C ARG L 325 36.80 46.62 78.86
N ASP L 326 36.45 45.42 79.33
CA ASP L 326 36.68 44.97 80.69
C ASP L 326 38.14 44.58 80.92
N ALA L 327 38.79 44.00 79.91
CA ALA L 327 40.22 43.72 79.99
C ALA L 327 41.06 44.98 79.79
N GLY L 328 40.48 46.07 79.30
CA GLY L 328 41.18 47.33 79.23
C GLY L 328 41.92 47.59 77.93
N LEU L 329 41.44 47.01 76.82
CA LEU L 329 42.02 47.25 75.51
C LEU L 329 41.11 48.03 74.58
N LEU L 330 39.88 48.32 74.99
CA LEU L 330 38.92 49.05 74.19
C LEU L 330 38.32 50.17 75.02
N ARG L 331 38.20 51.35 74.43
CA ARG L 331 37.67 52.53 75.10
C ARG L 331 36.43 53.04 74.38
N PHE L 332 35.42 53.43 75.14
CA PHE L 332 34.20 54.02 74.59
C PHE L 332 34.02 55.41 75.21
N MET L 333 33.61 56.38 74.39
CA MET L 333 33.40 57.74 74.86
C MET L 333 31.91 58.04 75.03
N ALA L 334 31.13 57.82 73.97
CA ALA L 334 29.68 58.01 73.99
C ALA L 334 29.33 59.45 74.38
N THR L 335 29.73 60.37 73.51
CA THR L 335 29.53 61.79 73.74
C THR L 335 28.65 62.38 72.64
N ARG L 336 27.66 63.17 73.06
CA ARG L 336 26.75 63.78 72.10
C ARG L 336 27.43 64.93 71.37
N PRO L 337 27.03 65.20 70.12
CA PRO L 337 27.65 66.32 69.39
C PRO L 337 27.44 67.67 70.05
N THR L 338 26.32 67.88 70.71
CA THR L 338 26.00 69.18 71.32
C THR L 338 26.58 69.35 72.72
N PHE L 339 27.20 68.32 73.28
CA PHE L 339 27.73 68.43 74.63
C PHE L 339 28.80 69.51 74.73
N TYR L 340 29.71 69.55 73.75
CA TYR L 340 30.79 70.52 73.72
C TYR L 340 30.64 71.41 72.49
N SER L 341 31.55 72.37 72.35
CA SER L 341 31.71 73.11 71.11
C SER L 341 32.66 72.31 70.21
N LEU L 342 32.79 72.75 68.96
CA LEU L 342 33.67 72.04 68.02
C LEU L 342 35.10 72.02 68.53
N GLU L 343 35.58 73.15 69.06
CA GLU L 343 36.95 73.22 69.55
C GLU L 343 37.19 72.24 70.68
N MET L 344 36.25 72.15 71.63
CA MET L 344 36.45 71.22 72.74
C MET L 344 36.25 69.77 72.31
N HIS L 345 35.37 69.52 71.34
CA HIS L 345 35.33 68.17 70.77
C HIS L 345 36.70 67.77 70.24
N LEU L 346 37.30 68.64 69.42
CA LEU L 346 38.63 68.37 68.90
C LEU L 346 39.65 68.19 70.01
N ALA L 347 39.63 69.08 71.01
CA ALA L 347 40.62 69.04 72.08
C ALA L 347 40.48 67.77 72.91
N VAL L 348 39.26 67.38 73.25
CA VAL L 348 39.05 66.17 74.05
C VAL L 348 39.48 64.95 73.26
N ILE L 349 39.11 64.89 71.98
CA ILE L 349 39.50 63.74 71.16
C ILE L 349 41.02 63.64 71.12
N LEU L 350 41.70 64.75 70.83
CA LEU L 350 43.15 64.73 70.74
C LEU L 350 43.79 64.34 72.07
N ARG L 351 43.31 64.93 73.17
CA ARG L 351 43.90 64.66 74.47
C ARG L 351 43.76 63.19 74.85
N GLU L 352 42.55 62.64 74.70
CA GLU L 352 42.35 61.25 75.10
C GLU L 352 43.08 60.30 74.16
N VAL L 353 43.14 60.61 72.86
CA VAL L 353 43.90 59.77 71.93
C VAL L 353 45.37 59.76 72.32
N MET L 354 45.93 60.93 72.63
CA MET L 354 47.33 61.00 73.04
C MET L 354 47.55 60.22 74.34
N ARG L 355 46.64 60.37 75.31
CA ARG L 355 46.83 59.69 76.59
C ARG L 355 46.77 58.18 76.44
N PHE L 356 45.78 57.67 75.68
CA PHE L 356 45.59 56.24 75.57
C PHE L 356 46.57 55.58 74.62
N GLU L 357 47.01 56.28 73.58
CA GLU L 357 47.96 55.75 72.59
C GLU L 357 47.40 54.47 71.99
N PRO L 358 46.25 54.53 71.32
CA PRO L 358 45.68 53.31 70.73
C PRO L 358 46.24 53.03 69.34
N SER L 359 45.77 51.94 68.73
CA SER L 359 46.17 51.58 67.37
C SER L 359 45.06 51.73 66.35
N VAL L 360 43.81 51.87 66.79
CA VAL L 360 42.68 52.03 65.88
C VAL L 360 41.63 52.92 66.54
N VAL L 361 41.29 54.03 65.88
CA VAL L 361 40.29 54.98 66.36
C VAL L 361 39.12 54.96 65.39
N VAL L 362 37.92 54.70 65.91
CA VAL L 362 36.71 54.60 65.11
C VAL L 362 35.78 55.73 65.51
N LEU L 363 35.54 56.67 64.62
CA LEU L 363 34.64 57.79 64.85
C LEU L 363 33.31 57.49 64.17
N ASP L 364 32.24 57.38 64.96
CA ASP L 364 30.93 57.02 64.42
C ASP L 364 29.84 57.88 65.06
N PRO L 365 29.12 58.69 64.29
CA PRO L 365 29.41 58.98 62.89
C PRO L 365 29.97 60.39 62.72
N ILE L 366 30.78 60.62 61.67
CA ILE L 366 31.30 61.96 61.44
C ILE L 366 30.22 62.89 60.90
N SER L 367 29.08 62.36 60.47
CA SER L 367 28.03 63.21 59.93
C SER L 367 27.18 63.83 61.04
N ALA L 368 27.32 63.35 62.27
CA ALA L 368 26.52 63.88 63.37
C ALA L 368 26.79 65.35 63.64
N PHE L 369 27.96 65.85 63.26
CA PHE L 369 28.33 67.25 63.48
C PHE L 369 27.80 68.18 62.40
N THR L 370 26.77 67.76 61.64
CA THR L 370 26.35 68.53 60.48
C THR L 370 25.85 69.91 60.86
N GLU L 371 24.93 70.00 61.82
CA GLU L 371 24.32 71.27 62.19
C GLU L 371 25.01 71.94 63.38
N SER L 372 26.08 71.34 63.91
CA SER L 372 26.78 71.96 65.02
C SER L 372 27.31 73.34 64.64
N GLY L 373 27.72 73.50 63.39
CA GLY L 373 28.18 74.78 62.87
C GLY L 373 28.09 74.86 61.37
N ASP L 374 28.71 75.86 60.77
CA ASP L 374 28.75 75.95 59.32
C ASP L 374 29.60 74.81 58.75
N ARG L 375 29.45 74.59 57.44
CA ARG L 375 30.17 73.50 56.80
C ARG L 375 31.68 73.67 56.95
N LEU L 376 32.17 74.90 56.83
CA LEU L 376 33.60 75.15 56.93
C LEU L 376 34.17 74.78 58.31
N GLU L 377 33.46 75.12 59.39
CA GLU L 377 33.97 74.82 60.73
C GLU L 377 34.03 73.31 60.99
N VAL L 378 32.98 72.59 60.61
CA VAL L 378 32.96 71.14 60.77
C VAL L 378 34.04 70.51 59.92
N GLN L 379 34.21 70.98 58.69
CA GLN L 379 35.27 70.46 57.83
C GLN L 379 36.65 70.72 58.45
N SER L 380 36.84 71.90 59.04
CA SER L 380 38.12 72.19 59.70
C SER L 380 38.37 71.22 60.85
N MET L 381 37.34 70.97 61.66
CA MET L 381 37.50 70.03 62.76
C MET L 381 37.84 68.63 62.26
N LEU L 382 37.12 68.17 61.24
CA LEU L 382 37.35 66.83 60.71
C LEU L 382 38.74 66.72 60.09
N LEU L 383 39.16 67.75 59.36
CA LEU L 383 40.49 67.73 58.75
C LEU L 383 41.57 67.71 59.83
N ARG L 384 41.41 68.50 60.89
CA ARG L 384 42.38 68.48 61.97
C ARG L 384 42.46 67.10 62.61
N ILE L 385 41.31 66.48 62.86
CA ILE L 385 41.30 65.16 63.48
C ILE L 385 41.99 64.14 62.57
N VAL L 386 41.66 64.16 61.28
CA VAL L 386 42.23 63.19 60.35
C VAL L 386 43.73 63.37 60.24
N ASP L 387 44.18 64.63 60.14
CA ASP L 387 45.61 64.89 60.04
C ASP L 387 46.34 64.46 61.31
N PHE L 388 45.74 64.73 62.48
CA PHE L 388 46.36 64.29 63.73
C PHE L 388 46.51 62.78 63.78
N LEU L 389 45.44 62.06 63.41
CA LEU L 389 45.51 60.60 63.41
C LEU L 389 46.55 60.09 62.42
N LYS L 390 46.59 60.65 61.22
CA LYS L 390 47.55 60.20 60.22
C LYS L 390 48.99 60.50 60.65
N ASN L 391 49.22 61.66 61.26
CA ASN L 391 50.56 61.96 61.77
C ASN L 391 50.96 60.99 62.87
N ARG L 392 50.04 60.67 63.77
CA ARG L 392 50.29 59.67 64.80
C ARG L 392 50.38 58.26 64.24
N GLY L 393 50.01 58.06 62.97
CA GLY L 393 50.03 56.73 62.39
C GLY L 393 49.01 55.80 62.98
N ILE L 394 47.82 56.30 63.27
CA ILE L 394 46.73 55.48 63.80
C ILE L 394 45.72 55.24 62.68
N THR L 395 45.12 54.05 62.71
CA THR L 395 44.13 53.66 61.71
C THR L 395 42.78 54.28 62.08
N GLY L 396 42.31 55.20 61.24
CA GLY L 396 41.06 55.89 61.48
C GLY L 396 39.93 55.31 60.65
N ILE L 397 38.88 54.90 61.34
CA ILE L 397 37.68 54.35 60.71
C ILE L 397 36.54 55.31 60.97
N PHE L 398 36.14 56.06 59.95
CA PHE L 398 35.09 57.06 60.07
C PHE L 398 33.82 56.52 59.43
N THR L 399 32.71 56.58 60.16
CA THR L 399 31.42 56.15 59.66
C THR L 399 30.57 57.37 59.31
N HIS L 400 30.05 57.39 58.08
CA HIS L 400 29.24 58.49 57.58
C HIS L 400 27.93 57.98 57.03
N LEU L 401 26.88 58.77 57.20
CA LEU L 401 25.55 58.42 56.73
C LEU L 401 25.36 58.93 55.30
N ALA L 402 24.61 58.18 54.51
CA ALA L 402 24.38 58.50 53.10
C ALA L 402 22.94 58.94 52.89
N HIS L 403 22.74 59.74 51.85
CA HIS L 403 21.42 60.26 51.51
C HIS L 403 21.04 59.89 50.08
N THR L 409 28.96 57.67 46.13
CA THR L 409 28.27 58.93 46.40
C THR L 409 29.13 59.84 47.26
N THR L 410 28.91 61.15 47.13
CA THR L 410 29.60 62.16 47.91
C THR L 410 28.70 62.68 49.02
N ASP L 411 29.28 62.84 50.21
CA ASP L 411 28.48 63.15 51.39
C ASP L 411 28.75 64.54 51.95
N ALA L 412 30.01 64.83 52.32
CA ALA L 412 30.30 66.09 53.00
C ALA L 412 31.61 66.73 52.55
N GLY L 413 32.19 66.30 51.45
CA GLY L 413 33.45 66.86 51.00
C GLY L 413 34.66 66.39 51.76
N LEU L 414 34.50 65.46 52.71
CA LEU L 414 35.63 64.89 53.43
C LEU L 414 36.07 63.55 52.87
N GLU L 415 35.33 62.98 51.91
CA GLU L 415 35.85 61.83 51.19
C GLU L 415 37.09 62.21 50.42
N GLU L 416 37.32 63.51 50.23
CA GLU L 416 38.39 64.01 49.38
C GLU L 416 39.75 63.49 49.83
N LEU L 417 39.89 63.12 51.11
CA LEU L 417 41.17 62.66 51.64
C LEU L 417 41.24 61.16 51.85
N MET L 418 40.10 60.48 52.00
CA MET L 418 40.11 59.09 52.47
C MET L 418 40.95 58.19 51.57
N ASP L 419 41.75 57.33 52.20
CA ASP L 419 42.53 56.32 51.49
C ASP L 419 41.67 55.15 51.02
N GLY L 420 40.74 54.68 51.86
CA GLY L 420 39.87 53.59 51.50
C GLY L 420 38.42 53.95 51.74
N TRP L 421 37.55 53.45 50.87
CA TRP L 421 36.12 53.76 50.93
C TRP L 421 35.34 52.46 50.80
N VAL L 422 34.45 52.21 51.76
CA VAL L 422 33.58 51.04 51.74
C VAL L 422 32.14 51.54 51.80
N LEU L 423 31.36 51.21 50.76
CA LEU L 423 29.97 51.61 50.68
C LEU L 423 29.08 50.41 50.97
N MET L 424 28.15 50.57 51.91
CA MET L 424 27.22 49.53 52.31
C MET L 424 25.84 49.94 51.84
N LEU L 425 25.19 49.07 51.07
CA LEU L 425 23.90 49.34 50.46
C LEU L 425 22.85 48.40 51.02
N ASN L 426 21.65 48.93 51.26
CA ASN L 426 20.50 48.15 51.72
C ASN L 426 19.36 48.48 50.76
N ARG L 427 19.27 47.74 49.66
CA ARG L 427 18.38 48.07 48.57
C ARG L 427 17.08 47.29 48.65
N GLU L 428 16.01 47.92 48.17
CA GLU L 428 14.70 47.29 48.05
C GLU L 428 14.47 46.88 46.61
N VAL L 429 14.43 45.57 46.37
CA VAL L 429 14.23 45.04 45.02
C VAL L 429 13.45 43.74 45.14
N ASN L 430 12.47 43.56 44.25
CA ASN L 430 11.63 42.36 44.24
C ASN L 430 10.83 42.24 45.55
N GLY L 431 10.35 43.37 46.04
CA GLY L 431 9.53 43.36 47.25
C GLY L 431 10.25 42.82 48.46
N GLU L 432 11.52 43.18 48.65
CA GLU L 432 12.31 42.69 49.76
C GLU L 432 13.65 43.41 49.74
N PHE L 433 14.28 43.48 50.91
CA PHE L 433 15.51 44.25 51.09
C PHE L 433 16.71 43.33 51.15
N ASN L 434 17.75 43.69 50.40
CA ASN L 434 19.00 42.93 50.33
C ASN L 434 20.18 43.82 50.67
N ARG L 435 21.16 43.25 51.37
CA ARG L 435 22.35 43.96 51.79
C ARG L 435 23.50 43.66 50.85
N GLU L 436 24.36 44.66 50.62
CA GLU L 436 25.54 44.51 49.79
C GLU L 436 26.60 45.50 50.27
N LEU L 437 27.84 45.28 49.84
CA LEU L 437 28.91 46.21 50.16
C LEU L 437 29.98 46.12 49.08
N TYR L 438 30.65 47.24 48.84
CA TYR L 438 31.74 47.23 47.87
C TYR L 438 32.74 48.33 48.20
N LEU L 439 33.99 48.09 47.79
CA LEU L 439 35.08 49.02 48.01
C LEU L 439 35.08 50.05 46.89
N LEU L 440 34.61 51.26 47.19
CA LEU L 440 34.58 52.30 46.17
C LEU L 440 35.99 52.66 45.69
N LYS L 441 36.97 52.53 46.56
CA LYS L 441 38.36 52.83 46.20
C LYS L 441 39.29 52.34 47.30
N ALA L 442 40.45 51.84 46.89
CA ALA L 442 41.45 51.33 47.82
C ALA L 442 42.83 51.72 47.27
N ARG L 443 43.43 52.74 47.88
CA ARG L 443 44.66 53.31 47.37
C ARG L 443 45.81 52.32 47.48
N GLY L 444 46.67 52.34 46.46
CA GLY L 444 47.91 51.58 46.48
C GLY L 444 47.77 50.07 46.51
N MET L 445 46.74 49.53 45.87
CA MET L 445 46.57 48.09 45.82
C MET L 445 45.41 47.78 44.88
N ALA L 446 45.38 46.54 44.41
CA ALA L 446 44.29 46.06 43.57
C ALA L 446 43.27 45.31 44.40
N HIS L 447 41.99 45.50 44.06
CA HIS L 447 40.91 44.98 44.86
C HIS L 447 39.77 44.54 43.96
N SER L 448 38.90 43.68 44.50
CA SER L 448 37.76 43.20 43.75
C SER L 448 36.82 44.35 43.40
N ASN L 449 36.24 44.27 42.20
CA ASN L 449 35.30 45.26 41.71
C ASN L 449 33.88 44.71 41.64
N GLN L 450 33.54 43.78 42.53
CA GLN L 450 32.24 43.14 42.57
C GLN L 450 31.41 43.69 43.72
N VAL L 451 30.11 43.83 43.48
CA VAL L 451 29.18 44.28 44.52
C VAL L 451 28.78 43.02 45.29
N ARG L 452 29.56 42.69 46.32
CA ARG L 452 29.40 41.44 47.05
C ARG L 452 28.25 41.57 48.04
N GLU L 453 27.17 40.82 47.80
CA GLU L 453 26.09 40.75 48.76
C GLU L 453 26.53 40.00 50.00
N PHE L 454 26.15 40.51 51.18
CA PHE L 454 26.49 39.89 52.44
C PHE L 454 25.22 39.73 53.27
N LEU L 455 25.35 39.01 54.38
CA LEU L 455 24.20 38.75 55.26
C LEU L 455 24.72 38.65 56.68
N MET L 456 24.34 39.62 57.52
CA MET L 456 24.80 39.65 58.91
C MET L 456 24.00 38.68 59.77
N SER L 457 24.70 37.99 60.66
CA SER L 457 24.09 37.00 61.54
C SER L 457 24.89 36.93 62.84
N ASP L 458 24.54 35.95 63.68
CA ASP L 458 25.23 35.79 64.95
C ASP L 458 26.72 35.58 64.77
N ARG L 459 27.12 34.84 63.73
CA ARG L 459 28.53 34.59 63.50
C ARG L 459 29.26 35.87 63.09
N GLY L 460 28.52 36.87 62.65
CA GLY L 460 29.09 38.16 62.30
C GLY L 460 28.67 38.57 60.92
N ILE L 461 29.52 39.38 60.27
CA ILE L 461 29.29 39.74 58.88
C ILE L 461 29.90 38.70 57.97
N SER L 462 29.07 38.14 57.08
CA SER L 462 29.52 37.07 56.20
C SER L 462 29.04 37.37 54.79
N LEU L 463 29.98 37.41 53.84
CA LEU L 463 29.66 37.63 52.45
C LEU L 463 29.24 36.33 51.79
N LEU L 464 28.17 36.39 51.00
CA LEU L 464 27.71 35.23 50.25
C LEU L 464 28.68 34.91 49.13
N PRO L 465 28.66 33.67 48.63
CA PRO L 465 29.53 33.32 47.53
C PRO L 465 29.25 34.19 46.32
N PRO L 466 30.26 34.50 45.51
CA PRO L 466 30.05 35.38 44.37
C PRO L 466 28.99 34.82 43.41
N HIS L 467 28.24 35.74 42.81
CA HIS L 467 27.20 35.37 41.85
C HIS L 467 27.86 34.90 40.56
N LEU L 468 27.48 33.72 40.10
CA LEU L 468 28.02 33.12 38.89
C LEU L 468 26.91 32.91 37.87
N GLY L 469 27.19 33.24 36.63
CA GLY L 469 26.19 33.13 35.58
C GLY L 469 25.73 34.49 35.10
N GLU L 470 25.07 34.50 33.95
CA GLU L 470 24.58 35.75 33.39
C GLU L 470 23.50 36.34 34.29
N GLY L 471 23.31 37.65 34.16
CA GLY L 471 22.35 38.36 34.99
C GLY L 471 22.74 38.35 36.46
N GLY L 472 24.00 38.67 36.75
CA GLY L 472 24.49 38.63 38.11
C GLY L 472 23.83 39.63 39.04
N ALA L 473 23.09 40.60 38.49
CA ALA L 473 22.43 41.59 39.32
C ALA L 473 21.42 40.95 40.27
N LEU L 474 20.91 39.78 39.91
CA LEU L 474 19.93 39.10 40.74
C LEU L 474 20.49 38.84 42.14
N THR L 475 19.68 39.09 43.16
CA THR L 475 20.07 38.89 44.55
C THR L 475 18.85 38.47 45.36
N GLY L 476 19.11 37.80 46.47
CA GLY L 476 18.02 37.39 47.35
C GLY L 476 17.23 36.25 46.74
N THR L 477 15.90 36.33 46.83
CA THR L 477 15.03 35.27 46.32
C THR L 477 15.20 35.12 44.82
N ALA L 478 15.52 36.21 44.11
CA ALA L 478 15.67 36.14 42.66
C ALA L 478 16.80 35.20 42.27
N ARG L 479 17.87 35.15 43.05
CA ARG L 479 18.97 34.24 42.75
C ARG L 479 18.52 32.79 42.81
N LYS L 480 17.78 32.41 43.86
CA LYS L 480 17.25 31.06 43.96
C LYS L 480 16.29 30.76 42.81
N ALA L 481 15.43 31.73 42.47
CA ALA L 481 14.49 31.53 41.37
C ALA L 481 15.23 31.29 40.06
N GLU L 482 16.28 32.08 39.80
CA GLU L 482 17.07 31.89 38.58
C GLU L 482 17.75 30.53 38.57
N GLU L 483 18.28 30.10 39.72
CA GLU L 483 18.90 28.78 39.78
C GLU L 483 17.89 27.68 39.45
N ALA L 484 16.68 27.79 40.02
CA ALA L 484 15.66 26.79 39.74
C ALA L 484 15.26 26.79 38.28
N ARG L 485 15.12 27.98 37.67
CA ARG L 485 14.76 28.06 36.27
C ARG L 485 15.84 27.42 35.38
N LEU L 486 17.11 27.70 35.70
CA LEU L 486 18.20 27.09 34.95
C LEU L 486 18.16 25.57 35.06
N ARG L 487 17.94 25.06 36.28
CA ARG L 487 17.86 23.62 36.47
C ARG L 487 16.75 23.02 35.63
N ARG L 488 15.57 23.64 35.66
CA ARG L 488 14.43 23.12 34.91
C ARG L 488 14.74 23.08 33.41
N ALA L 489 15.27 24.19 32.88
CA ALA L 489 15.51 24.26 31.44
C ALA L 489 16.57 23.25 30.99
N GLU L 490 17.67 23.14 31.73
CA GLU L 490 18.71 22.20 31.32
C GLU L 490 18.22 20.76 31.45
N ILE L 491 17.40 20.48 32.47
CA ILE L 491 16.80 19.15 32.59
C ILE L 491 15.94 18.84 31.37
N GLU L 492 15.13 19.80 30.94
CA GLU L 492 14.28 19.53 29.79
C GLU L 492 15.07 19.38 28.50
N ARG L 493 16.20 20.09 28.38
CA ARG L 493 17.09 19.85 27.25
C ARG L 493 17.62 18.42 27.26
N GLN L 494 18.01 17.94 28.45
CA GLN L 494 18.41 16.54 28.57
C GLN L 494 17.30 15.60 28.11
N THR L 495 16.07 15.92 28.50
CA THR L 495 14.93 15.10 28.07
C THR L 495 14.79 15.11 26.55
N GLU L 496 14.97 16.27 25.92
CA GLU L 496 14.97 16.35 24.46
C GLU L 496 15.96 15.36 23.86
N LEU L 497 17.21 15.43 24.32
CA LEU L 497 18.24 14.56 23.73
C LEU L 497 17.91 13.09 23.97
N GLY L 498 17.42 12.76 25.16
CA GLY L 498 17.05 11.38 25.44
C GLY L 498 15.94 10.88 24.52
N ARG L 499 14.94 11.73 24.26
CA ARG L 499 13.85 11.32 23.37
C ARG L 499 14.37 11.07 21.97
N LEU L 500 15.26 11.93 21.47
CA LEU L 500 15.84 11.68 20.15
C LEU L 500 16.59 10.36 20.10
N GLN L 501 17.37 10.08 21.15
CA GLN L 501 18.10 8.81 21.20
C GLN L 501 17.14 7.62 21.17
N GLN L 502 16.05 7.72 21.93
CA GLN L 502 15.06 6.64 21.93
C GLN L 502 14.41 6.48 20.56
N GLN L 503 14.18 7.59 19.86
CA GLN L 503 13.63 7.53 18.51
C GLN L 503 14.55 6.73 17.58
N ILE L 504 15.84 7.03 17.62
CA ILE L 504 16.77 6.30 16.77
C ILE L 504 16.82 4.83 17.19
N GLU L 505 16.74 4.58 18.49
CA GLU L 505 16.52 3.24 19.05
C GLU L 505 15.42 2.49 18.30
N GLN L 506 14.24 3.12 18.23
CA GLN L 506 13.09 2.50 17.58
C GLN L 506 13.39 2.18 16.11
N ARG L 507 13.98 3.14 15.39
CA ARG L 507 14.25 2.92 13.98
C ARG L 507 15.19 1.74 13.79
N ARG L 508 16.25 1.66 14.59
CA ARG L 508 17.19 0.56 14.46
C ARG L 508 16.53 -0.78 14.77
N ARG L 509 15.62 -0.79 15.76
CA ARG L 509 14.92 -2.04 16.07
C ARG L 509 14.13 -2.53 14.87
N ARG L 510 13.29 -1.67 14.28
CA ARG L 510 12.60 -2.12 13.08
C ARG L 510 13.58 -2.59 12.02
N ALA L 511 14.68 -1.85 11.80
CA ALA L 511 15.59 -2.22 10.72
C ALA L 511 16.09 -3.65 10.87
N ARG L 512 16.63 -3.98 12.04
CA ARG L 512 17.26 -5.30 12.15
C ARG L 512 16.21 -6.41 12.33
N ALA L 513 15.04 -6.09 12.89
CA ALA L 513 13.97 -7.09 12.91
C ALA L 513 13.54 -7.45 11.49
N GLN L 514 13.40 -6.43 10.64
CA GLN L 514 13.08 -6.66 9.23
C GLN L 514 14.15 -7.52 8.58
N ILE L 515 15.42 -7.24 8.89
CA ILE L 515 16.53 -8.05 8.36
C ILE L 515 16.36 -9.51 8.79
N GLU L 516 15.96 -9.72 10.04
CA GLU L 516 15.77 -11.08 10.54
C GLU L 516 14.71 -11.82 9.73
N ALA L 517 13.59 -11.15 9.46
CA ALA L 517 12.55 -11.77 8.64
C ALA L 517 13.08 -12.14 7.26
N LEU L 518 13.85 -11.23 6.65
CA LEU L 518 14.38 -11.50 5.32
C LEU L 518 15.32 -12.70 5.33
N GLU L 519 16.15 -12.81 6.36
CA GLU L 519 17.06 -13.96 6.47
C GLU L 519 16.29 -15.26 6.63
N ALA L 520 15.18 -15.22 7.38
CA ALA L 520 14.33 -16.41 7.47
C ALA L 520 13.82 -16.82 6.09
N GLU L 521 13.38 -15.83 5.29
CA GLU L 521 12.97 -16.12 3.93
C GLU L 521 14.09 -16.78 3.14
N LEU L 522 15.31 -16.25 3.27
CA LEU L 522 16.45 -16.81 2.54
C LEU L 522 16.70 -18.28 2.91
N GLN L 523 16.63 -18.58 4.21
CA GLN L 523 16.85 -19.97 4.64
C GLN L 523 15.77 -20.89 4.08
N ALA L 524 14.51 -20.44 4.10
CA ALA L 524 13.46 -21.24 3.51
C ALA L 524 13.73 -21.52 2.03
N GLU L 525 14.19 -20.50 1.30
CA GLU L 525 14.47 -20.69 -0.12
C GLU L 525 15.61 -21.69 -0.33
N GLU L 526 16.64 -21.63 0.53
CA GLU L 526 17.73 -22.60 0.43
C GLU L 526 17.22 -24.02 0.62
N ILE L 527 16.36 -24.22 1.64
CA ILE L 527 15.78 -25.54 1.84
C ILE L 527 15.01 -25.99 0.61
N ALA L 528 14.28 -25.06 -0.01
CA ALA L 528 13.52 -25.40 -1.22
C ALA L 528 14.45 -25.86 -2.35
N LEU L 529 15.56 -25.13 -2.56
CA LEU L 529 16.50 -25.53 -3.61
C LEU L 529 17.03 -26.94 -3.36
N LYS L 530 17.40 -27.22 -2.12
CA LYS L 530 17.99 -28.52 -1.83
C LYS L 530 16.96 -29.64 -1.98
N ALA L 531 15.71 -29.37 -1.62
CA ALA L 531 14.64 -30.33 -1.89
C ALA L 531 14.49 -30.58 -3.39
N LEU L 532 14.54 -29.50 -4.18
CA LEU L 532 14.50 -29.62 -5.64
C LEU L 532 15.59 -30.53 -6.18
N VAL L 533 16.83 -30.35 -5.74
CA VAL L 533 17.95 -31.17 -6.21
C VAL L 533 17.79 -32.62 -5.78
N GLU L 534 17.47 -32.85 -4.51
CA GLU L 534 17.36 -34.22 -4.01
C GLU L 534 16.28 -35.00 -4.75
N SER L 535 15.08 -34.41 -4.86
CA SER L 535 13.98 -35.13 -5.49
C SER L 535 14.25 -35.37 -6.97
N GLU L 536 14.84 -34.40 -7.65
CA GLU L 536 15.13 -34.55 -9.08
C GLU L 536 16.15 -35.67 -9.29
N SER L 537 17.19 -35.72 -8.46
CA SER L 537 18.16 -36.81 -8.57
C SER L 537 17.50 -38.16 -8.28
N ALA L 538 16.58 -38.20 -7.30
CA ALA L 538 15.89 -39.44 -7.01
C ALA L 538 15.06 -39.90 -8.21
N HIS L 539 14.41 -38.96 -8.89
CA HIS L 539 13.68 -39.30 -10.11
C HIS L 539 14.61 -39.87 -11.17
N GLU L 540 15.78 -39.25 -11.33
CA GLU L 540 16.80 -39.80 -12.23
C GLU L 540 17.09 -41.27 -11.89
N ARG L 541 17.35 -41.53 -10.61
CA ARG L 541 17.70 -42.89 -10.17
C ARG L 541 16.57 -43.87 -10.45
N GLN L 542 15.33 -43.48 -10.14
CA GLN L 542 14.20 -44.38 -10.36
C GLN L 542 14.00 -44.66 -11.84
N ARG L 543 14.17 -43.64 -12.69
CA ARG L 543 14.03 -43.85 -14.13
C ARG L 543 15.09 -44.83 -14.63
N LEU L 544 16.33 -44.67 -14.16
CA LEU L 544 17.37 -45.62 -14.56
C LEU L 544 17.03 -47.03 -14.13
N ALA L 545 16.54 -47.20 -12.90
CA ALA L 545 16.19 -48.53 -12.41
C ALA L 545 15.08 -49.16 -13.25
N ASP L 546 14.04 -48.38 -13.58
CA ASP L 546 12.94 -48.92 -14.38
C ASP L 546 13.42 -49.29 -15.78
N ALA L 547 14.28 -48.45 -16.38
CA ALA L 547 14.82 -48.77 -17.70
C ALA L 547 15.60 -50.08 -17.67
N ASP L 548 16.42 -50.27 -16.64
CA ASP L 548 17.18 -51.52 -16.51
C ASP L 548 16.24 -52.71 -16.38
N THR L 549 15.18 -52.57 -15.57
CA THR L 549 14.23 -53.66 -15.41
C THR L 549 13.61 -54.05 -16.75
N LEU L 550 13.17 -53.07 -17.52
CA LEU L 550 12.61 -53.37 -18.83
C LEU L 550 13.67 -54.01 -19.75
N ALA L 551 14.91 -53.54 -19.64
CA ALA L 551 16.00 -54.07 -20.47
C ALA L 551 16.20 -55.55 -20.24
N ARG L 552 16.27 -55.97 -18.97
CA ARG L 552 16.22 -57.41 -18.69
C ARG L 552 14.97 -58.08 -19.24
N SER L 553 13.79 -57.50 -18.95
CA SER L 553 12.55 -58.19 -19.32
C SER L 553 12.51 -58.51 -20.80
N ARG L 554 13.13 -57.67 -21.62
CA ARG L 554 13.16 -57.89 -23.07
C ARG L 554 14.56 -58.18 -23.61
N GLY L 555 15.49 -58.60 -22.76
CA GLY L 555 16.87 -58.79 -23.17
C GLY L 555 17.24 -60.23 -23.47
N ASN L 556 18.20 -60.40 -24.38
CA ASN L 556 18.74 -61.71 -24.69
C ASN L 556 19.93 -62.10 -23.82
N GLU L 557 20.43 -61.20 -22.98
CA GLU L 557 21.56 -61.51 -22.12
C GLU L 557 21.25 -62.62 -21.12
N ARG L 558 19.98 -63.04 -21.03
CA ARG L 558 19.62 -64.11 -20.11
C ARG L 558 20.28 -65.43 -20.48
N PHE L 559 20.83 -65.55 -21.69
CA PHE L 559 21.40 -66.81 -22.16
C PHE L 559 22.86 -66.72 -22.56
N ALA L 560 23.42 -65.53 -22.68
CA ALA L 560 24.83 -65.38 -23.06
C ALA L 560 25.25 -63.91 -22.99
N ARG M 5 -4.95 -159.16 -61.89
CA ARG M 5 -6.38 -159.13 -62.16
C ARG M 5 -7.19 -159.20 -60.87
N ARG M 6 -7.21 -158.10 -60.13
CA ARG M 6 -7.90 -158.01 -58.86
C ARG M 6 -8.85 -156.82 -58.85
N LEU M 7 -10.05 -157.03 -58.31
CA LEU M 7 -11.05 -155.97 -58.20
C LEU M 7 -11.61 -155.97 -56.79
N VAL M 8 -11.85 -154.78 -56.25
CA VAL M 8 -12.41 -154.63 -54.90
C VAL M 8 -13.70 -153.84 -55.01
N LEU M 9 -14.72 -154.28 -54.26
CA LEU M 9 -16.02 -153.63 -54.25
C LEU M 9 -16.36 -153.24 -52.82
N TYR M 10 -16.34 -151.94 -52.54
CA TYR M 10 -16.64 -151.40 -51.23
C TYR M 10 -18.12 -151.04 -51.17
N VAL M 11 -18.83 -151.60 -50.20
CA VAL M 11 -20.25 -151.35 -49.97
C VAL M 11 -20.47 -151.24 -48.46
N ALA M 12 -21.69 -150.84 -48.08
CA ALA M 12 -22.04 -150.60 -46.68
C ALA M 12 -23.42 -151.19 -46.40
N GLY M 13 -23.46 -152.30 -45.68
CA GLY M 13 -24.71 -152.87 -45.22
C GLY M 13 -25.46 -153.62 -46.30
N GLN M 14 -26.62 -154.14 -45.91
CA GLN M 14 -27.52 -154.83 -46.84
C GLN M 14 -28.40 -153.77 -47.51
N THR M 15 -27.72 -152.75 -48.03
CA THR M 15 -28.37 -151.64 -48.71
C THR M 15 -28.86 -152.09 -50.07
N PRO M 16 -29.98 -151.54 -50.54
CA PRO M 16 -30.39 -151.86 -51.91
C PRO M 16 -29.33 -151.51 -52.93
N LYS M 17 -28.64 -150.38 -52.74
CA LYS M 17 -27.56 -150.00 -53.64
C LYS M 17 -26.45 -151.05 -53.67
N SER M 18 -25.94 -151.45 -52.49
CA SER M 18 -24.83 -152.40 -52.45
C SER M 18 -25.26 -153.78 -52.96
N LEU M 19 -26.46 -154.22 -52.61
CA LEU M 19 -26.93 -155.52 -53.09
C LEU M 19 -27.06 -155.51 -54.60
N ALA M 20 -27.68 -154.48 -55.15
CA ALA M 20 -27.77 -154.36 -56.60
C ALA M 20 -26.41 -154.25 -57.22
N ALA M 21 -25.48 -153.57 -56.54
CA ALA M 21 -24.13 -153.44 -57.06
C ALA M 21 -23.47 -154.81 -57.19
N ILE M 22 -23.53 -155.62 -56.14
CA ILE M 22 -22.86 -156.92 -56.22
C ILE M 22 -23.57 -157.82 -57.22
N SER M 23 -24.90 -157.76 -57.27
CA SER M 23 -25.65 -158.56 -58.23
C SER M 23 -25.29 -158.19 -59.67
N ASN M 24 -25.22 -156.88 -59.95
CA ASN M 24 -24.84 -156.44 -61.29
C ASN M 24 -23.39 -156.80 -61.59
N LEU M 25 -22.52 -156.73 -60.59
CA LEU M 25 -21.15 -157.18 -60.80
C LEU M 25 -21.13 -158.65 -61.19
N ARG M 26 -21.90 -159.48 -60.49
CA ARG M 26 -22.04 -160.88 -60.88
C ARG M 26 -22.48 -161.00 -62.33
N ARG M 27 -23.51 -160.24 -62.71
CA ARG M 27 -24.08 -160.36 -64.05
C ARG M 27 -23.08 -159.96 -65.13
N ILE M 28 -22.50 -158.76 -65.02
CA ILE M 28 -21.53 -158.33 -66.03
C ILE M 28 -20.32 -159.26 -66.07
N CYS M 29 -19.81 -159.67 -64.90
CA CYS M 29 -18.64 -160.52 -64.88
C CYS M 29 -18.91 -161.86 -65.56
N GLU M 30 -20.07 -162.46 -65.28
CA GLU M 30 -20.33 -163.81 -65.78
C GLU M 30 -20.87 -163.80 -67.21
N GLU M 31 -22.05 -163.20 -67.41
CA GLU M 31 -22.67 -163.28 -68.74
C GLU M 31 -21.83 -162.55 -69.78
N ASN M 32 -21.28 -161.38 -69.44
CA ASN M 32 -20.58 -160.58 -70.45
C ASN M 32 -19.25 -161.20 -70.85
N LEU M 33 -18.45 -161.62 -69.88
CA LEU M 33 -17.08 -162.03 -70.14
C LEU M 33 -16.75 -163.21 -69.25
N PRO M 34 -15.57 -163.80 -69.42
CA PRO M 34 -15.12 -164.87 -68.53
C PRO M 34 -14.54 -164.33 -67.24
N GLY M 35 -13.97 -165.21 -66.41
CA GLY M 35 -13.35 -164.78 -65.17
C GLY M 35 -11.92 -164.33 -65.34
N GLN M 36 -11.71 -163.16 -65.94
CA GLN M 36 -10.35 -162.67 -66.15
C GLN M 36 -9.74 -162.16 -64.85
N TYR M 37 -10.56 -161.61 -63.96
CA TYR M 37 -10.07 -161.07 -62.70
C TYR M 37 -10.95 -161.56 -61.55
N GLU M 38 -10.37 -161.53 -60.35
CA GLU M 38 -11.02 -162.01 -59.14
C GLU M 38 -11.57 -160.83 -58.35
N VAL M 39 -12.78 -160.98 -57.84
CA VAL M 39 -13.48 -159.92 -57.12
C VAL M 39 -13.45 -160.20 -55.63
N GLU M 40 -13.30 -159.13 -54.84
CA GLU M 40 -13.38 -159.20 -53.39
C GLU M 40 -14.29 -158.09 -52.90
N VAL M 41 -15.27 -158.44 -52.08
CA VAL M 41 -16.28 -157.50 -51.60
C VAL M 41 -16.01 -157.18 -50.13
N ILE M 42 -15.96 -155.89 -49.81
CA ILE M 42 -15.74 -155.42 -48.44
C ILE M 42 -16.91 -154.54 -48.04
N ASP M 43 -17.55 -154.88 -46.93
CA ASP M 43 -18.63 -154.07 -46.36
C ASP M 43 -18.03 -153.12 -45.33
N LEU M 44 -18.22 -151.82 -45.57
CA LEU M 44 -17.47 -150.80 -44.84
C LEU M 44 -17.96 -150.65 -43.40
N LYS M 45 -19.21 -151.00 -43.14
CA LYS M 45 -19.79 -150.70 -41.82
C LYS M 45 -18.99 -151.35 -40.70
N GLN M 46 -18.63 -152.62 -40.85
CA GLN M 46 -17.87 -153.33 -39.83
C GLN M 46 -16.47 -152.74 -39.66
N ASN M 47 -15.83 -152.35 -40.77
CA ASN M 47 -14.52 -151.71 -40.70
C ASN M 47 -14.58 -150.30 -41.27
N PRO M 48 -15.02 -149.31 -40.50
CA PRO M 48 -14.92 -147.92 -41.00
C PRO M 48 -13.48 -147.50 -41.25
N ARG M 49 -12.54 -148.05 -40.47
CA ARG M 49 -11.13 -147.73 -40.65
C ARG M 49 -10.66 -148.02 -42.06
N LEU M 50 -11.02 -149.19 -42.60
CA LEU M 50 -10.58 -149.54 -43.94
C LEU M 50 -11.06 -148.51 -44.96
N ALA M 51 -12.18 -147.86 -44.69
CA ALA M 51 -12.63 -146.77 -45.55
C ALA M 51 -11.59 -145.66 -45.61
N LYS M 52 -11.03 -145.29 -44.46
CA LYS M 52 -9.97 -144.28 -44.45
C LYS M 52 -8.69 -144.81 -45.11
N GLU M 53 -8.36 -146.08 -44.83
CA GLU M 53 -7.12 -146.64 -45.37
C GLU M 53 -7.15 -146.67 -46.90
N HIS M 54 -8.29 -147.01 -47.49
CA HIS M 54 -8.44 -147.00 -48.94
C HIS M 54 -8.97 -145.68 -49.50
N SER M 55 -9.23 -144.68 -48.65
CA SER M 55 -9.67 -143.36 -49.11
C SER M 55 -10.96 -143.47 -49.93
N ILE M 56 -12.01 -144.00 -49.32
CA ILE M 56 -13.29 -144.20 -49.97
C ILE M 56 -14.29 -143.19 -49.41
N VAL M 57 -15.13 -142.64 -50.29
CA VAL M 57 -16.08 -141.60 -49.91
C VAL M 57 -17.50 -142.03 -50.23
N ALA M 58 -17.78 -142.30 -51.51
CA ALA M 58 -19.14 -142.52 -52.00
C ALA M 58 -19.34 -144.01 -52.25
N ILE M 59 -20.41 -144.56 -51.68
CA ILE M 59 -20.79 -145.96 -51.87
C ILE M 59 -21.77 -146.05 -53.04
N PRO M 60 -21.76 -147.15 -53.81
CA PRO M 60 -20.76 -148.22 -53.77
C PRO M 60 -19.56 -147.87 -54.64
N THR M 61 -18.43 -148.55 -54.43
CA THR M 61 -17.24 -148.26 -55.22
C THR M 61 -16.62 -149.55 -55.74
N LEU M 62 -16.15 -149.52 -56.98
CA LEU M 62 -15.46 -150.64 -57.60
C LEU M 62 -14.09 -150.15 -58.07
N VAL M 63 -13.04 -150.67 -57.44
CA VAL M 63 -11.68 -150.17 -57.64
C VAL M 63 -10.83 -151.30 -58.20
N ARG M 64 -10.06 -151.00 -59.24
CA ARG M 64 -9.08 -151.92 -59.78
C ARG M 64 -7.68 -151.43 -59.44
N GLU M 65 -6.82 -152.36 -59.02
CA GLU M 65 -5.44 -152.05 -58.69
C GLU M 65 -4.43 -152.82 -59.53
N LEU M 66 -4.89 -153.64 -60.47
CA LEU M 66 -3.96 -154.40 -61.32
C LEU M 66 -3.05 -153.49 -62.11
N PRO M 67 -3.55 -152.52 -62.88
CA PRO M 67 -2.65 -151.56 -63.52
C PRO M 67 -2.04 -150.62 -62.51
N VAL M 68 -0.87 -150.07 -62.85
CA VAL M 68 -0.19 -149.13 -61.95
C VAL M 68 -1.10 -147.96 -61.63
N PRO M 69 -1.73 -147.29 -62.60
CA PRO M 69 -2.67 -146.20 -62.27
C PRO M 69 -4.00 -146.74 -61.79
N ILE M 70 -4.38 -146.39 -60.56
CA ILE M 70 -5.65 -146.83 -60.00
C ILE M 70 -6.80 -146.32 -60.86
N ARG M 71 -7.91 -147.05 -60.82
CA ARG M 71 -9.15 -146.56 -61.40
C ARG M 71 -10.34 -147.03 -60.57
N LYS M 72 -11.25 -146.09 -60.30
CA LYS M 72 -12.44 -146.31 -59.50
C LYS M 72 -13.68 -146.07 -60.35
N ILE M 73 -14.75 -146.77 -59.99
CA ILE M 73 -16.07 -146.57 -60.59
C ILE M 73 -17.08 -146.44 -59.44
N ILE M 74 -17.82 -145.34 -59.43
CA ILE M 74 -18.72 -145.01 -58.33
C ILE M 74 -20.14 -145.27 -58.76
N GLY M 75 -20.91 -145.97 -57.92
CA GLY M 75 -22.31 -146.25 -58.21
C GLY M 75 -22.68 -147.69 -57.98
N ASP M 76 -23.84 -148.11 -58.50
CA ASP M 76 -24.31 -149.48 -58.38
C ASP M 76 -24.06 -150.32 -59.62
N LEU M 77 -23.37 -149.79 -60.63
CA LEU M 77 -23.10 -150.52 -61.87
C LEU M 77 -24.40 -150.92 -62.57
N SER M 78 -25.21 -149.91 -62.89
CA SER M 78 -26.47 -150.17 -63.57
C SER M 78 -26.28 -150.35 -65.06
N ASP M 79 -25.39 -149.55 -65.67
CA ASP M 79 -25.15 -149.62 -67.11
C ASP M 79 -24.11 -150.71 -67.38
N LYS M 80 -24.58 -151.86 -67.87
CA LYS M 80 -23.68 -152.97 -68.16
C LYS M 80 -22.61 -152.58 -69.18
N GLU M 81 -23.03 -151.93 -70.27
CA GLU M 81 -22.09 -151.58 -71.33
C GLU M 81 -21.03 -150.61 -70.83
N GLN M 82 -21.45 -149.59 -70.08
CA GLN M 82 -20.49 -148.61 -69.57
C GLN M 82 -19.55 -149.25 -68.57
N VAL M 83 -20.06 -150.11 -67.69
CA VAL M 83 -19.18 -150.78 -66.74
C VAL M 83 -18.16 -151.65 -67.48
N LEU M 84 -18.61 -152.40 -68.49
CA LEU M 84 -17.70 -153.27 -69.23
C LEU M 84 -16.65 -152.46 -69.97
N VAL M 85 -17.05 -151.32 -70.56
CA VAL M 85 -16.09 -150.49 -71.28
C VAL M 85 -15.08 -149.90 -70.31
N ASN M 86 -15.53 -149.49 -69.13
CA ASN M 86 -14.61 -148.96 -68.13
C ASN M 86 -13.68 -150.02 -67.58
N LEU M 87 -14.09 -151.29 -67.57
CA LEU M 87 -13.27 -152.38 -67.08
C LEU M 87 -12.61 -153.20 -68.18
N LYS M 88 -12.68 -152.75 -69.44
CA LYS M 88 -12.16 -153.55 -70.54
C LYS M 88 -10.70 -153.22 -70.84
N MET M 89 -9.95 -154.26 -71.19
CA MET M 89 -8.57 -154.10 -71.66
C MET M 89 -8.17 -155.34 -72.46
N ARG N 5 6.28 -140.67 -96.55
CA ARG N 5 5.31 -141.42 -95.77
C ARG N 5 5.89 -141.85 -94.43
N ARG N 6 6.05 -140.89 -93.52
CA ARG N 6 6.64 -141.14 -92.21
C ARG N 6 5.70 -140.63 -91.11
N LEU N 7 5.56 -141.42 -90.05
CA LEU N 7 4.73 -141.06 -88.91
C LEU N 7 5.52 -141.29 -87.62
N VAL N 8 5.37 -140.39 -86.66
CA VAL N 8 6.05 -140.50 -85.38
C VAL N 8 5.01 -140.52 -84.27
N LEU N 9 5.21 -141.41 -83.29
CA LEU N 9 4.29 -141.55 -82.17
C LEU N 9 5.07 -141.34 -80.88
N TYR N 10 4.80 -140.22 -80.21
CA TYR N 10 5.46 -139.87 -78.96
C TYR N 10 4.59 -140.34 -77.80
N VAL N 11 5.18 -141.17 -76.94
CA VAL N 11 4.51 -141.68 -75.74
C VAL N 11 5.51 -141.66 -74.59
N ALA N 12 5.02 -141.95 -73.39
CA ALA N 12 5.81 -141.87 -72.16
C ALA N 12 5.52 -143.09 -71.30
N GLY N 13 6.47 -144.02 -71.23
CA GLY N 13 6.37 -145.15 -70.33
C GLY N 13 5.42 -146.22 -70.80
N GLN N 14 5.32 -147.28 -69.99
CA GLN N 14 4.38 -148.37 -70.24
C GLN N 14 3.01 -147.96 -69.69
N THR N 15 2.59 -146.76 -70.08
CA THR N 15 1.33 -146.20 -69.65
C THR N 15 0.18 -146.89 -70.37
N PRO N 16 -0.97 -147.05 -69.72
CA PRO N 16 -2.12 -147.60 -70.44
C PRO N 16 -2.46 -146.79 -71.67
N LYS N 17 -2.39 -145.45 -71.57
CA LYS N 17 -2.65 -144.59 -72.72
C LYS N 17 -1.69 -144.89 -73.87
N SER N 18 -0.38 -144.90 -73.62
CA SER N 18 0.59 -145.12 -74.69
C SER N 18 0.48 -146.53 -75.27
N LEU N 19 0.29 -147.54 -74.41
CA LEU N 19 0.14 -148.90 -74.90
C LEU N 19 -1.08 -149.03 -75.79
N ALA N 20 -2.22 -148.50 -75.33
CA ALA N 20 -3.42 -148.52 -76.14
C ALA N 20 -3.22 -147.71 -77.42
N ALA N 21 -2.46 -146.62 -77.33
CA ALA N 21 -2.19 -145.83 -78.51
C ALA N 21 -1.46 -146.63 -79.56
N ILE N 22 -0.37 -147.31 -79.17
CA ILE N 22 0.40 -148.05 -80.16
C ILE N 22 -0.41 -149.24 -80.68
N SER N 23 -1.17 -149.89 -79.80
CA SER N 23 -2.01 -151.02 -80.23
C SER N 23 -3.06 -150.57 -81.24
N ASN N 24 -3.71 -149.44 -80.96
CA ASN N 24 -4.71 -148.91 -81.90
C ASN N 24 -4.05 -148.46 -83.19
N LEU N 25 -2.85 -147.89 -83.11
CA LEU N 25 -2.12 -147.56 -84.33
C LEU N 25 -1.87 -148.81 -85.16
N ARG N 26 -1.44 -149.89 -84.51
CA ARG N 26 -1.29 -151.17 -85.21
C ARG N 26 -2.59 -151.56 -85.90
N ARG N 27 -3.70 -151.48 -85.16
CA ARG N 27 -4.98 -151.95 -85.68
C ARG N 27 -5.43 -151.12 -86.89
N ILE N 28 -5.48 -149.79 -86.74
CA ILE N 28 -5.91 -148.95 -87.86
C ILE N 28 -4.95 -149.09 -89.05
N CYS N 29 -3.65 -149.12 -88.80
CA CYS N 29 -2.70 -149.23 -89.90
C CYS N 29 -2.87 -150.53 -90.66
N GLU N 30 -3.04 -151.65 -89.95
CA GLU N 30 -3.07 -152.95 -90.61
C GLU N 30 -4.45 -153.28 -91.16
N GLU N 31 -5.45 -153.41 -90.28
CA GLU N 31 -6.76 -153.85 -90.76
C GLU N 31 -7.40 -152.84 -91.71
N ASN N 32 -7.28 -151.54 -91.39
CA ASN N 32 -7.98 -150.54 -92.19
C ASN N 32 -7.35 -150.36 -93.57
N LEU N 33 -6.03 -150.26 -93.64
CA LEU N 33 -5.36 -149.89 -94.88
C LEU N 33 -4.06 -150.67 -94.98
N PRO N 34 -3.36 -150.56 -96.12
CA PRO N 34 -2.05 -151.18 -96.25
C PRO N 34 -0.95 -150.36 -95.60
N GLY N 35 0.30 -150.77 -95.79
CA GLY N 35 1.42 -150.03 -95.23
C GLY N 35 1.88 -148.89 -96.12
N GLN N 36 1.10 -147.81 -96.20
CA GLN N 36 1.47 -146.68 -97.05
C GLN N 36 2.61 -145.87 -96.42
N TYR N 37 2.65 -145.80 -95.10
CA TYR N 37 3.68 -145.03 -94.40
C TYR N 37 4.27 -145.86 -93.27
N GLU N 38 5.49 -145.49 -92.88
CA GLU N 38 6.26 -146.18 -91.86
C GLU N 38 6.13 -145.44 -90.53
N VAL N 39 5.95 -146.20 -89.45
CA VAL N 39 5.73 -145.64 -88.11
C VAL N 39 7.00 -145.79 -87.29
N GLU N 40 7.29 -144.77 -86.49
CA GLU N 40 8.39 -144.82 -85.53
C GLU N 40 7.87 -144.34 -84.17
N VAL N 41 8.13 -145.12 -83.13
CA VAL N 41 7.61 -144.86 -81.79
C VAL N 41 8.76 -144.38 -80.92
N ILE N 42 8.56 -143.25 -80.25
CA ILE N 42 9.55 -142.67 -79.34
C ILE N 42 8.91 -142.53 -77.95
N ASP N 43 9.56 -143.11 -76.95
CA ASP N 43 9.14 -142.98 -75.56
C ASP N 43 9.89 -141.81 -74.93
N LEU N 44 9.12 -140.82 -74.45
CA LEU N 44 9.70 -139.54 -74.09
C LEU N 44 10.49 -139.61 -72.79
N LYS N 45 10.16 -140.55 -71.91
CA LYS N 45 10.76 -140.56 -70.58
C LYS N 45 12.28 -140.64 -70.64
N GLN N 46 12.82 -141.52 -71.48
CA GLN N 46 14.27 -141.67 -71.60
C GLN N 46 14.91 -140.42 -72.20
N ASN N 47 14.26 -139.79 -73.18
CA ASN N 47 14.77 -138.56 -73.75
C ASN N 47 13.78 -137.43 -73.53
N PRO N 48 13.76 -136.77 -72.36
CA PRO N 48 12.93 -135.57 -72.21
C PRO N 48 13.34 -134.46 -73.17
N ARG N 49 14.63 -134.40 -73.50
CA ARG N 49 15.11 -133.38 -74.44
C ARG N 49 14.39 -133.45 -75.77
N LEU N 50 14.22 -134.65 -76.32
CA LEU N 50 13.55 -134.77 -77.61
C LEU N 50 12.14 -134.18 -77.55
N ALA N 51 11.51 -134.23 -76.37
CA ALA N 51 10.21 -133.58 -76.20
C ALA N 51 10.31 -132.09 -76.51
N LYS N 52 11.35 -131.42 -76.01
CA LYS N 52 11.54 -130.01 -76.32
C LYS N 52 11.91 -129.81 -77.78
N GLU N 53 12.75 -130.69 -78.33
CA GLU N 53 13.19 -130.53 -79.70
C GLU N 53 12.02 -130.63 -80.68
N HIS N 54 11.09 -131.55 -80.42
CA HIS N 54 9.89 -131.69 -81.25
C HIS N 54 8.70 -130.87 -80.75
N SER N 55 8.85 -130.13 -79.65
CA SER N 55 7.78 -129.27 -79.13
C SER N 55 6.51 -130.08 -78.85
N ILE N 56 6.64 -131.06 -77.97
CA ILE N 56 5.53 -131.94 -77.60
C ILE N 56 5.06 -131.59 -76.19
N VAL N 57 3.74 -131.61 -75.99
CA VAL N 57 3.15 -131.23 -74.72
C VAL N 57 2.31 -132.36 -74.14
N ALA N 58 1.29 -132.78 -74.88
CA ALA N 58 0.29 -133.72 -74.37
C ALA N 58 0.53 -135.10 -74.98
N ILE N 59 0.61 -136.11 -74.11
CA ILE N 59 0.78 -137.50 -74.52
C ILE N 59 -0.60 -138.15 -74.66
N PRO N 60 -0.78 -139.11 -75.57
CA PRO N 60 0.17 -139.48 -76.63
C PRO N 60 0.02 -138.58 -77.85
N THR N 61 1.01 -138.54 -78.72
CA THR N 61 0.93 -137.70 -79.91
C THR N 61 1.33 -138.48 -81.15
N LEU N 62 0.60 -138.26 -82.25
CA LEU N 62 0.91 -138.86 -83.54
C LEU N 62 1.09 -137.74 -84.56
N VAL N 63 2.32 -137.60 -85.06
CA VAL N 63 2.69 -136.47 -85.89
C VAL N 63 3.13 -136.99 -87.25
N ARG N 64 2.62 -136.36 -88.31
CA ARG N 64 3.07 -136.66 -89.67
C ARG N 64 3.88 -135.48 -90.19
N GLU N 65 5.00 -135.79 -90.85
CA GLU N 65 5.86 -134.77 -91.43
C GLU N 65 6.03 -134.92 -92.94
N LEU N 66 5.36 -135.91 -93.55
CA LEU N 66 5.48 -136.09 -95.00
C LEU N 66 5.02 -134.86 -95.77
N PRO N 67 3.81 -134.34 -95.55
CA PRO N 67 3.44 -133.08 -96.20
C PRO N 67 4.19 -131.91 -95.58
N VAL N 68 4.35 -130.85 -96.38
CA VAL N 68 5.03 -129.66 -95.89
C VAL N 68 4.37 -129.12 -94.62
N PRO N 69 3.05 -128.95 -94.56
CA PRO N 69 2.41 -128.50 -93.32
C PRO N 69 2.28 -129.66 -92.33
N ILE N 70 2.89 -129.50 -91.15
CA ILE N 70 2.82 -130.53 -90.12
C ILE N 70 1.37 -130.74 -89.71
N ARG N 71 1.08 -131.96 -89.23
CA ARG N 71 -0.20 -132.21 -88.58
C ARG N 71 -0.01 -133.21 -87.45
N LYS N 72 -0.61 -132.89 -86.31
CA LYS N 72 -0.55 -133.69 -85.09
C LYS N 72 -1.95 -134.17 -84.72
N ILE N 73 -1.98 -135.32 -84.04
CA ILE N 73 -3.21 -135.88 -83.47
C ILE N 73 -2.90 -136.25 -82.03
N ILE N 74 -3.68 -135.71 -81.10
CA ILE N 74 -3.43 -135.86 -79.67
C ILE N 74 -4.42 -136.86 -79.09
N GLY N 75 -3.93 -137.83 -78.32
CA GLY N 75 -4.78 -138.81 -77.68
C GLY N 75 -4.26 -140.23 -77.85
N ASP N 76 -5.12 -141.22 -77.57
CA ASP N 76 -4.75 -142.63 -77.71
C ASP N 76 -5.28 -143.26 -79.00
N LEU N 77 -5.89 -142.49 -79.89
CA LEU N 77 -6.41 -143.00 -81.14
C LEU N 77 -7.49 -144.06 -80.88
N SER N 78 -8.53 -143.66 -80.17
CA SER N 78 -9.63 -144.57 -79.86
C SER N 78 -10.61 -144.69 -81.01
N ASP N 79 -10.89 -143.57 -81.68
CA ASP N 79 -11.84 -143.57 -82.80
C ASP N 79 -11.11 -143.93 -84.08
N LYS N 80 -11.30 -145.18 -84.52
CA LYS N 80 -10.65 -145.65 -85.73
C LYS N 80 -11.02 -144.80 -86.94
N GLU N 81 -12.31 -144.52 -87.12
CA GLU N 81 -12.76 -143.77 -88.29
C GLU N 81 -12.18 -142.36 -88.30
N GLN N 82 -12.20 -141.69 -87.14
CA GLN N 82 -11.66 -140.34 -87.08
C GLN N 82 -10.16 -140.32 -87.31
N VAL N 83 -9.43 -141.29 -86.74
CA VAL N 83 -8.00 -141.35 -86.98
C VAL N 83 -7.70 -141.57 -88.46
N LEU N 84 -8.45 -142.50 -89.09
CA LEU N 84 -8.21 -142.77 -90.50
C LEU N 84 -8.53 -141.55 -91.37
N VAL N 85 -9.61 -140.83 -91.04
CA VAL N 85 -9.96 -139.65 -91.82
C VAL N 85 -8.91 -138.56 -91.64
N ASN N 86 -8.40 -138.41 -90.43
CA ASN N 86 -7.34 -137.44 -90.19
C ASN N 86 -6.03 -137.82 -90.88
N LEU N 87 -5.78 -139.11 -91.07
CA LEU N 87 -4.56 -139.57 -91.73
C LEU N 87 -4.77 -139.96 -93.19
N LYS N 88 -5.93 -139.66 -93.78
CA LYS N 88 -6.22 -140.12 -95.13
C LYS N 88 -5.80 -139.07 -96.16
N MET N 89 -5.28 -139.57 -97.30
CA MET N 89 -4.97 -138.73 -98.45
C MET N 89 -4.92 -139.59 -99.71
N ARG O 5 -21.55 -120.56 -118.78
CA ARG O 5 -21.17 -121.68 -117.92
C ARG O 5 -19.67 -121.68 -117.65
N ARG O 6 -19.23 -120.75 -116.81
CA ARG O 6 -17.81 -120.59 -116.48
C ARG O 6 -17.63 -120.61 -114.97
N LEU O 7 -16.59 -121.30 -114.51
CA LEU O 7 -16.26 -121.38 -113.10
C LEU O 7 -14.77 -121.12 -112.92
N VAL O 8 -14.41 -120.40 -111.87
CA VAL O 8 -13.03 -120.07 -111.57
C VAL O 8 -12.70 -120.59 -110.18
N LEU O 9 -11.52 -121.20 -110.05
CA LEU O 9 -11.07 -121.75 -108.77
C LEU O 9 -9.73 -121.11 -108.42
N TYR O 10 -9.74 -120.26 -107.39
CA TYR O 10 -8.56 -119.57 -106.91
C TYR O 10 -7.93 -120.38 -105.78
N VAL O 11 -6.66 -120.73 -105.95
CA VAL O 11 -5.89 -121.48 -104.95
C VAL O 11 -4.49 -120.88 -104.90
N ALA O 12 -3.70 -121.33 -103.93
CA ALA O 12 -2.37 -120.80 -103.67
C ALA O 12 -1.40 -121.96 -103.39
N GLY O 13 -0.53 -122.25 -104.37
CA GLY O 13 0.52 -123.22 -104.18
C GLY O 13 0.04 -124.65 -104.24
N GLN O 14 1.00 -125.57 -104.06
CA GLN O 14 0.71 -127.00 -104.01
C GLN O 14 0.29 -127.35 -102.58
N THR O 15 -0.66 -126.57 -102.08
CA THR O 15 -1.17 -126.73 -100.74
C THR O 15 -2.07 -127.95 -100.68
N PRO O 16 -2.10 -128.66 -99.55
CA PRO O 16 -3.08 -129.77 -99.43
C PRO O 16 -4.50 -129.30 -99.65
N LYS O 17 -4.86 -128.13 -99.13
CA LYS O 17 -6.19 -127.58 -99.34
C LYS O 17 -6.49 -127.38 -100.83
N SER O 18 -5.60 -126.69 -101.55
CA SER O 18 -5.86 -126.42 -102.97
C SER O 18 -5.87 -127.69 -103.80
N LEU O 19 -4.94 -128.61 -103.53
CA LEU O 19 -4.92 -129.87 -104.27
C LEU O 19 -6.19 -130.66 -104.05
N ALA O 20 -6.60 -130.79 -102.78
CA ALA O 20 -7.86 -131.47 -102.48
C ALA O 20 -9.02 -130.74 -103.10
N ALA O 21 -8.96 -129.41 -103.14
CA ALA O 21 -10.03 -128.64 -103.74
C ALA O 21 -10.18 -128.97 -105.22
N ILE O 22 -9.07 -128.97 -105.96
CA ILE O 22 -9.18 -129.24 -107.40
C ILE O 22 -9.58 -130.68 -107.63
N SER O 23 -9.05 -131.60 -106.82
CA SER O 23 -9.41 -133.02 -106.96
C SER O 23 -10.90 -133.23 -106.71
N ASN O 24 -11.44 -132.61 -105.66
CA ASN O 24 -12.86 -132.72 -105.36
C ASN O 24 -13.69 -132.04 -106.45
N LEU O 25 -13.20 -130.93 -106.99
CA LEU O 25 -13.90 -130.31 -108.11
C LEU O 25 -13.98 -131.29 -109.28
N ARG O 26 -12.86 -131.95 -109.59
CA ARG O 26 -12.88 -132.98 -110.62
C ARG O 26 -13.94 -134.02 -110.31
N ARG O 27 -13.97 -134.51 -109.08
CA ARG O 27 -14.87 -135.60 -108.72
C ARG O 27 -16.33 -135.18 -108.85
N ILE O 28 -16.73 -134.08 -108.21
CA ILE O 28 -18.11 -133.63 -108.30
C ILE O 28 -18.49 -133.31 -109.73
N CYS O 29 -17.61 -132.64 -110.47
CA CYS O 29 -17.95 -132.27 -111.85
C CYS O 29 -18.16 -133.50 -112.72
N GLU O 30 -17.31 -134.51 -112.58
CA GLU O 30 -17.37 -135.66 -113.48
C GLU O 30 -18.38 -136.69 -113.02
N GLU O 31 -18.17 -137.29 -111.85
CA GLU O 31 -19.06 -138.37 -111.42
C GLU O 31 -20.49 -137.88 -111.19
N ASN O 32 -20.64 -136.70 -110.58
CA ASN O 32 -21.98 -136.25 -110.22
C ASN O 32 -22.80 -135.84 -111.43
N LEU O 33 -22.21 -135.06 -112.33
CA LEU O 33 -22.96 -134.45 -113.41
C LEU O 33 -22.09 -134.43 -114.67
N PRO O 34 -22.66 -134.01 -115.79
CA PRO O 34 -21.86 -133.86 -117.03
C PRO O 34 -21.07 -132.56 -117.04
N GLY O 35 -20.44 -132.25 -118.16
CA GLY O 35 -19.70 -131.01 -118.29
C GLY O 35 -20.55 -129.83 -118.72
N GLN O 36 -21.41 -129.35 -117.81
CA GLN O 36 -22.27 -128.22 -118.15
C GLN O 36 -21.50 -126.91 -118.22
N TYR O 37 -20.45 -126.77 -117.40
CA TYR O 37 -19.66 -125.55 -117.36
C TYR O 37 -18.18 -125.90 -117.38
N GLU O 38 -17.38 -124.92 -117.81
CA GLU O 38 -15.94 -125.07 -117.96
C GLU O 38 -15.23 -124.44 -116.77
N VAL O 39 -14.22 -125.14 -116.25
CA VAL O 39 -13.49 -124.72 -115.06
C VAL O 39 -12.14 -124.16 -115.46
N GLU O 40 -11.72 -123.09 -114.75
CA GLU O 40 -10.40 -122.52 -114.91
C GLU O 40 -9.78 -122.33 -113.53
N VAL O 41 -8.56 -122.82 -113.36
CA VAL O 41 -7.88 -122.80 -112.06
C VAL O 41 -6.77 -121.76 -112.11
N ILE O 42 -6.76 -120.88 -111.12
CA ILE O 42 -5.74 -119.83 -111.00
C ILE O 42 -5.04 -119.98 -109.66
N ASP O 43 -3.72 -120.09 -109.69
CA ASP O 43 -2.90 -120.15 -108.47
C ASP O 43 -2.44 -118.73 -108.14
N LEU O 44 -2.83 -118.28 -106.94
CA LEU O 44 -2.70 -116.87 -106.61
C LEU O 44 -1.26 -116.45 -106.36
N LYS O 45 -0.40 -117.39 -105.95
CA LYS O 45 0.94 -117.02 -105.52
C LYS O 45 1.71 -116.29 -106.62
N GLN O 46 1.65 -116.80 -107.85
CA GLN O 46 2.36 -116.17 -108.97
C GLN O 46 1.78 -114.79 -109.29
N ASN O 47 0.46 -114.66 -109.22
CA ASN O 47 -0.17 -113.36 -109.45
C ASN O 47 -0.92 -112.90 -108.21
N PRO O 48 -0.24 -112.31 -107.21
CA PRO O 48 -0.98 -111.72 -106.09
C PRO O 48 -1.91 -110.60 -106.54
N ARG O 49 -1.53 -109.88 -107.59
CA ARG O 49 -2.37 -108.80 -108.11
C ARG O 49 -3.76 -109.29 -108.48
N LEU O 50 -3.85 -110.42 -109.18
CA LEU O 50 -5.16 -110.93 -109.56
C LEU O 50 -6.04 -111.17 -108.35
N ALA O 51 -5.43 -111.49 -107.21
CA ALA O 51 -6.20 -111.61 -105.98
C ALA O 51 -6.93 -110.32 -105.65
N LYS O 52 -6.24 -109.17 -105.78
CA LYS O 52 -6.88 -107.89 -105.55
C LYS O 52 -7.90 -107.59 -106.64
N GLU O 53 -7.58 -107.92 -107.90
CA GLU O 53 -8.47 -107.61 -109.00
C GLU O 53 -9.80 -108.35 -108.85
N HIS O 54 -9.76 -109.61 -108.41
CA HIS O 54 -10.97 -110.38 -108.18
C HIS O 54 -11.48 -110.30 -106.74
N SER O 55 -10.82 -109.54 -105.87
CA SER O 55 -11.28 -109.35 -104.50
C SER O 55 -11.42 -110.70 -103.77
N ILE O 56 -10.32 -111.42 -103.67
CA ILE O 56 -10.29 -112.74 -103.04
C ILE O 56 -9.56 -112.63 -101.71
N VAL O 57 -10.08 -113.32 -100.69
CA VAL O 57 -9.52 -113.25 -99.35
C VAL O 57 -9.11 -114.63 -98.86
N ALA O 58 -10.06 -115.56 -98.79
CA ALA O 58 -9.85 -116.86 -98.15
C ALA O 58 -9.69 -117.93 -99.24
N ILE O 59 -8.62 -118.71 -99.14
CA ILE O 59 -8.36 -119.82 -100.05
C ILE O 59 -8.95 -121.11 -99.45
N PRO O 60 -9.41 -122.05 -100.26
CA PRO O 60 -9.61 -121.91 -101.71
C PRO O 60 -10.96 -121.29 -102.02
N THR O 61 -11.15 -120.77 -103.24
CA THR O 61 -12.41 -120.15 -103.59
C THR O 61 -12.89 -120.66 -104.93
N LEU O 62 -14.20 -120.89 -105.05
CA LEU O 62 -14.83 -121.30 -106.30
C LEU O 62 -15.92 -120.29 -106.62
N VAL O 63 -15.74 -119.54 -107.71
CA VAL O 63 -16.60 -118.42 -108.06
C VAL O 63 -17.25 -118.70 -109.40
N ARG O 64 -18.56 -118.48 -109.47
CA ARG O 64 -19.28 -118.54 -110.74
C ARG O 64 -19.68 -117.15 -111.16
N GLU O 65 -19.51 -116.85 -112.45
CA GLU O 65 -19.88 -115.55 -113.01
C GLU O 65 -20.92 -115.66 -114.11
N LEU O 66 -21.39 -116.87 -114.44
CA LEU O 66 -22.39 -117.02 -115.50
C LEU O 66 -23.67 -116.26 -115.19
N PRO O 67 -24.31 -116.44 -114.04
CA PRO O 67 -25.45 -115.59 -113.69
C PRO O 67 -25.01 -114.18 -113.37
N VAL O 68 -25.93 -113.22 -113.56
CA VAL O 68 -25.61 -111.83 -113.26
C VAL O 68 -25.16 -111.66 -111.81
N PRO O 69 -25.85 -112.21 -110.81
CA PRO O 69 -25.37 -112.11 -109.42
C PRO O 69 -24.25 -113.12 -109.17
N ILE O 70 -23.07 -112.61 -108.78
CA ILE O 70 -21.95 -113.49 -108.49
C ILE O 70 -22.30 -114.41 -107.32
N ARG O 71 -21.64 -115.58 -107.30
CA ARG O 71 -21.70 -116.44 -106.13
C ARG O 71 -20.36 -117.15 -105.94
N LYS O 72 -19.91 -117.14 -104.69
CA LYS O 72 -18.65 -117.73 -104.28
C LYS O 72 -18.89 -118.86 -103.29
N ILE O 73 -17.97 -119.82 -103.29
CA ILE O 73 -17.96 -120.91 -102.32
C ILE O 73 -16.55 -121.02 -101.76
N ILE O 74 -16.42 -120.92 -100.44
CA ILE O 74 -15.12 -120.86 -99.77
C ILE O 74 -14.83 -122.20 -99.14
N GLY O 75 -13.62 -122.73 -99.36
CA GLY O 75 -13.22 -124.00 -98.77
C GLY O 75 -12.57 -124.94 -99.77
N ASP O 76 -12.45 -126.21 -99.40
CA ASP O 76 -11.86 -127.23 -100.27
C ASP O 76 -12.91 -128.09 -100.97
N LEU O 77 -14.20 -127.79 -100.81
CA LEU O 77 -15.26 -128.56 -101.44
C LEU O 77 -15.23 -130.02 -100.97
N SER O 78 -15.36 -130.18 -99.65
CA SER O 78 -15.35 -131.52 -99.07
C SER O 78 -16.72 -132.18 -99.18
N ASP O 79 -17.79 -131.42 -98.97
CA ASP O 79 -19.15 -131.95 -99.02
C ASP O 79 -19.64 -131.94 -100.46
N LYS O 80 -19.64 -133.11 -101.09
CA LYS O 80 -20.08 -133.22 -102.47
C LYS O 80 -21.51 -132.75 -102.65
N GLU O 81 -22.41 -133.19 -101.78
CA GLU O 81 -23.82 -132.84 -101.91
C GLU O 81 -24.03 -131.34 -101.76
N GLN O 82 -23.38 -130.73 -100.77
CA GLN O 82 -23.54 -129.30 -100.57
C GLN O 82 -22.95 -128.51 -101.73
N VAL O 83 -21.79 -128.93 -102.24
CA VAL O 83 -21.21 -128.23 -103.38
C VAL O 83 -22.14 -128.33 -104.58
N LEU O 84 -22.68 -129.52 -104.85
CA LEU O 84 -23.56 -129.70 -105.99
C LEU O 84 -24.84 -128.87 -105.84
N VAL O 85 -25.39 -128.81 -104.63
CA VAL O 85 -26.61 -128.02 -104.42
C VAL O 85 -26.31 -126.54 -104.60
N ASN O 86 -25.15 -126.09 -104.13
CA ASN O 86 -24.77 -124.70 -104.32
C ASN O 86 -24.50 -124.37 -105.78
N LEU O 87 -24.05 -125.33 -106.58
CA LEU O 87 -23.78 -125.12 -107.99
C LEU O 87 -24.89 -125.62 -108.92
N LYS O 88 -26.04 -126.00 -108.38
CA LYS O 88 -27.08 -126.59 -109.21
C LYS O 88 -28.04 -125.53 -109.74
N MET O 89 -28.48 -125.73 -110.98
CA MET O 89 -29.53 -124.90 -111.59
C MET O 89 -30.17 -125.66 -112.75
N ARG P 5 -60.46 -119.13 -106.24
CA ARG P 5 -59.19 -119.85 -106.38
C ARG P 5 -58.20 -119.06 -107.23
N ARG P 6 -57.65 -117.99 -106.65
CA ARG P 6 -56.73 -117.11 -107.34
C ARG P 6 -55.45 -116.95 -106.54
N LEU P 7 -54.30 -116.99 -107.21
CA LEU P 7 -53.00 -116.81 -106.58
C LEU P 7 -52.20 -115.80 -107.38
N VAL P 8 -51.45 -114.95 -106.68
CA VAL P 8 -50.61 -113.94 -107.30
C VAL P 8 -49.17 -114.15 -106.86
N LEU P 9 -48.25 -114.04 -107.80
CA LEU P 9 -46.83 -114.22 -107.52
C LEU P 9 -46.08 -112.97 -107.95
N TYR P 10 -45.59 -112.21 -106.98
CA TYR P 10 -44.86 -110.98 -107.21
C TYR P 10 -43.37 -111.29 -107.24
N VAL P 11 -42.72 -110.94 -108.35
CA VAL P 11 -41.27 -111.12 -108.54
C VAL P 11 -40.72 -109.88 -109.22
N ALA P 12 -39.39 -109.82 -109.31
CA ALA P 12 -38.69 -108.65 -109.85
C ALA P 12 -37.57 -109.12 -110.78
N GLY P 13 -37.77 -108.96 -112.08
CA GLY P 13 -36.73 -109.22 -113.05
C GLY P 13 -36.51 -110.70 -113.32
N GLN P 14 -35.55 -110.97 -114.20
CA GLN P 14 -35.15 -112.34 -114.51
C GLN P 14 -34.13 -112.80 -113.48
N THR P 15 -34.51 -112.60 -112.22
CA THR P 15 -33.67 -112.96 -111.08
C THR P 15 -33.66 -114.46 -110.91
N PRO P 16 -32.54 -115.03 -110.44
CA PRO P 16 -32.56 -116.46 -110.14
C PRO P 16 -33.63 -116.83 -109.13
N LYS P 17 -33.83 -115.98 -108.11
CA LYS P 17 -34.89 -116.22 -107.14
C LYS P 17 -36.27 -116.27 -107.78
N SER P 18 -36.62 -115.26 -108.58
CA SER P 18 -37.95 -115.22 -109.18
C SER P 18 -38.14 -116.36 -110.19
N LEU P 19 -37.12 -116.64 -111.00
CA LEU P 19 -37.24 -117.73 -111.96
C LEU P 19 -37.43 -119.07 -111.26
N ALA P 20 -36.63 -119.33 -110.23
CA ALA P 20 -36.79 -120.55 -109.46
C ALA P 20 -38.14 -120.56 -108.77
N ALA P 21 -38.62 -119.40 -108.34
CA ALA P 21 -39.92 -119.33 -107.69
C ALA P 21 -41.01 -119.76 -108.65
N ILE P 22 -41.02 -119.21 -109.87
CA ILE P 22 -42.10 -119.56 -110.80
C ILE P 22 -41.97 -121.02 -111.22
N SER P 23 -40.73 -121.49 -111.43
CA SER P 23 -40.52 -122.89 -111.80
C SER P 23 -41.02 -123.83 -110.72
N ASN P 24 -40.70 -123.52 -109.46
CA ASN P 24 -41.18 -124.35 -108.35
C ASN P 24 -42.68 -124.25 -108.21
N LEU P 25 -43.26 -123.08 -108.46
CA LEU P 25 -44.72 -122.98 -108.45
C LEU P 25 -45.32 -123.90 -109.50
N ARG P 26 -44.74 -123.89 -110.71
CA ARG P 26 -45.17 -124.82 -111.74
C ARG P 26 -45.12 -126.25 -111.24
N ARG P 27 -43.99 -126.63 -110.62
CA ARG P 27 -43.79 -128.01 -110.20
C ARG P 27 -44.80 -128.42 -109.13
N ILE P 28 -44.90 -127.65 -108.04
CA ILE P 28 -45.85 -128.01 -106.99
C ILE P 28 -47.27 -127.99 -107.50
N CYS P 29 -47.64 -126.99 -108.31
CA CYS P 29 -49.01 -126.91 -108.80
C CYS P 29 -49.36 -128.11 -109.67
N GLU P 30 -48.44 -128.52 -110.55
CA GLU P 30 -48.76 -129.57 -111.51
C GLU P 30 -48.56 -130.96 -110.93
N GLU P 31 -47.33 -131.31 -110.57
CA GLU P 31 -47.07 -132.67 -110.12
C GLU P 31 -47.80 -132.99 -108.81
N ASN P 32 -47.84 -132.05 -107.87
CA ASN P 32 -48.40 -132.34 -106.57
C ASN P 32 -49.93 -132.47 -106.62
N LEU P 33 -50.59 -131.54 -107.28
CA LEU P 33 -52.04 -131.45 -107.22
C LEU P 33 -52.58 -131.05 -108.59
N PRO P 34 -53.90 -131.03 -108.75
CA PRO P 34 -54.49 -130.55 -110.01
C PRO P 34 -54.56 -129.03 -110.05
N GLY P 35 -55.21 -128.48 -111.07
CA GLY P 35 -55.37 -127.05 -111.18
C GLY P 35 -56.57 -126.51 -110.42
N GLN P 36 -56.48 -126.49 -109.08
CA GLN P 36 -57.60 -126.01 -108.29
C GLN P 36 -57.71 -124.49 -108.35
N TYR P 37 -56.59 -123.79 -108.49
CA TYR P 37 -56.58 -122.33 -108.53
C TYR P 37 -55.71 -121.85 -109.68
N GLU P 38 -55.98 -120.62 -110.12
CA GLU P 38 -55.30 -120.01 -111.25
C GLU P 38 -54.23 -119.05 -110.74
N VAL P 39 -53.06 -119.10 -111.38
CA VAL P 39 -51.90 -118.31 -110.96
C VAL P 39 -51.71 -117.13 -111.91
N GLU P 40 -51.33 -115.99 -111.35
CA GLU P 40 -50.97 -114.81 -112.13
C GLU P 40 -49.65 -114.26 -111.61
N VAL P 41 -48.70 -114.04 -112.51
CA VAL P 41 -47.35 -113.60 -112.15
C VAL P 41 -47.20 -112.14 -112.53
N ILE P 42 -46.72 -111.33 -111.59
CA ILE P 42 -46.49 -109.91 -111.79
C ILE P 42 -45.02 -109.62 -111.48
N ASP P 43 -44.33 -109.02 -112.44
CA ASP P 43 -42.94 -108.59 -112.26
C ASP P 43 -42.94 -107.13 -111.82
N LEU P 44 -42.38 -106.89 -110.64
CA LEU P 44 -42.56 -105.60 -109.96
C LEU P 44 -41.77 -104.48 -110.64
N LYS P 45 -40.67 -104.83 -111.32
CA LYS P 45 -39.77 -103.78 -111.82
C LYS P 45 -40.49 -102.81 -112.75
N GLN P 46 -41.29 -103.33 -113.68
CA GLN P 46 -42.02 -102.48 -114.62
C GLN P 46 -43.06 -101.62 -113.91
N ASN P 47 -43.74 -102.19 -112.90
CA ASN P 47 -44.71 -101.42 -112.12
C ASN P 47 -44.29 -101.37 -110.67
N PRO P 48 -43.38 -100.46 -110.28
CA PRO P 48 -43.11 -100.30 -108.84
C PRO P 48 -44.33 -99.85 -108.06
N ARG P 49 -45.22 -99.09 -108.70
CA ARG P 49 -46.44 -98.63 -108.05
C ARG P 49 -47.28 -99.79 -107.53
N LEU P 50 -47.46 -100.83 -108.34
CA LEU P 50 -48.25 -101.96 -107.90
C LEU P 50 -47.68 -102.58 -106.63
N ALA P 51 -46.36 -102.47 -106.44
CA ALA P 51 -45.76 -102.92 -105.19
C ALA P 51 -46.36 -102.18 -104.00
N LYS P 52 -46.50 -100.85 -104.12
CA LYS P 52 -47.12 -100.09 -103.05
C LYS P 52 -48.61 -100.41 -102.92
N GLU P 53 -49.29 -100.58 -104.06
CA GLU P 53 -50.73 -100.83 -104.01
C GLU P 53 -51.03 -102.15 -103.31
N HIS P 54 -50.22 -103.18 -103.55
CA HIS P 54 -50.38 -104.47 -102.88
C HIS P 54 -49.56 -104.59 -101.59
N SER P 55 -48.82 -103.56 -101.20
CA SER P 55 -48.04 -103.58 -99.96
C SER P 55 -47.08 -104.77 -99.92
N ILE P 56 -46.17 -104.81 -100.88
CA ILE P 56 -45.19 -105.88 -101.01
C ILE P 56 -43.81 -105.35 -100.62
N VAL P 57 -43.05 -106.17 -99.90
CA VAL P 57 -41.74 -105.75 -99.40
C VAL P 57 -40.65 -106.69 -99.90
N ALA P 58 -40.76 -107.98 -99.57
CA ALA P 58 -39.69 -108.95 -99.81
C ALA P 58 -40.07 -109.82 -101.00
N ILE P 59 -39.16 -109.93 -101.98
CA ILE P 59 -39.33 -110.78 -103.14
C ILE P 59 -38.71 -112.15 -102.85
N PRO P 60 -39.25 -113.24 -103.42
CA PRO P 60 -40.52 -113.28 -104.14
C PRO P 60 -41.70 -113.47 -103.18
N THR P 61 -42.91 -113.18 -103.62
CA THR P 61 -44.06 -113.32 -102.74
C THR P 61 -45.18 -114.08 -103.47
N LEU P 62 -45.86 -114.96 -102.73
CA LEU P 62 -47.01 -115.69 -103.24
C LEU P 62 -48.20 -115.42 -102.32
N VAL P 63 -49.21 -114.73 -102.85
CA VAL P 63 -50.32 -114.24 -102.05
C VAL P 63 -51.60 -114.87 -102.56
N ARG P 64 -52.42 -115.38 -101.63
CA ARG P 64 -53.75 -115.87 -101.97
C ARG P 64 -54.79 -114.90 -101.42
N GLU P 65 -55.82 -114.62 -102.23
CA GLU P 65 -56.90 -113.73 -101.83
C GLU P 65 -58.26 -114.42 -101.87
N LEU P 66 -58.32 -115.71 -102.22
CA LEU P 66 -59.61 -116.40 -102.26
C LEU P 66 -60.30 -116.40 -100.91
N PRO P 67 -59.67 -116.84 -99.82
CA PRO P 67 -60.30 -116.70 -98.50
C PRO P 67 -60.32 -115.24 -98.07
N VAL P 68 -61.29 -114.92 -97.20
CA VAL P 68 -61.39 -113.55 -96.69
C VAL P 68 -60.09 -113.12 -96.03
N PRO P 69 -59.48 -113.90 -95.13
CA PRO P 69 -58.19 -113.50 -94.56
C PRO P 69 -57.06 -113.77 -95.53
N ILE P 70 -56.33 -112.71 -95.90
CA ILE P 70 -55.20 -112.85 -96.80
C ILE P 70 -54.14 -113.77 -96.20
N ARG P 71 -53.37 -114.41 -97.07
CA ARG P 71 -52.18 -115.13 -96.62
C ARG P 71 -51.09 -115.03 -97.68
N LYS P 72 -49.88 -114.72 -97.20
CA LYS P 72 -48.70 -114.55 -98.02
C LYS P 72 -47.66 -115.60 -97.67
N ILE P 73 -46.83 -115.94 -98.65
CA ILE P 73 -45.68 -116.82 -98.47
C ILE P 73 -44.48 -116.13 -99.12
N ILE P 74 -43.42 -115.94 -98.35
CA ILE P 74 -42.25 -115.18 -98.79
C ILE P 74 -41.12 -116.14 -99.09
N GLY P 75 -40.49 -115.98 -100.26
CA GLY P 75 -39.37 -116.81 -100.64
C GLY P 75 -39.47 -117.32 -102.06
N ASP P 76 -38.66 -118.33 -102.40
CA ASP P 76 -38.68 -118.93 -103.73
C ASP P 76 -39.44 -120.24 -103.78
N LEU P 77 -40.10 -120.64 -102.70
CA LEU P 77 -40.86 -121.89 -102.67
C LEU P 77 -39.95 -123.09 -102.95
N SER P 78 -38.94 -123.24 -102.11
CA SER P 78 -38.01 -124.36 -102.26
C SER P 78 -38.56 -125.63 -101.65
N ASP P 79 -39.23 -125.52 -100.50
CA ASP P 79 -39.78 -126.69 -99.81
C ASP P 79 -41.16 -127.00 -100.39
N LYS P 80 -41.22 -128.04 -101.22
CA LYS P 80 -42.49 -128.42 -101.84
C LYS P 80 -43.54 -128.76 -100.79
N GLU P 81 -43.17 -129.57 -99.80
CA GLU P 81 -44.13 -130.02 -98.80
C GLU P 81 -44.66 -128.84 -97.99
N GLN P 82 -43.77 -127.94 -97.57
CA GLN P 82 -44.21 -126.79 -96.79
C GLN P 82 -45.09 -125.86 -97.62
N VAL P 83 -44.74 -125.64 -98.88
CA VAL P 83 -45.57 -124.79 -99.73
C VAL P 83 -46.95 -125.41 -99.90
N LEU P 84 -47.00 -126.73 -100.15
CA LEU P 84 -48.29 -127.40 -100.33
C LEU P 84 -49.13 -127.35 -99.07
N VAL P 85 -48.49 -127.52 -97.90
CA VAL P 85 -49.24 -127.47 -96.64
C VAL P 85 -49.77 -126.07 -96.39
N ASN P 86 -48.96 -125.06 -96.71
CA ASN P 86 -49.41 -123.68 -96.56
C ASN P 86 -50.52 -123.33 -97.53
N LEU P 87 -50.56 -123.95 -98.71
CA LEU P 87 -51.60 -123.68 -99.70
C LEU P 87 -52.71 -124.74 -99.72
N LYS P 88 -52.76 -125.64 -98.75
CA LYS P 88 -53.73 -126.73 -98.78
C LYS P 88 -55.02 -126.34 -98.06
N MET P 89 -56.13 -126.80 -98.62
CA MET P 89 -57.44 -126.67 -97.98
C MET P 89 -58.41 -127.70 -98.55
N ARG Q 5 -71.49 -137.52 -71.55
CA ARG Q 5 -70.69 -137.49 -72.76
C ARG Q 5 -71.10 -136.33 -73.66
N ARG Q 6 -70.75 -135.11 -73.26
CA ARG Q 6 -71.11 -133.91 -73.99
C ARG Q 6 -69.87 -133.07 -74.28
N LEU Q 7 -69.80 -132.54 -75.49
CA LEU Q 7 -68.68 -131.69 -75.90
C LEU Q 7 -69.23 -130.44 -76.56
N VAL Q 8 -68.61 -129.30 -76.30
CA VAL Q 8 -69.01 -128.02 -76.88
C VAL Q 8 -67.84 -127.44 -77.65
N LEU Q 9 -68.13 -126.90 -78.83
CA LEU Q 9 -67.10 -126.30 -79.68
C LEU Q 9 -67.49 -124.86 -79.98
N TYR Q 10 -66.75 -123.92 -79.40
CA TYR Q 10 -66.99 -122.50 -79.57
C TYR Q 10 -66.12 -121.99 -80.71
N VAL Q 11 -66.75 -121.39 -81.72
CA VAL Q 11 -66.08 -120.81 -82.88
C VAL Q 11 -66.75 -119.49 -83.21
N ALA Q 12 -66.16 -118.75 -84.14
CA ALA Q 12 -66.63 -117.41 -84.51
C ALA Q 12 -66.59 -117.26 -86.03
N GLY Q 13 -67.76 -117.28 -86.67
CA GLY Q 13 -67.87 -117.00 -88.08
C GLY Q 13 -67.44 -118.16 -88.95
N GLN Q 14 -67.52 -117.93 -90.26
CA GLN Q 14 -67.07 -118.91 -91.25
C GLN Q 14 -65.56 -118.72 -91.46
N THR Q 15 -64.86 -118.70 -90.33
CA THR Q 15 -63.42 -118.52 -90.32
C THR Q 15 -62.73 -119.79 -90.78
N PRO Q 16 -61.59 -119.67 -91.47
CA PRO Q 16 -60.85 -120.89 -91.81
C PRO Q 16 -60.51 -121.72 -90.58
N LYS Q 17 -60.12 -121.06 -89.48
CA LYS Q 17 -59.83 -121.78 -88.25
C LYS Q 17 -61.04 -122.57 -87.75
N SER Q 18 -62.20 -121.93 -87.62
CA SER Q 18 -63.38 -122.61 -87.09
C SER Q 18 -63.86 -123.71 -88.03
N LEU Q 19 -63.85 -123.46 -89.35
CA LEU Q 19 -64.26 -124.48 -90.29
C LEU Q 19 -63.35 -125.69 -90.22
N ALA Q 20 -62.04 -125.46 -90.23
CA ALA Q 20 -61.09 -126.55 -90.08
C ALA Q 20 -61.26 -127.24 -88.74
N ALA Q 21 -61.59 -126.48 -87.71
CA ALA Q 21 -61.80 -127.06 -86.39
C ALA Q 21 -62.96 -128.04 -86.42
N ILE Q 22 -64.10 -127.63 -86.98
CA ILE Q 22 -65.26 -128.53 -86.97
C ILE Q 22 -65.01 -129.72 -87.88
N SER Q 23 -64.35 -129.49 -89.03
CA SER Q 23 -64.03 -130.59 -89.94
C SER Q 23 -63.12 -131.61 -89.27
N ASN Q 24 -62.08 -131.14 -88.58
CA ASN Q 24 -61.17 -132.03 -87.88
C ASN Q 24 -61.89 -132.74 -86.73
N LEU Q 25 -62.80 -132.04 -86.06
CA LEU Q 25 -63.60 -132.71 -85.03
C LEU Q 25 -64.40 -133.84 -85.64
N ARG Q 26 -65.04 -133.59 -86.78
CA ARG Q 26 -65.73 -134.65 -87.50
C ARG Q 26 -64.79 -135.82 -87.77
N ARG Q 27 -63.60 -135.53 -88.28
CA ARG Q 27 -62.67 -136.60 -88.68
C ARG Q 27 -62.22 -137.43 -87.48
N ILE Q 28 -61.71 -136.78 -86.42
CA ILE Q 28 -61.26 -137.52 -85.26
C ILE Q 28 -62.41 -138.28 -84.61
N CYS Q 29 -63.59 -137.64 -84.49
CA CYS Q 29 -64.71 -138.31 -83.85
C CYS Q 29 -65.14 -139.56 -84.63
N GLU Q 30 -65.20 -139.46 -85.96
CA GLU Q 30 -65.74 -140.57 -86.75
C GLU Q 30 -64.68 -141.63 -87.04
N GLU Q 31 -63.63 -141.26 -87.78
CA GLU Q 31 -62.66 -142.28 -88.19
C GLU Q 31 -61.93 -142.87 -86.99
N ASN Q 32 -61.55 -142.04 -86.02
CA ASN Q 32 -60.73 -142.54 -84.92
C ASN Q 32 -61.52 -143.44 -83.98
N LEU Q 33 -62.72 -143.03 -83.59
CA LEU Q 33 -63.46 -143.70 -82.54
C LEU Q 33 -64.94 -143.68 -82.89
N PRO Q 34 -65.77 -144.37 -82.10
CA PRO Q 34 -67.22 -144.31 -82.31
C PRO Q 34 -67.83 -143.05 -81.71
N GLY Q 35 -69.16 -142.97 -81.71
CA GLY Q 35 -69.83 -141.83 -81.12
C GLY Q 35 -70.07 -141.97 -79.63
N GLN Q 36 -68.99 -141.86 -78.84
CA GLN Q 36 -69.13 -141.99 -77.39
C GLN Q 36 -69.79 -140.76 -76.77
N TYR Q 37 -69.55 -139.58 -77.35
CA TYR Q 37 -70.10 -138.34 -76.83
C TYR Q 37 -70.71 -137.52 -77.96
N GLU Q 38 -71.62 -136.63 -77.59
CA GLU Q 38 -72.36 -135.80 -78.53
C GLU Q 38 -71.75 -134.41 -78.56
N VAL Q 39 -71.60 -133.85 -79.77
CA VAL Q 39 -70.96 -132.56 -79.99
C VAL Q 39 -72.02 -131.50 -80.27
N GLU Q 40 -71.79 -130.31 -79.73
CA GLU Q 40 -72.62 -129.15 -80.01
C GLU Q 40 -71.73 -127.97 -80.37
N VAL Q 41 -72.00 -127.32 -81.49
CA VAL Q 41 -71.18 -126.24 -82.01
C VAL Q 41 -71.91 -124.92 -81.81
N ILE Q 42 -71.22 -123.95 -81.21
CA ILE Q 42 -71.76 -122.61 -80.96
C ILE Q 42 -70.86 -121.60 -81.64
N ASP Q 43 -71.45 -120.76 -82.49
CA ASP Q 43 -70.73 -119.67 -83.15
C ASP Q 43 -70.92 -118.41 -82.30
N LEU Q 44 -69.79 -117.85 -81.85
CA LEU Q 44 -69.82 -116.82 -80.81
C LEU Q 44 -70.33 -115.49 -81.34
N LYS Q 45 -70.16 -115.23 -82.64
CA LYS Q 45 -70.44 -113.91 -83.17
C LYS Q 45 -71.88 -113.48 -82.90
N GLN Q 46 -72.84 -114.37 -83.14
CA GLN Q 46 -74.25 -114.07 -82.92
C GLN Q 46 -74.55 -113.85 -81.44
N ASN Q 47 -73.94 -114.65 -80.56
CA ASN Q 47 -74.11 -114.46 -79.13
C ASN Q 47 -72.78 -114.14 -78.47
N PRO Q 48 -72.33 -112.89 -78.49
CA PRO Q 48 -71.14 -112.54 -77.70
C PRO Q 48 -71.33 -112.76 -76.21
N ARG Q 49 -72.56 -112.60 -75.73
CA ARG Q 49 -72.86 -112.82 -74.33
C ARG Q 49 -72.48 -114.22 -73.87
N LEU Q 50 -72.82 -115.24 -74.66
CA LEU Q 50 -72.50 -116.60 -74.28
C LEU Q 50 -71.00 -116.78 -74.10
N ALA Q 51 -70.20 -116.00 -74.83
CA ALA Q 51 -68.76 -116.01 -74.61
C ALA Q 51 -68.42 -115.64 -73.18
N LYS Q 52 -69.05 -114.59 -72.65
CA LYS Q 52 -68.81 -114.21 -71.25
C LYS Q 52 -69.39 -115.26 -70.30
N GLU Q 53 -70.56 -115.81 -70.62
CA GLU Q 53 -71.20 -116.78 -69.72
C GLU Q 53 -70.34 -118.02 -69.57
N HIS Q 54 -69.73 -118.49 -70.66
CA HIS Q 54 -68.84 -119.64 -70.62
C HIS Q 54 -67.37 -119.27 -70.40
N SER Q 55 -67.04 -117.99 -70.28
CA SER Q 55 -65.67 -117.55 -70.02
C SER Q 55 -64.71 -118.06 -71.09
N ILE Q 56 -64.97 -117.66 -72.33
CA ILE Q 56 -64.17 -118.07 -73.48
C ILE Q 56 -63.34 -116.90 -73.96
N VAL Q 57 -62.08 -117.16 -74.33
CA VAL Q 57 -61.17 -116.10 -74.74
C VAL Q 57 -60.65 -116.36 -76.15
N ALA Q 58 -59.99 -117.50 -76.36
CA ALA Q 58 -59.28 -117.78 -77.61
C ALA Q 58 -60.08 -118.77 -78.44
N ILE Q 59 -60.32 -118.42 -79.70
CA ILE Q 59 -61.00 -119.29 -80.65
C ILE Q 59 -59.98 -120.12 -81.41
N PRO Q 60 -60.31 -121.36 -81.82
CA PRO Q 60 -61.52 -122.09 -81.43
C PRO Q 60 -61.31 -122.81 -80.11
N THR Q 61 -62.40 -123.22 -79.45
CA THR Q 61 -62.28 -123.91 -78.17
C THR Q 61 -63.15 -125.15 -78.16
N LEU Q 62 -62.63 -126.23 -77.58
CA LEU Q 62 -63.36 -127.48 -77.41
C LEU Q 62 -63.37 -127.82 -75.92
N VAL Q 63 -64.55 -127.79 -75.31
CA VAL Q 63 -64.68 -127.91 -73.87
C VAL Q 63 -65.53 -129.14 -73.56
N ARG Q 64 -65.06 -129.96 -72.62
CA ARG Q 64 -65.84 -131.09 -72.12
C ARG Q 64 -66.31 -130.79 -70.70
N GLU Q 65 -67.57 -131.10 -70.42
CA GLU Q 65 -68.15 -130.89 -69.10
C GLU Q 65 -68.65 -132.19 -68.46
N LEU Q 66 -68.49 -133.33 -69.14
CA LEU Q 66 -68.94 -134.60 -68.56
C LEU Q 66 -68.26 -134.91 -67.24
N PRO Q 67 -66.93 -134.91 -67.14
CA PRO Q 67 -66.30 -135.06 -65.83
C PRO Q 67 -66.48 -133.81 -64.99
N VAL Q 68 -66.43 -134.00 -63.67
CA VAL Q 68 -66.58 -132.88 -62.75
C VAL Q 68 -65.54 -131.80 -63.04
N PRO Q 69 -64.25 -132.11 -63.18
CA PRO Q 69 -63.27 -131.08 -63.54
C PRO Q 69 -63.34 -130.75 -65.03
N ILE Q 70 -63.61 -129.48 -65.35
CA ILE Q 70 -63.68 -129.05 -66.74
C ILE Q 70 -62.33 -129.26 -67.41
N ARG Q 71 -62.36 -129.44 -68.73
CA ARG Q 71 -61.15 -129.42 -69.52
C ARG Q 71 -61.42 -128.80 -70.89
N LYS Q 72 -60.53 -127.90 -71.28
CA LYS Q 72 -60.61 -127.16 -72.54
C LYS Q 72 -59.41 -127.51 -73.42
N ILE Q 73 -59.63 -127.41 -74.72
CA ILE Q 73 -58.57 -127.55 -75.73
C ILE Q 73 -58.68 -126.37 -76.68
N ILE Q 74 -57.60 -125.62 -76.83
CA ILE Q 74 -57.61 -124.38 -77.60
C ILE Q 74 -56.90 -124.63 -78.93
N GLY Q 75 -57.53 -124.20 -80.02
CA GLY Q 75 -56.95 -124.35 -81.34
C GLY Q 75 -57.92 -124.90 -82.37
N ASP Q 76 -57.39 -125.35 -83.52
CA ASP Q 76 -58.22 -125.92 -84.57
C ASP Q 76 -58.20 -127.44 -84.60
N LEU Q 77 -57.57 -128.09 -83.62
CA LEU Q 77 -57.49 -129.54 -83.56
C LEU Q 77 -56.81 -130.11 -84.81
N SER Q 78 -55.57 -129.66 -85.02
CA SER Q 78 -54.79 -130.14 -86.16
C SER Q 78 -54.16 -131.50 -85.89
N ASP Q 79 -53.66 -131.71 -84.68
CA ASP Q 79 -53.00 -132.96 -84.32
C ASP Q 79 -54.05 -133.97 -83.86
N LYS Q 80 -54.37 -134.91 -84.74
CA LYS Q 80 -55.38 -135.92 -84.43
C LYS Q 80 -54.99 -136.73 -83.19
N GLU Q 81 -53.74 -137.19 -83.13
CA GLU Q 81 -53.31 -138.02 -82.01
C GLU Q 81 -53.38 -137.26 -80.69
N GLN Q 82 -52.91 -136.01 -80.69
CA GLN Q 82 -52.95 -135.23 -79.46
C GLN Q 82 -54.38 -134.92 -79.03
N VAL Q 83 -55.25 -134.59 -79.99
CA VAL Q 83 -56.65 -134.35 -79.63
C VAL Q 83 -57.28 -135.61 -79.05
N LEU Q 84 -57.03 -136.77 -79.67
CA LEU Q 84 -57.62 -138.01 -79.18
C LEU Q 84 -57.09 -138.35 -77.79
N VAL Q 85 -55.79 -138.12 -77.54
CA VAL Q 85 -55.23 -138.42 -76.24
C VAL Q 85 -55.80 -137.49 -75.18
N ASN Q 86 -55.99 -136.23 -75.54
CA ASN Q 86 -56.59 -135.27 -74.62
C ASN Q 86 -58.06 -135.58 -74.34
N LEU Q 87 -58.77 -136.20 -75.30
CA LEU Q 87 -60.17 -136.55 -75.13
C LEU Q 87 -60.39 -138.02 -74.79
N LYS Q 88 -59.34 -138.77 -74.49
CA LYS Q 88 -59.50 -140.20 -74.27
C LYS Q 88 -59.75 -140.53 -72.80
N MET Q 89 -60.60 -141.52 -72.56
CA MET Q 89 -60.84 -142.06 -71.24
C MET Q 89 -61.43 -143.46 -71.34
N ARG R 5 -43.66 -157.59 -49.26
CA ARG R 5 -44.20 -157.20 -50.55
C ARG R 5 -45.53 -156.46 -50.39
N ARG R 6 -45.47 -155.22 -49.91
CA ARG R 6 -46.64 -154.41 -49.65
C ARG R 6 -46.51 -153.06 -50.35
N LEU R 7 -47.61 -152.60 -50.96
CA LEU R 7 -47.66 -151.32 -51.65
C LEU R 7 -48.90 -150.57 -51.20
N VAL R 8 -48.77 -149.26 -51.02
CA VAL R 8 -49.88 -148.41 -50.61
C VAL R 8 -50.08 -147.33 -51.67
N LEU R 9 -51.34 -147.06 -52.00
CA LEU R 9 -51.68 -146.05 -53.00
C LEU R 9 -52.62 -145.04 -52.36
N TYR R 10 -52.12 -143.83 -52.14
CA TYR R 10 -52.88 -142.75 -51.54
C TYR R 10 -53.50 -141.91 -52.64
N VAL R 11 -54.83 -141.77 -52.61
CA VAL R 11 -55.58 -140.97 -53.57
C VAL R 11 -56.66 -140.21 -52.80
N ALA R 12 -57.34 -139.30 -53.50
CA ALA R 12 -58.35 -138.42 -52.90
C ALA R 12 -59.56 -138.34 -53.82
N GLY R 13 -60.65 -138.99 -53.43
CA GLY R 13 -61.91 -138.86 -54.13
C GLY R 13 -61.96 -139.66 -55.42
N GLN R 14 -63.11 -139.56 -56.09
CA GLN R 14 -63.31 -140.19 -57.39
C GLN R 14 -62.74 -139.26 -58.47
N THR R 15 -61.51 -138.83 -58.23
CA THR R 15 -60.82 -137.92 -59.13
C THR R 15 -60.39 -138.67 -60.38
N PRO R 16 -60.36 -138.00 -61.54
CA PRO R 16 -59.81 -138.67 -62.73
C PRO R 16 -58.39 -139.14 -62.52
N LYS R 17 -57.57 -138.34 -61.83
CA LYS R 17 -56.20 -138.76 -61.54
C LYS R 17 -56.15 -140.03 -60.71
N SER R 18 -56.89 -140.09 -59.60
CA SER R 18 -56.84 -141.27 -58.73
C SER R 18 -57.43 -142.49 -59.41
N LEU R 19 -58.54 -142.31 -60.15
CA LEU R 19 -59.13 -143.45 -60.85
C LEU R 19 -58.18 -144.00 -61.89
N ALA R 20 -57.59 -143.11 -62.70
CA ALA R 20 -56.59 -143.55 -63.67
C ALA R 20 -55.40 -144.17 -62.98
N ALA R 21 -55.02 -143.65 -61.82
CA ALA R 21 -53.91 -144.21 -61.08
C ALA R 21 -54.19 -145.64 -60.69
N ILE R 22 -55.36 -145.91 -60.11
CA ILE R 22 -55.63 -147.28 -59.66
C ILE R 22 -55.80 -148.20 -60.86
N SER R 23 -56.41 -147.71 -61.94
CA SER R 23 -56.58 -148.51 -63.14
C SER R 23 -55.23 -148.88 -63.75
N ASN R 24 -54.32 -147.91 -63.84
CA ASN R 24 -52.99 -148.18 -64.35
C ASN R 24 -52.22 -149.10 -63.42
N LEU R 25 -52.40 -148.96 -62.12
CA LEU R 25 -51.78 -149.90 -61.18
C LEU R 25 -52.27 -151.31 -61.47
N ARG R 26 -53.58 -151.47 -61.65
CA ARG R 26 -54.13 -152.76 -62.05
C ARG R 26 -53.43 -153.29 -63.30
N ARG R 27 -53.33 -152.44 -64.32
CA ARG R 27 -52.78 -152.87 -65.60
C ARG R 27 -51.31 -153.31 -65.47
N ILE R 28 -50.46 -152.44 -64.92
CA ILE R 28 -49.05 -152.80 -64.78
C ILE R 28 -48.88 -154.03 -63.88
N CYS R 29 -49.62 -154.09 -62.76
CA CYS R 29 -49.47 -155.22 -61.86
C CYS R 29 -49.86 -156.53 -62.54
N GLU R 30 -50.95 -156.53 -63.29
CA GLU R 30 -51.46 -157.79 -63.84
C GLU R 30 -50.77 -158.15 -65.16
N GLU R 31 -50.93 -157.32 -66.19
CA GLU R 31 -50.39 -157.69 -67.50
C GLU R 31 -48.87 -157.77 -67.47
N ASN R 32 -48.20 -156.83 -66.80
CA ASN R 32 -46.75 -156.79 -66.86
C ASN R 32 -46.10 -157.92 -66.08
N LEU R 33 -46.57 -158.18 -64.87
CA LEU R 33 -45.90 -159.10 -63.97
C LEU R 33 -46.94 -159.88 -63.19
N PRO R 34 -46.51 -160.86 -62.39
CA PRO R 34 -47.45 -161.57 -61.51
C PRO R 34 -47.73 -160.80 -60.24
N GLY R 35 -48.45 -161.42 -59.30
CA GLY R 35 -48.74 -160.78 -58.03
C GLY R 35 -47.65 -160.95 -57.00
N GLN R 36 -46.52 -160.27 -57.19
CA GLN R 36 -45.42 -160.40 -56.24
C GLN R 36 -45.71 -159.66 -54.94
N TYR R 37 -46.45 -158.56 -55.00
CA TYR R 37 -46.77 -157.78 -53.83
C TYR R 37 -48.26 -157.43 -53.81
N GLU R 38 -48.76 -157.14 -52.61
CA GLU R 38 -50.16 -156.85 -52.37
C GLU R 38 -50.36 -155.34 -52.27
N VAL R 39 -51.42 -154.84 -52.92
CA VAL R 39 -51.71 -153.41 -52.98
C VAL R 39 -52.85 -153.08 -52.03
N GLU R 40 -52.74 -151.92 -51.39
CA GLU R 40 -53.80 -151.38 -50.55
C GLU R 40 -54.02 -149.92 -50.93
N VAL R 41 -55.27 -149.55 -51.19
CA VAL R 41 -55.63 -148.22 -51.66
C VAL R 41 -56.31 -147.47 -50.52
N ILE R 42 -55.84 -146.26 -50.25
CA ILE R 42 -56.40 -145.40 -49.21
C ILE R 42 -56.82 -144.08 -49.85
N ASP R 43 -58.08 -143.71 -49.66
CA ASP R 43 -58.60 -142.43 -50.13
C ASP R 43 -58.49 -141.42 -49.00
N LEU R 44 -57.74 -140.34 -49.27
CA LEU R 44 -57.32 -139.44 -48.20
C LEU R 44 -58.46 -138.59 -47.67
N LYS R 45 -59.48 -138.33 -48.49
CA LYS R 45 -60.50 -137.37 -48.12
C LYS R 45 -61.20 -137.75 -46.81
N GLN R 46 -61.57 -139.02 -46.66
CA GLN R 46 -62.22 -139.49 -45.44
C GLN R 46 -61.30 -139.40 -44.24
N ASN R 47 -60.02 -139.73 -44.41
CA ASN R 47 -59.06 -139.60 -43.33
C ASN R 47 -57.97 -138.61 -43.69
N PRO R 48 -58.19 -137.30 -43.53
CA PRO R 48 -57.08 -136.36 -43.71
C PRO R 48 -55.94 -136.59 -42.74
N ARG R 49 -56.26 -137.07 -41.54
CA ARG R 49 -55.24 -137.36 -40.54
C ARG R 49 -54.20 -138.34 -41.05
N LEU R 50 -54.63 -139.42 -41.70
CA LEU R 50 -53.68 -140.40 -42.21
C LEU R 50 -52.71 -139.75 -43.18
N ALA R 51 -53.14 -138.69 -43.88
CA ALA R 51 -52.22 -137.96 -44.73
C ALA R 51 -51.05 -137.40 -43.92
N LYS R 52 -51.33 -136.82 -42.75
CA LYS R 52 -50.27 -136.32 -41.90
C LYS R 52 -49.45 -137.46 -41.32
N GLU R 53 -50.11 -138.56 -40.93
CA GLU R 53 -49.40 -139.68 -40.32
C GLU R 53 -48.40 -140.29 -41.29
N HIS R 54 -48.77 -140.41 -42.57
CA HIS R 54 -47.87 -140.93 -43.58
C HIS R 54 -47.07 -139.84 -44.31
N SER R 55 -47.25 -138.57 -43.95
CA SER R 55 -46.49 -137.47 -44.55
C SER R 55 -46.66 -137.45 -46.06
N ILE R 56 -47.90 -137.29 -46.51
CA ILE R 56 -48.23 -137.28 -47.93
C ILE R 56 -48.60 -135.85 -48.34
N VAL R 57 -48.15 -135.44 -49.53
CA VAL R 57 -48.36 -134.08 -50.00
C VAL R 57 -49.10 -134.08 -51.34
N ALA R 58 -48.52 -134.72 -52.35
CA ALA R 58 -49.02 -134.63 -53.72
C ALA R 58 -49.74 -135.93 -54.07
N ILE R 59 -50.96 -135.80 -54.56
CA ILE R 59 -51.76 -136.94 -55.03
C ILE R 59 -51.53 -137.14 -56.53
N PRO R 60 -51.58 -138.38 -57.03
CA PRO R 60 -51.65 -139.62 -56.26
C PRO R 60 -50.25 -140.08 -55.85
N THR R 61 -50.16 -140.96 -54.85
CA THR R 61 -48.85 -141.44 -54.40
C THR R 61 -48.86 -142.95 -54.29
N LEU R 62 -47.76 -143.58 -54.69
CA LEU R 62 -47.56 -145.02 -54.57
C LEU R 62 -46.29 -145.26 -53.77
N VAL R 63 -46.43 -145.82 -52.57
CA VAL R 63 -45.33 -145.95 -51.62
C VAL R 63 -45.09 -147.42 -51.34
N ARG R 64 -43.83 -147.82 -51.38
CA ARG R 64 -43.44 -149.17 -50.98
C ARG R 64 -42.70 -149.11 -49.66
N GLU R 65 -43.02 -150.02 -48.75
CA GLU R 65 -42.36 -150.10 -47.45
C GLU R 65 -41.67 -151.44 -47.22
N LEU R 66 -41.70 -152.35 -48.19
CA LEU R 66 -41.05 -153.65 -48.01
C LEU R 66 -39.55 -153.51 -47.76
N PRO R 67 -38.79 -152.81 -48.60
CA PRO R 67 -37.38 -152.56 -48.27
C PRO R 67 -37.26 -151.56 -47.14
N VAL R 68 -36.13 -151.65 -46.42
CA VAL R 68 -35.90 -150.72 -45.31
C VAL R 68 -35.97 -149.27 -45.78
N PRO R 69 -35.30 -148.86 -46.87
CA PRO R 69 -35.43 -147.49 -47.35
C PRO R 69 -36.74 -147.30 -48.11
N ILE R 70 -37.58 -146.38 -47.63
CA ILE R 70 -38.85 -146.11 -48.29
C ILE R 70 -38.60 -145.60 -49.71
N ARG R 71 -39.59 -145.84 -50.57
CA ARG R 71 -39.58 -145.21 -51.89
C ARG R 71 -41.01 -144.88 -52.33
N LYS R 72 -41.17 -143.66 -52.83
CA LYS R 72 -42.45 -143.13 -53.27
C LYS R 72 -42.39 -142.83 -54.76
N ILE R 73 -43.56 -142.90 -55.40
CA ILE R 73 -43.74 -142.52 -56.80
C ILE R 73 -44.97 -141.61 -56.86
N ILE R 74 -44.79 -140.41 -57.40
CA ILE R 74 -45.82 -139.39 -57.40
C ILE R 74 -46.41 -139.29 -58.81
N GLY R 75 -47.74 -139.29 -58.89
CA GLY R 75 -48.42 -139.16 -60.18
C GLY R 75 -49.53 -140.18 -60.37
N ASP R 76 -50.00 -140.33 -61.61
CA ASP R 76 -51.04 -141.30 -61.93
C ASP R 76 -50.51 -142.58 -62.55
N LEU R 77 -49.20 -142.77 -62.62
CA LEU R 77 -48.59 -143.97 -63.19
C LEU R 77 -49.01 -144.14 -64.65
N SER R 78 -48.69 -143.13 -65.46
CA SER R 78 -49.02 -143.17 -66.87
C SER R 78 -47.99 -143.98 -67.66
N ASP R 79 -46.72 -143.85 -67.33
CA ASP R 79 -45.66 -144.57 -68.04
C ASP R 79 -45.49 -145.95 -67.42
N LYS R 80 -46.00 -146.96 -68.12
CA LYS R 80 -45.92 -148.33 -67.64
C LYS R 80 -44.48 -148.76 -67.43
N GLU R 81 -43.62 -148.51 -68.41
CA GLU R 81 -42.24 -148.95 -68.34
C GLU R 81 -41.51 -148.28 -67.17
N GLN R 82 -41.70 -146.98 -67.00
CA GLN R 82 -41.03 -146.28 -65.91
C GLN R 82 -41.56 -146.75 -64.55
N VAL R 83 -42.86 -146.97 -64.43
CA VAL R 83 -43.40 -147.47 -63.17
C VAL R 83 -42.82 -148.84 -62.86
N LEU R 84 -42.77 -149.72 -63.86
CA LEU R 84 -42.25 -151.07 -63.64
C LEU R 84 -40.78 -151.03 -63.27
N VAL R 85 -40.00 -150.16 -63.91
CA VAL R 85 -38.58 -150.06 -63.59
C VAL R 85 -38.39 -149.52 -62.17
N ASN R 86 -39.21 -148.55 -61.78
CA ASN R 86 -39.15 -148.03 -60.42
C ASN R 86 -39.57 -149.05 -59.37
N LEU R 87 -40.47 -149.97 -59.73
CA LEU R 87 -40.93 -150.99 -58.80
C LEU R 87 -40.28 -152.35 -59.01
N LYS R 88 -39.23 -152.43 -59.83
CA LYS R 88 -38.63 -153.72 -60.14
C LYS R 88 -37.50 -154.07 -59.18
N MET R 89 -37.41 -155.36 -58.83
CA MET R 89 -36.30 -155.89 -58.05
C MET R 89 -36.19 -157.40 -58.26
N ARG S 5 8.37 126.53 114.29
CA ARG S 5 9.76 126.88 114.02
C ARG S 5 10.71 125.81 114.57
N ARG S 6 10.75 124.67 113.90
CA ARG S 6 11.57 123.53 114.31
C ARG S 6 12.45 123.07 113.15
N LEU S 7 13.71 122.77 113.46
CA LEU S 7 14.65 122.28 112.47
C LEU S 7 15.36 121.06 113.02
N VAL S 8 15.60 120.07 112.17
CA VAL S 8 16.29 118.85 112.56
C VAL S 8 17.53 118.68 111.70
N LEU S 9 18.63 118.28 112.32
CA LEU S 9 19.89 118.08 111.61
C LEU S 9 20.37 116.66 111.85
N TYR S 10 20.32 115.85 110.81
CA TYR S 10 20.73 114.45 110.86
C TYR S 10 22.19 114.34 110.42
N VAL S 11 23.02 113.78 111.29
CA VAL S 11 24.44 113.57 111.03
C VAL S 11 24.82 112.19 111.57
N ALA S 12 26.05 111.77 111.26
CA ALA S 12 26.54 110.44 111.62
C ALA S 12 27.96 110.54 112.13
N GLY S 13 28.14 110.39 113.44
CA GLY S 13 29.45 110.32 114.03
C GLY S 13 30.13 111.68 114.16
N GLN S 14 31.35 111.64 114.70
CA GLN S 14 32.18 112.84 114.82
C GLN S 14 32.92 113.05 113.50
N THR S 15 32.14 113.01 112.42
CA THR S 15 32.65 113.17 111.08
C THR S 15 33.01 114.63 110.84
N PRO S 16 34.05 114.89 110.04
CA PRO S 16 34.33 116.29 109.69
C PRO S 16 33.14 116.97 109.04
N LYS S 17 32.42 116.25 108.17
CA LYS S 17 31.23 116.81 107.54
C LYS S 17 30.18 117.21 108.57
N SER S 18 29.83 116.30 109.49
CA SER S 18 28.78 116.60 110.46
C SER S 18 29.21 117.69 111.43
N LEU S 19 30.47 117.66 111.88
CA LEU S 19 30.95 118.69 112.79
C LEU S 19 30.92 120.06 112.12
N ALA S 20 31.41 120.13 110.89
CA ALA S 20 31.36 121.38 110.14
C ALA S 20 29.92 121.79 109.90
N ALA S 21 29.04 120.82 109.68
CA ALA S 21 27.64 121.13 109.46
C ALA S 21 27.04 121.80 110.69
N ILE S 22 27.26 121.22 111.88
CA ILE S 22 26.64 121.80 113.07
C ILE S 22 27.29 123.16 113.38
N SER S 23 28.60 123.27 113.17
CA SER S 23 29.28 124.54 113.41
C SER S 23 28.75 125.63 112.48
N ASN S 24 28.59 125.31 111.21
CA ASN S 24 28.04 126.28 110.26
C ASN S 24 26.59 126.59 110.58
N LEU S 25 25.82 125.61 111.04
CA LEU S 25 24.47 125.90 111.48
C LEU S 25 24.47 126.90 112.63
N ARG S 26 25.36 126.69 113.60
CA ARG S 26 25.53 127.66 114.67
C ARG S 26 25.82 129.05 114.11
N ARG S 27 26.77 129.13 113.18
CA ARG S 27 27.19 130.42 112.65
C ARG S 27 26.06 131.14 111.92
N ILE S 28 25.43 130.47 110.94
CA ILE S 28 24.34 131.11 110.21
C ILE S 28 23.18 131.46 111.14
N CYS S 29 22.83 130.56 112.06
CA CYS S 29 21.70 130.84 112.94
C CYS S 29 21.97 132.04 113.82
N GLU S 30 23.18 132.15 114.37
CA GLU S 30 23.46 133.21 115.34
C GLU S 30 23.84 134.52 114.67
N GLU S 31 24.95 134.54 113.92
CA GLU S 31 25.42 135.79 113.36
C GLU S 31 24.45 136.36 112.33
N ASN S 32 23.88 135.49 111.48
CA ASN S 32 23.03 135.98 110.40
C ASN S 32 21.70 136.51 110.91
N LEU S 33 21.04 135.77 111.78
CA LEU S 33 19.67 136.08 112.16
C LEU S 33 19.49 135.78 113.64
N PRO S 34 18.33 136.12 114.21
CA PRO S 34 18.04 135.75 115.60
C PRO S 34 17.58 134.31 115.72
N GLY S 35 17.14 133.91 116.92
CA GLY S 35 16.64 132.57 117.13
C GLY S 35 15.17 132.42 116.79
N GLN S 36 14.84 132.43 115.50
CA GLN S 36 13.44 132.30 115.09
C GLN S 36 12.95 130.86 115.26
N TYR S 37 13.83 129.88 115.08
CA TYR S 37 13.46 128.48 115.18
C TYR S 37 14.48 127.73 116.03
N GLU S 38 14.04 126.60 116.58
CA GLU S 38 14.83 125.78 117.48
C GLU S 38 15.40 124.60 116.71
N VAL S 39 16.68 124.28 116.95
CA VAL S 39 17.40 123.23 116.24
C VAL S 39 17.53 122.02 117.14
N GLU S 40 17.41 120.83 116.54
CA GLU S 40 17.65 119.58 117.22
C GLU S 40 18.56 118.71 116.35
N VAL S 41 19.64 118.20 116.93
CA VAL S 41 20.64 117.44 116.21
C VAL S 41 20.51 115.97 116.58
N ILE S 42 20.44 115.11 115.57
CA ILE S 42 20.33 113.66 115.76
C ILE S 42 21.51 113.00 115.04
N ASP S 43 22.27 112.20 115.76
CA ASP S 43 23.36 111.42 115.19
C ASP S 43 22.84 110.03 114.83
N LEU S 44 22.93 109.70 113.55
CA LEU S 44 22.22 108.54 113.02
C LEU S 44 22.84 107.22 113.46
N LYS S 45 24.14 107.22 113.77
CA LYS S 45 24.83 105.97 114.02
C LYS S 45 24.19 105.18 115.16
N GLN S 46 23.89 105.86 116.27
CA GLN S 46 23.28 105.20 117.42
C GLN S 46 21.87 104.68 117.08
N ASN S 47 21.10 105.45 116.32
CA ASN S 47 19.77 105.00 115.90
C ASN S 47 19.71 104.90 114.39
N PRO S 48 20.17 103.81 113.78
CA PRO S 48 19.94 103.63 112.34
C PRO S 48 18.47 103.56 111.98
N ARG S 49 17.65 103.05 112.90
CA ARG S 49 16.21 102.96 112.67
C ARG S 49 15.60 104.32 112.37
N LEU S 50 15.97 105.34 113.15
CA LEU S 50 15.40 106.67 112.93
C LEU S 50 15.70 107.15 111.51
N ALA S 51 16.83 106.71 110.94
CA ALA S 51 17.13 107.04 109.55
C ALA S 51 16.02 106.52 108.64
N LYS S 52 15.57 105.29 108.84
CA LYS S 52 14.46 104.76 108.04
C LYS S 52 13.16 105.47 108.35
N GLU S 53 12.92 105.78 109.63
CA GLU S 53 11.66 106.41 110.03
C GLU S 53 11.52 107.79 109.39
N HIS S 54 12.62 108.55 109.33
CA HIS S 54 12.61 109.86 108.68
C HIS S 54 13.00 109.81 107.20
N SER S 55 13.30 108.63 106.65
CA SER S 55 13.62 108.50 105.23
C SER S 55 14.81 109.38 104.85
N ILE S 56 15.95 109.13 105.49
CA ILE S 56 17.17 109.90 105.26
C ILE S 56 18.17 109.04 104.51
N VAL S 57 18.88 109.65 103.55
CA VAL S 57 19.81 108.92 102.70
C VAL S 57 21.21 109.51 102.81
N ALA S 58 21.35 110.79 102.47
CA ALA S 58 22.66 111.42 102.34
C ALA S 58 22.92 112.32 103.54
N ILE S 59 24.07 112.12 104.19
CA ILE S 59 24.50 112.94 105.31
C ILE S 59 25.34 114.10 104.81
N PRO S 60 25.32 115.27 105.46
CA PRO S 60 24.38 115.63 106.52
C PRO S 60 23.07 116.16 105.95
N THR S 61 22.01 116.19 106.75
CA THR S 61 20.73 116.68 106.27
C THR S 61 20.13 117.67 107.25
N LEU S 62 19.53 118.73 106.72
CA LEU S 62 18.83 119.73 107.53
C LEU S 62 17.39 119.83 107.02
N VAL S 63 16.44 119.42 107.85
CA VAL S 63 15.05 119.27 107.45
C VAL S 63 14.20 120.21 108.30
N ARG S 64 13.31 120.96 107.64
CA ARG S 64 12.32 121.78 108.34
C ARG S 64 10.94 121.15 108.18
N GLU S 65 10.19 121.12 109.28
CA GLU S 65 8.84 120.57 109.26
C GLU S 65 7.78 121.59 109.68
N LEU S 66 8.19 122.83 109.97
CA LEU S 66 7.20 123.85 110.37
C LEU S 66 6.16 124.10 109.29
N PRO S 67 6.52 124.39 108.05
CA PRO S 67 5.51 124.48 106.99
C PRO S 67 4.97 123.11 106.64
N VAL S 68 3.74 123.09 106.12
CA VAL S 68 3.12 121.83 105.73
C VAL S 68 3.99 121.09 104.72
N PRO S 69 4.49 121.71 103.65
CA PRO S 69 5.39 121.00 102.73
C PRO S 69 6.80 120.90 103.31
N ILE S 70 7.28 119.68 103.47
CA ILE S 70 8.63 119.47 104.00
C ILE S 70 9.66 120.10 103.06
N ARG S 71 10.80 120.48 103.62
CA ARG S 71 11.95 120.86 102.82
C ARG S 71 13.23 120.42 103.49
N LYS S 72 14.11 119.83 102.68
CA LYS S 72 15.40 119.31 103.11
C LYS S 72 16.53 120.05 102.41
N ILE S 73 17.67 120.11 103.09
CA ILE S 73 18.91 120.66 102.53
C ILE S 73 20.01 119.66 102.82
N ILE S 74 20.69 119.21 101.77
CA ILE S 74 21.69 118.15 101.87
C ILE S 74 23.08 118.76 101.78
N GLY S 75 23.96 118.38 102.70
CA GLY S 75 25.33 118.86 102.69
C GLY S 75 25.81 119.32 104.05
N ASP S 76 26.92 120.06 104.09
CA ASP S 76 27.46 120.58 105.33
C ASP S 76 27.14 122.05 105.57
N LEU S 77 26.31 122.66 104.71
CA LEU S 77 25.94 124.07 104.86
C LEU S 77 27.18 124.97 104.80
N SER S 78 27.89 124.87 103.68
CA SER S 78 29.09 125.69 103.50
C SER S 78 28.75 127.09 103.03
N ASP S 79 27.76 127.22 102.15
CA ASP S 79 27.36 128.52 101.61
C ASP S 79 26.35 129.16 102.55
N LYS S 80 26.83 130.13 103.33
CA LYS S 80 25.96 130.82 104.28
C LYS S 80 24.78 131.48 103.59
N GLU S 81 25.04 132.21 102.50
CA GLU S 81 23.97 132.93 101.81
C GLU S 81 22.93 131.98 101.25
N GLN S 82 23.37 130.88 100.62
CA GLN S 82 22.42 129.93 100.06
C GLN S 82 21.62 129.24 101.16
N VAL S 83 22.27 128.87 102.26
CA VAL S 83 21.53 128.25 103.36
C VAL S 83 20.49 129.21 103.91
N LEU S 84 20.87 130.48 104.11
CA LEU S 84 19.94 131.46 104.65
C LEU S 84 18.76 131.69 103.69
N VAL S 85 19.04 131.74 102.39
CA VAL S 85 17.97 131.95 101.42
C VAL S 85 17.04 130.75 101.39
N ASN S 86 17.59 129.55 101.50
CA ASN S 86 16.77 128.35 101.55
C ASN S 86 15.94 128.26 102.82
N LEU S 87 16.43 128.83 103.92
CA LEU S 87 15.71 128.82 105.20
C LEU S 87 14.99 130.12 105.51
N LYS S 88 14.88 131.04 104.56
CA LYS S 88 14.31 132.35 104.84
C LYS S 88 12.81 132.36 104.56
N MET S 89 12.07 133.07 105.41
CA MET S 89 10.65 133.32 105.20
C MET S 89 10.21 134.55 106.00
N ARG T 5 -7.18 148.72 83.80
CA ARG T 5 -6.09 148.41 84.71
C ARG T 5 -6.52 147.37 85.74
N ARG T 6 -6.65 146.13 85.30
CA ARG T 6 -7.09 145.03 86.15
C ARG T 6 -6.09 143.88 86.09
N LEU T 7 -5.79 143.28 87.24
CA LEU T 7 -4.88 142.15 87.32
C LEU T 7 -5.53 141.07 88.18
N VAL T 8 -5.34 139.81 87.78
CA VAL T 8 -5.89 138.67 88.51
C VAL T 8 -4.75 137.75 88.91
N LEU T 9 -4.80 137.25 90.15
CA LEU T 9 -3.77 136.37 90.66
C LEU T 9 -4.43 135.08 91.12
N TYR T 10 -4.18 134.01 90.39
CA TYR T 10 -4.73 132.68 90.69
C TYR T 10 -3.72 131.92 91.53
N VAL T 11 -4.17 131.47 92.70
CA VAL T 11 -3.36 130.67 93.63
C VAL T 11 -4.25 129.57 94.20
N ALA T 12 -3.62 128.65 94.94
CA ALA T 12 -4.30 127.47 95.49
C ALA T 12 -3.85 127.25 96.93
N GLY T 13 -4.72 127.57 97.88
CA GLY T 13 -4.48 127.26 99.28
C GLY T 13 -3.50 128.22 99.94
N GLN T 14 -3.25 127.96 101.22
CA GLN T 14 -2.28 128.72 101.98
C GLN T 14 -0.89 128.13 101.73
N THR T 15 -0.59 127.97 100.45
CA THR T 15 0.68 127.41 100.00
C THR T 15 1.79 128.43 100.20
N PRO T 16 3.00 127.97 100.50
CA PRO T 16 4.12 128.93 100.56
C PRO T 16 4.29 129.69 99.26
N LYS T 17 4.13 129.00 98.13
CA LYS T 17 4.22 129.67 96.83
C LYS T 17 3.18 130.77 96.68
N SER T 18 1.91 130.48 96.94
CA SER T 18 0.86 131.47 96.76
C SER T 18 1.00 132.63 97.76
N LEU T 19 1.34 132.32 99.01
CA LEU T 19 1.51 133.37 100.01
C LEU T 19 2.66 134.30 99.61
N ALA T 20 3.79 133.71 99.22
CA ALA T 20 4.92 134.51 98.77
C ALA T 20 4.55 135.29 97.52
N ALA T 21 3.73 134.68 96.65
CA ALA T 21 3.31 135.37 95.44
C ALA T 21 2.51 136.62 95.78
N ILE T 22 1.52 136.51 96.67
CA ILE T 22 0.71 137.68 96.98
C ILE T 22 1.53 138.72 97.72
N SER T 23 2.43 138.27 98.62
CA SER T 23 3.28 139.19 99.35
C SER T 23 4.20 139.96 98.39
N ASN T 24 4.80 139.26 97.45
CA ASN T 24 5.66 139.91 96.47
C ASN T 24 4.87 140.83 95.57
N LEU T 25 3.63 140.44 95.22
CA LEU T 25 2.78 141.34 94.46
C LEU T 25 2.54 142.63 95.23
N ARG T 26 2.23 142.51 96.52
CA ARG T 26 2.10 143.68 97.38
C ARG T 26 3.35 144.54 97.30
N ARG T 27 4.52 143.91 97.45
CA ARG T 27 5.77 144.66 97.50
C ARG T 27 6.05 145.40 96.19
N ILE T 28 6.03 144.68 95.06
CA ILE T 28 6.29 145.33 93.78
C ILE T 28 5.25 146.40 93.48
N CYS T 29 3.97 146.12 93.76
CA CYS T 29 2.93 147.09 93.45
C CYS T 29 3.10 148.37 94.27
N GLU T 30 3.43 148.23 95.56
CA GLU T 30 3.46 149.40 96.43
C GLU T 30 4.80 150.12 96.35
N GLU T 31 5.89 149.46 96.75
CA GLU T 31 7.18 150.15 96.81
C GLU T 31 7.65 150.57 95.42
N ASN T 32 7.48 149.72 94.41
CA ASN T 32 8.04 150.03 93.10
C ASN T 32 7.27 151.15 92.40
N LEU T 33 5.94 151.09 92.41
CA LEU T 33 5.14 152.00 91.60
C LEU T 33 3.89 152.36 92.38
N PRO T 34 3.07 153.28 91.86
CA PRO T 34 1.80 153.61 92.49
C PRO T 34 0.71 152.58 92.15
N GLY T 35 -0.52 152.87 92.55
CA GLY T 35 -1.62 151.98 92.25
C GLY T 35 -2.25 152.24 90.89
N GLN T 36 -1.54 151.88 89.81
CA GLN T 36 -2.07 152.11 88.47
C GLN T 36 -3.18 151.14 88.13
N TYR T 37 -3.11 149.91 88.66
CA TYR T 37 -4.11 148.89 88.38
C TYR T 37 -4.54 148.21 89.67
N GLU T 38 -5.73 147.63 89.62
CA GLU T 38 -6.35 146.97 90.77
C GLU T 38 -6.16 145.47 90.68
N VAL T 39 -5.81 144.85 91.81
CA VAL T 39 -5.51 143.42 91.87
C VAL T 39 -6.69 142.68 92.49
N GLU T 40 -6.96 141.49 91.97
CA GLU T 40 -7.95 140.59 92.54
C GLU T 40 -7.34 139.20 92.65
N VAL T 41 -7.44 138.60 93.82
CA VAL T 41 -6.82 137.31 94.11
C VAL T 41 -7.91 136.25 94.20
N ILE T 42 -7.72 135.15 93.46
CA ILE T 42 -8.64 134.03 93.44
C ILE T 42 -7.90 132.78 93.85
N ASP T 43 -8.41 132.09 94.87
CA ASP T 43 -7.85 130.81 95.33
C ASP T 43 -8.61 129.69 94.63
N LEU T 44 -7.87 128.87 93.88
CA LEU T 44 -8.49 127.94 92.94
C LEU T 44 -9.16 126.77 93.65
N LYS T 45 -8.68 126.42 94.86
CA LYS T 45 -9.14 125.19 95.50
C LYS T 45 -10.66 125.19 95.69
N GLN T 46 -11.22 126.30 96.18
CA GLN T 46 -12.66 126.40 96.40
C GLN T 46 -13.43 126.33 95.09
N ASN T 47 -12.91 126.98 94.04
CA ASN T 47 -13.56 126.91 92.72
C ASN T 47 -12.63 126.27 91.71
N PRO T 48 -12.54 124.94 91.64
CA PRO T 48 -11.78 124.32 90.54
C PRO T 48 -12.35 124.65 89.18
N ARG T 49 -13.66 124.84 89.10
CA ARG T 49 -14.30 125.21 87.84
C ARG T 49 -13.71 126.47 87.23
N LEU T 50 -13.51 127.50 88.05
CA LEU T 50 -12.96 128.75 87.53
C LEU T 50 -11.60 128.51 86.90
N ALA T 51 -10.85 127.52 87.38
CA ALA T 51 -9.59 127.16 86.75
C ALA T 51 -9.82 126.77 85.29
N LYS T 52 -10.84 125.95 85.02
CA LYS T 52 -11.15 125.60 83.64
C LYS T 52 -11.67 126.79 82.86
N GLU T 53 -12.50 127.62 83.49
CA GLU T 53 -13.08 128.76 82.80
C GLU T 53 -12.01 129.74 82.34
N HIS T 54 -11.00 129.97 83.18
CA HIS T 54 -9.88 130.85 82.82
C HIS T 54 -8.71 130.10 82.19
N SER T 55 -8.79 128.79 82.02
CA SER T 55 -7.73 128.01 81.38
C SER T 55 -6.40 128.19 82.10
N ILE T 56 -6.37 127.81 83.37
CA ILE T 56 -5.18 127.94 84.21
C ILE T 56 -4.60 126.57 84.46
N VAL T 57 -3.27 126.47 84.43
CA VAL T 57 -2.59 125.19 84.59
C VAL T 57 -1.62 125.22 85.76
N ALA T 58 -0.65 126.13 85.73
CA ALA T 58 0.46 126.16 86.68
C ALA T 58 0.24 127.29 87.68
N ILE T 59 0.30 126.96 88.96
CA ILE T 59 0.19 127.93 90.04
C ILE T 59 1.59 128.42 90.43
N PRO T 60 1.75 129.68 90.86
CA PRO T 60 0.72 130.72 90.83
C PRO T 60 0.71 131.43 89.47
N THR T 61 -0.38 132.15 89.16
CA THR T 61 -0.46 132.83 87.88
C THR T 61 -0.92 134.27 88.08
N LEU T 62 -0.32 135.19 87.33
CA LEU T 62 -0.71 136.59 87.33
C LEU T 62 -1.07 137.00 85.91
N VAL T 63 -2.33 137.31 85.68
CA VAL T 63 -2.86 137.53 84.34
C VAL T 63 -3.39 138.96 84.25
N ARG T 64 -3.03 139.65 83.19
CA ARG T 64 -3.58 140.96 82.89
C ARG T 64 -4.52 140.87 81.70
N GLU T 65 -5.67 141.53 81.79
CA GLU T 65 -6.66 141.55 80.72
C GLU T 65 -6.95 142.96 80.21
N LEU T 66 -6.29 143.98 80.76
CA LEU T 66 -6.53 145.34 80.30
C LEU T 66 -6.22 145.52 78.82
N PRO T 67 -5.04 145.17 78.33
CA PRO T 67 -4.81 145.20 76.88
C PRO T 67 -5.58 144.09 76.18
N VAL T 68 -5.88 144.32 74.90
CA VAL T 68 -6.59 143.31 74.11
C VAL T 68 -5.85 141.99 74.12
N PRO T 69 -4.53 141.93 73.87
CA PRO T 69 -3.81 140.65 73.95
C PRO T 69 -3.52 140.29 75.39
N ILE T 70 -4.02 139.13 75.83
CA ILE T 70 -3.78 138.67 77.20
C ILE T 70 -2.28 138.48 77.43
N ARG T 71 -1.87 138.61 78.69
CA ARG T 71 -0.52 138.22 79.08
C ARG T 71 -0.53 137.65 80.48
N LYS T 72 0.16 136.52 80.63
CA LYS T 72 0.26 135.77 81.88
C LYS T 72 1.71 135.73 82.34
N ILE T 73 1.89 135.64 83.66
CA ILE T 73 3.18 135.45 84.28
C ILE T 73 3.04 134.30 85.27
N ILE T 74 3.88 133.28 85.12
CA ILE T 74 3.77 132.05 85.91
C ILE T 74 4.88 132.03 86.96
N GLY T 75 4.52 131.74 88.21
CA GLY T 75 5.49 131.68 89.28
C GLY T 75 5.06 132.42 90.53
N ASP T 76 6.00 132.65 91.45
CA ASP T 76 5.71 133.39 92.68
C ASP T 76 6.16 134.84 92.63
N LEU T 77 6.62 135.34 91.48
CA LEU T 77 7.07 136.72 91.35
C LEU T 77 8.21 137.02 92.30
N SER T 78 9.29 136.25 92.15
CA SER T 78 10.47 136.44 92.99
C SER T 78 11.34 137.59 92.49
N ASP T 79 11.49 137.71 91.17
CA ASP T 79 12.32 138.75 90.58
C ASP T 79 11.50 140.01 90.43
N LYS T 80 11.73 140.98 91.32
CA LYS T 80 10.99 142.24 91.28
C LYS T 80 11.19 142.96 89.96
N GLU T 81 12.43 143.07 89.50
CA GLU T 81 12.72 143.80 88.27
C GLU T 81 12.05 143.15 87.07
N GLN T 82 12.14 141.83 86.97
CA GLN T 82 11.53 141.14 85.85
C GLN T 82 10.00 141.25 85.88
N VAL T 83 9.41 141.12 87.07
CA VAL T 83 7.96 141.29 87.16
C VAL T 83 7.55 142.70 86.74
N LEU T 84 8.28 143.71 87.21
CA LEU T 84 7.93 145.08 86.87
C LEU T 84 8.09 145.34 85.37
N VAL T 85 9.14 144.78 84.76
CA VAL T 85 9.35 144.98 83.33
C VAL T 85 8.25 144.27 82.54
N ASN T 86 7.84 143.10 82.99
CA ASN T 86 6.75 142.39 82.33
C ASN T 86 5.42 143.09 82.49
N LEU T 87 5.22 143.82 83.59
CA LEU T 87 3.99 144.55 83.83
C LEU T 87 4.08 146.05 83.53
N LYS T 88 5.14 146.50 82.89
CA LYS T 88 5.33 147.92 82.67
C LYS T 88 4.75 148.37 81.33
N MET T 89 4.16 149.57 81.33
CA MET T 89 3.69 150.21 80.11
C MET T 89 3.58 151.71 80.33
N ARG U 5 17.16 161.32 53.40
CA ARG U 5 16.94 161.02 54.81
C ARG U 5 15.47 160.69 55.07
N ARG U 6 15.06 159.49 54.64
CA ARG U 6 13.68 159.04 54.77
C ARG U 6 13.64 157.68 55.46
N LEU U 7 12.70 157.51 56.39
CA LEU U 7 12.51 156.25 57.10
C LEU U 7 11.05 155.89 57.07
N VAL U 8 10.75 154.60 56.91
CA VAL U 8 9.38 154.11 56.90
C VAL U 8 9.22 153.07 57.99
N LEU U 9 8.09 153.14 58.71
CA LEU U 9 7.81 152.21 59.80
C LEU U 9 6.48 151.53 59.51
N TYR U 10 6.54 150.24 59.20
CA TYR U 10 5.38 149.43 58.89
C TYR U 10 4.91 148.74 60.17
N VAL U 11 3.65 148.96 60.53
CA VAL U 11 3.03 148.35 61.71
C VAL U 11 1.61 147.95 61.32
N ALA U 12 0.95 147.22 62.24
CA ALA U 12 -0.39 146.68 61.99
C ALA U 12 -1.25 146.87 63.24
N GLY U 13 -2.19 147.82 63.17
CA GLY U 13 -3.16 148.00 64.22
C GLY U 13 -2.61 148.73 65.44
N GLN U 14 -3.49 148.90 66.43
CA GLN U 14 -3.10 149.50 67.69
C GLN U 14 -2.52 148.41 68.59
N THR U 15 -1.58 147.67 68.01
CA THR U 15 -0.93 146.57 68.70
C THR U 15 0.05 147.11 69.72
N PRO U 16 0.23 146.41 70.85
CA PRO U 16 1.27 146.85 71.80
C PRO U 16 2.64 146.93 71.15
N LYS U 17 2.97 145.97 70.28
CA LYS U 17 4.25 146.01 69.57
C LYS U 17 4.39 147.27 68.72
N SER U 18 3.39 147.57 67.88
CA SER U 18 3.50 148.73 66.99
C SER U 18 3.50 150.04 67.78
N LEU U 19 2.65 150.13 68.82
CA LEU U 19 2.63 151.35 69.62
C LEU U 19 3.96 151.57 70.30
N ALA U 20 4.51 150.53 70.92
CA ALA U 20 5.82 150.63 71.54
C ALA U 20 6.88 150.94 70.50
N ALA U 21 6.73 150.39 69.30
CA ALA U 21 7.69 150.66 68.24
C ALA U 21 7.71 152.14 67.89
N ILE U 22 6.53 152.73 67.68
CA ILE U 22 6.52 154.14 67.29
C ILE U 22 6.98 155.01 68.45
N SER U 23 6.59 154.66 69.68
CA SER U 23 7.02 155.43 70.85
C SER U 23 8.54 155.38 71.00
N ASN U 24 9.13 154.21 70.85
CA ASN U 24 10.58 154.08 70.93
C ASN U 24 11.25 154.81 69.78
N LEU U 25 10.66 154.77 68.59
CA LEU U 25 11.21 155.56 67.49
C LEU U 25 11.23 157.04 67.85
N ARG U 26 10.13 157.53 68.41
CA ARG U 26 10.09 158.91 68.90
C ARG U 26 11.24 159.17 69.86
N ARG U 27 11.41 158.27 70.84
CA ARG U 27 12.42 158.49 71.87
C ARG U 27 13.84 158.51 71.31
N ILE U 28 14.22 157.47 70.55
CA ILE U 28 15.56 157.44 69.98
C ILE U 28 15.78 158.62 69.03
N CYS U 29 14.79 158.93 68.19
CA CYS U 29 14.96 160.01 67.23
C CYS U 29 15.16 161.35 67.95
N GLU U 30 14.39 161.61 68.99
CA GLU U 30 14.43 162.94 69.63
C GLU U 30 15.55 163.04 70.64
N GLU U 31 15.49 162.24 71.71
CA GLU U 31 16.47 162.39 72.79
C GLU U 31 17.89 162.06 72.31
N ASN U 32 18.04 161.00 71.50
CA ASN U 32 19.38 160.56 71.13
C ASN U 32 20.04 161.52 70.15
N LEU U 33 19.32 161.95 69.11
CA LEU U 33 19.93 162.70 68.03
C LEU U 33 18.93 163.75 67.55
N PRO U 34 19.36 164.62 66.64
CA PRO U 34 18.43 165.60 66.05
C PRO U 34 17.58 164.99 64.96
N GLY U 35 16.81 165.83 64.25
CA GLY U 35 15.99 165.35 63.16
C GLY U 35 16.73 165.28 61.83
N GLN U 36 17.63 164.30 61.71
CA GLN U 36 18.40 164.18 60.46
C GLN U 36 17.54 163.60 59.34
N TYR U 37 16.58 162.74 59.66
CA TYR U 37 15.72 162.13 58.66
C TYR U 37 14.26 162.20 59.11
N GLU U 38 13.38 162.11 58.12
CA GLU U 38 11.94 162.21 58.33
C GLU U 38 11.32 160.83 58.36
N VAL U 39 10.40 160.60 59.30
CA VAL U 39 9.77 159.30 59.51
C VAL U 39 8.35 159.33 58.96
N GLU U 40 7.95 158.21 58.36
CA GLU U 40 6.58 158.02 57.90
C GLU U 40 6.10 156.66 58.38
N VAL U 41 4.93 156.63 59.02
CA VAL U 41 4.38 155.42 59.62
C VAL U 41 3.21 154.94 58.78
N ILE U 42 3.24 153.66 58.42
CA ILE U 42 2.18 153.03 57.63
C ILE U 42 1.64 151.85 58.41
N ASP U 43 0.32 151.84 58.63
CA ASP U 43 -0.37 150.73 59.29
C ASP U 43 -0.87 149.77 58.21
N LEU U 44 -0.40 148.53 58.27
CA LEU U 44 -0.58 147.60 57.16
C LEU U 44 -2.02 147.10 57.04
N LYS U 45 -2.77 147.10 58.14
CA LYS U 45 -4.08 146.47 58.13
C LYS U 45 -4.99 147.09 57.07
N GLN U 46 -5.03 148.41 56.98
CA GLN U 46 -5.88 149.10 56.01
C GLN U 46 -5.42 148.82 54.59
N ASN U 47 -4.10 148.78 54.36
CA ASN U 47 -3.59 148.45 53.03
C ASN U 47 -2.75 147.18 53.09
N PRO U 48 -3.36 145.99 53.06
CA PRO U 48 -2.53 144.77 52.93
C PRO U 48 -1.73 144.73 51.66
N ARG U 49 -2.25 145.34 50.59
CA ARG U 49 -1.54 145.39 49.32
C ARG U 49 -0.16 146.02 49.46
N LEU U 50 -0.07 147.15 50.17
CA LEU U 50 1.21 147.81 50.33
C LEU U 50 2.23 146.88 50.99
N ALA U 51 1.76 145.96 51.83
CA ALA U 51 2.66 144.96 52.39
C ALA U 51 3.32 144.14 51.29
N LYS U 52 2.56 143.71 50.28
CA LYS U 52 3.15 142.99 49.16
C LYS U 52 4.04 143.89 48.32
N GLU U 53 3.61 145.13 48.11
CA GLU U 53 4.37 146.05 47.26
C GLU U 53 5.75 146.33 47.87
N HIS U 54 5.83 146.49 49.20
CA HIS U 54 7.10 146.69 49.88
C HIS U 54 7.75 145.40 50.37
N SER U 55 7.13 144.24 50.12
CA SER U 55 7.70 142.95 50.51
C SER U 55 8.01 142.91 52.01
N ILE U 56 6.95 143.06 52.82
CA ILE U 56 7.07 143.07 54.27
C ILE U 56 6.47 141.79 54.82
N VAL U 57 7.13 141.21 55.83
CA VAL U 57 6.71 139.94 56.40
C VAL U 57 6.42 140.07 57.89
N ALA U 58 7.43 140.48 58.66
CA ALA U 58 7.36 140.48 60.12
C ALA U 58 7.17 141.90 60.63
N ILE U 59 6.15 142.09 61.47
CA ILE U 59 5.87 143.38 62.11
C ILE U 59 6.59 143.44 63.45
N PRO U 60 7.02 144.62 63.91
CA PRO U 60 7.07 145.86 63.13
C PRO U 60 8.34 145.95 62.31
N THR U 61 8.37 146.83 61.30
CA THR U 61 9.56 146.95 60.46
C THR U 61 9.94 148.41 60.30
N LEU U 62 11.23 148.70 60.33
CA LEU U 62 11.76 150.04 60.10
C LEU U 62 12.76 149.96 58.95
N VAL U 63 12.43 150.59 57.83
CA VAL U 63 13.17 150.46 56.59
C VAL U 63 13.71 151.82 56.19
N ARG U 64 14.99 151.88 55.84
CA ARG U 64 15.58 153.09 55.28
C ARG U 64 15.86 152.88 53.80
N GLU U 65 15.54 153.90 53.00
CA GLU U 65 15.78 153.86 51.56
C GLU U 65 16.70 154.96 51.07
N LEU U 66 17.21 155.80 51.98
CA LEU U 66 18.11 156.88 51.56
C LEU U 66 19.37 156.35 50.88
N PRO U 67 20.13 155.44 51.48
CA PRO U 67 21.24 154.83 50.75
C PRO U 67 20.74 153.89 49.67
N VAL U 68 21.59 153.71 48.65
CA VAL U 68 21.22 152.80 47.55
C VAL U 68 20.91 151.41 48.08
N PRO U 69 21.73 150.79 48.93
CA PRO U 69 21.37 149.47 49.49
C PRO U 69 20.35 149.62 50.61
N ILE U 70 19.20 148.98 50.44
CA ILE U 70 18.16 149.02 51.46
C ILE U 70 18.67 148.41 52.75
N ARG U 71 18.09 148.86 53.87
CA ARG U 71 18.31 148.19 55.15
C ARG U 71 17.06 148.24 55.99
N LYS U 72 16.72 147.09 56.57
CA LYS U 72 15.54 146.90 57.40
C LYS U 72 15.95 146.53 58.82
N ILE U 73 15.10 146.88 59.77
CA ILE U 73 15.25 146.49 61.17
C ILE U 73 13.90 145.96 61.63
N ILE U 74 13.90 144.72 62.14
CA ILE U 74 12.67 144.02 62.49
C ILE U 74 12.53 144.01 64.01
N GLY U 75 11.34 144.37 64.49
CA GLY U 75 11.08 144.37 65.92
C GLY U 75 10.39 145.64 66.40
N ASP U 76 10.38 145.86 67.72
CA ASP U 76 9.78 147.05 68.30
C ASP U 76 10.79 148.12 68.68
N LEU U 77 12.07 147.93 68.35
CA LEU U 77 13.11 148.89 68.67
C LEU U 77 13.22 149.10 70.18
N SER U 78 13.48 148.01 70.89
CA SER U 78 13.61 148.07 72.34
C SER U 78 15.00 148.55 72.75
N ASP U 79 16.03 148.09 72.05
CA ASP U 79 17.41 148.46 72.38
C ASP U 79 17.75 149.77 71.69
N LYS U 80 17.77 150.86 72.48
CA LYS U 80 18.07 152.18 71.93
C LYS U 80 19.45 152.21 71.29
N GLU U 81 20.46 151.68 71.98
CA GLU U 81 21.82 151.73 71.47
C GLU U 81 21.96 150.96 70.17
N GLN U 82 21.37 149.76 70.11
CA GLN U 82 21.46 148.96 68.90
C GLN U 82 20.71 149.61 67.75
N VAL U 83 19.54 150.18 68.02
CA VAL U 83 18.80 150.86 66.95
C VAL U 83 19.61 152.05 66.43
N LEU U 84 20.20 152.84 67.35
CA LEU U 84 20.97 153.99 66.92
C LEU U 84 22.19 153.59 66.12
N VAL U 85 22.87 152.50 66.53
CA VAL U 85 24.05 152.04 65.80
C VAL U 85 23.65 151.54 64.42
N ASN U 86 22.52 150.85 64.33
CA ASN U 86 22.03 150.39 63.04
C ASN U 86 21.61 151.53 62.13
N LEU U 87 21.15 152.64 62.71
CA LEU U 87 20.72 153.80 61.92
C LEU U 87 21.75 154.91 61.86
N LYS U 88 22.98 154.68 62.33
CA LYS U 88 23.97 155.74 62.39
C LYS U 88 24.81 155.81 61.13
N MET U 89 25.12 157.04 60.72
CA MET U 89 26.05 157.30 59.62
C MET U 89 26.63 158.70 59.74
N ARG V 5 56.81 151.69 53.73
CA ARG V 5 55.58 152.06 54.43
C ARG V 5 54.46 152.40 53.44
N ARG V 6 53.92 151.37 52.79
CA ARG V 6 52.88 151.53 51.79
C ARG V 6 51.69 150.65 52.12
N LEU V 7 50.49 151.21 51.96
CA LEU V 7 49.25 150.48 52.21
C LEU V 7 48.31 150.69 51.03
N VAL V 8 47.59 149.64 50.65
CA VAL V 8 46.64 149.70 49.54
C VAL V 8 45.26 149.31 50.06
N LEU V 9 44.25 150.04 49.63
CA LEU V 9 42.87 149.78 50.04
C LEU V 9 42.02 149.56 48.80
N TYR V 10 41.59 148.32 48.60
CA TYR V 10 40.77 147.93 47.47
C TYR V 10 39.30 148.01 47.87
N VAL V 11 38.52 148.79 47.13
CA VAL V 11 37.09 148.95 47.35
C VAL V 11 36.41 148.97 45.98
N ALA V 12 35.07 148.94 46.01
CA ALA V 12 34.26 148.87 44.79
C ALA V 12 33.07 149.82 44.91
N GLY V 13 33.14 150.93 44.17
CA GLY V 13 32.01 151.84 44.08
C GLY V 13 31.86 152.73 45.30
N GLN V 14 30.83 153.57 45.25
CA GLN V 14 30.48 154.44 46.37
C GLN V 14 29.59 153.65 47.33
N THR V 15 30.09 152.47 47.67
CA THR V 15 29.38 151.55 48.56
C THR V 15 29.47 152.07 49.99
N PRO V 16 28.43 151.83 50.80
CA PRO V 16 28.56 152.20 52.22
C PRO V 16 29.74 151.53 52.88
N LYS V 17 30.00 150.26 52.55
CA LYS V 17 31.15 149.56 53.11
C LYS V 17 32.46 150.25 52.74
N SER V 18 32.69 150.54 51.45
CA SER V 18 33.94 151.15 51.03
C SER V 18 34.10 152.56 51.58
N LEU V 19 33.01 153.35 51.58
CA LEU V 19 33.09 154.70 52.12
C LEU V 19 33.44 154.68 53.60
N ALA V 20 32.74 153.83 54.35
CA ALA V 20 33.05 153.68 55.78
C ALA V 20 34.46 153.17 55.96
N ALA V 21 34.92 152.29 55.07
CA ALA V 21 36.27 151.77 55.16
C ALA V 21 37.29 152.89 55.03
N ILE V 22 37.14 153.73 54.01
CA ILE V 22 38.14 154.78 53.81
C ILE V 22 38.05 155.80 54.94
N SER V 23 36.83 156.12 55.38
CA SER V 23 36.66 157.06 56.48
C SER V 23 37.32 156.54 57.76
N ASN V 24 37.10 155.26 58.07
CA ASN V 24 37.72 154.68 59.25
C ASN V 24 39.24 154.60 59.09
N LEU V 25 39.72 154.33 57.88
CA LEU V 25 41.16 154.38 57.65
C LEU V 25 41.70 155.76 57.96
N ARG V 26 41.02 156.80 57.47
CA ARG V 26 41.39 158.17 57.82
C ARG V 26 41.46 158.35 59.33
N ARG V 27 40.42 157.89 60.03
CA ARG V 27 40.35 158.12 61.47
C ARG V 27 41.47 157.41 62.21
N ILE V 28 41.64 156.11 62.00
CA ILE V 28 42.70 155.38 62.69
C ILE V 28 44.07 155.93 62.31
N CYS V 29 44.30 156.23 61.03
CA CYS V 29 45.61 156.72 60.62
C CYS V 29 45.93 158.05 61.28
N GLU V 30 44.96 158.96 61.34
CA GLU V 30 45.24 160.32 61.82
C GLU V 30 45.17 160.39 63.35
N GLU V 31 44.00 160.15 63.93
CA GLU V 31 43.86 160.34 65.37
C GLU V 31 44.73 159.36 66.15
N ASN V 32 44.81 158.10 65.72
CA ASN V 32 45.53 157.10 66.51
C ASN V 32 47.03 157.30 66.46
N LEU V 33 47.58 157.53 65.28
CA LEU V 33 49.02 157.53 65.10
C LEU V 33 49.39 158.59 64.08
N PRO V 34 50.69 158.83 63.88
CA PRO V 34 51.13 159.76 62.83
C PRO V 34 51.12 159.13 61.45
N GLY V 35 51.63 159.84 60.45
CA GLY V 35 51.70 159.30 59.11
C GLY V 35 52.94 158.46 58.85
N GLN V 36 52.98 157.26 59.43
CA GLN V 36 54.15 156.41 59.24
C GLN V 36 54.17 155.79 57.85
N TYR V 37 53.00 155.53 57.26
CA TYR V 37 52.91 154.92 55.94
C TYR V 37 51.90 155.68 55.09
N GLU V 38 52.06 155.54 53.77
CA GLU V 38 51.24 156.23 52.79
C GLU V 38 50.17 155.28 52.27
N VAL V 39 48.95 155.78 52.13
CA VAL V 39 47.79 154.99 51.72
C VAL V 39 47.45 155.30 50.27
N GLU V 40 47.06 154.27 49.53
CA GLU V 40 46.57 154.42 48.16
C GLU V 40 45.29 153.63 48.02
N VAL V 41 44.24 154.27 47.51
CA VAL V 41 42.91 153.67 47.41
C VAL V 41 42.64 153.35 45.95
N ILE V 42 42.21 152.11 45.69
CA ILE V 42 41.87 151.65 44.35
C ILE V 42 40.44 151.15 44.36
N ASP V 43 39.62 151.70 43.47
CA ASP V 43 38.24 151.24 43.29
C ASP V 43 38.20 150.21 42.18
N LEU V 44 37.75 149.01 42.53
CA LEU V 44 37.92 147.84 41.67
C LEU V 44 37.00 147.89 40.44
N LYS V 45 35.87 148.58 40.55
CA LYS V 45 34.86 148.52 39.49
C LYS V 45 35.44 148.96 38.14
N GLN V 46 36.18 150.07 38.11
CA GLN V 46 36.75 150.58 36.88
C GLN V 46 37.82 149.62 36.33
N ASN V 47 38.63 149.02 37.21
CA ASN V 47 39.62 148.05 36.78
C ASN V 47 39.34 146.70 37.41
N PRO V 48 38.43 145.89 36.86
CA PRO V 48 38.29 144.51 37.37
C PRO V 48 39.56 143.70 37.20
N ARG V 49 40.33 143.99 36.15
CA ARG V 49 41.59 143.29 35.92
C ARG V 49 42.52 143.38 37.10
N LEU V 50 42.68 144.58 37.67
CA LEU V 50 43.58 144.74 38.80
C LEU V 50 43.16 143.84 39.95
N ALA V 51 41.88 143.55 40.07
CA ALA V 51 41.42 142.59 41.08
C ALA V 51 42.09 141.23 40.88
N LYS V 52 42.15 140.76 39.63
CA LYS V 52 42.83 139.50 39.36
C LYS V 52 44.34 139.63 39.57
N GLU V 53 44.91 140.75 39.16
CA GLU V 53 46.36 140.93 39.27
C GLU V 53 46.80 140.90 40.72
N HIS V 54 46.03 141.52 41.62
CA HIS V 54 46.33 141.51 43.05
C HIS V 54 45.65 140.37 43.80
N SER V 55 44.88 139.52 43.12
CA SER V 55 44.24 138.36 43.75
C SER V 55 43.35 138.78 44.92
N ILE V 56 42.35 139.61 44.61
CA ILE V 56 41.43 140.14 45.61
C ILE V 56 40.07 139.47 45.43
N VAL V 57 39.43 139.15 46.55
CA VAL V 57 38.15 138.43 46.52
C VAL V 57 37.07 139.23 47.24
N ALA V 58 37.28 139.51 48.53
CA ALA V 58 36.25 140.09 49.38
C ALA V 58 36.56 141.57 49.61
N ILE V 59 35.56 142.42 49.35
CA ILE V 59 35.67 143.85 49.59
C ILE V 59 35.15 144.17 50.99
N PRO V 60 35.69 145.20 51.67
CA PRO V 60 36.89 145.94 51.28
C PRO V 60 38.16 145.24 51.76
N THR V 61 39.31 145.57 51.19
CA THR V 61 40.55 144.94 51.60
C THR V 61 41.63 145.98 51.85
N LEU V 62 42.42 145.77 52.90
CA LEU V 62 43.56 146.62 53.23
C LEU V 62 44.81 145.76 53.28
N VAL V 63 45.73 145.98 52.34
CA VAL V 63 46.88 145.12 52.14
C VAL V 63 48.14 145.94 52.37
N ARG V 64 49.07 145.40 53.15
CA ARG V 64 50.38 146.00 53.32
C ARG V 64 51.42 145.14 52.60
N GLU V 65 52.35 145.80 51.90
CA GLU V 65 53.41 145.13 51.17
C GLU V 65 54.80 145.55 51.65
N LEU V 66 54.89 146.43 52.64
CA LEU V 66 56.20 146.87 53.13
C LEU V 66 57.02 145.71 53.66
N PRO V 67 56.54 144.89 54.58
CA PRO V 67 57.28 143.69 54.98
C PRO V 67 57.27 142.65 53.86
N VAL V 68 58.29 141.80 53.87
CA VAL V 68 58.37 140.73 52.86
C VAL V 68 57.12 139.87 52.89
N PRO V 69 56.64 139.38 54.04
CA PRO V 69 55.39 138.61 54.05
C PRO V 69 54.19 139.53 53.96
N ILE V 70 53.37 139.33 52.92
CA ILE V 70 52.16 140.13 52.76
C ILE V 70 51.23 139.93 53.94
N ARG V 71 50.41 140.95 54.21
CA ARG V 71 49.32 140.79 55.15
C ARG V 71 48.12 141.62 54.70
N LYS V 72 46.95 140.98 54.75
CA LYS V 72 45.68 141.56 54.34
C LYS V 72 44.73 141.65 55.53
N ILE V 73 43.84 142.63 55.48
CA ILE V 73 42.76 142.78 56.45
C ILE V 73 41.47 142.98 55.67
N ILE V 74 40.47 142.13 55.92
CA ILE V 74 39.24 142.11 55.16
C ILE V 74 38.13 142.74 56.00
N GLY V 75 37.38 143.67 55.39
CA GLY V 75 36.27 144.31 56.07
C GLY V 75 36.26 145.82 55.89
N ASP V 76 35.48 146.52 56.71
CA ASP V 76 35.40 147.97 56.67
C ASP V 76 36.23 148.66 57.74
N LEU V 77 37.01 147.91 58.52
CA LEU V 77 37.83 148.49 59.58
C LEU V 77 36.98 149.21 60.61
N SER V 78 36.05 148.46 61.21
CA SER V 78 35.18 149.03 62.23
C SER V 78 35.86 149.09 63.59
N ASP V 79 36.62 148.06 63.93
CA ASP V 79 37.30 148.00 65.23
C ASP V 79 38.64 148.74 65.13
N LYS V 80 38.68 149.95 65.67
CA LYS V 80 39.89 150.75 65.63
C LYS V 80 41.05 150.04 66.30
N GLU V 81 40.83 149.50 67.50
CA GLU V 81 41.91 148.86 68.24
C GLU V 81 42.46 147.65 67.50
N GLN V 82 41.56 146.81 66.95
CA GLN V 82 42.01 145.64 66.23
C GLN V 82 42.74 146.01 64.96
N VAL V 83 42.26 147.02 64.23
CA VAL V 83 42.97 147.46 63.03
C VAL V 83 44.35 147.98 63.39
N LEU V 84 44.45 148.78 64.45
CA LEU V 84 45.74 149.33 64.84
C LEU V 84 46.71 148.23 65.27
N VAL V 85 46.20 147.23 66.00
CA VAL V 85 47.06 146.13 66.44
C VAL V 85 47.52 145.31 65.26
N ASN V 86 46.65 145.09 64.28
CA ASN V 86 47.03 144.38 63.08
C ASN V 86 48.02 145.15 62.22
N LEU V 87 47.98 146.49 62.27
CA LEU V 87 48.90 147.32 61.50
C LEU V 87 50.05 147.87 62.32
N LYS V 88 50.25 147.42 63.55
CA LYS V 88 51.27 147.99 64.42
C LYS V 88 52.60 147.26 64.28
N MET V 89 53.68 148.04 64.33
CA MET V 89 55.04 147.49 64.38
C MET V 89 56.00 148.53 64.95
N ARG W 5 72.33 129.59 84.35
CA ARG W 5 71.43 130.62 83.86
C ARG W 5 71.69 130.92 82.39
N ARG W 6 71.30 130.00 81.52
CA ARG W 6 71.53 130.13 80.08
C ARG W 6 70.22 129.95 79.33
N LEU W 7 69.99 130.79 78.32
CA LEU W 7 68.81 130.71 77.48
C LEU W 7 69.22 130.77 76.02
N VAL W 8 68.54 129.99 75.18
CA VAL W 8 68.83 129.96 73.75
C VAL W 8 67.56 130.31 73.00
N LEU W 9 67.70 131.14 71.96
CA LEU W 9 66.57 131.59 71.16
C LEU W 9 66.86 131.22 69.70
N TYR W 10 66.11 130.25 69.19
CA TYR W 10 66.25 129.79 67.81
C TYR W 10 65.25 130.52 66.94
N VAL W 11 65.75 131.19 65.90
CA VAL W 11 64.95 131.92 64.93
C VAL W 11 65.52 131.66 63.55
N ALA W 12 64.80 132.12 62.52
CA ALA W 12 65.15 131.89 61.12
C ALA W 12 64.97 133.17 60.32
N GLY W 13 66.08 133.80 59.96
CA GLY W 13 66.05 134.95 59.07
C GLY W 13 65.61 136.23 59.76
N GLN W 14 65.56 137.30 58.95
CA GLN W 14 65.09 138.59 59.43
C GLN W 14 63.56 138.62 59.31
N THR W 15 62.96 137.56 59.86
CA THR W 15 61.52 137.39 59.85
C THR W 15 60.87 138.35 60.83
N PRO W 16 59.67 138.84 60.53
CA PRO W 16 58.97 139.66 61.54
C PRO W 16 58.79 138.92 62.85
N LYS W 17 58.47 137.62 62.79
CA LYS W 17 58.33 136.83 64.00
C LYS W 17 59.61 136.80 64.81
N SER W 18 60.74 136.46 64.18
CA SER W 18 62.01 136.35 64.93
C SER W 18 62.47 137.71 65.44
N LEU W 19 62.31 138.77 64.64
CA LEU W 19 62.72 140.09 65.09
C LEU W 19 61.89 140.53 66.29
N ALA W 20 60.57 140.35 66.20
CA ALA W 20 59.70 140.66 67.32
C ALA W 20 60.03 139.80 68.52
N ALA W 21 60.40 138.54 68.27
CA ALA W 21 60.76 137.64 69.35
C ALA W 21 61.97 138.17 70.10
N ILE W 22 63.03 138.55 69.38
CA ILE W 22 64.24 138.99 70.07
C ILE W 22 63.98 140.33 70.76
N SER W 23 63.20 141.21 70.11
CA SER W 23 62.87 142.50 70.71
C SER W 23 62.08 142.32 72.00
N ASN W 24 61.09 141.43 71.99
CA ASN W 24 60.31 141.17 73.18
C ASN W 24 61.16 140.49 74.24
N LEU W 25 62.08 139.62 73.85
CA LEU W 25 63.00 139.05 74.82
C LEU W 25 63.82 140.14 75.50
N ARG W 26 64.33 141.09 74.70
CA ARG W 26 65.02 142.24 75.26
C ARG W 26 64.14 142.95 76.28
N ARG W 27 62.89 143.23 75.90
CA ARG W 27 62.00 144.00 76.76
C ARG W 27 61.71 143.27 78.07
N ILE W 28 61.25 142.03 78.00
CA ILE W 28 60.95 141.29 79.24
C ILE W 28 62.21 141.12 80.09
N CYS W 29 63.34 140.79 79.46
CA CYS W 29 64.55 140.57 80.24
C CYS W 29 64.99 141.85 80.96
N GLU W 30 64.93 143.00 80.28
CA GLU W 30 65.46 144.22 80.87
C GLU W 30 64.45 144.90 81.78
N GLU W 31 63.31 145.34 81.23
CA GLU W 31 62.37 146.11 82.03
C GLU W 31 61.78 145.28 83.17
N ASN W 32 61.44 144.02 82.90
CA ASN W 32 60.76 143.21 83.91
C ASN W 32 61.68 142.82 85.05
N LEU W 33 62.89 142.35 84.74
CA LEU W 33 63.76 141.76 85.75
C LEU W 33 65.19 142.14 85.44
N PRO W 34 66.12 141.78 86.32
CA PRO W 34 67.55 142.01 86.03
C PRO W 34 68.13 140.95 85.12
N GLY W 35 69.45 140.98 84.93
CA GLY W 35 70.10 139.98 84.11
C GLY W 35 70.47 138.72 84.87
N GLN W 36 69.47 137.91 85.22
CA GLN W 36 69.75 136.68 85.98
C GLN W 36 70.38 135.61 85.08
N TYR W 37 70.01 135.59 83.80
CA TYR W 37 70.53 134.60 82.87
C TYR W 37 70.99 135.27 81.58
N GLU W 38 71.88 134.58 80.87
CA GLU W 38 72.48 135.09 79.64
C GLU W 38 71.78 134.46 78.44
N VAL W 39 71.50 135.28 77.43
CA VAL W 39 70.76 134.86 76.24
C VAL W 39 71.73 134.70 75.08
N GLU W 40 71.47 133.68 74.26
CA GLU W 40 72.22 133.45 73.03
C GLU W 40 71.22 133.19 71.91
N VAL W 41 71.36 133.91 70.80
CA VAL W 41 70.43 133.85 69.68
C VAL W 41 71.09 133.11 68.53
N ILE W 42 70.40 132.11 68.00
CA ILE W 42 70.88 131.32 66.87
C ILE W 42 69.86 131.42 65.73
N ASP W 43 70.32 131.83 64.56
CA ASP W 43 69.49 131.89 63.36
C ASP W 43 69.67 130.59 62.59
N LEU W 44 68.55 129.86 62.41
CA LEU W 44 68.61 128.48 61.95
C LEU W 44 68.99 128.38 60.46
N LYS W 45 68.70 129.42 59.68
CA LYS W 45 68.86 129.31 58.23
C LYS W 45 70.28 128.96 57.85
N GLN W 46 71.27 129.62 58.45
CA GLN W 46 72.67 129.36 58.15
C GLN W 46 73.08 127.96 58.57
N ASN W 47 72.60 127.50 59.73
CA ASN W 47 72.89 126.15 60.19
C ASN W 47 71.60 125.35 60.32
N PRO W 48 71.07 124.78 59.23
CA PRO W 48 69.93 123.86 59.38
C PRO W 48 70.28 122.64 60.22
N ARG W 49 71.53 122.20 60.17
CA ARG W 49 71.97 121.06 60.96
C ARG W 49 71.71 121.26 62.45
N LEU W 50 72.06 122.45 62.98
CA LEU W 50 71.84 122.69 64.40
C LEU W 50 70.37 122.53 64.77
N ALA W 51 69.47 122.79 63.82
CA ALA W 51 68.06 122.54 64.08
C ALA W 51 67.82 121.07 64.41
N LYS W 52 68.43 120.16 63.65
CA LYS W 52 68.31 118.74 63.94
C LYS W 52 69.01 118.38 65.25
N GLU W 53 70.18 118.98 65.48
CA GLU W 53 70.95 118.64 66.68
C GLU W 53 70.19 119.03 67.95
N HIS W 54 69.51 120.17 67.93
CA HIS W 54 68.70 120.61 69.06
C HIS W 54 67.23 120.17 68.97
N SER W 55 66.85 119.46 67.91
CA SER W 55 65.48 118.96 67.76
C SER W 55 64.47 120.10 67.83
N ILE W 56 64.58 121.04 66.90
CA ILE W 56 63.71 122.21 66.84
C ILE W 56 62.78 122.07 65.64
N VAL W 57 61.52 122.46 65.84
CA VAL W 57 60.50 122.30 64.80
C VAL W 57 59.87 123.65 64.44
N ALA W 58 59.27 124.31 65.43
CA ALA W 58 58.47 125.51 65.20
C ALA W 58 59.26 126.74 65.64
N ILE W 59 59.36 127.72 64.75
CA ILE W 59 60.01 128.99 65.03
C ILE W 59 58.98 129.99 65.53
N PRO W 60 59.33 130.93 66.43
CA PRO W 60 60.62 130.97 67.13
C PRO W 60 60.58 130.10 68.39
N THR W 61 61.74 129.76 68.94
CA THR W 61 61.77 128.92 70.13
C THR W 61 62.71 129.52 71.17
N LEU W 62 62.31 129.45 72.43
CA LEU W 62 63.13 129.90 73.56
C LEU W 62 63.29 128.73 74.52
N VAL W 63 64.51 128.22 74.65
CA VAL W 63 64.79 127.00 75.39
C VAL W 63 65.72 127.32 76.54
N ARG W 64 65.38 126.82 77.73
CA ARG W 64 66.27 126.92 78.88
C ARG W 64 66.84 125.55 79.20
N GLU W 65 68.14 125.51 79.50
CA GLU W 65 68.82 124.27 79.84
C GLU W 65 69.45 124.30 81.23
N LEU W 66 69.29 125.40 81.96
CA LEU W 66 69.88 125.48 83.30
C LEU W 66 69.34 124.41 84.23
N PRO W 67 68.03 124.25 84.40
CA PRO W 67 67.52 123.12 85.17
C PRO W 67 67.71 121.81 84.42
N VAL W 68 67.78 120.72 85.18
CA VAL W 68 67.94 119.40 84.56
C VAL W 68 66.82 119.13 83.57
N PRO W 69 65.54 119.33 83.90
CA PRO W 69 64.46 119.13 82.91
C PRO W 69 64.39 120.32 81.95
N ILE W 70 64.56 120.04 80.66
CA ILE W 70 64.48 121.09 79.66
C ILE W 70 63.08 121.73 79.67
N ARG W 71 63.03 122.98 79.24
CA ARG W 71 61.74 123.61 78.98
C ARG W 71 61.85 124.57 77.81
N LYS W 72 60.88 124.47 76.91
CA LYS W 72 60.80 125.27 75.69
C LYS W 72 59.56 126.14 75.72
N ILE W 73 59.65 127.27 75.03
CA ILE W 73 58.52 128.18 74.82
C ILE W 73 58.48 128.51 73.33
N ILE W 74 57.34 128.25 72.68
CA ILE W 74 57.20 128.38 71.25
C ILE W 74 56.40 129.64 70.94
N GLY W 75 56.91 130.46 70.02
CA GLY W 75 56.22 131.67 69.62
C GLY W 75 57.12 132.88 69.56
N ASP W 76 56.53 134.08 69.50
CA ASP W 76 57.30 135.32 69.47
C ASP W 76 57.36 136.02 70.82
N LEU W 77 56.85 135.41 71.89
CA LEU W 77 56.87 136.00 73.22
C LEU W 77 56.12 137.33 73.23
N SER W 78 54.84 137.26 72.87
CA SER W 78 54.00 138.45 72.85
C SER W 78 53.48 138.79 74.24
N ASP W 79 53.10 137.77 75.01
CA ASP W 79 52.54 137.98 76.35
C ASP W 79 53.70 138.08 77.35
N LYS W 80 54.00 139.30 77.77
CA LYS W 80 55.08 139.53 78.72
C LYS W 80 54.85 138.76 80.01
N GLU W 81 53.64 138.85 80.57
CA GLU W 81 53.36 138.21 81.85
C GLU W 81 53.50 136.69 81.76
N GLN W 82 52.97 136.11 80.68
CA GLN W 82 53.06 134.65 80.53
C GLN W 82 54.50 134.22 80.31
N VAL W 83 55.27 134.96 79.52
CA VAL W 83 56.67 134.61 79.32
C VAL W 83 57.42 134.68 80.64
N LEU W 84 57.19 135.75 81.42
CA LEU W 84 57.89 135.90 82.69
C LEU W 84 57.51 134.78 83.66
N VAL W 85 56.23 134.40 83.69
CA VAL W 85 55.80 133.33 84.60
C VAL W 85 56.41 132.01 84.17
N ASN W 86 56.49 131.76 82.86
CA ASN W 86 57.12 130.55 82.37
C ASN W 86 58.61 130.52 82.64
N LEU W 87 59.27 131.68 82.69
CA LEU W 87 60.70 131.75 82.95
C LEU W 87 61.04 132.13 84.39
N LYS W 88 60.07 132.14 85.29
CA LYS W 88 60.33 132.60 86.66
C LYS W 88 60.73 131.44 87.56
N MET W 89 61.66 131.73 88.48
CA MET W 89 62.04 130.79 89.53
C MET W 89 62.70 131.54 90.67
N ARG X 5 48.07 117.06 114.68
CA ARG X 5 48.45 118.06 113.70
C ARG X 5 49.75 117.67 112.99
N ARG X 6 49.66 116.69 112.09
CA ARG X 6 50.80 116.17 111.37
C ARG X 6 50.52 116.20 109.87
N LEU X 7 51.52 116.61 109.09
CA LEU X 7 51.41 116.64 107.64
C LEU X 7 52.65 116.00 107.04
N VAL X 8 52.46 115.25 105.95
CA VAL X 8 53.55 114.57 105.26
C VAL X 8 53.57 115.05 103.82
N LEU X 9 54.77 115.31 103.31
CA LEU X 9 54.94 115.78 101.94
C LEU X 9 55.89 114.82 101.22
N TYR X 10 55.34 114.05 100.28
CA TYR X 10 56.09 113.09 99.49
C TYR X 10 56.53 113.75 98.20
N VAL X 11 57.85 113.74 97.95
CA VAL X 11 58.45 114.28 96.75
C VAL X 11 59.55 113.33 96.29
N ALA X 12 60.09 113.60 95.11
CA ALA X 12 61.11 112.73 94.49
C ALA X 12 62.21 113.60 93.89
N GLY X 13 63.37 113.61 94.53
CA GLY X 13 64.54 114.27 93.99
C GLY X 13 64.51 115.78 94.13
N GLN X 14 65.58 116.40 93.62
CA GLN X 14 65.67 117.86 93.60
C GLN X 14 64.95 118.37 92.36
N THR X 15 63.73 117.89 92.20
CA THR X 15 62.89 118.24 91.07
C THR X 15 62.37 119.67 91.23
N PRO X 16 62.20 120.39 90.13
CA PRO X 16 61.57 121.73 90.26
C PRO X 16 60.20 121.65 90.92
N LYS X 17 59.41 120.63 90.59
CA LYS X 17 58.11 120.46 91.22
C LYS X 17 58.23 120.28 92.73
N SER X 18 59.07 119.37 93.19
CA SER X 18 59.19 119.10 94.62
C SER X 18 59.78 120.30 95.37
N LEU X 19 60.79 120.96 94.78
CA LEU X 19 61.38 122.12 95.42
C LEU X 19 60.36 123.23 95.56
N ALA X 20 59.63 123.52 94.47
CA ALA X 20 58.58 124.52 94.53
C ALA X 20 57.50 124.11 95.51
N ALA X 21 57.21 122.81 95.59
CA ALA X 21 56.22 122.33 96.53
C ALA X 21 56.62 122.64 97.96
N ILE X 22 57.86 122.31 98.33
CA ILE X 22 58.26 122.53 99.72
C ILE X 22 58.35 124.02 100.00
N SER X 23 58.83 124.81 99.03
CA SER X 23 58.92 126.26 99.20
C SER X 23 57.54 126.87 99.40
N ASN X 24 56.57 126.46 98.59
CA ASN X 24 55.21 126.96 98.74
C ASN X 24 54.59 126.48 100.05
N LEU X 25 54.91 125.26 100.47
CA LEU X 25 54.45 124.81 101.78
C LEU X 25 54.99 125.72 102.88
N ARG X 26 56.27 126.05 102.80
CA ARG X 26 56.86 127.00 103.74
C ARG X 26 56.07 128.30 103.72
N ARG X 27 55.81 128.83 102.53
CA ARG X 27 55.16 130.14 102.41
C ARG X 27 53.74 130.12 102.99
N ILE X 28 52.90 129.19 102.55
CA ILE X 28 51.55 129.13 103.08
C ILE X 28 51.55 128.86 104.58
N CYS X 29 52.39 127.94 105.05
CA CYS X 29 52.40 127.63 106.48
C CYS X 29 52.80 128.83 107.31
N GLU X 30 53.81 129.59 106.87
CA GLU X 30 54.34 130.67 107.70
C GLU X 30 53.54 131.95 107.52
N GLU X 31 53.54 132.52 106.32
CA GLU X 31 52.89 133.82 106.13
C GLU X 31 51.39 133.74 106.36
N ASN X 32 50.74 132.67 105.89
CA ASN X 32 49.28 132.62 105.95
C ASN X 32 48.79 132.38 107.38
N LEU X 33 49.40 131.44 108.09
CA LEU X 33 48.88 131.01 109.39
C LEU X 33 50.04 130.72 110.31
N PRO X 34 49.76 130.41 111.58
CA PRO X 34 50.82 130.00 112.51
C PRO X 34 51.19 128.54 112.35
N GLY X 35 52.03 128.03 113.24
CA GLY X 35 52.41 126.63 113.18
C GLY X 35 51.45 125.71 113.91
N GLN X 36 50.27 125.51 113.33
CA GLN X 36 49.28 124.64 113.97
C GLN X 36 49.65 123.17 113.85
N TYR X 37 50.32 122.79 112.76
CA TYR X 37 50.71 121.40 112.54
C TYR X 37 52.16 121.33 112.09
N GLU X 38 52.76 120.17 112.31
CA GLU X 38 54.16 119.91 112.01
C GLU X 38 54.28 119.18 110.68
N VAL X 39 55.24 119.59 109.86
CA VAL X 39 55.43 119.04 108.52
C VAL X 39 56.64 118.12 108.52
N GLU X 40 56.52 117.01 107.77
CA GLU X 40 57.62 116.09 107.54
C GLU X 40 57.72 115.80 106.06
N VAL X 41 58.92 115.95 105.49
CA VAL X 41 59.13 115.80 104.06
C VAL X 41 59.89 114.50 103.81
N ILE X 42 59.37 113.69 102.90
CA ILE X 42 59.97 112.41 102.53
C ILE X 42 60.25 112.43 101.03
N ASP X 43 61.50 112.17 100.65
CA ASP X 43 61.89 112.06 99.25
C ASP X 43 61.83 110.59 98.85
N LEU X 44 61.01 110.30 97.85
CA LEU X 44 60.63 108.92 97.56
C LEU X 44 61.77 108.14 96.91
N LYS X 45 62.68 108.83 96.21
CA LYS X 45 63.68 108.14 95.42
C LYS X 45 64.52 107.18 96.27
N GLN X 46 64.97 107.63 97.43
CA GLN X 46 65.78 106.80 98.31
C GLN X 46 64.99 105.62 98.85
N ASN X 47 63.72 105.84 99.19
CA ASN X 47 62.87 104.75 99.65
C ASN X 47 61.68 104.57 98.72
N PRO X 48 61.85 103.85 97.59
CA PRO X 48 60.66 103.52 96.78
C PRO X 48 59.65 102.68 97.53
N ARG X 49 60.12 101.84 98.45
CA ARG X 49 59.23 101.02 99.25
C ARG X 49 58.20 101.84 100.01
N LEU X 50 58.63 102.93 100.64
CA LEU X 50 57.69 103.76 101.39
C LEU X 50 56.58 104.28 100.48
N ALA X 51 56.87 104.46 99.20
CA ALA X 51 55.83 104.83 98.25
C ALA X 51 54.72 103.79 98.22
N LYS X 52 55.09 102.50 98.18
CA LYS X 52 54.08 101.45 98.22
C LYS X 52 53.40 101.39 99.58
N GLU X 53 54.16 101.57 100.66
CA GLU X 53 53.59 101.46 102.00
C GLU X 53 52.53 102.54 102.22
N HIS X 54 52.78 103.75 101.74
CA HIS X 54 51.81 104.84 101.85
C HIS X 54 50.88 104.96 100.64
N SER X 55 51.02 104.08 99.65
CA SER X 55 50.13 104.08 98.48
C SER X 55 50.14 105.44 97.78
N ILE X 56 51.32 105.85 97.31
CA ILE X 56 51.50 107.13 96.64
C ILE X 56 51.74 106.88 95.16
N VAL X 57 51.14 107.73 94.32
CA VAL X 57 51.22 107.57 92.87
C VAL X 57 51.82 108.80 92.21
N ALA X 58 51.18 109.95 92.40
CA ALA X 58 51.53 111.18 91.68
C ALA X 58 52.29 112.12 92.61
N ILE X 59 53.45 112.59 92.15
CA ILE X 59 54.25 113.55 92.89
C ILE X 59 53.88 114.97 92.44
N PRO X 60 53.96 115.98 93.32
CA PRO X 60 54.18 115.83 94.76
C PRO X 60 52.87 115.57 95.50
N THR X 61 52.93 115.08 96.72
CA THR X 61 51.71 114.81 97.48
C THR X 61 51.82 115.37 98.88
N LEU X 62 50.72 115.94 99.37
CA LEU X 62 50.63 116.46 100.73
C LEU X 62 49.46 115.77 101.43
N VAL X 63 49.76 114.96 102.44
CA VAL X 63 48.77 114.09 103.06
C VAL X 63 48.67 114.48 104.54
N ARG X 64 47.43 114.62 105.01
CA ARG X 64 47.17 114.82 106.43
C ARG X 64 46.56 113.56 107.02
N GLU X 65 47.02 113.19 108.21
CA GLU X 65 46.51 112.02 108.91
C GLU X 65 45.92 112.35 110.28
N LEU X 66 45.91 113.64 110.67
CA LEU X 66 45.36 114.00 111.97
C LEU X 66 43.89 113.63 112.10
N PRO X 67 43.01 114.01 111.18
CA PRO X 67 41.63 113.51 111.25
C PRO X 67 41.57 112.04 110.86
N VAL X 68 40.53 111.38 111.36
CA VAL X 68 40.35 109.95 111.05
C VAL X 68 40.28 109.74 109.54
N PRO X 69 39.48 110.49 108.78
CA PRO X 69 39.48 110.32 107.31
C PRO X 69 40.70 111.00 106.69
N ILE X 70 41.51 110.21 105.99
CA ILE X 70 42.70 110.76 105.32
C ILE X 70 42.27 111.80 104.28
N ARG X 71 43.18 112.74 104.01
CA ARG X 71 42.99 113.63 102.88
C ARG X 71 44.34 113.96 102.25
N LYS X 72 44.38 113.88 100.92
CA LYS X 72 45.57 114.12 100.13
C LYS X 72 45.35 115.32 99.21
N ILE X 73 46.45 116.00 98.88
CA ILE X 73 46.45 117.09 97.91
C ILE X 73 47.61 116.82 96.95
N ILE X 74 47.30 116.76 95.66
CA ILE X 74 48.28 116.37 94.64
C ILE X 74 48.70 117.62 93.87
N GLY X 75 50.01 117.79 93.71
CA GLY X 75 50.54 118.92 92.97
C GLY X 75 51.69 119.62 93.67
N ASP X 76 52.04 120.82 93.23
CA ASP X 76 53.11 121.61 93.84
C ASP X 76 52.59 122.70 94.78
N LEU X 77 51.29 122.75 95.04
CA LEU X 77 50.71 123.76 95.92
C LEU X 77 50.98 125.17 95.39
N SER X 78 50.51 125.42 94.17
CA SER X 78 50.70 126.73 93.55
C SER X 78 49.66 127.73 94.05
N ASP X 79 48.42 127.28 94.21
CA ASP X 79 47.33 128.16 94.63
C ASP X 79 47.32 128.22 96.16
N LYS X 80 47.82 129.34 96.70
CA LYS X 80 47.87 129.50 98.15
C LYS X 80 46.48 129.41 98.77
N GLU X 81 45.51 130.12 98.20
CA GLU X 81 44.17 130.16 98.77
C GLU X 81 43.54 128.78 98.76
N GLN X 82 43.66 128.05 97.64
CA GLN X 82 43.07 126.73 97.56
C GLN X 82 43.75 125.76 98.52
N VAL X 83 45.08 125.83 98.63
CA VAL X 83 45.77 124.96 99.58
C VAL X 83 45.31 125.26 101.00
N LEU X 84 45.22 126.54 101.36
CA LEU X 84 44.80 126.90 102.71
C LEU X 84 43.37 126.45 102.99
N VAL X 85 42.48 126.59 102.00
CA VAL X 85 41.10 126.17 102.21
C VAL X 85 41.02 124.65 102.36
N ASN X 86 41.81 123.92 101.59
CA ASN X 86 41.86 122.48 101.71
C ASN X 86 42.45 122.03 103.03
N LEU X 87 43.36 122.81 103.62
CA LEU X 87 43.98 122.47 104.89
C LEU X 87 43.38 123.21 106.08
N LYS X 88 42.27 123.91 105.91
CA LYS X 88 41.73 124.73 106.98
C LYS X 88 40.73 123.94 107.82
N MET X 89 40.75 124.20 109.13
CA MET X 89 39.77 123.66 110.06
C MET X 89 39.72 124.51 111.33
#